data_7RH7
#
_entry.id   7RH7
#
_cell.length_a   1.00
_cell.length_b   1.00
_cell.length_c   1.00
_cell.angle_alpha   90.00
_cell.angle_beta   90.00
_cell.angle_gamma   90.00
#
_symmetry.space_group_name_H-M   'P 1'
#
loop_
_entity.id
_entity.type
_entity.pdbx_description
1 polymer 'LpqE protein'
2 polymer 'Cytochrome aa3 subunit 2'
3 polymer 'Cytochrome c oxidase subunit 1'
4 polymer 'Cytochrome aa3 subunit 3'
5 polymer 'Cytochrome c oxidase polypeptide 4'
6 polymer 'Cytochrome c oxidase subunit CtaJ'
7 polymer 'Uncharacterized protein MSMEG_4692/MSMEI_4575'
8 polymer 'Conserved transmembrane protein'
9 polymer 'Superoxide dismutase [Cu-Zn]'
10 polymer 'Cytochrome bc1 complex cytochrome c subunit'
11 polymer 'Cytochrome bc1 complex cytochrome b subunit'
12 polymer 'Cytochrome bc1 complex Rieske iron-sulfur subunit'
13 non-polymer '(2S)-1-(hexadecanoyloxy)propan-2-yl (10S)-10-methyloctadecanoate'
14 non-polymer 'PALMITIC ACID'
15 non-polymer 'COPPER (II) ION'
16 non-polymer HEME-A
17 non-polymer CARDIOLIPIN
18 non-polymer '(2R)-3-(((2-aminoethoxy)(hydroxy)phosphoryl)oxy)-2-(palmitoyloxy)propyl (E)-octadec-9-enoate'
19 non-polymer MENAQUINONE-9
20 non-polymer 'HEME C'
21 non-polymer '(2R)-2-(hexadecanoyloxy)-3-{[(S)-hydroxy{[(1R,2R,3R,4R,5R,6S)-2,3,4,5,6-pentahydroxycyclohexyl]oxy}phosphoryl]oxy}propyl (9S)-9-methyloctadecanoate'
22 non-polymer 'PROTOPORPHYRIN IX CONTAINING FE'
23 non-polymer 6-chloranyl-2-ethyl-N-[[4-[4-[4-(trifluoromethyloxy)phenyl]piperidin-1-yl]phenyl]methyl]imidazo[1,2-a]pyridine-3-carboxamide
24 non-polymer 'FE2/S2 (INORGANIC) CLUSTER'
#
loop_
_entity_poly.entity_id
_entity_poly.type
_entity_poly.pdbx_seq_one_letter_code
_entity_poly.pdbx_strand_id
1 'polypeptide(L)'
;CSAGQISQTTTQEPAVNGVNAQAGQVSLRNVHLRAPQQTDYVEPGTTVELLFVAANDSTEGSNKLKSITSDVGEVTLTGD
STVPADGVLIVGEPDGQIQAVENAEAADAVTAEVELTKPITNGLLYDFTFTFEDGETTVAVPISAGEQPRRPVPPAGPG
;
W,c
2 'polypeptide(L)'
;WSDALALGWPTGITPEAKLNRELWIGSVIASFAVGAIVWGLIFWTSAFHRKKATDTELPRQFGYNMPLELTLTVIPFLII
SVLFYFTVVVQERMMHKDPNPEVVIDVTAFQWNWKFGYQKIAFADGSFDYDGADPERKEAMTSRPEGKDEHGIEKVGPIR
GMTPEDRTYLNFDKIETLGTSSEIPVLVLPAGKRIEFVLNSADVIHGFWVPEFLFKRDVLPEPKANNSDNVFQVSEIQQT
GAFVGRCTEMCGTFHAMMNFEVRVVEPNDFKAYIDQRNAGKTNAEALAAINQPPLAITTEPFESRRGELVPQ
;
Q,K
3 'polypeptide(L)'
;ELEARRPFPERMGPKGNLIYKLITTTDHKLIGIMYCVVCFAFFLVGGLMALFMRTELAMPGLQFLSNEQFNQLFTMHGTV
MLLFYATPIVFGFANLVLPLQIGAPDVAFPRLNALSFWLFLFGALIAIAGFITPGGAADFGWTAYSPLTDAIHSPGAGGD
LWIMGLAVGGLGTILGGVNMITTVVCMRAPGMTMFRMPIFTWNILVTSILVLIAFPILTAALFGLAADRHLGAHIYDPAN
GGVLLWQHLFWFFGHPEVYIIALPFFGIVSEIFPVFSRKPIFGYTTLIYATLAIAALSVAVWAHHMYATGAVLLPFFSFM
TFLIAVPTGIKFFNWIGTMWKGQLTFETPMLFSVGFLITFLLGGLSGVLLASPPLDFHVTDSYFVIAHFHYVLFGTIVFA
TYAGIYFWFPKMTGRLLDERLGKLHFWLTFIGFHTTFLVQHWLGDEGMPRRYADYLPTDGFTTLNVISTVGAFILGVSML
PFVWNVFKSWRYGEPVTVDDPWGYGNSLEWATSCPPPRHNFTELPRIRSERPAFELHYPHMVERMRAEAHVG
;
R,L
4 'polypeptide(L)'
;MTSAVGTSGTAITSRVHSLNRPNMVSVGTIVWLSSELMFFAGLFAMYFTARAQAGGAWPPEPTELNLALAVPVTLVLIAS
SFTCQMGVFAAERGDVFGLRRWYVITFLMGLFFVLGQGYEYIHLVEHGTTIPGSAYGSVFYLATGFHGLHVIGGLVAFVL
LLARTKMSKFTPAQATAAIVVSYYWHFVDIVWIALFATIYFVR
;
S,X
5 'polypeptide(L)'
;MHIEARLFEILTAFFALAAVVYAVLTAMFATGGVEWAGTTALVLTTGLTLITGTFFRFVARRLDTRPEDYEDAEISDGAG
ELGFFAPHSWWPILISLSFSTAAVGAALWLPWLIAAGVAFVITSVCGLVFEYYWGPEKH
;
T,Z
6 'polypeptide(L)' MSTALTHGLIGGVPLVLFAVLALIFLTRKGPHPDTYKMSDPWTHAPILWAAEEPREHGHGGHGHDSHGVVIGGGASGKW U,a
7 'polypeptide(L)'
;ELDLPYGSALTSSGRISAVTEPGELSVHYPFPTMDLVVLDDALKYGSRAAKARFAVYIGPLGADTAATAREILANVPTPE
NAVLLAVSPDQRAIEVVYGADVKGRGIESAAPLGVSAAAASFKEGNLIDGLISAVRVMSAGVSPA
;
V,b
8 'polypeptide(L)'
;MSSTQDRSQLDPEEQPVANTEVERHTGVDVEDVPSAEWGWSHMPIGVMHIGGLLSAAFLLVMMRGNHVGHVEDWFLIGFA
AVIVALVGRNWWLRRRGWIR
;
P,J
9 'polypeptide(L)'
;CSPPGETASSEPGTTPAIWTGSPSPAAPSGEDHGGGHGAGAAGAGETLTAELKTADGTSVATADFQFADGFATVTIETTT
PGRLTPGFHGVHIHSVGKCEANSVAPTGGAPGDFNSAGGHFQVSGHSGHPASGDLSSLQVRADGSGKLVTTTDAFTAEDL
LDGAKTAIIIHEKADNFANIPPERYQQVNGAPGPDQTTMATGDAGSRVACGVISAG
;
G,D
10 'polypeptide(L)'
;QSALLRTGKQLFETSCVSCHGANLQGVPDRGPSLIGTGEAAVYFQVSTGRMPAMRGEAQAPSKPPHFDESQIDALGAYVQ
ANGGGPTVPRDDHGAVAQESLIGGDVARGGDLFRLNCASCHNFTGKGGALSSGKYAPDLGDANPAQIYTAMLTGPQNMPK
FSDRQLTPDEKRDIVAYVRESAETPSYGGYGLGGFGPAPEGMAMWIIGMVAAIGVAMWIGSRA
;
O,I
11 'polypeptide(L)'
;DFAKLAAAQGDAIDSRYHPSAAVRRQLNKVFPTHWSFLLGEIALYSFIILLLTGVWLTLFFDPSMAHVTYDGVYQPLRGV
QMSRAYETALDISFEVRGGLFVRQVHHWAALMFAASIMVHLARIFFTGAFRRPREANWVIGSLLLILAMFEGFFGYSLPD
DLLSGTGIRAALSGITMGIPVIGTWMHWALFGGDFPGEILIPRLYALHILLIPGIILALIGAHLALVWFQKHTQFPGPGR
TETNVVGVRVMPVFAVKSGAFFAMITGVLGLMGGLLTINPIWNLGPYKPSQVSAGSQPDFYMMWTDGLIRLWPAWEFYPF
GHTIPQGVWVAVGMGLVFALLIAYPFIEKKVTGDDAHHNLLQRPRDVPVRTAIGSMAIALYLLLTFACMNDIIALKFHIS
LNATTWIGRIGMVVLPAIVYFVAYRWAISLQRSDREVLEHGVETGIIKRLPHGAYVELHQPLGPVDEHGHPIPLEYAGAP
LPKRMNKLGSGGAPGTGSFLFPDPAVEHEALTEAAHASEHKSLTALKEHQDRIHG
;
E,F
12 'polypeptide(L)'
;GQPTDAELAEMSREELVKLGGKIDGVETIFKEPRWPVPGTKAEKRTERLVAYWLMLGGLSGLALLLVFLFWPWEYQPFGS
EGEFLYSLATPLYGLTFGLSILSIGIGAVLFQKKFIPEEISVQDRHDGRSPEVHRKTVAANLTDALEGSTLKRRKVIGLS
LGIGLGAFGAGTLVAFIGGLIKNPWKPVVPTAEGKKAVLWTSGWTPRFKGETIYLARATGRPGESPFVKMRPEDIDAGGM
ETVFPWRESDGDGTTVESEHKLTEIAMGVRNPVMLIRIKPADMHRVIKRKGQESFNFGELFAYTKVCSHLGCPSSLYEQQ
TYRILCPCHQSQFDALEFAKPIFGPAARALAQLPITIDEDGYLVANGDFVEPVGPAFWERKS
;
Y,M
#
# COMPACT_ATOMS: atom_id res chain seq x y z
N CYS A 1 -34.90 -37.62 -12.76
CA CYS A 1 -35.82 -38.35 -11.89
C CYS A 1 -35.92 -37.68 -10.53
N SER A 2 -35.68 -36.37 -10.48
CA SER A 2 -36.04 -35.62 -9.29
C SER A 2 -37.55 -35.56 -9.10
N ALA A 3 -38.32 -35.89 -10.13
CA ALA A 3 -39.77 -36.02 -10.06
C ALA A 3 -40.21 -37.47 -10.06
N GLY A 4 -39.47 -38.34 -9.39
CA GLY A 4 -39.83 -39.74 -9.30
C GLY A 4 -40.82 -40.00 -8.19
N GLN A 5 -40.92 -41.25 -7.73
CA GLN A 5 -41.80 -41.55 -6.62
C GLN A 5 -41.35 -40.90 -5.33
N ILE A 6 -40.06 -40.58 -5.20
CA ILE A 6 -39.56 -39.81 -4.08
C ILE A 6 -39.27 -38.40 -4.56
N SER A 7 -40.25 -37.52 -4.45
CA SER A 7 -40.12 -36.13 -4.86
C SER A 7 -40.19 -35.23 -3.63
N GLN A 8 -39.36 -34.18 -3.62
CA GLN A 8 -39.32 -33.31 -2.46
C GLN A 8 -40.66 -32.60 -2.25
N THR A 9 -41.28 -32.13 -3.32
CA THR A 9 -42.49 -31.32 -3.18
C THR A 9 -43.63 -32.11 -2.55
N THR A 10 -43.84 -33.35 -3.00
CA THR A 10 -44.96 -34.13 -2.48
C THR A 10 -44.79 -34.41 -0.98
N THR A 11 -43.57 -34.77 -0.57
CA THR A 11 -43.29 -35.04 0.84
C THR A 11 -42.80 -33.75 1.51
N GLN A 12 -43.75 -32.86 1.74
CA GLN A 12 -43.48 -31.57 2.37
C GLN A 12 -44.53 -31.33 3.46
N GLU A 13 -44.07 -31.21 4.69
CA GLU A 13 -44.98 -30.87 5.78
C GLU A 13 -45.39 -29.40 5.68
N PRO A 14 -46.64 -29.07 6.03
CA PRO A 14 -47.05 -27.66 6.00
C PRO A 14 -46.12 -26.81 6.85
N ALA A 15 -45.83 -25.61 6.37
CA ALA A 15 -44.96 -24.67 7.06
C ALA A 15 -45.74 -23.90 8.13
N VAL A 16 -46.25 -24.65 9.10
CA VAL A 16 -47.05 -24.10 10.20
C VAL A 16 -46.47 -24.60 11.51
N ASN A 17 -46.68 -23.83 12.57
CA ASN A 17 -46.19 -24.23 13.88
C ASN A 17 -46.85 -25.52 14.35
N GLY A 18 -48.14 -25.67 14.09
CA GLY A 18 -48.85 -26.85 14.57
C GLY A 18 -48.32 -28.12 13.95
N VAL A 19 -48.64 -29.24 14.59
CA VAL A 19 -48.21 -30.57 14.15
C VAL A 19 -49.43 -31.32 13.61
N ASN A 20 -49.18 -32.24 12.68
CA ASN A 20 -50.21 -33.01 12.03
C ASN A 20 -50.06 -34.48 12.41
N ALA A 21 -51.13 -35.06 12.95
CA ALA A 21 -51.16 -36.46 13.34
C ALA A 21 -52.22 -37.18 12.51
N GLN A 22 -51.79 -38.20 11.75
CA GLN A 22 -52.67 -38.94 10.88
C GLN A 22 -53.16 -40.26 11.47
N ALA A 23 -52.72 -40.61 12.68
CA ALA A 23 -53.16 -41.86 13.28
C ALA A 23 -54.65 -41.85 13.53
N GLY A 24 -55.29 -43.00 13.31
CA GLY A 24 -56.72 -43.14 13.49
C GLY A 24 -57.50 -42.71 12.26
N GLN A 25 -58.81 -42.98 12.30
CA GLN A 25 -59.68 -42.58 11.21
C GLN A 25 -59.69 -41.07 11.04
N VAL A 26 -59.76 -40.34 12.15
CA VAL A 26 -59.74 -38.88 12.11
C VAL A 26 -58.30 -38.41 12.08
N SER A 27 -58.02 -37.41 11.24
CA SER A 27 -56.70 -36.83 11.10
C SER A 27 -56.66 -35.48 11.81
N LEU A 28 -55.57 -35.24 12.53
CA LEU A 28 -55.37 -34.00 13.27
C LEU A 28 -54.41 -33.10 12.53
N ARG A 29 -54.79 -31.84 12.36
CA ARG A 29 -53.97 -30.86 11.65
C ARG A 29 -53.88 -29.58 12.47
N ASN A 30 -52.76 -28.89 12.32
CA ASN A 30 -52.51 -27.63 13.03
C ASN A 30 -52.78 -27.78 14.53
N VAL A 31 -52.17 -28.80 15.12
CA VAL A 31 -52.27 -29.04 16.56
C VAL A 31 -51.18 -28.23 17.24
N HIS A 32 -51.59 -27.30 18.11
CA HIS A 32 -50.61 -26.54 18.87
C HIS A 32 -51.31 -25.96 20.11
N LEU A 33 -50.54 -25.23 20.92
CA LEU A 33 -51.03 -24.62 22.14
C LEU A 33 -50.85 -23.12 22.06
N ARG A 34 -51.93 -22.37 22.28
CA ARG A 34 -51.84 -20.93 22.47
C ARG A 34 -51.64 -20.68 23.96
N ALA A 35 -50.46 -20.16 24.31
CA ALA A 35 -50.04 -20.02 25.70
C ALA A 35 -49.04 -18.88 25.79
N PRO A 36 -49.52 -17.63 25.77
CA PRO A 36 -48.60 -16.49 25.88
C PRO A 36 -47.83 -16.54 27.19
N GLN A 37 -46.51 -16.68 27.09
CA GLN A 37 -45.64 -16.77 28.26
C GLN A 37 -44.95 -15.43 28.49
N GLN A 38 -45.09 -14.89 29.70
CA GLN A 38 -44.47 -13.63 30.07
C GLN A 38 -43.12 -13.82 30.75
N THR A 39 -42.67 -15.05 30.95
CA THR A 39 -41.46 -15.33 31.69
C THR A 39 -40.83 -16.60 31.14
N ASP A 40 -39.93 -17.21 31.91
CA ASP A 40 -39.26 -18.43 31.47
C ASP A 40 -40.26 -19.51 31.11
N TYR A 41 -41.22 -19.76 31.98
CA TYR A 41 -42.22 -20.80 31.81
C TYR A 41 -43.62 -20.21 31.86
N VAL A 42 -44.60 -21.04 31.50
CA VAL A 42 -46.00 -20.76 31.78
C VAL A 42 -46.33 -21.46 33.10
N GLU A 43 -46.60 -20.67 34.14
CA GLU A 43 -46.69 -21.23 35.47
C GLU A 43 -47.92 -22.13 35.59
N PRO A 44 -47.86 -23.17 36.42
CA PRO A 44 -49.04 -24.00 36.65
C PRO A 44 -50.18 -23.17 37.22
N GLY A 45 -51.40 -23.52 36.81
CA GLY A 45 -52.59 -22.82 37.24
C GLY A 45 -53.13 -21.82 36.24
N THR A 46 -52.41 -21.57 35.16
CA THR A 46 -52.85 -20.65 34.11
C THR A 46 -53.44 -21.45 32.96
N THR A 47 -54.59 -21.03 32.48
CA THR A 47 -55.26 -21.73 31.39
C THR A 47 -54.60 -21.37 30.06
N VAL A 48 -54.22 -22.39 29.29
CA VAL A 48 -53.69 -22.22 27.95
C VAL A 48 -54.56 -23.03 27.00
N GLU A 49 -54.91 -22.45 25.86
CA GLU A 49 -55.89 -23.10 25.01
C GLU A 49 -55.18 -23.98 24.00
N LEU A 50 -55.86 -25.03 23.55
CA LEU A 50 -55.30 -26.05 22.67
C LEU A 50 -56.05 -25.99 21.34
N LEU A 51 -55.34 -25.63 20.28
CA LEU A 51 -55.92 -25.47 18.96
C LEU A 51 -55.62 -26.70 18.10
N PHE A 52 -56.61 -27.13 17.34
CA PHE A 52 -56.40 -28.19 16.36
C PHE A 52 -57.65 -28.31 15.50
N VAL A 53 -57.47 -28.87 14.31
CA VAL A 53 -58.56 -29.14 13.38
C VAL A 53 -58.61 -30.65 13.17
N ALA A 54 -59.75 -31.26 13.49
CA ALA A 54 -59.93 -32.69 13.34
C ALA A 54 -60.80 -32.97 12.13
N ALA A 55 -60.30 -33.78 11.20
CA ALA A 55 -60.96 -34.07 9.95
C ALA A 55 -61.31 -35.55 9.88
N ASN A 56 -62.58 -35.85 9.66
CA ASN A 56 -63.03 -37.23 9.56
C ASN A 56 -62.72 -37.73 8.15
N ASP A 57 -61.73 -38.63 8.05
CA ASP A 57 -61.28 -39.08 6.73
C ASP A 57 -62.39 -39.81 5.98
N SER A 58 -63.13 -40.67 6.67
CA SER A 58 -64.13 -41.51 6.05
C SER A 58 -65.53 -40.93 6.26
N THR A 59 -66.37 -41.06 5.24
CA THR A 59 -67.75 -40.59 5.29
C THR A 59 -68.70 -41.61 5.90
N GLU A 60 -68.21 -42.79 6.28
CA GLU A 60 -69.04 -43.82 6.88
C GLU A 60 -69.13 -43.62 8.39
N SER A 62 -70.05 -42.18 12.08
CA SER A 62 -68.77 -41.53 11.88
C SER A 62 -68.07 -41.28 13.21
N ASN A 63 -66.74 -41.13 13.16
CA ASN A 63 -65.94 -40.87 14.35
C ASN A 63 -66.06 -39.39 14.73
N LYS A 64 -67.28 -39.02 15.11
CA LYS A 64 -67.59 -37.66 15.57
C LYS A 64 -67.61 -37.55 17.08
N LEU A 65 -67.18 -38.61 17.80
CA LEU A 65 -67.35 -38.64 19.24
C LEU A 65 -66.44 -37.63 19.93
N LYS A 66 -65.13 -37.76 19.75
CA LYS A 66 -64.15 -36.90 20.43
C LYS A 66 -64.36 -37.01 21.94
N SER A 67 -64.01 -38.19 22.45
CA SER A 67 -64.38 -38.59 23.81
C SER A 67 -63.76 -37.68 24.87
N ILE A 68 -62.44 -37.72 25.03
CA ILE A 68 -61.78 -37.08 26.16
C ILE A 68 -60.67 -36.15 25.70
N THR A 69 -59.76 -36.66 24.88
CA THR A 69 -58.55 -35.95 24.45
C THR A 69 -57.94 -35.15 25.60
N SER A 70 -57.54 -35.89 26.63
CA SER A 70 -56.94 -35.31 27.82
C SER A 70 -55.56 -35.92 28.07
N ASP A 71 -54.72 -35.15 28.74
CA ASP A 71 -53.37 -35.56 29.10
C ASP A 71 -53.03 -34.86 30.42
N VAL A 72 -51.75 -34.85 30.78
CA VAL A 72 -51.31 -34.12 31.96
C VAL A 72 -51.61 -32.65 31.74
N GLY A 73 -52.58 -32.11 32.48
CA GLY A 73 -53.01 -30.74 32.29
C GLY A 73 -54.51 -30.55 32.42
N GLU A 74 -55.26 -31.65 32.52
CA GLU A 74 -56.71 -31.60 32.73
C GLU A 74 -57.39 -30.84 31.59
N VAL A 75 -57.31 -31.43 30.39
CA VAL A 75 -57.95 -30.84 29.23
C VAL A 75 -59.45 -30.76 29.47
N THR A 76 -60.04 -29.63 29.09
CA THR A 76 -61.48 -29.40 29.20
C THR A 76 -62.00 -28.88 27.88
N LEU A 77 -63.07 -29.51 27.38
CA LEU A 77 -63.64 -29.18 26.08
C LEU A 77 -64.94 -28.40 26.32
N THR A 78 -64.83 -27.09 26.51
CA THR A 78 -66.00 -26.26 26.68
C THR A 78 -66.78 -26.18 25.37
N GLY A 79 -68.10 -26.29 25.47
CA GLY A 79 -68.93 -26.33 24.28
C GLY A 79 -68.66 -27.54 23.40
N ASP A 80 -68.51 -28.71 24.01
CA ASP A 80 -68.20 -29.91 23.25
C ASP A 80 -69.34 -30.26 22.31
N SER A 81 -68.99 -30.73 21.12
CA SER A 81 -69.98 -31.06 20.10
C SER A 81 -69.41 -32.14 19.18
N THR A 82 -70.32 -32.80 18.47
CA THR A 82 -69.95 -33.85 17.50
C THR A 82 -69.96 -33.22 16.11
N VAL A 83 -68.90 -32.48 15.83
CA VAL A 83 -68.76 -31.72 14.58
C VAL A 83 -68.32 -32.61 13.42
N PRO A 84 -67.36 -33.53 13.60
CA PRO A 84 -66.78 -34.19 12.42
C PRO A 84 -67.76 -35.09 11.67
N ALA A 85 -68.18 -34.65 10.49
CA ALA A 85 -68.89 -35.49 9.51
C ALA A 85 -68.39 -35.04 8.14
N ASP A 86 -67.32 -35.67 7.67
CA ASP A 86 -66.62 -35.23 6.46
C ASP A 86 -66.24 -33.75 6.53
N GLY A 87 -66.18 -33.19 7.74
CA GLY A 87 -65.98 -31.77 7.90
C GLY A 87 -64.99 -31.48 9.02
N VAL A 88 -64.52 -30.24 9.03
CA VAL A 88 -63.57 -29.82 10.05
C VAL A 88 -64.27 -29.71 11.41
N LEU A 89 -63.57 -30.15 12.45
CA LEU A 89 -63.89 -29.83 13.83
C LEU A 89 -62.81 -28.84 14.25
N ILE A 90 -63.19 -27.56 14.32
CA ILE A 90 -62.29 -26.47 14.69
C ILE A 90 -62.58 -26.15 16.15
N VAL A 91 -61.66 -26.53 17.05
CA VAL A 91 -61.92 -26.38 18.48
C VAL A 91 -61.95 -24.91 18.87
N GLY A 92 -60.96 -24.14 18.44
CA GLY A 92 -60.80 -22.77 18.87
C GLY A 92 -60.71 -21.81 17.70
N GLU A 93 -60.02 -20.69 17.95
CA GLU A 93 -59.88 -19.60 16.99
C GLU A 93 -58.41 -19.30 16.82
N PRO A 94 -57.71 -20.06 15.98
CA PRO A 94 -56.28 -19.78 15.75
C PRO A 94 -56.09 -18.35 15.28
N ASP A 95 -55.00 -17.73 15.75
CA ASP A 95 -54.74 -16.33 15.45
C ASP A 95 -54.88 -16.09 13.95
N GLY A 96 -55.69 -15.09 13.61
CA GLY A 96 -56.06 -14.84 12.23
C GLY A 96 -57.34 -15.50 11.79
N GLN A 97 -57.91 -16.39 12.60
CA GLN A 97 -59.19 -17.00 12.26
C GLN A 97 -60.28 -15.94 12.21
N ILE A 98 -61.08 -15.98 11.15
CA ILE A 98 -62.17 -15.02 10.97
C ILE A 98 -63.45 -15.59 11.57
N GLN A 99 -64.08 -14.81 12.43
CA GLN A 99 -65.44 -15.12 12.87
C GLN A 99 -66.40 -14.71 11.76
N ALA A 100 -66.96 -15.69 11.06
CA ALA A 100 -67.77 -15.39 9.88
C ALA A 100 -68.94 -14.49 10.23
N VAL A 101 -69.61 -14.76 11.34
CA VAL A 101 -70.74 -13.96 11.80
C VAL A 101 -70.51 -13.62 13.27
N GLU A 102 -71.08 -12.49 13.69
CA GLU A 102 -70.96 -12.09 15.09
C GLU A 102 -71.58 -13.13 16.02
N ASN A 103 -72.75 -13.65 15.66
CA ASN A 103 -73.35 -14.74 16.42
C ASN A 103 -72.53 -16.01 16.25
N ALA A 104 -72.46 -16.79 17.32
CA ALA A 104 -71.72 -18.05 17.33
C ALA A 104 -72.70 -19.20 17.54
N GLU A 105 -72.65 -20.18 16.65
CA GLU A 105 -73.50 -21.36 16.78
C GLU A 105 -72.90 -22.32 17.82
N ALA A 106 -73.77 -22.86 18.67
CA ALA A 106 -73.35 -23.72 19.77
C ALA A 106 -72.37 -23.01 20.68
N ALA A 107 -72.55 -21.70 20.84
CA ALA A 107 -71.64 -20.87 21.65
C ALA A 107 -70.22 -21.08 21.10
N ASP A 108 -69.21 -21.21 21.94
CA ASP A 108 -67.85 -21.43 21.45
C ASP A 108 -67.80 -22.76 20.70
N ALA A 109 -67.04 -22.78 19.60
CA ALA A 109 -66.99 -23.93 18.70
C ALA A 109 -66.09 -25.03 19.27
N VAL A 110 -66.47 -25.54 20.45
CA VAL A 110 -65.76 -26.64 21.09
C VAL A 110 -64.36 -26.19 21.44
N THR A 111 -64.24 -25.18 22.30
CA THR A 111 -62.93 -24.65 22.66
C THR A 111 -62.29 -25.51 23.74
N ALA A 112 -61.04 -25.91 23.50
CA ALA A 112 -60.31 -26.77 24.43
C ALA A 112 -59.30 -25.94 25.21
N GLU A 113 -59.32 -26.08 26.53
CA GLU A 113 -58.38 -25.39 27.40
C GLU A 113 -57.69 -26.40 28.32
N VAL A 114 -56.51 -26.03 28.81
CA VAL A 114 -55.71 -26.90 29.65
C VAL A 114 -55.16 -26.08 30.80
N GLU A 115 -55.31 -26.60 32.02
CA GLU A 115 -54.65 -26.04 33.20
C GLU A 115 -53.35 -26.81 33.39
N LEU A 116 -52.22 -26.13 33.22
CA LEU A 116 -50.96 -26.83 32.98
C LEU A 116 -50.66 -27.83 34.09
N THR A 117 -50.67 -27.38 35.34
CA THR A 117 -50.18 -28.17 36.47
C THR A 117 -48.70 -28.53 36.29
N LYS A 118 -48.00 -27.84 35.39
CA LYS A 118 -46.62 -28.14 35.06
C LYS A 118 -46.03 -26.99 34.24
N PRO A 119 -44.81 -26.54 34.54
CA PRO A 119 -44.22 -25.47 33.73
C PRO A 119 -44.05 -25.91 32.27
N ILE A 120 -44.25 -24.97 31.35
CA ILE A 120 -43.98 -25.19 29.94
C ILE A 120 -43.42 -23.91 29.35
N THR A 121 -42.48 -24.05 28.42
CA THR A 121 -41.92 -22.93 27.68
C THR A 121 -41.99 -23.25 26.21
N ASN A 122 -42.31 -22.24 25.40
CA ASN A 122 -42.44 -22.47 23.96
C ASN A 122 -41.11 -22.91 23.38
N GLY A 123 -41.19 -23.79 22.39
CA GLY A 123 -40.03 -24.46 21.83
C GLY A 123 -39.88 -25.90 22.26
N LEU A 124 -40.82 -26.43 23.04
CA LEU A 124 -40.79 -27.80 23.52
C LEU A 124 -41.91 -28.61 22.89
N LEU A 125 -41.77 -29.93 22.98
CA LEU A 125 -42.78 -30.89 22.53
C LEU A 125 -43.48 -31.47 23.74
N TYR A 126 -44.80 -31.35 23.78
CA TYR A 126 -45.59 -31.86 24.89
C TYR A 126 -46.65 -32.82 24.36
N ASP A 127 -46.75 -33.98 24.98
CA ASP A 127 -47.64 -35.03 24.50
C ASP A 127 -49.07 -34.76 24.96
N PHE A 128 -50.01 -34.86 24.02
CA PHE A 128 -51.44 -34.80 24.32
C PHE A 128 -52.10 -36.00 23.67
N THR A 129 -52.74 -36.83 24.49
CA THR A 129 -53.37 -38.07 24.01
C THR A 129 -54.79 -37.76 23.57
N PHE A 130 -54.97 -37.52 22.28
CA PHE A 130 -56.29 -37.28 21.71
C PHE A 130 -56.99 -38.61 21.57
N THR A 131 -58.08 -38.80 22.30
CA THR A 131 -58.81 -40.05 22.33
C THR A 131 -60.10 -39.90 21.53
N PHE A 132 -60.27 -40.76 20.53
CA PHE A 132 -61.49 -40.83 19.74
C PHE A 132 -62.08 -42.23 19.89
N GLU A 133 -63.37 -42.36 19.56
CA GLU A 133 -64.02 -43.66 19.69
C GLU A 133 -63.36 -44.70 18.78
N ASP A 134 -62.96 -44.30 17.57
CA ASP A 134 -62.25 -45.23 16.70
C ASP A 134 -60.88 -45.57 17.28
N GLY A 135 -60.18 -44.59 17.85
CA GLY A 135 -58.86 -44.85 18.40
C GLY A 135 -58.33 -43.65 19.14
N GLU A 136 -57.11 -43.79 19.64
CA GLU A 136 -56.42 -42.76 20.39
C GLU A 136 -55.02 -42.57 19.82
N THR A 137 -54.52 -41.34 19.90
CA THR A 137 -53.26 -40.98 19.27
C THR A 137 -52.50 -39.96 20.13
N THR A 138 -51.19 -40.14 20.21
CA THR A 138 -50.30 -39.18 20.86
C THR A 138 -49.72 -38.26 19.81
N VAL A 139 -49.68 -36.96 20.12
CA VAL A 139 -49.38 -35.94 19.12
C VAL A 139 -48.06 -35.22 19.37
N ALA A 140 -47.62 -35.11 20.62
CA ALA A 140 -46.44 -34.30 20.96
C ALA A 140 -46.66 -32.85 20.52
N VAL A 141 -47.63 -32.21 21.16
CA VAL A 141 -48.11 -30.91 20.71
C VAL A 141 -47.05 -29.86 20.99
N PRO A 142 -46.78 -28.92 20.06
CA PRO A 142 -45.89 -27.80 20.35
C PRO A 142 -46.63 -26.61 20.93
N ILE A 143 -45.91 -25.52 21.17
CA ILE A 143 -46.50 -24.24 21.59
C ILE A 143 -46.32 -23.25 20.45
N SER A 144 -47.40 -22.58 20.07
CA SER A 144 -47.41 -21.68 18.94
C SER A 144 -47.88 -20.29 19.37
N ALA A 145 -47.23 -19.26 18.85
CA ALA A 145 -47.64 -17.88 19.02
C ALA A 145 -47.99 -17.33 17.64
N GLY A 146 -49.28 -17.04 17.43
CA GLY A 146 -49.75 -16.69 16.10
C GLY A 146 -49.15 -15.44 15.51
N GLU A 147 -49.45 -14.28 16.08
CA GLU A 147 -49.00 -13.00 15.54
C GLU A 147 -48.48 -12.03 16.58
N GLN A 148 -48.45 -12.40 17.86
CA GLN A 148 -47.99 -11.51 18.91
C GLN A 148 -46.58 -11.02 18.57
N PRO A 149 -46.38 -9.73 18.28
CA PRO A 149 -45.04 -9.25 17.93
C PRO A 149 -44.05 -9.46 19.06
N ARG A 150 -42.78 -9.19 18.76
CA ARG A 150 -41.74 -9.33 19.76
C ARG A 150 -42.05 -8.47 20.98
N ARG A 151 -41.95 -9.07 22.15
CA ARG A 151 -42.06 -8.30 23.39
C ARG A 151 -40.77 -7.51 23.60
N PRO A 152 -40.84 -6.21 23.91
CA PRO A 152 -39.61 -5.42 24.03
C PRO A 152 -38.63 -5.99 25.04
N VAL A 153 -37.48 -6.43 24.57
CA VAL A 153 -36.42 -6.88 25.49
C VAL A 153 -35.80 -5.65 26.16
N PRO A 154 -35.46 -5.71 27.44
CA PRO A 154 -34.80 -4.57 28.08
C PRO A 154 -33.52 -4.20 27.34
N PRO A 155 -33.33 -2.93 26.99
CA PRO A 155 -32.09 -2.55 26.32
C PRO A 155 -30.88 -2.86 27.19
N ALA A 156 -29.80 -3.27 26.53
CA ALA A 156 -28.60 -3.74 27.23
C ALA A 156 -27.74 -2.56 27.67
N GLY A 157 -27.22 -2.64 28.88
CA GLY A 157 -26.29 -1.67 29.38
C GLY A 157 -24.85 -2.18 29.30
N PRO A 158 -24.04 -1.57 28.43
CA PRO A 158 -22.65 -2.04 28.30
C PRO A 158 -21.92 -1.98 29.63
N GLY A 159 -21.08 -2.99 29.87
CA GLY A 159 -20.32 -3.07 31.10
C GLY A 159 -18.99 -3.79 30.92
N TRP B 1 -70.76 -65.75 -29.50
CA TRP B 1 -70.02 -65.50 -30.73
C TRP B 1 -69.91 -63.99 -31.00
N SER B 2 -71.01 -63.27 -30.78
CA SER B 2 -70.99 -61.84 -31.02
C SER B 2 -70.00 -61.13 -30.10
N ASP B 3 -69.99 -61.48 -28.82
CA ASP B 3 -69.07 -60.85 -27.89
C ASP B 3 -67.63 -61.18 -28.24
N ALA B 4 -67.36 -62.42 -28.66
CA ALA B 4 -66.02 -62.75 -29.15
C ALA B 4 -65.69 -61.94 -30.39
N LEU B 5 -66.65 -61.78 -31.29
CA LEU B 5 -66.48 -60.96 -32.49
C LEU B 5 -66.63 -59.47 -32.21
N ALA B 6 -66.98 -59.10 -30.99
CA ALA B 6 -67.11 -57.71 -30.60
C ALA B 6 -65.78 -57.04 -30.30
N LEU B 7 -64.69 -57.82 -30.23
CA LEU B 7 -63.37 -57.28 -29.95
C LEU B 7 -63.35 -56.52 -28.62
N GLY B 8 -64.06 -57.05 -27.63
CA GLY B 8 -64.02 -56.48 -26.30
C GLY B 8 -64.94 -55.31 -26.07
N TRP B 9 -66.12 -55.29 -26.70
CA TRP B 9 -67.10 -54.27 -26.39
C TRP B 9 -67.49 -54.33 -24.91
N PRO B 10 -67.64 -53.19 -24.25
CA PRO B 10 -68.57 -53.15 -23.12
C PRO B 10 -69.99 -53.17 -23.65
N THR B 11 -70.79 -54.10 -23.15
CA THR B 11 -72.16 -54.22 -23.66
C THR B 11 -72.90 -52.91 -23.44
N GLY B 12 -73.60 -52.46 -24.48
CA GLY B 12 -74.27 -51.18 -24.41
C GLY B 12 -75.34 -51.15 -23.34
N ILE B 13 -75.56 -49.96 -22.80
CA ILE B 13 -76.60 -49.74 -21.80
C ILE B 13 -77.49 -48.59 -22.24
N THR B 14 -77.26 -48.06 -23.43
CA THR B 14 -78.07 -47.00 -23.99
C THR B 14 -78.42 -47.36 -25.43
N PRO B 15 -79.56 -46.89 -25.93
CA PRO B 15 -79.92 -47.20 -27.33
C PRO B 15 -78.85 -46.76 -28.32
N GLU B 16 -78.28 -45.56 -28.12
CA GLU B 16 -77.20 -45.11 -28.98
C GLU B 16 -76.01 -46.05 -28.85
N ALA B 17 -75.73 -46.52 -27.64
CA ALA B 17 -74.63 -47.45 -27.42
C ALA B 17 -74.86 -48.75 -28.19
N LYS B 18 -76.07 -49.28 -28.15
CA LYS B 18 -76.33 -50.54 -28.86
C LYS B 18 -76.26 -50.34 -30.37
N LEU B 19 -76.74 -49.19 -30.87
CA LEU B 19 -76.61 -48.91 -32.29
C LEU B 19 -75.14 -48.81 -32.69
N ASN B 20 -74.32 -48.17 -31.85
CA ASN B 20 -72.90 -48.08 -32.11
C ASN B 20 -72.25 -49.46 -32.09
N ARG B 21 -72.68 -50.33 -31.17
CA ARG B 21 -72.17 -51.69 -31.14
C ARG B 21 -72.52 -52.44 -32.42
N GLU B 22 -73.75 -52.29 -32.89
CA GLU B 22 -74.12 -52.92 -34.16
C GLU B 22 -73.26 -52.41 -35.30
N LEU B 23 -73.03 -51.10 -35.36
CA LEU B 23 -72.17 -50.53 -36.39
C LEU B 23 -70.76 -51.10 -36.31
N TRP B 24 -70.21 -51.18 -35.10
CA TRP B 24 -68.86 -51.72 -34.93
C TRP B 24 -68.79 -53.18 -35.37
N ILE B 25 -69.78 -53.98 -34.99
CA ILE B 25 -69.73 -55.39 -35.36
C ILE B 25 -69.85 -55.55 -36.87
N GLY B 26 -70.71 -54.76 -37.52
CA GLY B 26 -70.80 -54.82 -38.97
C GLY B 26 -69.50 -54.41 -39.64
N SER B 27 -68.90 -53.31 -39.17
CA SER B 27 -67.65 -52.85 -39.76
C SER B 27 -66.52 -53.83 -39.51
N VAL B 28 -66.54 -54.50 -38.35
CA VAL B 28 -65.54 -55.51 -38.05
C VAL B 28 -65.74 -56.72 -38.94
N ILE B 29 -66.99 -57.10 -39.22
CA ILE B 29 -67.23 -58.19 -40.17
C ILE B 29 -66.66 -57.83 -41.53
N ALA B 30 -66.92 -56.62 -41.99
CA ALA B 30 -66.43 -56.19 -43.30
C ALA B 30 -64.89 -56.18 -43.32
N SER B 31 -64.28 -55.61 -42.28
CA SER B 31 -62.83 -55.51 -42.24
C SER B 31 -62.17 -56.88 -42.10
N PHE B 32 -62.78 -57.78 -41.31
CA PHE B 32 -62.25 -59.12 -41.20
C PHE B 32 -62.34 -59.86 -42.53
N ALA B 33 -63.44 -59.68 -43.25
CA ALA B 33 -63.55 -60.30 -44.58
C ALA B 33 -62.46 -59.76 -45.50
N VAL B 34 -62.27 -58.45 -45.52
CA VAL B 34 -61.26 -57.85 -46.38
C VAL B 34 -59.87 -58.34 -46.00
N GLY B 35 -59.58 -58.36 -44.70
CA GLY B 35 -58.29 -58.81 -44.25
C GLY B 35 -58.05 -60.28 -44.55
N ALA B 36 -59.10 -61.10 -44.42
CA ALA B 36 -58.96 -62.52 -44.72
C ALA B 36 -58.66 -62.72 -46.19
N ILE B 37 -59.35 -62.01 -47.08
CA ILE B 37 -59.08 -62.19 -48.51
C ILE B 37 -57.69 -61.67 -48.85
N VAL B 38 -57.26 -60.57 -48.24
CA VAL B 38 -55.94 -60.01 -48.55
C VAL B 38 -54.83 -60.91 -48.02
N TRP B 39 -54.99 -61.44 -46.81
CA TRP B 39 -54.04 -62.43 -46.31
C TRP B 39 -54.03 -63.68 -47.17
N GLY B 40 -55.20 -64.12 -47.63
CA GLY B 40 -55.22 -65.26 -48.54
C GLY B 40 -54.44 -64.98 -49.80
N LEU B 41 -54.61 -63.80 -50.38
CA LEU B 41 -53.85 -63.43 -51.56
C LEU B 41 -52.35 -63.37 -51.27
N ILE B 42 -51.98 -62.80 -50.13
CA ILE B 42 -50.57 -62.67 -49.79
C ILE B 42 -49.93 -64.04 -49.61
N PHE B 43 -50.61 -64.94 -48.89
CA PHE B 43 -50.09 -66.29 -48.72
C PHE B 43 -50.06 -67.06 -50.04
N TRP B 44 -51.08 -66.91 -50.87
CA TRP B 44 -51.12 -67.62 -52.13
C TRP B 44 -49.97 -67.18 -53.03
N THR B 45 -49.72 -65.88 -53.10
CA THR B 45 -48.58 -65.40 -53.86
C THR B 45 -47.26 -65.79 -53.20
N SER B 46 -47.22 -65.90 -51.88
CA SER B 46 -46.05 -66.45 -51.21
C SER B 46 -45.80 -67.90 -51.61
N ALA B 47 -46.86 -68.62 -51.98
CA ALA B 47 -46.71 -69.98 -52.50
C ALA B 47 -46.09 -70.01 -53.89
N PHE B 48 -45.97 -68.87 -54.56
CA PHE B 48 -45.30 -68.80 -55.85
C PHE B 48 -43.79 -68.67 -55.65
N HIS B 49 -43.19 -69.60 -54.92
CA HIS B 49 -41.76 -69.55 -54.68
C HIS B 49 -41.00 -69.71 -55.99
N ARG B 50 -39.69 -69.50 -55.91
CA ARG B 50 -38.79 -69.72 -57.04
C ARG B 50 -38.44 -71.21 -57.08
N LYS B 51 -39.30 -71.97 -57.75
CA LYS B 51 -39.12 -73.41 -57.82
C LYS B 51 -37.79 -73.76 -58.45
N LYS B 52 -37.13 -74.79 -57.91
CA LYS B 52 -35.87 -75.24 -58.46
C LYS B 52 -36.02 -75.74 -59.88
N ALA B 53 -37.12 -76.43 -60.18
CA ALA B 53 -37.36 -76.93 -61.53
C ALA B 53 -37.52 -75.81 -62.55
N THR B 54 -37.75 -74.57 -62.10
CA THR B 54 -37.86 -73.44 -63.02
C THR B 54 -36.48 -73.12 -63.58
N ASP B 55 -36.33 -73.24 -64.89
CA ASP B 55 -35.07 -72.93 -65.56
C ASP B 55 -34.95 -71.42 -65.68
N THR B 56 -34.02 -70.95 -66.53
CA THR B 56 -33.80 -69.53 -66.68
C THR B 56 -34.93 -68.90 -67.48
N GLU B 57 -36.13 -68.91 -66.90
CA GLU B 57 -37.33 -68.34 -67.53
C GLU B 57 -37.93 -67.35 -66.54
N LEU B 58 -37.73 -66.06 -66.78
CA LEU B 58 -38.23 -65.03 -65.89
C LEU B 58 -39.75 -64.92 -66.03
N PRO B 59 -40.41 -64.30 -65.05
CA PRO B 59 -41.88 -64.29 -65.04
C PRO B 59 -42.47 -63.59 -66.25
N ARG B 60 -43.80 -63.55 -66.32
CA ARG B 60 -44.47 -62.91 -67.44
C ARG B 60 -44.09 -61.44 -67.56
N GLN B 61 -43.83 -60.79 -66.43
CA GLN B 61 -43.47 -59.37 -66.41
C GLN B 61 -44.65 -58.51 -66.84
N PHE B 62 -45.85 -58.84 -66.39
CA PHE B 62 -47.03 -58.21 -66.98
C PHE B 62 -47.19 -56.77 -66.52
N GLY B 63 -47.43 -56.55 -65.23
CA GLY B 63 -47.69 -55.21 -64.76
C GLY B 63 -48.88 -54.57 -65.46
N TYR B 64 -49.28 -53.39 -65.00
CA TYR B 64 -50.18 -52.51 -65.75
C TYR B 64 -51.40 -53.27 -66.28
N ASN B 65 -52.21 -53.75 -65.34
CA ASN B 65 -53.49 -54.40 -65.66
C ASN B 65 -54.60 -53.38 -65.43
N MET B 66 -54.93 -52.63 -66.49
CA MET B 66 -55.90 -51.55 -66.33
C MET B 66 -57.28 -52.05 -65.92
N PRO B 67 -57.85 -53.10 -66.51
CA PRO B 67 -59.16 -53.56 -66.05
C PRO B 67 -59.19 -53.96 -64.59
N LEU B 68 -58.21 -54.75 -64.16
CA LEU B 68 -58.15 -55.20 -62.76
C LEU B 68 -57.93 -54.02 -61.83
N GLU B 69 -57.06 -53.09 -62.21
CA GLU B 69 -56.83 -51.91 -61.37
C GLU B 69 -58.10 -51.07 -61.25
N LEU B 70 -58.84 -50.89 -62.34
CA LEU B 70 -60.10 -50.16 -62.28
C LEU B 70 -61.11 -50.88 -61.38
N THR B 71 -61.19 -52.21 -61.49
CA THR B 71 -62.11 -52.95 -60.64
C THR B 71 -61.77 -52.77 -59.17
N LEU B 72 -60.49 -52.89 -58.83
CA LEU B 72 -60.08 -52.83 -57.43
C LEU B 72 -59.91 -51.39 -56.93
N THR B 73 -60.06 -50.39 -57.80
CA THR B 73 -60.12 -49.01 -57.36
C THR B 73 -61.54 -48.46 -57.36
N VAL B 74 -62.47 -49.15 -58.00
CA VAL B 74 -63.88 -48.75 -57.91
C VAL B 74 -64.59 -49.49 -56.77
N ILE B 75 -64.28 -50.78 -56.56
CA ILE B 75 -64.94 -51.52 -55.49
C ILE B 75 -64.64 -50.90 -54.11
N PRO B 76 -63.40 -50.53 -53.78
CA PRO B 76 -63.17 -49.95 -52.46
C PRO B 76 -63.96 -48.68 -52.25
N PHE B 77 -64.19 -47.91 -53.32
CA PHE B 77 -65.10 -46.78 -53.22
C PHE B 77 -66.48 -47.24 -52.77
N LEU B 78 -66.96 -48.37 -53.29
CA LEU B 78 -68.26 -48.89 -52.90
C LEU B 78 -68.28 -49.26 -51.42
N ILE B 79 -67.26 -49.98 -50.96
CA ILE B 79 -67.22 -50.38 -49.56
C ILE B 79 -67.18 -49.16 -48.65
N ILE B 80 -66.34 -48.18 -48.99
CA ILE B 80 -66.25 -47.01 -48.12
C ILE B 80 -67.53 -46.19 -48.19
N SER B 81 -68.19 -46.15 -49.35
CA SER B 81 -69.44 -45.40 -49.45
C SER B 81 -70.53 -46.02 -48.59
N VAL B 82 -70.67 -47.35 -48.63
CA VAL B 82 -71.69 -47.99 -47.79
C VAL B 82 -71.33 -47.83 -46.32
N LEU B 83 -70.06 -48.00 -45.96
CA LEU B 83 -69.67 -47.86 -44.57
C LEU B 83 -69.85 -46.44 -44.09
N PHE B 84 -69.63 -45.44 -44.95
CA PHE B 84 -69.83 -44.05 -44.58
C PHE B 84 -71.31 -43.72 -44.48
N TYR B 85 -72.17 -44.32 -45.30
CA TYR B 85 -73.60 -44.13 -45.14
C TYR B 85 -74.07 -44.68 -43.79
N PHE B 86 -73.60 -45.89 -43.44
CA PHE B 86 -73.93 -46.44 -42.13
C PHE B 86 -73.38 -45.55 -41.03
N THR B 87 -72.16 -45.03 -41.22
CA THR B 87 -71.58 -44.11 -40.26
C THR B 87 -72.46 -42.89 -40.06
N VAL B 88 -72.93 -42.29 -41.14
CA VAL B 88 -73.74 -41.08 -41.04
C VAL B 88 -75.05 -41.38 -40.32
N VAL B 89 -75.71 -42.47 -40.70
CA VAL B 89 -77.01 -42.77 -40.10
C VAL B 89 -76.86 -43.04 -38.61
N VAL B 90 -75.83 -43.81 -38.23
CA VAL B 90 -75.62 -44.08 -36.80
C VAL B 90 -75.23 -42.81 -36.07
N GLN B 91 -74.34 -42.02 -36.67
CA GLN B 91 -73.94 -40.74 -36.09
C GLN B 91 -75.14 -39.85 -35.81
N GLU B 92 -76.15 -39.91 -36.69
CA GLU B 92 -77.36 -39.13 -36.46
C GLU B 92 -77.94 -39.43 -35.08
N ARG B 93 -77.84 -40.67 -34.64
CA ARG B 93 -78.32 -41.05 -33.30
C ARG B 93 -77.20 -40.98 -32.27
N MET B 94 -76.49 -39.85 -32.25
CA MET B 94 -75.47 -39.56 -31.25
C MET B 94 -75.89 -38.44 -30.31
N MET B 95 -76.60 -37.45 -30.88
CA MET B 95 -77.17 -36.33 -30.11
C MET B 95 -78.51 -36.01 -30.77
N HIS B 96 -79.62 -36.56 -30.28
CA HIS B 96 -80.92 -36.11 -30.79
C HIS B 96 -81.20 -34.67 -30.40
N LYS B 97 -80.50 -34.15 -29.38
CA LYS B 97 -80.65 -32.75 -28.93
C LYS B 97 -82.13 -32.53 -28.64
N ASP B 98 -82.76 -33.43 -27.88
CA ASP B 98 -84.13 -33.27 -27.43
C ASP B 98 -84.22 -32.02 -26.56
N PRO B 99 -85.06 -31.04 -26.91
CA PRO B 99 -85.12 -29.80 -26.10
C PRO B 99 -85.60 -30.03 -24.68
N ASN B 100 -86.22 -31.16 -24.39
CA ASN B 100 -86.80 -31.44 -23.07
C ASN B 100 -86.20 -32.73 -22.55
N PRO B 101 -84.95 -32.69 -22.08
CA PRO B 101 -84.35 -33.90 -21.51
C PRO B 101 -85.08 -34.33 -20.26
N GLU B 102 -84.66 -35.45 -19.69
CA GLU B 102 -85.37 -36.08 -18.58
C GLU B 102 -84.66 -35.89 -17.25
N VAL B 103 -83.34 -35.74 -17.27
CA VAL B 103 -82.54 -35.32 -16.13
C VAL B 103 -81.25 -34.73 -16.68
N VAL B 104 -80.91 -33.52 -16.25
CA VAL B 104 -79.74 -32.81 -16.77
C VAL B 104 -78.65 -32.88 -15.71
N ILE B 105 -77.54 -33.54 -16.04
CA ILE B 105 -76.37 -33.62 -15.18
C ILE B 105 -75.33 -32.65 -15.71
N ASP B 106 -74.85 -31.76 -14.85
CA ASP B 106 -73.80 -30.82 -15.23
C ASP B 106 -72.47 -31.43 -14.85
N VAL B 107 -71.83 -32.07 -15.83
CA VAL B 107 -70.55 -32.73 -15.62
C VAL B 107 -69.43 -31.70 -15.71
N THR B 108 -69.03 -31.15 -14.58
CA THR B 108 -67.79 -30.39 -14.51
C THR B 108 -66.67 -31.37 -14.24
N ALA B 109 -65.51 -31.11 -14.83
CA ALA B 109 -64.38 -32.00 -14.72
C ALA B 109 -63.16 -31.13 -14.47
N PHE B 110 -62.74 -31.03 -13.22
CA PHE B 110 -61.61 -30.18 -12.88
C PHE B 110 -60.35 -31.03 -12.85
N GLN B 111 -59.23 -30.34 -12.75
CA GLN B 111 -57.93 -30.94 -12.98
C GLN B 111 -57.82 -32.11 -11.99
N TRP B 112 -57.85 -33.34 -12.48
CA TRP B 112 -57.68 -34.56 -11.67
C TRP B 112 -58.90 -35.05 -10.90
N ASN B 113 -60.11 -34.56 -11.14
CA ASN B 113 -61.31 -35.25 -10.65
C ASN B 113 -62.54 -34.56 -11.25
N TRP B 114 -63.71 -34.99 -10.80
CA TRP B 114 -64.98 -34.63 -11.42
C TRP B 114 -65.92 -33.96 -10.43
N LYS B 115 -67.10 -33.61 -10.93
CA LYS B 115 -68.15 -33.00 -10.15
C LYS B 115 -69.43 -33.03 -10.98
N PHE B 116 -70.53 -33.41 -10.35
CA PHE B 116 -71.82 -33.53 -11.03
C PHE B 116 -72.86 -32.73 -10.28
N GLY B 117 -73.54 -31.82 -10.97
CA GLY B 117 -74.35 -30.83 -10.31
C GLY B 117 -75.85 -31.05 -10.36
N TYR B 118 -76.32 -32.00 -11.14
CA TYR B 118 -77.76 -32.23 -11.30
C TYR B 118 -78.47 -30.92 -11.65
N GLN B 119 -78.12 -30.40 -12.83
CA GLN B 119 -78.58 -29.07 -13.21
C GLN B 119 -80.10 -28.97 -13.13
N LYS B 120 -80.81 -29.97 -13.63
CA LYS B 120 -82.26 -29.96 -13.63
C LYS B 120 -82.76 -31.39 -13.75
N ILE B 121 -83.87 -31.67 -13.07
CA ILE B 121 -84.57 -32.94 -13.21
C ILE B 121 -86.01 -32.61 -13.57
N ALA B 122 -86.49 -33.14 -14.68
CA ALA B 122 -87.83 -32.85 -15.17
C ALA B 122 -88.38 -34.11 -15.81
N PHE B 123 -89.25 -34.82 -15.10
CA PHE B 123 -89.77 -36.08 -15.59
C PHE B 123 -91.08 -35.88 -16.34
N ALA B 124 -91.20 -36.59 -17.47
CA ALA B 124 -92.41 -36.51 -18.28
C ALA B 124 -93.62 -37.02 -17.52
N ASP B 125 -93.45 -38.08 -16.74
CA ASP B 125 -94.56 -38.62 -15.96
C ASP B 125 -95.15 -37.56 -15.04
N GLY B 126 -94.34 -36.58 -14.64
CA GLY B 126 -94.81 -35.47 -13.82
C GLY B 126 -94.26 -35.54 -12.41
N SER B 127 -93.16 -34.84 -12.17
CA SER B 127 -92.51 -34.80 -10.87
C SER B 127 -91.29 -33.89 -10.95
N PHE B 128 -90.56 -33.77 -9.84
CA PHE B 128 -89.24 -33.14 -9.84
C PHE B 128 -89.31 -31.68 -10.31
N ASP B 129 -89.98 -30.86 -9.50
CA ASP B 129 -89.95 -29.41 -9.68
C ASP B 129 -88.62 -28.86 -9.16
N TYR B 130 -87.53 -29.33 -9.79
CA TYR B 130 -86.18 -29.06 -9.34
C TYR B 130 -85.41 -28.29 -10.41
N ASP B 131 -84.43 -27.51 -9.97
CA ASP B 131 -83.58 -26.76 -10.87
C ASP B 131 -82.27 -26.42 -10.18
N GLY B 132 -81.26 -26.10 -10.97
CA GLY B 132 -80.01 -25.63 -10.43
C GLY B 132 -80.10 -24.19 -9.94
N ALA B 133 -79.12 -23.81 -9.11
CA ALA B 133 -79.16 -22.50 -8.48
C ALA B 133 -78.62 -21.42 -9.40
N ASP B 134 -77.36 -21.54 -9.79
CA ASP B 134 -76.60 -20.62 -10.63
C ASP B 134 -76.60 -19.16 -10.16
N PRO B 135 -76.42 -18.89 -8.86
CA PRO B 135 -75.87 -17.58 -8.46
C PRO B 135 -74.36 -17.59 -8.29
N GLU B 136 -73.71 -18.74 -8.46
CA GLU B 136 -72.28 -18.86 -8.23
C GLU B 136 -71.47 -18.37 -9.42
N ARG B 137 -72.09 -18.21 -10.59
CA ARG B 137 -71.37 -17.82 -11.79
C ARG B 137 -71.05 -16.33 -11.71
N LYS B 138 -69.78 -16.01 -11.41
CA LYS B 138 -69.32 -14.64 -11.30
C LYS B 138 -68.09 -14.45 -12.18
N GLU B 139 -68.04 -13.30 -12.85
CA GLU B 139 -67.04 -13.03 -13.87
C GLU B 139 -65.80 -12.37 -13.24
N ALA B 140 -64.87 -11.97 -14.11
CA ALA B 140 -63.63 -11.30 -13.72
C ALA B 140 -63.38 -10.11 -14.64
N MET B 141 -64.42 -9.30 -14.86
CA MET B 141 -64.36 -8.17 -15.78
C MET B 141 -63.47 -7.10 -15.18
N THR B 142 -62.22 -7.04 -15.65
CA THR B 142 -61.25 -6.10 -15.10
C THR B 142 -61.39 -4.73 -15.77
N SER B 143 -62.60 -4.18 -15.76
CA SER B 143 -62.85 -2.85 -16.33
C SER B 143 -62.58 -1.76 -15.30
N ARG B 144 -61.33 -1.71 -14.86
CA ARG B 144 -60.91 -0.70 -13.91
C ARG B 144 -60.87 0.67 -14.57
N PRO B 145 -61.10 1.75 -13.81
CA PRO B 145 -61.08 3.08 -14.41
C PRO B 145 -59.75 3.46 -15.03
N GLU B 146 -58.63 2.98 -14.47
CA GLU B 146 -57.31 3.34 -14.98
C GLU B 146 -56.35 2.20 -14.68
N GLY B 147 -55.40 1.99 -15.59
CA GLY B 147 -54.36 1.01 -15.45
C GLY B 147 -53.08 1.63 -14.93
N LYS B 148 -51.95 1.00 -15.27
CA LYS B 148 -50.66 1.51 -14.84
C LYS B 148 -50.41 2.93 -15.36
N ASP B 149 -51.04 3.29 -16.48
CA ASP B 149 -50.93 4.64 -16.98
C ASP B 149 -51.72 5.61 -16.10
N GLU B 150 -51.47 6.90 -16.29
CA GLU B 150 -52.16 7.92 -15.51
C GLU B 150 -53.59 8.13 -15.99
N HIS B 151 -53.84 8.04 -17.30
CA HIS B 151 -55.14 8.34 -17.86
C HIS B 151 -55.26 7.70 -19.23
N GLY B 152 -56.48 7.69 -19.76
CA GLY B 152 -56.72 7.32 -21.13
C GLY B 152 -56.83 5.83 -21.39
N ILE B 153 -55.98 5.03 -20.77
CA ILE B 153 -55.92 3.60 -21.09
C ILE B 153 -57.26 2.94 -20.79
N GLU B 154 -57.79 3.16 -19.58
CA GLU B 154 -59.05 2.57 -19.14
C GLU B 154 -59.20 1.16 -19.68
N LYS B 155 -58.16 0.34 -19.55
CA LYS B 155 -58.16 -0.99 -20.14
C LYS B 155 -59.35 -1.81 -19.65
N VAL B 156 -60.00 -2.51 -20.58
CA VAL B 156 -61.21 -3.27 -20.28
C VAL B 156 -60.82 -4.67 -19.81
N GLY B 157 -60.16 -5.43 -20.68
CA GLY B 157 -59.76 -6.78 -20.34
C GLY B 157 -58.99 -7.45 -21.46
N PRO B 158 -58.26 -8.51 -21.13
CA PRO B 158 -57.47 -9.20 -22.17
C PRO B 158 -58.31 -9.72 -23.33
N ILE B 159 -59.36 -10.48 -23.05
CA ILE B 159 -60.16 -11.15 -24.06
C ILE B 159 -61.61 -10.73 -23.89
N ARG B 160 -62.23 -10.27 -24.98
CA ARG B 160 -63.64 -9.89 -24.97
C ARG B 160 -63.98 -9.02 -23.76
N GLY B 161 -63.00 -8.24 -23.29
CA GLY B 161 -63.18 -7.40 -22.13
C GLY B 161 -63.13 -8.12 -20.80
N MET B 162 -62.69 -9.37 -20.76
CA MET B 162 -62.64 -10.15 -19.53
C MET B 162 -61.31 -10.88 -19.42
N THR B 163 -60.92 -11.15 -18.17
CA THR B 163 -59.69 -11.88 -17.88
C THR B 163 -59.87 -13.35 -18.20
N PRO B 164 -58.80 -14.05 -18.60
CA PRO B 164 -58.94 -15.49 -18.89
C PRO B 164 -59.53 -16.29 -17.74
N GLU B 165 -59.15 -15.97 -16.50
CA GLU B 165 -59.68 -16.67 -15.32
C GLU B 165 -61.00 -16.01 -14.94
N ASP B 166 -62.02 -16.32 -15.72
CA ASP B 166 -63.35 -15.73 -15.55
C ASP B 166 -64.37 -16.72 -15.01
N ARG B 167 -64.36 -17.96 -15.48
CA ARG B 167 -65.25 -19.01 -14.97
C ARG B 167 -66.72 -18.68 -15.21
N THR B 168 -67.01 -17.78 -16.17
CA THR B 168 -68.40 -17.53 -16.52
C THR B 168 -69.03 -18.78 -17.14
N TYR B 169 -68.27 -19.51 -17.96
CA TYR B 169 -68.80 -20.72 -18.57
C TYR B 169 -69.12 -21.77 -17.50
N LEU B 170 -68.27 -21.89 -16.48
CA LEU B 170 -68.44 -22.93 -15.47
C LEU B 170 -69.74 -22.72 -14.72
N ASN B 171 -70.68 -23.65 -14.88
CA ASN B 171 -72.00 -23.54 -14.27
C ASN B 171 -72.07 -24.45 -13.05
N PHE B 172 -72.51 -23.89 -11.93
CA PHE B 172 -72.59 -24.60 -10.67
C PHE B 172 -74.05 -24.88 -10.34
N ASP B 173 -74.27 -25.89 -9.49
CA ASP B 173 -75.60 -26.36 -9.18
C ASP B 173 -75.69 -26.69 -7.69
N LYS B 174 -76.93 -26.87 -7.22
CA LYS B 174 -77.16 -27.08 -5.79
C LYS B 174 -76.59 -28.42 -5.33
N ILE B 175 -76.94 -29.50 -6.03
CA ILE B 175 -76.59 -30.86 -5.61
C ILE B 175 -75.32 -31.23 -6.38
N GLU B 176 -74.18 -30.93 -5.79
CA GLU B 176 -72.89 -31.17 -6.43
C GLU B 176 -72.33 -32.48 -5.89
N THR B 177 -72.10 -33.44 -6.79
CA THR B 177 -71.50 -34.72 -6.41
C THR B 177 -69.99 -34.67 -6.68
N LEU B 178 -69.33 -33.82 -5.91
CA LEU B 178 -67.88 -33.71 -6.00
C LEU B 178 -67.21 -35.00 -5.54
N GLY B 179 -66.11 -35.33 -6.18
CA GLY B 179 -65.29 -36.46 -5.78
C GLY B 179 -63.92 -35.97 -5.33
N THR B 180 -63.45 -36.52 -4.22
CA THR B 180 -62.13 -36.20 -3.71
C THR B 180 -61.13 -37.26 -4.18
N SER B 181 -59.85 -37.02 -3.86
CA SER B 181 -58.82 -37.97 -4.20
C SER B 181 -58.99 -39.28 -3.44
N SER B 182 -59.68 -39.24 -2.30
CA SER B 182 -59.88 -40.42 -1.46
C SER B 182 -61.30 -40.94 -1.51
N GLU B 183 -62.13 -40.45 -2.43
CA GLU B 183 -63.52 -40.87 -2.53
C GLU B 183 -63.95 -40.73 -3.97
N ILE B 184 -64.18 -41.86 -4.65
CA ILE B 184 -64.52 -41.82 -6.07
C ILE B 184 -65.90 -41.20 -6.24
N PRO B 185 -66.06 -40.14 -7.03
CA PRO B 185 -67.40 -39.60 -7.23
C PRO B 185 -68.31 -40.63 -7.88
N VAL B 186 -69.54 -40.73 -7.37
CA VAL B 186 -70.51 -41.71 -7.84
C VAL B 186 -71.71 -40.91 -8.35
N LEU B 187 -71.75 -40.69 -9.65
CA LEU B 187 -72.90 -40.02 -10.25
C LEU B 187 -74.10 -40.98 -10.29
N VAL B 188 -75.26 -40.47 -9.89
CA VAL B 188 -76.46 -41.27 -9.76
C VAL B 188 -77.46 -40.83 -10.81
N LEU B 189 -78.00 -41.80 -11.56
CA LEU B 189 -78.95 -41.56 -12.63
C LEU B 189 -80.16 -42.46 -12.49
N PRO B 190 -81.28 -42.07 -13.07
CA PRO B 190 -82.45 -42.97 -13.12
C PRO B 190 -82.45 -43.81 -14.38
N ALA B 191 -82.69 -45.12 -14.24
CA ALA B 191 -82.79 -45.99 -15.40
C ALA B 191 -84.04 -45.67 -16.20
N GLY B 192 -83.94 -45.83 -17.52
CA GLY B 192 -85.06 -45.59 -18.41
C GLY B 192 -85.29 -44.14 -18.78
N LYS B 193 -84.38 -43.24 -18.42
CA LYS B 193 -84.57 -41.81 -18.56
C LYS B 193 -83.57 -41.22 -19.54
N ARG B 194 -83.97 -40.11 -20.18
CA ARG B 194 -83.13 -39.39 -21.13
C ARG B 194 -82.27 -38.40 -20.36
N ILE B 195 -80.97 -38.67 -20.28
CA ILE B 195 -80.06 -37.91 -19.42
C ILE B 195 -79.22 -36.98 -20.29
N GLU B 196 -79.30 -35.70 -20.00
CA GLU B 196 -78.39 -34.72 -20.60
C GLU B 196 -77.09 -34.71 -19.80
N PHE B 197 -75.98 -34.51 -20.49
CA PHE B 197 -74.68 -34.27 -19.87
C PHE B 197 -74.15 -32.95 -20.41
N VAL B 198 -74.14 -31.93 -19.57
CA VAL B 198 -73.60 -30.62 -19.91
C VAL B 198 -72.15 -30.62 -19.46
N LEU B 199 -71.22 -30.70 -20.41
CA LEU B 199 -69.82 -30.94 -20.09
C LEU B 199 -69.05 -29.63 -19.99
N ASN B 200 -68.18 -29.55 -18.98
CA ASN B 200 -67.27 -28.43 -18.85
C ASN B 200 -66.02 -28.89 -18.13
N SER B 201 -64.92 -28.17 -18.33
CA SER B 201 -63.66 -28.47 -17.68
C SER B 201 -63.15 -27.22 -16.98
N ALA B 202 -62.88 -27.34 -15.68
CA ALA B 202 -62.51 -26.17 -14.90
C ALA B 202 -61.10 -25.70 -15.24
N ASP B 203 -60.15 -26.63 -15.39
CA ASP B 203 -58.75 -26.30 -15.52
C ASP B 203 -58.20 -26.57 -16.91
N VAL B 204 -58.27 -27.83 -17.38
CA VAL B 204 -57.59 -28.25 -18.59
C VAL B 204 -58.55 -29.10 -19.42
N ILE B 205 -58.21 -29.23 -20.70
CA ILE B 205 -58.96 -30.13 -21.57
C ILE B 205 -58.75 -31.57 -21.11
N HIS B 206 -59.81 -32.35 -21.12
CA HIS B 206 -59.72 -33.79 -20.95
C HIS B 206 -61.06 -34.40 -21.27
N GLY B 207 -61.19 -35.70 -21.05
CA GLY B 207 -62.26 -36.49 -21.64
C GLY B 207 -63.14 -37.17 -20.62
N PHE B 208 -64.38 -37.45 -21.02
CA PHE B 208 -65.39 -38.03 -20.15
C PHE B 208 -65.91 -39.29 -20.83
N TRP B 209 -65.45 -40.45 -20.36
CA TRP B 209 -65.76 -41.72 -20.99
C TRP B 209 -66.46 -42.64 -19.99
N VAL B 210 -67.59 -43.20 -20.39
CA VAL B 210 -68.22 -44.29 -19.67
C VAL B 210 -68.20 -45.49 -20.61
N PRO B 211 -67.20 -46.37 -20.50
CA PRO B 211 -67.04 -47.43 -21.51
C PRO B 211 -68.32 -48.20 -21.79
N GLU B 212 -69.24 -48.24 -20.82
CA GLU B 212 -70.52 -48.90 -21.05
C GLU B 212 -71.47 -48.07 -21.90
N PHE B 213 -71.26 -46.75 -21.97
CA PHE B 213 -72.00 -45.92 -22.92
C PHE B 213 -71.53 -46.11 -24.35
N LEU B 214 -70.31 -46.60 -24.55
CA LEU B 214 -69.73 -46.71 -25.88
C LEU B 214 -69.65 -45.34 -26.56
N PHE B 215 -69.49 -44.30 -25.75
CA PHE B 215 -69.45 -42.94 -26.23
C PHE B 215 -68.58 -42.12 -25.28
N LYS B 216 -68.02 -41.04 -25.79
CA LYS B 216 -67.24 -40.14 -24.96
C LYS B 216 -67.29 -38.74 -25.55
N ARG B 217 -66.65 -37.77 -24.90
CA ARG B 217 -66.61 -36.39 -25.40
C ARG B 217 -65.57 -35.65 -24.55
N ASP B 218 -64.77 -34.80 -25.14
CA ASP B 218 -63.70 -34.07 -24.47
C ASP B 218 -64.31 -32.89 -23.73
N VAL B 219 -64.18 -32.89 -22.41
CA VAL B 219 -64.64 -31.77 -21.60
C VAL B 219 -63.66 -30.62 -21.81
N LEU B 220 -63.99 -29.71 -22.69
CA LEU B 220 -63.09 -28.60 -23.00
C LEU B 220 -63.19 -27.52 -21.94
N PRO B 221 -62.17 -26.69 -21.82
CA PRO B 221 -62.25 -25.57 -20.87
C PRO B 221 -63.45 -24.67 -21.15
N GLU B 222 -63.52 -24.07 -22.34
CA GLU B 222 -64.63 -23.18 -22.70
C GLU B 222 -65.17 -23.64 -24.05
N PRO B 223 -66.00 -24.71 -24.04
CA PRO B 223 -66.57 -25.27 -25.26
C PRO B 223 -67.18 -24.25 -26.21
N LYS B 224 -67.93 -23.28 -25.71
CA LYS B 224 -68.66 -22.34 -26.55
C LYS B 224 -67.69 -21.45 -27.33
N ALA B 225 -66.69 -20.91 -26.65
CA ALA B 225 -65.69 -20.09 -27.33
C ALA B 225 -64.77 -20.91 -28.22
N ASN B 226 -64.83 -22.23 -28.14
CA ASN B 226 -64.01 -23.10 -28.98
C ASN B 226 -64.81 -23.76 -30.09
N ASN B 227 -66.06 -23.37 -30.25
CA ASN B 227 -66.97 -23.89 -31.29
C ASN B 227 -67.05 -25.39 -31.05
N SER B 228 -67.44 -25.81 -29.84
CA SER B 228 -67.54 -27.23 -29.45
C SER B 228 -68.91 -27.55 -28.88
N ASP B 229 -69.32 -28.83 -28.95
CA ASP B 229 -70.65 -29.29 -28.47
C ASP B 229 -70.48 -29.98 -27.12
N ASN B 230 -70.43 -29.22 -26.04
CA ASN B 230 -70.32 -29.78 -24.69
C ASN B 230 -71.51 -30.65 -24.36
N VAL B 231 -72.69 -30.21 -24.72
CA VAL B 231 -73.95 -30.91 -24.35
C VAL B 231 -74.01 -32.20 -25.14
N PHE B 232 -74.45 -33.31 -24.54
CA PHE B 232 -74.55 -34.62 -25.21
C PHE B 232 -75.64 -35.43 -24.53
N GLN B 233 -76.72 -35.78 -25.21
CA GLN B 233 -77.81 -36.56 -24.62
C GLN B 233 -77.54 -38.06 -24.69
N VAL B 234 -78.10 -38.77 -23.72
CA VAL B 234 -78.29 -40.20 -23.77
C VAL B 234 -79.79 -40.46 -23.72
N SER B 235 -80.30 -41.18 -24.73
CA SER B 235 -81.75 -41.31 -24.87
C SER B 235 -82.35 -42.10 -23.72
N GLU B 236 -81.61 -43.07 -23.18
CA GLU B 236 -82.14 -43.96 -22.16
C GLU B 236 -81.02 -44.83 -21.63
N ILE B 237 -81.13 -45.19 -20.35
CA ILE B 237 -80.24 -46.18 -19.74
C ILE B 237 -81.15 -47.28 -19.20
N GLN B 238 -80.98 -48.50 -19.73
CA GLN B 238 -81.81 -49.62 -19.29
C GLN B 238 -81.19 -50.33 -18.11
N GLN B 239 -79.96 -50.83 -18.28
CA GLN B 239 -79.31 -51.56 -17.21
C GLN B 239 -79.03 -50.65 -16.02
N THR B 240 -79.29 -51.15 -14.83
CA THR B 240 -79.02 -50.41 -13.60
C THR B 240 -77.63 -50.78 -13.09
N GLY B 241 -77.31 -50.37 -11.87
CA GLY B 241 -76.04 -50.71 -11.28
C GLY B 241 -74.98 -49.67 -11.55
N ALA B 242 -73.75 -50.03 -11.20
CA ALA B 242 -72.61 -49.12 -11.31
C ALA B 242 -71.85 -49.39 -12.60
N PHE B 243 -71.44 -48.32 -13.27
CA PHE B 243 -70.61 -48.40 -14.46
C PHE B 243 -69.43 -47.44 -14.29
N VAL B 244 -68.23 -47.95 -14.53
CA VAL B 244 -67.03 -47.12 -14.35
C VAL B 244 -67.01 -46.01 -15.40
N GLY B 245 -66.19 -45.01 -15.13
CA GLY B 245 -65.88 -43.99 -16.11
C GLY B 245 -64.47 -43.51 -15.90
N ARG B 246 -63.84 -43.08 -16.98
CA ARG B 246 -62.43 -42.71 -16.95
C ARG B 246 -62.21 -41.41 -17.70
N CYS B 247 -61.19 -40.68 -17.26
CA CYS B 247 -60.72 -39.52 -18.00
C CYS B 247 -59.96 -40.00 -19.24
N THR B 248 -60.59 -39.87 -20.41
CA THR B 248 -60.08 -40.45 -21.64
C THR B 248 -59.31 -39.44 -22.49
N GLU B 249 -58.71 -38.45 -21.85
CA GLU B 249 -57.88 -37.49 -22.55
C GLU B 249 -56.85 -36.97 -21.57
N MET B 250 -55.70 -36.58 -22.08
CA MET B 250 -54.54 -36.33 -21.23
C MET B 250 -54.89 -35.20 -20.27
N CYS B 251 -55.12 -35.55 -19.01
CA CYS B 251 -55.59 -34.58 -18.02
C CYS B 251 -54.43 -33.87 -17.37
N GLY B 252 -53.34 -34.58 -17.12
CA GLY B 252 -52.22 -34.08 -16.36
C GLY B 252 -51.45 -35.25 -15.78
N THR B 253 -50.65 -34.98 -14.75
CA THR B 253 -49.87 -36.05 -14.14
C THR B 253 -50.77 -37.09 -13.49
N PHE B 254 -51.84 -36.66 -12.82
CA PHE B 254 -52.80 -37.61 -12.24
C PHE B 254 -53.97 -37.82 -13.21
N HIS B 255 -53.61 -38.20 -14.45
CA HIS B 255 -54.59 -38.49 -15.48
C HIS B 255 -55.25 -39.84 -15.27
N ALA B 256 -54.58 -40.75 -14.56
CA ALA B 256 -55.14 -42.07 -14.28
C ALA B 256 -55.93 -42.12 -12.98
N MET B 257 -55.95 -41.04 -12.21
CA MET B 257 -56.64 -41.02 -10.94
C MET B 257 -58.04 -40.41 -11.03
N MET B 258 -58.49 -40.06 -12.23
CA MET B 258 -59.73 -39.33 -12.43
C MET B 258 -60.94 -40.24 -12.58
N ASN B 259 -60.78 -41.54 -12.37
CA ASN B 259 -61.90 -42.46 -12.57
C ASN B 259 -63.09 -42.03 -11.71
N PHE B 260 -64.27 -42.06 -12.31
CA PHE B 260 -65.52 -41.80 -11.61
C PHE B 260 -66.44 -42.99 -11.81
N GLU B 261 -67.65 -42.88 -11.29
CA GLU B 261 -68.64 -43.95 -11.40
C GLU B 261 -69.99 -43.34 -11.70
N VAL B 262 -70.80 -44.05 -12.47
CA VAL B 262 -72.20 -43.68 -12.69
C VAL B 262 -73.05 -44.81 -12.16
N ARG B 263 -73.84 -44.52 -11.12
CA ARG B 263 -74.62 -45.52 -10.41
C ARG B 263 -76.08 -45.33 -10.80
N VAL B 264 -76.48 -45.99 -11.89
CA VAL B 264 -77.83 -45.83 -12.41
C VAL B 264 -78.80 -46.62 -11.53
N VAL B 265 -79.82 -45.94 -11.03
CA VAL B 265 -80.82 -46.55 -10.17
C VAL B 265 -82.18 -46.42 -10.83
N GLU B 266 -83.22 -46.93 -10.18
CA GLU B 266 -84.57 -46.79 -10.68
C GLU B 266 -85.07 -45.36 -10.43
N PRO B 267 -86.12 -44.94 -11.16
CA PRO B 267 -86.63 -43.57 -10.95
C PRO B 267 -87.05 -43.29 -9.52
N ASN B 268 -87.66 -44.26 -8.83
CA ASN B 268 -88.03 -44.04 -7.44
C ASN B 268 -86.81 -43.97 -6.54
N ASP B 269 -85.81 -44.81 -6.80
CA ASP B 269 -84.56 -44.72 -6.05
C ASP B 269 -83.87 -43.39 -6.31
N PHE B 270 -83.92 -42.91 -7.56
CA PHE B 270 -83.37 -41.59 -7.87
C PHE B 270 -84.13 -40.50 -7.12
N LYS B 271 -85.46 -40.61 -7.03
CA LYS B 271 -86.24 -39.63 -6.30
C LYS B 271 -85.83 -39.60 -4.83
N ALA B 272 -85.70 -40.77 -4.22
CA ALA B 272 -85.26 -40.83 -2.84
C ALA B 272 -83.85 -40.23 -2.68
N TYR B 273 -82.95 -40.56 -3.61
CA TYR B 273 -81.59 -40.03 -3.52
C TYR B 273 -81.57 -38.51 -3.61
N ILE B 274 -82.33 -37.95 -4.56
CA ILE B 274 -82.36 -36.51 -4.72
C ILE B 274 -82.98 -35.85 -3.49
N ASP B 275 -84.05 -36.44 -2.96
CA ASP B 275 -84.65 -35.87 -1.76
C ASP B 275 -83.67 -35.85 -0.59
N GLN B 276 -82.94 -36.96 -0.39
CA GLN B 276 -81.98 -37.02 0.69
C GLN B 276 -80.74 -36.18 0.43
N ARG B 277 -80.48 -35.81 -0.83
CA ARG B 277 -79.37 -34.91 -1.12
C ARG B 277 -79.75 -33.44 -0.97
N ASN B 278 -81.03 -33.10 -1.19
CA ASN B 278 -81.47 -31.74 -0.90
C ASN B 278 -81.22 -31.39 0.56
N ALA B 279 -81.68 -32.25 1.47
CA ALA B 279 -81.28 -32.14 2.86
C ALA B 279 -79.81 -32.48 2.98
N GLY B 280 -79.10 -31.75 3.84
CA GLY B 280 -77.66 -31.88 3.90
C GLY B 280 -77.20 -33.30 4.16
N LYS B 281 -76.70 -33.95 3.11
CA LYS B 281 -76.20 -35.31 3.20
C LYS B 281 -75.23 -35.55 2.05
N THR B 282 -74.06 -36.08 2.38
CA THR B 282 -73.08 -36.39 1.35
C THR B 282 -73.65 -37.41 0.37
N ASN B 283 -72.94 -37.58 -0.74
CA ASN B 283 -73.36 -38.59 -1.71
C ASN B 283 -73.40 -39.97 -1.08
N ALA B 284 -72.41 -40.28 -0.24
CA ALA B 284 -72.39 -41.59 0.41
C ALA B 284 -73.63 -41.79 1.28
N GLU B 285 -74.00 -40.77 2.06
CA GLU B 285 -75.16 -40.89 2.92
C GLU B 285 -76.44 -41.10 2.10
N ALA B 286 -76.59 -40.33 1.02
CA ALA B 286 -77.78 -40.47 0.18
C ALA B 286 -77.83 -41.85 -0.46
N LEU B 287 -76.69 -42.34 -0.97
CA LEU B 287 -76.67 -43.66 -1.59
C LEU B 287 -77.01 -44.75 -0.58
N ALA B 288 -76.47 -44.64 0.64
CA ALA B 288 -76.80 -45.61 1.67
C ALA B 288 -78.29 -45.55 2.01
N ALA B 289 -78.86 -44.34 2.04
CA ALA B 289 -80.27 -44.18 2.37
C ALA B 289 -81.18 -44.92 1.40
N ILE B 290 -80.73 -45.16 0.16
CA ILE B 290 -81.51 -45.90 -0.81
C ILE B 290 -81.05 -47.34 -0.85
N ASN B 291 -80.40 -47.77 0.23
CA ASN B 291 -79.97 -49.17 0.39
C ASN B 291 -79.01 -49.58 -0.73
N GLN B 292 -77.98 -48.74 -0.91
CA GLN B 292 -76.99 -48.96 -1.96
C GLN B 292 -75.62 -48.70 -1.38
N PRO B 293 -74.56 -49.34 -1.89
CA PRO B 293 -73.21 -49.04 -1.41
C PRO B 293 -72.90 -47.56 -1.60
N PRO B 294 -72.31 -46.91 -0.59
CA PRO B 294 -72.05 -45.48 -0.71
C PRO B 294 -70.92 -45.15 -1.67
N LEU B 295 -69.85 -45.96 -1.62
CA LEU B 295 -68.66 -45.69 -2.41
C LEU B 295 -68.75 -46.37 -3.76
N ALA B 296 -67.84 -46.00 -4.66
CA ALA B 296 -67.77 -46.64 -5.96
C ALA B 296 -67.43 -48.11 -5.80
N ILE B 297 -68.17 -48.96 -6.50
CA ILE B 297 -67.99 -50.41 -6.37
C ILE B 297 -67.18 -50.94 -7.54
N THR B 298 -67.31 -50.29 -8.69
CA THR B 298 -66.51 -50.67 -9.86
C THR B 298 -65.08 -50.15 -9.77
N THR B 299 -64.83 -49.14 -8.93
CA THR B 299 -63.50 -48.57 -8.81
C THR B 299 -63.30 -48.09 -7.38
N GLU B 300 -62.05 -47.79 -7.06
CA GLU B 300 -61.68 -47.26 -5.76
C GLU B 300 -60.70 -46.11 -5.93
N PRO B 301 -60.72 -45.14 -5.02
CA PRO B 301 -59.76 -44.03 -5.12
C PRO B 301 -58.37 -44.48 -4.75
N PHE B 302 -57.72 -45.21 -5.64
CA PHE B 302 -56.51 -45.92 -5.27
C PHE B 302 -55.41 -44.93 -4.86
N GLU B 303 -54.41 -45.46 -4.17
CA GLU B 303 -53.60 -44.66 -3.26
C GLU B 303 -52.98 -43.45 -3.95
N SER B 304 -53.03 -42.31 -3.26
CA SER B 304 -52.30 -41.12 -3.67
C SER B 304 -50.80 -41.29 -3.52
N ARG B 305 -50.35 -42.34 -2.85
CA ARG B 305 -48.92 -42.61 -2.76
C ARG B 305 -48.32 -42.71 -4.16
N ARG B 306 -47.13 -42.14 -4.32
CA ARG B 306 -46.51 -42.06 -5.63
C ARG B 306 -46.21 -43.43 -6.22
N GLY B 307 -46.22 -44.48 -5.41
CA GLY B 307 -46.01 -45.81 -5.91
C GLY B 307 -45.87 -46.81 -4.77
N GLU B 308 -45.33 -47.98 -5.11
CA GLU B 308 -45.18 -49.05 -4.13
C GLU B 308 -43.90 -48.92 -3.32
N LEU B 309 -42.81 -48.45 -3.92
CA LEU B 309 -41.53 -48.37 -3.23
C LEU B 309 -41.40 -47.12 -2.38
N VAL B 310 -42.36 -46.20 -2.44
CA VAL B 310 -42.29 -45.02 -1.57
C VAL B 310 -42.42 -45.47 -0.11
N PRO B 311 -41.56 -45.00 0.81
CA PRO B 311 -41.61 -45.49 2.19
C PRO B 311 -42.77 -44.89 2.99
N GLN B 312 -43.99 -45.20 2.55
CA GLN B 312 -45.19 -44.71 3.22
C GLN B 312 -45.16 -43.20 3.37
N GLU C 1 -4.59 -63.12 -66.90
CA GLU C 1 -6.03 -63.30 -67.07
C GLU C 1 -6.77 -63.23 -65.74
N LEU C 2 -6.00 -63.08 -64.66
CA LEU C 2 -6.55 -63.08 -63.31
C LEU C 2 -6.09 -61.84 -62.56
N GLU C 3 -6.98 -61.31 -61.73
CA GLU C 3 -6.78 -60.05 -61.03
C GLU C 3 -6.25 -60.28 -59.62
N ALA C 4 -5.35 -59.39 -59.19
CA ALA C 4 -4.73 -59.47 -57.87
C ALA C 4 -5.62 -58.73 -56.88
N ARG C 5 -6.55 -59.45 -56.27
CA ARG C 5 -7.45 -58.90 -55.28
C ARG C 5 -7.06 -59.36 -53.88
N ARG C 6 -7.52 -58.63 -52.88
CA ARG C 6 -7.17 -58.96 -51.51
C ARG C 6 -7.98 -60.15 -51.02
N PRO C 7 -7.43 -60.95 -50.10
CA PRO C 7 -8.20 -62.09 -49.58
C PRO C 7 -9.51 -61.68 -48.98
N PHE C 8 -9.54 -60.53 -48.29
CA PHE C 8 -10.74 -60.01 -47.69
C PHE C 8 -10.60 -58.50 -47.64
N PRO C 9 -11.67 -57.74 -47.89
CA PRO C 9 -11.54 -56.28 -47.95
C PRO C 9 -11.14 -55.70 -46.61
N GLU C 10 -10.87 -54.39 -46.62
CA GLU C 10 -10.69 -53.68 -45.36
C GLU C 10 -11.90 -53.85 -44.47
N ARG C 11 -11.63 -54.16 -43.19
CA ARG C 11 -12.70 -54.32 -42.23
C ARG C 11 -13.09 -52.97 -41.64
N MET C 12 -12.14 -52.28 -41.04
CA MET C 12 -12.41 -51.04 -40.32
C MET C 12 -11.93 -49.81 -41.07
N GLY C 13 -10.73 -49.85 -41.66
CA GLY C 13 -10.19 -48.72 -42.36
C GLY C 13 -9.12 -48.03 -41.56
N PRO C 14 -8.24 -47.29 -42.23
CA PRO C 14 -7.11 -46.67 -41.52
C PRO C 14 -7.58 -45.67 -40.49
N LYS C 15 -6.78 -45.55 -39.43
CA LYS C 15 -7.17 -44.75 -38.28
C LYS C 15 -7.45 -43.31 -38.68
N GLY C 16 -8.51 -42.75 -38.09
CA GLY C 16 -8.86 -41.36 -38.34
C GLY C 16 -9.32 -41.06 -39.74
N ASN C 17 -10.07 -41.96 -40.36
CA ASN C 17 -10.57 -41.74 -41.71
C ASN C 17 -12.03 -41.29 -41.75
N LEU C 18 -12.67 -41.12 -40.60
CA LEU C 18 -14.10 -40.85 -40.57
C LEU C 18 -14.47 -39.62 -39.76
N ILE C 19 -13.78 -39.35 -38.66
CA ILE C 19 -14.23 -38.30 -37.75
C ILE C 19 -14.29 -36.95 -38.48
N TYR C 20 -13.21 -36.58 -39.18
CA TYR C 20 -13.21 -35.30 -39.86
C TYR C 20 -14.19 -35.29 -41.00
N LYS C 21 -14.43 -36.44 -41.64
CA LYS C 21 -15.46 -36.48 -42.67
C LYS C 21 -16.83 -36.24 -42.07
N LEU C 22 -17.18 -36.98 -41.01
CA LEU C 22 -18.46 -36.75 -40.35
C LEU C 22 -18.65 -35.29 -40.01
N ILE C 23 -17.60 -34.64 -39.48
CA ILE C 23 -17.70 -33.21 -39.18
C ILE C 23 -17.91 -32.42 -40.45
N THR C 24 -17.21 -32.77 -41.52
CA THR C 24 -17.15 -31.95 -42.73
C THR C 24 -17.85 -32.58 -43.92
N THR C 25 -18.38 -33.79 -43.80
CA THR C 25 -18.81 -34.52 -44.97
C THR C 25 -19.91 -33.76 -45.70
N THR C 26 -19.76 -33.69 -47.02
CA THR C 26 -20.74 -33.10 -47.90
C THR C 26 -21.43 -34.14 -48.78
N ASP C 27 -20.89 -35.35 -48.83
CA ASP C 27 -21.45 -36.40 -49.67
C ASP C 27 -22.78 -36.88 -49.11
N HIS C 28 -23.72 -37.15 -50.01
CA HIS C 28 -25.05 -37.57 -49.59
C HIS C 28 -25.05 -38.98 -49.01
N LYS C 29 -24.17 -39.86 -49.50
CA LYS C 29 -24.18 -41.24 -49.04
C LYS C 29 -23.76 -41.34 -47.58
N LEU C 30 -22.65 -40.69 -47.23
CA LEU C 30 -22.19 -40.72 -45.85
C LEU C 30 -23.20 -40.02 -44.93
N ILE C 31 -23.81 -38.94 -45.41
CA ILE C 31 -24.81 -38.26 -44.59
C ILE C 31 -26.02 -39.16 -44.38
N GLY C 32 -26.40 -39.92 -45.40
CA GLY C 32 -27.50 -40.86 -45.22
C GLY C 32 -27.14 -41.96 -44.25
N ILE C 33 -25.90 -42.43 -44.29
CA ILE C 33 -25.46 -43.43 -43.33
C ILE C 33 -25.50 -42.87 -41.91
N MET C 34 -25.08 -41.62 -41.72
CA MET C 34 -25.18 -41.01 -40.40
C MET C 34 -26.63 -40.87 -39.97
N TYR C 35 -27.51 -40.47 -40.90
CA TYR C 35 -28.94 -40.46 -40.61
C TYR C 35 -29.39 -41.81 -40.11
N CYS C 36 -29.05 -42.87 -40.83
CA CYS C 36 -29.53 -44.20 -40.46
C CYS C 36 -29.02 -44.59 -39.08
N VAL C 37 -27.73 -44.37 -38.81
CA VAL C 37 -27.15 -44.78 -37.54
C VAL C 37 -27.76 -43.98 -36.39
N VAL C 38 -27.87 -42.67 -36.56
CA VAL C 38 -28.38 -41.81 -35.49
C VAL C 38 -29.85 -42.07 -35.26
N CYS C 39 -30.61 -42.26 -36.34
CA CYS C 39 -32.03 -42.55 -36.21
C CYS C 39 -32.26 -43.88 -35.53
N PHE C 40 -31.41 -44.87 -35.82
CA PHE C 40 -31.55 -46.15 -35.14
C PHE C 40 -31.19 -46.04 -33.67
N ALA C 41 -30.20 -45.20 -33.35
CA ALA C 41 -29.89 -44.94 -31.96
C ALA C 41 -31.09 -44.32 -31.23
N PHE C 42 -31.71 -43.32 -31.86
CA PHE C 42 -32.91 -42.74 -31.26
C PHE C 42 -34.04 -43.75 -31.19
N PHE C 43 -34.11 -44.69 -32.13
CA PHE C 43 -35.10 -45.75 -32.04
C PHE C 43 -34.84 -46.62 -30.82
N LEU C 44 -33.58 -46.93 -30.55
CA LEU C 44 -33.25 -47.69 -29.36
C LEU C 44 -33.66 -46.93 -28.10
N VAL C 45 -33.41 -45.62 -28.08
CA VAL C 45 -33.79 -44.81 -26.90
C VAL C 45 -35.30 -44.83 -26.71
N GLY C 46 -36.04 -44.56 -27.77
CA GLY C 46 -37.50 -44.54 -27.67
C GLY C 46 -38.06 -45.90 -27.29
N GLY C 47 -37.46 -46.97 -27.82
CA GLY C 47 -37.87 -48.30 -27.44
C GLY C 47 -37.57 -48.63 -26.00
N LEU C 48 -36.46 -48.11 -25.48
CA LEU C 48 -36.18 -48.28 -24.05
C LEU C 48 -37.25 -47.59 -23.21
N MET C 49 -37.65 -46.39 -23.62
CA MET C 49 -38.77 -45.74 -22.93
C MET C 49 -40.03 -46.59 -23.03
N ALA C 50 -40.26 -47.19 -24.20
CA ALA C 50 -41.43 -48.05 -24.37
C ALA C 50 -41.39 -49.23 -23.41
N LEU C 51 -40.22 -49.86 -23.27
CA LEU C 51 -40.11 -51.00 -22.37
C LEU C 51 -40.29 -50.57 -20.92
N PHE C 52 -39.83 -49.37 -20.57
CA PHE C 52 -40.10 -48.86 -19.22
C PHE C 52 -41.60 -48.74 -18.99
N MET C 53 -42.30 -48.09 -19.92
CA MET C 53 -43.74 -47.95 -19.77
C MET C 53 -44.41 -49.31 -19.67
N ARG C 54 -43.96 -50.25 -20.48
CA ARG C 54 -44.60 -51.56 -20.51
C ARG C 54 -44.34 -52.34 -19.23
N THR C 55 -43.12 -52.26 -18.68
CA THR C 55 -42.86 -52.91 -17.42
C THR C 55 -43.74 -52.33 -16.32
N GLU C 56 -43.91 -51.01 -16.32
CA GLU C 56 -44.82 -50.41 -15.35
C GLU C 56 -46.25 -50.90 -15.59
N LEU C 57 -46.66 -51.01 -16.85
CA LEU C 57 -48.04 -51.33 -17.21
C LEU C 57 -48.39 -52.80 -17.02
N ALA C 58 -47.41 -53.68 -16.85
CA ALA C 58 -47.71 -55.07 -16.57
C ALA C 58 -48.36 -55.27 -15.22
N MET C 59 -48.33 -54.26 -14.36
CA MET C 59 -48.85 -54.35 -13.00
C MET C 59 -49.89 -53.26 -12.75
N PRO C 60 -50.98 -53.59 -12.05
CA PRO C 60 -51.95 -52.54 -11.70
C PRO C 60 -51.36 -51.43 -10.86
N GLY C 61 -50.39 -51.74 -10.00
CA GLY C 61 -49.78 -50.74 -9.17
C GLY C 61 -48.69 -49.96 -9.90
N LEU C 62 -48.10 -49.01 -9.18
CA LEU C 62 -46.98 -48.21 -9.69
C LEU C 62 -45.71 -48.81 -9.12
N GLN C 63 -45.18 -49.82 -9.81
CA GLN C 63 -44.04 -50.56 -9.30
C GLN C 63 -42.81 -49.67 -9.15
N PHE C 64 -42.43 -48.97 -10.22
CA PHE C 64 -41.21 -48.17 -10.19
C PHE C 64 -41.32 -46.83 -10.88
N LEU C 65 -42.46 -46.50 -11.50
CA LEU C 65 -42.62 -45.25 -12.24
C LEU C 65 -43.66 -44.39 -11.55
N SER C 66 -43.29 -43.16 -11.21
CA SER C 66 -44.27 -42.20 -10.75
C SER C 66 -45.14 -41.77 -11.92
N ASN C 67 -46.33 -41.26 -11.59
CA ASN C 67 -47.27 -40.86 -12.64
C ASN C 67 -46.60 -39.94 -13.65
N GLU C 68 -45.93 -38.89 -13.17
CA GLU C 68 -45.30 -37.96 -14.10
C GLU C 68 -44.11 -38.58 -14.80
N GLN C 69 -43.39 -39.49 -14.15
CA GLN C 69 -42.31 -40.18 -14.85
C GLN C 69 -42.85 -41.00 -16.01
N PHE C 70 -43.93 -41.74 -15.79
CA PHE C 70 -44.54 -42.49 -16.87
C PHE C 70 -45.08 -41.57 -17.95
N ASN C 71 -45.64 -40.43 -17.57
CA ASN C 71 -46.18 -39.52 -18.57
C ASN C 71 -45.06 -38.95 -19.44
N GLN C 72 -43.98 -38.51 -18.81
CA GLN C 72 -42.81 -38.10 -19.56
C GLN C 72 -42.33 -39.24 -20.45
N LEU C 73 -42.43 -40.46 -19.96
CA LEU C 73 -41.99 -41.61 -20.75
C LEU C 73 -42.78 -41.72 -22.05
N PHE C 74 -44.12 -41.74 -21.97
CA PHE C 74 -44.85 -41.91 -23.22
C PHE C 74 -44.74 -40.68 -24.10
N THR C 75 -44.71 -39.49 -23.50
CA THR C 75 -44.53 -38.28 -24.27
C THR C 75 -43.25 -38.34 -25.09
N MET C 76 -42.11 -38.48 -24.42
CA MET C 76 -40.83 -38.48 -25.10
C MET C 76 -40.68 -39.69 -26.00
N HIS C 77 -41.31 -40.81 -25.67
CA HIS C 77 -41.23 -41.97 -26.55
C HIS C 77 -41.94 -41.70 -27.87
N GLY C 78 -43.19 -41.23 -27.81
CA GLY C 78 -43.88 -40.90 -29.03
C GLY C 78 -43.15 -39.85 -29.85
N THR C 79 -42.64 -38.81 -29.18
CA THR C 79 -41.96 -37.76 -29.91
C THR C 79 -40.66 -38.25 -30.53
N VAL C 80 -39.90 -39.06 -29.78
CA VAL C 80 -38.65 -39.60 -30.30
C VAL C 80 -38.91 -40.48 -31.51
N MET C 81 -39.94 -41.32 -31.43
CA MET C 81 -40.15 -42.32 -32.46
C MET C 81 -40.87 -41.76 -33.68
N LEU C 82 -41.60 -40.66 -33.55
CA LEU C 82 -42.17 -40.01 -34.72
C LEU C 82 -41.24 -38.95 -35.30
N LEU C 83 -40.94 -37.92 -34.51
CA LEU C 83 -40.23 -36.77 -35.02
C LEU C 83 -38.72 -36.93 -34.96
N PHE C 84 -38.20 -37.97 -34.32
CA PHE C 84 -36.75 -38.06 -34.15
C PHE C 84 -36.18 -39.41 -34.58
N TYR C 85 -37.01 -40.32 -35.04
CA TYR C 85 -36.54 -41.55 -35.67
C TYR C 85 -37.10 -41.75 -37.08
N ALA C 86 -38.37 -41.44 -37.30
CA ALA C 86 -39.00 -41.77 -38.57
C ALA C 86 -38.89 -40.64 -39.58
N THR C 87 -39.29 -39.43 -39.21
CA THR C 87 -39.21 -38.30 -40.11
C THR C 87 -37.75 -37.98 -40.45
N PRO C 88 -36.77 -38.31 -39.60
CA PRO C 88 -35.37 -38.19 -40.05
C PRO C 88 -34.90 -39.34 -40.90
N ILE C 89 -35.37 -40.56 -40.63
CA ILE C 89 -34.85 -41.71 -41.37
C ILE C 89 -35.45 -41.79 -42.76
N VAL C 90 -36.62 -41.19 -43.00
CA VAL C 90 -37.09 -41.04 -44.37
C VAL C 90 -36.07 -40.25 -45.18
N PHE C 91 -35.59 -39.14 -44.63
CA PHE C 91 -34.57 -38.35 -45.31
C PHE C 91 -33.21 -39.02 -45.26
N GLY C 92 -32.97 -39.89 -44.28
CA GLY C 92 -31.76 -40.68 -44.31
C GLY C 92 -31.73 -41.61 -45.51
N PHE C 93 -32.83 -42.31 -45.75
CA PHE C 93 -32.94 -43.14 -46.94
C PHE C 93 -32.90 -42.29 -48.20
N ALA C 94 -33.51 -41.10 -48.16
CA ALA C 94 -33.41 -40.18 -49.28
C ALA C 94 -31.96 -39.87 -49.61
N ASN C 95 -31.24 -39.25 -48.68
CA ASN C 95 -29.83 -38.97 -48.89
C ASN C 95 -29.08 -40.22 -49.32
N LEU C 96 -29.48 -41.37 -48.80
CA LEU C 96 -28.75 -42.60 -49.09
C LEU C 96 -28.87 -42.98 -50.57
N VAL C 97 -30.10 -43.01 -51.09
CA VAL C 97 -30.32 -43.70 -52.36
C VAL C 97 -30.94 -42.82 -53.44
N LEU C 98 -31.69 -41.79 -53.06
CA LEU C 98 -32.40 -41.00 -54.06
C LEU C 98 -31.46 -40.37 -55.09
N PRO C 99 -30.34 -39.75 -54.70
CA PRO C 99 -29.44 -39.22 -55.74
C PRO C 99 -28.95 -40.29 -56.70
N LEU C 100 -28.71 -41.51 -56.20
CA LEU C 100 -28.37 -42.61 -57.08
C LEU C 100 -29.54 -42.97 -57.97
N GLN C 101 -30.76 -43.01 -57.43
CA GLN C 101 -31.90 -43.53 -58.17
C GLN C 101 -32.28 -42.66 -59.34
N ILE C 102 -31.88 -41.40 -59.36
CA ILE C 102 -32.14 -40.50 -60.48
C ILE C 102 -30.87 -40.28 -61.31
N GLY C 103 -29.82 -41.05 -61.07
CA GLY C 103 -28.59 -40.88 -61.80
C GLY C 103 -27.87 -39.58 -61.53
N ALA C 104 -27.92 -39.10 -60.29
CA ALA C 104 -27.32 -37.81 -59.96
C ALA C 104 -26.00 -38.02 -59.21
N PRO C 105 -25.07 -37.06 -59.33
CA PRO C 105 -23.81 -37.19 -58.58
C PRO C 105 -23.97 -36.92 -57.10
N ASP C 106 -24.85 -35.98 -56.74
CA ASP C 106 -25.01 -35.58 -55.36
C ASP C 106 -26.38 -34.93 -55.23
N VAL C 107 -26.67 -34.44 -54.03
CA VAL C 107 -27.93 -33.75 -53.77
C VAL C 107 -27.80 -32.31 -54.26
N ALA C 108 -28.92 -31.60 -54.34
CA ALA C 108 -28.91 -30.25 -54.91
C ALA C 108 -28.04 -29.31 -54.09
N PHE C 109 -28.22 -29.30 -52.77
CA PHE C 109 -27.51 -28.40 -51.87
C PHE C 109 -26.82 -29.23 -50.80
N PRO C 110 -25.67 -29.82 -51.11
CA PRO C 110 -25.06 -30.77 -50.16
C PRO C 110 -24.73 -30.16 -48.82
N ARG C 111 -24.26 -28.91 -48.79
CA ARG C 111 -24.04 -28.27 -47.49
C ARG C 111 -25.36 -28.08 -46.76
N LEU C 112 -26.43 -27.80 -47.50
CA LEU C 112 -27.74 -27.65 -46.88
C LEU C 112 -28.21 -28.97 -46.28
N ASN C 113 -27.92 -30.11 -46.94
CA ASN C 113 -28.37 -31.38 -46.39
C ASN C 113 -27.53 -31.80 -45.19
N ALA C 114 -26.23 -31.50 -45.21
CA ALA C 114 -25.43 -31.71 -44.01
C ALA C 114 -25.94 -30.85 -42.86
N LEU C 115 -26.30 -29.60 -43.17
CA LEU C 115 -26.91 -28.73 -42.16
C LEU C 115 -28.21 -29.33 -41.64
N SER C 116 -29.00 -29.92 -42.53
CA SER C 116 -30.25 -30.55 -42.09
C SER C 116 -29.97 -31.70 -41.13
N PHE C 117 -29.00 -32.55 -41.46
CA PHE C 117 -28.65 -33.63 -40.54
C PHE C 117 -28.25 -33.10 -39.19
N TRP C 118 -27.35 -32.11 -39.17
CA TRP C 118 -26.83 -31.63 -37.89
C TRP C 118 -27.91 -30.90 -37.10
N LEU C 119 -28.73 -30.10 -37.78
CA LEU C 119 -29.86 -29.44 -37.13
C LEU C 119 -30.77 -30.46 -36.49
N PHE C 120 -31.11 -31.52 -37.23
CA PHE C 120 -31.85 -32.61 -36.63
C PHE C 120 -31.18 -33.19 -35.40
N LEU C 121 -29.91 -33.55 -35.52
CA LEU C 121 -29.28 -34.28 -34.42
C LEU C 121 -29.28 -33.44 -33.16
N PHE C 122 -28.94 -32.16 -33.29
CA PHE C 122 -28.87 -31.32 -32.10
C PHE C 122 -30.26 -30.93 -31.60
N GLY C 123 -31.23 -30.79 -32.49
CA GLY C 123 -32.61 -30.60 -32.03
C GLY C 123 -33.09 -31.78 -31.22
N ALA C 124 -32.79 -33.00 -31.68
CA ALA C 124 -33.13 -34.19 -30.93
C ALA C 124 -32.44 -34.22 -29.59
N LEU C 125 -31.15 -33.85 -29.56
CA LEU C 125 -30.44 -33.85 -28.30
C LEU C 125 -31.06 -32.86 -27.31
N ILE C 126 -31.38 -31.66 -27.78
CA ILE C 126 -31.96 -30.68 -26.85
C ILE C 126 -33.37 -31.10 -26.42
N ALA C 127 -34.14 -31.72 -27.32
CA ALA C 127 -35.46 -32.20 -26.92
C ALA C 127 -35.34 -33.30 -25.87
N ILE C 128 -34.40 -34.23 -26.05
CA ILE C 128 -34.20 -35.29 -25.08
C ILE C 128 -33.67 -34.73 -23.77
N ALA C 129 -32.94 -33.61 -23.82
CA ALA C 129 -32.32 -33.04 -22.64
C ALA C 129 -33.35 -32.63 -21.60
N GLY C 130 -34.63 -32.75 -21.91
CA GLY C 130 -35.64 -32.51 -20.89
C GLY C 130 -35.51 -33.48 -19.72
N PHE C 131 -35.05 -34.70 -19.99
CA PHE C 131 -34.96 -35.69 -18.93
C PHE C 131 -33.96 -35.30 -17.86
N ILE C 132 -32.80 -34.75 -18.25
CA ILE C 132 -31.78 -34.43 -17.27
C ILE C 132 -32.23 -33.30 -16.35
N THR C 133 -33.21 -32.51 -16.75
CA THR C 133 -33.73 -31.48 -15.86
C THR C 133 -34.43 -32.12 -14.68
N PRO C 134 -34.39 -31.48 -13.50
CA PRO C 134 -35.02 -32.10 -12.33
C PRO C 134 -36.50 -32.36 -12.53
N GLY C 135 -37.21 -31.45 -13.17
CA GLY C 135 -38.62 -31.69 -13.45
C GLY C 135 -38.82 -32.84 -14.41
N GLY C 136 -37.92 -33.02 -15.35
CA GLY C 136 -38.02 -34.07 -16.35
C GLY C 136 -38.42 -33.52 -17.70
N ALA C 137 -38.71 -34.45 -18.61
CA ALA C 137 -39.10 -34.08 -19.96
C ALA C 137 -40.55 -33.62 -19.96
N ALA C 138 -41.14 -33.47 -21.13
CA ALA C 138 -42.50 -32.95 -21.22
C ALA C 138 -43.51 -33.97 -20.74
N ASP C 139 -44.41 -33.53 -19.85
CA ASP C 139 -45.47 -34.41 -19.36
C ASP C 139 -46.54 -34.61 -20.41
N PHE C 140 -46.95 -33.54 -21.09
CA PHE C 140 -48.03 -33.62 -22.07
C PHE C 140 -47.64 -34.60 -23.16
N GLY C 141 -48.62 -35.35 -23.64
CA GLY C 141 -48.34 -36.40 -24.61
C GLY C 141 -47.69 -35.88 -25.87
N TRP C 142 -47.40 -36.77 -26.81
CA TRP C 142 -46.84 -36.34 -28.08
C TRP C 142 -47.67 -35.24 -28.71
N THR C 143 -49.00 -35.34 -28.61
CA THR C 143 -49.87 -34.35 -29.22
C THR C 143 -49.69 -32.98 -28.59
N ALA C 144 -49.45 -32.92 -27.29
CA ALA C 144 -49.18 -31.66 -26.59
C ALA C 144 -50.35 -30.69 -26.77
N TYR C 145 -51.51 -31.09 -26.23
CA TYR C 145 -52.70 -30.27 -26.35
C TYR C 145 -52.54 -28.97 -25.56
N SER C 146 -53.35 -27.97 -25.92
CA SER C 146 -53.04 -26.59 -25.56
C SER C 146 -53.05 -26.30 -24.07
N PRO C 147 -54.21 -26.33 -23.40
CA PRO C 147 -54.22 -25.83 -22.01
C PRO C 147 -53.27 -26.58 -21.12
N LEU C 148 -52.97 -27.84 -21.45
CA LEU C 148 -51.99 -28.60 -20.68
C LEU C 148 -50.56 -28.21 -21.01
N THR C 149 -50.33 -27.51 -22.13
CA THR C 149 -48.99 -27.15 -22.55
C THR C 149 -48.60 -25.73 -22.16
N ASP C 150 -49.54 -24.90 -21.75
CA ASP C 150 -49.21 -23.54 -21.35
C ASP C 150 -48.29 -23.56 -20.14
N ALA C 151 -47.85 -22.37 -19.73
CA ALA C 151 -46.97 -22.30 -18.56
C ALA C 151 -47.67 -22.79 -17.31
N ILE C 152 -48.95 -22.43 -17.13
CA ILE C 152 -49.65 -22.75 -15.89
C ILE C 152 -49.70 -24.27 -15.69
N HIS C 153 -50.14 -25.00 -16.70
CA HIS C 153 -50.17 -26.45 -16.67
C HIS C 153 -48.91 -26.96 -17.38
N SER C 154 -48.11 -27.75 -16.69
CA SER C 154 -46.80 -28.14 -17.18
C SER C 154 -45.88 -26.93 -17.26
N PRO C 155 -45.56 -26.30 -16.13
CA PRO C 155 -44.61 -25.18 -16.14
C PRO C 155 -43.15 -25.57 -16.27
N GLY C 156 -42.87 -26.84 -16.55
CA GLY C 156 -41.50 -27.32 -16.48
C GLY C 156 -40.66 -26.82 -17.62
N ALA C 157 -39.34 -26.81 -17.39
CA ALA C 157 -38.40 -26.49 -18.44
C ALA C 157 -38.30 -27.60 -19.47
N GLY C 158 -38.64 -28.83 -19.09
CA GLY C 158 -38.66 -29.90 -20.06
C GLY C 158 -39.60 -29.61 -21.21
N GLY C 159 -40.76 -29.00 -20.91
CA GLY C 159 -41.68 -28.65 -21.98
C GLY C 159 -41.10 -27.64 -22.94
N ASP C 160 -40.43 -26.62 -22.42
CA ASP C 160 -39.81 -25.62 -23.28
C ASP C 160 -38.71 -26.22 -24.12
N LEU C 161 -37.87 -27.06 -23.52
CA LEU C 161 -36.82 -27.73 -24.28
C LEU C 161 -37.42 -28.61 -25.36
N TRP C 162 -38.51 -29.29 -25.04
CA TRP C 162 -39.20 -30.10 -26.04
C TRP C 162 -39.69 -29.24 -27.19
N ILE C 163 -40.32 -28.11 -26.88
CA ILE C 163 -40.84 -27.23 -27.92
C ILE C 163 -39.72 -26.79 -28.84
N MET C 164 -38.62 -26.29 -28.28
CA MET C 164 -37.54 -25.77 -29.11
C MET C 164 -36.80 -26.88 -29.84
N GLY C 165 -36.67 -28.07 -29.24
CA GLY C 165 -36.04 -29.17 -29.94
C GLY C 165 -36.87 -29.63 -31.12
N LEU C 166 -38.19 -29.71 -30.95
CA LEU C 166 -39.05 -30.02 -32.08
C LEU C 166 -38.97 -28.93 -33.15
N ALA C 167 -38.84 -27.66 -32.73
CA ALA C 167 -38.69 -26.59 -33.70
C ALA C 167 -37.42 -26.75 -34.52
N VAL C 168 -36.31 -27.05 -33.85
CA VAL C 168 -35.03 -27.22 -34.56
C VAL C 168 -35.09 -28.43 -35.49
N GLY C 169 -35.63 -29.55 -35.00
CA GLY C 169 -35.80 -30.70 -35.86
C GLY C 169 -36.69 -30.40 -37.05
N GLY C 170 -37.73 -29.60 -36.85
CA GLY C 170 -38.59 -29.23 -37.96
C GLY C 170 -37.88 -28.37 -38.98
N LEU C 171 -37.02 -27.45 -38.52
CA LEU C 171 -36.22 -26.69 -39.46
C LEU C 171 -35.31 -27.60 -40.27
N GLY C 172 -34.68 -28.57 -39.60
CA GLY C 172 -33.85 -29.53 -40.31
C GLY C 172 -34.64 -30.31 -41.34
N THR C 173 -35.84 -30.74 -40.97
CA THR C 173 -36.69 -31.49 -41.91
C THR C 173 -37.13 -30.63 -43.08
N ILE C 174 -37.44 -29.36 -42.82
CA ILE C 174 -37.83 -28.45 -43.90
C ILE C 174 -36.68 -28.27 -44.88
N LEU C 175 -35.46 -28.07 -44.35
CA LEU C 175 -34.30 -27.94 -45.23
C LEU C 175 -34.10 -29.22 -46.04
N GLY C 176 -34.25 -30.37 -45.40
CA GLY C 176 -34.13 -31.62 -46.13
C GLY C 176 -35.16 -31.75 -47.24
N GLY C 177 -36.40 -31.34 -46.96
CA GLY C 177 -37.43 -31.43 -47.97
C GLY C 177 -37.15 -30.51 -49.15
N VAL C 178 -36.74 -29.27 -48.87
CA VAL C 178 -36.35 -28.37 -49.95
C VAL C 178 -35.23 -28.99 -50.78
N ASN C 179 -34.23 -29.55 -50.11
CA ASN C 179 -33.10 -30.14 -50.80
C ASN C 179 -33.54 -31.29 -51.71
N MET C 180 -34.44 -32.15 -51.21
CA MET C 180 -34.81 -33.32 -51.99
C MET C 180 -35.71 -32.95 -53.16
N ILE C 181 -36.64 -32.01 -52.96
CA ILE C 181 -37.44 -31.55 -54.08
C ILE C 181 -36.56 -30.92 -55.15
N THR C 182 -35.60 -30.09 -54.73
CA THR C 182 -34.73 -29.47 -55.72
C THR C 182 -33.91 -30.53 -56.45
N THR C 183 -33.42 -31.52 -55.72
CA THR C 183 -32.62 -32.57 -56.34
C THR C 183 -33.43 -33.33 -57.39
N VAL C 184 -34.65 -33.74 -57.04
CA VAL C 184 -35.44 -34.53 -57.98
C VAL C 184 -35.87 -33.67 -59.16
N VAL C 185 -36.23 -32.42 -58.91
CA VAL C 185 -36.69 -31.54 -59.98
C VAL C 185 -35.56 -31.22 -60.95
N CYS C 186 -34.40 -30.85 -60.43
CA CYS C 186 -33.32 -30.34 -61.27
C CYS C 186 -32.31 -31.44 -61.63
N MET C 187 -31.67 -32.02 -60.62
CA MET C 187 -30.65 -33.03 -60.88
C MET C 187 -31.31 -34.32 -61.30
N ARG C 188 -30.99 -34.81 -62.50
CA ARG C 188 -31.58 -36.06 -62.98
C ARG C 188 -30.88 -36.50 -64.25
N ALA C 189 -30.84 -37.82 -64.48
CA ALA C 189 -30.02 -38.36 -65.55
C ALA C 189 -30.52 -37.91 -66.91
N PRO C 190 -29.66 -37.95 -67.93
CA PRO C 190 -30.06 -37.43 -69.24
C PRO C 190 -31.27 -38.14 -69.83
N GLY C 191 -31.46 -39.41 -69.55
CA GLY C 191 -32.61 -40.14 -70.04
C GLY C 191 -33.73 -40.33 -69.03
N MET C 192 -33.53 -39.90 -67.79
CA MET C 192 -34.46 -40.21 -66.70
C MET C 192 -35.60 -39.20 -66.69
N THR C 193 -36.57 -39.44 -67.58
CA THR C 193 -37.78 -38.65 -67.55
C THR C 193 -38.50 -38.84 -66.22
N MET C 194 -39.29 -37.84 -65.85
CA MET C 194 -39.96 -37.87 -64.55
C MET C 194 -40.79 -39.14 -64.37
N PHE C 195 -41.38 -39.66 -65.43
CA PHE C 195 -42.31 -40.77 -65.33
C PHE C 195 -41.63 -42.13 -65.41
N ARG C 196 -40.30 -42.17 -65.46
CA ARG C 196 -39.57 -43.43 -65.44
C ARG C 196 -38.57 -43.51 -64.30
N MET C 197 -38.62 -42.59 -63.35
CA MET C 197 -37.78 -42.72 -62.17
C MET C 197 -38.45 -43.64 -61.16
N PRO C 198 -37.68 -44.22 -60.24
CA PRO C 198 -38.24 -45.27 -59.37
C PRO C 198 -39.35 -44.74 -58.49
N ILE C 199 -40.14 -45.68 -57.96
CA ILE C 199 -41.25 -45.30 -57.10
C ILE C 199 -40.74 -44.66 -55.81
N PHE C 200 -39.55 -45.05 -55.35
CA PHE C 200 -39.03 -44.48 -54.11
C PHE C 200 -38.80 -42.99 -54.26
N THR C 201 -38.25 -42.55 -55.39
CA THR C 201 -38.00 -41.12 -55.57
C THR C 201 -39.31 -40.36 -55.74
N TRP C 202 -40.30 -40.94 -56.42
CA TRP C 202 -41.62 -40.34 -56.48
C TRP C 202 -42.17 -40.12 -55.08
N ASN C 203 -42.08 -41.16 -54.25
CA ASN C 203 -42.58 -41.07 -52.89
C ASN C 203 -41.83 -40.03 -52.09
N ILE C 204 -40.51 -39.94 -52.28
CA ILE C 204 -39.72 -38.96 -51.53
C ILE C 204 -40.07 -37.55 -51.97
N LEU C 205 -40.30 -37.34 -53.26
CA LEU C 205 -40.68 -36.02 -53.74
C LEU C 205 -42.02 -35.59 -53.15
N VAL C 206 -43.02 -36.48 -53.22
CA VAL C 206 -44.33 -36.14 -52.66
C VAL C 206 -44.23 -35.97 -51.15
N THR C 207 -43.41 -36.79 -50.50
CA THR C 207 -43.20 -36.68 -49.07
C THR C 207 -42.58 -35.34 -48.70
N SER C 208 -41.65 -34.86 -49.51
CA SER C 208 -41.03 -33.56 -49.24
C SER C 208 -42.04 -32.43 -49.46
N ILE C 209 -42.90 -32.57 -50.47
CA ILE C 209 -43.96 -31.58 -50.65
C ILE C 209 -44.84 -31.53 -49.41
N LEU C 210 -45.22 -32.70 -48.91
CA LEU C 210 -46.01 -32.75 -47.68
C LEU C 210 -45.23 -32.17 -46.51
N VAL C 211 -43.92 -32.41 -46.46
CA VAL C 211 -43.09 -31.88 -45.39
C VAL C 211 -43.18 -30.36 -45.39
N LEU C 212 -43.04 -29.75 -46.55
CA LEU C 212 -43.13 -28.30 -46.61
C LEU C 212 -44.54 -27.82 -46.30
N ILE C 213 -45.55 -28.59 -46.66
CA ILE C 213 -46.92 -28.20 -46.36
C ILE C 213 -47.17 -28.21 -44.86
N ALA C 214 -46.56 -29.17 -44.14
CA ALA C 214 -46.91 -29.42 -42.75
C ALA C 214 -45.93 -28.79 -41.76
N PHE C 215 -44.65 -29.12 -41.87
CA PHE C 215 -43.70 -28.73 -40.83
C PHE C 215 -43.68 -27.23 -40.56
N PRO C 216 -43.81 -26.34 -41.54
CA PRO C 216 -43.93 -24.92 -41.20
C PRO C 216 -45.07 -24.63 -40.24
N ILE C 217 -46.18 -25.35 -40.37
CA ILE C 217 -47.28 -25.19 -39.42
C ILE C 217 -46.84 -25.63 -38.02
N LEU C 218 -46.07 -26.72 -37.94
CA LEU C 218 -45.53 -27.12 -36.64
C LEU C 218 -44.65 -26.03 -36.06
N THR C 219 -43.79 -25.44 -36.88
CA THR C 219 -42.92 -24.39 -36.37
C THR C 219 -43.72 -23.19 -35.89
N ALA C 220 -44.75 -22.80 -36.66
CA ALA C 220 -45.58 -21.68 -36.26
C ALA C 220 -46.31 -21.97 -34.96
N ALA C 221 -46.89 -23.17 -34.84
CA ALA C 221 -47.62 -23.54 -33.64
C ALA C 221 -46.69 -23.62 -32.44
N LEU C 222 -45.50 -24.19 -32.62
CA LEU C 222 -44.56 -24.31 -31.52
C LEU C 222 -44.03 -22.95 -31.09
N PHE C 223 -43.78 -22.05 -32.04
CA PHE C 223 -43.36 -20.71 -31.67
C PHE C 223 -44.47 -19.96 -30.97
N GLY C 224 -45.71 -20.12 -31.42
CA GLY C 224 -46.83 -19.53 -30.71
C GLY C 224 -46.94 -20.06 -29.29
N LEU C 225 -46.76 -21.38 -29.12
CA LEU C 225 -46.81 -21.97 -27.79
C LEU C 225 -45.67 -21.46 -26.93
N ALA C 226 -44.48 -21.31 -27.51
CA ALA C 226 -43.35 -20.78 -26.76
C ALA C 226 -43.59 -19.35 -26.33
N ALA C 227 -44.20 -18.55 -27.21
CA ALA C 227 -44.60 -17.20 -26.83
C ALA C 227 -45.63 -17.23 -25.72
N ASP C 228 -46.58 -18.16 -25.80
CA ASP C 228 -47.60 -18.28 -24.75
C ASP C 228 -46.95 -18.63 -23.41
N ARG C 229 -45.95 -19.51 -23.43
CA ARG C 229 -45.32 -19.96 -22.21
C ARG C 229 -44.40 -18.91 -21.60
N HIS C 230 -43.60 -18.24 -22.43
CA HIS C 230 -42.56 -17.34 -21.95
C HIS C 230 -42.99 -15.88 -21.95
N LEU C 231 -44.20 -15.57 -22.42
CA LEU C 231 -44.69 -14.20 -22.45
C LEU C 231 -46.14 -14.08 -22.03
N GLY C 232 -46.83 -15.18 -21.74
CA GLY C 232 -48.25 -15.12 -21.43
C GLY C 232 -49.02 -14.51 -22.58
N ALA C 233 -48.73 -14.96 -23.80
CA ALA C 233 -49.19 -14.31 -25.02
C ALA C 233 -50.61 -14.70 -25.44
N HIS C 234 -51.41 -15.31 -24.56
CA HIS C 234 -52.83 -15.52 -24.84
C HIS C 234 -53.10 -16.11 -26.21
N ILE C 235 -52.09 -16.71 -26.85
CA ILE C 235 -52.30 -17.24 -28.19
C ILE C 235 -53.30 -18.38 -28.16
N TYR C 236 -53.18 -19.26 -27.18
CA TYR C 236 -54.04 -20.43 -27.05
C TYR C 236 -54.87 -20.37 -25.77
N ASP C 237 -55.38 -19.21 -25.43
CA ASP C 237 -56.24 -19.11 -24.26
C ASP C 237 -57.53 -19.87 -24.52
N PRO C 238 -57.89 -20.86 -23.70
CA PRO C 238 -59.12 -21.60 -23.97
C PRO C 238 -60.33 -20.72 -24.16
N ALA C 239 -60.37 -19.56 -23.51
CA ALA C 239 -61.48 -18.64 -23.70
C ALA C 239 -61.49 -18.02 -25.08
N ASN C 240 -60.35 -17.99 -25.76
CA ASN C 240 -60.31 -17.82 -27.21
C ASN C 240 -60.64 -19.18 -27.84
N GLY C 241 -60.40 -19.33 -29.12
CA GLY C 241 -60.46 -20.65 -29.72
C GLY C 241 -59.18 -21.42 -29.47
N GLY C 242 -58.55 -21.15 -28.32
CA GLY C 242 -57.18 -21.60 -28.12
C GLY C 242 -57.01 -23.10 -28.19
N VAL C 243 -57.85 -23.84 -27.46
CA VAL C 243 -57.68 -25.29 -27.43
C VAL C 243 -57.94 -25.88 -28.80
N LEU C 244 -59.04 -25.48 -29.44
CA LEU C 244 -59.31 -26.00 -30.78
C LEU C 244 -58.39 -25.36 -31.82
N LEU C 245 -57.91 -24.14 -31.59
CA LEU C 245 -56.90 -23.58 -32.46
C LEU C 245 -55.67 -24.49 -32.50
N TRP C 246 -55.16 -24.86 -31.32
CA TRP C 246 -54.00 -25.73 -31.27
C TRP C 246 -54.33 -27.10 -31.86
N GLN C 247 -55.51 -27.63 -31.54
CA GLN C 247 -55.89 -28.92 -32.12
C GLN C 247 -55.79 -28.87 -33.64
N HIS C 248 -56.44 -27.86 -34.24
CA HIS C 248 -56.47 -27.78 -35.70
C HIS C 248 -55.08 -27.59 -36.27
N LEU C 249 -54.29 -26.67 -35.71
CA LEU C 249 -52.95 -26.43 -36.25
C LEU C 249 -52.08 -27.67 -36.10
N PHE C 250 -52.00 -28.21 -34.89
CA PHE C 250 -51.11 -29.34 -34.66
C PHE C 250 -51.52 -30.55 -35.48
N TRP C 251 -52.81 -30.77 -35.67
CA TRP C 251 -53.21 -31.94 -36.44
C TRP C 251 -53.02 -31.71 -37.92
N PHE C 252 -53.28 -30.49 -38.41
CA PHE C 252 -52.93 -30.16 -39.78
C PHE C 252 -51.46 -30.42 -40.04
N PHE C 253 -50.62 -30.29 -39.02
CA PHE C 253 -49.24 -30.73 -39.15
C PHE C 253 -49.12 -32.25 -39.08
N GLY C 254 -49.55 -32.85 -37.97
CA GLY C 254 -49.19 -34.21 -37.64
C GLY C 254 -49.76 -35.25 -38.60
N HIS C 255 -50.98 -35.04 -39.08
CA HIS C 255 -51.56 -36.01 -40.01
C HIS C 255 -50.78 -36.07 -41.32
N PRO C 256 -50.51 -34.95 -42.00
CA PRO C 256 -49.51 -35.02 -43.06
C PRO C 256 -48.19 -35.53 -42.54
N GLU C 257 -47.89 -35.34 -41.26
CA GLU C 257 -46.65 -35.89 -40.72
C GLU C 257 -46.67 -37.42 -40.75
N VAL C 258 -47.78 -38.04 -40.35
CA VAL C 258 -47.80 -39.50 -40.40
C VAL C 258 -47.71 -39.98 -41.83
N TYR C 259 -48.29 -39.23 -42.77
CA TYR C 259 -48.17 -39.66 -44.16
C TYR C 259 -46.81 -39.38 -44.80
N ILE C 260 -46.06 -38.38 -44.33
CA ILE C 260 -44.67 -38.29 -44.75
C ILE C 260 -43.84 -39.37 -44.06
N ILE C 261 -44.25 -39.82 -42.88
CA ILE C 261 -43.59 -40.95 -42.24
C ILE C 261 -43.85 -42.23 -43.03
N ALA C 262 -45.01 -42.33 -43.67
CA ALA C 262 -45.37 -43.57 -44.35
C ALA C 262 -44.86 -43.63 -45.78
N LEU C 263 -45.16 -42.60 -46.58
CA LEU C 263 -44.95 -42.70 -48.02
C LEU C 263 -43.53 -43.10 -48.42
N PRO C 264 -42.47 -42.55 -47.84
CA PRO C 264 -41.12 -42.97 -48.24
C PRO C 264 -40.91 -44.45 -48.11
N PHE C 265 -41.49 -45.06 -47.08
CA PHE C 265 -41.29 -46.49 -46.87
C PHE C 265 -42.24 -47.31 -47.72
N PHE C 266 -43.41 -46.76 -48.08
CA PHE C 266 -44.15 -47.35 -49.19
C PHE C 266 -43.28 -47.44 -50.42
N GLY C 267 -42.49 -46.39 -50.69
CA GLY C 267 -41.58 -46.42 -51.82
C GLY C 267 -40.48 -47.46 -51.64
N ILE C 268 -39.94 -47.57 -50.44
CA ILE C 268 -38.91 -48.58 -50.19
C ILE C 268 -39.46 -49.96 -50.49
N VAL C 269 -40.67 -50.25 -50.00
CA VAL C 269 -41.28 -51.55 -50.23
C VAL C 269 -41.59 -51.75 -51.71
N SER C 270 -41.97 -50.68 -52.40
CA SER C 270 -42.23 -50.78 -53.84
C SER C 270 -40.95 -51.07 -54.61
N GLU C 271 -39.79 -50.65 -54.07
CA GLU C 271 -38.52 -51.06 -54.67
C GLU C 271 -38.18 -52.49 -54.31
N ILE C 272 -38.52 -52.92 -53.09
CA ILE C 272 -38.18 -54.27 -52.64
C ILE C 272 -38.94 -55.31 -53.46
N PHE C 273 -40.24 -55.12 -53.63
CA PHE C 273 -41.05 -56.20 -54.22
C PHE C 273 -40.62 -56.59 -55.62
N PRO C 274 -40.41 -55.67 -56.57
CA PRO C 274 -40.10 -56.10 -57.93
C PRO C 274 -38.84 -56.94 -58.03
N VAL C 275 -37.81 -56.64 -57.22
CA VAL C 275 -36.53 -57.31 -57.41
C VAL C 275 -36.59 -58.75 -56.92
N PHE C 276 -37.28 -58.99 -55.81
CA PHE C 276 -37.43 -60.35 -55.30
C PHE C 276 -38.61 -61.08 -55.92
N SER C 277 -39.45 -60.38 -56.68
CA SER C 277 -40.49 -61.01 -57.47
C SER C 277 -40.05 -61.27 -58.90
N ARG C 278 -38.95 -60.67 -59.34
CA ARG C 278 -38.44 -60.83 -60.70
C ARG C 278 -39.42 -60.29 -61.73
N LYS C 279 -40.17 -59.25 -61.38
CA LYS C 279 -41.12 -58.66 -62.31
C LYS C 279 -41.32 -57.20 -61.95
N PRO C 280 -41.78 -56.37 -62.88
CA PRO C 280 -41.86 -54.94 -62.61
C PRO C 280 -42.88 -54.62 -61.53
N ILE C 281 -42.66 -53.48 -60.88
CA ILE C 281 -43.66 -52.99 -59.94
C ILE C 281 -44.99 -52.86 -60.66
N PHE C 282 -46.01 -53.51 -60.14
CA PHE C 282 -47.30 -53.58 -60.82
C PHE C 282 -47.99 -52.22 -60.77
N GLY C 283 -48.43 -51.73 -61.93
CA GLY C 283 -49.13 -50.47 -61.99
C GLY C 283 -48.30 -49.28 -61.56
N TYR C 284 -47.09 -49.15 -62.12
CA TYR C 284 -46.20 -48.06 -61.74
C TYR C 284 -46.91 -46.71 -61.80
N THR C 285 -47.57 -46.44 -62.92
CA THR C 285 -48.36 -45.22 -63.02
C THR C 285 -49.43 -45.18 -61.94
N THR C 286 -50.01 -46.35 -61.63
CA THR C 286 -50.98 -46.42 -60.55
C THR C 286 -50.34 -46.06 -59.22
N LEU C 287 -49.12 -46.53 -58.96
CA LEU C 287 -48.46 -46.19 -57.71
C LEU C 287 -48.21 -44.69 -57.60
N ILE C 288 -47.74 -44.05 -58.68
CA ILE C 288 -47.46 -42.63 -58.59
C ILE C 288 -48.76 -41.84 -58.40
N TYR C 289 -49.82 -42.22 -59.13
CA TYR C 289 -51.10 -41.53 -58.93
C TYR C 289 -51.63 -41.74 -57.53
N ALA C 290 -51.47 -42.94 -56.98
CA ALA C 290 -51.92 -43.21 -55.62
C ALA C 290 -51.13 -42.38 -54.61
N THR C 291 -49.81 -42.24 -54.81
CA THR C 291 -49.03 -41.41 -53.92
C THR C 291 -49.47 -39.95 -53.97
N LEU C 292 -49.70 -39.44 -55.18
CA LEU C 292 -50.18 -38.05 -55.29
C LEU C 292 -51.52 -37.87 -54.61
N ALA C 293 -52.44 -38.82 -54.83
CA ALA C 293 -53.76 -38.73 -54.18
C ALA C 293 -53.63 -38.83 -52.67
N ILE C 294 -52.74 -39.70 -52.19
CA ILE C 294 -52.53 -39.85 -50.76
C ILE C 294 -52.11 -38.52 -50.16
N ALA C 295 -51.11 -37.88 -50.76
CA ALA C 295 -50.64 -36.61 -50.21
C ALA C 295 -51.72 -35.55 -50.27
N ALA C 296 -52.39 -35.44 -51.42
CA ALA C 296 -53.43 -34.42 -51.58
C ALA C 296 -54.49 -34.57 -50.50
N LEU C 297 -54.99 -35.80 -50.30
CA LEU C 297 -56.05 -36.01 -49.33
C LEU C 297 -55.55 -35.88 -47.90
N SER C 298 -54.29 -36.26 -47.65
CA SER C 298 -53.75 -36.15 -46.31
C SER C 298 -53.66 -34.69 -45.88
N VAL C 299 -53.35 -33.80 -46.82
CA VAL C 299 -53.26 -32.38 -46.47
C VAL C 299 -54.59 -31.82 -45.98
N ALA C 300 -55.71 -32.51 -46.23
CA ALA C 300 -57.01 -31.94 -45.99
C ALA C 300 -57.97 -32.84 -45.21
N VAL C 301 -57.47 -33.84 -44.49
CA VAL C 301 -58.34 -34.65 -43.64
C VAL C 301 -57.73 -34.73 -42.25
N TRP C 302 -57.04 -33.66 -41.84
CA TRP C 302 -56.27 -33.69 -40.61
C TRP C 302 -57.13 -33.93 -39.38
N ALA C 303 -58.40 -33.52 -39.40
CA ALA C 303 -59.18 -33.39 -38.18
C ALA C 303 -60.08 -34.60 -37.92
N HIS C 304 -59.66 -35.80 -38.31
CA HIS C 304 -60.32 -37.00 -37.83
C HIS C 304 -59.69 -37.50 -36.52
N HIS C 305 -58.64 -36.85 -36.06
CA HIS C 305 -58.12 -37.05 -34.71
C HIS C 305 -58.90 -36.27 -33.67
N MET C 306 -59.84 -35.42 -34.10
CA MET C 306 -60.58 -34.53 -33.21
C MET C 306 -62.07 -34.86 -33.22
N TYR C 307 -62.41 -36.11 -33.48
CA TYR C 307 -63.82 -36.51 -33.53
C TYR C 307 -64.49 -36.31 -32.17
N ALA C 308 -63.78 -36.61 -31.09
CA ALA C 308 -64.38 -36.55 -29.76
C ALA C 308 -64.37 -35.16 -29.16
N THR C 309 -63.80 -34.15 -29.83
CA THR C 309 -63.73 -32.76 -29.32
C THR C 309 -65.14 -32.18 -29.38
N GLY C 310 -65.98 -32.66 -30.28
CA GLY C 310 -67.34 -32.13 -30.49
C GLY C 310 -67.27 -30.82 -31.22
N ALA C 311 -66.14 -30.48 -31.87
CA ALA C 311 -65.91 -29.15 -32.49
C ALA C 311 -65.41 -29.17 -33.93
N VAL C 312 -65.67 -30.22 -34.72
CA VAL C 312 -65.21 -30.34 -36.09
C VAL C 312 -66.36 -30.81 -36.97
N LEU C 313 -66.25 -30.50 -38.26
CA LEU C 313 -67.24 -30.92 -39.25
C LEU C 313 -67.02 -32.41 -39.53
N LEU C 314 -67.63 -33.23 -38.67
CA LEU C 314 -67.35 -34.67 -38.70
C LEU C 314 -67.61 -35.30 -40.06
N PRO C 315 -68.74 -35.04 -40.74
CA PRO C 315 -68.97 -35.72 -42.03
C PRO C 315 -67.89 -35.43 -43.05
N PHE C 316 -67.44 -34.18 -43.14
CA PHE C 316 -66.41 -33.80 -44.10
C PHE C 316 -65.14 -34.60 -43.89
N PHE C 317 -64.65 -34.65 -42.66
CA PHE C 317 -63.40 -35.33 -42.39
C PHE C 317 -63.54 -36.84 -42.47
N SER C 318 -64.70 -37.39 -42.11
CA SER C 318 -64.91 -38.82 -42.29
C SER C 318 -64.89 -39.20 -43.77
N PHE C 319 -65.58 -38.41 -44.61
CA PHE C 319 -65.57 -38.67 -46.04
C PHE C 319 -64.16 -38.58 -46.60
N MET C 320 -63.42 -37.53 -46.22
CA MET C 320 -62.05 -37.41 -46.70
C MET C 320 -61.17 -38.55 -46.19
N THR C 321 -61.43 -39.03 -44.96
CA THR C 321 -60.66 -40.14 -44.43
C THR C 321 -60.87 -41.40 -45.25
N PHE C 322 -62.12 -41.67 -45.63
CA PHE C 322 -62.39 -42.81 -46.50
C PHE C 322 -61.76 -42.60 -47.87
N LEU C 323 -61.83 -41.37 -48.38
CA LEU C 323 -61.27 -41.06 -49.70
C LEU C 323 -59.77 -41.27 -49.72
N ILE C 324 -59.08 -40.99 -48.60
CA ILE C 324 -57.65 -41.25 -48.51
C ILE C 324 -57.35 -42.69 -48.17
N ALA C 325 -58.29 -43.41 -47.55
CA ALA C 325 -58.11 -44.83 -47.32
C ALA C 325 -58.10 -45.59 -48.65
N VAL C 326 -58.89 -45.13 -49.62
CA VAL C 326 -58.94 -45.84 -50.90
C VAL C 326 -57.59 -45.89 -51.60
N PRO C 327 -56.86 -44.79 -51.79
CA PRO C 327 -55.56 -44.88 -52.47
C PRO C 327 -54.56 -45.80 -51.81
N THR C 328 -54.57 -45.89 -50.47
CA THR C 328 -53.71 -46.86 -49.82
C THR C 328 -54.09 -48.27 -50.20
N GLY C 329 -55.38 -48.52 -50.41
CA GLY C 329 -55.80 -49.81 -50.92
C GLY C 329 -55.31 -50.07 -52.33
N ILE C 330 -55.36 -49.04 -53.18
CA ILE C 330 -54.83 -49.19 -54.53
C ILE C 330 -53.36 -49.57 -54.48
N LYS C 331 -52.61 -48.88 -53.62
CA LYS C 331 -51.18 -49.16 -53.48
C LYS C 331 -50.94 -50.57 -52.95
N PHE C 332 -51.74 -51.00 -51.98
CA PHE C 332 -51.59 -52.34 -51.43
C PHE C 332 -51.84 -53.41 -52.51
N PHE C 333 -52.86 -53.20 -53.32
CA PHE C 333 -53.14 -54.16 -54.39
C PHE C 333 -52.07 -54.12 -55.47
N ASN C 334 -51.47 -52.95 -55.71
CA ASN C 334 -50.33 -52.89 -56.61
C ASN C 334 -49.17 -53.73 -56.09
N TRP C 335 -48.89 -53.62 -54.78
CA TRP C 335 -47.83 -54.44 -54.20
C TRP C 335 -48.14 -55.93 -54.37
N ILE C 336 -49.38 -56.31 -54.07
CA ILE C 336 -49.76 -57.73 -54.19
C ILE C 336 -49.60 -58.20 -55.64
N GLY C 337 -50.05 -57.39 -56.59
CA GLY C 337 -49.88 -57.75 -57.99
C GLY C 337 -48.43 -57.88 -58.37
N THR C 338 -47.58 -56.99 -57.84
CA THR C 338 -46.14 -57.11 -58.09
C THR C 338 -45.62 -58.45 -57.60
N MET C 339 -46.02 -58.86 -56.41
CA MET C 339 -45.64 -60.18 -55.93
C MET C 339 -46.24 -61.28 -56.79
N TRP C 340 -47.33 -61.00 -57.48
CA TRP C 340 -48.13 -62.04 -58.13
C TRP C 340 -47.35 -62.68 -59.27
N LYS C 341 -47.38 -64.01 -59.32
CA LYS C 341 -46.77 -64.79 -60.39
C LYS C 341 -45.36 -64.32 -60.72
N GLY C 342 -44.47 -64.47 -59.73
CA GLY C 342 -43.06 -64.29 -59.95
C GLY C 342 -42.29 -65.34 -59.19
N GLN C 343 -41.04 -65.57 -59.63
CA GLN C 343 -40.18 -66.52 -58.92
C GLN C 343 -39.75 -65.85 -57.63
N LEU C 344 -40.62 -65.95 -56.62
CA LEU C 344 -40.41 -65.28 -55.36
C LEU C 344 -39.35 -66.00 -54.54
N THR C 345 -38.34 -65.24 -54.10
CA THR C 345 -37.33 -65.74 -53.19
C THR C 345 -37.35 -64.86 -51.96
N PHE C 346 -37.54 -65.48 -50.79
CA PHE C 346 -37.80 -64.73 -49.57
C PHE C 346 -36.51 -64.57 -48.77
N GLU C 347 -35.67 -63.66 -49.25
CA GLU C 347 -34.54 -63.20 -48.46
C GLU C 347 -35.03 -62.17 -47.44
N THR C 348 -34.15 -61.83 -46.50
CA THR C 348 -34.55 -60.95 -45.40
C THR C 348 -35.20 -59.65 -45.87
N PRO C 349 -34.73 -58.99 -46.93
CA PRO C 349 -35.42 -57.74 -47.33
C PRO C 349 -36.87 -57.99 -47.70
N MET C 350 -37.16 -59.04 -48.45
CA MET C 350 -38.55 -59.26 -48.82
C MET C 350 -39.33 -59.96 -47.71
N LEU C 351 -38.66 -60.70 -46.82
CA LEU C 351 -39.35 -61.10 -45.60
C LEU C 351 -39.88 -59.88 -44.86
N PHE C 352 -39.05 -58.84 -44.72
CA PHE C 352 -39.50 -57.64 -44.05
C PHE C 352 -40.57 -56.91 -44.87
N SER C 353 -40.47 -56.93 -46.19
CA SER C 353 -41.51 -56.31 -47.01
C SER C 353 -42.85 -57.01 -46.84
N VAL C 354 -42.85 -58.34 -46.84
CA VAL C 354 -44.09 -59.09 -46.66
C VAL C 354 -44.62 -58.90 -45.24
N GLY C 355 -43.72 -58.82 -44.25
CA GLY C 355 -44.16 -58.51 -42.90
C GLY C 355 -44.81 -57.15 -42.83
N PHE C 356 -44.25 -56.16 -43.52
CA PHE C 356 -44.92 -54.88 -43.69
C PHE C 356 -46.33 -55.06 -44.23
N LEU C 357 -46.47 -55.82 -45.31
CA LEU C 357 -47.81 -56.03 -45.86
C LEU C 357 -48.74 -56.58 -44.79
N ILE C 358 -48.31 -57.64 -44.10
CA ILE C 358 -49.19 -58.33 -43.15
C ILE C 358 -49.60 -57.38 -42.03
N THR C 359 -48.63 -56.71 -41.41
CA THR C 359 -48.95 -55.85 -40.27
C THR C 359 -49.74 -54.62 -40.71
N PHE C 360 -49.30 -53.97 -41.78
CA PHE C 360 -49.99 -52.78 -42.25
C PHE C 360 -51.42 -53.07 -42.67
N LEU C 361 -51.71 -54.28 -43.13
CA LEU C 361 -53.08 -54.58 -43.49
C LEU C 361 -54.00 -54.48 -42.27
N LEU C 362 -53.61 -55.14 -41.17
CA LEU C 362 -54.43 -55.05 -39.96
C LEU C 362 -54.44 -53.63 -39.42
N GLY C 363 -53.31 -52.93 -39.52
CA GLY C 363 -53.30 -51.53 -39.13
C GLY C 363 -54.30 -50.71 -39.91
N GLY C 364 -54.45 -51.00 -41.20
CA GLY C 364 -55.39 -50.26 -42.01
C GLY C 364 -56.84 -50.67 -41.80
N LEU C 365 -57.07 -51.94 -41.46
CA LEU C 365 -58.40 -52.32 -41.03
C LEU C 365 -58.79 -51.55 -39.78
N SER C 366 -57.87 -51.47 -38.81
CA SER C 366 -58.13 -50.67 -37.62
C SER C 366 -58.38 -49.21 -37.97
N GLY C 367 -57.60 -48.69 -38.93
CA GLY C 367 -57.81 -47.33 -39.36
C GLY C 367 -59.19 -47.09 -39.94
N VAL C 368 -59.65 -47.98 -40.81
CA VAL C 368 -60.94 -47.78 -41.45
C VAL C 368 -62.07 -47.91 -40.43
N LEU C 369 -61.92 -48.82 -39.46
CA LEU C 369 -62.86 -48.82 -38.34
C LEU C 369 -62.84 -47.50 -37.59
N LEU C 370 -61.65 -46.94 -37.35
CA LEU C 370 -61.57 -45.69 -36.61
C LEU C 370 -62.16 -44.53 -37.39
N ALA C 371 -62.14 -44.60 -38.72
CA ALA C 371 -62.55 -43.46 -39.53
C ALA C 371 -63.97 -43.02 -39.22
N SER C 372 -64.82 -43.94 -38.82
CA SER C 372 -66.21 -43.62 -38.53
C SER C 372 -66.31 -42.92 -37.16
N PRO C 373 -66.81 -41.69 -37.10
CA PRO C 373 -66.88 -41.00 -35.80
C PRO C 373 -67.69 -41.77 -34.78
N PRO C 374 -68.81 -42.39 -35.15
CA PRO C 374 -69.54 -43.18 -34.15
C PRO C 374 -68.69 -44.24 -33.49
N LEU C 375 -67.83 -44.93 -34.25
CA LEU C 375 -66.95 -45.91 -33.65
C LEU C 375 -65.80 -45.23 -32.92
N ASP C 376 -65.22 -44.20 -33.54
CA ASP C 376 -64.10 -43.52 -32.92
C ASP C 376 -64.47 -43.02 -31.53
N PHE C 377 -65.72 -42.62 -31.33
CA PHE C 377 -66.14 -42.13 -30.03
C PHE C 377 -65.81 -43.13 -28.93
N HIS C 378 -66.23 -44.38 -29.10
CA HIS C 378 -65.86 -45.38 -28.11
C HIS C 378 -64.36 -45.63 -28.11
N VAL C 379 -63.77 -45.83 -29.28
CA VAL C 379 -62.37 -46.26 -29.34
C VAL C 379 -61.39 -45.10 -29.41
N THR C 380 -61.86 -43.85 -29.37
CA THR C 380 -60.95 -42.73 -29.40
C THR C 380 -60.07 -42.69 -28.17
N ASP C 381 -58.85 -42.20 -28.34
CA ASP C 381 -57.93 -41.93 -27.24
C ASP C 381 -57.83 -43.14 -26.32
N SER C 382 -57.87 -44.33 -26.90
CA SER C 382 -57.80 -45.57 -26.14
C SER C 382 -56.70 -46.45 -26.71
N TYR C 383 -56.51 -47.63 -26.11
CA TYR C 383 -55.51 -48.53 -26.62
C TYR C 383 -55.90 -49.15 -27.95
N PHE C 384 -57.15 -49.01 -28.39
CA PHE C 384 -57.44 -49.39 -29.77
C PHE C 384 -56.71 -48.48 -30.74
N VAL C 385 -56.66 -47.18 -30.45
CA VAL C 385 -55.88 -46.27 -31.27
C VAL C 385 -54.40 -46.56 -31.15
N ILE C 386 -53.95 -46.93 -29.95
CA ILE C 386 -52.55 -47.32 -29.77
C ILE C 386 -52.23 -48.49 -30.69
N ALA C 387 -53.09 -49.50 -30.70
CA ALA C 387 -52.86 -50.66 -31.56
C ALA C 387 -52.94 -50.28 -33.03
N HIS C 388 -53.93 -49.48 -33.42
CA HIS C 388 -54.01 -49.00 -34.80
C HIS C 388 -52.70 -48.38 -35.25
N PHE C 389 -52.29 -47.30 -34.59
CA PHE C 389 -51.17 -46.56 -35.13
C PHE C 389 -49.86 -47.28 -34.89
N HIS C 390 -49.79 -48.18 -33.90
CA HIS C 390 -48.58 -48.98 -33.77
C HIS C 390 -48.50 -50.02 -34.86
N TYR C 391 -49.62 -50.62 -35.25
CA TYR C 391 -49.57 -51.54 -36.37
C TYR C 391 -49.12 -50.80 -37.63
N VAL C 392 -49.78 -49.68 -37.95
CA VAL C 392 -49.43 -48.99 -39.19
C VAL C 392 -47.99 -48.50 -39.14
N LEU C 393 -47.58 -47.86 -38.04
CA LEU C 393 -46.22 -47.37 -37.93
C LEU C 393 -45.23 -48.50 -37.97
N PHE C 394 -45.27 -49.40 -36.99
CA PHE C 394 -44.28 -50.46 -36.89
C PHE C 394 -44.21 -51.26 -38.18
N GLY C 395 -45.32 -51.36 -38.92
CA GLY C 395 -45.25 -51.97 -40.24
C GLY C 395 -44.53 -51.10 -41.24
N THR C 396 -44.83 -49.81 -41.26
CA THR C 396 -44.41 -48.95 -42.36
C THR C 396 -43.04 -48.31 -42.16
N ILE C 397 -42.53 -48.25 -40.93
CA ILE C 397 -41.27 -47.57 -40.66
C ILE C 397 -40.30 -48.42 -39.86
N VAL C 398 -40.71 -49.60 -39.40
CA VAL C 398 -39.82 -50.56 -38.76
C VAL C 398 -39.60 -51.78 -39.65
N PHE C 399 -40.68 -52.44 -40.05
CA PHE C 399 -40.54 -53.51 -41.02
C PHE C 399 -40.03 -52.97 -42.34
N ALA C 400 -40.57 -51.85 -42.81
CA ALA C 400 -40.13 -51.28 -44.07
C ALA C 400 -38.72 -50.72 -43.95
N THR C 401 -38.38 -50.09 -42.82
CA THR C 401 -37.02 -49.60 -42.64
C THR C 401 -36.03 -50.76 -42.54
N TYR C 402 -36.42 -51.85 -41.88
CA TYR C 402 -35.55 -53.02 -41.84
C TYR C 402 -35.36 -53.58 -43.24
N ALA C 403 -36.43 -53.64 -44.03
CA ALA C 403 -36.29 -54.09 -45.41
C ALA C 403 -35.33 -53.19 -46.17
N GLY C 404 -35.48 -51.87 -46.02
CA GLY C 404 -34.61 -50.96 -46.71
C GLY C 404 -33.16 -51.11 -46.29
N ILE C 405 -32.92 -51.32 -45.00
CA ILE C 405 -31.55 -51.50 -44.52
C ILE C 405 -30.96 -52.78 -45.10
N TYR C 406 -31.69 -53.89 -44.97
CA TYR C 406 -31.21 -55.15 -45.50
C TYR C 406 -31.06 -55.12 -47.01
N PHE C 407 -31.72 -54.17 -47.67
CA PHE C 407 -31.68 -54.07 -49.12
C PHE C 407 -30.50 -53.23 -49.59
N TRP C 408 -30.34 -52.05 -49.03
CA TRP C 408 -29.32 -51.11 -49.46
C TRP C 408 -28.06 -51.15 -48.60
N PHE C 409 -28.02 -52.01 -47.59
CA PHE C 409 -26.76 -52.16 -46.85
C PHE C 409 -25.62 -52.59 -47.75
N PRO C 410 -25.77 -53.58 -48.62
CA PRO C 410 -24.68 -53.89 -49.55
C PRO C 410 -24.32 -52.72 -50.44
N LYS C 411 -25.32 -52.04 -51.00
CA LYS C 411 -25.09 -50.92 -51.90
C LYS C 411 -24.55 -49.69 -51.18
N MET C 412 -24.50 -49.71 -49.85
CA MET C 412 -23.87 -48.63 -49.11
C MET C 412 -22.69 -49.11 -48.27
N THR C 413 -22.36 -50.40 -48.32
CA THR C 413 -21.33 -50.95 -47.46
C THR C 413 -20.34 -51.81 -48.24
N GLY C 414 -20.79 -52.40 -49.35
CA GLY C 414 -20.00 -53.39 -50.03
C GLY C 414 -20.01 -54.74 -49.35
N ARG C 415 -20.81 -54.92 -48.31
CA ARG C 415 -20.89 -56.15 -47.55
C ARG C 415 -22.35 -56.54 -47.38
N LEU C 416 -22.60 -57.85 -47.41
CA LEU C 416 -23.94 -58.39 -47.23
C LEU C 416 -24.18 -58.68 -45.76
N LEU C 417 -25.37 -58.35 -45.28
CA LEU C 417 -25.75 -58.73 -43.93
C LEU C 417 -26.01 -60.23 -43.87
N ASP C 418 -25.66 -60.83 -42.74
CA ASP C 418 -25.88 -62.26 -42.58
C ASP C 418 -27.35 -62.59 -42.75
N GLU C 419 -27.64 -63.58 -43.59
CA GLU C 419 -29.03 -63.89 -43.91
C GLU C 419 -29.72 -64.63 -42.78
N ARG C 420 -29.02 -65.56 -42.13
CA ARG C 420 -29.62 -66.29 -41.02
C ARG C 420 -29.95 -65.36 -39.86
N LEU C 421 -29.05 -64.43 -39.56
CA LEU C 421 -29.37 -63.42 -38.56
C LEU C 421 -30.56 -62.58 -38.99
N GLY C 422 -30.67 -62.29 -40.28
CA GLY C 422 -31.85 -61.60 -40.77
C GLY C 422 -33.12 -62.38 -40.54
N LYS C 423 -33.08 -63.69 -40.79
CA LYS C 423 -34.23 -64.53 -40.54
C LYS C 423 -34.64 -64.47 -39.07
N LEU C 424 -33.67 -64.68 -38.19
CA LEU C 424 -33.95 -64.68 -36.76
C LEU C 424 -34.50 -63.33 -36.32
N HIS C 425 -33.89 -62.24 -36.78
CA HIS C 425 -34.34 -60.91 -36.40
C HIS C 425 -35.75 -60.66 -36.89
N PHE C 426 -36.04 -60.99 -38.14
CA PHE C 426 -37.37 -60.74 -38.66
C PHE C 426 -38.42 -61.53 -37.90
N TRP C 427 -38.15 -62.80 -37.62
CA TRP C 427 -39.18 -63.59 -36.97
C TRP C 427 -39.36 -63.17 -35.50
N LEU C 428 -38.26 -62.86 -34.82
CA LEU C 428 -38.39 -62.32 -33.47
C LEU C 428 -39.21 -61.03 -33.47
N THR C 429 -38.92 -60.13 -34.41
CA THR C 429 -39.64 -58.87 -34.48
C THR C 429 -41.11 -59.10 -34.77
N PHE C 430 -41.42 -59.96 -35.75
CA PHE C 430 -42.81 -60.23 -36.09
C PHE C 430 -43.57 -60.78 -34.90
N ILE C 431 -43.03 -61.82 -34.26
CA ILE C 431 -43.72 -62.47 -33.15
C ILE C 431 -43.90 -61.48 -32.00
N GLY C 432 -42.83 -60.76 -31.64
CA GLY C 432 -42.92 -59.84 -30.54
C GLY C 432 -43.90 -58.71 -30.80
N PHE C 433 -43.87 -58.15 -32.01
CA PHE C 433 -44.77 -57.05 -32.34
C PHE C 433 -46.22 -57.50 -32.29
N HIS C 434 -46.52 -58.64 -32.91
CA HIS C 434 -47.90 -59.12 -32.93
C HIS C 434 -48.37 -59.51 -31.53
N THR C 435 -47.45 -59.98 -30.68
CA THR C 435 -47.84 -60.32 -29.32
C THR C 435 -48.07 -59.07 -28.49
N THR C 436 -47.26 -58.03 -28.69
CA THR C 436 -47.37 -56.85 -27.86
C THR C 436 -48.55 -55.96 -28.25
N PHE C 437 -48.86 -55.87 -29.55
CA PHE C 437 -49.85 -54.89 -29.99
C PHE C 437 -51.18 -55.49 -30.42
N LEU C 438 -51.26 -56.79 -30.65
CA LEU C 438 -52.53 -57.37 -31.03
C LEU C 438 -53.55 -57.26 -29.89
N VAL C 439 -53.13 -57.65 -28.68
CA VAL C 439 -54.04 -57.65 -27.55
C VAL C 439 -54.51 -56.25 -27.20
N GLN C 440 -53.81 -55.22 -27.67
CA GLN C 440 -54.17 -53.86 -27.31
C GLN C 440 -55.47 -53.40 -27.95
N HIS C 441 -55.87 -54.02 -29.07
CA HIS C 441 -57.19 -53.72 -29.63
C HIS C 441 -58.28 -54.03 -28.62
N TRP C 442 -58.27 -55.26 -28.10
CA TRP C 442 -59.22 -55.64 -27.05
C TRP C 442 -58.97 -54.86 -25.78
N LEU C 443 -57.72 -54.50 -25.51
CA LEU C 443 -57.37 -53.78 -24.29
C LEU C 443 -58.03 -52.41 -24.27
N GLY C 444 -58.04 -51.73 -25.40
CA GLY C 444 -58.61 -50.41 -25.50
C GLY C 444 -60.10 -50.42 -25.80
N ASP C 445 -60.58 -51.50 -26.43
CA ASP C 445 -62.01 -51.63 -26.64
C ASP C 445 -62.74 -51.73 -25.30
N GLU C 446 -62.31 -52.65 -24.44
CA GLU C 446 -62.71 -52.59 -23.05
C GLU C 446 -62.03 -51.42 -22.38
N GLY C 447 -62.76 -50.74 -21.50
CA GLY C 447 -62.32 -49.43 -21.04
C GLY C 447 -60.95 -49.41 -20.40
N MET C 448 -59.96 -48.93 -21.16
CA MET C 448 -58.62 -48.63 -20.67
C MET C 448 -57.97 -47.69 -21.67
N PRO C 449 -58.12 -46.37 -21.53
CA PRO C 449 -57.62 -45.48 -22.57
C PRO C 449 -56.10 -45.42 -22.55
N ARG C 450 -55.57 -44.63 -23.48
CA ARG C 450 -54.13 -44.42 -23.57
C ARG C 450 -53.68 -43.40 -22.52
N ARG C 451 -52.40 -43.48 -22.17
CA ARG C 451 -51.75 -42.56 -21.25
C ARG C 451 -52.20 -42.75 -19.81
N TYR C 452 -52.46 -44.01 -19.43
CA TYR C 452 -52.65 -44.41 -18.04
C TYR C 452 -51.37 -45.07 -17.51
N ALA C 453 -50.79 -44.45 -16.48
CA ALA C 453 -49.64 -45.05 -15.82
C ALA C 453 -50.01 -46.36 -15.15
N ASP C 454 -51.17 -46.41 -14.50
CA ASP C 454 -51.60 -47.61 -13.80
C ASP C 454 -53.11 -47.75 -13.87
N TYR C 455 -53.58 -48.88 -13.37
CA TYR C 455 -54.98 -49.25 -13.38
C TYR C 455 -55.27 -50.12 -12.16
N LEU C 456 -56.54 -50.20 -11.80
CA LEU C 456 -56.91 -50.92 -10.60
C LEU C 456 -56.78 -52.43 -10.81
N PRO C 457 -56.34 -53.18 -9.81
CA PRO C 457 -56.42 -54.64 -9.91
C PRO C 457 -57.84 -55.14 -10.12
N THR C 458 -58.82 -54.47 -9.51
CA THR C 458 -60.21 -54.88 -9.68
C THR C 458 -60.66 -54.70 -11.14
N ASP C 459 -60.08 -53.75 -11.85
CA ASP C 459 -60.36 -53.59 -13.27
C ASP C 459 -59.78 -54.75 -14.05
N GLY C 460 -60.29 -54.97 -15.25
CA GLY C 460 -59.77 -56.00 -16.11
C GLY C 460 -58.42 -55.64 -16.68
N PHE C 461 -58.13 -56.13 -17.88
CA PHE C 461 -56.90 -55.83 -18.61
C PHE C 461 -55.69 -55.84 -17.68
N THR C 462 -55.43 -57.00 -17.08
CA THR C 462 -54.19 -57.29 -16.39
C THR C 462 -53.41 -58.41 -17.06
N THR C 463 -54.07 -59.52 -17.37
CA THR C 463 -53.41 -60.57 -18.13
C THR C 463 -53.01 -60.08 -19.51
N LEU C 464 -53.86 -59.25 -20.13
CA LEU C 464 -53.56 -58.74 -21.45
C LEU C 464 -52.38 -57.77 -21.41
N ASN C 465 -52.26 -56.98 -20.35
CA ASN C 465 -51.12 -56.08 -20.23
C ASN C 465 -49.82 -56.85 -20.05
N VAL C 466 -49.84 -57.94 -19.29
CA VAL C 466 -48.63 -58.75 -19.15
C VAL C 466 -48.32 -59.47 -20.45
N ILE C 467 -49.36 -59.85 -21.22
CA ILE C 467 -49.11 -60.38 -22.56
C ILE C 467 -48.42 -59.34 -23.42
N SER C 468 -48.90 -58.10 -23.37
CA SER C 468 -48.25 -57.03 -24.10
C SER C 468 -46.81 -56.84 -23.65
N THR C 469 -46.54 -57.07 -22.37
CA THR C 469 -45.17 -56.90 -21.88
C THR C 469 -44.28 -58.04 -22.36
N VAL C 470 -44.80 -59.26 -22.39
CA VAL C 470 -44.07 -60.35 -23.02
C VAL C 470 -43.72 -59.99 -24.45
N GLY C 471 -44.69 -59.42 -25.17
CA GLY C 471 -44.42 -59.01 -26.55
C GLY C 471 -43.38 -57.92 -26.65
N ALA C 472 -43.46 -56.92 -25.77
CA ALA C 472 -42.51 -55.81 -25.82
C ALA C 472 -41.10 -56.30 -25.55
N PHE C 473 -40.93 -57.22 -24.60
CA PHE C 473 -39.60 -57.75 -24.33
C PHE C 473 -39.14 -58.70 -25.43
N ILE C 474 -40.08 -59.36 -26.12
CA ILE C 474 -39.72 -60.11 -27.31
C ILE C 474 -39.14 -59.17 -28.36
N LEU C 475 -39.75 -58.00 -28.54
CA LEU C 475 -39.20 -57.01 -29.44
C LEU C 475 -37.83 -56.53 -28.96
N GLY C 476 -37.69 -56.31 -27.65
CA GLY C 476 -36.42 -55.87 -27.11
C GLY C 476 -35.29 -56.84 -27.42
N VAL C 477 -35.54 -58.14 -27.22
CA VAL C 477 -34.52 -59.13 -27.57
C VAL C 477 -34.36 -59.21 -29.09
N SER C 478 -35.45 -59.04 -29.84
CA SER C 478 -35.37 -59.07 -31.30
C SER C 478 -34.42 -58.00 -31.83
N MET C 479 -34.33 -56.88 -31.12
CA MET C 479 -33.43 -55.83 -31.57
C MET C 479 -31.97 -56.28 -31.54
N LEU C 480 -31.62 -57.15 -30.60
CA LEU C 480 -30.22 -57.55 -30.47
C LEU C 480 -29.68 -58.26 -31.70
N PRO C 481 -30.38 -59.25 -32.29
CA PRO C 481 -29.85 -59.86 -33.51
C PRO C 481 -29.55 -58.87 -34.61
N PHE C 482 -30.41 -57.88 -34.83
CA PHE C 482 -30.15 -56.93 -35.90
C PHE C 482 -28.92 -56.07 -35.62
N VAL C 483 -28.79 -55.60 -34.37
CA VAL C 483 -27.64 -54.79 -34.01
C VAL C 483 -26.36 -55.60 -34.18
N TRP C 484 -26.37 -56.85 -33.71
CA TRP C 484 -25.20 -57.71 -33.89
C TRP C 484 -24.90 -57.94 -35.36
N ASN C 485 -25.94 -58.18 -36.17
CA ASN C 485 -25.74 -58.41 -37.59
C ASN C 485 -25.09 -57.21 -38.25
N VAL C 486 -25.60 -56.01 -37.99
CA VAL C 486 -25.04 -54.81 -38.58
C VAL C 486 -23.61 -54.60 -38.11
N PHE C 487 -23.36 -54.77 -36.81
CA PHE C 487 -22.04 -54.52 -36.27
C PHE C 487 -21.01 -55.49 -36.82
N LYS C 488 -21.39 -56.75 -37.00
CA LYS C 488 -20.47 -57.77 -37.48
C LYS C 488 -20.47 -57.90 -39.00
N SER C 489 -21.34 -57.18 -39.70
CA SER C 489 -21.37 -57.25 -41.16
C SER C 489 -20.95 -55.95 -41.83
N TRP C 490 -20.88 -54.83 -41.12
CA TRP C 490 -20.29 -53.64 -41.71
C TRP C 490 -18.83 -53.89 -42.05
N ARG C 491 -18.06 -54.38 -41.08
CA ARG C 491 -16.63 -54.55 -41.21
C ARG C 491 -16.22 -55.96 -41.59
N TYR C 492 -16.89 -56.97 -41.05
CA TYR C 492 -16.80 -58.32 -41.57
C TYR C 492 -18.04 -58.58 -42.43
N GLY C 493 -18.23 -59.82 -42.84
CA GLY C 493 -19.43 -60.18 -43.58
C GLY C 493 -19.14 -60.39 -45.05
N GLU C 494 -20.02 -61.17 -45.67
CA GLU C 494 -19.85 -61.62 -47.05
C GLU C 494 -19.63 -60.42 -47.97
N PRO C 495 -18.42 -60.23 -48.50
CA PRO C 495 -18.21 -59.13 -49.44
C PRO C 495 -19.06 -59.31 -50.70
N VAL C 496 -19.58 -58.20 -51.20
CA VAL C 496 -20.26 -58.15 -52.49
C VAL C 496 -19.43 -57.28 -53.41
N THR C 497 -18.90 -57.89 -54.47
CA THR C 497 -17.99 -57.23 -55.38
C THR C 497 -18.66 -56.77 -56.66
N VAL C 498 -19.99 -56.90 -56.76
CA VAL C 498 -20.72 -56.63 -58.00
C VAL C 498 -21.99 -55.85 -57.67
N ASP C 499 -22.54 -55.22 -58.69
CA ASP C 499 -23.84 -54.58 -58.56
C ASP C 499 -24.92 -55.65 -58.42
N ASP C 500 -26.06 -55.25 -57.86
CA ASP C 500 -27.12 -56.22 -57.60
C ASP C 500 -26.63 -57.38 -56.75
N PRO C 501 -26.31 -57.16 -55.48
CA PRO C 501 -26.24 -58.31 -54.56
C PRO C 501 -27.55 -59.04 -54.49
N TRP C 502 -28.66 -58.32 -54.67
CA TRP C 502 -29.99 -58.89 -54.82
C TRP C 502 -30.27 -58.88 -56.32
N GLY C 503 -29.96 -59.99 -56.99
CA GLY C 503 -30.05 -60.03 -58.43
C GLY C 503 -31.40 -59.56 -58.94
N TYR C 504 -31.49 -59.27 -60.24
CA TYR C 504 -32.73 -58.80 -60.83
C TYR C 504 -33.17 -57.48 -60.20
N GLY C 505 -32.19 -56.65 -59.86
CA GLY C 505 -32.45 -55.33 -59.32
C GLY C 505 -32.89 -54.36 -60.39
N ASN C 506 -33.20 -53.15 -59.95
CA ASN C 506 -33.72 -52.10 -60.83
C ASN C 506 -33.66 -50.79 -60.05
N SER C 507 -34.10 -49.71 -60.70
CA SER C 507 -34.19 -48.37 -60.13
C SER C 507 -32.85 -47.63 -60.17
N LEU C 508 -31.85 -48.14 -60.87
CA LEU C 508 -30.64 -47.43 -61.30
C LEU C 508 -29.61 -47.25 -60.20
N GLU C 509 -29.89 -47.58 -58.93
CA GLU C 509 -28.81 -47.55 -57.97
C GLU C 509 -27.97 -48.82 -58.03
N TRP C 510 -28.36 -49.79 -58.86
CA TRP C 510 -27.59 -51.00 -59.09
C TRP C 510 -26.89 -50.98 -60.44
N ALA C 511 -26.68 -49.81 -61.02
CA ALA C 511 -25.85 -49.65 -62.20
C ALA C 511 -24.47 -49.15 -61.85
N THR C 512 -24.13 -49.10 -60.56
CA THR C 512 -22.86 -48.54 -60.10
C THR C 512 -22.25 -49.49 -59.07
N SER C 513 -20.92 -49.40 -58.93
CA SER C 513 -20.18 -50.26 -58.02
C SER C 513 -20.90 -50.41 -56.69
N CYS C 514 -20.86 -51.61 -56.13
CA CYS C 514 -21.68 -51.89 -54.96
C CYS C 514 -21.35 -50.95 -53.80
N PRO C 515 -20.09 -50.65 -53.47
CA PRO C 515 -19.80 -49.40 -52.78
C PRO C 515 -19.80 -48.25 -53.78
N PRO C 516 -20.84 -47.42 -53.80
CA PRO C 516 -20.98 -46.48 -54.91
C PRO C 516 -19.81 -45.52 -54.97
N PRO C 517 -19.32 -45.18 -56.16
CA PRO C 517 -18.21 -44.23 -56.23
C PRO C 517 -18.64 -42.87 -55.72
N ARG C 518 -17.68 -42.11 -55.22
CA ARG C 518 -17.94 -40.70 -54.97
C ARG C 518 -18.50 -40.09 -56.24
N HIS C 519 -19.66 -39.45 -56.12
CA HIS C 519 -20.47 -38.97 -57.24
C HIS C 519 -21.25 -40.11 -57.87
N ASN C 520 -21.31 -41.25 -57.21
CA ASN C 520 -22.35 -42.25 -57.42
C ASN C 520 -22.25 -43.04 -58.72
N PHE C 521 -21.38 -42.63 -59.63
CA PHE C 521 -21.44 -43.22 -60.96
C PHE C 521 -20.15 -42.99 -61.71
N THR C 522 -19.67 -44.04 -62.37
CA THR C 522 -18.70 -43.93 -63.46
C THR C 522 -19.33 -44.25 -64.80
N GLU C 523 -20.58 -44.73 -64.81
CA GLU C 523 -21.26 -45.12 -66.03
C GLU C 523 -22.76 -45.06 -65.79
N LEU C 524 -23.50 -44.63 -66.80
CA LEU C 524 -24.96 -44.58 -66.73
C LEU C 524 -25.54 -45.39 -67.89
N PRO C 525 -26.49 -46.28 -67.63
CA PRO C 525 -27.03 -47.09 -68.72
C PRO C 525 -27.99 -46.29 -69.59
N ARG C 526 -28.46 -46.95 -70.64
CA ARG C 526 -29.45 -46.35 -71.53
C ARG C 526 -30.80 -46.31 -70.83
N ILE C 527 -31.12 -45.20 -70.17
CA ILE C 527 -32.34 -45.11 -69.39
C ILE C 527 -33.52 -45.06 -70.36
N ARG C 528 -34.28 -46.16 -70.42
CA ARG C 528 -35.40 -46.27 -71.34
C ARG C 528 -36.69 -46.74 -70.68
N SER C 529 -36.66 -47.13 -69.41
CA SER C 529 -37.85 -47.58 -68.71
C SER C 529 -37.69 -47.26 -67.23
N GLU C 530 -38.53 -47.88 -66.41
CA GLU C 530 -38.46 -47.72 -64.96
C GLU C 530 -37.41 -48.59 -64.32
N ARG C 531 -36.73 -49.44 -65.09
CA ARG C 531 -35.78 -50.41 -64.57
C ARG C 531 -34.50 -50.37 -65.39
N PRO C 532 -33.75 -49.27 -65.31
CA PRO C 532 -32.51 -49.20 -66.11
C PRO C 532 -31.52 -50.30 -65.80
N ALA C 533 -31.35 -50.65 -64.51
CA ALA C 533 -30.38 -51.68 -64.16
C ALA C 533 -30.83 -53.05 -64.64
N PHE C 534 -32.13 -53.35 -64.53
CA PHE C 534 -32.63 -54.63 -65.03
C PHE C 534 -32.40 -54.74 -66.53
N GLU C 535 -32.66 -53.67 -67.27
CA GLU C 535 -32.40 -53.69 -68.71
C GLU C 535 -30.92 -53.86 -69.01
N LEU C 536 -30.07 -53.17 -68.25
CA LEU C 536 -28.63 -53.27 -68.49
C LEU C 536 -28.14 -54.70 -68.25
N HIS C 537 -28.46 -55.26 -67.09
CA HIS C 537 -27.90 -56.56 -66.72
C HIS C 537 -28.53 -57.69 -67.53
N TYR C 538 -29.75 -57.50 -68.02
CA TYR C 538 -30.46 -58.51 -68.79
C TYR C 538 -30.98 -57.88 -70.08
N PRO C 539 -30.07 -57.57 -71.02
CA PRO C 539 -30.53 -56.93 -72.26
C PRO C 539 -31.55 -57.76 -73.02
N HIS C 540 -31.38 -59.08 -73.05
CA HIS C 540 -32.32 -59.93 -73.77
C HIS C 540 -33.75 -59.73 -73.27
N MET C 541 -33.91 -59.39 -71.99
CA MET C 541 -35.23 -59.25 -71.42
C MET C 541 -35.94 -57.98 -71.88
N VAL C 542 -35.22 -57.02 -72.45
CA VAL C 542 -35.80 -55.71 -72.72
C VAL C 542 -37.06 -55.86 -73.57
N GLU C 543 -36.98 -56.61 -74.66
CA GLU C 543 -38.14 -56.82 -75.51
C GLU C 543 -39.30 -57.38 -74.69
N ARG C 544 -39.02 -58.41 -73.89
CA ARG C 544 -40.06 -58.95 -73.03
C ARG C 544 -40.63 -57.90 -72.10
N MET C 545 -39.76 -57.05 -71.54
CA MET C 545 -40.23 -55.99 -70.66
C MET C 545 -41.28 -55.13 -71.34
N ARG C 546 -41.19 -54.98 -72.66
CA ARG C 546 -42.18 -54.21 -73.41
C ARG C 546 -43.29 -55.08 -74.00
N ALA C 547 -43.06 -56.39 -74.11
CA ALA C 547 -44.05 -57.25 -74.75
C ALA C 547 -45.21 -57.55 -73.80
N GLU C 548 -44.90 -58.06 -72.61
CA GLU C 548 -45.94 -58.44 -71.65
C GLU C 548 -46.43 -57.26 -70.82
N ALA C 549 -45.82 -56.09 -70.95
CA ALA C 549 -46.18 -54.96 -70.11
C ALA C 549 -47.68 -54.68 -70.16
N HIS C 550 -48.25 -54.59 -71.36
CA HIS C 550 -49.65 -54.20 -71.52
C HIS C 550 -50.62 -55.31 -71.17
N VAL C 551 -50.16 -56.57 -71.14
CA VAL C 551 -51.08 -57.69 -70.96
C VAL C 551 -51.74 -57.63 -69.59
N GLY C 552 -50.95 -57.37 -68.54
CA GLY C 552 -51.48 -57.33 -67.19
C GLY C 552 -52.01 -58.67 -66.73
N MET D 1 -0.76 -27.99 -62.68
CA MET D 1 -0.73 -26.55 -62.28
C MET D 1 -0.60 -25.65 -63.51
N THR D 2 -0.21 -26.24 -64.64
CA THR D 2 0.17 -25.48 -65.83
C THR D 2 -0.80 -24.33 -66.11
N SER D 3 -2.06 -24.65 -66.43
CA SER D 3 -3.09 -23.63 -66.55
C SER D 3 -4.23 -23.88 -65.56
N ALA D 4 -4.90 -25.03 -65.64
CA ALA D 4 -5.95 -25.39 -64.71
C ALA D 4 -6.47 -26.79 -65.05
N VAL D 5 -6.91 -27.54 -64.03
CA VAL D 5 -7.55 -28.82 -64.28
C VAL D 5 -9.01 -28.63 -64.66
N GLY D 6 -9.70 -27.72 -63.98
CA GLY D 6 -11.05 -27.34 -64.34
C GLY D 6 -11.08 -25.96 -64.94
N THR D 7 -11.40 -25.86 -66.23
CA THR D 7 -11.36 -24.59 -66.96
C THR D 7 -12.56 -23.75 -66.53
N SER D 8 -12.48 -23.21 -65.32
CA SER D 8 -13.51 -22.34 -64.77
C SER D 8 -12.85 -21.05 -64.30
N GLY D 9 -13.51 -19.92 -64.59
CA GLY D 9 -12.96 -18.63 -64.23
C GLY D 9 -13.08 -18.26 -62.77
N THR D 10 -13.87 -19.01 -62.01
CA THR D 10 -14.07 -18.74 -60.59
C THR D 10 -14.14 -20.05 -59.83
N ALA D 11 -13.69 -20.02 -58.58
CA ALA D 11 -13.75 -21.22 -57.75
C ALA D 11 -15.17 -21.72 -57.57
N ILE D 12 -16.16 -20.84 -57.74
CA ILE D 12 -17.57 -21.19 -57.64
C ILE D 12 -18.30 -20.61 -58.83
N THR D 13 -19.05 -21.45 -59.54
CA THR D 13 -19.87 -21.04 -60.66
C THR D 13 -21.33 -21.37 -60.37
N SER D 14 -22.21 -20.94 -61.26
CA SER D 14 -23.62 -21.24 -61.09
C SER D 14 -23.83 -22.74 -61.00
N ARG D 15 -24.71 -23.15 -60.08
CA ARG D 15 -24.94 -24.56 -59.84
C ARG D 15 -25.61 -25.25 -61.03
N VAL D 16 -26.11 -24.48 -62.00
CA VAL D 16 -26.60 -25.03 -63.26
C VAL D 16 -26.40 -23.97 -64.34
N HIS D 17 -26.24 -24.44 -65.58
CA HIS D 17 -26.26 -23.53 -66.73
C HIS D 17 -27.69 -23.05 -66.93
N SER D 18 -28.03 -21.90 -66.35
CA SER D 18 -29.42 -21.46 -66.30
C SER D 18 -30.00 -21.14 -67.66
N LEU D 19 -29.17 -21.06 -68.71
CA LEU D 19 -29.69 -20.75 -70.03
C LEU D 19 -30.63 -21.83 -70.53
N ASN D 20 -30.29 -23.10 -70.29
CA ASN D 20 -31.07 -24.23 -70.79
C ASN D 20 -31.69 -25.10 -69.71
N ARG D 21 -31.23 -25.00 -68.47
CA ARG D 21 -31.70 -25.84 -67.38
C ARG D 21 -32.06 -24.98 -66.18
N PRO D 22 -32.96 -25.44 -65.32
CA PRO D 22 -33.37 -24.62 -64.19
C PRO D 22 -32.21 -24.34 -63.25
N ASN D 23 -32.27 -23.18 -62.60
CA ASN D 23 -31.23 -22.75 -61.68
C ASN D 23 -31.58 -23.25 -60.28
N MET D 24 -30.83 -24.24 -59.79
CA MET D 24 -31.22 -24.91 -58.56
C MET D 24 -31.36 -23.94 -57.40
N VAL D 25 -30.54 -22.90 -57.33
CA VAL D 25 -30.67 -21.97 -56.21
C VAL D 25 -32.03 -21.30 -56.25
N SER D 26 -32.47 -20.87 -57.43
CA SER D 26 -33.79 -20.24 -57.55
C SER D 26 -34.89 -21.21 -57.19
N VAL D 27 -34.80 -22.45 -57.66
CA VAL D 27 -35.84 -23.43 -57.37
C VAL D 27 -35.90 -23.71 -55.88
N GLY D 28 -34.74 -23.89 -55.24
CA GLY D 28 -34.72 -24.18 -53.82
C GLY D 28 -35.25 -23.03 -52.98
N THR D 29 -34.85 -21.80 -53.32
CA THR D 29 -35.36 -20.66 -52.57
C THR D 29 -36.85 -20.50 -52.77
N ILE D 30 -37.37 -20.77 -53.98
CA ILE D 30 -38.81 -20.67 -54.20
C ILE D 30 -39.54 -21.71 -53.36
N VAL D 31 -39.02 -22.94 -53.30
CA VAL D 31 -39.64 -23.98 -52.50
C VAL D 31 -39.65 -23.57 -51.03
N TRP D 32 -38.51 -23.08 -50.53
CA TRP D 32 -38.44 -22.69 -49.13
C TRP D 32 -39.38 -21.53 -48.83
N LEU D 33 -39.49 -20.58 -49.77
CA LEU D 33 -40.44 -19.48 -49.57
C LEU D 33 -41.86 -19.99 -49.51
N SER D 34 -42.20 -20.97 -50.36
CA SER D 34 -43.53 -21.55 -50.30
C SER D 34 -43.78 -22.21 -48.94
N SER D 35 -42.74 -22.77 -48.33
CA SER D 35 -42.91 -23.34 -46.99
C SER D 35 -43.08 -22.24 -45.93
N GLU D 36 -42.27 -21.19 -46.01
CA GLU D 36 -42.43 -20.08 -45.07
C GLU D 36 -43.81 -19.45 -45.21
N LEU D 37 -44.41 -19.56 -46.39
CA LEU D 37 -45.79 -19.13 -46.55
C LEU D 37 -46.71 -19.93 -45.64
N MET D 38 -46.45 -21.23 -45.46
CA MET D 38 -47.26 -22.02 -44.54
C MET D 38 -46.96 -21.67 -43.09
N PHE D 39 -45.71 -21.32 -42.79
CA PHE D 39 -45.42 -20.80 -41.46
C PHE D 39 -46.30 -19.58 -41.16
N PHE D 40 -46.28 -18.60 -42.06
CA PHE D 40 -47.13 -17.44 -41.89
C PHE D 40 -48.60 -17.83 -41.97
N ALA D 41 -48.93 -18.96 -42.59
CA ALA D 41 -50.29 -19.46 -42.56
C ALA D 41 -50.70 -19.86 -41.16
N GLY D 42 -49.81 -20.54 -40.44
CA GLY D 42 -50.08 -20.83 -39.05
C GLY D 42 -50.30 -19.56 -38.25
N LEU D 43 -49.46 -18.56 -38.48
CA LEU D 43 -49.63 -17.28 -37.78
C LEU D 43 -50.98 -16.65 -38.12
N PHE D 44 -51.35 -16.65 -39.40
CA PHE D 44 -52.62 -16.07 -39.82
C PHE D 44 -53.79 -16.83 -39.24
N ALA D 45 -53.68 -18.15 -39.15
CA ALA D 45 -54.73 -18.95 -38.53
C ALA D 45 -54.92 -18.56 -37.08
N MET D 46 -53.81 -18.38 -36.35
CA MET D 46 -53.92 -17.90 -34.98
C MET D 46 -54.67 -16.58 -34.93
N TYR D 47 -54.25 -15.61 -35.74
CA TYR D 47 -54.88 -14.30 -35.69
C TYR D 47 -56.37 -14.38 -36.03
N PHE D 48 -56.71 -15.15 -37.06
CA PHE D 48 -58.11 -15.20 -37.51
C PHE D 48 -58.99 -15.90 -36.49
N THR D 49 -58.51 -17.00 -35.89
CA THR D 49 -59.31 -17.66 -34.88
C THR D 49 -59.48 -16.77 -33.66
N ALA D 50 -58.48 -15.95 -33.34
CA ALA D 50 -58.66 -14.96 -32.30
C ALA D 50 -59.70 -13.93 -32.71
N ARG D 51 -59.70 -13.54 -33.99
CA ARG D 51 -60.66 -12.57 -34.47
C ARG D 51 -62.09 -13.08 -34.33
N ALA D 52 -62.32 -14.34 -34.69
CA ALA D 52 -63.68 -14.88 -34.62
C ALA D 52 -64.23 -14.83 -33.20
N GLN D 53 -63.36 -14.78 -32.19
CA GLN D 53 -63.75 -14.93 -30.80
C GLN D 53 -63.81 -13.61 -30.05
N ALA D 54 -63.87 -12.48 -30.74
CA ALA D 54 -64.03 -11.20 -30.07
C ALA D 54 -65.49 -10.75 -30.10
N GLY D 55 -65.87 -9.95 -29.12
CA GLY D 55 -67.26 -9.55 -28.95
C GLY D 55 -67.67 -8.41 -29.85
N GLY D 56 -67.41 -8.53 -31.15
CA GLY D 56 -67.85 -7.57 -32.12
C GLY D 56 -66.92 -6.38 -32.33
N ALA D 57 -65.99 -6.16 -31.42
CA ALA D 57 -65.01 -5.07 -31.51
C ALA D 57 -63.63 -5.72 -31.48
N TRP D 58 -63.16 -6.14 -32.65
CA TRP D 58 -61.94 -6.95 -32.71
C TRP D 58 -60.71 -6.22 -32.19
N PRO D 59 -60.45 -4.96 -32.53
CA PRO D 59 -59.43 -4.20 -31.80
C PRO D 59 -59.99 -3.71 -30.47
N PRO D 60 -59.54 -4.28 -29.34
CA PRO D 60 -60.08 -3.86 -28.04
C PRO D 60 -60.06 -2.35 -27.84
N GLU D 61 -60.77 -1.88 -26.82
CA GLU D 61 -60.81 -0.45 -26.54
C GLU D 61 -59.43 0.14 -26.33
N PRO D 62 -58.54 -0.44 -25.52
CA PRO D 62 -57.22 0.17 -25.34
C PRO D 62 -56.42 0.27 -26.63
N THR D 63 -56.58 -0.67 -27.56
CA THR D 63 -55.83 -0.66 -28.81
C THR D 63 -56.57 0.14 -29.86
N GLU D 64 -55.82 0.99 -30.58
CA GLU D 64 -56.36 1.73 -31.72
C GLU D 64 -55.25 1.76 -32.77
N LEU D 65 -55.46 1.04 -33.87
CA LEU D 65 -54.42 0.94 -34.89
C LEU D 65 -54.11 2.31 -35.48
N ASN D 66 -52.82 2.56 -35.71
CA ASN D 66 -52.34 3.83 -36.24
C ASN D 66 -52.03 3.65 -37.71
N LEU D 67 -52.94 4.10 -38.57
CA LEU D 67 -52.68 4.07 -40.01
C LEU D 67 -51.64 5.10 -40.41
N ALA D 68 -51.46 6.16 -39.62
CA ALA D 68 -50.50 7.20 -39.98
C ALA D 68 -49.10 6.62 -40.12
N LEU D 69 -48.71 5.74 -39.21
CA LEU D 69 -47.41 5.09 -39.26
C LEU D 69 -47.47 3.73 -39.93
N ALA D 70 -48.66 3.25 -40.30
CA ALA D 70 -48.80 1.94 -40.93
C ALA D 70 -48.78 2.02 -42.45
N VAL D 71 -49.48 2.99 -43.02
CA VAL D 71 -49.45 3.16 -44.47
C VAL D 71 -48.04 3.49 -44.96
N PRO D 72 -47.31 4.42 -44.35
CA PRO D 72 -45.96 4.70 -44.85
C PRO D 72 -45.03 3.50 -44.84
N VAL D 73 -45.13 2.62 -43.84
CA VAL D 73 -44.21 1.49 -43.78
C VAL D 73 -44.52 0.49 -44.88
N THR D 74 -45.79 0.22 -45.14
CA THR D 74 -46.13 -0.66 -46.26
C THR D 74 -45.74 -0.05 -47.59
N LEU D 75 -45.92 1.27 -47.75
CA LEU D 75 -45.47 1.92 -48.96
C LEU D 75 -43.97 1.80 -49.14
N VAL D 76 -43.22 1.97 -48.04
CA VAL D 76 -41.76 1.88 -48.11
C VAL D 76 -41.33 0.45 -48.43
N LEU D 77 -42.07 -0.54 -47.92
CA LEU D 77 -41.75 -1.92 -48.26
C LEU D 77 -42.02 -2.21 -49.73
N ILE D 78 -43.11 -1.66 -50.26
CA ILE D 78 -43.36 -1.81 -51.70
C ILE D 78 -42.25 -1.15 -52.51
N ALA D 79 -41.81 0.04 -52.09
CA ALA D 79 -40.72 0.71 -52.79
C ALA D 79 -39.43 -0.10 -52.70
N SER D 80 -39.17 -0.71 -51.54
CA SER D 80 -38.00 -1.56 -51.39
C SER D 80 -38.09 -2.76 -52.30
N SER D 81 -39.29 -3.32 -52.47
CA SER D 81 -39.48 -4.41 -53.41
C SER D 81 -39.14 -3.97 -54.83
N PHE D 82 -39.61 -2.79 -55.22
CA PHE D 82 -39.31 -2.29 -56.57
C PHE D 82 -37.81 -2.08 -56.75
N THR D 83 -37.15 -1.48 -55.76
CA THR D 83 -35.71 -1.26 -55.88
C THR D 83 -34.95 -2.58 -55.88
N CYS D 84 -35.43 -3.58 -55.15
CA CYS D 84 -34.82 -4.89 -55.22
C CYS D 84 -34.98 -5.50 -56.61
N GLN D 85 -36.12 -5.25 -57.25
CA GLN D 85 -36.30 -5.77 -58.61
C GLN D 85 -35.36 -5.06 -59.59
N MET D 86 -35.16 -3.75 -59.44
CA MET D 86 -34.15 -3.10 -60.29
C MET D 86 -32.74 -3.57 -59.94
N GLY D 87 -32.47 -3.88 -58.67
CA GLY D 87 -31.20 -4.49 -58.33
C GLY D 87 -31.01 -5.81 -59.04
N VAL D 88 -32.08 -6.60 -59.15
CA VAL D 88 -32.02 -7.84 -59.91
C VAL D 88 -31.73 -7.53 -61.38
N PHE D 89 -32.44 -6.55 -61.93
CA PHE D 89 -32.21 -6.18 -63.32
C PHE D 89 -30.75 -5.83 -63.57
N ALA D 90 -30.12 -5.15 -62.61
CA ALA D 90 -28.69 -4.90 -62.70
C ALA D 90 -27.89 -6.19 -62.56
N ALA D 91 -28.35 -7.10 -61.70
CA ALA D 91 -27.60 -8.31 -61.41
C ALA D 91 -27.51 -9.21 -62.64
N GLU D 92 -28.59 -9.35 -63.39
CA GLU D 92 -28.55 -10.20 -64.59
C GLU D 92 -27.40 -9.79 -65.51
N ARG D 93 -27.11 -8.50 -65.58
CA ARG D 93 -25.96 -8.02 -66.32
C ARG D 93 -24.71 -8.19 -65.47
N GLY D 94 -23.58 -7.72 -65.99
CA GLY D 94 -22.35 -7.75 -65.23
C GLY D 94 -22.21 -6.64 -64.22
N ASP D 95 -23.19 -5.76 -64.12
CA ASP D 95 -23.09 -4.55 -63.31
C ASP D 95 -23.27 -4.93 -61.85
N VAL D 96 -22.17 -5.32 -61.21
CA VAL D 96 -22.22 -5.55 -59.77
C VAL D 96 -22.45 -4.24 -59.04
N PHE D 97 -21.98 -3.14 -59.62
CA PHE D 97 -22.10 -1.85 -58.95
C PHE D 97 -23.55 -1.37 -58.90
N GLY D 98 -24.28 -1.54 -60.00
CA GLY D 98 -25.70 -1.21 -59.98
C GLY D 98 -26.47 -2.09 -59.02
N LEU D 99 -26.18 -3.39 -59.03
CA LEU D 99 -26.81 -4.29 -58.07
C LEU D 99 -26.54 -3.83 -56.65
N ARG D 100 -25.29 -3.45 -56.36
CA ARG D 100 -24.94 -3.03 -55.02
C ARG D 100 -25.69 -1.75 -54.64
N ARG D 101 -25.78 -0.80 -55.56
CA ARG D 101 -26.49 0.45 -55.26
C ARG D 101 -27.96 0.17 -54.97
N TRP D 102 -28.61 -0.59 -55.85
CA TRP D 102 -30.04 -0.86 -55.68
C TRP D 102 -30.30 -1.65 -54.40
N TYR D 103 -29.45 -2.65 -54.11
CA TYR D 103 -29.65 -3.42 -52.90
C TYR D 103 -29.31 -2.62 -51.66
N VAL D 104 -28.41 -1.66 -51.75
CA VAL D 104 -28.13 -0.79 -50.61
C VAL D 104 -29.34 0.07 -50.30
N ILE D 105 -29.96 0.66 -51.33
CA ILE D 105 -31.12 1.49 -51.06
C ILE D 105 -32.29 0.62 -50.59
N THR D 106 -32.40 -0.60 -51.12
CA THR D 106 -33.42 -1.53 -50.64
C THR D 106 -33.18 -1.88 -49.17
N PHE D 107 -31.93 -2.09 -48.79
CA PHE D 107 -31.61 -2.36 -47.40
C PHE D 107 -31.96 -1.17 -46.52
N LEU D 108 -31.67 0.04 -47.00
CA LEU D 108 -32.01 1.23 -46.22
C LEU D 108 -33.52 1.35 -46.03
N MET D 109 -34.29 1.09 -47.08
CA MET D 109 -35.75 1.19 -46.93
C MET D 109 -36.32 0.05 -46.08
N GLY D 110 -35.73 -1.14 -46.15
CA GLY D 110 -36.15 -2.21 -45.25
C GLY D 110 -35.84 -1.88 -43.80
N LEU D 111 -34.66 -1.30 -43.56
CA LEU D 111 -34.32 -0.86 -42.21
C LEU D 111 -35.26 0.23 -41.74
N PHE D 112 -35.65 1.14 -42.63
CA PHE D 112 -36.64 2.15 -42.25
C PHE D 112 -37.97 1.51 -41.91
N PHE D 113 -38.38 0.49 -42.67
CA PHE D 113 -39.60 -0.24 -42.34
C PHE D 113 -39.50 -0.87 -40.96
N VAL D 114 -38.35 -1.47 -40.66
CA VAL D 114 -38.16 -2.10 -39.34
C VAL D 114 -38.25 -1.07 -38.24
N LEU D 115 -37.58 0.08 -38.42
CA LEU D 115 -37.63 1.13 -37.40
C LEU D 115 -39.04 1.69 -37.23
N GLY D 116 -39.76 1.86 -38.34
CA GLY D 116 -41.14 2.32 -38.25
C GLY D 116 -42.02 1.33 -37.52
N GLN D 117 -41.85 0.04 -37.80
CA GLN D 117 -42.62 -0.97 -37.08
C GLN D 117 -42.27 -0.96 -35.59
N GLY D 118 -40.99 -0.79 -35.26
CA GLY D 118 -40.62 -0.70 -33.86
C GLY D 118 -41.22 0.51 -33.17
N TYR D 119 -41.24 1.65 -33.86
CA TYR D 119 -41.84 2.85 -33.31
C TYR D 119 -43.34 2.66 -33.09
N GLU D 120 -44.01 2.03 -34.06
CA GLU D 120 -45.43 1.76 -33.90
C GLU D 120 -45.67 0.79 -32.75
N TYR D 121 -44.78 -0.18 -32.57
CA TYR D 121 -44.88 -1.09 -31.43
C TYR D 121 -44.74 -0.32 -30.12
N ILE D 122 -43.79 0.61 -30.06
CA ILE D 122 -43.60 1.41 -28.85
C ILE D 122 -44.86 2.23 -28.56
N HIS D 123 -45.42 2.85 -29.60
CA HIS D 123 -46.64 3.62 -29.41
C HIS D 123 -47.78 2.72 -28.93
N LEU D 124 -47.91 1.53 -29.52
CA LEU D 124 -49.00 0.64 -29.15
C LEU D 124 -48.87 0.16 -27.71
N VAL D 125 -47.68 -0.30 -27.32
CA VAL D 125 -47.49 -0.75 -25.94
C VAL D 125 -47.70 0.38 -24.96
N GLU D 126 -47.17 1.56 -25.28
CA GLU D 126 -47.34 2.71 -24.40
C GLU D 126 -48.82 3.03 -24.21
N HIS D 127 -49.62 2.85 -25.26
CA HIS D 127 -51.07 3.00 -25.19
C HIS D 127 -51.75 1.64 -25.02
N GLY D 128 -51.37 0.93 -23.96
CA GLY D 128 -52.12 -0.23 -23.52
C GLY D 128 -51.78 -1.56 -24.14
N THR D 129 -52.09 -1.74 -25.42
CA THR D 129 -52.04 -3.06 -26.04
C THR D 129 -50.66 -3.70 -25.88
N THR D 130 -50.65 -4.97 -25.50
CA THR D 130 -49.43 -5.64 -25.11
C THR D 130 -49.64 -7.15 -25.20
N ILE D 131 -48.57 -7.89 -25.49
CA ILE D 131 -48.70 -9.33 -25.71
C ILE D 131 -49.30 -10.03 -24.50
N PRO D 132 -48.77 -9.90 -23.28
CA PRO D 132 -49.48 -10.42 -22.11
C PRO D 132 -50.77 -9.70 -21.81
N GLY D 133 -50.99 -8.50 -22.36
CA GLY D 133 -52.17 -7.73 -22.06
C GLY D 133 -53.47 -8.30 -22.59
N SER D 134 -53.50 -8.72 -23.85
CA SER D 134 -54.76 -9.08 -24.49
C SER D 134 -54.52 -10.06 -25.62
N ALA D 135 -55.60 -10.70 -26.05
CA ALA D 135 -55.51 -11.66 -27.16
C ALA D 135 -55.24 -10.94 -28.48
N TYR D 136 -55.96 -9.85 -28.75
CA TYR D 136 -55.66 -9.10 -29.96
C TYR D 136 -54.23 -8.61 -29.96
N GLY D 137 -53.80 -8.01 -28.85
CA GLY D 137 -52.44 -7.52 -28.78
C GLY D 137 -51.45 -8.63 -29.06
N SER D 138 -51.69 -9.81 -28.50
CA SER D 138 -50.72 -10.90 -28.62
C SER D 138 -50.69 -11.44 -30.04
N VAL D 139 -51.86 -11.68 -30.65
CA VAL D 139 -51.87 -12.21 -32.01
C VAL D 139 -51.28 -11.19 -32.98
N PHE D 140 -51.66 -9.92 -32.85
CA PHE D 140 -51.11 -8.89 -33.71
C PHE D 140 -49.60 -8.80 -33.57
N TYR D 141 -49.11 -8.73 -32.33
CA TYR D 141 -47.68 -8.62 -32.12
C TYR D 141 -46.96 -9.85 -32.64
N LEU D 142 -47.51 -11.04 -32.40
CA LEU D 142 -46.86 -12.25 -32.88
C LEU D 142 -46.74 -12.24 -34.40
N ALA D 143 -47.84 -11.96 -35.09
CA ALA D 143 -47.81 -11.98 -36.55
C ALA D 143 -46.85 -10.93 -37.10
N THR D 144 -47.03 -9.68 -36.67
CA THR D 144 -46.21 -8.60 -37.22
C THR D 144 -44.75 -8.73 -36.80
N GLY D 145 -44.47 -9.24 -35.61
CA GLY D 145 -43.10 -9.40 -35.17
C GLY D 145 -42.40 -10.57 -35.80
N PHE D 146 -43.11 -11.64 -36.11
CA PHE D 146 -42.49 -12.70 -36.90
C PHE D 146 -42.21 -12.23 -38.32
N HIS D 147 -43.14 -11.44 -38.89
CA HIS D 147 -42.82 -10.83 -40.17
C HIS D 147 -41.63 -9.88 -40.05
N GLY D 148 -41.51 -9.18 -38.92
CA GLY D 148 -40.38 -8.30 -38.73
C GLY D 148 -39.07 -9.06 -38.60
N LEU D 149 -39.11 -10.22 -37.95
CA LEU D 149 -37.94 -11.09 -37.92
C LEU D 149 -37.58 -11.56 -39.31
N HIS D 150 -38.58 -11.86 -40.13
CA HIS D 150 -38.32 -12.22 -41.52
C HIS D 150 -37.67 -11.05 -42.27
N VAL D 151 -38.16 -9.84 -42.03
CA VAL D 151 -37.58 -8.66 -42.67
C VAL D 151 -36.14 -8.47 -42.22
N ILE D 152 -35.87 -8.68 -40.94
CA ILE D 152 -34.51 -8.54 -40.43
C ILE D 152 -33.60 -9.60 -41.04
N GLY D 153 -34.12 -10.82 -41.21
CA GLY D 153 -33.36 -11.83 -41.91
C GLY D 153 -33.08 -11.45 -43.35
N GLY D 154 -34.04 -10.80 -44.00
CA GLY D 154 -33.80 -10.30 -45.35
C GLY D 154 -32.73 -9.22 -45.37
N LEU D 155 -32.73 -8.35 -44.36
CA LEU D 155 -31.67 -7.35 -44.25
C LEU D 155 -30.32 -8.02 -44.04
N VAL D 156 -30.29 -9.08 -43.23
CA VAL D 156 -29.05 -9.84 -43.05
C VAL D 156 -28.60 -10.43 -44.38
N ALA D 157 -29.54 -10.97 -45.15
CA ALA D 157 -29.18 -11.52 -46.45
C ALA D 157 -28.64 -10.43 -47.37
N PHE D 158 -29.26 -9.26 -47.35
CA PHE D 158 -28.78 -8.15 -48.18
C PHE D 158 -27.34 -7.80 -47.83
N VAL D 159 -27.06 -7.62 -46.54
CA VAL D 159 -25.71 -7.22 -46.14
C VAL D 159 -24.71 -8.32 -46.45
N LEU D 160 -25.08 -9.58 -46.21
CA LEU D 160 -24.18 -10.68 -46.49
C LEU D 160 -23.87 -10.77 -47.98
N LEU D 161 -24.88 -10.58 -48.82
CA LEU D 161 -24.65 -10.67 -50.27
C LEU D 161 -23.85 -9.49 -50.78
N LEU D 162 -24.06 -8.30 -50.21
CA LEU D 162 -23.21 -7.17 -50.59
C LEU D 162 -21.76 -7.43 -50.21
N ALA D 163 -21.53 -7.99 -49.03
CA ALA D 163 -20.17 -8.37 -48.66
C ALA D 163 -19.60 -9.39 -49.63
N ARG D 164 -20.42 -10.40 -49.99
CA ARG D 164 -19.96 -11.42 -50.91
C ARG D 164 -19.58 -10.83 -52.25
N THR D 165 -20.36 -9.86 -52.73
CA THR D 165 -20.01 -9.19 -53.97
C THR D 165 -18.72 -8.40 -53.81
N LYS D 166 -18.47 -7.82 -52.63
CA LYS D 166 -17.18 -7.18 -52.42
C LYS D 166 -16.04 -8.18 -52.55
N MET D 167 -16.19 -9.37 -51.96
CA MET D 167 -15.05 -10.24 -51.74
C MET D 167 -14.69 -11.12 -52.93
N SER D 168 -15.43 -11.05 -54.04
CA SER D 168 -15.11 -11.89 -55.18
C SER D 168 -15.66 -11.25 -56.45
N LYS D 169 -15.12 -11.70 -57.59
CA LYS D 169 -15.59 -11.20 -58.88
C LYS D 169 -17.06 -11.54 -59.06
N PHE D 170 -17.83 -10.56 -59.55
CA PHE D 170 -19.23 -10.81 -59.82
C PHE D 170 -19.36 -11.84 -60.92
N THR D 171 -19.95 -12.98 -60.58
CA THR D 171 -20.07 -14.12 -61.47
C THR D 171 -21.53 -14.53 -61.51
N PRO D 172 -21.93 -15.32 -62.50
CA PRO D 172 -23.35 -15.73 -62.56
C PRO D 172 -23.83 -16.38 -61.28
N ALA D 173 -22.93 -16.97 -60.48
CA ALA D 173 -23.35 -17.51 -59.19
C ALA D 173 -23.78 -16.40 -58.24
N GLN D 174 -23.04 -15.29 -58.20
CA GLN D 174 -23.46 -14.18 -57.36
C GLN D 174 -24.71 -13.52 -57.91
N ALA D 175 -24.86 -13.48 -59.24
CA ALA D 175 -26.10 -13.00 -59.82
C ALA D 175 -27.26 -13.86 -59.36
N THR D 176 -27.07 -15.18 -59.34
CA THR D 176 -28.11 -16.09 -58.85
C THR D 176 -28.42 -15.82 -57.38
N ALA D 177 -27.38 -15.60 -56.58
CA ALA D 177 -27.60 -15.30 -55.17
C ALA D 177 -28.43 -14.04 -55.03
N ALA D 178 -28.15 -13.02 -55.83
CA ALA D 178 -28.93 -11.78 -55.78
C ALA D 178 -30.37 -12.03 -56.19
N ILE D 179 -30.59 -12.85 -57.22
CA ILE D 179 -31.96 -13.15 -57.64
C ILE D 179 -32.71 -13.86 -56.53
N VAL D 180 -32.08 -14.82 -55.86
CA VAL D 180 -32.81 -15.55 -54.82
C VAL D 180 -33.08 -14.65 -53.63
N VAL D 181 -32.14 -13.77 -53.28
CA VAL D 181 -32.40 -12.82 -52.20
C VAL D 181 -33.55 -11.90 -52.57
N SER D 182 -33.62 -11.49 -53.84
CA SER D 182 -34.74 -10.69 -54.29
C SER D 182 -36.05 -11.46 -54.18
N TYR D 183 -36.02 -12.75 -54.52
CA TYR D 183 -37.21 -13.58 -54.35
C TYR D 183 -37.66 -13.57 -52.90
N TYR D 184 -36.71 -13.72 -51.97
CA TYR D 184 -37.07 -13.72 -50.56
C TYR D 184 -37.67 -12.38 -50.14
N TRP D 185 -37.06 -11.28 -50.59
CA TRP D 185 -37.58 -9.97 -50.22
C TRP D 185 -38.97 -9.74 -50.81
N HIS D 186 -39.19 -10.19 -52.04
CA HIS D 186 -40.52 -10.06 -52.64
C HIS D 186 -41.54 -10.86 -51.85
N PHE D 187 -41.16 -12.07 -51.40
CA PHE D 187 -42.06 -12.84 -50.55
C PHE D 187 -42.34 -12.10 -49.25
N VAL D 188 -41.32 -11.49 -48.66
CA VAL D 188 -41.49 -10.77 -47.41
C VAL D 188 -42.49 -9.63 -47.59
N ASP D 189 -42.33 -8.86 -48.66
CA ASP D 189 -43.24 -7.73 -48.87
C ASP D 189 -44.64 -8.21 -49.25
N ILE D 190 -44.76 -9.36 -49.92
CA ILE D 190 -46.07 -9.90 -50.24
C ILE D 190 -46.80 -10.31 -48.96
N VAL D 191 -46.11 -11.04 -48.08
CA VAL D 191 -46.74 -11.43 -46.83
C VAL D 191 -47.06 -10.18 -46.01
N TRP D 192 -46.25 -9.12 -46.15
CA TRP D 192 -46.62 -7.88 -45.47
C TRP D 192 -47.87 -7.26 -46.06
N ILE D 193 -48.01 -7.30 -47.38
CA ILE D 193 -49.23 -6.79 -47.99
C ILE D 193 -50.43 -7.50 -47.39
N ALA D 194 -50.33 -8.83 -47.30
CA ALA D 194 -51.42 -9.61 -46.72
C ALA D 194 -51.66 -9.22 -45.27
N LEU D 195 -50.59 -9.11 -44.48
CA LEU D 195 -50.71 -8.82 -43.06
C LEU D 195 -51.31 -7.44 -42.83
N PHE D 196 -50.86 -6.45 -43.61
CA PHE D 196 -51.40 -5.10 -43.48
C PHE D 196 -52.87 -5.04 -43.89
N ALA D 197 -53.22 -5.74 -44.98
CA ALA D 197 -54.62 -5.75 -45.41
C ALA D 197 -55.51 -6.38 -44.34
N THR D 198 -55.07 -7.49 -43.75
CA THR D 198 -55.89 -8.19 -42.77
C THR D 198 -55.94 -7.42 -41.44
N ILE D 199 -54.79 -6.98 -40.95
CA ILE D 199 -54.74 -6.32 -39.65
C ILE D 199 -55.39 -4.94 -39.71
N TYR D 200 -55.07 -4.16 -40.73
CA TYR D 200 -55.46 -2.76 -40.77
C TYR D 200 -56.70 -2.49 -41.63
N PHE D 201 -56.76 -3.08 -42.83
CA PHE D 201 -57.90 -2.83 -43.70
C PHE D 201 -59.09 -3.70 -43.33
N VAL D 202 -58.94 -5.01 -43.44
CA VAL D 202 -60.07 -5.91 -43.18
C VAL D 202 -60.46 -5.84 -41.70
N ARG D 203 -59.48 -5.90 -40.81
CA ARG D 203 -59.75 -5.87 -39.38
C ARG D 203 -60.79 -6.91 -38.99
N MET E 1 -39.64 -29.25 -68.57
CA MET E 1 -39.96 -29.23 -67.11
C MET E 1 -41.48 -29.12 -66.95
N HIS E 2 -42.20 -29.73 -67.89
CA HIS E 2 -43.66 -29.65 -67.87
C HIS E 2 -44.25 -30.51 -66.75
N ILE E 3 -43.70 -31.71 -66.54
CA ILE E 3 -44.28 -32.62 -65.55
C ILE E 3 -44.14 -32.04 -64.15
N GLU E 4 -42.98 -31.44 -63.85
CA GLU E 4 -42.76 -30.87 -62.53
C GLU E 4 -43.81 -29.80 -62.23
N ALA E 5 -44.01 -28.88 -63.16
CA ALA E 5 -45.02 -27.84 -62.97
C ALA E 5 -46.41 -28.44 -62.89
N ARG E 6 -46.71 -29.42 -63.74
CA ARG E 6 -48.07 -29.98 -63.79
C ARG E 6 -48.42 -30.66 -62.48
N LEU E 7 -47.45 -31.30 -61.84
CA LEU E 7 -47.70 -31.92 -60.54
C LEU E 7 -48.22 -30.89 -59.55
N PHE E 8 -47.52 -29.76 -59.43
CA PHE E 8 -47.94 -28.74 -58.49
C PHE E 8 -49.21 -28.04 -58.96
N GLU E 9 -49.48 -28.02 -60.26
CA GLU E 9 -50.75 -27.49 -60.73
C GLU E 9 -51.91 -28.38 -60.25
N ILE E 10 -51.73 -29.69 -60.34
CA ILE E 10 -52.76 -30.61 -59.86
C ILE E 10 -52.94 -30.44 -58.35
N LEU E 11 -51.83 -30.33 -57.61
CA LEU E 11 -51.94 -30.12 -56.17
C LEU E 11 -52.64 -28.81 -55.85
N THR E 12 -52.34 -27.75 -56.59
CA THR E 12 -53.01 -26.48 -56.40
C THR E 12 -54.51 -26.60 -56.65
N ALA E 13 -54.88 -27.30 -57.72
CA ALA E 13 -56.29 -27.48 -58.02
C ALA E 13 -57.00 -28.17 -56.87
N PHE E 14 -56.42 -29.29 -56.39
CA PHE E 14 -57.07 -30.01 -55.31
C PHE E 14 -57.14 -29.17 -54.05
N PHE E 15 -56.07 -28.45 -53.71
CA PHE E 15 -56.05 -27.69 -52.47
C PHE E 15 -57.02 -26.52 -52.52
N ALA E 16 -57.14 -25.88 -53.68
CA ALA E 16 -58.15 -24.84 -53.84
C ALA E 16 -59.55 -25.42 -53.67
N LEU E 17 -59.81 -26.56 -54.30
CA LEU E 17 -61.11 -27.21 -54.14
C LEU E 17 -61.39 -27.52 -52.67
N ALA E 18 -60.39 -28.08 -51.98
CA ALA E 18 -60.57 -28.47 -50.59
C ALA E 18 -60.81 -27.26 -49.71
N ALA E 19 -60.03 -26.19 -49.90
CA ALA E 19 -60.23 -24.98 -49.12
C ALA E 19 -61.62 -24.40 -49.35
N VAL E 20 -62.04 -24.33 -50.61
CA VAL E 20 -63.34 -23.74 -50.92
C VAL E 20 -64.47 -24.58 -50.31
N VAL E 21 -64.39 -25.90 -50.46
CA VAL E 21 -65.46 -26.75 -49.94
C VAL E 21 -65.48 -26.73 -48.41
N TYR E 22 -64.30 -26.73 -47.78
CA TYR E 22 -64.25 -26.65 -46.33
C TYR E 22 -64.84 -25.33 -45.83
N ALA E 23 -64.48 -24.22 -46.49
CA ALA E 23 -65.02 -22.93 -46.08
C ALA E 23 -66.54 -22.89 -46.28
N VAL E 24 -67.03 -23.42 -47.39
CA VAL E 24 -68.47 -23.38 -47.65
C VAL E 24 -69.22 -24.26 -46.66
N LEU E 25 -68.71 -25.46 -46.38
CA LEU E 25 -69.39 -26.40 -45.51
C LEU E 25 -69.15 -26.12 -44.03
N THR E 26 -68.26 -25.19 -43.70
CA THR E 26 -68.03 -24.79 -42.32
C THR E 26 -68.65 -23.45 -41.98
N ALA E 27 -68.77 -22.55 -42.96
CA ALA E 27 -69.51 -21.31 -42.74
C ALA E 27 -70.96 -21.61 -42.40
N MET E 28 -71.54 -22.60 -43.07
CA MET E 28 -72.83 -23.16 -42.73
C MET E 28 -72.64 -24.62 -42.34
N PHE E 29 -73.49 -25.11 -41.44
CA PHE E 29 -73.49 -26.47 -40.91
C PHE E 29 -72.45 -26.67 -39.82
N ALA E 30 -71.83 -25.60 -39.30
CA ALA E 30 -70.89 -25.69 -38.20
C ALA E 30 -71.38 -24.85 -37.04
N THR E 31 -70.97 -25.23 -35.82
CA THR E 31 -71.48 -24.61 -34.57
C THR E 31 -70.97 -23.17 -34.42
N GLY E 32 -69.80 -22.82 -34.98
CA GLY E 32 -69.28 -21.47 -34.91
C GLY E 32 -68.83 -20.92 -36.26
N GLY E 33 -69.56 -21.29 -37.32
CA GLY E 33 -69.18 -20.80 -38.63
C GLY E 33 -67.83 -21.33 -39.05
N VAL E 34 -67.15 -20.57 -39.91
CA VAL E 34 -65.87 -20.99 -40.44
C VAL E 34 -64.90 -21.24 -39.29
N GLU E 35 -64.14 -22.33 -39.40
CA GLU E 35 -63.18 -22.66 -38.35
C GLU E 35 -62.06 -21.63 -38.28
N TRP E 36 -61.65 -21.09 -39.44
CA TRP E 36 -60.64 -20.05 -39.54
C TRP E 36 -59.24 -20.57 -39.22
N ALA E 37 -59.14 -21.83 -38.82
CA ALA E 37 -57.84 -22.49 -38.63
C ALA E 37 -57.58 -23.48 -39.74
N GLY E 38 -58.49 -24.43 -39.97
CA GLY E 38 -58.36 -25.32 -41.11
C GLY E 38 -58.51 -24.57 -42.42
N THR E 39 -59.42 -23.62 -42.48
CA THR E 39 -59.65 -22.89 -43.73
C THR E 39 -58.40 -22.11 -44.13
N THR E 40 -57.80 -21.38 -43.19
CA THR E 40 -56.60 -20.60 -43.51
C THR E 40 -55.44 -21.52 -43.88
N ALA E 41 -55.27 -22.62 -43.16
CA ALA E 41 -54.21 -23.56 -43.48
C ALA E 41 -54.38 -24.12 -44.89
N LEU E 42 -55.61 -24.50 -45.25
CA LEU E 42 -55.86 -25.01 -46.59
C LEU E 42 -55.62 -23.93 -47.64
N VAL E 43 -56.06 -22.71 -47.38
CA VAL E 43 -55.87 -21.63 -48.33
C VAL E 43 -54.38 -21.39 -48.58
N LEU E 44 -53.59 -21.35 -47.51
CA LEU E 44 -52.18 -21.01 -47.69
C LEU E 44 -51.32 -22.20 -48.09
N THR E 45 -51.78 -23.44 -47.91
CA THR E 45 -51.10 -24.55 -48.58
C THR E 45 -51.44 -24.57 -50.07
N THR E 46 -52.67 -24.20 -50.43
CA THR E 46 -52.97 -23.92 -51.83
C THR E 46 -52.01 -22.86 -52.36
N GLY E 47 -51.74 -21.83 -51.56
CA GLY E 47 -50.80 -20.80 -51.97
C GLY E 47 -49.38 -21.32 -52.09
N LEU E 48 -48.97 -22.18 -51.16
CA LEU E 48 -47.67 -22.85 -51.25
C LEU E 48 -47.51 -23.54 -52.59
N THR E 49 -48.41 -24.47 -52.88
CA THR E 49 -48.35 -25.18 -54.15
C THR E 49 -48.49 -24.23 -55.32
N LEU E 50 -49.24 -23.14 -55.15
CA LEU E 50 -49.40 -22.18 -56.23
C LEU E 50 -48.08 -21.48 -56.55
N ILE E 51 -47.35 -21.06 -55.52
CA ILE E 51 -46.06 -20.43 -55.73
C ILE E 51 -45.12 -21.39 -56.45
N THR E 52 -45.01 -22.61 -55.91
CA THR E 52 -44.08 -23.56 -56.51
C THR E 52 -44.46 -23.90 -57.94
N GLY E 53 -45.75 -24.16 -58.18
CA GLY E 53 -46.18 -24.53 -59.50
C GLY E 53 -46.09 -23.40 -60.50
N THR E 54 -46.38 -22.17 -60.07
CA THR E 54 -46.25 -21.03 -60.95
C THR E 54 -44.79 -20.82 -61.35
N PHE E 55 -43.87 -20.94 -60.39
CA PHE E 55 -42.45 -20.84 -60.73
C PHE E 55 -42.06 -21.94 -61.70
N PHE E 56 -42.50 -23.18 -61.44
CA PHE E 56 -42.14 -24.30 -62.30
C PHE E 56 -42.72 -24.13 -63.71
N ARG E 57 -43.95 -23.62 -63.81
CA ARG E 57 -44.56 -23.43 -65.12
C ARG E 57 -43.86 -22.31 -65.88
N PHE E 58 -43.52 -21.22 -65.20
CA PHE E 58 -42.75 -20.16 -65.85
C PHE E 58 -41.43 -20.70 -66.36
N VAL E 59 -40.74 -21.50 -65.54
CA VAL E 59 -39.47 -22.06 -65.96
C VAL E 59 -39.66 -22.98 -67.16
N ALA E 60 -40.68 -23.84 -67.10
CA ALA E 60 -40.90 -24.78 -68.19
C ALA E 60 -41.19 -24.07 -69.50
N ARG E 61 -42.02 -23.02 -69.45
CA ARG E 61 -42.26 -22.24 -70.65
C ARG E 61 -40.97 -21.58 -71.13
N ARG E 62 -40.16 -21.08 -70.19
CA ARG E 62 -38.91 -20.41 -70.53
C ARG E 62 -37.83 -21.38 -71.00
N LEU E 63 -37.90 -22.64 -70.59
CA LEU E 63 -36.81 -23.60 -70.81
C LEU E 63 -37.15 -24.54 -71.95
N ASP E 64 -36.19 -24.74 -72.85
CA ASP E 64 -36.30 -25.77 -73.86
C ASP E 64 -36.17 -27.15 -73.21
N THR E 65 -36.76 -28.14 -73.87
CA THR E 65 -36.75 -29.51 -73.33
C THR E 65 -35.34 -29.96 -73.01
N ARG E 66 -35.09 -30.23 -71.74
CA ARG E 66 -33.82 -30.80 -71.33
C ARG E 66 -33.80 -32.30 -71.62
N PRO E 67 -32.62 -32.91 -71.66
CA PRO E 67 -32.60 -34.37 -71.73
C PRO E 67 -33.36 -35.02 -70.59
N GLU E 68 -33.28 -34.42 -69.40
CA GLU E 68 -33.98 -34.98 -68.24
C GLU E 68 -35.48 -35.04 -68.49
N ASP E 69 -36.00 -34.18 -69.35
CA ASP E 69 -37.42 -34.19 -69.71
C ASP E 69 -37.67 -34.87 -71.04
N TYR E 70 -36.64 -35.40 -71.70
CA TYR E 70 -36.76 -35.94 -73.05
C TYR E 70 -36.62 -37.45 -73.01
N GLU E 71 -37.64 -38.16 -73.47
CA GLU E 71 -37.52 -39.58 -73.70
C GLU E 71 -36.63 -39.83 -74.92
N ASP E 72 -36.05 -41.03 -74.98
CA ASP E 72 -35.12 -41.39 -76.04
C ASP E 72 -33.84 -40.55 -75.99
N ALA E 73 -33.58 -39.90 -74.86
CA ALA E 73 -32.40 -39.08 -74.71
C ALA E 73 -31.21 -39.96 -74.33
N GLU E 74 -30.12 -39.81 -75.06
CA GLU E 74 -28.91 -40.56 -74.78
C GLU E 74 -28.17 -39.90 -73.61
N ILE E 75 -27.38 -40.71 -72.90
CA ILE E 75 -26.64 -40.19 -71.76
C ILE E 75 -25.72 -39.05 -72.21
N SER E 76 -25.04 -39.24 -73.34
CA SER E 76 -24.12 -38.22 -73.82
C SER E 76 -24.82 -36.89 -74.09
N ASP E 77 -26.14 -36.90 -74.28
CA ASP E 77 -26.86 -35.64 -74.45
C ASP E 77 -26.72 -34.76 -73.22
N GLY E 78 -26.80 -35.36 -72.04
CA GLY E 78 -26.68 -34.60 -70.81
C GLY E 78 -25.26 -34.33 -70.36
N ALA E 79 -24.27 -34.78 -71.12
CA ALA E 79 -22.88 -34.59 -70.74
C ALA E 79 -22.52 -33.12 -70.73
N GLY E 80 -21.62 -32.75 -69.83
CA GLY E 80 -21.19 -31.38 -69.73
C GLY E 80 -20.80 -31.06 -68.29
N GLU E 81 -20.39 -29.81 -68.09
CA GLU E 81 -19.93 -29.35 -66.78
C GLU E 81 -21.15 -29.02 -65.92
N LEU E 82 -21.52 -29.95 -65.05
CA LEU E 82 -22.54 -29.66 -64.05
C LEU E 82 -22.03 -28.57 -63.12
N GLY E 83 -22.95 -27.80 -62.56
CA GLY E 83 -22.56 -26.65 -61.77
C GLY E 83 -21.74 -26.99 -60.55
N PHE E 84 -21.42 -25.96 -59.77
CA PHE E 84 -20.65 -26.15 -58.55
C PHE E 84 -21.47 -26.90 -57.51
N PHE E 85 -20.85 -27.90 -56.90
CA PHE E 85 -21.45 -28.68 -55.82
C PHE E 85 -20.55 -28.57 -54.60
N ALA E 86 -21.01 -27.83 -53.60
CA ALA E 86 -20.20 -27.48 -52.44
C ALA E 86 -19.48 -28.70 -51.89
N PRO E 87 -18.15 -28.76 -51.99
CA PRO E 87 -17.42 -29.87 -51.36
C PRO E 87 -17.39 -29.74 -49.85
N HIS E 88 -16.58 -30.58 -49.21
CA HIS E 88 -16.48 -30.63 -47.75
C HIS E 88 -16.56 -29.26 -47.11
N SER E 89 -17.41 -29.12 -46.10
CA SER E 89 -17.56 -27.85 -45.38
C SER E 89 -17.99 -28.16 -43.95
N TRP E 90 -17.33 -27.51 -42.98
CA TRP E 90 -17.66 -27.67 -41.58
C TRP E 90 -18.56 -26.56 -41.06
N TRP E 91 -19.01 -25.67 -41.92
CA TRP E 91 -19.84 -24.56 -41.50
C TRP E 91 -21.26 -25.04 -41.19
N PRO E 92 -21.78 -26.05 -41.88
CA PRO E 92 -23.13 -26.54 -41.51
C PRO E 92 -23.24 -26.99 -40.06
N ILE E 93 -22.26 -27.71 -39.54
CA ILE E 93 -22.35 -28.17 -38.15
C ILE E 93 -22.26 -26.98 -37.19
N LEU E 94 -21.45 -25.98 -37.53
CA LEU E 94 -21.38 -24.79 -36.70
C LEU E 94 -22.69 -24.02 -36.72
N ILE E 95 -23.33 -23.93 -37.88
CA ILE E 95 -24.64 -23.29 -37.96
C ILE E 95 -25.64 -24.05 -37.10
N SER E 96 -25.61 -25.37 -37.17
CA SER E 96 -26.51 -26.17 -36.36
C SER E 96 -26.28 -25.95 -34.87
N LEU E 97 -25.01 -25.89 -34.46
CA LEU E 97 -24.71 -25.66 -33.05
C LEU E 97 -25.15 -24.28 -32.61
N SER E 98 -24.95 -23.27 -33.44
CA SER E 98 -25.39 -21.92 -33.09
C SER E 98 -26.90 -21.85 -32.98
N PHE E 99 -27.61 -22.49 -33.91
CA PHE E 99 -29.06 -22.50 -33.81
C PHE E 99 -29.53 -23.29 -32.60
N SER E 100 -28.81 -24.35 -32.22
CA SER E 100 -29.16 -25.08 -31.01
C SER E 100 -28.93 -24.22 -29.77
N THR E 101 -27.87 -23.41 -29.76
CA THR E 101 -27.65 -22.47 -28.66
C THR E 101 -28.80 -21.48 -28.57
N ALA E 102 -29.19 -20.89 -29.71
CA ALA E 102 -30.33 -19.98 -29.71
C ALA E 102 -31.60 -20.69 -29.28
N ALA E 103 -31.76 -21.96 -29.66
CA ALA E 103 -32.97 -22.70 -29.31
C ALA E 103 -33.05 -22.97 -27.82
N VAL E 104 -31.94 -23.36 -27.21
CA VAL E 104 -31.95 -23.56 -25.76
C VAL E 104 -32.15 -22.24 -25.05
N GLY E 105 -31.57 -21.16 -25.57
CA GLY E 105 -31.83 -19.85 -25.00
C GLY E 105 -33.29 -19.46 -25.08
N ALA E 106 -33.98 -19.89 -26.14
CA ALA E 106 -35.42 -19.65 -26.24
C ALA E 106 -36.18 -20.51 -25.24
N ALA E 107 -35.88 -21.81 -25.20
CA ALA E 107 -36.56 -22.72 -24.30
C ALA E 107 -36.33 -22.30 -22.86
N LEU E 108 -35.08 -22.37 -22.42
CA LEU E 108 -34.69 -21.78 -21.15
C LEU E 108 -34.62 -20.27 -21.34
N TRP E 109 -35.54 -19.54 -20.74
CA TRP E 109 -35.64 -18.13 -21.12
C TRP E 109 -34.42 -17.39 -20.62
N LEU E 110 -33.36 -17.41 -21.43
CA LEU E 110 -32.08 -16.80 -21.13
C LEU E 110 -31.78 -15.78 -22.22
N PRO E 111 -32.25 -14.53 -22.07
CA PRO E 111 -32.06 -13.56 -23.16
C PRO E 111 -30.61 -13.42 -23.58
N TRP E 112 -29.67 -13.48 -22.64
CA TRP E 112 -28.27 -13.45 -23.01
C TRP E 112 -27.91 -14.62 -23.91
N LEU E 113 -28.42 -15.81 -23.59
CA LEU E 113 -28.13 -16.97 -24.41
C LEU E 113 -28.79 -16.86 -25.78
N ILE E 114 -29.99 -16.29 -25.83
CA ILE E 114 -30.64 -16.07 -27.13
C ILE E 114 -29.81 -15.12 -27.98
N ALA E 115 -29.31 -14.04 -27.38
CA ALA E 115 -28.50 -13.08 -28.12
C ALA E 115 -27.20 -13.73 -28.60
N ALA E 116 -26.56 -14.50 -27.72
CA ALA E 116 -25.31 -15.17 -28.10
C ALA E 116 -25.58 -16.17 -29.23
N GLY E 117 -26.68 -16.91 -29.15
CA GLY E 117 -27.00 -17.84 -30.21
C GLY E 117 -27.30 -17.15 -31.52
N VAL E 118 -27.99 -16.01 -31.47
CA VAL E 118 -28.25 -15.26 -32.70
C VAL E 118 -26.95 -14.76 -33.30
N ALA E 119 -26.04 -14.24 -32.48
CA ALA E 119 -24.74 -13.81 -32.99
C ALA E 119 -23.99 -14.98 -33.60
N PHE E 120 -24.01 -16.13 -32.94
CA PHE E 120 -23.33 -17.31 -33.48
C PHE E 120 -23.96 -17.74 -34.80
N VAL E 121 -25.29 -17.66 -34.90
CA VAL E 121 -25.98 -18.05 -36.13
C VAL E 121 -25.58 -17.12 -37.25
N ILE E 122 -25.54 -15.82 -36.99
CA ILE E 122 -25.14 -14.88 -38.03
C ILE E 122 -23.71 -15.16 -38.47
N THR E 123 -22.82 -15.38 -37.50
CA THR E 123 -21.40 -15.62 -37.84
C THR E 123 -21.24 -16.90 -38.65
N SER E 124 -21.93 -17.97 -38.26
CA SER E 124 -21.78 -19.24 -38.95
C SER E 124 -22.44 -19.22 -40.32
N VAL E 125 -23.56 -18.52 -40.46
CA VAL E 125 -24.16 -18.36 -41.78
C VAL E 125 -23.26 -17.52 -42.68
N CYS E 126 -22.60 -16.51 -42.11
CA CYS E 126 -21.61 -15.76 -42.87
C CYS E 126 -20.49 -16.67 -43.35
N GLY E 127 -20.00 -17.52 -42.46
CA GLY E 127 -18.94 -18.45 -42.86
C GLY E 127 -19.39 -19.38 -43.97
N LEU E 128 -20.60 -19.93 -43.83
CA LEU E 128 -21.11 -20.84 -44.85
C LEU E 128 -21.29 -20.13 -46.19
N VAL E 129 -21.84 -18.92 -46.16
CA VAL E 129 -22.15 -18.21 -47.39
C VAL E 129 -20.87 -17.76 -48.09
N PHE E 130 -19.90 -17.29 -47.32
CA PHE E 130 -18.66 -16.76 -47.85
C PHE E 130 -17.59 -17.84 -48.05
N GLU E 131 -17.88 -19.09 -47.68
CA GLU E 131 -16.84 -20.11 -47.70
C GLU E 131 -16.19 -20.22 -49.06
N TYR E 132 -17.00 -20.19 -50.13
CA TYR E 132 -16.50 -20.36 -51.48
C TYR E 132 -16.34 -19.03 -52.22
N TYR E 133 -16.23 -17.92 -51.47
CA TYR E 133 -15.97 -16.61 -52.06
C TYR E 133 -14.87 -15.82 -51.37
N TRP E 134 -14.41 -16.23 -50.20
CA TRP E 134 -13.38 -15.48 -49.47
C TRP E 134 -12.07 -15.43 -50.23
N GLY E 135 -11.79 -14.31 -50.89
CA GLY E 135 -10.60 -14.20 -51.70
C GLY E 135 -9.35 -14.49 -50.90
N PRO E 136 -8.24 -14.75 -51.59
CA PRO E 136 -6.99 -15.03 -50.87
C PRO E 136 -6.59 -13.87 -49.98
N GLU E 137 -5.97 -14.20 -48.85
CA GLU E 137 -5.48 -13.17 -47.95
C GLU E 137 -4.38 -12.37 -48.64
N LYS E 138 -4.50 -11.04 -48.60
CA LYS E 138 -3.56 -10.15 -49.27
C LYS E 138 -2.43 -9.69 -48.36
N HIS E 139 -2.44 -10.08 -47.09
CA HIS E 139 -1.42 -9.65 -46.15
C HIS E 139 -1.43 -8.13 -46.02
N MET F 1 -51.15 -59.87 -10.50
CA MET F 1 -51.46 -61.31 -10.23
C MET F 1 -50.18 -62.14 -10.21
N SER F 2 -49.80 -62.60 -9.02
CA SER F 2 -48.61 -63.43 -8.84
C SER F 2 -47.39 -62.75 -9.46
N THR F 3 -47.03 -61.61 -8.88
CA THR F 3 -45.94 -60.77 -9.37
C THR F 3 -44.74 -61.61 -9.80
N ALA F 4 -44.34 -62.58 -8.98
CA ALA F 4 -43.20 -63.41 -9.32
C ALA F 4 -43.47 -64.18 -10.61
N LEU F 5 -44.66 -64.77 -10.73
CA LEU F 5 -44.98 -65.58 -11.91
C LEU F 5 -44.91 -64.76 -13.18
N THR F 6 -45.59 -63.62 -13.22
CA THR F 6 -45.64 -62.85 -14.46
C THR F 6 -44.32 -62.15 -14.74
N HIS F 7 -43.58 -61.75 -13.70
CA HIS F 7 -42.24 -61.21 -13.93
C HIS F 7 -41.34 -62.26 -14.55
N GLY F 8 -41.39 -63.49 -14.04
CA GLY F 8 -40.64 -64.57 -14.67
C GLY F 8 -41.09 -64.81 -16.09
N LEU F 9 -42.40 -64.71 -16.35
CA LEU F 9 -42.89 -64.90 -17.71
C LEU F 9 -42.33 -63.84 -18.65
N ILE F 10 -42.46 -62.56 -18.28
CA ILE F 10 -41.99 -61.50 -19.16
C ILE F 10 -40.48 -61.56 -19.33
N GLY F 11 -39.76 -62.08 -18.32
CA GLY F 11 -38.32 -62.19 -18.44
C GLY F 11 -37.86 -63.40 -19.23
N GLY F 12 -38.66 -64.47 -19.26
CA GLY F 12 -38.23 -65.71 -19.86
C GLY F 12 -38.79 -66.00 -21.24
N VAL F 13 -40.09 -65.76 -21.43
CA VAL F 13 -40.71 -66.03 -22.73
C VAL F 13 -39.94 -65.34 -23.85
N PRO F 14 -39.56 -64.06 -23.75
CA PRO F 14 -38.67 -63.48 -24.77
C PRO F 14 -37.39 -64.27 -24.93
N LEU F 15 -36.70 -64.57 -23.82
CA LEU F 15 -35.44 -65.29 -23.91
C LEU F 15 -35.65 -66.70 -24.47
N VAL F 16 -36.72 -67.38 -24.04
CA VAL F 16 -36.97 -68.74 -24.52
C VAL F 16 -37.23 -68.73 -26.01
N LEU F 17 -38.08 -67.80 -26.48
CA LEU F 17 -38.36 -67.70 -27.90
C LEU F 17 -37.11 -67.36 -28.68
N PHE F 18 -36.28 -66.46 -28.14
CA PHE F 18 -35.04 -66.09 -28.81
C PHE F 18 -34.13 -67.31 -28.95
N ALA F 19 -34.01 -68.12 -27.90
CA ALA F 19 -33.17 -69.31 -27.97
C ALA F 19 -33.72 -70.30 -28.99
N VAL F 20 -35.04 -70.49 -28.99
CA VAL F 20 -35.64 -71.44 -29.94
C VAL F 20 -35.38 -71.00 -31.37
N LEU F 21 -35.60 -69.71 -31.66
CA LEU F 21 -35.39 -69.22 -33.02
C LEU F 21 -33.92 -69.24 -33.39
N ALA F 22 -33.02 -68.97 -32.43
CA ALA F 22 -31.59 -69.05 -32.73
C ALA F 22 -31.19 -70.46 -33.08
N LEU F 23 -31.70 -71.45 -32.35
CA LEU F 23 -31.45 -72.85 -32.72
C LEU F 23 -32.01 -73.14 -34.12
N ILE F 24 -33.20 -72.61 -34.41
CA ILE F 24 -33.83 -72.90 -35.70
C ILE F 24 -33.00 -72.34 -36.85
N PHE F 25 -32.53 -71.10 -36.71
CA PHE F 25 -31.90 -70.38 -37.82
C PHE F 25 -30.38 -70.42 -37.77
N LEU F 26 -29.79 -69.98 -36.66
CA LEU F 26 -28.34 -69.89 -36.59
C LEU F 26 -27.66 -71.25 -36.76
N THR F 27 -28.41 -72.34 -36.56
CA THR F 27 -27.88 -73.69 -36.77
C THR F 27 -28.10 -74.20 -38.18
N ARG F 28 -28.23 -73.30 -39.16
CA ARG F 28 -28.43 -73.66 -40.55
C ARG F 28 -27.17 -73.36 -41.34
N LYS F 29 -26.86 -74.22 -42.31
CA LYS F 29 -25.68 -74.00 -43.15
C LYS F 29 -25.77 -72.65 -43.84
N GLY F 30 -24.69 -71.89 -43.76
CA GLY F 30 -24.64 -70.59 -44.38
C GLY F 30 -24.29 -70.68 -45.85
N PRO F 31 -24.41 -69.53 -46.54
CA PRO F 31 -24.05 -69.50 -47.96
C PRO F 31 -22.56 -69.50 -48.23
N HIS F 32 -21.73 -69.29 -47.23
CA HIS F 32 -20.28 -69.30 -47.44
C HIS F 32 -19.83 -70.71 -47.81
N PRO F 33 -18.95 -70.85 -48.81
CA PRO F 33 -18.47 -72.19 -49.16
C PRO F 33 -17.73 -72.85 -48.01
N ASP F 34 -17.89 -74.16 -47.91
CA ASP F 34 -17.20 -74.93 -46.89
C ASP F 34 -15.70 -74.91 -47.15
N THR F 35 -14.92 -75.00 -46.07
CA THR F 35 -13.47 -74.93 -46.18
C THR F 35 -12.95 -76.02 -47.10
N TYR F 36 -11.94 -75.67 -47.89
CA TYR F 36 -11.39 -76.61 -48.87
C TYR F 36 -10.52 -77.64 -48.16
N LYS F 37 -10.93 -78.90 -48.22
CA LYS F 37 -10.14 -79.97 -47.62
C LYS F 37 -8.91 -80.24 -48.46
N MET F 38 -7.79 -80.50 -47.80
CA MET F 38 -6.54 -80.72 -48.51
C MET F 38 -6.62 -81.94 -49.42
N SER F 39 -7.22 -83.02 -48.93
CA SER F 39 -7.32 -84.23 -49.74
C SER F 39 -8.15 -84.00 -51.00
N ASP F 40 -9.26 -83.28 -50.87
CA ASP F 40 -10.12 -83.04 -52.01
C ASP F 40 -9.38 -82.21 -53.07
N PRO F 41 -9.66 -82.43 -54.36
CA PRO F 41 -8.99 -81.65 -55.39
C PRO F 41 -9.35 -80.17 -55.29
N TRP F 42 -8.43 -79.33 -55.77
CA TRP F 42 -8.67 -77.89 -55.84
C TRP F 42 -9.68 -77.62 -56.95
N THR F 43 -10.93 -77.35 -56.58
CA THR F 43 -11.99 -77.13 -57.54
C THR F 43 -12.20 -75.65 -57.86
N HIS F 44 -11.83 -74.76 -56.93
CA HIS F 44 -12.03 -73.34 -57.15
C HIS F 44 -11.13 -72.84 -58.27
N ALA F 45 -11.54 -71.73 -58.87
CA ALA F 45 -10.76 -71.11 -59.93
C ALA F 45 -9.44 -70.57 -59.38
N PRO F 46 -8.45 -70.35 -60.24
CA PRO F 46 -7.17 -69.84 -59.74
C PRO F 46 -7.35 -68.56 -58.95
N ILE F 47 -6.61 -68.45 -57.84
CA ILE F 47 -6.70 -67.33 -56.92
C ILE F 47 -5.36 -66.63 -56.90
N LEU F 48 -5.38 -65.31 -57.01
CA LEU F 48 -4.20 -64.48 -56.80
C LEU F 48 -4.56 -63.38 -55.81
N TRP F 49 -3.82 -63.33 -54.71
CA TRP F 49 -4.03 -62.33 -53.68
C TRP F 49 -2.81 -61.43 -53.59
N ALA F 50 -3.04 -60.14 -53.38
CA ALA F 50 -1.97 -59.17 -53.30
C ALA F 50 -2.21 -58.26 -52.11
N ALA F 51 -1.12 -57.65 -51.62
CA ALA F 51 -1.19 -56.90 -50.38
C ALA F 51 -1.85 -55.54 -50.54
N GLU F 52 -1.64 -54.85 -51.66
CA GLU F 52 -1.96 -53.43 -51.79
C GLU F 52 -1.26 -52.61 -50.72
N GLU F 53 -0.13 -53.15 -50.23
CA GLU F 53 0.60 -52.62 -49.10
C GLU F 53 1.42 -51.39 -49.49
N PRO F 54 2.30 -51.47 -50.47
CA PRO F 54 3.22 -50.36 -50.73
C PRO F 54 2.62 -49.32 -51.66
N ARG F 55 3.02 -48.05 -51.46
CA ARG F 55 2.42 -46.93 -52.20
C ARG F 55 2.72 -47.18 -53.67
N GLU F 56 1.84 -46.76 -54.58
CA GLU F 56 1.98 -46.99 -56.04
C GLU F 56 2.46 -45.69 -56.69
N HIS F 57 3.01 -44.73 -55.93
CA HIS F 57 3.40 -43.38 -56.45
C HIS F 57 2.12 -42.76 -57.03
N GLY F 58 1.96 -42.69 -58.36
CA GLY F 58 0.73 -42.19 -58.98
C GLY F 58 -0.41 -43.17 -58.78
N HIS F 59 -1.66 -42.73 -58.89
CA HIS F 59 -2.88 -43.58 -58.76
C HIS F 59 -3.27 -44.00 -60.18
N GLY F 60 -3.36 -43.05 -61.10
CA GLY F 60 -3.73 -43.26 -62.48
C GLY F 60 -2.95 -44.37 -63.15
N GLY F 61 -3.66 -45.29 -63.80
CA GLY F 61 -2.99 -46.41 -64.44
C GLY F 61 -2.03 -45.97 -65.52
N HIS F 62 -2.39 -44.93 -66.28
CA HIS F 62 -1.53 -44.44 -67.34
C HIS F 62 -0.19 -43.98 -66.77
N GLY F 63 0.92 -44.26 -67.48
CA GLY F 63 2.27 -43.83 -67.06
C GLY F 63 2.89 -44.80 -66.09
N HIS F 64 2.27 -45.97 -65.86
CA HIS F 64 2.85 -47.05 -65.01
C HIS F 64 3.61 -47.98 -65.96
N ASP F 65 3.08 -48.26 -67.17
CA ASP F 65 3.77 -49.01 -68.20
C ASP F 65 4.13 -50.41 -67.71
N SER F 66 4.83 -51.18 -68.55
CA SER F 66 5.27 -52.54 -68.23
C SER F 66 6.77 -52.59 -68.47
N HIS F 67 7.58 -52.21 -67.48
CA HIS F 67 9.06 -52.18 -67.62
C HIS F 67 9.51 -53.64 -67.70
N GLY F 68 9.40 -54.43 -66.62
CA GLY F 68 9.68 -55.86 -66.67
C GLY F 68 9.23 -56.60 -65.42
N VAL F 69 8.98 -57.91 -65.52
CA VAL F 69 8.72 -58.74 -64.30
C VAL F 69 10.07 -58.78 -63.59
N VAL F 70 11.19 -58.82 -64.33
CA VAL F 70 12.58 -58.75 -63.79
C VAL F 70 12.71 -59.73 -62.61
N ILE F 71 12.45 -61.01 -62.84
CA ILE F 71 12.40 -62.01 -61.72
C ILE F 71 13.72 -61.94 -60.98
N GLY F 72 13.67 -61.93 -59.65
CA GLY F 72 14.85 -61.81 -58.79
C GLY F 72 14.97 -62.98 -57.84
N GLY F 73 14.76 -64.23 -58.31
CA GLY F 73 15.00 -65.41 -57.50
C GLY F 73 13.90 -66.43 -57.62
N GLY F 74 14.03 -67.55 -56.91
CA GLY F 74 13.03 -68.59 -56.96
C GLY F 74 13.23 -69.59 -55.85
N ALA F 75 12.15 -70.32 -55.56
CA ALA F 75 12.17 -71.37 -54.56
C ALA F 75 11.05 -72.34 -54.88
N SER F 76 11.08 -73.51 -54.25
CA SER F 76 10.08 -74.53 -54.53
C SER F 76 10.00 -75.50 -53.36
N GLY F 77 8.89 -76.22 -53.29
CA GLY F 77 8.68 -77.20 -52.25
C GLY F 77 7.59 -78.17 -52.63
N LYS F 78 7.65 -79.36 -52.06
CA LYS F 78 6.71 -80.45 -52.35
C LYS F 78 5.96 -80.88 -51.10
N TRP F 79 5.54 -79.91 -50.29
CA TRP F 79 4.90 -80.20 -49.00
C TRP F 79 5.84 -81.02 -48.13
N GLU G 1 -15.16 -63.09 -76.78
CA GLU G 1 -15.55 -62.28 -75.63
C GLU G 1 -16.95 -62.67 -75.16
N LEU G 2 -17.13 -62.71 -73.84
CA LEU G 2 -18.42 -63.10 -73.26
C LEU G 2 -18.44 -62.68 -71.80
N ASP G 3 -19.48 -61.95 -71.40
CA ASP G 3 -19.66 -61.60 -70.00
C ASP G 3 -19.97 -62.85 -69.19
N LEU G 4 -20.17 -62.67 -67.89
CA LEU G 4 -20.48 -63.79 -67.01
C LEU G 4 -21.65 -64.58 -67.60
N PRO G 5 -21.82 -65.84 -67.22
CA PRO G 5 -22.87 -66.65 -67.86
C PRO G 5 -24.24 -66.01 -67.87
N TYR G 6 -24.52 -65.13 -66.91
CA TYR G 6 -25.85 -64.53 -66.83
C TYR G 6 -25.78 -63.27 -65.98
N GLY G 7 -26.54 -62.25 -66.39
CA GLY G 7 -26.79 -61.10 -65.54
C GLY G 7 -25.66 -60.10 -65.45
N SER G 8 -24.59 -60.26 -66.20
CA SER G 8 -23.49 -59.30 -66.23
C SER G 8 -23.43 -58.66 -67.61
N ALA G 9 -23.39 -57.34 -67.64
CA ALA G 9 -23.41 -56.59 -68.88
C ALA G 9 -22.24 -55.61 -68.92
N LEU G 10 -21.59 -55.53 -70.09
CA LEU G 10 -20.53 -54.55 -70.29
C LEU G 10 -21.14 -53.16 -70.40
N THR G 11 -20.65 -52.24 -69.58
CA THR G 11 -21.18 -50.88 -69.51
C THR G 11 -20.43 -49.99 -70.51
N SER G 12 -20.83 -48.72 -70.55
CA SER G 12 -20.31 -47.80 -71.55
C SER G 12 -18.78 -47.73 -71.49
N SER G 13 -18.23 -47.51 -70.30
CA SER G 13 -16.78 -47.53 -70.12
C SER G 13 -16.32 -48.99 -70.00
N GLY G 14 -15.07 -49.18 -69.61
CA GLY G 14 -14.55 -50.54 -69.48
C GLY G 14 -15.21 -51.34 -68.38
N ARG G 15 -15.57 -50.69 -67.28
CA ARG G 15 -16.03 -51.42 -66.11
C ARG G 15 -17.25 -52.27 -66.43
N ILE G 16 -17.27 -53.48 -65.86
CA ILE G 16 -18.36 -54.45 -66.08
C ILE G 16 -19.31 -54.38 -64.91
N SER G 17 -20.61 -54.35 -65.21
CA SER G 17 -21.66 -54.33 -64.18
C SER G 17 -22.21 -55.75 -64.05
N ALA G 18 -21.74 -56.47 -63.04
CA ALA G 18 -22.15 -57.85 -62.81
C ALA G 18 -23.21 -57.93 -61.73
N VAL G 19 -23.81 -59.12 -61.60
CA VAL G 19 -24.87 -59.35 -60.63
C VAL G 19 -24.78 -60.78 -60.12
N THR G 20 -25.46 -61.03 -59.01
CA THR G 20 -25.60 -62.36 -58.45
C THR G 20 -27.05 -62.55 -58.01
N GLU G 21 -27.51 -63.79 -58.01
CA GLU G 21 -28.85 -64.07 -57.53
C GLU G 21 -28.91 -63.74 -56.03
N PRO G 22 -30.11 -63.45 -55.52
CA PRO G 22 -30.20 -62.97 -54.13
C PRO G 22 -29.56 -63.89 -53.12
N GLY G 23 -29.66 -65.21 -53.32
CA GLY G 23 -29.19 -66.14 -52.31
C GLY G 23 -27.69 -66.16 -52.15
N GLU G 24 -26.96 -66.35 -53.27
CA GLU G 24 -25.56 -66.70 -53.19
C GLU G 24 -24.68 -65.47 -53.00
N LEU G 25 -23.38 -65.72 -52.86
CA LEU G 25 -22.37 -64.71 -52.56
C LEU G 25 -21.63 -64.33 -53.84
N SER G 26 -20.56 -63.54 -53.68
CA SER G 26 -19.73 -63.12 -54.80
C SER G 26 -18.29 -63.60 -54.70
N VAL G 27 -17.69 -63.58 -53.52
CA VAL G 27 -16.27 -63.94 -53.40
C VAL G 27 -16.07 -65.43 -53.63
N HIS G 28 -16.91 -66.26 -53.00
CA HIS G 28 -16.93 -67.70 -53.20
C HIS G 28 -15.63 -68.39 -52.78
N TYR G 29 -14.74 -67.68 -52.09
CA TYR G 29 -13.49 -68.30 -51.67
C TYR G 29 -13.78 -69.45 -50.70
N PRO G 30 -13.16 -70.63 -50.89
CA PRO G 30 -13.45 -71.78 -50.02
C PRO G 30 -12.64 -71.78 -48.73
N PHE G 31 -12.77 -70.73 -47.94
CA PHE G 31 -12.08 -70.61 -46.67
C PHE G 31 -12.95 -69.83 -45.70
N PRO G 32 -12.85 -70.11 -44.40
CA PRO G 32 -13.58 -69.29 -43.43
C PRO G 32 -13.17 -67.84 -43.52
N THR G 33 -14.14 -66.95 -43.32
CA THR G 33 -13.85 -65.52 -43.39
C THR G 33 -12.78 -65.12 -42.37
N MET G 34 -12.75 -65.80 -41.22
CA MET G 34 -11.76 -65.45 -40.20
C MET G 34 -10.34 -65.71 -40.71
N ASP G 35 -10.11 -66.85 -41.37
CA ASP G 35 -8.76 -67.15 -41.84
C ASP G 35 -8.40 -66.28 -43.05
N LEU G 36 -9.39 -65.94 -43.89
CA LEU G 36 -9.13 -64.98 -44.96
C LEU G 36 -8.71 -63.64 -44.38
N VAL G 37 -9.38 -63.20 -43.31
CA VAL G 37 -9.01 -61.95 -42.67
C VAL G 37 -7.60 -62.03 -42.08
N VAL G 38 -7.27 -63.17 -41.48
CA VAL G 38 -5.94 -63.33 -40.90
C VAL G 38 -4.88 -63.26 -42.00
N LEU G 39 -5.13 -63.92 -43.13
CA LEU G 39 -4.18 -63.86 -44.24
C LEU G 39 -4.09 -62.46 -44.81
N ASP G 40 -5.21 -61.74 -44.85
CA ASP G 40 -5.19 -60.35 -45.28
C ASP G 40 -4.32 -59.52 -44.36
N ASP G 41 -4.45 -59.74 -43.04
CA ASP G 41 -3.59 -59.03 -42.09
C ASP G 41 -2.13 -59.37 -42.33
N ALA G 42 -1.83 -60.64 -42.57
CA ALA G 42 -0.45 -61.04 -42.83
C ALA G 42 0.10 -60.36 -44.07
N LEU G 43 -0.72 -60.26 -45.12
CA LEU G 43 -0.27 -59.66 -46.37
C LEU G 43 -0.19 -58.15 -46.29
N LYS G 44 -1.03 -57.50 -45.47
CA LYS G 44 -1.18 -56.06 -45.50
C LYS G 44 -0.26 -55.36 -44.49
N TYR G 45 -0.47 -55.63 -43.21
CA TYR G 45 0.37 -55.04 -42.17
C TYR G 45 1.34 -56.04 -41.55
N GLY G 46 1.16 -57.33 -41.83
CA GLY G 46 2.22 -58.28 -41.57
C GLY G 46 3.33 -58.21 -42.58
N SER G 47 3.23 -57.28 -43.53
CA SER G 47 4.21 -57.09 -44.58
C SER G 47 4.75 -55.67 -44.69
N ARG G 48 4.09 -54.69 -44.08
CA ARG G 48 4.52 -53.29 -44.22
C ARG G 48 6.00 -53.15 -43.92
N ALA G 49 6.49 -53.87 -42.90
CA ALA G 49 7.92 -53.85 -42.61
C ALA G 49 8.71 -54.28 -43.83
N ALA G 50 8.22 -55.28 -44.56
CA ALA G 50 8.93 -55.74 -45.75
C ALA G 50 8.95 -54.68 -46.84
N LYS G 51 7.96 -53.80 -46.87
CA LYS G 51 7.81 -52.83 -47.96
C LYS G 51 7.92 -53.52 -49.31
N ALA G 52 7.53 -54.78 -49.36
CA ALA G 52 7.52 -55.57 -50.59
C ALA G 52 6.15 -56.19 -50.74
N ARG G 53 5.47 -55.86 -51.83
CA ARG G 53 4.13 -56.36 -52.05
C ARG G 53 4.11 -57.89 -52.02
N PHE G 54 3.40 -58.44 -51.04
CA PHE G 54 3.34 -59.89 -50.85
C PHE G 54 2.07 -60.42 -51.48
N ALA G 55 2.20 -61.49 -52.25
CA ALA G 55 1.08 -62.08 -52.97
C ALA G 55 1.01 -63.58 -52.70
N VAL G 56 -0.21 -64.11 -52.74
CA VAL G 56 -0.46 -65.53 -52.54
C VAL G 56 -1.29 -66.02 -53.72
N TYR G 57 -0.91 -67.17 -54.27
CA TYR G 57 -1.59 -67.74 -55.43
C TYR G 57 -1.96 -69.19 -55.10
N ILE G 58 -3.20 -69.42 -54.67
CA ILE G 58 -3.60 -70.78 -54.33
C ILE G 58 -3.91 -71.61 -55.57
N GLY G 59 -4.17 -70.98 -56.70
CA GLY G 59 -4.56 -71.69 -57.91
C GLY G 59 -3.54 -72.73 -58.33
N PRO G 60 -3.88 -73.50 -59.36
CA PRO G 60 -2.94 -74.50 -59.87
C PRO G 60 -1.94 -73.89 -60.83
N LEU G 61 -0.66 -74.22 -60.64
CA LEU G 61 0.42 -73.74 -61.49
C LEU G 61 1.11 -74.97 -62.06
N GLY G 62 0.69 -75.38 -63.26
CA GLY G 62 1.10 -76.64 -63.84
C GLY G 62 2.38 -76.53 -64.65
N ALA G 63 2.67 -77.61 -65.38
CA ALA G 63 3.88 -77.69 -66.18
C ALA G 63 5.09 -77.35 -65.33
N ASP G 64 6.05 -76.62 -65.89
CA ASP G 64 7.19 -76.14 -65.11
C ASP G 64 6.68 -75.11 -64.11
N THR G 65 6.56 -75.51 -62.84
CA THR G 65 5.95 -74.63 -61.85
C THR G 65 6.69 -73.30 -61.76
N ALA G 66 8.00 -73.30 -62.02
CA ALA G 66 8.77 -72.07 -61.91
C ALA G 66 8.33 -71.04 -62.93
N ALA G 67 8.24 -71.43 -64.20
CA ALA G 67 7.89 -70.48 -65.25
C ALA G 67 6.49 -69.92 -65.04
N THR G 68 5.54 -70.80 -64.71
CA THR G 68 4.18 -70.32 -64.44
C THR G 68 4.14 -69.43 -63.20
N ALA G 69 5.00 -69.69 -62.22
CA ALA G 69 5.08 -68.79 -61.07
C ALA G 69 5.57 -67.42 -61.51
N ARG G 70 6.56 -67.37 -62.41
CA ARG G 70 7.02 -66.08 -62.94
C ARG G 70 5.88 -65.38 -63.66
N GLU G 71 5.12 -66.13 -64.47
CA GLU G 71 4.01 -65.53 -65.21
C GLU G 71 2.97 -64.98 -64.27
N ILE G 72 2.66 -65.70 -63.19
CA ILE G 72 1.70 -65.23 -62.21
C ILE G 72 2.22 -63.98 -61.52
N LEU G 73 3.50 -63.96 -61.13
CA LEU G 73 4.08 -62.75 -60.57
C LEU G 73 3.92 -61.58 -61.51
N ALA G 74 3.96 -61.84 -62.83
CA ALA G 74 3.71 -60.76 -63.78
C ALA G 74 2.34 -60.13 -63.56
N ASN G 75 1.40 -60.87 -62.95
CA ASN G 75 0.07 -60.34 -62.69
C ASN G 75 0.01 -59.46 -61.46
N VAL G 76 1.04 -59.46 -60.62
CA VAL G 76 1.02 -58.63 -59.42
C VAL G 76 1.20 -57.17 -59.82
N PRO G 77 0.57 -56.21 -59.12
CA PRO G 77 0.69 -54.81 -59.56
C PRO G 77 2.12 -54.31 -59.66
N THR G 78 2.99 -54.69 -58.74
CA THR G 78 4.37 -54.21 -58.72
C THR G 78 5.30 -55.41 -58.60
N PRO G 79 5.47 -56.23 -59.68
CA PRO G 79 6.24 -57.46 -59.62
C PRO G 79 7.73 -57.26 -59.30
N GLU G 80 8.21 -56.03 -59.38
CA GLU G 80 9.66 -55.77 -59.23
C GLU G 80 9.91 -55.83 -57.72
N ASN G 81 9.18 -55.10 -56.88
CA ASN G 81 9.28 -55.35 -55.44
C ASN G 81 8.03 -56.11 -55.03
N ALA G 82 8.08 -57.43 -55.22
CA ALA G 82 6.95 -58.28 -54.89
C ALA G 82 7.44 -59.68 -54.64
N VAL G 83 6.89 -60.31 -53.61
CA VAL G 83 7.18 -61.70 -53.26
C VAL G 83 5.88 -62.48 -53.37
N LEU G 84 5.83 -63.41 -54.32
CA LEU G 84 4.62 -64.18 -54.57
C LEU G 84 4.86 -65.64 -54.21
N LEU G 85 3.98 -66.19 -53.37
CA LEU G 85 4.01 -67.59 -52.98
C LEU G 85 2.84 -68.27 -53.68
N ALA G 86 3.15 -69.13 -54.65
CA ALA G 86 2.14 -69.83 -55.43
C ALA G 86 2.18 -71.30 -55.09
N VAL G 87 1.07 -71.84 -54.61
CA VAL G 87 0.97 -73.23 -54.20
C VAL G 87 -0.15 -73.89 -54.98
N SER G 88 0.13 -75.06 -55.54
CA SER G 88 -0.88 -75.90 -56.15
C SER G 88 -1.08 -77.13 -55.28
N PRO G 89 -2.22 -77.27 -54.58
CA PRO G 89 -2.44 -78.49 -53.79
C PRO G 89 -2.80 -79.69 -54.64
N ASP G 90 -3.20 -79.49 -55.89
CA ASP G 90 -3.35 -80.62 -56.79
C ASP G 90 -2.01 -81.28 -57.07
N GLN G 91 -0.98 -80.47 -57.29
CA GLN G 91 0.37 -80.96 -57.55
C GLN G 91 1.23 -80.99 -56.30
N ARG G 92 0.71 -80.51 -55.16
CA ARG G 92 1.47 -80.47 -53.91
C ARG G 92 2.74 -79.64 -54.07
N ALA G 93 2.70 -78.64 -54.94
CA ALA G 93 3.90 -77.93 -55.36
C ALA G 93 3.86 -76.48 -54.92
N ILE G 94 4.91 -76.04 -54.23
CA ILE G 94 5.06 -74.64 -53.83
C ILE G 94 6.11 -74.00 -54.72
N GLU G 95 5.96 -72.69 -54.93
CA GLU G 95 6.94 -71.88 -55.63
C GLU G 95 6.92 -70.50 -55.01
N VAL G 96 8.06 -69.82 -55.01
CA VAL G 96 8.15 -68.45 -54.55
C VAL G 96 8.95 -67.66 -55.58
N VAL G 97 8.46 -66.48 -55.92
CA VAL G 97 9.04 -65.68 -56.99
C VAL G 97 9.15 -64.24 -56.53
N TYR G 98 10.27 -63.59 -56.87
CA TYR G 98 10.55 -62.20 -56.44
C TYR G 98 10.94 -61.39 -57.64
N GLY G 99 11.23 -60.11 -57.46
CA GLY G 99 11.71 -59.25 -58.56
C GLY G 99 13.03 -58.59 -58.24
N ALA G 100 13.57 -57.82 -59.18
CA ALA G 100 14.91 -57.18 -59.07
C ALA G 100 14.98 -56.21 -57.88
N ASP G 101 13.88 -55.57 -57.50
CA ASP G 101 13.88 -54.58 -56.39
C ASP G 101 14.16 -55.31 -55.07
N VAL G 102 13.53 -56.45 -54.78
CA VAL G 102 13.77 -57.24 -53.56
C VAL G 102 14.95 -58.15 -53.85
N LYS G 103 16.15 -57.60 -53.65
CA LYS G 103 17.39 -58.34 -53.83
C LYS G 103 18.38 -57.85 -52.78
N GLY G 104 18.96 -58.78 -52.04
CA GLY G 104 19.86 -58.42 -50.95
C GLY G 104 19.17 -57.90 -49.71
N ARG G 105 17.84 -58.03 -49.63
CA ARG G 105 17.08 -57.61 -48.46
C ARG G 105 16.74 -58.77 -47.55
N GLY G 106 17.42 -59.91 -47.71
CA GLY G 106 17.09 -61.10 -46.96
C GLY G 106 16.04 -61.97 -47.60
N ILE G 107 15.59 -61.62 -48.81
CA ILE G 107 14.56 -62.41 -49.48
C ILE G 107 15.08 -63.80 -49.82
N GLU G 108 16.32 -63.89 -50.30
CA GLU G 108 16.85 -65.18 -50.73
C GLU G 108 16.91 -66.17 -49.58
N SER G 109 17.38 -65.72 -48.40
CA SER G 109 17.46 -66.63 -47.27
C SER G 109 16.07 -67.00 -46.76
N ALA G 110 15.15 -66.04 -46.74
CA ALA G 110 13.80 -66.33 -46.27
C ALA G 110 13.00 -67.17 -47.27
N ALA G 111 13.48 -67.29 -48.50
CA ALA G 111 12.81 -68.16 -49.47
C ALA G 111 12.65 -69.58 -48.95
N PRO G 112 13.72 -70.32 -48.67
CA PRO G 112 13.54 -71.67 -48.11
C PRO G 112 12.78 -71.67 -46.80
N LEU G 113 12.93 -70.64 -45.97
CA LEU G 113 12.21 -70.63 -44.70
C LEU G 113 10.70 -70.55 -44.93
N GLY G 114 10.26 -69.62 -45.77
CA GLY G 114 8.84 -69.53 -46.07
C GLY G 114 8.32 -70.80 -46.72
N VAL G 115 9.08 -71.35 -47.67
CA VAL G 115 8.65 -72.56 -48.35
C VAL G 115 8.52 -73.71 -47.36
N SER G 116 9.49 -73.85 -46.46
CA SER G 116 9.45 -74.92 -45.46
C SER G 116 8.27 -74.76 -44.53
N ALA G 117 7.99 -73.52 -44.10
CA ALA G 117 6.84 -73.30 -43.23
C ALA G 117 5.54 -73.68 -43.94
N ALA G 118 5.39 -73.25 -45.19
CA ALA G 118 4.19 -73.60 -45.94
C ALA G 118 4.06 -75.10 -46.10
N ALA G 119 5.16 -75.78 -46.44
CA ALA G 119 5.13 -77.22 -46.64
C ALA G 119 4.78 -77.95 -45.36
N ALA G 120 5.38 -77.54 -44.23
CA ALA G 120 5.07 -78.18 -42.96
C ALA G 120 3.60 -78.01 -42.62
N SER G 121 3.07 -76.81 -42.80
CA SER G 121 1.65 -76.59 -42.51
C SER G 121 0.77 -77.44 -43.41
N PHE G 122 1.08 -77.49 -44.71
CA PHE G 122 0.26 -78.26 -45.63
C PHE G 122 0.25 -79.73 -45.26
N LYS G 123 1.43 -80.29 -44.98
CA LYS G 123 1.47 -81.70 -44.59
C LYS G 123 0.74 -81.93 -43.28
N GLU G 124 0.76 -80.95 -42.38
CA GLU G 124 -0.07 -81.04 -41.18
C GLU G 124 -1.55 -80.97 -41.51
N GLY G 125 -1.91 -80.49 -42.69
CA GLY G 125 -3.28 -80.54 -43.15
C GLY G 125 -4.04 -79.23 -43.06
N ASN G 126 -3.41 -78.12 -43.45
CA ASN G 126 -4.09 -76.83 -43.44
C ASN G 126 -3.40 -75.90 -44.43
N LEU G 127 -4.05 -75.64 -45.56
CA LEU G 127 -3.47 -74.76 -46.56
C LEU G 127 -3.35 -73.32 -46.05
N ILE G 128 -4.44 -72.77 -45.53
CA ILE G 128 -4.46 -71.34 -45.22
C ILE G 128 -3.45 -71.01 -44.13
N ASP G 129 -3.36 -71.83 -43.09
CA ASP G 129 -2.40 -71.55 -42.03
C ASP G 129 -0.97 -71.60 -42.58
N GLY G 130 -0.72 -72.51 -43.52
CA GLY G 130 0.59 -72.51 -44.17
C GLY G 130 0.84 -71.24 -44.96
N LEU G 131 -0.17 -70.77 -45.68
CA LEU G 131 -0.03 -69.50 -46.40
C LEU G 131 0.33 -68.38 -45.46
N ILE G 132 -0.41 -68.28 -44.36
CA ILE G 132 -0.19 -67.19 -43.41
C ILE G 132 1.20 -67.30 -42.78
N SER G 133 1.60 -68.53 -42.40
CA SER G 133 2.92 -68.72 -41.79
C SER G 133 4.03 -68.35 -42.77
N ALA G 134 3.90 -68.77 -44.03
CA ALA G 134 4.92 -68.44 -45.02
C ALA G 134 4.98 -66.95 -45.26
N VAL G 135 3.82 -66.28 -45.33
CA VAL G 135 3.81 -64.83 -45.52
C VAL G 135 4.51 -64.16 -44.35
N ARG G 136 4.18 -64.57 -43.12
CA ARG G 136 4.81 -63.95 -41.96
C ARG G 136 6.32 -64.16 -41.97
N VAL G 137 6.76 -65.39 -42.26
CA VAL G 137 8.18 -65.68 -42.21
C VAL G 137 8.94 -64.88 -43.27
N MET G 138 8.42 -64.88 -44.50
CA MET G 138 9.08 -64.13 -45.56
C MET G 138 9.09 -62.63 -45.26
N SER G 139 7.96 -62.10 -44.77
CA SER G 139 7.90 -60.67 -44.47
C SER G 139 8.92 -60.31 -43.40
N ALA G 140 9.01 -61.10 -42.33
CA ALA G 140 10.01 -60.83 -41.31
C ALA G 140 11.42 -60.98 -41.86
N GLY G 141 11.59 -61.85 -42.86
CA GLY G 141 12.90 -61.99 -43.47
C GLY G 141 13.32 -60.76 -44.26
N VAL G 142 12.38 -60.16 -45.00
CA VAL G 142 12.70 -59.05 -45.89
C VAL G 142 12.73 -57.76 -45.08
N SER G 143 13.92 -57.18 -44.93
CA SER G 143 14.05 -55.86 -44.33
C SER G 143 13.53 -54.80 -45.30
N PRO G 144 12.97 -53.71 -44.78
CA PRO G 144 12.48 -52.65 -45.67
C PRO G 144 13.61 -52.09 -46.53
N ALA G 145 13.26 -51.72 -47.76
CA ALA G 145 14.22 -51.18 -48.70
C ALA G 145 14.90 -49.94 -48.14
N MET H 1 -3.19 -22.28 -58.58
CA MET H 1 -1.92 -21.83 -59.22
C MET H 1 -1.14 -20.90 -58.29
N SER H 2 -1.86 -20.01 -57.59
CA SER H 2 -1.23 -19.01 -56.73
C SER H 2 -0.77 -19.67 -55.43
N SER H 3 0.29 -20.46 -55.56
CA SER H 3 0.93 -21.11 -54.42
C SER H 3 2.19 -21.79 -54.92
N THR H 4 3.14 -22.00 -54.00
CA THR H 4 4.40 -22.65 -54.30
C THR H 4 4.63 -23.79 -53.33
N GLN H 5 5.14 -24.91 -53.85
CA GLN H 5 5.38 -26.09 -53.03
C GLN H 5 6.45 -25.80 -51.99
N ASP H 6 6.24 -26.29 -50.78
CA ASP H 6 7.10 -26.00 -49.64
C ASP H 6 8.11 -27.12 -49.44
N ARG H 7 9.34 -26.74 -49.12
CA ARG H 7 10.41 -27.67 -48.80
C ARG H 7 10.77 -27.46 -47.34
N SER H 8 10.48 -28.46 -46.50
CA SER H 8 10.69 -28.38 -45.07
C SER H 8 11.80 -29.36 -44.67
N GLN H 9 12.85 -28.82 -44.06
CA GLN H 9 13.95 -29.63 -43.52
C GLN H 9 13.99 -29.41 -42.02
N LEU H 10 13.47 -30.37 -41.27
CA LEU H 10 13.41 -30.30 -39.82
C LEU H 10 14.31 -31.37 -39.21
N ASP H 11 14.89 -31.05 -38.06
CA ASP H 11 15.80 -31.98 -37.39
C ASP H 11 15.03 -33.13 -36.77
N PRO H 12 15.28 -34.38 -37.15
CA PRO H 12 14.59 -35.50 -36.52
C PRO H 12 15.38 -36.11 -35.37
N GLU H 13 14.64 -36.58 -34.36
CA GLU H 13 15.24 -37.23 -33.21
C GLU H 13 14.18 -37.89 -32.35
N VAL H 22 13.95 -42.13 -29.62
CA VAL H 22 13.58 -43.15 -30.60
C VAL H 22 13.68 -42.56 -32.00
N GLU H 23 13.85 -43.43 -32.99
CA GLU H 23 13.99 -43.02 -34.39
C GLU H 23 12.69 -43.14 -35.17
N ARG H 24 11.59 -43.50 -34.52
CA ARG H 24 10.27 -43.76 -35.10
C ARG H 24 10.27 -45.08 -35.86
N HIS H 25 11.37 -45.83 -35.85
CA HIS H 25 11.40 -47.11 -36.57
C HIS H 25 10.35 -48.07 -36.00
N THR H 26 10.21 -48.11 -34.68
CA THR H 26 9.22 -48.94 -34.00
C THR H 26 8.13 -48.05 -33.42
N GLY H 27 6.92 -48.60 -33.36
CA GLY H 27 5.78 -47.86 -32.87
C GLY H 27 4.71 -47.67 -33.93
N VAL H 28 4.53 -46.44 -34.38
CA VAL H 28 3.53 -46.12 -35.39
C VAL H 28 4.22 -46.05 -36.74
N ASP H 29 3.43 -46.21 -37.81
CA ASP H 29 3.93 -46.18 -39.18
C ASP H 29 3.14 -45.18 -39.99
N VAL H 30 3.80 -44.61 -41.00
CA VAL H 30 3.21 -43.51 -41.75
C VAL H 30 1.89 -43.92 -42.39
N GLU H 31 1.70 -45.22 -42.64
CA GLU H 31 0.45 -45.67 -43.23
C GLU H 31 -0.73 -45.39 -42.30
N ASP H 32 -0.53 -45.55 -40.99
CA ASP H 32 -1.60 -45.28 -40.03
C ASP H 32 -1.67 -43.79 -39.69
N VAL H 33 -0.54 -43.18 -39.41
CA VAL H 33 -0.45 -41.76 -39.10
C VAL H 33 0.40 -41.09 -40.18
N PRO H 34 -0.22 -40.44 -41.16
CA PRO H 34 0.55 -39.95 -42.32
C PRO H 34 1.66 -38.98 -41.95
N SER H 35 1.61 -38.35 -40.78
CA SER H 35 2.65 -37.43 -40.34
C SER H 35 3.41 -38.02 -39.16
N ALA H 36 3.73 -39.31 -39.24
CA ALA H 36 4.38 -39.97 -38.11
C ALA H 36 5.72 -39.33 -37.79
N GLU H 37 6.51 -39.00 -38.81
CA GLU H 37 7.84 -38.45 -38.59
C GLU H 37 7.83 -36.95 -38.34
N TRP H 38 6.67 -36.30 -38.40
CA TRP H 38 6.58 -34.88 -38.16
C TRP H 38 6.31 -34.52 -36.71
N GLY H 39 6.17 -35.51 -35.83
CA GLY H 39 5.95 -35.22 -34.44
C GLY H 39 5.39 -36.43 -33.72
N TRP H 40 5.19 -36.25 -32.41
CA TRP H 40 4.66 -37.31 -31.56
C TRP H 40 3.37 -37.86 -32.13
N SER H 41 3.39 -39.12 -32.53
CA SER H 41 2.23 -39.76 -33.15
C SER H 41 1.81 -41.06 -32.50
N HIS H 42 2.55 -41.57 -31.52
CA HIS H 42 2.28 -42.88 -30.93
C HIS H 42 2.23 -42.75 -29.41
N MET H 43 1.08 -43.09 -28.84
CA MET H 43 0.96 -43.39 -27.42
C MET H 43 0.95 -44.89 -27.22
N PRO H 44 1.85 -45.46 -26.42
CA PRO H 44 1.84 -46.92 -26.24
C PRO H 44 0.48 -47.40 -25.77
N ILE H 45 0.06 -48.56 -26.28
CA ILE H 45 -1.25 -49.08 -25.91
C ILE H 45 -1.29 -49.44 -24.43
N GLY H 46 -0.15 -49.84 -23.86
CA GLY H 46 -0.13 -50.21 -22.46
C GLY H 46 -0.55 -49.08 -21.55
N VAL H 47 -0.02 -47.88 -21.79
CA VAL H 47 -0.37 -46.73 -20.95
C VAL H 47 -1.85 -46.42 -21.10
N MET H 48 -2.39 -46.54 -22.31
CA MET H 48 -3.81 -46.27 -22.51
C MET H 48 -4.68 -47.27 -21.76
N HIS H 49 -4.32 -48.55 -21.82
CA HIS H 49 -5.09 -49.56 -21.10
C HIS H 49 -5.00 -49.34 -19.59
N ILE H 50 -3.80 -49.04 -19.08
CA ILE H 50 -3.64 -48.81 -17.66
C ILE H 50 -4.42 -47.58 -17.22
N GLY H 51 -4.42 -46.53 -18.05
CA GLY H 51 -5.18 -45.35 -17.72
C GLY H 51 -6.67 -45.61 -17.71
N GLY H 52 -7.16 -46.40 -18.66
CA GLY H 52 -8.56 -46.77 -18.65
C GLY H 52 -8.94 -47.58 -17.43
N LEU H 53 -8.10 -48.54 -17.05
CA LEU H 53 -8.38 -49.33 -15.86
C LEU H 53 -8.34 -48.46 -14.61
N LEU H 54 -7.40 -47.51 -14.55
CA LEU H 54 -7.35 -46.60 -13.41
C LEU H 54 -8.55 -45.67 -13.38
N SER H 55 -9.04 -45.23 -14.53
CA SER H 55 -10.26 -44.45 -14.57
C SER H 55 -11.44 -45.25 -14.05
N ALA H 56 -11.55 -46.51 -14.47
CA ALA H 56 -12.61 -47.36 -13.95
C ALA H 56 -12.48 -47.54 -12.45
N ALA H 57 -11.25 -47.75 -11.95
CA ALA H 57 -11.04 -47.90 -10.53
C ALA H 57 -11.43 -46.64 -9.77
N PHE H 58 -11.09 -45.47 -10.32
CA PHE H 58 -11.47 -44.22 -9.68
C PHE H 58 -12.99 -44.08 -9.64
N LEU H 59 -13.67 -44.38 -10.74
CA LEU H 59 -15.12 -44.29 -10.73
C LEU H 59 -15.72 -45.23 -9.70
N LEU H 60 -15.20 -46.45 -9.60
CA LEU H 60 -15.73 -47.41 -8.65
C LEU H 60 -15.50 -46.95 -7.21
N VAL H 61 -14.27 -46.55 -6.88
CA VAL H 61 -13.97 -46.14 -5.52
C VAL H 61 -14.72 -44.87 -5.16
N MET H 62 -15.07 -44.07 -6.16
CA MET H 62 -15.82 -42.85 -5.92
C MET H 62 -17.21 -43.12 -5.40
N MET H 63 -17.69 -44.36 -5.47
CA MET H 63 -18.90 -44.72 -4.74
C MET H 63 -18.70 -44.55 -3.24
N ARG H 64 -17.47 -44.76 -2.76
CA ARG H 64 -17.04 -44.37 -1.39
C ARG H 64 -17.20 -42.87 -1.31
N GLY H 65 -18.14 -42.37 -0.51
CA GLY H 65 -18.19 -40.95 -0.23
C GLY H 65 -19.38 -40.61 0.63
N ASN H 66 -19.58 -39.31 0.82
CA ASN H 66 -20.65 -38.82 1.69
C ASN H 66 -21.89 -38.46 0.88
N HIS H 67 -22.47 -39.46 0.23
CA HIS H 67 -23.71 -39.29 -0.51
C HIS H 67 -24.67 -40.40 -0.10
N VAL H 68 -25.94 -40.03 0.09
CA VAL H 68 -26.93 -40.99 0.57
C VAL H 68 -27.64 -41.70 -0.56
N GLY H 69 -27.74 -41.08 -1.73
CA GLY H 69 -28.43 -41.69 -2.85
C GLY H 69 -27.62 -42.81 -3.49
N HIS H 70 -28.30 -43.59 -4.31
CA HIS H 70 -27.68 -44.71 -5.01
C HIS H 70 -27.82 -44.63 -6.53
N VAL H 71 -28.60 -43.70 -7.06
CA VAL H 71 -28.55 -43.44 -8.50
C VAL H 71 -27.13 -43.12 -8.91
N GLU H 72 -26.43 -42.39 -8.04
CA GLU H 72 -25.08 -41.94 -8.35
C GLU H 72 -24.12 -43.12 -8.42
N ASP H 73 -24.22 -44.02 -7.44
CA ASP H 73 -23.39 -45.23 -7.46
C ASP H 73 -23.72 -46.09 -8.67
N TRP H 74 -24.99 -46.15 -9.06
CA TRP H 74 -25.36 -46.93 -10.23
C TRP H 74 -24.76 -46.35 -11.51
N PHE H 75 -24.80 -45.02 -11.66
CA PHE H 75 -24.16 -44.41 -12.81
C PHE H 75 -22.66 -44.66 -12.80
N LEU H 76 -22.02 -44.57 -11.62
CA LEU H 76 -20.60 -44.85 -11.53
C LEU H 76 -20.31 -46.28 -11.94
N ILE H 77 -21.13 -47.22 -11.47
CA ILE H 77 -20.94 -48.63 -11.83
C ILE H 77 -21.07 -48.82 -13.34
N GLY H 78 -22.08 -48.19 -13.93
CA GLY H 78 -22.26 -48.31 -15.38
C GLY H 78 -21.09 -47.76 -16.16
N PHE H 79 -20.61 -46.57 -15.76
CA PHE H 79 -19.49 -45.97 -16.48
C PHE H 79 -18.21 -46.78 -16.32
N ALA H 80 -17.93 -47.25 -15.10
CA ALA H 80 -16.77 -48.10 -14.90
C ALA H 80 -16.90 -49.39 -15.70
N ALA H 81 -18.11 -49.95 -15.76
CA ALA H 81 -18.32 -51.18 -16.51
C ALA H 81 -18.07 -50.97 -17.99
N VAL H 82 -18.57 -49.87 -18.55
CA VAL H 82 -18.37 -49.63 -19.98
C VAL H 82 -16.90 -49.33 -20.27
N ILE H 83 -16.22 -48.61 -19.38
CA ILE H 83 -14.80 -48.36 -19.57
C ILE H 83 -14.02 -49.67 -19.55
N VAL H 84 -14.32 -50.53 -18.59
CA VAL H 84 -13.63 -51.81 -18.49
C VAL H 84 -13.95 -52.69 -19.68
N ALA H 85 -15.19 -52.62 -20.18
CA ALA H 85 -15.55 -53.39 -21.37
C ALA H 85 -14.79 -52.91 -22.59
N LEU H 86 -14.65 -51.59 -22.75
CA LEU H 86 -13.87 -51.07 -23.86
C LEU H 86 -12.42 -51.50 -23.75
N VAL H 87 -11.84 -51.39 -22.56
CA VAL H 87 -10.45 -51.78 -22.37
C VAL H 87 -10.27 -53.27 -22.66
N GLY H 88 -11.20 -54.09 -22.17
CA GLY H 88 -11.10 -55.51 -22.41
C GLY H 88 -11.26 -55.88 -23.87
N ARG H 89 -12.18 -55.22 -24.57
CA ARG H 89 -12.34 -55.47 -25.99
C ARG H 89 -11.06 -55.13 -26.74
N ASN H 90 -10.50 -53.95 -26.47
CA ASN H 90 -9.28 -53.55 -27.16
C ASN H 90 -8.15 -54.53 -26.86
N TRP H 91 -7.98 -54.88 -25.59
CA TRP H 91 -6.87 -55.76 -25.21
C TRP H 91 -7.03 -57.14 -25.83
N TRP H 92 -8.25 -57.68 -25.79
CA TRP H 92 -8.50 -59.01 -26.35
C TRP H 92 -8.28 -59.00 -27.87
N LEU H 93 -8.78 -57.97 -28.54
CA LEU H 93 -8.58 -57.89 -29.98
C LEU H 93 -7.11 -57.82 -30.33
N ARG H 94 -6.35 -56.99 -29.61
CA ARG H 94 -4.92 -56.89 -29.88
C ARG H 94 -4.20 -58.20 -29.58
N ARG H 95 -4.60 -58.89 -28.51
CA ARG H 95 -3.99 -60.17 -28.18
C ARG H 95 -4.25 -61.20 -29.27
N ARG H 96 -5.47 -61.25 -29.80
CA ARG H 96 -5.80 -62.18 -30.87
C ARG H 96 -5.42 -61.67 -32.24
N GLY H 97 -5.08 -60.39 -32.38
CA GLY H 97 -4.68 -59.83 -33.66
C GLY H 97 -5.81 -59.11 -34.37
N TRP H 98 -6.59 -58.33 -33.61
CA TRP H 98 -7.72 -57.57 -34.16
C TRP H 98 -8.64 -58.48 -34.97
N ILE H 99 -9.15 -59.51 -34.30
CA ILE H 99 -10.05 -60.49 -34.90
C ILE H 99 -11.33 -60.52 -34.08
N ARG H 100 -12.46 -60.52 -34.77
CA ARG H 100 -13.77 -60.52 -34.13
C ARG H 100 -13.94 -59.28 -33.25
N CYS I 1 -12.07 -42.51 4.64
CA CYS I 1 -12.16 -42.51 6.10
C CYS I 1 -13.40 -41.75 6.56
N SER I 2 -13.93 -42.14 7.75
CA SER I 2 -15.02 -41.43 8.38
C SER I 2 -14.55 -40.84 9.71
N PRO I 3 -15.08 -39.68 10.12
CA PRO I 3 -14.64 -39.09 11.38
C PRO I 3 -14.95 -40.02 12.53
N PRO I 4 -14.09 -40.06 13.56
CA PRO I 4 -14.31 -41.02 14.66
C PRO I 4 -15.62 -40.83 15.41
N GLY I 5 -16.11 -39.60 15.55
CA GLY I 5 -17.23 -39.35 16.44
C GLY I 5 -18.49 -40.14 16.12
N GLU I 6 -19.15 -39.81 15.01
CA GLU I 6 -20.27 -40.59 14.50
C GLU I 6 -21.50 -40.52 15.41
N THR I 7 -22.48 -41.37 15.13
CA THR I 7 -23.85 -41.24 15.60
C THR I 7 -24.02 -41.78 17.03
N ALA I 8 -25.15 -41.42 17.64
CA ALA I 8 -25.59 -41.98 18.92
C ALA I 8 -27.12 -42.04 18.89
N SER I 9 -27.66 -43.20 18.53
CA SER I 9 -29.11 -43.39 18.58
C SER I 9 -29.59 -43.60 20.02
N SER I 10 -28.76 -44.18 20.87
CA SER I 10 -29.14 -44.48 22.24
C SER I 10 -29.14 -43.21 23.08
N GLU I 11 -29.74 -43.31 24.27
CA GLU I 11 -29.82 -42.21 25.21
C GLU I 11 -30.48 -41.02 24.51
N PRO I 12 -31.78 -41.07 24.26
CA PRO I 12 -32.43 -40.00 23.49
C PRO I 12 -32.11 -38.60 23.98
N GLY I 13 -31.92 -38.42 25.28
CA GLY I 13 -31.54 -37.15 25.85
C GLY I 13 -32.59 -36.63 26.82
N THR I 14 -32.27 -35.47 27.41
CA THR I 14 -33.14 -34.81 28.35
C THR I 14 -33.29 -33.35 27.97
N THR I 15 -34.43 -32.78 28.34
CA THR I 15 -34.67 -31.37 28.04
C THR I 15 -33.64 -30.51 28.77
N PRO I 16 -32.99 -29.56 28.09
CA PRO I 16 -31.95 -28.77 28.77
C PRO I 16 -32.51 -28.07 30.01
N ALA I 17 -31.72 -28.09 31.07
CA ALA I 17 -32.10 -27.42 32.30
C ALA I 17 -31.99 -25.90 32.14
N ILE I 18 -32.86 -25.18 32.85
CA ILE I 18 -32.86 -23.73 32.77
C ILE I 18 -31.50 -23.21 33.20
N TRP I 19 -30.90 -22.35 32.37
CA TRP I 19 -29.57 -21.85 32.64
C TRP I 19 -29.60 -20.85 33.80
N THR I 20 -28.61 -20.96 34.69
CA THR I 20 -28.42 -20.06 35.81
C THR I 20 -26.94 -19.72 35.87
N GLY I 21 -26.56 -18.64 35.19
CA GLY I 21 -25.16 -18.26 35.13
C GLY I 21 -24.63 -17.82 36.48
N SER I 22 -23.35 -18.11 36.71
CA SER I 22 -22.69 -17.70 37.94
C SER I 22 -22.33 -16.22 37.87
N PRO I 23 -22.20 -15.56 39.02
CA PRO I 23 -21.78 -14.16 39.01
C PRO I 23 -20.40 -14.00 38.39
N SER I 24 -20.19 -12.86 37.73
CA SER I 24 -18.91 -12.60 37.08
C SER I 24 -17.81 -12.57 38.14
N PRO I 25 -16.68 -13.25 37.93
CA PRO I 25 -15.66 -13.33 38.98
C PRO I 25 -14.86 -12.04 39.14
N ALA I 26 -13.83 -12.09 39.98
CA ALA I 26 -13.05 -10.89 40.27
C ALA I 26 -12.53 -10.24 39.00
N ALA I 27 -12.18 -11.04 37.99
CA ALA I 27 -11.75 -10.47 36.71
C ALA I 27 -12.79 -9.51 36.15
N PRO I 28 -13.98 -9.97 35.72
CA PRO I 28 -15.06 -9.06 35.36
C PRO I 28 -15.93 -8.69 36.55
N SER I 29 -15.28 -8.28 37.65
CA SER I 29 -16.00 -7.94 38.87
C SER I 29 -16.87 -6.71 38.68
N GLY I 30 -16.53 -5.83 37.73
CA GLY I 30 -17.33 -4.64 37.48
C GLY I 30 -18.76 -4.97 37.13
N GLU I 31 -19.71 -4.37 37.84
CA GLU I 31 -21.12 -4.63 37.64
C GLU I 31 -21.93 -3.42 38.09
N ASP I 32 -23.20 -3.40 37.72
CA ASP I 32 -24.07 -2.30 38.07
C ASP I 32 -24.17 -2.16 39.58
N HIS I 33 -24.01 -0.92 40.06
CA HIS I 33 -24.12 -0.66 41.48
C HIS I 33 -25.58 -0.73 41.93
N GLY I 34 -25.79 -1.27 43.14
CA GLY I 34 -27.11 -1.37 43.71
C GLY I 34 -27.60 -0.14 44.43
N GLY I 35 -26.79 0.90 44.52
CA GLY I 35 -27.17 2.13 45.20
C GLY I 35 -26.21 2.51 46.30
N GLY I 36 -25.99 3.81 46.46
CA GLY I 36 -25.09 4.32 47.49
C GLY I 36 -25.81 5.27 48.43
N HIS I 37 -25.41 5.25 49.70
CA HIS I 37 -26.00 6.12 50.71
C HIS I 37 -25.25 5.91 52.01
N GLY I 38 -25.66 6.65 53.04
CA GLY I 38 -25.02 6.49 54.34
C GLY I 38 -25.17 5.08 54.87
N ALA I 39 -26.38 4.53 54.79
CA ALA I 39 -26.65 3.14 55.16
C ALA I 39 -26.04 2.79 56.52
N GLY I 40 -26.53 3.48 57.55
CA GLY I 40 -26.08 3.23 58.91
C GLY I 40 -26.79 2.05 59.54
N ALA I 41 -26.84 0.93 58.84
CA ALA I 41 -27.51 -0.28 59.31
C ALA I 41 -26.81 -1.48 58.71
N ALA I 42 -27.47 -2.65 58.77
CA ALA I 42 -26.90 -3.86 58.21
C ALA I 42 -26.76 -3.79 56.70
N GLY I 43 -27.39 -2.82 56.06
CA GLY I 43 -27.27 -2.63 54.62
C GLY I 43 -28.59 -2.67 53.89
N ALA I 44 -28.93 -1.57 53.22
CA ALA I 44 -30.15 -1.47 52.44
C ALA I 44 -29.96 -0.85 51.07
N GLY I 45 -28.81 -0.25 50.78
CA GLY I 45 -28.59 0.34 49.48
C GLY I 45 -29.39 1.63 49.29
N GLU I 46 -29.49 2.04 48.03
CA GLU I 46 -30.24 3.22 47.64
C GLU I 46 -31.51 2.85 46.86
N THR I 47 -32.11 1.71 47.19
CA THR I 47 -33.32 1.26 46.51
C THR I 47 -34.04 0.29 47.42
N LEU I 48 -35.26 0.64 47.84
CA LEU I 48 -36.04 -0.23 48.71
C LEU I 48 -37.52 0.09 48.50
N THR I 49 -38.23 -0.83 47.85
CA THR I 49 -39.64 -0.66 47.53
C THR I 49 -40.50 -1.41 48.53
N ALA I 50 -41.82 -1.24 48.38
CA ALA I 50 -42.78 -1.90 49.26
C ALA I 50 -44.10 -2.05 48.51
N GLU I 51 -44.84 -3.10 48.87
CA GLU I 51 -46.14 -3.40 48.26
C GLU I 51 -47.21 -3.36 49.34
N LEU I 52 -48.26 -2.59 49.10
CA LEU I 52 -49.38 -2.47 50.05
C LEU I 52 -50.45 -3.47 49.67
N LYS I 53 -50.74 -4.40 50.57
CA LYS I 53 -51.72 -5.45 50.34
C LYS I 53 -52.96 -5.19 51.18
N THR I 54 -54.13 -5.38 50.57
CA THR I 54 -55.40 -5.17 51.25
C THR I 54 -55.79 -6.43 52.03
N ALA I 55 -56.95 -6.37 52.68
CA ALA I 55 -57.40 -7.49 53.50
C ALA I 55 -57.69 -8.74 52.67
N ASP I 56 -58.00 -8.58 51.38
CA ASP I 56 -58.31 -9.70 50.51
C ASP I 56 -57.11 -10.11 49.65
N GLY I 57 -55.93 -9.58 49.93
CA GLY I 57 -54.75 -9.90 49.16
C GLY I 57 -54.57 -9.10 47.88
N THR I 58 -55.51 -8.22 47.57
CA THR I 58 -55.41 -7.37 46.38
C THR I 58 -54.57 -6.14 46.70
N SER I 59 -53.58 -5.88 45.86
CA SER I 59 -52.69 -4.74 46.09
C SER I 59 -53.48 -3.44 46.07
N VAL I 60 -53.27 -2.62 47.09
CA VAL I 60 -53.90 -1.30 47.19
C VAL I 60 -52.93 -0.20 46.80
N ALA I 61 -51.70 -0.27 47.29
CA ALA I 61 -50.66 0.69 46.96
C ALA I 61 -49.33 -0.04 46.92
N THR I 62 -48.26 0.70 46.60
CA THR I 62 -46.90 0.15 46.55
C THR I 62 -45.96 1.25 47.04
N ALA I 63 -45.65 1.21 48.32
CA ALA I 63 -44.77 2.20 48.92
C ALA I 63 -43.31 1.90 48.58
N ASP I 64 -42.45 2.89 48.81
CA ASP I 64 -41.03 2.74 48.53
C ASP I 64 -40.27 3.85 49.23
N PHE I 65 -39.11 3.52 49.79
CA PHE I 65 -38.24 4.50 50.42
C PHE I 65 -36.80 4.00 50.32
N GLN I 66 -35.89 4.90 49.94
CA GLN I 66 -34.49 4.53 49.79
C GLN I 66 -33.62 5.75 50.02
N PHE I 67 -32.46 5.53 50.62
CA PHE I 67 -31.51 6.63 50.85
C PHE I 67 -30.82 7.02 49.55
N ALA I 68 -30.73 8.32 49.31
CA ALA I 68 -30.07 8.86 48.13
C ALA I 68 -28.81 9.63 48.47
N ASP I 69 -28.92 10.70 49.24
CA ASP I 69 -27.77 11.49 49.67
C ASP I 69 -27.89 11.83 51.15
N GLY I 70 -28.30 10.85 51.95
CA GLY I 70 -28.57 11.06 53.36
C GLY I 70 -29.98 11.48 53.68
N PHE I 71 -30.80 11.77 52.66
CA PHE I 71 -32.20 12.12 52.84
C PHE I 71 -33.03 11.17 52.01
N ALA I 72 -33.93 10.44 52.66
CA ALA I 72 -34.66 9.38 51.98
C ALA I 72 -35.56 9.94 50.89
N THR I 73 -35.59 9.25 49.75
CA THR I 73 -36.53 9.52 48.67
C THR I 73 -37.55 8.40 48.63
N VAL I 74 -38.83 8.76 48.56
CA VAL I 74 -39.92 7.80 48.62
C VAL I 74 -41.00 8.20 47.63
N THR I 75 -41.80 7.20 47.24
CA THR I 75 -42.97 7.42 46.40
C THR I 75 -43.84 6.17 46.43
N ILE I 76 -45.13 6.33 46.70
CA ILE I 76 -46.05 5.21 46.86
C ILE I 76 -47.00 5.23 45.68
N GLU I 77 -46.66 4.47 44.63
CA GLU I 77 -47.52 4.36 43.47
C GLU I 77 -48.77 3.55 43.80
N THR I 78 -49.89 3.92 43.21
CA THR I 78 -51.13 3.20 43.42
C THR I 78 -51.04 1.80 42.80
N THR I 79 -51.57 0.81 43.52
CA THR I 79 -51.57 -0.56 43.03
C THR I 79 -52.82 -0.91 42.23
N THR I 80 -53.93 -0.24 42.50
CA THR I 80 -55.19 -0.45 41.80
C THR I 80 -55.84 0.91 41.56
N PRO I 81 -56.68 1.02 40.53
CA PRO I 81 -57.34 2.31 40.26
C PRO I 81 -58.59 2.52 41.11
N GLY I 82 -59.26 1.44 41.47
CA GLY I 82 -60.46 1.51 42.30
C GLY I 82 -60.19 1.13 43.73
N ARG I 83 -58.91 0.98 44.09
CA ARG I 83 -58.57 0.57 45.44
C ARG I 83 -58.91 1.66 46.46
N LEU I 84 -58.73 2.92 46.09
CA LEU I 84 -58.90 4.03 47.02
C LEU I 84 -60.21 4.76 46.72
N THR I 85 -61.02 4.95 47.76
CA THR I 85 -62.24 5.73 47.65
C THR I 85 -61.91 7.20 47.53
N PRO I 86 -62.85 8.01 47.04
CA PRO I 86 -62.57 9.44 46.87
C PRO I 86 -62.44 10.17 48.20
N GLY I 87 -61.30 9.98 48.87
CA GLY I 87 -61.09 10.57 50.16
C GLY I 87 -59.66 10.45 50.60
N PHE I 88 -59.44 10.65 51.90
CA PHE I 88 -58.10 10.66 52.49
C PHE I 88 -57.92 9.41 53.34
N HIS I 89 -56.79 8.74 53.16
CA HIS I 89 -56.40 7.59 53.96
C HIS I 89 -55.27 7.99 54.90
N GLY I 90 -55.44 7.71 56.19
CA GLY I 90 -54.43 8.07 57.17
C GLY I 90 -53.13 7.31 57.00
N VAL I 91 -52.09 8.00 56.55
CA VAL I 91 -50.79 7.36 56.32
C VAL I 91 -50.06 7.25 57.65
N HIS I 92 -49.33 6.14 57.82
CA HIS I 92 -48.52 5.94 59.02
C HIS I 92 -47.42 4.95 58.71
N ILE I 93 -46.38 4.96 59.54
CA ILE I 93 -45.28 4.02 59.46
C ILE I 93 -45.32 3.16 60.70
N HIS I 94 -45.60 1.87 60.52
CA HIS I 94 -45.75 0.93 61.62
C HIS I 94 -44.44 0.22 61.90
N SER I 95 -44.15 0.02 63.18
CA SER I 95 -42.92 -0.66 63.57
C SER I 95 -42.97 -2.13 63.16
N VAL I 96 -44.16 -2.72 63.11
CA VAL I 96 -44.31 -4.12 62.75
C VAL I 96 -44.44 -4.24 61.24
N GLY I 97 -43.65 -5.14 60.65
CA GLY I 97 -43.63 -5.35 59.22
C GLY I 97 -44.50 -6.48 58.71
N LYS I 98 -45.41 -7.00 59.54
CA LYS I 98 -46.31 -8.07 59.14
C LYS I 98 -47.69 -7.48 58.89
N CYS I 99 -48.08 -7.43 57.62
CA CYS I 99 -49.37 -6.87 57.22
C CYS I 99 -50.45 -7.97 57.18
N GLU I 100 -50.59 -8.65 58.32
CA GLU I 100 -51.59 -9.71 58.42
C GLU I 100 -52.99 -9.13 58.39
N ALA I 101 -53.96 -10.01 58.09
CA ALA I 101 -55.35 -9.56 58.02
C ALA I 101 -55.84 -9.04 59.36
N ASN I 102 -55.51 -9.73 60.45
CA ASN I 102 -55.95 -9.32 61.78
C ASN I 102 -54.96 -9.87 62.80
N SER I 103 -54.15 -9.00 63.40
CA SER I 103 -53.20 -9.40 64.42
C SER I 103 -52.83 -8.18 65.24
N VAL I 104 -52.90 -8.31 66.57
CA VAL I 104 -52.61 -7.23 67.49
C VAL I 104 -51.51 -7.71 68.43
N ALA I 105 -50.44 -6.91 68.53
CA ALA I 105 -49.34 -7.27 69.43
C ALA I 105 -49.81 -7.39 70.87
N PRO I 106 -50.58 -6.47 71.42
CA PRO I 106 -51.02 -6.61 72.82
C PRO I 106 -52.28 -7.45 72.95
N THR I 107 -52.71 -7.69 74.19
CA THR I 107 -53.91 -8.49 74.46
C THR I 107 -55.12 -7.57 74.38
N GLY I 108 -55.86 -7.64 73.27
CA GLY I 108 -57.02 -6.80 73.08
C GLY I 108 -57.55 -6.92 71.67
N GLY I 109 -58.47 -6.02 71.34
CA GLY I 109 -59.06 -6.02 70.02
C GLY I 109 -58.01 -5.89 68.92
N ALA I 110 -58.08 -6.79 67.93
CA ALA I 110 -57.12 -6.80 66.84
C ALA I 110 -57.72 -6.11 65.63
N PRO I 111 -57.51 -4.81 65.43
CA PRO I 111 -58.02 -4.15 64.24
C PRO I 111 -57.34 -4.66 62.98
N GLY I 112 -58.08 -4.61 61.88
CA GLY I 112 -57.55 -5.05 60.60
C GLY I 112 -56.30 -4.28 60.19
N ASP I 113 -55.26 -5.01 59.79
CA ASP I 113 -54.00 -4.40 59.37
C ASP I 113 -53.45 -3.47 60.45
N PHE I 114 -53.55 -3.92 61.71
CA PHE I 114 -53.07 -3.18 62.86
C PHE I 114 -52.02 -3.99 63.63
N ASN I 115 -51.10 -4.61 62.91
CA ASN I 115 -50.05 -5.41 63.52
C ASN I 115 -48.97 -4.58 64.19
N SER I 116 -49.00 -3.25 64.03
CA SER I 116 -47.98 -2.41 64.62
C SER I 116 -47.90 -2.62 66.13
N ALA I 117 -46.68 -2.66 66.66
CA ALA I 117 -46.49 -2.84 68.09
C ALA I 117 -46.65 -1.52 68.83
N GLY I 118 -47.79 -0.86 68.62
CA GLY I 118 -48.04 0.44 69.20
C GLY I 118 -48.68 1.39 68.22
N GLY I 119 -48.15 2.60 68.13
CA GLY I 119 -48.68 3.61 67.22
C GLY I 119 -47.85 3.77 65.97
N HIS I 120 -47.02 4.81 65.94
CA HIS I 120 -46.18 5.13 64.79
C HIS I 120 -44.75 4.69 65.05
N PHE I 121 -44.09 4.21 64.00
CA PHE I 121 -42.71 3.73 64.10
C PHE I 121 -41.79 4.94 64.21
N GLN I 122 -41.64 5.43 65.45
CA GLN I 122 -40.76 6.55 65.73
C GLN I 122 -39.32 6.04 65.83
N VAL I 123 -38.40 6.91 66.25
CA VAL I 123 -37.02 6.53 66.46
C VAL I 123 -36.93 5.76 67.77
N SER I 124 -35.81 5.07 68.00
CA SER I 124 -35.67 4.27 69.21
C SER I 124 -35.76 5.13 70.46
N GLY I 125 -35.12 6.29 70.44
CA GLY I 125 -35.18 7.22 71.56
C GLY I 125 -36.36 8.16 71.56
N HIS I 126 -37.25 8.03 70.58
CA HIS I 126 -38.42 8.91 70.46
C HIS I 126 -39.67 8.17 70.91
N SER I 127 -40.40 8.78 71.85
CA SER I 127 -41.65 8.20 72.33
C SER I 127 -42.74 9.24 72.55
N GLY I 128 -42.57 10.46 72.04
CA GLY I 128 -43.52 11.52 72.29
C GLY I 128 -44.27 11.97 71.05
N HIS I 129 -43.83 13.08 70.46
CA HIS I 129 -44.52 13.69 69.33
C HIS I 129 -44.57 12.74 68.14
N PRO I 130 -45.30 13.09 67.09
CA PRO I 130 -45.41 12.19 65.93
C PRO I 130 -44.16 12.17 65.07
N ALA I 131 -43.21 11.30 65.42
CA ALA I 131 -41.97 11.19 64.67
C ALA I 131 -42.25 10.55 63.32
N SER I 132 -41.18 10.22 62.58
CA SER I 132 -41.33 9.77 61.20
C SER I 132 -42.34 8.64 61.04
N GLY I 133 -42.69 7.97 62.13
CA GLY I 133 -43.76 6.98 62.06
C GLY I 133 -45.09 7.59 61.62
N ASP I 134 -45.39 8.78 62.11
CA ASP I 134 -46.64 9.44 61.76
C ASP I 134 -46.59 9.95 60.33
N LEU I 135 -47.72 9.82 59.64
CA LEU I 135 -47.86 10.31 58.27
C LEU I 135 -49.25 10.92 58.11
N SER I 136 -49.39 11.75 57.08
CA SER I 136 -50.60 12.52 56.85
C SER I 136 -51.47 11.85 55.79
N SER I 137 -52.52 12.55 55.38
CA SER I 137 -53.52 11.97 54.50
C SER I 137 -52.94 11.68 53.12
N LEU I 138 -53.25 10.49 52.60
CA LEU I 138 -53.03 10.13 51.21
C LEU I 138 -54.37 10.31 50.49
N GLN I 139 -54.41 11.23 49.54
CA GLN I 139 -55.66 11.67 48.92
C GLN I 139 -55.90 10.94 47.62
N VAL I 140 -57.13 10.48 47.42
CA VAL I 140 -57.56 9.85 46.17
C VAL I 140 -58.84 10.54 45.73
N ARG I 141 -58.89 10.91 44.45
CA ARG I 141 -60.08 11.52 43.87
C ARG I 141 -60.97 10.44 43.27
N ALA I 142 -61.95 10.84 42.46
CA ALA I 142 -62.80 9.86 41.80
C ALA I 142 -61.98 8.88 40.96
N ASP I 143 -60.80 9.30 40.50
CA ASP I 143 -59.91 8.38 39.80
C ASP I 143 -59.42 7.28 40.73
N GLY I 144 -59.13 7.61 41.98
CA GLY I 144 -58.71 6.62 42.96
C GLY I 144 -57.26 6.21 42.83
N SER I 145 -56.34 7.16 43.02
CA SER I 145 -54.92 6.88 42.95
C SER I 145 -54.19 7.72 43.99
N GLY I 146 -53.01 7.23 44.38
CA GLY I 146 -52.19 7.95 45.35
C GLY I 146 -50.77 8.16 44.88
N LYS I 147 -50.38 9.42 44.66
CA LYS I 147 -49.01 9.75 44.29
C LYS I 147 -48.74 11.19 44.72
N LEU I 148 -48.09 11.35 45.87
CA LEU I 148 -47.70 12.66 46.39
C LEU I 148 -46.82 12.46 47.60
N VAL I 149 -45.80 13.31 47.75
CA VAL I 149 -44.78 13.15 48.78
C VAL I 149 -44.62 14.44 49.56
N THR I 150 -43.90 14.33 50.66
CA THR I 150 -43.69 15.43 51.59
C THR I 150 -42.25 15.36 52.09
N THR I 151 -41.96 16.04 53.20
CA THR I 151 -40.63 16.02 53.81
C THR I 151 -40.77 15.64 55.27
N THR I 152 -40.35 14.41 55.62
CA THR I 152 -40.43 13.93 57.00
C THR I 152 -39.24 13.01 57.23
N ASP I 153 -38.15 13.57 57.77
CA ASP I 153 -36.88 12.87 57.90
C ASP I 153 -36.48 12.73 59.37
N ALA I 154 -37.44 12.41 60.23
CA ALA I 154 -37.10 12.08 61.61
C ALA I 154 -36.32 10.78 61.71
N PHE I 155 -36.29 9.99 60.64
CA PHE I 155 -35.49 8.77 60.59
C PHE I 155 -34.58 8.81 59.35
N THR I 156 -33.95 7.69 59.04
CA THR I 156 -33.08 7.59 57.86
C THR I 156 -32.99 6.12 57.47
N ALA I 157 -32.17 5.84 56.46
CA ALA I 157 -31.96 4.45 56.05
C ALA I 157 -31.36 3.62 57.18
N GLU I 158 -30.59 4.26 58.07
CA GLU I 158 -30.01 3.53 59.19
C GLU I 158 -31.09 2.96 60.10
N ASP I 159 -32.14 3.73 60.36
CA ASP I 159 -33.23 3.27 61.21
C ASP I 159 -34.30 2.50 60.44
N LEU I 160 -34.23 2.46 59.11
CA LEU I 160 -35.26 1.76 58.34
C LEU I 160 -35.28 0.27 58.67
N LEU I 161 -34.10 -0.36 58.72
CA LEU I 161 -34.01 -1.80 58.99
C LEU I 161 -33.80 -2.03 60.49
N ASP I 162 -34.87 -1.78 61.24
CA ASP I 162 -34.84 -1.95 62.68
C ASP I 162 -34.90 -3.44 63.03
N GLY I 163 -34.92 -3.73 64.33
CA GLY I 163 -35.04 -5.12 64.76
C GLY I 163 -36.31 -5.77 64.26
N ALA I 164 -37.42 -5.06 64.33
CA ALA I 164 -38.70 -5.50 63.79
C ALA I 164 -38.96 -4.75 62.50
N LYS I 165 -39.21 -5.49 61.42
CA LYS I 165 -39.41 -4.86 60.11
C LYS I 165 -40.56 -3.87 60.18
N THR I 166 -40.36 -2.70 59.57
CA THR I 166 -41.37 -1.67 59.54
C THR I 166 -42.29 -1.86 58.33
N ALA I 167 -43.31 -1.03 58.23
CA ALA I 167 -44.26 -1.13 57.13
C ALA I 167 -44.97 0.22 56.96
N ILE I 168 -45.65 0.37 55.84
CA ILE I 168 -46.46 1.54 55.54
C ILE I 168 -47.92 1.16 55.64
N ILE I 169 -48.67 1.88 56.47
CA ILE I 169 -50.07 1.58 56.74
C ILE I 169 -50.92 2.74 56.25
N ILE I 170 -52.02 2.42 55.58
CA ILE I 170 -52.97 3.40 55.07
C ILE I 170 -54.25 3.28 55.88
N HIS I 171 -54.59 4.34 56.60
CA HIS I 171 -55.77 4.41 57.44
C HIS I 171 -56.92 5.03 56.63
N GLU I 172 -57.99 5.44 57.30
CA GLU I 172 -59.15 6.06 56.66
C GLU I 172 -59.45 7.42 57.28
N LYS I 173 -58.43 8.25 57.43
CA LYS I 173 -58.58 9.57 58.03
C LYS I 173 -57.51 10.50 57.48
N ALA I 174 -57.73 11.81 57.68
CA ALA I 174 -56.83 12.85 57.23
C ALA I 174 -55.76 13.12 58.28
N ASP I 175 -55.04 14.23 58.14
CA ASP I 175 -53.99 14.64 59.07
C ASP I 175 -54.40 15.94 59.74
N ASN I 176 -54.89 15.86 60.99
CA ASN I 176 -55.29 17.02 61.76
C ASN I 176 -54.51 17.16 63.06
N PHE I 177 -54.41 16.10 63.85
CA PHE I 177 -53.68 16.10 65.12
C PHE I 177 -54.26 17.14 66.08
N ALA I 178 -55.52 16.90 66.45
CA ALA I 178 -56.22 17.74 67.41
C ALA I 178 -56.22 19.20 66.95
N ASN I 179 -56.67 19.42 65.72
CA ASN I 179 -56.70 20.76 65.16
C ASN I 179 -57.63 21.69 65.93
N ILE I 180 -58.52 21.15 66.76
CA ILE I 180 -59.43 21.96 67.56
C ILE I 180 -58.64 22.61 68.69
N PRO I 181 -58.62 23.93 68.78
CA PRO I 181 -57.79 24.58 69.81
C PRO I 181 -58.29 24.26 71.20
N PRO I 182 -57.39 24.13 72.18
CA PRO I 182 -57.85 23.89 73.56
C PRO I 182 -58.63 25.05 74.16
N GLU I 183 -58.50 26.26 73.61
CA GLU I 183 -59.19 27.40 74.19
C GLU I 183 -60.69 27.24 74.11
N ARG I 184 -61.21 26.78 72.98
CA ARG I 184 -62.63 26.59 72.77
C ARG I 184 -63.04 25.13 72.60
N TYR I 185 -62.18 24.29 72.04
CA TYR I 185 -62.51 22.89 71.86
C TYR I 185 -62.42 22.14 73.19
N GLN I 186 -63.05 20.97 73.22
CA GLN I 186 -63.03 20.12 74.40
C GLN I 186 -63.14 18.67 73.99
N GLN I 187 -62.71 17.78 74.88
CA GLN I 187 -62.77 16.35 74.68
C GLN I 187 -63.96 15.78 75.44
N VAL I 188 -64.06 14.45 75.48
CA VAL I 188 -65.16 13.81 76.20
C VAL I 188 -65.14 14.20 77.66
N ASN I 189 -63.97 14.22 78.28
CA ASN I 189 -63.82 14.59 79.68
C ASN I 189 -63.77 16.11 79.89
N GLY I 190 -63.82 16.90 78.82
CA GLY I 190 -63.77 18.34 78.92
C GLY I 190 -62.38 18.92 78.99
N ALA I 191 -61.35 18.08 79.03
CA ALA I 191 -59.98 18.59 79.10
C ALA I 191 -59.64 19.32 77.80
N PRO I 192 -59.11 20.54 77.87
CA PRO I 192 -58.76 21.26 76.64
C PRO I 192 -57.68 20.56 75.82
N GLY I 193 -56.91 19.67 76.41
CA GLY I 193 -55.85 18.99 75.71
C GLY I 193 -56.38 17.95 74.75
N PRO I 194 -55.49 17.42 73.92
CA PRO I 194 -55.88 16.41 72.93
C PRO I 194 -55.79 15.00 73.50
N ASP I 195 -56.31 14.06 72.71
CA ASP I 195 -56.32 12.66 73.12
C ASP I 195 -54.98 12.00 72.77
N GLN I 196 -54.48 11.18 73.70
CA GLN I 196 -53.22 10.48 73.46
C GLN I 196 -53.34 9.46 72.34
N THR I 197 -54.53 8.90 72.13
CA THR I 197 -54.72 7.93 71.07
C THR I 197 -54.43 8.55 69.70
N THR I 198 -54.92 9.77 69.48
CA THR I 198 -54.67 10.48 68.24
C THR I 198 -53.30 11.15 68.21
N MET I 199 -52.62 11.26 69.36
CA MET I 199 -51.32 11.92 69.43
C MET I 199 -50.17 10.95 69.19
N ALA I 200 -50.27 9.73 69.73
CA ALA I 200 -49.18 8.77 69.56
C ALA I 200 -48.99 8.41 68.09
N THR I 201 -50.08 8.19 67.36
CA THR I 201 -50.00 7.88 65.94
C THR I 201 -51.36 8.15 65.31
N GLY I 202 -51.36 8.30 63.99
CA GLY I 202 -52.58 8.56 63.26
C GLY I 202 -53.60 7.45 63.43
N ASP I 203 -54.67 7.72 64.17
CA ASP I 203 -55.73 6.76 64.40
C ASP I 203 -56.91 7.08 63.48
N ALA I 204 -57.48 6.03 62.89
CA ALA I 204 -58.60 6.18 61.98
C ALA I 204 -59.45 4.91 62.07
N GLY I 205 -60.36 4.75 61.11
CA GLY I 205 -61.18 3.57 61.03
C GLY I 205 -60.37 2.34 60.65
N SER I 206 -61.04 1.34 60.09
CA SER I 206 -60.34 0.12 59.68
C SER I 206 -59.21 0.46 58.73
N ARG I 207 -58.07 -0.19 58.92
CA ARG I 207 -56.88 0.12 58.14
C ARG I 207 -57.16 -0.07 56.65
N VAL I 208 -56.79 0.93 55.85
CA VAL I 208 -57.00 0.85 54.41
C VAL I 208 -56.08 -0.19 53.79
N ALA I 209 -54.81 -0.19 54.19
CA ALA I 209 -53.86 -1.15 53.63
C ALA I 209 -52.64 -1.23 54.55
N CYS I 210 -51.82 -2.26 54.31
CA CYS I 210 -50.59 -2.45 55.07
C CYS I 210 -49.58 -3.16 54.18
N GLY I 211 -48.42 -2.52 54.00
CA GLY I 211 -47.39 -3.09 53.15
C GLY I 211 -46.03 -3.11 53.81
N VAL I 212 -45.38 -4.27 53.83
CA VAL I 212 -44.07 -4.39 54.47
C VAL I 212 -43.07 -3.51 53.75
N ILE I 213 -42.27 -2.77 54.53
CA ILE I 213 -41.29 -1.85 53.98
C ILE I 213 -39.96 -2.52 53.66
N SER I 214 -39.80 -3.81 53.99
CA SER I 214 -38.54 -4.51 53.78
C SER I 214 -38.48 -5.03 52.34
N ALA I 215 -38.22 -4.10 51.43
CA ALA I 215 -38.07 -4.43 50.01
C ALA I 215 -39.27 -5.19 49.47
N GLY I 216 -40.46 -4.76 49.88
CA GLY I 216 -41.69 -5.41 49.46
C GLY I 216 -41.94 -5.27 47.96
N GLN J 1 -65.74 -12.55 4.71
CA GLN J 1 -67.13 -12.23 4.38
C GLN J 1 -67.84 -13.47 3.82
N SER J 2 -69.15 -13.56 4.05
CA SER J 2 -69.89 -14.77 3.71
C SER J 2 -69.77 -15.08 2.21
N ALA J 3 -70.05 -14.10 1.35
CA ALA J 3 -69.93 -14.34 -0.08
C ALA J 3 -68.49 -14.61 -0.48
N LEU J 4 -67.54 -13.88 0.12
CA LEU J 4 -66.14 -14.14 -0.14
C LEU J 4 -65.76 -15.57 0.23
N LEU J 5 -66.20 -16.02 1.41
CA LEU J 5 -65.89 -17.38 1.82
C LEU J 5 -66.53 -18.40 0.89
N ARG J 6 -67.77 -18.14 0.45
CA ARG J 6 -68.43 -19.07 -0.46
C ARG J 6 -67.67 -19.17 -1.79
N THR J 7 -67.26 -18.02 -2.34
CA THR J 7 -66.52 -18.03 -3.60
C THR J 7 -65.17 -18.74 -3.44
N GLY J 8 -64.45 -18.42 -2.36
CA GLY J 8 -63.20 -19.11 -2.12
C GLY J 8 -63.39 -20.60 -1.97
N LYS J 9 -64.45 -21.01 -1.28
CA LYS J 9 -64.72 -22.42 -1.09
C LYS J 9 -64.98 -23.11 -2.42
N GLN J 10 -65.78 -22.49 -3.29
CA GLN J 10 -66.09 -23.14 -4.57
C GLN J 10 -64.84 -23.23 -5.45
N LEU J 11 -64.03 -22.16 -5.51
CA LEU J 11 -62.80 -22.25 -6.30
C LEU J 11 -61.87 -23.32 -5.74
N PHE J 12 -61.70 -23.37 -4.42
CA PHE J 12 -60.90 -24.44 -3.83
C PHE J 12 -61.48 -25.80 -4.21
N GLU J 13 -62.80 -25.91 -4.22
CA GLU J 13 -63.45 -27.18 -4.49
C GLU J 13 -63.14 -27.66 -5.91
N THR J 14 -63.15 -26.75 -6.87
CA THR J 14 -62.97 -27.11 -8.28
C THR J 14 -61.55 -26.93 -8.77
N SER J 15 -60.60 -26.70 -7.87
CA SER J 15 -59.23 -26.45 -8.31
C SER J 15 -58.19 -27.33 -7.62
N CYS J 16 -58.36 -27.61 -6.33
CA CYS J 16 -57.28 -28.21 -5.56
C CYS J 16 -57.69 -29.27 -4.55
N VAL J 17 -58.96 -29.67 -4.48
CA VAL J 17 -59.32 -30.76 -3.59
C VAL J 17 -58.60 -32.05 -3.98
N SER J 18 -58.14 -32.15 -5.24
CA SER J 18 -57.46 -33.35 -5.68
C SER J 18 -56.13 -33.56 -4.97
N CYS J 19 -55.57 -32.52 -4.35
CA CYS J 19 -54.30 -32.66 -3.65
C CYS J 19 -54.25 -31.99 -2.29
N HIS J 20 -55.19 -31.12 -1.97
CA HIS J 20 -55.40 -30.63 -0.60
C HIS J 20 -56.84 -31.03 -0.29
N GLY J 21 -57.01 -32.28 0.14
CA GLY J 21 -58.31 -32.91 0.16
C GLY J 21 -59.40 -32.02 0.70
N ALA J 22 -60.63 -32.21 0.20
CA ALA J 22 -61.76 -31.48 0.75
C ALA J 22 -61.71 -31.52 2.27
N ASN J 23 -62.12 -30.43 2.89
CA ASN J 23 -61.94 -30.19 4.31
C ASN J 23 -60.53 -29.69 4.61
N LEU J 24 -59.75 -29.33 3.58
CA LEU J 24 -58.45 -28.68 3.69
C LEU J 24 -57.37 -29.61 4.22
N GLN J 25 -57.71 -30.83 4.60
CA GLN J 25 -56.72 -31.81 5.03
C GLN J 25 -55.91 -32.28 3.82
N GLY J 26 -54.59 -32.17 3.90
CA GLY J 26 -53.77 -32.51 2.76
C GLY J 26 -53.90 -33.97 2.39
N VAL J 27 -53.85 -34.25 1.09
CA VAL J 27 -53.87 -35.63 0.62
C VAL J 27 -52.50 -36.27 0.92
N PRO J 28 -52.46 -37.48 1.47
CA PRO J 28 -51.15 -38.09 1.78
C PRO J 28 -50.31 -38.27 0.52
N ASP J 29 -49.12 -37.66 0.54
CA ASP J 29 -48.11 -37.82 -0.50
C ASP J 29 -48.51 -37.14 -1.79
N ARG J 30 -49.43 -36.17 -1.74
CA ARG J 30 -49.75 -35.32 -2.88
C ARG J 30 -49.62 -33.85 -2.57
N GLY J 31 -50.02 -33.42 -1.39
CA GLY J 31 -49.92 -32.04 -1.00
C GLY J 31 -50.14 -31.86 0.49
N PRO J 32 -49.55 -30.81 1.07
CA PRO J 32 -49.68 -30.60 2.51
C PRO J 32 -51.06 -30.08 2.89
N SER J 33 -51.38 -30.23 4.17
CA SER J 33 -52.60 -29.63 4.70
C SER J 33 -52.43 -28.13 4.82
N LEU J 34 -53.49 -27.40 4.51
CA LEU J 34 -53.47 -25.95 4.49
C LEU J 34 -53.99 -25.34 5.77
N ILE J 35 -54.37 -26.16 6.75
CA ILE J 35 -54.90 -25.68 8.02
C ILE J 35 -53.76 -24.99 8.77
N GLY J 36 -53.84 -23.67 8.86
CA GLY J 36 -52.84 -22.88 9.54
C GLY J 36 -51.87 -22.15 8.63
N THR J 37 -51.83 -22.51 7.34
CA THR J 37 -50.94 -21.80 6.42
C THR J 37 -51.31 -20.32 6.34
N GLY J 38 -52.59 -20.03 6.28
CA GLY J 38 -53.08 -18.67 6.43
C GLY J 38 -53.31 -17.99 5.09
N GLU J 39 -53.93 -16.81 5.18
CA GLU J 39 -54.23 -16.04 3.99
C GLU J 39 -52.97 -15.55 3.30
N ALA J 40 -51.88 -15.34 4.03
CA ALA J 40 -50.61 -14.85 3.44
C ALA J 40 -50.03 -15.89 2.51
N ALA J 41 -50.07 -17.14 2.90
CA ALA J 41 -49.51 -18.26 2.13
C ALA J 41 -50.24 -18.42 0.80
N VAL J 42 -51.56 -18.37 0.80
CA VAL J 42 -52.38 -18.47 -0.44
C VAL J 42 -52.04 -17.28 -1.29
N TYR J 43 -51.98 -16.08 -0.74
CA TYR J 43 -51.74 -14.94 -1.61
C TYR J 43 -50.40 -15.21 -2.25
N PHE J 44 -49.42 -15.62 -1.48
CA PHE J 44 -48.07 -15.77 -2.02
C PHE J 44 -48.03 -16.84 -3.09
N GLN J 45 -48.55 -18.01 -2.82
CA GLN J 45 -48.39 -19.14 -3.76
C GLN J 45 -49.26 -18.94 -4.99
N VAL J 46 -50.50 -18.53 -4.83
CA VAL J 46 -51.46 -18.40 -5.96
C VAL J 46 -51.15 -17.13 -6.76
N SER J 47 -50.74 -16.02 -6.13
CA SER J 47 -50.33 -14.78 -6.84
C SER J 47 -49.05 -15.02 -7.61
N THR J 48 -48.05 -15.70 -7.02
CA THR J 48 -46.81 -16.05 -7.76
C THR J 48 -47.30 -16.97 -8.85
N GLY J 49 -48.29 -17.79 -8.55
CA GLY J 49 -48.92 -18.68 -9.53
C GLY J 49 -48.43 -20.07 -9.41
N ARG J 50 -47.61 -20.36 -8.42
CA ARG J 50 -47.14 -21.73 -8.13
C ARG J 50 -48.24 -22.66 -7.70
N MET J 51 -49.22 -22.18 -6.95
CA MET J 51 -50.14 -23.10 -6.25
C MET J 51 -51.13 -23.96 -6.98
N PRO J 52 -51.70 -23.67 -8.14
CA PRO J 52 -52.53 -24.67 -8.80
C PRO J 52 -51.40 -25.55 -9.38
N ALA J 53 -50.61 -26.28 -8.59
CA ALA J 53 -49.40 -27.01 -9.04
C ALA J 53 -49.79 -28.21 -9.88
N MET J 54 -49.04 -28.57 -10.91
CA MET J 54 -49.47 -29.65 -11.85
C MET J 54 -48.48 -30.81 -11.89
N ARG J 55 -47.51 -30.87 -10.97
CA ARG J 55 -46.56 -32.01 -10.90
C ARG J 55 -45.88 -32.05 -9.56
N GLY J 56 -45.35 -33.20 -9.16
CA GLY J 56 -44.47 -33.31 -8.00
C GLY J 56 -43.11 -33.31 -8.64
N GLU J 57 -42.23 -32.38 -8.32
CA GLU J 57 -40.91 -32.24 -8.98
C GLU J 57 -39.92 -32.01 -7.85
N ALA J 58 -38.73 -31.52 -8.08
CA ALA J 58 -37.85 -31.11 -6.96
C ALA J 58 -38.46 -29.87 -6.32
N GLN J 59 -38.99 -28.95 -7.13
CA GLN J 59 -39.59 -27.68 -6.67
C GLN J 59 -40.74 -27.28 -7.61
N ALA J 60 -41.84 -26.73 -7.10
CA ALA J 60 -42.98 -26.26 -7.94
C ALA J 60 -42.55 -24.91 -8.50
N PRO J 61 -42.55 -24.63 -9.83
CA PRO J 61 -42.02 -23.36 -10.31
C PRO J 61 -43.09 -22.28 -10.38
N SER J 62 -42.63 -21.03 -10.32
CA SER J 62 -43.52 -19.90 -10.53
C SER J 62 -43.99 -19.88 -11.99
N LYS J 63 -45.24 -19.50 -12.18
CA LYS J 63 -45.85 -19.51 -13.49
C LYS J 63 -46.99 -18.49 -13.50
N PRO J 64 -47.46 -18.09 -14.68
CA PRO J 64 -48.50 -17.06 -14.74
C PRO J 64 -49.65 -17.38 -13.80
N PRO J 65 -50.11 -16.40 -13.01
CA PRO J 65 -51.18 -16.69 -12.06
C PRO J 65 -52.43 -17.21 -12.77
N HIS J 66 -53.00 -18.26 -12.19
CA HIS J 66 -54.21 -18.88 -12.71
C HIS J 66 -55.47 -18.29 -12.07
N PHE J 67 -55.31 -17.32 -11.19
CA PHE J 67 -56.41 -16.58 -10.57
C PHE J 67 -56.04 -15.10 -10.54
N ASP J 68 -57.06 -14.25 -10.39
CA ASP J 68 -56.83 -12.82 -10.27
C ASP J 68 -57.08 -12.35 -8.83
N GLU J 69 -56.81 -11.07 -8.59
CA GLU J 69 -56.64 -10.57 -7.23
C GLU J 69 -57.87 -10.86 -6.36
N SER J 70 -59.06 -10.58 -6.88
CA SER J 70 -60.26 -10.74 -6.05
C SER J 70 -60.44 -12.18 -5.60
N GLN J 71 -60.31 -13.13 -6.53
CA GLN J 71 -60.54 -14.51 -6.15
C GLN J 71 -59.29 -15.13 -5.53
N ILE J 72 -58.12 -14.54 -5.76
CA ILE J 72 -56.96 -14.84 -4.92
C ILE J 72 -57.29 -14.56 -3.47
N ASP J 73 -57.87 -13.38 -3.21
CA ASP J 73 -58.29 -13.04 -1.85
C ASP J 73 -59.38 -13.98 -1.37
N ALA J 74 -60.26 -14.41 -2.26
CA ALA J 74 -61.30 -15.37 -1.88
C ALA J 74 -60.69 -16.69 -1.39
N LEU J 75 -59.74 -17.22 -2.16
CA LEU J 75 -59.05 -18.44 -1.73
C LEU J 75 -58.32 -18.22 -0.41
N GLY J 76 -57.64 -17.09 -0.28
CA GLY J 76 -56.93 -16.81 0.96
C GLY J 76 -57.86 -16.74 2.15
N ALA J 77 -59.02 -16.10 1.99
CA ALA J 77 -59.98 -16.02 3.07
C ALA J 77 -60.55 -17.39 3.41
N TYR J 78 -60.82 -18.22 2.39
CA TYR J 78 -61.30 -19.57 2.66
C TYR J 78 -60.28 -20.35 3.48
N VAL J 79 -59.01 -20.32 3.06
CA VAL J 79 -57.97 -21.04 3.78
C VAL J 79 -57.80 -20.48 5.19
N GLN J 80 -57.86 -19.16 5.33
CA GLN J 80 -57.71 -18.56 6.65
C GLN J 80 -58.84 -18.99 7.57
N ALA J 81 -60.08 -18.98 7.08
CA ALA J 81 -61.19 -19.39 7.91
C ALA J 81 -61.07 -20.86 8.31
N ASN J 82 -60.71 -21.72 7.35
CA ASN J 82 -60.60 -23.14 7.67
C ASN J 82 -59.50 -23.39 8.70
N GLY J 83 -58.32 -22.83 8.46
CA GLY J 83 -57.20 -23.06 9.36
C GLY J 83 -56.93 -21.97 10.35
N GLY J 84 -56.83 -20.72 9.88
CA GLY J 84 -56.45 -19.62 10.74
C GLY J 84 -54.95 -19.43 10.76
N GLY J 85 -54.46 -18.27 10.33
CA GLY J 85 -53.05 -18.05 10.17
C GLY J 85 -52.72 -16.64 9.73
N PRO J 86 -51.51 -16.43 9.21
CA PRO J 86 -51.08 -15.08 8.85
C PRO J 86 -51.94 -14.47 7.76
N THR J 87 -52.05 -13.14 7.78
CA THR J 87 -52.83 -12.38 6.82
C THR J 87 -51.90 -11.52 5.97
N VAL J 88 -52.27 -11.37 4.70
CA VAL J 88 -51.48 -10.54 3.79
C VAL J 88 -51.59 -9.08 4.21
N PRO J 89 -50.53 -8.28 4.12
CA PRO J 89 -50.66 -6.85 4.42
C PRO J 89 -51.63 -6.17 3.47
N ARG J 90 -52.35 -5.18 3.99
CA ARG J 90 -53.32 -4.43 3.20
C ARG J 90 -53.23 -2.96 3.57
N ASP J 91 -53.64 -2.11 2.63
CA ASP J 91 -53.60 -0.67 2.81
C ASP J 91 -54.95 -0.17 3.30
N ASP J 92 -55.11 1.15 3.38
CA ASP J 92 -56.35 1.72 3.88
C ASP J 92 -57.53 1.36 3.00
N HIS J 93 -57.33 1.30 1.69
CA HIS J 93 -58.44 1.02 0.78
C HIS J 93 -59.02 -0.37 1.03
N GLY J 94 -58.16 -1.36 1.23
CA GLY J 94 -58.62 -2.72 1.49
C GLY J 94 -57.92 -3.77 0.67
N ALA J 95 -57.21 -3.34 -0.38
CA ALA J 95 -56.50 -4.25 -1.25
C ALA J 95 -55.14 -4.59 -0.65
N VAL J 96 -54.43 -5.51 -1.31
CA VAL J 96 -53.10 -5.90 -0.85
C VAL J 96 -52.16 -4.72 -0.97
N ALA J 97 -51.51 -4.37 0.14
CA ALA J 97 -50.61 -3.23 0.15
C ALA J 97 -49.35 -3.52 -0.64
N GLN J 98 -48.98 -2.59 -1.53
CA GLN J 98 -47.76 -2.70 -2.31
C GLN J 98 -46.77 -1.60 -1.96
N GLU J 99 -47.16 -0.33 -2.08
CA GLU J 99 -46.24 0.76 -1.77
C GLU J 99 -45.95 0.84 -0.28
N SER J 100 -46.93 0.53 0.58
CA SER J 100 -46.74 0.62 2.02
C SER J 100 -45.72 -0.39 2.54
N LEU J 101 -45.36 -1.39 1.75
CA LEU J 101 -44.41 -2.41 2.18
C LEU J 101 -42.98 -2.09 1.80
N ILE J 102 -42.73 -0.91 1.21
CA ILE J 102 -41.37 -0.48 0.87
C ILE J 102 -40.83 0.26 2.08
N GLY J 103 -40.06 -0.44 2.92
CA GLY J 103 -39.47 0.20 4.07
C GLY J 103 -38.55 1.33 3.67
N GLY J 104 -38.58 2.41 4.47
CA GLY J 104 -37.77 3.57 4.14
C GLY J 104 -36.28 3.28 4.15
N ASP J 105 -35.81 2.54 5.16
CA ASP J 105 -34.40 2.23 5.30
C ASP J 105 -34.02 1.10 4.37
N VAL J 106 -32.91 1.27 3.65
CA VAL J 106 -32.43 0.27 2.72
C VAL J 106 -31.08 -0.31 3.13
N ALA J 107 -30.22 0.46 3.80
CA ALA J 107 -28.97 -0.09 4.30
C ALA J 107 -29.25 -1.16 5.35
N ARG J 108 -30.18 -0.90 6.25
CA ARG J 108 -30.64 -1.94 7.17
C ARG J 108 -31.28 -3.09 6.41
N GLY J 109 -32.10 -2.78 5.41
CA GLY J 109 -32.64 -3.81 4.56
C GLY J 109 -31.54 -4.58 3.85
N GLY J 110 -30.47 -3.88 3.44
CA GLY J 110 -29.37 -4.57 2.80
C GLY J 110 -28.66 -5.54 3.73
N ASP J 111 -28.39 -5.12 4.97
CA ASP J 111 -27.76 -6.02 5.93
C ASP J 111 -28.65 -7.22 6.21
N LEU J 112 -29.94 -6.98 6.42
CA LEU J 112 -30.86 -8.09 6.68
C LEU J 112 -30.90 -9.05 5.49
N PHE J 113 -30.96 -8.51 4.27
CA PHE J 113 -30.99 -9.35 3.09
C PHE J 113 -29.73 -10.19 2.99
N ARG J 114 -28.56 -9.56 3.12
CA ARG J 114 -27.31 -10.29 2.95
C ARG J 114 -27.16 -11.37 4.01
N LEU J 115 -27.49 -11.06 5.26
CA LEU J 115 -27.38 -12.08 6.30
C LEU J 115 -28.38 -13.20 6.08
N ASN J 116 -29.60 -12.87 5.65
CA ASN J 116 -30.68 -13.84 5.55
C ASN J 116 -30.98 -14.27 4.12
N CYS J 117 -31.23 -13.32 3.22
CA CYS J 117 -31.74 -13.68 1.90
C CYS J 117 -30.61 -14.10 0.97
N ALA J 118 -29.53 -13.32 0.92
CA ALA J 118 -28.47 -13.59 -0.04
C ALA J 118 -27.86 -14.96 0.16
N SER J 119 -28.00 -15.53 1.36
CA SER J 119 -27.51 -16.88 1.61
C SER J 119 -27.77 -17.78 0.42
N CYS J 120 -29.02 -17.81 -0.05
CA CYS J 120 -29.40 -18.67 -1.16
C CYS J 120 -29.78 -17.92 -2.43
N HIS J 121 -30.29 -16.69 -2.33
CA HIS J 121 -30.78 -16.04 -3.54
C HIS J 121 -29.62 -15.42 -4.33
N ASN J 122 -29.03 -14.35 -3.79
CA ASN J 122 -27.85 -13.74 -4.41
C ASN J 122 -27.44 -12.50 -3.63
N PHE J 123 -26.34 -11.87 -4.05
CA PHE J 123 -26.05 -10.51 -3.61
C PHE J 123 -27.25 -9.60 -3.85
N THR J 124 -27.80 -9.63 -5.06
CA THR J 124 -28.86 -8.71 -5.48
C THR J 124 -30.12 -9.46 -5.91
N GLY J 125 -30.52 -10.46 -5.15
CA GLY J 125 -31.79 -11.11 -5.39
C GLY J 125 -31.85 -11.98 -6.62
N LYS J 126 -30.73 -12.23 -7.28
CA LYS J 126 -30.71 -13.19 -8.37
C LYS J 126 -30.96 -14.59 -7.80
N GLY J 127 -30.96 -15.58 -8.67
CA GLY J 127 -31.26 -16.93 -8.25
C GLY J 127 -30.07 -17.63 -7.61
N GLY J 128 -30.36 -18.79 -7.06
CA GLY J 128 -29.33 -19.66 -6.53
C GLY J 128 -29.80 -21.10 -6.55
N ALA J 129 -28.86 -22.03 -6.71
CA ALA J 129 -29.19 -23.44 -6.80
C ALA J 129 -29.19 -24.06 -5.41
N LEU J 130 -30.08 -25.03 -5.22
CA LEU J 130 -30.24 -25.75 -3.97
C LEU J 130 -29.96 -27.23 -4.22
N SER J 131 -30.25 -28.07 -3.21
CA SER J 131 -29.70 -29.41 -3.12
C SER J 131 -29.95 -30.26 -4.37
N SER J 132 -31.21 -30.56 -4.68
CA SER J 132 -31.53 -31.54 -5.72
C SER J 132 -32.71 -31.02 -6.53
N GLY J 133 -32.42 -30.36 -7.65
CA GLY J 133 -33.45 -29.82 -8.49
C GLY J 133 -34.14 -28.60 -7.92
N LYS J 134 -33.73 -28.14 -6.75
CA LYS J 134 -34.30 -26.98 -6.10
C LYS J 134 -33.46 -25.75 -6.44
N TYR J 135 -34.00 -24.57 -6.12
CA TYR J 135 -33.29 -23.33 -6.39
C TYR J 135 -34.04 -22.20 -5.72
N ALA J 136 -33.37 -21.05 -5.62
CA ALA J 136 -33.98 -19.84 -5.13
C ALA J 136 -34.37 -18.98 -6.33
N PRO J 137 -35.65 -18.70 -6.55
CA PRO J 137 -36.02 -17.91 -7.73
C PRO J 137 -35.50 -16.49 -7.65
N ASP J 138 -35.35 -15.86 -8.81
CA ASP J 138 -34.97 -14.46 -8.88
C ASP J 138 -36.04 -13.60 -8.20
N LEU J 139 -35.59 -12.55 -7.51
CA LEU J 139 -36.48 -11.66 -6.79
C LEU J 139 -36.89 -10.45 -7.60
N GLY J 140 -36.42 -10.32 -8.85
CA GLY J 140 -36.79 -9.18 -9.65
C GLY J 140 -38.28 -9.14 -9.97
N ASP J 141 -38.88 -10.31 -10.16
CA ASP J 141 -40.28 -10.37 -10.57
C ASP J 141 -41.22 -10.10 -9.40
N ALA J 142 -40.88 -10.58 -8.21
CA ALA J 142 -41.79 -10.51 -7.08
C ALA J 142 -42.09 -9.06 -6.71
N ASN J 143 -43.36 -8.77 -6.47
CA ASN J 143 -43.81 -7.46 -6.02
C ASN J 143 -43.68 -7.35 -4.52
N PRO J 144 -43.76 -6.14 -3.96
CA PRO J 144 -43.53 -5.99 -2.51
C PRO J 144 -44.38 -6.91 -1.65
N ALA J 145 -45.66 -7.05 -2.00
CA ALA J 145 -46.52 -7.96 -1.25
C ALA J 145 -46.02 -9.39 -1.36
N GLN J 146 -45.58 -9.80 -2.56
CA GLN J 146 -45.10 -11.16 -2.74
C GLN J 146 -43.83 -11.40 -1.93
N ILE J 147 -42.92 -10.43 -1.89
CA ILE J 147 -41.71 -10.58 -1.09
C ILE J 147 -42.06 -10.70 0.38
N TYR J 148 -42.96 -9.82 0.85
CA TYR J 148 -43.34 -9.84 2.25
C TYR J 148 -43.95 -11.19 2.63
N THR J 149 -44.90 -11.66 1.83
CA THR J 149 -45.57 -12.92 2.12
C THR J 149 -44.67 -14.12 1.88
N ALA J 150 -43.61 -13.97 1.09
CA ALA J 150 -42.64 -15.06 0.95
C ALA J 150 -41.77 -15.16 2.19
N MET J 151 -41.35 -14.03 2.74
CA MET J 151 -40.66 -14.06 4.03
C MET J 151 -41.58 -14.59 5.12
N LEU J 152 -42.84 -14.18 5.10
CA LEU J 152 -43.77 -14.55 6.16
C LEU J 152 -44.02 -16.06 6.18
N THR J 153 -44.15 -16.68 5.01
CA THR J 153 -44.43 -18.10 4.90
C THR J 153 -43.36 -18.74 4.02
N GLY J 154 -42.55 -19.62 4.61
CA GLY J 154 -41.57 -20.37 3.85
C GLY J 154 -42.27 -21.30 2.88
N PRO J 155 -42.24 -20.97 1.58
CA PRO J 155 -43.04 -21.75 0.63
C PRO J 155 -42.62 -23.21 0.56
N GLN J 156 -41.35 -23.44 0.29
CA GLN J 156 -40.80 -24.78 0.24
C GLN J 156 -39.28 -24.70 0.25
N ASN J 157 -38.64 -25.38 1.21
CA ASN J 157 -37.20 -25.30 1.38
C ASN J 157 -36.73 -23.88 1.62
N MET J 158 -37.63 -23.03 2.11
CA MET J 158 -37.33 -21.67 2.51
C MET J 158 -37.64 -21.50 3.99
N PRO J 159 -36.72 -20.99 4.80
CA PRO J 159 -37.05 -20.74 6.19
C PRO J 159 -38.24 -19.80 6.31
N LYS J 160 -39.11 -20.08 7.28
CA LYS J 160 -40.28 -19.25 7.53
C LYS J 160 -39.88 -18.17 8.53
N PHE J 161 -39.83 -16.93 8.06
CA PHE J 161 -39.42 -15.80 8.90
C PHE J 161 -40.66 -15.20 9.52
N SER J 162 -40.99 -15.66 10.72
CA SER J 162 -42.15 -15.16 11.42
C SER J 162 -42.04 -13.66 11.64
N ASP J 163 -43.16 -13.05 12.07
CA ASP J 163 -43.15 -11.63 12.38
C ASP J 163 -42.22 -11.31 13.54
N ARG J 164 -41.82 -12.31 14.32
CA ARG J 164 -40.89 -12.10 15.42
C ARG J 164 -39.44 -12.16 14.97
N GLN J 165 -39.12 -13.08 14.05
CA GLN J 165 -37.77 -13.11 13.48
C GLN J 165 -37.46 -11.81 12.77
N LEU J 166 -38.37 -11.36 11.91
CA LEU J 166 -38.27 -10.11 11.19
C LEU J 166 -39.50 -9.30 11.50
N THR J 167 -39.35 -8.27 12.34
CA THR J 167 -40.48 -7.43 12.67
C THR J 167 -41.01 -6.79 11.38
N PRO J 168 -42.33 -6.63 11.25
CA PRO J 168 -42.88 -6.02 10.02
C PRO J 168 -42.05 -4.86 9.51
N ASP J 169 -41.43 -4.11 10.42
CA ASP J 169 -40.50 -3.08 9.99
C ASP J 169 -39.32 -3.68 9.23
N GLU J 170 -38.76 -4.78 9.73
CA GLU J 170 -37.64 -5.40 9.06
C GLU J 170 -38.05 -6.02 7.74
N LYS J 171 -39.25 -6.59 7.68
CA LYS J 171 -39.72 -7.15 6.41
C LYS J 171 -39.98 -6.07 5.39
N ARG J 172 -40.52 -4.92 5.82
CA ARG J 172 -40.63 -3.79 4.91
C ARG J 172 -39.26 -3.32 4.44
N ASP J 173 -38.28 -3.30 5.33
CA ASP J 173 -36.92 -2.90 4.93
C ASP J 173 -36.36 -3.87 3.89
N ILE J 174 -36.54 -5.18 4.10
CA ILE J 174 -36.01 -6.16 3.17
C ILE J 174 -36.74 -6.07 1.84
N VAL J 175 -38.05 -5.82 1.87
CA VAL J 175 -38.80 -5.63 0.64
C VAL J 175 -38.28 -4.42 -0.12
N ALA J 176 -38.02 -3.33 0.59
CA ALA J 176 -37.48 -2.13 -0.05
C ALA J 176 -36.12 -2.42 -0.68
N TYR J 177 -35.26 -3.15 0.03
CA TYR J 177 -33.95 -3.47 -0.52
C TYR J 177 -34.08 -4.37 -1.75
N VAL J 178 -34.98 -5.35 -1.71
CA VAL J 178 -35.18 -6.23 -2.85
C VAL J 178 -35.65 -5.43 -4.06
N ARG J 179 -36.63 -4.54 -3.86
CA ARG J 179 -37.13 -3.75 -4.98
C ARG J 179 -36.06 -2.82 -5.51
N GLU J 180 -35.30 -2.18 -4.61
CA GLU J 180 -34.25 -1.27 -5.03
C GLU J 180 -33.18 -1.99 -5.85
N SER J 181 -32.78 -3.19 -5.41
CA SER J 181 -31.78 -3.94 -6.15
C SER J 181 -32.34 -4.46 -7.47
N ALA J 182 -33.65 -4.77 -7.51
CA ALA J 182 -34.24 -5.30 -8.73
C ALA J 182 -34.37 -4.22 -9.79
N GLU J 183 -34.86 -3.04 -9.42
CA GLU J 183 -35.14 -1.99 -10.37
C GLU J 183 -33.99 -1.00 -10.53
N THR J 184 -32.96 -1.07 -9.71
CA THR J 184 -31.84 -0.14 -9.83
C THR J 184 -31.02 -0.48 -11.07
N PRO J 185 -30.75 0.48 -11.96
CA PRO J 185 -29.92 0.19 -13.13
C PRO J 185 -28.50 -0.20 -12.70
N SER J 186 -27.88 -1.06 -13.49
CA SER J 186 -26.53 -1.51 -13.21
C SER J 186 -25.54 -0.46 -13.65
N TYR J 187 -24.83 0.13 -12.68
CA TYR J 187 -23.80 1.12 -12.99
C TYR J 187 -22.57 0.43 -13.58
N GLY J 188 -21.84 1.17 -14.39
CA GLY J 188 -20.65 0.65 -15.01
C GLY J 188 -20.88 -0.11 -16.30
N GLY J 189 -22.08 -0.05 -16.86
CA GLY J 189 -22.40 -0.72 -18.10
C GLY J 189 -23.37 -1.86 -17.88
N TYR J 190 -23.63 -2.59 -18.97
CA TYR J 190 -24.57 -3.70 -18.92
C TYR J 190 -24.17 -4.70 -17.85
N GLY J 191 -24.98 -4.83 -16.80
CA GLY J 191 -24.73 -5.82 -15.79
C GLY J 191 -24.94 -7.22 -16.33
N LEU J 192 -23.86 -8.00 -16.43
CA LEU J 192 -23.94 -9.36 -16.96
C LEU J 192 -24.62 -10.23 -15.91
N GLY J 193 -25.95 -10.16 -15.90
CA GLY J 193 -26.65 -10.76 -14.79
C GLY J 193 -26.28 -10.07 -13.50
N GLY J 194 -26.38 -10.80 -12.41
CA GLY J 194 -25.94 -10.29 -11.12
C GLY J 194 -24.72 -11.07 -10.64
N PHE J 195 -24.56 -12.27 -11.15
CA PHE J 195 -23.41 -13.10 -10.82
C PHE J 195 -22.17 -12.49 -11.46
N GLY J 196 -21.18 -12.18 -10.64
CA GLY J 196 -20.00 -11.53 -11.17
C GLY J 196 -19.08 -12.49 -11.91
N PRO J 197 -18.42 -13.38 -11.18
CA PRO J 197 -17.30 -14.12 -11.80
C PRO J 197 -17.67 -14.87 -13.07
N ALA J 198 -18.82 -15.52 -13.11
CA ALA J 198 -19.15 -16.40 -14.23
C ALA J 198 -19.58 -15.60 -15.47
N PRO J 199 -20.59 -14.73 -15.36
CA PRO J 199 -20.89 -13.87 -16.51
C PRO J 199 -19.72 -13.02 -16.98
N GLU J 200 -18.92 -12.46 -16.07
CA GLU J 200 -17.77 -11.67 -16.50
C GLU J 200 -16.73 -12.54 -17.22
N GLY J 201 -16.45 -13.73 -16.69
CA GLY J 201 -15.50 -14.60 -17.37
C GLY J 201 -15.99 -15.03 -18.75
N MET J 202 -17.27 -15.38 -18.84
CA MET J 202 -17.84 -15.76 -20.13
C MET J 202 -17.82 -14.59 -21.10
N ALA J 203 -18.14 -13.39 -20.61
CA ALA J 203 -18.12 -12.21 -21.46
C ALA J 203 -16.72 -11.91 -21.94
N MET J 204 -15.73 -12.03 -21.06
CA MET J 204 -14.34 -11.91 -21.51
C MET J 204 -14.07 -12.89 -22.63
N TRP J 205 -14.18 -14.19 -22.33
CA TRP J 205 -13.78 -15.21 -23.29
C TRP J 205 -14.54 -15.11 -24.61
N ILE J 206 -15.75 -14.56 -24.60
CA ILE J 206 -16.45 -14.40 -25.86
C ILE J 206 -16.06 -13.08 -26.50
N ILE J 207 -16.48 -11.96 -25.89
CA ILE J 207 -16.32 -10.66 -26.53
C ILE J 207 -14.84 -10.32 -26.69
N GLY J 208 -14.12 -10.24 -25.57
CA GLY J 208 -12.76 -9.73 -25.63
C GLY J 208 -11.83 -10.64 -26.39
N MET J 209 -11.93 -11.95 -26.16
CA MET J 209 -11.02 -12.88 -26.83
C MET J 209 -11.39 -13.06 -28.31
N VAL J 210 -12.67 -13.09 -28.66
CA VAL J 210 -13.02 -13.13 -30.07
C VAL J 210 -12.52 -11.89 -30.77
N ALA J 211 -12.70 -10.72 -30.15
CA ALA J 211 -12.22 -9.49 -30.76
C ALA J 211 -10.71 -9.51 -30.91
N ALA J 212 -10.00 -9.91 -29.85
CA ALA J 212 -8.55 -9.90 -29.90
C ALA J 212 -8.02 -10.88 -30.94
N ILE J 213 -8.57 -12.08 -30.99
CA ILE J 213 -8.07 -13.08 -31.91
C ILE J 213 -8.45 -12.73 -33.35
N GLY J 214 -9.64 -12.15 -33.55
CA GLY J 214 -10.00 -11.69 -34.87
C GLY J 214 -9.10 -10.56 -35.35
N VAL J 215 -8.75 -9.65 -34.44
CA VAL J 215 -7.83 -8.59 -34.80
C VAL J 215 -6.44 -9.16 -35.09
N ALA J 216 -6.05 -10.20 -34.34
CA ALA J 216 -4.77 -10.85 -34.62
C ALA J 216 -4.77 -11.49 -35.99
N MET J 217 -5.88 -12.13 -36.37
CA MET J 217 -5.99 -12.71 -37.71
C MET J 217 -5.96 -11.62 -38.78
N TRP J 218 -6.65 -10.51 -38.53
CA TRP J 218 -6.68 -9.42 -39.50
C TRP J 218 -5.29 -8.83 -39.70
N ILE J 219 -4.61 -8.52 -38.59
CA ILE J 219 -3.27 -7.97 -38.67
C ILE J 219 -2.28 -9.05 -39.11
N GLY J 220 -2.42 -10.25 -38.58
CA GLY J 220 -1.52 -11.34 -38.91
C GLY J 220 -1.84 -11.97 -40.24
N SER J 221 -1.08 -13.01 -40.57
CA SER J 221 -1.21 -13.71 -41.85
C SER J 221 -1.31 -15.20 -41.60
N ARG J 222 -2.34 -15.82 -42.16
CA ARG J 222 -2.43 -17.27 -42.10
C ARG J 222 -1.38 -17.90 -42.99
N ALA J 223 -0.82 -19.02 -42.53
CA ALA J 223 0.22 -19.73 -43.27
C ALA J 223 0.58 -21.04 -42.58
N ASP K 1 12.50 23.10 -39.80
CA ASP K 1 13.37 22.20 -40.54
C ASP K 1 13.51 20.87 -39.82
N PHE K 2 12.43 20.08 -39.82
CA PHE K 2 12.41 18.85 -39.05
C PHE K 2 13.45 17.86 -39.54
N ALA K 3 13.74 17.84 -40.85
CA ALA K 3 14.78 16.95 -41.36
C ALA K 3 16.13 17.29 -40.76
N LYS K 4 16.48 18.59 -40.76
CA LYS K 4 17.75 19.03 -40.19
C LYS K 4 17.80 18.74 -38.69
N LEU K 5 16.69 18.98 -37.98
CA LEU K 5 16.66 18.71 -36.55
C LEU K 5 16.85 17.23 -36.27
N ALA K 6 16.19 16.36 -37.04
CA ALA K 6 16.36 14.92 -36.85
C ALA K 6 17.79 14.50 -37.14
N ALA K 7 18.38 15.02 -38.21
CA ALA K 7 19.76 14.68 -38.52
C ALA K 7 20.69 15.12 -37.40
N ALA K 8 20.49 16.33 -36.87
CA ALA K 8 21.33 16.83 -35.79
C ALA K 8 21.18 15.97 -34.54
N GLN K 9 19.94 15.59 -34.20
CA GLN K 9 19.73 14.76 -33.02
C GLN K 9 20.36 13.39 -33.20
N GLY K 10 20.24 12.80 -34.39
CA GLY K 10 20.89 11.53 -34.65
C GLY K 10 22.39 11.62 -34.55
N ASP K 11 22.97 12.70 -35.08
CA ASP K 11 24.41 12.90 -34.98
C ASP K 11 24.84 13.06 -33.53
N ALA K 12 24.07 13.81 -32.74
CA ALA K 12 24.40 13.97 -31.33
C ALA K 12 24.33 12.63 -30.60
N ILE K 13 23.29 11.85 -30.87
CA ILE K 13 23.16 10.56 -30.19
C ILE K 13 24.32 9.64 -30.59
N ASP K 14 24.66 9.61 -31.87
CA ASP K 14 25.72 8.73 -32.34
C ASP K 14 27.11 9.28 -32.05
N SER K 15 27.22 10.52 -31.57
CA SER K 15 28.50 11.03 -31.10
C SER K 15 28.68 10.77 -29.62
N ARG K 16 27.65 11.06 -28.81
CA ARG K 16 27.70 10.68 -27.40
C ARG K 16 27.70 9.17 -27.27
N TYR K 17 26.83 8.50 -28.01
CA TYR K 17 26.69 7.06 -28.00
C TYR K 17 27.18 6.52 -29.34
N HIS K 18 27.31 5.21 -29.43
CA HIS K 18 27.64 4.54 -30.68
C HIS K 18 26.73 3.34 -30.88
N PRO K 19 25.43 3.58 -31.01
CA PRO K 19 24.47 2.48 -31.15
C PRO K 19 24.08 2.14 -32.58
N SER K 20 24.72 2.75 -33.57
CA SER K 20 24.31 2.54 -34.96
C SER K 20 24.21 1.06 -35.29
N ALA K 21 25.22 0.28 -34.89
CA ALA K 21 25.19 -1.15 -35.16
C ALA K 21 24.01 -1.81 -34.46
N ALA K 22 23.86 -1.55 -33.16
CA ALA K 22 22.77 -2.15 -32.42
C ALA K 22 21.41 -1.68 -32.92
N VAL K 23 21.30 -0.38 -33.19
CA VAL K 23 20.02 0.16 -33.69
C VAL K 23 19.66 -0.53 -35.01
N ARG K 24 20.64 -0.65 -35.91
CA ARG K 24 20.36 -1.30 -37.18
C ARG K 24 19.98 -2.77 -36.99
N ARG K 25 20.69 -3.47 -36.11
CA ARG K 25 20.40 -4.88 -35.90
C ARG K 25 18.99 -5.10 -35.37
N GLN K 26 18.56 -4.27 -34.41
CA GLN K 26 17.20 -4.39 -33.89
C GLN K 26 16.17 -3.85 -34.86
N LEU K 27 16.55 -2.97 -35.78
CA LEU K 27 15.60 -2.49 -36.78
C LEU K 27 15.42 -3.50 -37.90
N ASN K 28 16.41 -4.36 -38.13
CA ASN K 28 16.37 -5.34 -39.20
C ASN K 28 15.90 -6.71 -38.75
N LYS K 29 15.69 -6.91 -37.44
CA LYS K 29 15.27 -8.22 -36.97
C LYS K 29 13.96 -8.61 -37.64
N VAL K 30 13.88 -9.87 -38.08
CA VAL K 30 12.72 -10.37 -38.80
C VAL K 30 11.84 -11.14 -37.82
N PHE K 31 10.54 -10.86 -37.86
CA PHE K 31 9.56 -11.55 -37.04
C PHE K 31 8.48 -12.15 -37.93
N PRO K 32 8.19 -13.45 -37.82
CA PRO K 32 7.16 -14.04 -38.69
C PRO K 32 5.82 -13.35 -38.49
N THR K 33 5.06 -13.28 -39.58
CA THR K 33 3.80 -12.54 -39.59
C THR K 33 2.59 -13.45 -39.43
N HIS K 34 2.70 -14.51 -38.63
CA HIS K 34 1.56 -15.37 -38.39
C HIS K 34 0.69 -14.79 -37.28
N TRP K 35 -0.63 -14.90 -37.46
CA TRP K 35 -1.55 -14.28 -36.51
C TRP K 35 -1.38 -14.85 -35.11
N SER K 36 -1.16 -16.16 -35.01
CA SER K 36 -1.05 -16.79 -33.70
C SER K 36 0.09 -16.20 -32.90
N PHE K 37 1.15 -15.77 -33.57
CA PHE K 37 2.30 -15.19 -32.89
C PHE K 37 1.98 -13.85 -32.24
N LEU K 38 0.87 -13.21 -32.61
CA LEU K 38 0.44 -12.01 -31.91
C LEU K 38 -0.27 -12.33 -30.60
N LEU K 39 -0.69 -13.58 -30.40
CA LEU K 39 -1.45 -13.93 -29.22
C LEU K 39 -0.73 -13.51 -27.94
N GLY K 40 0.53 -13.91 -27.81
CA GLY K 40 1.28 -13.54 -26.63
C GLY K 40 1.32 -12.04 -26.44
N GLU K 41 1.48 -11.29 -27.54
CA GLU K 41 1.50 -9.83 -27.44
C GLU K 41 0.29 -9.32 -26.68
N ILE K 42 -0.89 -9.90 -26.96
CA ILE K 42 -2.10 -9.48 -26.25
C ILE K 42 -1.83 -9.42 -24.76
N ALA K 43 -1.36 -10.53 -24.20
CA ALA K 43 -1.09 -10.56 -22.76
C ALA K 43 -0.19 -9.40 -22.37
N LEU K 44 0.94 -9.27 -23.05
CA LEU K 44 1.84 -8.16 -22.75
C LEU K 44 1.08 -6.84 -22.79
N TYR K 45 0.36 -6.59 -23.89
CA TYR K 45 -0.41 -5.36 -23.99
C TYR K 45 -1.34 -5.23 -22.79
N SER K 46 -2.13 -6.27 -22.52
CA SER K 46 -3.04 -6.21 -21.39
C SER K 46 -2.26 -5.96 -20.11
N PHE K 47 -1.12 -6.64 -19.94
CA PHE K 47 -0.29 -6.40 -18.77
C PHE K 47 0.01 -4.91 -18.64
N ILE K 48 0.47 -4.29 -19.72
CA ILE K 48 0.77 -2.87 -19.67
C ILE K 48 -0.45 -2.10 -19.19
N ILE K 49 -1.61 -2.39 -19.77
CA ILE K 49 -2.83 -1.68 -19.37
C ILE K 49 -3.01 -1.81 -17.87
N LEU K 50 -2.87 -3.04 -17.35
CA LEU K 50 -3.02 -3.24 -15.92
C LEU K 50 -2.12 -2.27 -15.17
N LEU K 51 -0.84 -2.24 -15.51
CA LEU K 51 0.07 -1.31 -14.84
C LEU K 51 -0.50 0.09 -14.89
N LEU K 52 -0.84 0.56 -16.10
CA LEU K 52 -1.31 1.93 -16.25
C LEU K 52 -2.57 2.15 -15.42
N THR K 53 -3.45 1.15 -15.38
CA THR K 53 -4.64 1.28 -14.54
C THR K 53 -4.27 1.09 -13.07
N GLY K 54 -3.41 0.12 -12.79
CA GLY K 54 -3.09 -0.17 -11.40
C GLY K 54 -2.55 1.04 -10.67
N VAL K 55 -1.60 1.74 -11.30
CA VAL K 55 -1.06 2.95 -10.70
C VAL K 55 -2.19 3.90 -10.35
N TRP K 56 -3.11 4.11 -11.30
CA TRP K 56 -4.21 5.04 -11.05
C TRP K 56 -5.00 4.62 -9.81
N LEU K 57 -5.20 3.32 -9.63
CA LEU K 57 -5.97 2.85 -8.48
C LEU K 57 -5.19 2.93 -7.18
N THR K 58 -3.85 2.96 -7.24
CA THR K 58 -3.07 3.06 -6.02
C THR K 58 -3.12 4.45 -5.41
N LEU K 59 -3.49 5.46 -6.19
CA LEU K 59 -3.63 6.82 -5.67
C LEU K 59 -4.95 7.02 -4.93
N PHE K 60 -5.86 6.05 -4.97
CA PHE K 60 -7.17 6.20 -4.39
C PHE K 60 -7.58 5.07 -3.45
N PHE K 61 -6.79 4.01 -3.34
CA PHE K 61 -7.15 2.84 -2.55
C PHE K 61 -6.41 2.87 -1.22
N ASP K 62 -7.13 2.62 -0.13
CA ASP K 62 -6.55 2.57 1.21
C ASP K 62 -6.68 1.15 1.75
N PRO K 63 -5.65 0.32 1.67
CA PRO K 63 -5.77 -1.05 2.19
C PRO K 63 -5.80 -1.02 3.71
N SER K 64 -6.82 -1.66 4.28
CA SER K 64 -6.93 -1.77 5.73
C SER K 64 -8.17 -2.57 6.07
N MET K 65 -8.27 -2.99 7.33
CA MET K 65 -9.51 -3.50 7.89
C MET K 65 -10.05 -2.63 9.00
N ALA K 66 -9.57 -1.39 9.11
CA ALA K 66 -10.11 -0.47 10.09
C ALA K 66 -11.61 -0.33 9.88
N HIS K 67 -12.38 -0.73 10.88
CA HIS K 67 -13.83 -0.65 10.77
C HIS K 67 -14.29 0.80 10.73
N VAL K 68 -15.14 1.11 9.76
CA VAL K 68 -15.65 2.47 9.55
C VAL K 68 -17.05 2.35 8.98
N THR K 69 -17.88 3.35 9.27
CA THR K 69 -19.17 3.51 8.61
C THR K 69 -18.96 4.25 7.30
N TYR K 70 -19.72 3.87 6.28
CA TYR K 70 -19.53 4.47 4.97
C TYR K 70 -19.74 5.99 5.03
N ASP K 71 -20.95 6.43 5.34
CA ASP K 71 -21.27 7.84 5.38
C ASP K 71 -20.88 8.52 4.08
N GLY K 72 -21.02 7.79 2.98
CA GLY K 72 -20.69 8.27 1.65
C GLY K 72 -21.93 8.59 0.84
N VAL K 73 -21.79 8.51 -0.49
CA VAL K 73 -22.87 8.89 -1.39
C VAL K 73 -23.79 7.71 -1.65
N TYR K 74 -23.21 6.52 -1.71
CA TYR K 74 -23.99 5.31 -2.02
C TYR K 74 -24.93 5.05 -0.86
N GLN K 75 -26.20 5.40 -1.04
CA GLN K 75 -27.17 5.25 0.05
C GLN K 75 -27.32 3.81 0.53
N PRO K 76 -27.40 2.80 -0.34
CA PRO K 76 -27.73 1.45 0.15
C PRO K 76 -26.73 0.87 1.15
N LEU K 77 -25.53 1.44 1.28
CA LEU K 77 -24.56 1.00 2.29
C LEU K 77 -24.13 2.23 3.08
N ARG K 78 -24.94 2.59 4.07
CA ARG K 78 -24.69 3.77 4.89
C ARG K 78 -24.86 3.40 6.35
N GLY K 79 -23.89 3.79 7.17
CA GLY K 79 -23.91 3.40 8.57
C GLY K 79 -23.57 1.95 8.81
N VAL K 80 -23.08 1.25 7.80
CA VAL K 80 -22.73 -0.17 7.92
C VAL K 80 -21.23 -0.26 8.14
N GLN K 81 -20.82 -1.00 9.17
CA GLN K 81 -19.41 -1.19 9.44
C GLN K 81 -18.75 -1.91 8.28
N MET K 82 -17.53 -1.49 7.95
CA MET K 82 -16.80 -2.12 6.85
C MET K 82 -15.36 -1.65 6.89
N SER K 83 -14.51 -2.40 6.19
CA SER K 83 -13.10 -2.05 6.15
C SER K 83 -12.87 -0.76 5.40
N ARG K 84 -11.80 -0.05 5.76
CA ARG K 84 -11.42 1.13 5.00
C ARG K 84 -11.12 0.78 3.55
N ALA K 85 -10.65 -0.45 3.29
CA ALA K 85 -10.39 -0.86 1.92
C ALA K 85 -11.67 -0.86 1.10
N TYR K 86 -12.75 -1.42 1.66
CA TYR K 86 -14.02 -1.41 0.96
C TYR K 86 -14.55 0.01 0.80
N GLU K 87 -14.36 0.84 1.83
CA GLU K 87 -14.81 2.23 1.74
C GLU K 87 -14.11 2.95 0.59
N THR K 88 -12.81 2.74 0.45
CA THR K 88 -12.08 3.42 -0.63
C THR K 88 -12.39 2.81 -1.99
N ALA K 89 -12.67 1.51 -2.05
CA ALA K 89 -13.14 0.94 -3.31
C ALA K 89 -14.46 1.55 -3.72
N LEU K 90 -15.37 1.73 -2.76
CA LEU K 90 -16.64 2.39 -3.06
C LEU K 90 -16.41 3.84 -3.49
N ASP K 91 -15.49 4.53 -2.84
CA ASP K 91 -15.19 5.91 -3.20
C ASP K 91 -14.62 5.99 -4.62
N ILE K 92 -13.75 5.04 -4.97
CA ILE K 92 -13.24 4.99 -6.34
C ILE K 92 -14.39 4.78 -7.30
N SER K 93 -15.29 3.85 -6.99
CA SER K 93 -16.41 3.58 -7.89
C SER K 93 -17.31 4.81 -8.05
N PHE K 94 -17.59 5.51 -6.96
CA PHE K 94 -18.59 6.57 -6.95
C PHE K 94 -18.00 7.96 -6.77
N GLU K 95 -17.01 8.13 -5.90
CA GLU K 95 -16.55 9.44 -5.50
C GLU K 95 -15.44 9.99 -6.38
N VAL K 96 -14.88 9.20 -7.29
CA VAL K 96 -13.78 9.63 -8.15
C VAL K 96 -14.26 9.57 -9.60
N ARG K 97 -14.16 10.69 -10.30
CA ARG K 97 -14.61 10.74 -11.69
C ARG K 97 -13.81 9.75 -12.52
N GLY K 98 -14.52 8.84 -13.18
CA GLY K 98 -13.89 7.79 -13.95
C GLY K 98 -13.34 6.67 -13.12
N GLY K 99 -13.40 6.76 -11.79
CA GLY K 99 -12.86 5.70 -10.96
C GLY K 99 -13.53 4.37 -11.21
N LEU K 100 -14.86 4.37 -11.34
CA LEU K 100 -15.55 3.14 -11.69
C LEU K 100 -15.09 2.62 -13.03
N PHE K 101 -14.96 3.51 -14.02
CA PHE K 101 -14.46 3.09 -15.32
C PHE K 101 -13.05 2.55 -15.21
N VAL K 102 -12.18 3.22 -14.44
CA VAL K 102 -10.79 2.80 -14.35
C VAL K 102 -10.69 1.42 -13.71
N ARG K 103 -11.42 1.20 -12.63
CA ARG K 103 -11.32 -0.09 -11.97
C ARG K 103 -12.01 -1.19 -12.77
N GLN K 104 -13.07 -0.86 -13.50
CA GLN K 104 -13.69 -1.85 -14.37
C GLN K 104 -12.75 -2.24 -15.50
N VAL K 105 -12.07 -1.27 -16.11
CA VAL K 105 -11.11 -1.61 -17.15
C VAL K 105 -9.92 -2.35 -16.55
N HIS K 106 -9.57 -2.05 -15.30
CA HIS K 106 -8.51 -2.80 -14.64
C HIS K 106 -8.89 -4.26 -14.48
N HIS K 107 -10.12 -4.52 -14.03
CA HIS K 107 -10.56 -5.91 -13.87
C HIS K 107 -10.69 -6.60 -15.23
N TRP K 108 -11.21 -5.88 -16.23
CA TRP K 108 -11.32 -6.46 -17.56
C TRP K 108 -9.95 -6.76 -18.14
N ALA K 109 -8.98 -5.89 -17.87
CA ALA K 109 -7.62 -6.14 -18.33
C ALA K 109 -6.99 -7.31 -17.59
N ALA K 110 -7.34 -7.49 -16.32
CA ALA K 110 -6.88 -8.68 -15.61
C ALA K 110 -7.45 -9.94 -16.24
N LEU K 111 -8.74 -9.92 -16.56
CA LEU K 111 -9.35 -11.08 -17.20
C LEU K 111 -8.74 -11.33 -18.57
N MET K 112 -8.48 -10.28 -19.33
CA MET K 112 -7.87 -10.43 -20.65
C MET K 112 -6.43 -10.90 -20.52
N PHE K 113 -5.71 -10.41 -19.52
CA PHE K 113 -4.38 -10.90 -19.22
C PHE K 113 -4.41 -12.41 -19.02
N ALA K 114 -5.30 -12.88 -18.15
CA ALA K 114 -5.41 -14.31 -17.91
C ALA K 114 -5.77 -15.06 -19.18
N ALA K 115 -6.83 -14.62 -19.86
CA ALA K 115 -7.32 -15.36 -21.02
C ALA K 115 -6.28 -15.40 -22.13
N SER K 116 -5.58 -14.28 -22.36
CA SER K 116 -4.59 -14.23 -23.42
C SER K 116 -3.34 -15.03 -23.04
N ILE K 117 -2.96 -15.04 -21.77
CA ILE K 117 -1.89 -15.95 -21.35
C ILE K 117 -2.30 -17.38 -21.63
N MET K 118 -3.55 -17.72 -21.34
CA MET K 118 -4.02 -19.09 -21.50
C MET K 118 -4.05 -19.49 -22.97
N VAL K 119 -4.49 -18.58 -23.84
CA VAL K 119 -4.51 -18.85 -25.28
C VAL K 119 -3.10 -18.93 -25.84
N HIS K 120 -2.20 -18.06 -25.34
CA HIS K 120 -0.80 -18.12 -25.77
C HIS K 120 -0.16 -19.42 -25.35
N LEU K 121 -0.47 -19.89 -24.14
CA LEU K 121 0.01 -21.20 -23.71
C LEU K 121 -0.52 -22.29 -24.62
N ALA K 122 -1.79 -22.20 -24.99
CA ALA K 122 -2.34 -23.19 -25.92
C ALA K 122 -1.57 -23.19 -27.23
N ARG K 123 -1.20 -22.03 -27.76
CA ARG K 123 -0.44 -21.91 -29.04
C ARG K 123 0.91 -22.54 -28.88
N ILE K 124 1.64 -22.14 -27.86
CA ILE K 124 3.03 -22.62 -27.69
C ILE K 124 2.98 -24.12 -27.58
N PHE K 125 2.07 -24.64 -26.79
CA PHE K 125 2.03 -26.08 -26.58
C PHE K 125 1.70 -26.85 -27.84
N PHE K 126 0.64 -26.51 -28.54
CA PHE K 126 0.15 -27.27 -29.71
C PHE K 126 1.10 -27.15 -30.87
N THR K 127 1.79 -26.05 -30.99
CA THR K 127 2.79 -25.80 -32.04
C THR K 127 4.18 -26.31 -31.61
N GLY K 128 4.44 -26.77 -30.40
CA GLY K 128 5.75 -27.31 -30.04
C GLY K 128 6.78 -26.24 -29.96
N ALA K 129 6.37 -25.05 -29.65
CA ALA K 129 7.25 -23.88 -29.67
C ALA K 129 8.23 -23.97 -28.53
N PHE K 130 7.93 -24.73 -27.50
CA PHE K 130 8.79 -24.98 -26.31
C PHE K 130 9.81 -26.09 -26.51
N ARG K 131 9.85 -26.79 -27.64
CA ARG K 131 10.58 -28.09 -27.72
C ARG K 131 12.09 -28.11 -27.50
N ARG K 132 12.97 -27.19 -27.92
CA ARG K 132 14.41 -27.34 -27.55
C ARG K 132 15.03 -26.00 -27.28
N PRO K 133 15.28 -25.11 -28.25
CA PRO K 133 15.68 -23.80 -27.85
C PRO K 133 14.30 -23.43 -27.30
N ARG K 134 14.16 -22.61 -26.28
CA ARG K 134 12.85 -22.05 -25.85
C ARG K 134 12.15 -22.94 -24.85
N GLU K 135 12.75 -24.01 -24.36
CA GLU K 135 12.17 -24.85 -23.27
C GLU K 135 12.13 -24.03 -22.00
N ALA K 136 13.14 -23.21 -21.74
CA ALA K 136 13.20 -22.31 -20.57
C ALA K 136 12.15 -21.24 -20.68
N ASN K 137 11.93 -20.73 -21.87
CA ASN K 137 10.97 -19.65 -22.13
C ASN K 137 9.63 -20.25 -21.76
N TRP K 138 9.41 -21.52 -22.03
CA TRP K 138 8.17 -22.20 -21.59
C TRP K 138 8.11 -22.22 -20.07
N VAL K 139 9.20 -22.56 -19.39
CA VAL K 139 9.23 -22.65 -17.90
C VAL K 139 8.98 -21.25 -17.34
N ILE K 140 9.67 -20.24 -17.84
CA ILE K 140 9.53 -18.86 -17.32
C ILE K 140 8.16 -18.36 -17.70
N GLY K 141 7.61 -18.83 -18.81
CA GLY K 141 6.25 -18.49 -19.25
C GLY K 141 5.22 -19.14 -18.39
N SER K 142 5.42 -20.37 -17.96
CA SER K 142 4.50 -21.16 -17.11
C SER K 142 4.49 -20.57 -15.73
N LEU K 143 5.60 -19.97 -15.30
CA LEU K 143 5.72 -19.32 -13.98
C LEU K 143 5.05 -17.96 -14.06
N LEU K 144 4.99 -17.29 -15.22
CA LEU K 144 4.22 -16.07 -15.44
C LEU K 144 2.73 -16.33 -15.33
N LEU K 145 2.26 -17.45 -15.89
CA LEU K 145 0.84 -17.77 -15.81
C LEU K 145 0.41 -18.01 -14.37
N ILE K 146 1.21 -18.76 -13.61
CA ILE K 146 0.87 -19.01 -12.21
C ILE K 146 0.83 -17.70 -11.44
N LEU K 147 1.85 -16.86 -11.65
CA LEU K 147 1.90 -15.57 -10.96
C LEU K 147 0.73 -14.69 -11.37
N ALA K 148 0.33 -14.73 -12.64
CA ALA K 148 -0.81 -13.94 -13.08
C ALA K 148 -2.10 -14.40 -12.41
N MET K 149 -2.29 -15.71 -12.30
CA MET K 149 -3.48 -16.21 -11.63
C MET K 149 -3.52 -15.76 -10.18
N PHE K 150 -2.39 -15.92 -9.47
CA PHE K 150 -2.35 -15.49 -8.08
C PHE K 150 -2.47 -13.98 -7.94
N GLU K 151 -1.93 -13.24 -8.90
CA GLU K 151 -2.02 -11.78 -8.87
C GLU K 151 -3.46 -11.32 -9.03
N GLY K 152 -4.19 -11.92 -9.98
CA GLY K 152 -5.59 -11.60 -10.10
C GLY K 152 -6.37 -11.96 -8.85
N PHE K 153 -6.04 -13.11 -8.26
CA PHE K 153 -6.69 -13.50 -7.01
C PHE K 153 -6.49 -12.45 -5.93
N PHE K 154 -5.24 -12.05 -5.69
CA PHE K 154 -4.97 -11.02 -4.70
C PHE K 154 -5.56 -9.68 -5.11
N GLY K 155 -5.80 -9.45 -6.39
CA GLY K 155 -6.38 -8.21 -6.85
C GLY K 155 -7.86 -8.10 -6.50
N TYR K 156 -8.67 -9.04 -6.98
CA TYR K 156 -10.08 -8.98 -6.62
C TYR K 156 -10.30 -9.34 -5.15
N SER K 157 -9.34 -10.01 -4.53
CA SER K 157 -9.33 -10.17 -3.09
C SER K 157 -8.95 -8.89 -2.37
N LEU K 158 -8.47 -7.88 -3.10
CA LEU K 158 -7.93 -6.69 -2.44
C LEU K 158 -9.03 -5.83 -1.85
N PRO K 159 -10.04 -5.38 -2.60
CA PRO K 159 -11.11 -4.62 -1.96
C PRO K 159 -11.95 -5.51 -1.07
N ASP K 160 -11.76 -5.41 0.24
CA ASP K 160 -12.45 -6.29 1.17
C ASP K 160 -13.94 -6.31 0.85
N ASP K 161 -14.43 -7.48 0.46
CA ASP K 161 -15.76 -7.59 -0.11
C ASP K 161 -16.37 -8.92 0.28
N LEU K 162 -17.70 -8.99 0.21
CA LEU K 162 -18.38 -10.22 0.59
C LEU K 162 -17.95 -11.38 -0.30
N LEU K 163 -18.03 -11.19 -1.62
CA LEU K 163 -17.62 -12.24 -2.55
C LEU K 163 -16.14 -12.55 -2.40
N SER K 164 -15.30 -11.52 -2.49
CA SER K 164 -13.86 -11.73 -2.37
C SER K 164 -13.49 -12.17 -0.97
N GLY K 165 -14.22 -11.69 0.04
CA GLY K 165 -13.94 -12.11 1.41
C GLY K 165 -14.21 -13.59 1.62
N THR K 166 -15.34 -14.09 1.11
CA THR K 166 -15.61 -15.51 1.22
C THR K 166 -14.64 -16.31 0.36
N GLY K 167 -14.17 -15.75 -0.74
CA GLY K 167 -13.13 -16.42 -1.50
C GLY K 167 -11.85 -16.57 -0.72
N ILE K 168 -11.44 -15.50 -0.03
CA ILE K 168 -10.27 -15.60 0.84
C ILE K 168 -10.52 -16.65 1.92
N ARG K 169 -11.66 -16.57 2.59
CA ARG K 169 -11.98 -17.51 3.66
C ARG K 169 -11.85 -18.94 3.17
N ALA K 170 -12.45 -19.25 2.04
CA ALA K 170 -12.32 -20.61 1.53
C ALA K 170 -10.85 -20.88 1.22
N ALA K 171 -10.31 -20.25 0.18
CA ALA K 171 -9.01 -20.69 -0.31
C ALA K 171 -7.91 -20.42 0.68
N LEU K 172 -7.60 -19.14 0.91
CA LEU K 172 -6.38 -18.80 1.61
C LEU K 172 -6.41 -19.32 3.03
N SER K 173 -7.57 -19.26 3.68
CA SER K 173 -7.65 -19.71 5.06
C SER K 173 -7.79 -21.23 5.14
N GLY K 174 -8.86 -21.79 4.58
CA GLY K 174 -9.11 -23.20 4.76
C GLY K 174 -8.03 -24.07 4.17
N ILE K 175 -7.67 -23.85 2.91
CA ILE K 175 -6.67 -24.71 2.29
C ILE K 175 -5.33 -24.55 3.00
N THR K 176 -4.96 -23.32 3.33
CA THR K 176 -3.67 -23.08 3.98
C THR K 176 -3.63 -23.76 5.34
N MET K 177 -4.72 -23.71 6.10
CA MET K 177 -4.74 -24.31 7.42
C MET K 177 -5.04 -25.81 7.37
N GLY K 178 -5.33 -26.35 6.19
CA GLY K 178 -5.53 -27.78 6.07
C GLY K 178 -4.23 -28.52 5.83
N ILE K 179 -3.19 -27.81 5.39
CA ILE K 179 -1.94 -28.49 5.03
C ILE K 179 -1.37 -29.19 6.26
N PRO K 180 -0.97 -30.46 6.17
CA PRO K 180 -0.70 -31.21 7.40
C PRO K 180 0.38 -30.63 8.29
N VAL K 181 1.62 -30.54 7.79
CA VAL K 181 2.74 -30.27 8.67
C VAL K 181 2.67 -28.85 9.21
N ILE K 182 2.47 -27.88 8.34
CA ILE K 182 2.63 -26.46 8.66
C ILE K 182 1.39 -25.66 8.28
N GLY K 183 0.26 -26.33 8.07
CA GLY K 183 -0.91 -25.62 7.58
C GLY K 183 -1.31 -24.47 8.48
N THR K 184 -1.47 -24.75 9.78
CA THR K 184 -1.82 -23.69 10.72
C THR K 184 -0.70 -22.66 10.81
N TRP K 185 0.56 -23.09 10.79
CA TRP K 185 1.67 -22.15 10.86
C TRP K 185 1.69 -21.24 9.65
N MET K 186 1.49 -21.80 8.45
CA MET K 186 1.42 -20.98 7.26
C MET K 186 0.24 -20.02 7.33
N HIS K 187 -0.90 -20.49 7.82
CA HIS K 187 -2.07 -19.63 7.93
C HIS K 187 -1.80 -18.46 8.86
N TRP K 188 -1.14 -18.72 9.99
CA TRP K 188 -0.89 -17.65 10.94
C TRP K 188 0.20 -16.71 10.46
N ALA K 189 1.19 -17.22 9.73
CA ALA K 189 2.19 -16.33 9.12
C ALA K 189 1.56 -15.44 8.07
N LEU K 190 0.65 -16.00 7.26
CA LEU K 190 0.04 -15.23 6.18
C LEU K 190 -0.92 -14.18 6.74
N PHE K 191 -1.78 -14.58 7.66
CA PHE K 191 -2.77 -13.67 8.23
C PHE K 191 -2.29 -13.00 9.51
N GLY K 192 -1.11 -13.36 10.01
CA GLY K 192 -0.66 -12.83 11.28
C GLY K 192 -1.54 -13.21 12.45
N GLY K 193 -2.30 -14.27 12.32
CA GLY K 193 -3.26 -14.69 13.33
C GLY K 193 -4.36 -15.51 12.68
N ASP K 194 -5.56 -15.40 13.26
CA ASP K 194 -6.70 -16.11 12.72
C ASP K 194 -7.11 -15.50 11.38
N PHE K 195 -8.14 -16.07 10.76
CA PHE K 195 -8.45 -15.70 9.38
C PHE K 195 -8.68 -14.21 9.19
N PRO K 196 -9.50 -13.54 9.97
CA PRO K 196 -9.80 -12.12 9.67
C PRO K 196 -8.72 -11.18 10.16
N GLY K 197 -7.53 -11.71 10.44
CA GLY K 197 -6.42 -10.93 10.97
C GLY K 197 -6.31 -9.54 10.38
N GLU K 198 -5.95 -8.57 11.23
CA GLU K 198 -5.94 -7.16 10.87
C GLU K 198 -4.78 -6.76 9.97
N ILE K 199 -4.01 -7.71 9.45
CA ILE K 199 -2.87 -7.42 8.59
C ILE K 199 -3.04 -7.99 7.19
N LEU K 200 -4.14 -8.67 6.91
CA LEU K 200 -4.29 -9.36 5.64
C LEU K 200 -4.24 -8.40 4.46
N ILE K 201 -5.23 -7.50 4.37
CA ILE K 201 -5.38 -6.69 3.17
C ILE K 201 -4.16 -5.83 2.89
N PRO K 202 -3.54 -5.18 3.88
CA PRO K 202 -2.30 -4.45 3.57
C PRO K 202 -1.21 -5.35 2.99
N ARG K 203 -1.09 -6.57 3.50
CA ARG K 203 -0.09 -7.49 2.97
C ARG K 203 -0.43 -7.90 1.54
N LEU K 204 -1.71 -8.16 1.27
CA LEU K 204 -2.11 -8.48 -0.10
C LEU K 204 -1.89 -7.29 -1.02
N TYR K 205 -2.09 -6.07 -0.53
CA TYR K 205 -1.80 -4.88 -1.31
C TYR K 205 -0.33 -4.81 -1.65
N ALA K 206 0.54 -5.06 -0.68
CA ALA K 206 1.97 -5.09 -0.95
C ALA K 206 2.30 -6.16 -1.98
N LEU K 207 1.68 -7.33 -1.86
CA LEU K 207 1.94 -8.41 -2.80
C LEU K 207 1.42 -8.11 -4.20
N HIS K 208 0.38 -7.28 -4.30
CA HIS K 208 -0.36 -7.12 -5.53
C HIS K 208 -0.01 -5.86 -6.31
N ILE K 209 0.52 -4.82 -5.66
CA ILE K 209 0.85 -3.60 -6.38
C ILE K 209 2.33 -3.60 -6.72
N LEU K 210 3.16 -4.16 -5.84
CA LEU K 210 4.61 -4.10 -6.01
C LEU K 210 5.23 -5.48 -6.20
N LEU K 211 5.05 -6.39 -5.26
CA LEU K 211 5.86 -7.60 -5.25
C LEU K 211 5.56 -8.48 -6.45
N ILE K 212 4.33 -8.99 -6.55
CA ILE K 212 3.99 -9.89 -7.65
C ILE K 212 4.05 -9.16 -8.99
N PRO K 213 3.52 -7.94 -9.14
CA PRO K 213 3.78 -7.20 -10.37
C PRO K 213 5.25 -7.07 -10.71
N GLY K 214 6.10 -6.84 -9.71
CA GLY K 214 7.53 -6.74 -9.99
C GLY K 214 8.11 -8.05 -10.51
N ILE K 215 7.75 -9.16 -9.86
CA ILE K 215 8.23 -10.45 -10.31
C ILE K 215 7.73 -10.73 -11.72
N ILE K 216 6.46 -10.42 -11.98
CA ILE K 216 5.89 -10.64 -13.30
C ILE K 216 6.60 -9.78 -14.34
N LEU K 217 6.89 -8.53 -13.99
CA LEU K 217 7.59 -7.66 -14.92
C LEU K 217 8.98 -8.18 -15.24
N ALA K 218 9.71 -8.64 -14.22
CA ALA K 218 11.03 -9.20 -14.46
C ALA K 218 10.95 -10.45 -15.33
N LEU K 219 9.99 -11.33 -15.04
CA LEU K 219 9.85 -12.55 -15.82
C LEU K 219 9.42 -12.25 -17.25
N ILE K 220 8.58 -11.24 -17.43
CA ILE K 220 8.18 -10.84 -18.78
C ILE K 220 9.36 -10.25 -19.52
N GLY K 221 10.20 -9.47 -18.83
CA GLY K 221 11.41 -8.98 -19.46
C GLY K 221 12.31 -10.10 -19.92
N ALA K 222 12.50 -11.11 -19.07
CA ALA K 222 13.29 -12.27 -19.47
C ALA K 222 12.65 -12.99 -20.65
N HIS K 223 11.33 -13.15 -20.61
CA HIS K 223 10.60 -13.83 -21.68
C HIS K 223 10.82 -13.11 -23.01
N LEU K 224 10.60 -11.81 -23.04
CA LEU K 224 10.76 -11.05 -24.27
C LEU K 224 12.22 -11.00 -24.70
N ALA K 225 13.15 -10.96 -23.76
CA ALA K 225 14.56 -11.00 -24.12
C ALA K 225 14.90 -12.31 -24.82
N LEU K 226 14.42 -13.43 -24.28
CA LEU K 226 14.67 -14.72 -24.91
C LEU K 226 14.03 -14.80 -26.28
N VAL K 227 12.78 -14.35 -26.41
CA VAL K 227 12.12 -14.39 -27.71
C VAL K 227 12.89 -13.52 -28.71
N TRP K 228 13.37 -12.36 -28.25
CA TRP K 228 14.08 -11.44 -29.12
C TRP K 228 15.40 -12.02 -29.59
N PHE K 229 16.15 -12.65 -28.69
CA PHE K 229 17.48 -13.15 -29.00
C PHE K 229 17.50 -14.62 -29.38
N GLN K 230 16.52 -15.40 -28.95
CA GLN K 230 16.23 -16.69 -29.56
C GLN K 230 15.21 -16.38 -30.65
N LYS K 231 15.69 -16.08 -31.84
CA LYS K 231 14.82 -15.59 -32.91
C LYS K 231 13.51 -16.37 -32.92
N HIS K 232 12.41 -15.64 -33.05
CA HIS K 232 11.09 -16.24 -32.93
C HIS K 232 10.93 -17.40 -33.90
N THR K 233 10.37 -18.49 -33.40
CA THR K 233 10.13 -19.66 -34.23
C THR K 233 9.08 -19.34 -35.28
N GLN K 234 8.98 -20.22 -36.27
CA GLN K 234 8.10 -19.99 -37.40
C GLN K 234 7.48 -21.30 -37.86
N PHE K 235 6.34 -21.20 -38.54
CA PHE K 235 5.68 -22.36 -39.09
C PHE K 235 6.40 -22.82 -40.35
N PRO K 236 6.34 -24.10 -40.68
CA PRO K 236 6.90 -24.56 -41.96
C PRO K 236 6.17 -23.89 -43.12
N GLY K 237 6.93 -23.57 -44.17
CA GLY K 237 6.39 -22.87 -45.30
C GLY K 237 7.33 -22.92 -46.49
N PRO K 238 7.02 -22.15 -47.52
CA PRO K 238 7.84 -22.22 -48.74
C PRO K 238 9.31 -21.92 -48.50
N GLY K 239 9.62 -20.71 -48.06
CA GLY K 239 11.00 -20.29 -47.87
C GLY K 239 11.49 -20.38 -46.45
N ARG K 240 10.77 -21.08 -45.58
CA ARG K 240 11.07 -21.12 -44.16
C ARG K 240 11.76 -22.42 -43.81
N THR K 241 12.87 -22.33 -43.08
CA THR K 241 13.67 -23.49 -42.72
C THR K 241 14.08 -23.37 -41.26
N GLU K 242 14.77 -24.40 -40.77
CA GLU K 242 15.23 -24.41 -39.39
C GLU K 242 16.25 -23.31 -39.12
N THR K 243 16.84 -22.72 -40.16
CA THR K 243 17.99 -21.84 -40.02
C THR K 243 17.71 -20.44 -40.55
N ASN K 244 16.46 -20.00 -40.54
CA ASN K 244 16.14 -18.64 -40.97
C ASN K 244 14.81 -18.22 -40.35
N VAL K 245 14.50 -16.95 -40.52
CA VAL K 245 13.21 -16.39 -40.12
C VAL K 245 12.67 -15.63 -41.32
N VAL K 246 11.50 -16.03 -41.80
CA VAL K 246 10.85 -15.38 -42.93
C VAL K 246 9.69 -14.57 -42.39
N GLY K 247 9.67 -13.28 -42.74
CA GLY K 247 8.63 -12.40 -42.25
C GLY K 247 8.87 -10.96 -42.66
N VAL K 248 8.75 -10.05 -41.70
CA VAL K 248 8.93 -8.63 -41.95
C VAL K 248 9.95 -8.08 -40.96
N ARG K 249 10.69 -7.06 -41.39
CA ARG K 249 11.63 -6.41 -40.49
C ARG K 249 10.87 -5.65 -39.41
N VAL K 250 11.60 -5.29 -38.36
CA VAL K 250 10.95 -4.70 -37.19
C VAL K 250 10.33 -3.35 -37.55
N MET K 251 11.16 -2.40 -38.01
CA MET K 251 10.74 -1.00 -37.99
C MET K 251 9.58 -0.73 -38.94
N PRO K 252 9.75 -0.84 -40.26
CA PRO K 252 8.69 -0.32 -41.15
C PRO K 252 7.35 -0.98 -40.95
N VAL K 253 7.31 -2.28 -40.65
CA VAL K 253 6.06 -3.03 -40.72
C VAL K 253 5.70 -3.64 -39.37
N PHE K 254 6.61 -4.44 -38.81
CA PHE K 254 6.26 -5.15 -37.58
C PHE K 254 5.98 -4.18 -36.44
N ALA K 255 6.79 -3.14 -36.30
CA ALA K 255 6.60 -2.20 -35.20
C ALA K 255 5.27 -1.46 -35.34
N VAL K 256 4.95 -1.01 -36.54
CA VAL K 256 3.71 -0.27 -36.74
C VAL K 256 2.50 -1.16 -36.48
N LYS K 257 2.54 -2.40 -36.96
CA LYS K 257 1.41 -3.29 -36.74
C LYS K 257 1.29 -3.70 -35.28
N SER K 258 2.42 -3.87 -34.59
CA SER K 258 2.36 -4.18 -33.16
C SER K 258 1.79 -3.02 -32.38
N GLY K 259 2.20 -1.79 -32.70
CA GLY K 259 1.61 -0.64 -32.03
C GLY K 259 0.13 -0.50 -32.32
N ALA K 260 -0.27 -0.72 -33.57
CA ALA K 260 -1.69 -0.66 -33.90
C ALA K 260 -2.47 -1.74 -33.18
N PHE K 261 -1.87 -2.93 -33.03
CA PHE K 261 -2.54 -3.98 -32.28
C PHE K 261 -2.68 -3.62 -30.81
N PHE K 262 -1.65 -2.99 -30.24
CA PHE K 262 -1.76 -2.53 -28.85
C PHE K 262 -2.91 -1.53 -28.73
N ALA K 263 -2.99 -0.60 -29.68
CA ALA K 263 -4.08 0.38 -29.67
C ALA K 263 -5.44 -0.30 -29.77
N MET K 264 -5.56 -1.29 -30.65
CA MET K 264 -6.84 -1.97 -30.83
C MET K 264 -7.21 -2.76 -29.59
N ILE K 265 -6.24 -3.40 -28.95
CA ILE K 265 -6.54 -4.18 -27.76
C ILE K 265 -6.93 -3.27 -26.60
N THR K 266 -6.25 -2.14 -26.44
CA THR K 266 -6.66 -1.21 -25.39
C THR K 266 -8.02 -0.59 -25.71
N GLY K 267 -8.35 -0.45 -27.00
CA GLY K 267 -9.69 -0.02 -27.35
C GLY K 267 -10.75 -1.04 -26.98
N VAL K 268 -10.47 -2.31 -27.22
CA VAL K 268 -11.38 -3.36 -26.80
C VAL K 268 -11.54 -3.34 -25.29
N LEU K 269 -10.44 -3.17 -24.57
CA LEU K 269 -10.50 -3.15 -23.11
C LEU K 269 -11.29 -1.96 -22.60
N GLY K 270 -11.11 -0.79 -23.21
CA GLY K 270 -11.89 0.38 -22.81
C GLY K 270 -13.36 0.20 -23.11
N LEU K 271 -13.69 -0.37 -24.27
CA LEU K 271 -15.08 -0.63 -24.62
C LEU K 271 -15.71 -1.57 -23.61
N MET K 272 -14.99 -2.62 -23.22
CA MET K 272 -15.51 -3.52 -22.19
C MET K 272 -15.67 -2.81 -20.85
N GLY K 273 -14.68 -2.01 -20.47
CA GLY K 273 -14.76 -1.30 -19.21
C GLY K 273 -15.95 -0.35 -19.14
N GLY K 274 -16.31 0.24 -20.27
CA GLY K 274 -17.48 1.08 -20.31
C GLY K 274 -18.77 0.29 -20.35
N LEU K 275 -18.95 -0.50 -21.41
CA LEU K 275 -20.24 -1.11 -21.68
C LEU K 275 -20.55 -2.28 -20.77
N LEU K 276 -19.54 -3.04 -20.35
CA LEU K 276 -19.76 -4.23 -19.53
C LEU K 276 -19.40 -3.92 -18.09
N THR K 277 -20.26 -4.35 -17.17
CA THR K 277 -20.03 -4.16 -15.75
C THR K 277 -19.31 -5.37 -15.19
N ILE K 278 -18.21 -5.14 -14.48
CA ILE K 278 -17.41 -6.20 -13.88
C ILE K 278 -17.27 -5.90 -12.39
N ASN K 279 -17.55 -6.90 -11.56
CA ASN K 279 -17.36 -6.78 -10.13
C ASN K 279 -18.04 -5.54 -9.57
N PRO K 280 -19.37 -5.51 -9.52
CA PRO K 280 -20.06 -4.38 -8.87
C PRO K 280 -20.03 -4.51 -7.35
N ILE K 281 -18.92 -4.08 -6.76
CA ILE K 281 -18.69 -4.33 -5.34
C ILE K 281 -19.75 -3.66 -4.48
N TRP K 282 -20.31 -2.54 -4.94
CA TRP K 282 -21.36 -1.90 -4.16
C TRP K 282 -22.54 -2.84 -3.93
N ASN K 283 -22.81 -3.71 -4.91
CA ASN K 283 -23.80 -4.75 -4.70
C ASN K 283 -23.29 -5.83 -3.75
N LEU K 284 -21.99 -6.04 -3.72
CA LEU K 284 -21.35 -7.01 -2.83
C LEU K 284 -21.10 -6.30 -1.52
N GLY K 285 -21.96 -6.52 -0.53
CA GLY K 285 -21.82 -5.85 0.74
C GLY K 285 -20.44 -6.04 1.33
N PRO K 286 -20.09 -5.23 2.33
CA PRO K 286 -18.80 -5.41 2.98
C PRO K 286 -18.68 -6.79 3.59
N TYR K 287 -17.47 -7.33 3.60
CA TYR K 287 -17.30 -8.70 4.04
C TYR K 287 -17.67 -8.83 5.51
N LYS K 288 -18.53 -9.81 5.80
CA LYS K 288 -18.87 -10.19 7.16
C LYS K 288 -18.76 -11.70 7.22
N PRO K 289 -18.05 -12.26 8.20
CA PRO K 289 -17.88 -13.72 8.22
C PRO K 289 -19.20 -14.48 8.23
N SER K 290 -20.27 -13.89 8.74
CA SER K 290 -21.55 -14.58 8.82
C SER K 290 -22.37 -14.45 7.54
N GLN K 291 -21.92 -13.66 6.57
CA GLN K 291 -22.68 -13.43 5.34
C GLN K 291 -22.02 -14.14 4.16
N VAL K 292 -22.86 -14.54 3.21
CA VAL K 292 -22.39 -15.22 2.00
C VAL K 292 -23.51 -15.19 0.98
N SER K 293 -23.16 -15.40 -0.29
CA SER K 293 -24.12 -15.48 -1.36
C SER K 293 -24.05 -16.85 -2.04
N ALA K 294 -25.01 -17.10 -2.92
CA ALA K 294 -25.06 -18.38 -3.62
C ALA K 294 -23.94 -18.48 -4.66
N GLY K 295 -23.69 -17.42 -5.41
CA GLY K 295 -22.68 -17.47 -6.45
C GLY K 295 -21.33 -17.86 -5.91
N SER K 296 -20.71 -16.97 -5.13
CA SER K 296 -19.47 -17.27 -4.42
C SER K 296 -18.46 -17.98 -5.32
N GLN K 297 -18.03 -17.27 -6.36
CA GLN K 297 -17.08 -17.79 -7.33
C GLN K 297 -15.87 -16.88 -7.45
N PRO K 298 -14.72 -17.43 -7.86
CA PRO K 298 -13.58 -16.57 -8.18
C PRO K 298 -13.53 -16.24 -9.65
N ASP K 299 -12.65 -15.33 -10.06
CA ASP K 299 -12.49 -15.04 -11.48
C ASP K 299 -12.19 -16.34 -12.22
N PHE K 300 -12.42 -16.31 -13.53
CA PHE K 300 -12.38 -17.55 -14.30
C PHE K 300 -11.03 -18.25 -14.15
N TYR K 301 -9.94 -17.48 -14.16
CA TYR K 301 -8.62 -18.11 -14.15
C TYR K 301 -8.39 -18.96 -12.90
N MET K 302 -9.13 -18.70 -11.82
CA MET K 302 -9.02 -19.52 -10.62
C MET K 302 -10.20 -20.46 -10.44
N MET K 303 -11.29 -20.30 -11.19
CA MET K 303 -12.45 -21.15 -10.97
C MET K 303 -12.10 -22.62 -11.02
N TRP K 304 -11.19 -23.03 -11.91
CA TRP K 304 -10.86 -24.45 -11.97
C TRP K 304 -10.51 -24.98 -10.59
N THR K 305 -9.70 -24.26 -9.82
CA THR K 305 -9.38 -24.70 -8.47
C THR K 305 -10.66 -24.97 -7.69
N ASP K 306 -11.53 -23.96 -7.61
CA ASP K 306 -12.80 -24.16 -6.93
C ASP K 306 -13.54 -25.37 -7.50
N GLY K 307 -13.59 -25.48 -8.82
CA GLY K 307 -14.27 -26.61 -9.42
C GLY K 307 -13.70 -27.92 -8.93
N LEU K 308 -12.37 -28.02 -8.89
CA LEU K 308 -11.75 -29.22 -8.36
C LEU K 308 -12.31 -29.55 -6.99
N ILE K 309 -12.34 -28.57 -6.09
CA ILE K 309 -12.80 -28.82 -4.73
C ILE K 309 -14.24 -29.32 -4.75
N ARG K 310 -15.06 -28.75 -5.64
CA ARG K 310 -16.45 -29.17 -5.71
C ARG K 310 -16.56 -30.61 -6.15
N LEU K 311 -15.70 -31.03 -7.08
CA LEU K 311 -15.82 -32.36 -7.66
C LEU K 311 -15.01 -33.41 -6.92
N TRP K 312 -14.14 -33.02 -6.01
CA TRP K 312 -13.35 -34.01 -5.29
C TRP K 312 -14.23 -34.70 -4.25
N PRO K 313 -14.29 -36.04 -4.22
CA PRO K 313 -15.34 -36.76 -3.47
C PRO K 313 -15.16 -36.80 -1.95
N ALA K 314 -14.90 -35.63 -1.36
CA ALA K 314 -14.97 -35.47 0.09
C ALA K 314 -14.18 -36.55 0.82
N TRP K 315 -12.97 -36.81 0.36
CA TRP K 315 -12.10 -37.81 0.95
C TRP K 315 -11.17 -37.15 1.96
N GLU K 316 -11.23 -37.61 3.21
CA GLU K 316 -10.32 -37.17 4.25
C GLU K 316 -9.63 -38.38 4.86
N PHE K 317 -8.59 -38.11 5.64
CA PHE K 317 -7.85 -39.13 6.34
C PHE K 317 -7.56 -38.64 7.75
N TYR K 318 -7.52 -39.57 8.70
CA TYR K 318 -7.41 -39.25 10.13
C TYR K 318 -6.28 -40.08 10.74
N PRO K 319 -5.05 -39.57 10.69
CA PRO K 319 -3.93 -40.26 11.36
C PRO K 319 -4.04 -40.16 12.87
N PHE K 320 -2.99 -40.58 13.58
CA PHE K 320 -3.06 -40.71 15.02
C PHE K 320 -3.21 -39.34 15.68
N GLY K 321 -4.45 -38.94 15.93
CA GLY K 321 -4.72 -37.65 16.54
C GLY K 321 -4.70 -36.48 15.59
N HIS K 322 -4.63 -36.72 14.28
CA HIS K 322 -4.58 -35.66 13.29
C HIS K 322 -5.54 -35.97 12.16
N THR K 323 -5.81 -34.94 11.34
CA THR K 323 -6.71 -35.07 10.21
C THR K 323 -6.15 -34.29 9.03
N ILE K 324 -6.20 -34.90 7.85
CA ILE K 324 -5.85 -34.22 6.61
C ILE K 324 -7.16 -33.82 5.94
N PRO K 325 -7.60 -32.56 6.07
CA PRO K 325 -8.90 -32.19 5.49
C PRO K 325 -8.90 -32.33 3.99
N GLN K 326 -10.09 -32.56 3.44
CA GLN K 326 -10.20 -32.77 2.00
C GLN K 326 -9.69 -31.57 1.22
N GLY K 327 -9.71 -30.38 1.82
CA GLY K 327 -9.19 -29.21 1.14
C GLY K 327 -7.76 -29.39 0.68
N VAL K 328 -6.94 -30.03 1.52
CA VAL K 328 -5.56 -30.34 1.19
C VAL K 328 -5.48 -30.83 -0.24
N TRP K 329 -6.44 -31.69 -0.63
CA TRP K 329 -6.37 -32.31 -1.95
C TRP K 329 -6.19 -31.27 -3.04
N VAL K 330 -7.01 -30.22 -3.04
CA VAL K 330 -6.92 -29.26 -4.13
C VAL K 330 -5.51 -28.68 -4.19
N ALA K 331 -4.95 -28.31 -3.03
CA ALA K 331 -3.58 -27.82 -3.02
C ALA K 331 -2.67 -28.81 -3.71
N VAL K 332 -2.71 -30.07 -3.28
CA VAL K 332 -1.91 -31.10 -3.93
C VAL K 332 -2.21 -31.12 -5.42
N GLY K 333 -3.50 -31.17 -5.76
CA GLY K 333 -3.88 -31.15 -7.17
C GLY K 333 -3.31 -29.94 -7.87
N MET K 334 -3.47 -28.77 -7.25
CA MET K 334 -2.89 -27.56 -7.82
C MET K 334 -1.41 -27.77 -8.09
N GLY K 335 -0.68 -28.25 -7.08
CA GLY K 335 0.73 -28.51 -7.26
C GLY K 335 0.92 -29.35 -8.50
N LEU K 336 0.24 -30.50 -8.55
CA LEU K 336 0.39 -31.39 -9.69
C LEU K 336 0.20 -30.62 -10.98
N VAL K 337 -0.90 -29.86 -11.07
CA VAL K 337 -1.15 -29.09 -12.29
C VAL K 337 0.10 -28.29 -12.66
N PHE K 338 0.52 -27.40 -11.76
CA PHE K 338 1.71 -26.61 -12.05
C PHE K 338 2.92 -27.51 -12.22
N ALA K 339 3.04 -28.53 -11.37
CA ALA K 339 4.17 -29.45 -11.49
C ALA K 339 4.19 -30.09 -12.86
N LEU K 340 3.03 -30.37 -13.44
CA LEU K 340 2.97 -30.97 -14.76
C LEU K 340 3.00 -29.94 -15.88
N LEU K 341 2.81 -28.67 -15.56
CA LEU K 341 2.86 -27.61 -16.56
C LEU K 341 4.28 -27.07 -16.73
N ILE K 342 4.91 -26.67 -15.64
CA ILE K 342 6.25 -26.11 -15.71
C ILE K 342 7.22 -27.14 -16.29
N ALA K 343 7.03 -28.40 -15.92
CA ALA K 343 7.95 -29.47 -16.32
C ALA K 343 7.42 -30.30 -17.47
N TYR K 344 6.63 -29.71 -18.36
CA TYR K 344 6.13 -30.48 -19.48
C TYR K 344 7.21 -30.74 -20.53
N PRO K 345 7.88 -29.69 -21.11
CA PRO K 345 8.80 -29.86 -22.21
C PRO K 345 9.80 -30.96 -21.93
N PHE K 346 10.23 -31.07 -20.68
CA PHE K 346 11.18 -32.11 -20.28
C PHE K 346 10.54 -33.49 -20.35
N ILE K 347 9.27 -33.59 -19.94
CA ILE K 347 8.56 -34.86 -20.07
C ILE K 347 8.38 -35.22 -21.54
N GLU K 348 8.07 -34.23 -22.39
CA GLU K 348 7.91 -34.48 -23.81
C GLU K 348 9.20 -35.04 -24.41
N LYS K 349 10.35 -34.46 -24.03
CA LYS K 349 11.66 -34.83 -24.61
C LYS K 349 12.13 -36.11 -23.94
N LYS K 350 11.62 -36.49 -22.77
CA LYS K 350 11.91 -37.78 -22.17
C LYS K 350 11.14 -38.89 -22.85
N VAL K 351 9.86 -38.68 -23.12
CA VAL K 351 9.03 -39.71 -23.74
C VAL K 351 9.40 -39.86 -25.21
N THR K 352 9.28 -38.77 -25.97
CA THR K 352 9.57 -38.83 -27.39
C THR K 352 11.04 -39.05 -27.69
N GLY K 353 11.92 -38.63 -26.77
CA GLY K 353 13.34 -38.68 -27.06
C GLY K 353 13.80 -37.67 -28.08
N ASP K 354 13.11 -36.52 -28.21
CA ASP K 354 13.28 -35.53 -29.30
C ASP K 354 13.98 -34.27 -28.82
N ASP K 355 15.28 -34.30 -28.56
CA ASP K 355 16.04 -33.14 -27.98
C ASP K 355 16.69 -32.30 -29.09
N ALA K 356 16.32 -32.49 -30.36
CA ALA K 356 16.92 -31.77 -31.51
C ALA K 356 16.55 -30.30 -31.41
N HIS K 357 17.30 -29.38 -32.04
CA HIS K 357 17.07 -27.93 -31.96
C HIS K 357 16.01 -27.57 -32.97
N HIS K 358 14.75 -27.47 -32.56
CA HIS K 358 13.63 -27.26 -33.48
C HIS K 358 13.29 -25.79 -33.58
N ASN K 359 13.57 -25.13 -34.71
CA ASN K 359 13.16 -23.75 -34.96
C ASN K 359 11.89 -23.65 -35.79
N LEU K 360 11.49 -24.73 -36.45
CA LEU K 360 10.26 -24.76 -37.22
C LEU K 360 9.15 -25.35 -36.37
N LEU K 361 8.08 -24.60 -36.17
CA LEU K 361 6.92 -25.13 -35.47
C LEU K 361 6.39 -26.35 -36.23
N GLN K 362 5.49 -27.08 -35.57
CA GLN K 362 4.80 -28.17 -36.21
C GLN K 362 3.32 -28.04 -35.96
N ARG K 363 2.52 -28.27 -37.00
CA ARG K 363 1.10 -28.08 -36.89
C ARG K 363 0.53 -29.03 -35.85
N PRO K 364 -0.49 -28.61 -35.10
CA PRO K 364 -1.05 -29.51 -34.08
C PRO K 364 -1.49 -30.85 -34.66
N ARG K 365 -2.01 -30.87 -35.88
CA ARG K 365 -2.40 -32.14 -36.49
C ARG K 365 -1.19 -33.03 -36.74
N ASP K 366 -0.04 -32.44 -37.05
CA ASP K 366 1.17 -33.22 -37.31
C ASP K 366 1.69 -33.93 -36.06
N VAL K 367 1.18 -33.58 -34.89
CA VAL K 367 1.60 -34.21 -33.65
C VAL K 367 0.33 -34.69 -32.94
N PRO K 368 -0.29 -35.77 -33.43
CA PRO K 368 -1.60 -36.15 -32.89
C PRO K 368 -1.58 -36.45 -31.41
N VAL K 369 -0.50 -37.02 -30.89
CA VAL K 369 -0.48 -37.40 -29.48
C VAL K 369 -0.46 -36.15 -28.60
N ARG K 370 0.39 -35.18 -28.94
CA ARG K 370 0.44 -33.96 -28.13
C ARG K 370 -0.83 -33.14 -28.30
N THR K 371 -1.38 -33.11 -29.51
CA THR K 371 -2.65 -32.42 -29.71
C THR K 371 -3.75 -33.06 -28.88
N ALA K 372 -3.77 -34.40 -28.83
CA ALA K 372 -4.75 -35.09 -28.01
C ALA K 372 -4.54 -34.80 -26.53
N ILE K 373 -3.29 -34.77 -26.08
CA ILE K 373 -2.99 -34.47 -24.68
C ILE K 373 -3.45 -33.05 -24.34
N GLY K 374 -3.18 -32.10 -25.22
CA GLY K 374 -3.59 -30.73 -24.97
C GLY K 374 -5.09 -30.57 -24.99
N SER K 375 -5.78 -31.25 -25.91
CA SER K 375 -7.23 -31.23 -25.93
C SER K 375 -7.79 -31.85 -24.65
N MET K 376 -7.19 -32.93 -24.18
CA MET K 376 -7.61 -33.57 -22.95
C MET K 376 -7.42 -32.63 -21.76
N ALA K 377 -6.28 -31.94 -21.71
CA ALA K 377 -6.04 -31.00 -20.63
C ALA K 377 -7.01 -29.84 -20.68
N ILE K 378 -7.29 -29.30 -21.87
CA ILE K 378 -8.24 -28.21 -22.00
C ILE K 378 -9.63 -28.68 -21.60
N ALA K 379 -9.98 -29.92 -21.96
CA ALA K 379 -11.28 -30.47 -21.57
C ALA K 379 -11.39 -30.57 -20.06
N LEU K 380 -10.34 -31.05 -19.40
CA LEU K 380 -10.38 -31.14 -17.94
C LEU K 380 -10.49 -29.74 -17.33
N TYR K 381 -9.75 -28.77 -17.87
CA TYR K 381 -9.85 -27.41 -17.35
C TYR K 381 -11.25 -26.85 -17.52
N LEU K 382 -11.85 -27.05 -18.68
CA LEU K 382 -13.20 -26.55 -18.92
C LEU K 382 -14.21 -27.25 -18.01
N LEU K 383 -14.06 -28.56 -17.81
CA LEU K 383 -14.94 -29.27 -16.91
C LEU K 383 -14.83 -28.71 -15.50
N LEU K 384 -13.62 -28.50 -15.01
CA LEU K 384 -13.45 -27.93 -13.68
C LEU K 384 -14.02 -26.52 -13.60
N THR K 385 -13.76 -25.70 -14.62
CA THR K 385 -14.24 -24.33 -14.60
C THR K 385 -15.76 -24.26 -14.58
N PHE K 386 -16.42 -25.10 -15.39
CA PHE K 386 -17.87 -25.10 -15.39
C PHE K 386 -18.44 -25.77 -14.15
N ALA K 387 -17.70 -26.69 -13.55
CA ALA K 387 -18.09 -27.24 -12.26
C ALA K 387 -18.09 -26.15 -11.19
N CYS K 388 -17.11 -25.26 -11.24
CA CYS K 388 -17.13 -24.11 -10.33
C CYS K 388 -18.35 -23.24 -10.55
N MET K 389 -19.00 -23.34 -11.71
CA MET K 389 -20.25 -22.63 -11.98
C MET K 389 -21.47 -23.52 -11.85
N ASN K 390 -21.30 -24.75 -11.34
CA ASN K 390 -22.43 -25.68 -11.31
C ASN K 390 -23.63 -25.08 -10.58
N ASP K 391 -23.38 -24.22 -9.60
CA ASP K 391 -24.49 -23.49 -8.97
C ASP K 391 -25.27 -22.69 -10.00
N ILE K 392 -24.57 -21.83 -10.76
CA ILE K 392 -25.25 -20.96 -11.71
C ILE K 392 -25.78 -21.77 -12.88
N ILE K 393 -25.03 -22.77 -13.32
CA ILE K 393 -25.49 -23.61 -14.43
C ILE K 393 -26.79 -24.31 -14.04
N ALA K 394 -26.83 -24.86 -12.82
CA ALA K 394 -28.06 -25.50 -12.36
C ALA K 394 -29.19 -24.50 -12.26
N LEU K 395 -28.92 -23.31 -11.74
CA LEU K 395 -29.97 -22.30 -11.60
C LEU K 395 -30.55 -21.94 -12.95
N LYS K 396 -29.74 -21.39 -13.84
CA LYS K 396 -30.22 -20.94 -15.14
C LYS K 396 -30.65 -22.12 -16.00
N PHE K 397 -29.70 -23.02 -16.31
CA PHE K 397 -30.03 -24.25 -17.01
C PHE K 397 -30.51 -25.25 -15.97
N HIS K 398 -31.79 -25.57 -15.99
CA HIS K 398 -32.40 -26.31 -14.88
C HIS K 398 -31.85 -27.72 -14.87
N ILE K 399 -30.85 -27.95 -14.03
CA ILE K 399 -30.28 -29.26 -13.77
C ILE K 399 -30.05 -29.37 -12.27
N SER K 400 -30.43 -30.49 -11.68
CA SER K 400 -30.28 -30.64 -10.24
C SER K 400 -28.81 -30.46 -9.86
N LEU K 401 -28.57 -29.65 -8.82
CA LEU K 401 -27.20 -29.36 -8.42
C LEU K 401 -26.41 -30.63 -8.15
N ASN K 402 -27.05 -31.63 -7.55
CA ASN K 402 -26.38 -32.91 -7.36
C ASN K 402 -26.05 -33.56 -8.70
N ALA K 403 -26.96 -33.45 -9.67
CA ALA K 403 -26.66 -33.99 -10.99
C ALA K 403 -25.47 -33.30 -11.62
N THR K 404 -25.39 -31.98 -11.50
CA THR K 404 -24.23 -31.27 -12.05
C THR K 404 -22.95 -31.70 -11.34
N THR K 405 -22.99 -31.82 -10.02
CA THR K 405 -21.80 -32.23 -9.29
C THR K 405 -21.33 -33.61 -9.74
N TRP K 406 -22.26 -34.55 -9.88
CA TRP K 406 -21.88 -35.90 -10.29
C TRP K 406 -21.50 -35.97 -11.76
N ILE K 407 -22.10 -35.12 -12.60
CA ILE K 407 -21.66 -35.02 -13.98
C ILE K 407 -20.20 -34.59 -14.03
N GLY K 408 -19.85 -33.57 -13.25
CA GLY K 408 -18.46 -33.16 -13.18
C GLY K 408 -17.56 -34.25 -12.62
N ARG K 409 -18.04 -34.96 -11.59
CA ARG K 409 -17.23 -36.00 -10.97
C ARG K 409 -16.90 -37.11 -11.95
N ILE K 410 -17.91 -37.62 -12.65
CA ILE K 410 -17.68 -38.66 -13.64
C ILE K 410 -16.89 -38.10 -14.82
N GLY K 411 -17.16 -36.84 -15.19
CA GLY K 411 -16.51 -36.27 -16.35
C GLY K 411 -15.02 -36.09 -16.16
N MET K 412 -14.59 -35.62 -14.99
CA MET K 412 -13.17 -35.34 -14.81
C MET K 412 -12.29 -36.57 -15.05
N VAL K 413 -12.89 -37.74 -15.25
CA VAL K 413 -12.16 -38.93 -15.68
C VAL K 413 -12.61 -39.40 -17.06
N VAL K 414 -13.90 -39.29 -17.37
CA VAL K 414 -14.41 -39.81 -18.64
C VAL K 414 -14.18 -38.81 -19.77
N LEU K 415 -14.63 -37.57 -19.58
CA LEU K 415 -14.53 -36.58 -20.63
C LEU K 415 -13.10 -36.37 -21.13
N PRO K 416 -12.09 -36.28 -20.26
CA PRO K 416 -10.73 -36.24 -20.79
C PRO K 416 -10.40 -37.42 -21.70
N ALA K 417 -10.85 -38.62 -21.37
CA ALA K 417 -10.55 -39.78 -22.20
C ALA K 417 -11.24 -39.67 -23.56
N ILE K 418 -12.53 -39.32 -23.55
CA ILE K 418 -13.26 -39.16 -24.81
C ILE K 418 -12.61 -38.08 -25.65
N VAL K 419 -12.22 -36.97 -25.03
CA VAL K 419 -11.61 -35.87 -25.76
C VAL K 419 -10.26 -36.30 -26.32
N TYR K 420 -9.49 -37.08 -25.56
CA TYR K 420 -8.22 -37.56 -26.07
C TYR K 420 -8.43 -38.43 -27.31
N PHE K 421 -9.35 -39.38 -27.23
CA PHE K 421 -9.61 -40.24 -28.38
C PHE K 421 -10.07 -39.42 -29.58
N VAL K 422 -11.02 -38.52 -29.35
CA VAL K 422 -11.57 -37.72 -30.44
C VAL K 422 -10.50 -36.84 -31.05
N ALA K 423 -9.67 -36.21 -30.23
CA ALA K 423 -8.65 -35.31 -30.75
C ALA K 423 -7.54 -36.07 -31.47
N TYR K 424 -7.18 -37.25 -30.99
CA TYR K 424 -6.21 -38.07 -31.70
C TYR K 424 -6.72 -38.44 -33.08
N ARG K 425 -7.93 -38.99 -33.14
CA ARG K 425 -8.50 -39.36 -34.42
C ARG K 425 -8.71 -38.14 -35.30
N TRP K 426 -9.00 -36.99 -34.71
CA TRP K 426 -9.21 -35.78 -35.49
C TRP K 426 -7.91 -35.29 -36.09
N ALA K 427 -6.82 -35.30 -35.32
CA ALA K 427 -5.53 -34.91 -35.86
C ALA K 427 -5.12 -35.84 -36.99
N ILE K 428 -5.32 -37.14 -36.82
CA ILE K 428 -4.96 -38.07 -37.88
C ILE K 428 -5.84 -37.85 -39.11
N SER K 429 -7.12 -37.54 -38.91
CA SER K 429 -8.01 -37.29 -40.03
C SER K 429 -7.62 -36.01 -40.77
N LEU K 430 -7.19 -34.99 -40.03
CA LEU K 430 -6.69 -33.78 -40.68
C LEU K 430 -5.44 -34.09 -41.50
N GLN K 431 -4.55 -34.93 -40.95
CA GLN K 431 -3.40 -35.36 -41.72
C GLN K 431 -3.82 -36.05 -43.01
N ARG K 432 -4.85 -36.89 -42.92
CA ARG K 432 -5.30 -37.61 -44.11
C ARG K 432 -5.96 -36.67 -45.11
N SER K 433 -6.64 -35.64 -44.63
CA SER K 433 -7.19 -34.63 -45.53
C SER K 433 -6.07 -33.93 -46.29
N ASP K 434 -5.00 -33.55 -45.57
CA ASP K 434 -3.86 -32.94 -46.23
C ASP K 434 -3.23 -33.89 -47.23
N ARG K 435 -3.08 -35.15 -46.86
CA ARG K 435 -2.45 -36.12 -47.76
C ARG K 435 -3.27 -36.34 -49.01
N GLU K 436 -4.60 -36.37 -48.88
CA GLU K 436 -5.43 -36.57 -50.06
C GLU K 436 -5.46 -35.33 -50.94
N VAL K 437 -5.38 -34.14 -50.34
CA VAL K 437 -5.23 -32.94 -51.15
C VAL K 437 -3.94 -33.00 -51.95
N LEU K 438 -2.85 -33.40 -51.30
CA LEU K 438 -1.57 -33.54 -52.01
C LEU K 438 -1.67 -34.59 -53.12
N GLU K 439 -2.30 -35.73 -52.85
CA GLU K 439 -2.33 -36.83 -53.84
C GLU K 439 -3.16 -36.40 -55.02
N HIS K 440 -4.34 -35.81 -54.79
CA HIS K 440 -5.28 -35.52 -55.87
C HIS K 440 -5.37 -34.05 -56.23
N GLY K 441 -5.26 -33.16 -55.26
CA GLY K 441 -5.42 -31.73 -55.50
C GLY K 441 -6.76 -31.23 -55.00
N VAL K 442 -6.96 -29.93 -55.18
CA VAL K 442 -8.13 -29.24 -54.66
C VAL K 442 -9.37 -29.74 -55.40
N GLU K 443 -10.55 -29.46 -54.86
CA GLU K 443 -11.80 -29.91 -55.43
C GLU K 443 -12.61 -28.72 -55.95
N THR K 444 -13.49 -28.99 -56.90
CA THR K 444 -14.20 -27.94 -57.64
C THR K 444 -15.58 -28.48 -58.04
N GLY K 445 -16.20 -27.85 -59.04
CA GLY K 445 -17.49 -28.31 -59.52
C GLY K 445 -17.41 -29.62 -60.26
N ILE K 446 -18.57 -30.26 -60.40
CA ILE K 446 -18.68 -31.60 -60.95
C ILE K 446 -19.03 -31.50 -62.43
N ILE K 447 -18.56 -32.49 -63.20
CA ILE K 447 -18.78 -32.56 -64.64
C ILE K 447 -19.20 -33.97 -65.01
N LYS K 448 -20.15 -34.09 -65.91
CA LYS K 448 -20.58 -35.38 -66.44
C LYS K 448 -19.77 -35.69 -67.70
N ARG K 449 -19.05 -36.80 -67.69
CA ARG K 449 -18.14 -37.12 -68.78
C ARG K 449 -18.92 -37.32 -70.07
N LEU K 450 -18.26 -37.06 -71.19
CA LEU K 450 -18.93 -36.99 -72.48
C LEU K 450 -19.56 -38.31 -72.87
N PRO K 451 -18.79 -39.38 -73.10
CA PRO K 451 -19.41 -40.60 -73.64
C PRO K 451 -20.37 -41.25 -72.67
N HIS K 452 -19.96 -41.43 -71.43
CA HIS K 452 -20.70 -42.16 -70.42
C HIS K 452 -21.21 -41.19 -69.36
N GLY K 453 -21.82 -41.73 -68.31
CA GLY K 453 -22.41 -40.91 -67.28
C GLY K 453 -21.51 -40.68 -66.08
N ALA K 454 -20.22 -40.87 -66.25
CA ALA K 454 -19.30 -40.68 -65.14
C ALA K 454 -19.40 -39.25 -64.62
N TYR K 455 -19.40 -39.11 -63.30
CA TYR K 455 -19.34 -37.82 -62.63
C TYR K 455 -17.99 -37.72 -61.94
N VAL K 456 -17.24 -36.67 -62.25
CA VAL K 456 -15.89 -36.48 -61.71
C VAL K 456 -15.83 -35.10 -61.05
N GLU K 457 -15.13 -35.04 -59.91
CA GLU K 457 -15.14 -33.83 -59.09
C GLU K 457 -14.46 -32.66 -59.77
N LEU K 458 -13.64 -32.90 -60.79
CA LEU K 458 -12.87 -31.85 -61.46
C LEU K 458 -11.89 -31.21 -60.49
N HIS K 459 -10.95 -32.02 -60.00
CA HIS K 459 -9.94 -31.57 -59.04
C HIS K 459 -9.03 -30.53 -59.69
N GLN K 460 -8.09 -30.00 -58.92
CA GLN K 460 -7.14 -29.02 -59.46
C GLN K 460 -5.76 -29.29 -58.86
N PRO K 461 -4.82 -29.82 -59.63
CA PRO K 461 -3.52 -30.20 -59.05
C PRO K 461 -2.75 -28.99 -58.54
N LEU K 462 -1.97 -29.23 -57.48
CA LEU K 462 -1.13 -28.20 -56.89
C LEU K 462 0.31 -28.24 -57.39
N GLY K 463 0.70 -29.30 -58.09
CA GLY K 463 2.06 -29.46 -58.55
C GLY K 463 2.13 -29.95 -59.98
N PRO K 464 3.30 -30.46 -60.38
CA PRO K 464 3.44 -30.97 -61.75
C PRO K 464 2.42 -32.06 -62.04
N VAL K 465 1.89 -32.04 -63.26
CA VAL K 465 0.86 -32.98 -63.70
C VAL K 465 1.52 -34.06 -64.54
N ASP K 466 1.12 -35.32 -64.31
CA ASP K 466 1.73 -36.47 -65.02
C ASP K 466 1.31 -36.35 -66.49
N GLU K 467 1.87 -37.16 -67.36
CA GLU K 467 1.57 -37.15 -68.78
C GLU K 467 0.06 -37.25 -69.02
N HIS K 468 -0.61 -38.06 -68.22
CA HIS K 468 -2.07 -38.16 -68.27
C HIS K 468 -2.67 -37.12 -67.33
N GLY K 469 -3.98 -37.24 -67.08
CA GLY K 469 -4.66 -36.21 -66.30
C GLY K 469 -4.16 -36.12 -64.86
N HIS K 470 -4.03 -37.26 -64.19
CA HIS K 470 -3.75 -37.24 -62.76
C HIS K 470 -2.36 -36.63 -62.52
N PRO K 471 -2.18 -35.90 -61.42
CA PRO K 471 -0.88 -35.25 -61.17
C PRO K 471 0.07 -36.16 -60.41
N ILE K 472 1.36 -35.78 -60.44
CA ILE K 472 2.36 -36.52 -59.62
C ILE K 472 1.91 -36.20 -58.20
N PRO K 473 1.87 -37.12 -57.23
CA PRO K 473 1.48 -36.72 -55.88
C PRO K 473 2.56 -35.87 -55.22
N LEU K 474 2.20 -34.77 -54.56
CA LEU K 474 3.13 -33.94 -53.81
C LEU K 474 3.35 -34.55 -52.43
N GLU K 475 4.52 -34.29 -51.87
CA GLU K 475 4.89 -34.80 -50.56
C GLU K 475 4.64 -33.74 -49.51
N TYR K 476 4.00 -34.14 -48.41
CA TYR K 476 3.68 -33.20 -47.35
C TYR K 476 4.95 -32.53 -46.84
N ALA K 477 4.87 -31.21 -46.64
CA ALA K 477 6.01 -30.41 -46.23
C ALA K 477 5.75 -29.65 -44.93
N GLY K 478 4.73 -30.04 -44.17
CA GLY K 478 4.48 -29.43 -42.88
C GLY K 478 3.76 -28.11 -42.91
N ALA K 479 3.25 -27.69 -44.06
CA ALA K 479 2.57 -26.41 -44.19
C ALA K 479 1.12 -26.63 -44.60
N PRO K 480 0.24 -25.68 -44.28
CA PRO K 480 -1.17 -25.84 -44.66
C PRO K 480 -1.32 -25.96 -46.17
N LEU K 481 -2.32 -26.73 -46.58
CA LEU K 481 -2.62 -26.92 -47.98
C LEU K 481 -3.94 -26.24 -48.34
N PRO K 482 -4.08 -25.75 -49.57
CA PRO K 482 -5.33 -25.12 -50.00
C PRO K 482 -6.39 -26.16 -50.26
N LYS K 483 -7.45 -26.15 -49.45
CA LYS K 483 -8.56 -27.06 -49.62
C LYS K 483 -9.74 -26.42 -50.33
N ARG K 484 -9.60 -25.17 -50.77
CA ARG K 484 -10.63 -24.48 -51.54
C ARG K 484 -9.95 -23.75 -52.70
N MET K 485 -10.47 -23.96 -53.91
CA MET K 485 -10.04 -23.13 -55.03
C MET K 485 -10.37 -21.67 -54.75
N ASN K 486 -11.27 -21.43 -53.80
CA ASN K 486 -11.48 -20.11 -53.23
C ASN K 486 -10.19 -19.33 -53.08
N LYS K 487 -9.23 -19.93 -52.39
CA LYS K 487 -8.09 -19.22 -51.84
C LYS K 487 -6.91 -19.16 -52.80
N LEU K 488 -7.07 -19.66 -54.01
CA LEU K 488 -6.10 -19.47 -55.07
C LEU K 488 -6.59 -18.36 -55.98
N GLY K 489 -5.89 -18.14 -57.10
CA GLY K 489 -6.28 -17.09 -58.01
C GLY K 489 -7.50 -17.43 -58.81
N SER K 490 -8.64 -17.59 -58.12
CA SER K 490 -9.89 -18.02 -58.76
C SER K 490 -11.02 -17.11 -58.30
N GLY K 491 -11.67 -16.45 -59.25
CA GLY K 491 -12.81 -15.61 -58.95
C GLY K 491 -12.50 -14.53 -57.95
N GLY K 492 -11.37 -13.84 -58.15
CA GLY K 492 -10.90 -12.86 -57.19
C GLY K 492 -10.58 -11.51 -57.81
N ALA K 493 -11.40 -11.08 -58.76
CA ALA K 493 -11.22 -9.80 -59.44
C ALA K 493 -12.53 -9.02 -59.39
N PRO K 494 -12.94 -8.57 -58.22
CA PRO K 494 -14.12 -7.70 -58.12
C PRO K 494 -13.80 -6.29 -58.61
N GLY K 495 -14.86 -5.54 -58.87
CA GLY K 495 -14.71 -4.17 -59.29
C GLY K 495 -13.94 -3.35 -58.27
N THR K 496 -12.92 -2.63 -58.72
CA THR K 496 -12.08 -1.83 -57.84
C THR K 496 -12.55 -0.39 -57.72
N GLY K 497 -13.67 -0.04 -58.36
CA GLY K 497 -14.15 1.32 -58.32
C GLY K 497 -14.42 1.80 -56.91
N SER K 498 -15.44 1.24 -56.29
CA SER K 498 -15.82 1.55 -54.91
C SER K 498 -16.91 0.55 -54.54
N PHE K 499 -17.48 0.72 -53.35
CA PHE K 499 -18.64 -0.10 -53.01
C PHE K 499 -19.87 0.31 -53.81
N LEU K 500 -19.92 1.56 -54.25
CA LEU K 500 -21.09 2.09 -54.96
C LEU K 500 -20.85 2.26 -56.45
N PHE K 501 -19.72 2.84 -56.84
CA PHE K 501 -19.52 3.25 -58.22
C PHE K 501 -18.22 2.68 -58.77
N PRO K 502 -18.13 2.53 -60.09
CA PRO K 502 -16.91 1.97 -60.70
C PRO K 502 -15.80 3.02 -60.81
N ASP K 503 -14.62 2.51 -61.13
CA ASP K 503 -13.51 3.31 -61.62
C ASP K 503 -13.35 3.09 -63.12
N PRO K 504 -12.70 4.01 -63.83
CA PRO K 504 -12.54 3.83 -65.27
C PRO K 504 -11.82 2.53 -65.58
N ALA K 505 -12.23 1.90 -66.69
CA ALA K 505 -11.70 0.58 -67.04
C ALA K 505 -10.18 0.59 -67.12
N VAL K 506 -9.59 1.70 -67.56
CA VAL K 506 -8.13 1.78 -67.64
C VAL K 506 -7.51 1.66 -66.26
N GLU K 507 -8.07 2.38 -65.28
CA GLU K 507 -7.52 2.34 -63.93
C GLU K 507 -7.69 0.96 -63.30
N HIS K 508 -8.86 0.34 -63.48
CA HIS K 508 -9.06 -1.01 -62.98
C HIS K 508 -8.08 -1.98 -63.61
N GLU K 509 -7.88 -1.88 -64.92
CA GLU K 509 -6.96 -2.77 -65.61
C GLU K 509 -5.55 -2.59 -65.07
N ALA K 510 -5.11 -1.34 -64.91
CA ALA K 510 -3.77 -1.08 -64.39
C ALA K 510 -3.62 -1.62 -62.97
N LEU K 511 -4.60 -1.36 -62.11
CA LEU K 511 -4.50 -1.82 -60.73
C LEU K 511 -4.45 -3.33 -60.66
N THR K 512 -5.33 -4.01 -61.39
CA THR K 512 -5.38 -5.47 -61.30
C THR K 512 -4.11 -6.08 -61.90
N GLU K 513 -3.61 -5.52 -63.01
CA GLU K 513 -2.37 -6.02 -63.58
C GLU K 513 -1.22 -5.83 -62.59
N ALA K 514 -1.17 -4.68 -61.91
CA ALA K 514 -0.10 -4.42 -60.97
C ALA K 514 -0.16 -5.39 -59.78
N ALA K 515 -1.35 -5.62 -59.24
CA ALA K 515 -1.48 -6.56 -58.14
C ALA K 515 -1.12 -7.98 -58.58
N HIS K 516 -1.54 -8.36 -59.79
CA HIS K 516 -1.27 -9.68 -60.33
C HIS K 516 0.25 -9.89 -60.50
N ALA K 517 0.92 -8.88 -61.06
CA ALA K 517 2.38 -8.95 -61.21
C ALA K 517 3.07 -8.95 -59.86
N SER K 518 2.54 -8.19 -58.89
CA SER K 518 3.16 -8.16 -57.57
C SER K 518 3.06 -9.53 -56.89
N GLU K 519 1.92 -10.20 -57.04
CA GLU K 519 1.79 -11.54 -56.48
C GLU K 519 2.76 -12.50 -57.15
N HIS K 520 2.90 -12.42 -58.47
CA HIS K 520 3.93 -13.20 -59.14
C HIS K 520 5.33 -12.89 -58.58
N LYS K 521 5.66 -11.61 -58.41
CA LYS K 521 7.00 -11.29 -57.93
C LYS K 521 7.23 -11.85 -56.54
N SER K 522 6.23 -11.76 -55.66
CA SER K 522 6.37 -12.32 -54.32
C SER K 522 6.58 -13.83 -54.37
N LEU K 523 5.71 -14.54 -55.10
CA LEU K 523 5.82 -15.98 -55.18
C LEU K 523 7.15 -16.39 -55.81
N THR K 524 7.59 -15.67 -56.84
CA THR K 524 8.84 -15.97 -57.50
C THR K 524 10.02 -15.74 -56.56
N ALA K 525 10.00 -14.66 -55.79
CA ALA K 525 11.08 -14.42 -54.86
C ALA K 525 11.16 -15.53 -53.84
N LEU K 526 10.01 -15.95 -53.32
CA LEU K 526 10.01 -17.08 -52.38
C LEU K 526 10.58 -18.33 -53.04
N LYS K 527 10.20 -18.59 -54.30
CA LYS K 527 10.67 -19.78 -54.98
C LYS K 527 12.18 -19.77 -55.21
N GLU K 528 12.72 -18.65 -55.68
CA GLU K 528 14.17 -18.58 -55.87
C GLU K 528 14.91 -18.67 -54.54
N HIS K 529 14.38 -18.05 -53.48
CA HIS K 529 15.01 -18.21 -52.18
C HIS K 529 15.01 -19.67 -51.74
N GLN K 530 13.89 -20.37 -51.99
CA GLN K 530 13.83 -21.80 -51.73
C GLN K 530 14.92 -22.55 -52.47
N ASP K 531 15.01 -22.33 -53.79
CA ASP K 531 15.94 -23.09 -54.61
C ASP K 531 17.38 -22.80 -54.20
N ARG K 532 17.69 -21.54 -53.92
CA ARG K 532 19.03 -21.19 -53.46
C ARG K 532 19.34 -21.83 -52.12
N ILE K 533 18.36 -21.87 -51.22
CA ILE K 533 18.57 -22.48 -49.91
C ILE K 533 18.88 -23.96 -50.06
N HIS K 534 18.10 -24.65 -50.88
CA HIS K 534 18.27 -26.09 -51.12
C HIS K 534 18.83 -26.26 -52.52
N GLY K 535 20.15 -26.22 -52.64
CA GLY K 535 20.82 -26.33 -53.91
C GLY K 535 21.51 -25.03 -54.32
N TRP L 1 53.61 69.97 49.02
CA TRP L 1 54.56 69.23 48.20
C TRP L 1 54.41 67.72 48.43
N SER L 2 54.21 67.34 49.69
CA SER L 2 54.07 65.91 50.00
C SER L 2 52.86 65.32 49.29
N ASP L 3 51.73 66.01 49.34
CA ASP L 3 50.52 65.50 48.69
C ASP L 3 50.74 65.35 47.19
N ALA L 4 51.34 66.35 46.56
CA ALA L 4 51.66 66.24 45.14
C ALA L 4 52.72 65.17 44.90
N LEU L 5 53.72 65.09 45.78
CA LEU L 5 54.79 64.12 45.67
C LEU L 5 54.42 62.77 46.27
N ALA L 6 53.22 62.66 46.84
CA ALA L 6 52.69 61.38 47.30
C ALA L 6 52.04 60.60 46.16
N LEU L 7 51.99 61.16 44.96
CA LEU L 7 51.33 60.52 43.83
C LEU L 7 49.87 60.22 44.14
N GLY L 8 49.22 61.16 44.80
CA GLY L 8 47.80 61.05 45.08
C GLY L 8 47.41 59.98 46.07
N TRP L 9 48.20 59.81 47.13
CA TRP L 9 47.69 58.99 48.23
C TRP L 9 46.86 59.85 49.17
N PRO L 10 45.69 59.39 49.60
CA PRO L 10 44.92 60.14 50.60
C PRO L 10 45.65 60.10 51.94
N THR L 11 45.95 61.27 52.50
CA THR L 11 46.61 61.33 53.78
C THR L 11 45.86 60.47 54.79
N GLY L 12 46.55 59.46 55.30
CA GLY L 12 45.91 58.46 56.14
C GLY L 12 45.13 59.04 57.30
N ILE L 13 44.27 58.24 57.90
CA ILE L 13 43.54 58.61 59.11
C ILE L 13 43.87 57.69 60.27
N THR L 14 44.83 56.79 60.10
CA THR L 14 45.25 55.86 61.13
C THR L 14 46.77 55.92 61.25
N PRO L 15 47.31 55.63 62.44
CA PRO L 15 48.78 55.62 62.57
C PRO L 15 49.44 54.70 61.57
N GLU L 16 48.86 53.52 61.36
CA GLU L 16 49.41 52.59 60.36
C GLU L 16 49.34 53.20 58.97
N ALA L 17 48.23 53.88 58.67
CA ALA L 17 48.09 54.55 57.38
C ALA L 17 49.14 55.64 57.21
N LYS L 18 49.37 56.44 58.26
CA LYS L 18 50.36 57.50 58.16
C LYS L 18 51.76 56.92 57.95
N LEU L 19 52.10 55.85 58.66
CA LEU L 19 53.42 55.26 58.51
C LEU L 19 53.58 54.63 57.13
N ASN L 20 52.52 54.01 56.61
CA ASN L 20 52.56 53.49 55.25
C ASN L 20 52.73 54.61 54.24
N ARG L 21 52.08 55.76 54.48
CA ARG L 21 52.25 56.90 53.60
C ARG L 21 53.69 57.39 53.63
N GLU L 22 54.30 57.44 54.82
CA GLU L 22 55.70 57.85 54.90
C GLU L 22 56.60 56.90 54.13
N LEU L 23 56.36 55.59 54.27
CA LEU L 23 57.12 54.62 53.49
C LEU L 23 56.92 54.84 52.00
N TRP L 24 55.68 55.13 51.58
CA TRP L 24 55.43 55.38 50.16
C TRP L 24 56.16 56.62 49.68
N ILE L 25 56.18 57.68 50.48
CA ILE L 25 56.93 58.87 50.10
C ILE L 25 58.40 58.54 49.92
N GLY L 26 58.99 57.83 50.89
CA GLY L 26 60.40 57.48 50.77
C GLY L 26 60.69 56.62 49.57
N SER L 27 59.84 55.62 49.33
CA SER L 27 60.04 54.72 48.21
C SER L 27 59.91 55.45 46.89
N VAL L 28 58.96 56.39 46.80
CA VAL L 28 58.79 57.17 45.58
C VAL L 28 59.99 58.10 45.38
N ILE L 29 60.53 58.65 46.47
CA ILE L 29 61.75 59.44 46.37
C ILE L 29 62.87 58.60 45.75
N ALA L 30 63.08 57.40 46.29
CA ALA L 30 64.15 56.55 45.78
C ALA L 30 63.92 56.19 44.33
N SER L 31 62.68 55.80 43.99
CA SER L 31 62.37 55.39 42.62
C SER L 31 62.54 56.54 41.65
N PHE L 32 62.10 57.74 42.05
CA PHE L 32 62.24 58.89 41.16
C PHE L 32 63.69 59.30 41.00
N ALA L 33 64.51 59.17 42.07
CA ALA L 33 65.93 59.45 41.92
C ALA L 33 66.58 58.49 40.94
N VAL L 34 66.29 57.18 41.09
CA VAL L 34 66.85 56.20 40.16
C VAL L 34 66.37 56.48 38.74
N GLY L 35 65.08 56.76 38.57
CA GLY L 35 64.56 57.05 37.25
C GLY L 35 65.19 58.28 36.64
N ALA L 36 65.40 59.33 37.45
CA ALA L 36 66.00 60.55 36.95
C ALA L 36 67.42 60.31 36.49
N ILE L 37 68.21 59.56 37.27
CA ILE L 37 69.58 59.30 36.85
C ILE L 37 69.60 58.44 35.59
N VAL L 38 68.72 57.44 35.50
CA VAL L 38 68.72 56.56 34.33
C VAL L 38 68.25 57.32 33.09
N TRP L 39 67.22 58.15 33.23
CA TRP L 39 66.80 58.99 32.11
C TRP L 39 67.88 59.97 31.70
N GLY L 40 68.61 60.52 32.67
CA GLY L 40 69.74 61.38 32.32
C GLY L 40 70.76 60.62 31.50
N LEU L 41 71.08 59.39 31.92
CA LEU L 41 72.03 58.58 31.16
C LEU L 41 71.51 58.30 29.76
N ILE L 42 70.24 57.97 29.63
CA ILE L 42 69.68 57.62 28.32
C ILE L 42 69.68 58.84 27.40
N PHE L 43 69.19 59.97 27.89
CA PHE L 43 69.17 61.17 27.07
C PHE L 43 70.57 61.69 26.76
N TRP L 44 71.53 61.49 27.64
CA TRP L 44 72.88 61.98 27.40
C TRP L 44 73.65 61.07 26.45
N THR L 45 73.37 59.76 26.46
CA THR L 45 73.90 58.91 25.40
C THR L 45 73.17 59.15 24.09
N SER L 46 71.92 59.61 24.14
CA SER L 46 71.25 60.05 22.93
C SER L 46 71.93 61.26 22.30
N ALA L 47 72.79 61.95 23.05
CA ALA L 47 73.62 62.99 22.48
C ALA L 47 74.78 62.42 21.67
N PHE L 48 74.99 61.11 21.70
CA PHE L 48 76.03 60.46 20.91
C PHE L 48 75.46 60.11 19.52
N HIS L 49 75.24 61.15 18.73
CA HIS L 49 74.77 60.97 17.36
C HIS L 49 75.95 60.64 16.44
N ARG L 50 75.62 60.06 15.28
CA ARG L 50 76.63 59.77 14.26
C ARG L 50 76.96 61.07 13.54
N LYS L 51 77.81 61.86 14.19
CA LYS L 51 78.22 63.14 13.61
C LYS L 51 78.84 62.92 12.24
N LYS L 52 78.42 63.73 11.26
CA LYS L 52 78.92 63.57 9.91
C LYS L 52 80.42 63.80 9.82
N ALA L 53 80.97 64.60 10.73
CA ALA L 53 82.40 64.85 10.76
C ALA L 53 83.21 63.59 11.04
N THR L 54 82.58 62.55 11.59
CA THR L 54 83.27 61.29 11.85
C THR L 54 83.40 60.50 10.55
N ASP L 55 84.63 60.17 10.19
CA ASP L 55 84.89 59.36 9.01
C ASP L 55 84.59 57.89 9.35
N THR L 56 85.07 56.98 8.52
CA THR L 56 84.81 55.56 8.75
C THR L 56 85.63 55.06 9.93
N GLU L 57 85.33 55.58 11.12
CA GLU L 57 86.00 55.20 12.36
C GLU L 57 84.93 54.75 13.35
N LEU L 58 84.79 53.43 13.50
CA LEU L 58 83.76 52.89 14.37
C LEU L 58 84.13 53.13 15.83
N PRO L 59 83.15 53.01 16.75
CA PRO L 59 83.42 53.38 18.15
C PRO L 59 84.46 52.50 18.80
N ARG L 60 84.70 52.74 20.09
CA ARG L 60 85.72 52.01 20.83
C ARG L 60 85.44 50.51 20.83
N GLN L 61 84.20 50.09 20.60
CA GLN L 61 83.85 48.68 20.55
C GLN L 61 84.15 47.98 21.87
N PHE L 62 84.01 48.68 23.00
CA PHE L 62 84.60 48.16 24.22
C PHE L 62 83.78 47.00 24.79
N GLY L 63 82.54 47.26 25.21
CA GLY L 63 81.79 46.21 25.87
C GLY L 63 82.54 45.64 27.06
N TYR L 64 81.94 44.68 27.76
CA TYR L 64 82.66 43.80 28.67
C TYR L 64 83.54 44.59 29.65
N ASN L 65 82.86 45.35 30.51
CA ASN L 65 83.52 46.08 31.60
C ASN L 65 83.19 45.39 32.92
N MET L 66 84.21 44.83 33.56
CA MET L 66 84.00 44.06 34.79
C MET L 66 83.74 44.96 35.99
N PRO L 67 84.64 45.88 36.32
CA PRO L 67 84.45 46.66 37.56
C PRO L 67 83.17 47.48 37.56
N LEU L 68 82.83 48.13 36.44
CA LEU L 68 81.62 48.93 36.40
C LEU L 68 80.38 48.06 36.58
N GLU L 69 80.33 46.90 35.91
CA GLU L 69 79.20 46.00 36.07
C GLU L 69 79.11 45.48 37.49
N LEU L 70 80.25 45.18 38.11
CA LEU L 70 80.22 44.75 39.51
C LEU L 70 79.68 45.85 40.42
N THR L 71 80.09 47.09 40.18
CA THR L 71 79.59 48.20 41.01
C THR L 71 78.08 48.37 40.84
N LEU L 72 77.60 48.33 39.59
CA LEU L 72 76.19 48.57 39.34
C LEU L 72 75.32 47.33 39.54
N THR L 73 75.92 46.17 39.84
CA THR L 73 75.16 45.04 40.34
C THR L 73 75.22 44.91 41.85
N VAL L 74 76.22 45.53 42.48
CA VAL L 74 76.26 45.58 43.95
C VAL L 74 75.32 46.66 44.47
N ILE L 75 75.39 47.86 43.90
CA ILE L 75 74.60 48.97 44.45
C ILE L 75 73.10 48.68 44.43
N PRO L 76 72.51 48.15 43.35
CA PRO L 76 71.07 47.87 43.40
C PRO L 76 70.71 46.92 44.51
N PHE L 77 71.61 45.99 44.83
CA PHE L 77 71.39 45.12 45.98
C PHE L 77 71.28 45.94 47.26
N LEU L 78 72.14 46.95 47.41
CA LEU L 78 72.07 47.81 48.60
C LEU L 78 70.73 48.55 48.65
N ILE L 79 70.31 49.14 47.53
CA ILE L 79 69.06 49.88 47.53
C ILE L 79 67.89 48.96 47.87
N ILE L 80 67.85 47.78 47.25
CA ILE L 80 66.73 46.89 47.52
C ILE L 80 66.79 46.36 48.95
N SER L 81 67.99 46.16 49.50
CA SER L 81 68.09 45.70 50.87
C SER L 81 67.55 46.74 51.84
N VAL L 82 67.90 48.01 51.61
CA VAL L 82 67.36 49.07 52.47
C VAL L 82 65.85 49.16 52.31
N LEU L 83 65.36 49.08 51.07
CA LEU L 83 63.92 49.10 50.84
C LEU L 83 63.24 47.93 51.53
N PHE L 84 63.86 46.75 51.47
CA PHE L 84 63.29 45.57 52.11
C PHE L 84 63.27 45.72 53.64
N TYR L 85 64.32 46.29 54.21
CA TYR L 85 64.31 46.50 55.67
C TYR L 85 63.19 47.46 56.07
N PHE L 86 63.07 48.58 55.35
CA PHE L 86 61.99 49.52 55.66
C PHE L 86 60.63 48.86 55.44
N THR L 87 60.51 48.05 54.40
CA THR L 87 59.28 47.33 54.14
C THR L 87 58.94 46.39 55.28
N VAL L 88 59.92 45.65 55.79
CA VAL L 88 59.67 44.71 56.87
C VAL L 88 59.24 45.46 58.13
N VAL L 89 59.93 46.55 58.46
CA VAL L 89 59.59 47.28 59.68
C VAL L 89 58.19 47.89 59.57
N VAL L 90 57.86 48.44 58.40
CA VAL L 90 56.53 49.02 58.22
C VAL L 90 55.46 47.95 58.23
N GLN L 91 55.73 46.82 57.57
CA GLN L 91 54.79 45.70 57.55
C GLN L 91 54.53 45.16 58.94
N GLU L 92 55.55 45.13 59.79
CA GLU L 92 55.34 44.70 61.18
C GLU L 92 54.24 45.52 61.84
N ARG L 93 54.15 46.80 61.48
CA ARG L 93 53.11 47.68 62.03
C ARG L 93 51.87 47.68 61.14
N MET L 94 51.41 46.50 60.76
CA MET L 94 50.16 46.36 60.02
C MET L 94 49.25 45.27 60.54
N MET L 95 49.77 44.25 61.23
CA MET L 95 48.97 43.21 61.87
C MET L 95 49.54 43.10 63.29
N HIS L 96 49.10 43.99 64.19
CA HIS L 96 49.69 44.04 65.51
C HIS L 96 49.12 42.99 66.45
N LYS L 97 47.88 42.58 66.25
CA LYS L 97 47.26 41.52 67.05
C LYS L 97 47.16 41.95 68.51
N ASP L 98 46.54 43.11 68.72
CA ASP L 98 46.22 43.53 70.08
C ASP L 98 45.04 42.69 70.58
N PRO L 99 45.19 41.90 71.64
CA PRO L 99 44.10 41.00 72.04
C PRO L 99 42.88 41.73 72.62
N ASN L 100 42.93 43.05 72.76
CA ASN L 100 41.86 43.82 73.39
C ASN L 100 41.49 44.98 72.48
N PRO L 101 40.95 44.70 71.29
CA PRO L 101 40.48 45.77 70.42
C PRO L 101 39.31 46.52 71.07
N GLU L 102 39.28 47.83 70.84
CA GLU L 102 38.21 48.63 71.41
C GLU L 102 36.85 48.23 70.84
N VAL L 103 36.80 47.99 69.53
CA VAL L 103 35.60 47.54 68.85
C VAL L 103 36.00 46.49 67.82
N VAL L 104 35.26 45.40 67.76
CA VAL L 104 35.46 44.35 66.77
C VAL L 104 34.29 44.39 65.81
N ILE L 105 34.52 44.90 64.61
CA ILE L 105 33.52 44.94 63.56
C ILE L 105 33.66 43.68 62.73
N ASP L 106 32.54 43.00 62.50
CA ASP L 106 32.53 41.80 61.66
C ASP L 106 32.13 42.21 60.26
N VAL L 107 33.12 42.36 59.39
CA VAL L 107 32.88 42.75 58.00
C VAL L 107 32.61 41.45 57.23
N THR L 108 31.34 41.08 57.13
CA THR L 108 30.93 39.98 56.27
C THR L 108 30.42 40.59 54.97
N ALA L 109 31.05 40.22 53.86
CA ALA L 109 30.88 40.91 52.60
C ALA L 109 30.39 39.92 51.56
N PHE L 110 29.13 40.05 51.16
CA PHE L 110 28.51 39.12 50.24
C PHE L 110 28.38 39.75 48.87
N GLN L 111 27.97 38.93 47.91
CA GLN L 111 27.95 39.36 46.53
C GLN L 111 27.27 40.72 46.39
N TRP L 112 28.05 41.73 46.03
CA TRP L 112 27.60 43.05 45.63
C TRP L 112 27.14 43.93 46.78
N ASN L 113 27.33 43.52 48.04
CA ASN L 113 27.08 44.39 49.19
C ASN L 113 27.83 43.86 50.41
N TRP L 114 27.75 44.62 51.49
CA TRP L 114 28.50 44.39 52.71
C TRP L 114 27.55 44.19 53.88
N LYS L 115 28.13 43.93 55.05
CA LYS L 115 27.36 43.85 56.29
C LYS L 115 28.35 43.90 57.45
N PHE L 116 28.02 44.71 58.45
CA PHE L 116 28.89 44.95 59.59
C PHE L 116 28.14 44.63 60.86
N GLY L 117 28.76 43.83 61.73
CA GLY L 117 28.03 43.22 62.83
C GLY L 117 28.27 43.80 64.21
N TYR L 118 29.29 44.64 64.36
CA TYR L 118 29.65 45.14 65.69
C TYR L 118 29.77 43.98 66.67
N GLN L 119 30.74 43.10 66.39
CA GLN L 119 30.83 41.86 67.15
C GLN L 119 30.98 42.13 68.64
N LYS L 120 31.82 43.09 69.01
CA LYS L 120 32.10 43.35 70.41
C LYS L 120 32.55 44.79 70.57
N ILE L 121 32.14 45.41 71.67
CA ILE L 121 32.59 46.75 72.03
C ILE L 121 33.27 46.63 73.40
N ALA L 122 34.50 47.12 73.50
CA ALA L 122 35.24 47.03 74.76
C ALA L 122 36.15 48.23 74.88
N PHE L 123 35.67 49.30 75.52
CA PHE L 123 36.45 50.51 75.68
C PHE L 123 37.32 50.43 76.93
N ALA L 124 38.58 50.84 76.77
CA ALA L 124 39.54 50.71 77.86
C ALA L 124 39.12 51.54 79.08
N ASP L 125 38.54 52.72 78.84
CA ASP L 125 38.11 53.56 79.95
C ASP L 125 37.12 52.83 80.86
N GLY L 126 36.40 51.85 80.32
CA GLY L 126 35.47 51.05 81.09
C GLY L 126 34.03 51.32 80.71
N SER L 127 33.49 50.47 79.84
CA SER L 127 32.11 50.57 79.39
C SER L 127 31.88 49.45 78.37
N PHE L 128 30.64 49.34 77.91
CA PHE L 128 30.30 48.49 76.77
C PHE L 128 30.65 47.02 77.05
N ASP L 129 29.91 46.42 77.98
CA ASP L 129 29.93 44.97 78.13
C ASP L 129 29.09 44.33 77.01
N TYR L 130 29.51 44.60 75.78
CA TYR L 130 28.76 44.22 74.58
C TYR L 130 29.37 42.97 73.95
N ASP L 131 28.52 42.22 73.24
CA ASP L 131 28.94 41.01 72.57
C ASP L 131 28.02 40.74 71.39
N GLY L 132 28.54 39.98 70.43
CA GLY L 132 27.73 39.57 69.30
C GLY L 132 26.77 38.47 69.67
N ALA L 133 25.91 38.11 68.71
CA ALA L 133 24.84 37.15 69.00
C ALA L 133 25.36 35.71 68.94
N ASP L 134 25.76 35.28 67.75
CA ASP L 134 26.22 33.93 67.43
C ASP L 134 25.32 32.80 67.95
N PRO L 135 23.99 32.88 67.84
CA PRO L 135 23.20 31.64 67.82
C PRO L 135 22.89 31.23 66.40
N GLU L 136 23.22 32.11 65.46
CA GLU L 136 22.84 31.99 64.07
C GLU L 136 23.80 31.15 63.24
N ARG L 137 24.95 30.77 63.80
CA ARG L 137 25.93 29.97 63.08
C ARG L 137 25.51 28.50 63.15
N LYS L 138 24.90 28.02 62.07
CA LYS L 138 24.44 26.64 61.98
C LYS L 138 25.14 25.95 60.81
N GLU L 139 25.58 24.71 61.04
CA GLU L 139 26.32 23.96 60.05
C GLU L 139 25.39 23.25 59.09
N ALA L 140 25.97 22.44 58.20
CA ALA L 140 25.21 21.67 57.22
C ALA L 140 25.78 20.25 57.11
N MET L 141 26.20 19.69 58.23
CA MET L 141 26.77 18.35 58.23
C MET L 141 25.75 17.32 57.79
N THR L 142 25.92 16.79 56.58
CA THR L 142 24.99 15.82 56.04
C THR L 142 25.32 14.41 56.53
N SER L 143 25.40 14.25 57.86
CA SER L 143 25.67 12.94 58.46
C SER L 143 24.38 12.13 58.60
N ARG L 144 23.75 11.89 57.46
CA ARG L 144 22.53 11.10 57.43
C ARG L 144 22.85 9.62 57.68
N PRO L 145 21.88 8.87 58.22
CA PRO L 145 22.14 7.45 58.49
C PRO L 145 22.51 6.65 57.25
N GLU L 146 21.98 7.01 56.08
CA GLU L 146 22.28 6.28 54.87
C GLU L 146 22.05 7.19 53.66
N GLY L 147 22.71 6.85 52.57
CA GLY L 147 22.55 7.53 51.29
C GLY L 147 21.67 6.77 50.34
N LYS L 148 21.97 6.89 49.05
CA LYS L 148 21.18 6.18 48.04
C LYS L 148 21.26 4.67 48.23
N ASP L 149 22.46 4.16 48.54
CA ASP L 149 22.62 2.73 48.76
C ASP L 149 21.80 2.28 49.96
N GLU L 150 21.52 0.98 50.01
CA GLU L 150 20.72 0.44 51.09
C GLU L 150 21.42 0.62 52.44
N HIS L 151 22.74 0.44 52.47
CA HIS L 151 23.50 0.51 53.71
C HIS L 151 24.96 0.77 53.35
N GLY L 152 25.81 0.75 54.37
CA GLY L 152 27.24 0.77 54.17
C GLY L 152 27.87 2.14 54.07
N ILE L 153 27.52 2.89 53.02
CA ILE L 153 28.24 4.13 52.73
C ILE L 153 28.12 5.11 53.90
N GLU L 154 26.91 5.27 54.43
CA GLU L 154 26.63 6.22 55.51
C GLU L 154 27.45 7.49 55.34
N LYS L 155 27.37 8.05 54.12
CA LYS L 155 28.23 9.17 53.74
C LYS L 155 28.08 10.31 54.74
N VAL L 156 29.20 10.87 55.17
CA VAL L 156 29.23 11.91 56.19
C VAL L 156 29.07 13.27 55.53
N GLY L 157 30.02 13.62 54.65
CA GLY L 157 29.95 14.86 53.92
C GLY L 157 31.13 15.05 52.99
N PRO L 158 30.98 15.93 52.00
CA PRO L 158 32.09 16.13 51.05
C PRO L 158 33.36 16.65 51.69
N ILE L 159 33.28 17.75 52.44
CA ILE L 159 34.44 18.44 52.97
C ILE L 159 34.48 18.22 54.48
N ARG L 160 35.57 17.62 54.97
CA ARG L 160 35.77 17.41 56.39
C ARG L 160 34.51 16.87 57.05
N GLY L 161 33.74 16.06 56.32
CA GLY L 161 32.51 15.51 56.83
C GLY L 161 31.31 16.40 56.75
N MET L 162 31.44 17.63 56.24
CA MET L 162 30.33 18.56 56.10
C MET L 162 30.14 18.91 54.63
N THR L 163 29.04 19.65 54.36
CA THR L 163 28.66 20.06 53.02
C THR L 163 29.33 21.38 52.66
N PRO L 164 29.64 21.62 51.38
CA PRO L 164 30.15 22.96 51.00
C PRO L 164 29.19 24.08 51.34
N GLU L 165 27.89 23.81 51.33
CA GLU L 165 26.88 24.82 51.67
C GLU L 165 26.66 24.85 53.19
N ASP L 166 27.77 25.03 53.91
CA ASP L 166 27.75 25.02 55.37
C ASP L 166 27.59 26.41 55.95
N ARG L 167 28.36 27.38 55.47
CA ARG L 167 28.26 28.77 55.92
C ARG L 167 28.51 28.92 57.42
N THR L 168 29.14 27.91 58.05
CA THR L 168 29.48 28.04 59.46
C THR L 168 30.53 29.12 59.68
N TYR L 169 31.45 29.27 58.72
CA TYR L 169 32.51 30.27 58.87
C TYR L 169 31.94 31.65 59.10
N LEU L 170 30.83 31.98 58.44
CA LEU L 170 30.18 33.26 58.66
C LEU L 170 29.73 33.38 60.11
N ASN L 171 29.99 34.53 60.71
CA ASN L 171 29.56 34.84 62.05
C ASN L 171 28.61 36.03 62.01
N PHE L 172 27.47 35.89 62.69
CA PHE L 172 26.40 36.87 62.67
C PHE L 172 26.31 37.55 64.03
N ASP L 173 25.89 38.81 64.01
CA ASP L 173 25.90 39.65 65.20
C ASP L 173 24.54 40.33 65.36
N LYS L 174 24.34 40.95 66.52
CA LYS L 174 23.04 41.54 66.84
C LYS L 174 22.81 42.81 66.03
N ILE L 175 23.80 43.68 65.94
CA ILE L 175 23.67 44.97 65.25
C ILE L 175 24.32 44.78 63.89
N GLU L 176 23.53 44.39 62.90
CA GLU L 176 24.00 44.22 61.54
C GLU L 176 23.72 45.49 60.75
N THR L 177 24.76 46.08 60.18
CA THR L 177 24.60 47.23 59.30
C THR L 177 24.64 46.76 57.85
N LEU L 178 23.61 46.01 57.49
CA LEU L 178 23.46 45.54 56.12
C LEU L 178 23.18 46.70 55.19
N GLY L 179 23.77 46.64 53.99
CA GLY L 179 23.48 47.62 52.96
C GLY L 179 22.73 47.01 51.80
N THR L 180 21.67 47.68 51.35
CA THR L 180 20.91 47.22 50.20
C THR L 180 21.47 47.82 48.93
N SER L 181 21.00 47.30 47.79
CA SER L 181 21.39 47.86 46.51
C SER L 181 20.97 49.31 46.36
N SER L 182 19.98 49.75 47.13
CA SER L 182 19.51 51.12 47.11
C SER L 182 19.89 51.89 48.37
N GLU L 183 20.72 51.31 49.23
CA GLU L 183 21.15 51.95 50.47
C GLU L 183 22.58 51.56 50.74
N ILE L 184 23.47 52.56 50.80
CA ILE L 184 24.90 52.31 50.97
C ILE L 184 25.17 51.96 52.44
N PRO L 185 25.78 50.81 52.73
CA PRO L 185 26.04 50.47 54.14
C PRO L 185 27.09 51.39 54.73
N VAL L 186 26.74 52.07 55.81
CA VAL L 186 27.61 53.03 56.47
C VAL L 186 28.10 52.40 57.77
N LEU L 187 29.40 52.17 57.85
CA LEU L 187 30.00 51.59 59.04
C LEU L 187 30.36 52.69 60.02
N VAL L 188 29.66 52.71 61.16
CA VAL L 188 29.89 53.73 62.18
C VAL L 188 30.97 53.21 63.13
N LEU L 189 32.03 53.99 63.29
CA LEU L 189 33.16 53.63 64.13
C LEU L 189 33.48 54.77 65.06
N PRO L 190 34.12 54.49 66.20
CA PRO L 190 34.55 55.58 67.10
C PRO L 190 35.94 56.08 66.77
N ALA L 191 36.08 57.39 66.79
CA ALA L 191 37.39 58.00 66.58
C ALA L 191 38.29 57.78 67.79
N GLY L 192 39.58 57.61 67.54
CA GLY L 192 40.53 57.48 68.63
C GLY L 192 40.54 56.15 69.33
N LYS L 193 40.20 55.06 68.63
CA LYS L 193 40.09 53.75 69.25
C LYS L 193 40.72 52.71 68.33
N ARG L 194 41.06 51.56 68.91
CA ARG L 194 41.57 50.42 68.17
C ARG L 194 40.38 49.63 67.62
N ILE L 195 40.29 49.56 66.29
CA ILE L 195 39.16 48.91 65.62
C ILE L 195 39.69 47.68 64.90
N GLU L 196 39.20 46.51 65.28
CA GLU L 196 39.50 45.28 64.58
C GLU L 196 38.42 44.99 63.56
N PHE L 197 38.82 44.42 62.43
CA PHE L 197 37.89 44.01 61.38
C PHE L 197 38.07 42.52 61.16
N VAL L 198 37.05 41.74 61.49
CA VAL L 198 37.04 40.31 61.20
C VAL L 198 36.38 40.15 59.84
N LEU L 199 37.17 39.76 58.84
CA LEU L 199 36.74 39.78 57.45
C LEU L 199 36.26 38.40 57.02
N ASN L 200 35.08 38.34 56.40
CA ASN L 200 34.54 37.12 55.86
C ASN L 200 33.80 37.45 54.57
N SER L 201 33.66 36.45 53.70
CA SER L 201 32.96 36.59 52.44
C SER L 201 31.90 35.50 52.33
N ALA L 202 30.66 35.91 52.06
CA ALA L 202 29.55 34.96 52.05
C ALA L 202 29.61 34.06 50.81
N ASP L 203 29.84 34.65 49.64
CA ASP L 203 29.73 33.93 48.38
C ASP L 203 31.05 33.75 47.66
N VAL L 204 31.75 34.83 47.34
CA VAL L 204 32.89 34.79 46.44
C VAL L 204 34.01 35.64 47.03
N ILE L 205 35.24 35.16 46.91
CA ILE L 205 36.40 35.96 47.29
C ILE L 205 36.24 37.34 46.69
N HIS L 206 36.51 38.36 47.49
CA HIS L 206 36.64 39.69 46.92
C HIS L 206 37.36 40.58 47.93
N GLY L 207 37.32 41.88 47.71
CA GLY L 207 38.23 42.80 48.38
C GLY L 207 37.51 43.82 49.24
N PHE L 208 38.18 44.24 50.32
CA PHE L 208 37.72 45.27 51.24
C PHE L 208 38.79 46.34 51.31
N TRP L 209 38.48 47.53 50.83
CA TRP L 209 39.44 48.62 50.76
C TRP L 209 38.80 49.91 51.25
N VAL L 210 39.48 50.58 52.17
CA VAL L 210 39.13 51.94 52.59
C VAL L 210 40.31 52.84 52.23
N PRO L 211 40.27 53.50 51.08
CA PRO L 211 41.47 54.21 50.60
C PRO L 211 42.05 55.16 51.62
N GLU L 212 41.24 55.74 52.49
CA GLU L 212 41.76 56.64 53.51
C GLU L 212 42.54 55.89 54.58
N PHE L 213 42.35 54.57 54.69
CA PHE L 213 43.18 53.75 55.56
C PHE L 213 44.54 53.43 54.95
N LEU L 214 44.71 53.62 53.64
CA LEU L 214 45.93 53.22 52.96
C LEU L 214 46.25 51.75 53.19
N PHE L 215 45.20 50.94 53.25
CA PHE L 215 45.33 49.51 53.49
C PHE L 215 44.11 48.82 52.93
N LYS L 216 44.25 47.54 52.62
CA LYS L 216 43.13 46.75 52.14
C LYS L 216 43.37 45.29 52.51
N ARG L 217 42.34 44.48 52.31
CA ARG L 217 42.44 43.06 52.59
C ARG L 217 41.48 42.35 51.65
N ASP L 218 41.65 41.04 51.53
CA ASP L 218 40.77 40.22 50.70
C ASP L 218 39.88 39.39 51.62
N VAL L 219 38.59 39.69 51.61
CA VAL L 219 37.61 38.84 52.26
C VAL L 219 37.47 37.58 51.42
N LEU L 220 38.03 36.49 51.91
CA LEU L 220 37.92 35.20 51.25
C LEU L 220 36.71 34.47 51.81
N PRO L 221 36.15 33.53 51.05
CA PRO L 221 35.01 32.76 51.57
C PRO L 221 35.31 32.12 52.92
N GLU L 222 36.32 31.26 53.00
CA GLU L 222 36.67 30.57 54.24
C GLU L 222 38.16 30.76 54.50
N PRO L 223 38.53 31.91 55.08
CA PRO L 223 39.96 32.19 55.25
C PRO L 223 40.70 31.18 56.11
N LYS L 224 40.04 30.64 57.14
CA LYS L 224 40.73 29.70 58.02
C LYS L 224 41.19 28.46 57.27
N ALA L 225 40.33 27.94 56.39
CA ALA L 225 40.69 26.79 55.57
C ALA L 225 41.59 27.18 54.40
N ASN L 226 41.74 28.47 54.12
CA ASN L 226 42.65 28.95 53.08
C ASN L 226 43.96 29.47 53.67
N ASN L 227 44.18 29.28 54.97
CA ASN L 227 45.40 29.73 55.62
C ASN L 227 45.57 31.24 55.48
N SER L 228 44.45 31.97 55.62
CA SER L 228 44.43 33.41 55.49
C SER L 228 44.16 34.05 56.85
N ASP L 229 44.84 35.17 57.10
CA ASP L 229 44.63 35.95 58.32
C ASP L 229 43.63 37.06 58.02
N ASN L 230 42.35 36.67 57.97
CA ASN L 230 41.32 37.59 57.52
C ASN L 230 41.22 38.80 58.44
N VAL L 231 41.30 38.59 59.75
CA VAL L 231 41.11 39.69 60.68
C VAL L 231 42.33 40.61 60.65
N PHE L 232 42.08 41.90 60.84
CA PHE L 232 43.18 42.86 60.91
C PHE L 232 42.76 44.06 61.76
N GLN L 233 43.69 44.60 62.53
CA GLN L 233 43.42 45.67 63.48
C GLN L 233 43.96 46.99 62.95
N VAL L 234 43.30 48.07 63.37
CA VAL L 234 43.73 49.44 63.11
C VAL L 234 43.90 50.12 64.45
N SER L 235 45.08 50.67 64.70
CA SER L 235 45.40 51.18 66.03
C SER L 235 44.52 52.35 66.42
N GLU L 236 44.23 53.24 65.47
CA GLU L 236 43.48 54.45 65.79
C GLU L 236 42.97 55.05 64.50
N ILE L 237 41.89 55.82 64.62
CA ILE L 237 41.36 56.61 63.52
C ILE L 237 41.20 58.04 64.03
N GLN L 238 42.20 58.89 63.76
CA GLN L 238 42.13 60.27 64.25
C GLN L 238 41.01 61.03 63.56
N GLN L 239 41.13 61.20 62.24
CA GLN L 239 40.18 62.01 61.51
C GLN L 239 38.79 61.40 61.58
N THR L 240 37.79 62.24 61.81
CA THR L 240 36.40 61.82 61.88
C THR L 240 35.74 62.08 60.52
N GLY L 241 34.43 61.85 60.45
CA GLY L 241 33.69 62.05 59.23
C GLY L 241 33.56 60.76 58.43
N ALA L 242 33.08 60.92 57.20
CA ALA L 242 32.81 59.80 56.32
C ALA L 242 34.00 59.55 55.40
N PHE L 243 34.21 58.28 55.07
CA PHE L 243 35.27 57.88 54.14
C PHE L 243 34.74 56.73 53.30
N VAL L 244 34.90 56.84 51.98
CA VAL L 244 34.41 55.81 51.09
C VAL L 244 35.16 54.50 51.34
N GLY L 245 34.56 53.41 50.90
CA GLY L 245 35.23 52.13 50.85
C GLY L 245 34.76 51.39 49.62
N ARG L 246 35.67 50.61 49.05
CA ARG L 246 35.43 49.99 47.76
C ARG L 246 35.84 48.53 47.78
N CYS L 247 35.12 47.73 46.99
CA CYS L 247 35.51 46.34 46.77
C CYS L 247 36.68 46.32 45.80
N THR L 248 37.80 45.76 46.23
CA THR L 248 39.06 45.84 45.50
C THR L 248 39.48 44.46 44.99
N GLU L 249 38.53 43.73 44.44
CA GLU L 249 38.76 42.40 43.89
C GLU L 249 37.73 42.23 42.77
N MET L 250 37.41 40.99 42.43
CA MET L 250 36.32 40.71 41.50
C MET L 250 35.20 40.01 42.25
N CYS L 251 34.18 40.76 42.65
CA CYS L 251 32.97 40.16 43.21
C CYS L 251 32.13 39.50 42.14
N GLY L 252 31.97 40.16 41.00
CA GLY L 252 31.07 39.67 39.95
C GLY L 252 30.70 40.82 39.01
N THR L 253 29.51 40.71 38.43
CA THR L 253 29.08 41.73 37.47
C THR L 253 28.87 43.07 38.15
N PHE L 254 28.14 43.09 39.26
CA PHE L 254 27.95 44.31 40.03
C PHE L 254 29.06 44.49 41.04
N HIS L 255 30.30 44.42 40.56
CA HIS L 255 31.45 44.54 41.44
C HIS L 255 31.74 46.00 41.78
N ALA L 256 31.48 46.91 40.86
CA ALA L 256 31.63 48.33 41.15
C ALA L 256 30.51 48.89 42.02
N MET L 257 29.45 48.12 42.25
CA MET L 257 28.34 48.55 43.08
C MET L 257 28.59 48.33 44.57
N MET L 258 29.64 47.61 44.93
CA MET L 258 29.90 47.22 46.31
C MET L 258 30.33 48.36 47.20
N ASN L 259 30.36 49.59 46.71
CA ASN L 259 30.88 50.69 47.52
C ASN L 259 30.14 50.77 48.84
N PHE L 260 30.89 50.94 49.92
CA PHE L 260 30.32 51.16 51.24
C PHE L 260 30.93 52.42 51.84
N GLU L 261 30.64 52.71 53.10
CA GLU L 261 31.19 53.88 53.75
C GLU L 261 31.55 53.54 55.18
N VAL L 262 32.52 54.28 55.72
CA VAL L 262 32.88 54.20 57.13
C VAL L 262 32.79 55.61 57.68
N ARG L 263 31.90 55.82 58.64
CA ARG L 263 31.67 57.14 59.21
C ARG L 263 32.17 57.12 60.65
N VAL L 264 33.40 57.59 60.84
CA VAL L 264 34.04 57.59 62.14
C VAL L 264 33.51 58.78 62.93
N VAL L 265 32.96 58.51 64.11
CA VAL L 265 32.38 59.53 64.97
C VAL L 265 33.15 59.54 66.28
N GLU L 266 32.78 60.48 67.15
CA GLU L 266 33.38 60.56 68.47
C GLU L 266 32.93 59.39 69.32
N PRO L 267 33.72 59.01 70.34
CA PRO L 267 33.32 57.88 71.19
C PRO L 267 31.97 58.05 71.83
N ASN L 268 31.62 59.27 72.27
CA ASN L 268 30.29 59.49 72.82
C ASN L 268 29.22 59.36 71.75
N ASP L 269 29.50 59.89 70.55
CA ASP L 269 28.56 59.73 69.44
C ASP L 269 28.39 58.26 69.09
N PHE L 270 29.48 57.50 69.12
CA PHE L 270 29.38 56.06 68.88
C PHE L 270 28.56 55.38 69.96
N LYS L 271 28.73 55.79 71.21
CA LYS L 271 27.92 55.23 72.29
C LYS L 271 26.44 55.47 72.03
N ALA L 272 26.09 56.71 71.67
CA ALA L 272 24.69 57.01 71.37
C ALA L 272 24.19 56.18 70.21
N TYR L 273 25.01 56.06 69.15
CA TYR L 273 24.59 55.30 67.97
C TYR L 273 24.34 53.85 68.33
N ILE L 274 25.23 53.24 69.11
CA ILE L 274 25.05 51.85 69.49
C ILE L 274 23.84 51.69 70.41
N ASP L 275 23.60 52.67 71.27
CA ASP L 275 22.42 52.62 72.14
C ASP L 275 21.15 52.62 71.31
N GLN L 276 21.08 53.50 70.30
CA GLN L 276 19.89 53.57 69.46
C GLN L 276 19.83 52.46 68.42
N ARG L 277 20.92 51.74 68.18
CA ARG L 277 20.86 50.56 67.33
C ARG L 277 20.45 49.31 68.10
N ASN L 278 20.82 49.22 69.39
CA ASN L 278 20.32 48.12 70.20
C ASN L 278 18.80 48.09 70.21
N ALA L 279 18.18 49.24 70.50
CA ALA L 279 16.76 49.40 70.26
C ALA L 279 16.48 49.33 68.77
N GLY L 280 15.36 48.72 68.39
CA GLY L 280 15.08 48.50 66.99
C GLY L 280 15.06 49.78 66.20
N LYS L 281 16.13 50.02 65.43
CA LYS L 281 16.23 51.21 64.58
C LYS L 281 17.23 50.91 63.48
N THR L 282 16.88 51.30 62.26
CA THR L 282 17.79 51.12 61.14
C THR L 282 19.05 51.94 61.35
N ASN L 283 20.06 51.67 60.51
CA ASN L 283 21.28 52.46 60.58
C ASN L 283 21.00 53.92 60.30
N ALA L 284 20.13 54.20 59.32
CA ALA L 284 19.80 55.59 59.00
C ALA L 284 19.14 56.28 60.17
N GLU L 285 18.20 55.62 60.83
CA GLU L 285 17.54 56.22 61.98
C GLU L 285 18.53 56.51 63.10
N ALA L 286 19.42 55.56 63.39
CA ALA L 286 20.40 55.77 64.45
C ALA L 286 21.33 56.92 64.12
N LEU L 287 21.80 57.00 62.88
CA LEU L 287 22.67 58.11 62.49
C LEU L 287 21.95 59.45 62.58
N ALA L 288 20.70 59.50 62.11
CA ALA L 288 19.95 60.75 62.14
C ALA L 288 19.70 61.20 63.57
N ALA L 289 19.36 60.26 64.46
CA ALA L 289 19.05 60.62 65.84
C ALA L 289 20.27 61.10 66.60
N ILE L 290 21.48 60.87 66.11
CA ILE L 290 22.68 61.47 66.67
C ILE L 290 23.07 62.74 65.90
N ASN L 291 22.15 63.30 65.11
CA ASN L 291 22.39 64.53 64.38
C ASN L 291 23.47 64.35 63.31
N GLN L 292 23.34 63.29 62.52
CA GLN L 292 24.27 62.99 61.46
C GLN L 292 23.48 62.52 60.24
N PRO L 293 23.95 62.82 59.03
CA PRO L 293 23.19 62.41 57.83
C PRO L 293 22.92 60.92 57.83
N PRO L 294 21.71 60.48 57.46
CA PRO L 294 21.42 59.04 57.47
C PRO L 294 22.07 58.28 56.33
N LEU L 295 22.01 58.85 55.12
CA LEU L 295 22.54 58.19 53.94
C LEU L 295 24.04 58.43 53.82
N ALA L 296 24.67 57.61 53.00
CA ALA L 296 26.10 57.77 52.75
C ALA L 296 26.38 59.12 52.12
N ILE L 297 27.39 59.81 52.65
CA ILE L 297 27.69 61.16 52.18
C ILE L 297 28.87 61.18 51.22
N THR L 298 29.70 60.14 51.22
CA THR L 298 30.79 60.05 50.25
C THR L 298 30.32 59.38 48.95
N THR L 299 29.44 58.40 49.06
CA THR L 299 28.95 57.65 47.91
C THR L 299 27.44 57.54 47.98
N GLU L 300 26.85 57.15 46.85
CA GLU L 300 25.42 56.92 46.77
C GLU L 300 25.15 55.60 46.06
N PRO L 301 24.10 54.88 46.45
CA PRO L 301 23.78 53.61 45.78
C PRO L 301 23.22 53.86 44.39
N PHE L 302 24.11 54.13 43.43
CA PHE L 302 23.68 54.64 42.14
C PHE L 302 22.82 53.60 41.41
N GLU L 303 22.32 54.01 40.25
CA GLU L 303 21.15 53.37 39.65
C GLU L 303 21.35 51.88 39.45
N SER L 304 20.34 51.10 39.86
CA SER L 304 20.25 49.70 39.52
C SER L 304 19.96 49.50 38.04
N ARG L 305 19.53 50.54 37.33
CA ARG L 305 19.34 50.44 35.88
C ARG L 305 20.65 50.04 35.21
N ARG L 306 20.54 49.20 34.19
CA ARG L 306 21.72 48.65 33.55
C ARG L 306 22.57 49.71 32.87
N GLY L 307 22.01 50.88 32.59
CA GLY L 307 22.79 51.93 31.98
C GLY L 307 21.91 53.13 31.65
N GLU L 308 22.52 54.09 30.95
CA GLU L 308 21.83 55.33 30.63
C GLU L 308 20.85 55.16 29.48
N LEU L 309 21.20 54.35 28.48
CA LEU L 309 20.35 54.19 27.32
C LEU L 309 19.26 53.13 27.51
N VAL L 310 19.21 52.48 28.67
CA VAL L 310 18.10 51.56 28.94
C VAL L 310 16.80 52.35 28.99
N PRO L 311 15.71 51.85 28.39
CA PRO L 311 14.46 52.63 28.37
C PRO L 311 13.72 52.60 29.71
N GLN L 312 14.37 53.11 30.74
CA GLN L 312 13.79 53.15 32.08
C GLN L 312 13.35 51.75 32.52
N GLU M 1 79.50 42.66 -16.50
CA GLU M 1 79.77 43.68 -15.50
C GLU M 1 78.46 44.27 -14.96
N LEU M 2 77.39 44.15 -15.75
CA LEU M 2 76.08 44.68 -15.39
C LEU M 2 75.07 43.54 -15.33
N GLU M 3 74.19 43.59 -14.33
CA GLU M 3 73.26 42.52 -14.05
C GLU M 3 71.87 42.85 -14.62
N ALA M 4 71.18 41.81 -15.08
CA ALA M 4 69.84 41.95 -15.65
C ALA M 4 68.83 41.74 -14.54
N ARG M 5 68.50 42.82 -13.83
CA ARG M 5 67.58 42.78 -12.71
C ARG M 5 66.27 43.47 -13.07
N ARG M 6 65.18 43.01 -12.46
CA ARG M 6 63.89 43.63 -12.71
C ARG M 6 63.87 45.06 -12.16
N PRO M 7 63.13 45.97 -12.81
CA PRO M 7 63.09 47.34 -12.29
C PRO M 7 62.61 47.42 -10.85
N PHE M 8 61.65 46.59 -10.49
CA PHE M 8 61.11 46.55 -9.15
C PHE M 8 60.73 45.10 -8.84
N PRO M 9 61.02 44.61 -7.63
CA PRO M 9 60.74 43.21 -7.34
C PRO M 9 59.25 42.93 -7.36
N GLU M 10 58.91 41.65 -7.48
CA GLU M 10 57.52 41.25 -7.57
C GLU M 10 56.77 41.71 -6.32
N ARG M 11 55.66 42.41 -6.53
CA ARG M 11 54.92 43.00 -5.42
C ARG M 11 54.17 41.92 -4.64
N MET M 12 53.46 41.04 -5.35
CA MET M 12 52.54 40.12 -4.74
C MET M 12 52.87 38.66 -5.05
N GLY M 13 53.32 38.38 -6.27
CA GLY M 13 53.57 37.02 -6.66
C GLY M 13 52.39 36.44 -7.40
N PRO M 14 52.50 35.21 -7.87
CA PRO M 14 51.46 34.65 -8.72
C PRO M 14 50.27 34.17 -7.89
N LYS M 15 49.11 34.16 -8.55
CA LYS M 15 47.87 33.83 -7.87
C LYS M 15 47.95 32.45 -7.25
N GLY M 16 47.48 32.33 -6.01
CA GLY M 16 47.44 31.05 -5.34
C GLY M 16 48.79 30.43 -5.06
N ASN M 17 49.78 31.22 -4.66
CA ASN M 17 51.07 30.68 -4.26
C ASN M 17 51.25 30.62 -2.75
N LEU M 18 50.22 30.95 -1.99
CA LEU M 18 50.38 31.13 -0.55
C LEU M 18 49.40 30.27 0.25
N ILE M 19 48.17 30.13 -0.21
CA ILE M 19 47.14 29.48 0.59
C ILE M 19 47.56 28.06 0.95
N TYR M 20 47.98 27.27 -0.04
CA TYR M 20 48.37 25.90 0.25
C TYR M 20 49.65 25.86 1.07
N LYS M 21 50.53 26.85 0.92
CA LYS M 21 51.69 26.93 1.78
C LYS M 21 51.26 27.11 3.23
N LEU M 22 50.42 28.11 3.49
CA LEU M 22 49.90 28.30 4.84
C LEU M 22 49.30 27.00 5.38
N ILE M 23 48.53 26.30 4.56
CA ILE M 23 47.90 25.07 5.02
C ILE M 23 48.95 24.01 5.34
N THR M 24 50.04 23.97 4.58
CA THR M 24 51.01 22.90 4.67
C THR M 24 52.42 23.35 5.07
N THR M 25 52.70 24.64 5.09
CA THR M 25 54.07 25.10 5.18
C THR M 25 54.74 24.53 6.41
N THR M 26 55.93 23.97 6.22
CA THR M 26 56.78 23.52 7.31
C THR M 26 57.99 24.43 7.47
N ASP M 27 58.09 25.48 6.65
CA ASP M 27 59.17 26.44 6.78
C ASP M 27 58.96 27.33 7.98
N HIS M 28 59.99 27.47 8.81
CA HIS M 28 59.84 28.21 10.05
C HIS M 28 59.61 29.70 9.79
N LYS M 29 60.24 30.26 8.75
CA LYS M 29 60.10 31.68 8.49
C LYS M 29 58.65 32.04 8.18
N LEU M 30 58.01 31.26 7.31
CA LEU M 30 56.62 31.53 6.99
C LEU M 30 55.73 31.37 8.22
N ILE M 31 56.02 30.36 9.05
CA ILE M 31 55.23 30.16 10.25
C ILE M 31 55.39 31.35 11.19
N GLY M 32 56.59 31.93 11.25
CA GLY M 32 56.79 33.12 12.07
C GLY M 32 56.03 34.30 11.53
N ILE M 33 56.01 34.46 10.20
CA ILE M 33 55.24 35.55 9.61
C ILE M 33 53.76 35.36 9.92
N MET M 34 53.27 34.14 9.86
CA MET M 34 51.89 33.86 10.25
C MET M 34 51.66 34.23 11.70
N TYR M 35 52.59 33.85 12.58
CA TYR M 35 52.47 34.21 13.99
C TYR M 35 52.33 35.71 14.15
N CYS M 36 53.19 36.47 13.46
CA CYS M 36 53.16 37.92 13.61
C CYS M 36 51.83 38.50 13.11
N VAL M 37 51.37 38.05 11.95
CA VAL M 37 50.13 38.57 11.39
C VAL M 37 48.95 38.25 12.30
N VAL M 38 48.85 37.00 12.74
CA VAL M 38 47.73 36.60 13.59
C VAL M 38 47.82 37.30 14.94
N CYS M 39 49.04 37.49 15.44
CA CYS M 39 49.21 38.14 16.73
C CYS M 39 48.82 39.60 16.68
N PHE M 40 49.05 40.29 15.57
CA PHE M 40 48.55 41.65 15.47
C PHE M 40 47.05 41.69 15.17
N ALA M 41 46.50 40.71 14.46
CA ALA M 41 45.05 40.62 14.40
C ALA M 41 44.47 40.58 15.81
N PHE M 42 45.06 39.76 16.68
CA PHE M 42 44.59 39.67 18.05
C PHE M 42 44.91 40.93 18.85
N PHE M 43 46.05 41.57 18.55
CA PHE M 43 46.43 42.81 19.23
C PHE M 43 45.51 43.96 18.85
N LEU M 44 44.82 43.85 17.73
CA LEU M 44 43.79 44.81 17.38
C LEU M 44 42.46 44.44 18.03
N VAL M 45 42.10 43.15 18.03
CA VAL M 45 40.89 42.71 18.70
C VAL M 45 40.90 43.17 20.16
N GLY M 46 41.86 42.68 20.92
CA GLY M 46 42.25 43.40 22.12
C GLY M 46 42.83 44.74 21.73
N GLY M 47 42.64 45.73 22.58
CA GLY M 47 42.95 47.08 22.15
C GLY M 47 41.72 47.77 21.62
N LEU M 48 41.00 47.16 20.68
CA LEU M 48 39.63 47.62 20.43
C LEU M 48 38.77 47.38 21.66
N MET M 49 38.95 46.22 22.30
CA MET M 49 38.33 46.01 23.60
C MET M 49 38.72 47.13 24.58
N ALA M 50 40.00 47.51 24.58
CA ALA M 50 40.47 48.56 25.48
C ALA M 50 39.83 49.90 25.16
N LEU M 51 39.68 50.21 23.88
CA LEU M 51 39.04 51.46 23.49
C LEU M 51 37.58 51.49 23.94
N PHE M 52 36.90 50.35 23.82
CA PHE M 52 35.53 50.27 24.35
C PHE M 52 35.52 50.56 25.85
N MET M 53 36.45 49.95 26.58
CA MET M 53 36.50 50.20 28.02
C MET M 53 36.81 51.66 28.32
N ARG M 54 37.69 52.28 27.53
CA ARG M 54 38.00 53.69 27.73
C ARG M 54 36.76 54.56 27.50
N THR M 55 36.03 54.28 26.42
CA THR M 55 34.83 55.06 26.14
C THR M 55 33.85 54.94 27.30
N GLU M 56 33.67 53.74 27.82
CA GLU M 56 32.77 53.58 28.97
C GLU M 56 33.32 54.31 30.20
N LEU M 57 34.62 54.22 30.43
CA LEU M 57 35.26 54.73 31.65
C LEU M 57 35.49 56.23 31.64
N ALA M 58 35.40 56.88 30.48
CA ALA M 58 35.59 58.32 30.43
C ALA M 58 34.46 59.07 31.15
N MET M 59 33.34 58.42 31.40
CA MET M 59 32.17 59.05 31.99
C MET M 59 31.70 58.24 33.20
N PRO M 60 31.27 58.92 34.27
CA PRO M 60 30.83 58.18 35.46
C PRO M 60 29.67 57.24 35.19
N GLY M 61 28.78 57.57 34.27
CA GLY M 61 27.64 56.72 34.00
C GLY M 61 28.00 55.53 33.12
N LEU M 62 27.00 54.68 32.88
CA LEU M 62 27.14 53.54 31.99
C LEU M 62 26.55 53.94 30.65
N GLN M 63 27.38 54.59 29.83
CA GLN M 63 26.87 55.19 28.60
C GLN M 63 26.35 54.12 27.65
N PHE M 64 27.15 53.11 27.34
CA PHE M 64 26.76 52.08 26.39
C PHE M 64 27.08 50.66 26.83
N LEU M 65 28.03 50.44 27.72
CA LEU M 65 28.34 49.11 28.21
C LEU M 65 27.54 48.81 29.47
N SER M 66 27.10 47.56 29.59
CA SER M 66 26.55 47.10 30.84
C SER M 66 27.69 46.71 31.77
N ASN M 67 27.37 46.42 33.03
CA ASN M 67 28.39 46.00 33.98
C ASN M 67 29.07 44.73 33.49
N GLU M 68 28.28 43.69 33.20
CA GLU M 68 28.88 42.44 32.78
C GLU M 68 29.56 42.56 31.42
N GLN M 69 29.05 43.42 30.54
CA GLN M 69 29.72 43.62 29.26
C GLN M 69 31.11 44.18 29.47
N PHE M 70 31.25 45.18 30.33
CA PHE M 70 32.56 45.73 30.64
C PHE M 70 33.44 44.67 31.30
N ASN M 71 32.85 43.83 32.14
CA ASN M 71 33.63 42.78 32.79
C ASN M 71 34.21 41.82 31.76
N GLN M 72 33.36 41.32 30.85
CA GLN M 72 33.87 40.50 29.76
C GLN M 72 34.91 41.25 28.96
N LEU M 73 34.72 42.56 28.77
CA LEU M 73 35.65 43.33 27.97
C LEU M 73 37.04 43.27 28.57
N PHE M 74 37.18 43.59 29.87
CA PHE M 74 38.54 43.60 30.40
C PHE M 74 39.08 42.20 30.58
N THR M 75 38.22 41.22 30.87
CA THR M 75 38.69 39.85 30.98
C THR M 75 39.28 39.37 29.65
N MET M 76 38.51 39.50 28.58
CA MET M 76 38.98 39.05 27.28
C MET M 76 40.07 39.95 26.73
N HIS M 77 40.14 41.20 27.17
CA HIS M 77 41.27 42.04 26.80
C HIS M 77 42.56 41.50 27.40
N GLY M 78 42.56 41.23 28.70
CA GLY M 78 43.74 40.63 29.30
C GLY M 78 44.09 39.31 28.65
N THR M 79 43.10 38.45 28.44
CA THR M 79 43.35 37.15 27.82
C THR M 79 43.95 37.31 26.42
N VAL M 80 43.31 38.11 25.56
CA VAL M 80 43.74 38.24 24.18
C VAL M 80 45.11 38.90 24.11
N MET M 81 45.40 39.82 25.02
CA MET M 81 46.60 40.63 24.88
C MET M 81 47.81 39.99 25.53
N LEU M 82 47.61 39.11 26.52
CA LEU M 82 48.73 38.37 27.11
C LEU M 82 48.88 36.98 26.48
N LEU M 83 47.81 36.20 26.49
CA LEU M 83 47.91 34.81 26.03
C LEU M 83 47.81 34.70 24.51
N PHE M 84 47.05 35.58 23.86
CA PHE M 84 46.81 35.45 22.43
C PHE M 84 47.62 36.43 21.60
N TYR M 85 48.42 37.28 22.21
CA TYR M 85 49.26 38.20 21.45
C TYR M 85 50.72 38.17 21.86
N ALA M 86 51.02 38.00 23.15
CA ALA M 86 52.39 38.17 23.63
C ALA M 86 53.16 36.86 23.66
N THR M 87 52.68 35.89 24.43
CA THR M 87 53.32 34.58 24.51
C THR M 87 53.31 33.86 23.16
N PRO M 88 52.41 34.19 22.25
CA PRO M 88 52.47 33.57 20.92
C PRO M 88 53.42 34.31 19.99
N ILE M 89 53.55 35.62 20.18
CA ILE M 89 54.43 36.38 19.31
C ILE M 89 55.88 36.25 19.73
N VAL M 90 56.17 35.88 20.97
CA VAL M 90 57.54 35.51 21.31
C VAL M 90 57.97 34.33 20.46
N PHE M 91 57.12 33.31 20.36
CA PHE M 91 57.44 32.17 19.50
C PHE M 91 57.28 32.50 18.03
N GLY M 92 56.50 33.52 17.69
CA GLY M 92 56.49 34.00 16.32
C GLY M 92 57.84 34.57 15.91
N PHE M 93 58.41 35.43 16.77
CA PHE M 93 59.75 35.93 16.52
C PHE M 93 60.77 34.80 16.55
N ALA M 94 60.58 33.83 17.44
CA ALA M 94 61.47 32.68 17.48
C ALA M 94 61.45 31.95 16.15
N ASN M 95 60.28 31.47 15.71
CA ASN M 95 60.17 30.82 14.41
C ASN M 95 60.70 31.72 13.31
N LEU M 96 60.57 33.03 13.47
CA LEU M 96 61.02 33.96 12.45
C LEU M 96 62.54 33.94 12.29
N VAL M 97 63.26 34.05 13.39
CA VAL M 97 64.68 34.40 13.32
C VAL M 97 65.60 33.48 14.10
N LEU M 98 65.12 32.68 15.03
CA LEU M 98 66.02 31.84 15.84
C LEU M 98 66.81 30.85 15.00
N PRO M 99 66.19 30.07 14.10
CA PRO M 99 67.00 29.12 13.31
C PRO M 99 68.08 29.81 12.49
N LEU M 100 67.78 30.99 11.94
CA LEU M 100 68.82 31.76 11.27
C LEU M 100 69.89 32.18 12.24
N GLN M 101 69.49 32.56 13.45
CA GLN M 101 70.41 33.15 14.41
C GLN M 101 71.43 32.14 14.92
N ILE M 102 71.11 30.85 14.87
CA ILE M 102 72.05 29.81 15.26
C ILE M 102 72.64 29.09 14.06
N GLY M 103 72.40 29.59 12.86
CA GLY M 103 72.94 28.96 11.67
C GLY M 103 72.29 27.63 11.32
N ALA M 104 71.06 27.43 11.71
CA ALA M 104 70.38 26.18 11.46
C ALA M 104 69.50 26.28 10.22
N PRO M 105 69.28 25.17 9.50
CA PRO M 105 68.40 25.23 8.33
C PRO M 105 66.95 25.41 8.71
N ASP M 106 66.50 24.79 9.79
CA ASP M 106 65.11 24.84 10.21
C ASP M 106 65.07 24.63 11.71
N VAL M 107 63.85 24.53 12.25
CA VAL M 107 63.65 24.23 13.66
C VAL M 107 63.77 22.73 13.86
N ALA M 108 63.84 22.29 15.11
CA ALA M 108 64.07 20.88 15.39
C ALA M 108 62.94 20.02 14.84
N PHE M 109 61.70 20.33 15.19
CA PHE M 109 60.53 19.56 14.79
C PHE M 109 59.60 20.53 14.08
N PRO M 110 59.78 20.76 12.78
CA PRO M 110 59.07 21.86 12.14
C PRO M 110 57.61 21.55 11.89
N ARG M 111 57.24 20.29 11.65
CA ARG M 111 55.83 19.93 11.70
C ARG M 111 55.27 20.23 13.08
N LEU M 112 56.08 20.05 14.11
CA LEU M 112 55.61 20.34 15.46
C LEU M 112 55.37 21.83 15.66
N ASN M 113 56.21 22.70 15.10
CA ASN M 113 55.95 24.12 15.30
C ASN M 113 54.78 24.59 14.44
N ALA M 114 54.58 23.99 13.27
CA ALA M 114 53.36 24.27 12.53
C ALA M 114 52.13 23.85 13.34
N LEU M 115 52.20 22.69 13.98
CA LEU M 115 51.12 22.25 14.84
C LEU M 115 50.92 23.22 16.00
N SER M 116 52.01 23.74 16.56
CA SER M 116 51.91 24.71 17.63
C SER M 116 51.20 25.97 17.17
N PHE M 117 51.57 26.47 16.00
CA PHE M 117 50.90 27.67 15.48
C PHE M 117 49.41 27.42 15.30
N TRP M 118 49.05 26.29 14.72
CA TRP M 118 47.63 26.05 14.43
C TRP M 118 46.86 25.79 15.72
N LEU M 119 47.45 25.06 16.66
CA LEU M 119 46.83 24.86 17.96
C LEU M 119 46.57 26.19 18.63
N PHE M 120 47.56 27.08 18.61
CA PHE M 120 47.32 28.45 19.05
C PHE M 120 46.17 29.13 18.33
N LEU M 121 46.21 29.15 17.00
CA LEU M 121 45.21 29.94 16.29
C LEU M 121 43.81 29.49 16.68
N PHE M 122 43.58 28.18 16.68
CA PHE M 122 42.24 27.69 16.94
C PHE M 122 41.89 27.74 18.42
N GLY M 123 42.85 27.58 19.33
CA GLY M 123 42.56 27.76 20.74
C GLY M 123 42.16 29.18 21.07
N ALA M 124 42.90 30.16 20.51
CA ALA M 124 42.53 31.55 20.69
C ALA M 124 41.17 31.83 20.07
N LEU M 125 40.89 31.25 18.91
CA LEU M 125 39.58 31.47 18.30
C LEU M 125 38.46 30.94 19.19
N ILE M 126 38.62 29.73 19.74
CA ILE M 126 37.55 29.18 20.57
C ILE M 126 37.42 29.97 21.87
N ALA M 127 38.52 30.43 22.44
CA ALA M 127 38.44 31.26 23.63
C ALA M 127 37.70 32.56 23.35
N ILE M 128 38.02 33.22 22.23
CA ILE M 128 37.33 34.45 21.87
C ILE M 128 35.88 34.20 21.51
N ALA M 129 35.54 32.98 21.08
CA ALA M 129 34.19 32.67 20.68
C ALA M 129 33.19 32.78 21.82
N GLY M 130 33.67 33.10 23.02
CA GLY M 130 32.76 33.37 24.11
C GLY M 130 31.80 34.50 23.80
N PHE M 131 32.20 35.41 22.91
CA PHE M 131 31.40 36.59 22.64
C PHE M 131 30.13 36.27 21.85
N ILE M 132 30.24 35.36 20.89
CA ILE M 132 29.07 35.03 20.08
C ILE M 132 27.97 34.40 20.94
N THR M 133 28.35 33.77 22.05
CA THR M 133 27.36 33.16 22.92
C THR M 133 26.46 34.23 23.53
N PRO M 134 25.19 33.91 23.80
CA PRO M 134 24.30 34.92 24.37
C PRO M 134 24.76 35.44 25.71
N GLY M 135 25.24 34.57 26.60
CA GLY M 135 25.77 35.03 27.86
C GLY M 135 26.99 35.91 27.71
N GLY M 136 27.80 35.64 26.69
CA GLY M 136 29.00 36.41 26.42
C GLY M 136 30.25 35.64 26.83
N ALA M 137 31.37 36.35 26.78
CA ALA M 137 32.66 35.76 27.05
C ALA M 137 32.86 35.62 28.55
N ALA M 138 34.08 35.29 28.97
CA ALA M 138 34.40 35.09 30.38
C ALA M 138 34.28 36.41 31.12
N ASP M 139 33.36 36.49 32.07
CA ASP M 139 33.14 37.72 32.83
C ASP M 139 34.11 37.84 34.00
N PHE M 140 34.60 36.72 34.52
CA PHE M 140 35.57 36.77 35.59
C PHE M 140 36.86 37.40 35.08
N GLY M 141 37.57 38.08 35.98
CA GLY M 141 38.78 38.78 35.58
C GLY M 141 39.74 37.89 34.84
N TRP M 142 40.74 38.48 34.18
CA TRP M 142 41.77 37.68 33.54
C TRP M 142 42.33 36.64 34.49
N THR M 143 42.65 37.05 35.72
CA THR M 143 43.23 36.11 36.67
C THR M 143 42.28 34.97 36.99
N ALA M 144 40.98 35.23 36.97
CA ALA M 144 39.97 34.20 37.14
C ALA M 144 40.13 33.47 38.48
N TYR M 145 39.96 34.23 39.55
CA TYR M 145 40.08 33.64 40.88
C TYR M 145 38.94 32.64 41.11
N SER M 146 39.19 31.71 42.02
CA SER M 146 38.44 30.46 42.05
C SER M 146 36.93 30.60 42.21
N PRO M 147 36.42 31.03 43.37
CA PRO M 147 34.97 30.94 43.57
C PRO M 147 34.18 31.70 42.52
N LEU M 148 34.72 32.80 42.00
CA LEU M 148 34.04 33.52 40.94
C LEU M 148 34.00 32.70 39.65
N THR M 149 34.89 31.73 39.49
CA THR M 149 34.94 30.91 38.29
C THR M 149 34.17 29.60 38.41
N ASP M 150 33.77 29.23 39.62
CA ASP M 150 32.99 28.01 39.79
C ASP M 150 31.70 28.10 38.99
N ALA M 151 31.11 26.93 38.71
CA ALA M 151 29.87 26.92 37.94
C ALA M 151 28.81 27.80 38.58
N ILE M 152 28.83 27.93 39.90
CA ILE M 152 27.84 28.76 40.58
C ILE M 152 27.97 30.22 40.12
N HIS M 153 29.20 30.73 40.10
CA HIS M 153 29.47 32.11 39.71
C HIS M 153 30.08 32.12 38.32
N SER M 154 29.48 32.88 37.42
CA SER M 154 29.85 32.82 36.01
C SER M 154 29.50 31.45 35.44
N PRO M 155 28.22 31.07 35.44
CA PRO M 155 27.83 29.77 34.90
C PRO M 155 27.81 29.68 33.39
N GLY M 156 28.00 30.79 32.68
CA GLY M 156 27.84 30.79 31.25
C GLY M 156 28.89 29.96 30.54
N ALA M 157 28.56 29.56 29.31
CA ALA M 157 29.50 28.81 28.49
C ALA M 157 30.72 29.63 28.09
N GLY M 158 30.65 30.95 28.24
CA GLY M 158 31.83 31.77 27.96
C GLY M 158 33.02 31.37 28.80
N GLY M 159 32.80 31.11 30.08
CA GLY M 159 33.91 30.71 30.95
C GLY M 159 34.50 29.37 30.54
N ASP M 160 33.65 28.42 30.17
CA ASP M 160 34.15 27.12 29.73
C ASP M 160 34.95 27.26 28.44
N LEU M 161 34.44 28.06 27.50
CA LEU M 161 35.18 28.27 26.25
C LEU M 161 36.52 28.95 26.53
N TRP M 162 36.53 29.92 27.45
CA TRP M 162 37.78 30.56 27.83
C TRP M 162 38.76 29.53 28.38
N ILE M 163 38.29 28.67 29.28
CA ILE M 163 39.18 27.68 29.90
C ILE M 163 39.76 26.76 28.85
N MET M 164 38.91 26.24 27.95
CA MET M 164 39.38 25.24 27.00
C MET M 164 40.26 25.87 25.92
N GLY M 165 39.92 27.10 25.49
CA GLY M 165 40.79 27.78 24.55
C GLY M 165 42.15 28.09 25.13
N LEU M 166 42.19 28.49 26.40
CA LEU M 166 43.47 28.70 27.05
C LEU M 166 44.24 27.39 27.16
N ALA M 167 43.55 26.28 27.43
CA ALA M 167 44.23 25.00 27.48
C ALA M 167 44.86 24.66 26.14
N VAL M 168 44.11 24.86 25.05
CA VAL M 168 44.63 24.53 23.72
C VAL M 168 45.81 25.43 23.36
N GLY M 169 45.66 26.73 23.61
CA GLY M 169 46.76 27.64 23.35
C GLY M 169 47.98 27.32 24.19
N GLY M 170 47.77 26.89 25.43
CA GLY M 170 48.89 26.51 26.28
C GLY M 170 49.58 25.26 25.77
N LEU M 171 48.83 24.30 25.25
CA LEU M 171 49.47 23.14 24.66
C LEU M 171 50.31 23.55 23.46
N GLY M 172 49.78 24.44 22.62
CA GLY M 172 50.57 24.96 21.52
C GLY M 172 51.83 25.64 22.00
N THR M 173 51.73 26.43 23.07
CA THR M 173 52.90 27.12 23.61
C THR M 173 53.92 26.13 24.16
N ILE M 174 53.46 25.07 24.83
CA ILE M 174 54.38 24.07 25.35
C ILE M 174 55.10 23.36 24.22
N LEU M 175 54.38 23.01 23.16
CA LEU M 175 55.03 22.38 22.02
C LEU M 175 56.04 23.33 21.38
N GLY M 176 55.70 24.61 21.27
CA GLY M 176 56.65 25.57 20.75
C GLY M 176 57.89 25.67 21.61
N GLY M 177 57.73 25.66 22.92
CA GLY M 177 58.89 25.70 23.81
C GLY M 177 59.77 24.48 23.66
N VAL M 178 59.14 23.30 23.57
CA VAL M 178 59.92 22.07 23.33
C VAL M 178 60.71 22.21 22.04
N ASN M 179 60.05 22.68 20.98
CA ASN M 179 60.71 22.81 19.70
C ASN M 179 61.88 23.78 19.78
N MET M 180 61.69 24.92 20.43
CA MET M 180 62.75 25.93 20.43
C MET M 180 63.93 25.51 21.28
N ILE M 181 63.68 24.93 22.47
CA ILE M 181 64.78 24.45 23.28
C ILE M 181 65.54 23.35 22.56
N THR M 182 64.82 22.42 21.93
CA THR M 182 65.50 21.35 21.20
C THR M 182 66.31 21.91 20.04
N THR M 183 65.76 22.88 19.32
CA THR M 183 66.50 23.48 18.21
C THR M 183 67.76 24.15 18.70
N VAL M 184 67.69 24.87 19.82
CA VAL M 184 68.87 25.59 20.30
C VAL M 184 69.93 24.62 20.79
N VAL M 185 69.52 23.52 21.44
CA VAL M 185 70.51 22.61 22.00
C VAL M 185 71.12 21.71 20.92
N CYS M 186 70.30 21.24 19.98
CA CYS M 186 70.77 20.31 18.96
C CYS M 186 71.20 21.02 17.68
N MET M 187 70.27 21.71 17.03
CA MET M 187 70.55 22.36 15.75
C MET M 187 71.33 23.63 15.99
N ARG M 188 72.59 23.64 15.56
CA ARG M 188 73.42 24.83 15.71
C ARG M 188 74.56 24.75 14.71
N ALA M 189 75.13 25.92 14.41
CA ALA M 189 76.17 26.00 13.41
C ALA M 189 77.45 25.35 13.90
N PRO M 190 78.33 24.95 12.98
CA PRO M 190 79.57 24.27 13.41
C PRO M 190 80.43 25.09 14.36
N GLY M 191 80.46 26.41 14.22
CA GLY M 191 81.25 27.24 15.09
C GLY M 191 80.48 27.96 16.18
N MET M 192 79.17 27.79 16.23
CA MET M 192 78.32 28.58 17.12
C MET M 192 78.24 27.91 18.48
N THR M 193 79.30 28.12 19.27
CA THR M 193 79.29 27.64 20.64
C THR M 193 78.18 28.32 21.42
N MET M 194 77.64 27.60 22.42
CA MET M 194 76.47 28.10 23.11
C MET M 194 76.74 29.40 23.85
N PHE M 195 78.00 29.75 24.07
CA PHE M 195 78.38 31.05 24.59
C PHE M 195 78.73 32.04 23.48
N ARG M 196 78.59 31.63 22.21
CA ARG M 196 78.74 32.54 21.09
C ARG M 196 77.44 32.77 20.33
N MET M 197 76.34 32.15 20.77
CA MET M 197 75.05 32.46 20.19
C MET M 197 74.54 33.78 20.74
N PRO M 198 73.95 34.63 19.90
CA PRO M 198 73.62 35.98 20.37
C PRO M 198 72.50 35.94 21.39
N ILE M 199 72.36 37.06 22.10
CA ILE M 199 71.58 37.07 23.32
C ILE M 199 70.09 36.81 23.09
N PHE M 200 69.57 37.11 21.90
CA PHE M 200 68.15 36.83 21.65
C PHE M 200 67.89 35.32 21.67
N THR M 201 68.83 34.53 21.15
CA THR M 201 68.68 33.08 21.23
C THR M 201 68.75 32.62 22.68
N TRP M 202 69.65 33.21 23.47
CA TRP M 202 69.70 32.87 24.89
C TRP M 202 68.37 33.17 25.57
N ASN M 203 67.80 34.33 25.27
CA ASN M 203 66.52 34.70 25.86
C ASN M 203 65.42 33.75 25.42
N ILE M 204 65.41 33.34 24.16
CA ILE M 204 64.37 32.44 23.69
C ILE M 204 64.53 31.06 24.33
N LEU M 205 65.77 30.61 24.51
CA LEU M 205 66.00 29.33 25.16
C LEU M 205 65.50 29.35 26.60
N VAL M 206 65.91 30.36 27.37
CA VAL M 206 65.48 30.44 28.76
C VAL M 206 63.97 30.65 28.83
N THR M 207 63.40 31.38 27.87
CA THR M 207 61.95 31.55 27.83
C THR M 207 61.25 30.23 27.57
N SER M 208 61.82 29.39 26.71
CA SER M 208 61.24 28.07 26.49
C SER M 208 61.30 27.24 27.77
N ILE M 209 62.41 27.33 28.50
CA ILE M 209 62.50 26.61 29.78
C ILE M 209 61.41 27.09 30.73
N LEU M 210 61.22 28.41 30.82
CA LEU M 210 60.19 28.95 31.69
C LEU M 210 58.80 28.52 31.23
N VAL M 211 58.57 28.47 29.92
CA VAL M 211 57.29 28.02 29.39
C VAL M 211 57.02 26.59 29.82
N LEU M 212 58.02 25.73 29.64
CA LEU M 212 57.86 24.34 30.07
C LEU M 212 57.61 24.25 31.57
N ILE M 213 58.18 25.18 32.34
CA ILE M 213 57.98 25.16 33.79
C ILE M 213 56.56 25.57 34.13
N ALA M 214 56.02 26.58 33.44
CA ALA M 214 54.79 27.24 33.86
C ALA M 214 53.55 26.71 33.17
N PHE M 215 53.53 26.72 31.84
CA PHE M 215 52.30 26.42 31.11
C PHE M 215 51.68 25.09 31.49
N PRO M 216 52.47 24.06 31.77
CA PRO M 216 51.86 22.83 32.31
C PRO M 216 51.02 23.08 33.55
N ILE M 217 51.44 24.00 34.41
CA ILE M 217 50.63 24.33 35.59
C ILE M 217 49.33 25.02 35.17
N LEU M 218 49.39 25.89 34.17
CA LEU M 218 48.15 26.49 33.69
C LEU M 218 47.21 25.42 33.16
N THR M 219 47.74 24.46 32.40
CA THR M 219 46.89 23.40 31.86
C THR M 219 46.31 22.57 32.99
N ALA M 220 47.11 22.25 34.01
CA ALA M 220 46.61 21.46 35.13
C ALA M 220 45.52 22.21 35.88
N ALA M 221 45.75 23.49 36.19
CA ALA M 221 44.77 24.27 36.92
C ALA M 221 43.51 24.47 36.11
N LEU M 222 43.64 24.69 34.81
CA LEU M 222 42.47 24.85 33.95
C LEU M 222 41.68 23.56 33.85
N PHE M 223 42.36 22.42 33.78
CA PHE M 223 41.66 21.14 33.75
C PHE M 223 40.95 20.90 35.08
N GLY M 224 41.60 21.22 36.19
CA GLY M 224 40.93 21.12 37.47
C GLY M 224 39.71 22.02 37.56
N LEU M 225 39.83 23.24 37.04
CA LEU M 225 38.70 24.15 37.03
C LEU M 225 37.58 23.62 36.15
N ALA M 226 37.92 23.04 35.00
CA ALA M 226 36.90 22.48 34.12
C ALA M 226 36.19 21.31 34.79
N ALA M 227 36.95 20.48 35.51
CA ALA M 227 36.32 19.41 36.27
C ALA M 227 35.42 19.97 37.36
N ASP M 228 35.87 21.03 38.04
CA ASP M 228 35.05 21.65 39.08
C ASP M 228 33.77 22.21 38.49
N ARG M 229 33.85 22.76 37.27
CA ARG M 229 32.68 23.38 36.65
C ARG M 229 31.69 22.34 36.14
N HIS M 230 32.20 21.28 35.50
CA HIS M 230 31.33 20.34 34.80
C HIS M 230 30.93 19.16 35.67
N LEU M 231 31.86 18.62 36.46
CA LEU M 231 31.62 17.46 37.29
C LEU M 231 31.39 17.80 38.75
N GLY M 232 31.37 19.09 39.11
CA GLY M 232 31.23 19.48 40.50
C GLY M 232 32.33 18.87 41.35
N ALA M 233 33.55 18.94 40.85
CA ALA M 233 34.66 18.15 41.38
C ALA M 233 35.30 18.71 42.63
N HIS M 234 34.66 19.64 43.33
CA HIS M 234 35.10 20.05 44.67
C HIS M 234 36.58 20.42 44.70
N ILE M 235 37.20 20.68 43.55
CA ILE M 235 38.64 20.87 43.52
C ILE M 235 39.01 22.19 44.20
N TYR M 236 38.27 23.26 43.89
CA TYR M 236 38.61 24.60 44.36
C TYR M 236 37.57 25.15 45.32
N ASP M 237 36.89 24.29 46.05
CA ASP M 237 35.95 24.77 47.05
C ASP M 237 36.72 25.48 48.17
N PRO M 238 36.35 26.70 48.55
CA PRO M 238 37.11 27.40 49.59
C PRO M 238 37.14 26.68 50.92
N ALA M 239 36.29 25.67 51.12
CA ALA M 239 36.37 24.88 52.33
C ALA M 239 37.68 24.11 52.41
N ASN M 240 38.19 23.67 51.26
CA ASN M 240 39.58 23.26 51.16
C ASN M 240 40.42 24.53 51.05
N GLY M 241 41.68 24.39 50.66
CA GLY M 241 42.45 25.57 50.30
C GLY M 241 42.09 26.02 48.91
N GLY M 242 40.84 25.82 48.51
CA GLY M 242 40.48 25.91 47.11
C GLY M 242 40.79 27.26 46.50
N VAL M 243 40.37 28.34 47.16
CA VAL M 243 40.60 29.66 46.61
C VAL M 243 42.10 29.98 46.59
N LEU M 244 42.78 29.76 47.71
CA LEU M 244 44.23 29.96 47.71
C LEU M 244 44.96 28.89 46.91
N LEU M 245 44.40 27.68 46.83
CA LEU M 245 44.99 26.68 45.93
C LEU M 245 45.03 27.22 44.51
N TRP M 246 43.88 27.68 44.01
CA TRP M 246 43.82 28.18 42.65
C TRP M 246 44.72 29.40 42.49
N GLN M 247 44.70 30.31 43.46
CA GLN M 247 45.50 31.52 43.31
C GLN M 247 46.98 31.18 43.27
N HIS M 248 47.42 30.26 44.13
CA HIS M 248 48.82 29.83 44.13
C HIS M 248 49.19 29.20 42.80
N LEU M 249 48.38 28.25 42.31
CA LEU M 249 48.70 27.60 41.05
C LEU M 249 48.72 28.62 39.92
N PHE M 250 47.69 29.45 39.83
CA PHE M 250 47.59 30.37 38.72
C PHE M 250 48.71 31.38 38.72
N TRP M 251 49.15 31.82 39.91
CA TRP M 251 50.23 32.80 39.92
C TRP M 251 51.58 32.15 39.68
N PHE M 252 51.79 30.93 40.20
CA PHE M 252 52.97 30.16 39.87
C PHE M 252 53.09 30.01 38.36
N PHE M 253 51.95 29.96 37.66
CA PHE M 253 51.97 30.07 36.21
C PHE M 253 52.23 31.51 35.74
N GLY M 254 51.36 32.42 36.14
CA GLY M 254 51.30 33.72 35.49
C GLY M 254 52.57 34.52 35.61
N HIS M 255 53.21 34.49 36.77
CA HIS M 255 54.41 35.32 36.90
C HIS M 255 55.54 34.82 36.02
N PRO M 256 55.88 33.53 36.00
CA PRO M 256 56.74 33.05 34.91
C PRO M 256 56.14 33.35 33.56
N GLU M 257 54.81 33.41 33.46
CA GLU M 257 54.20 33.81 32.19
C GLU M 257 54.62 35.23 31.82
N VAL M 258 54.55 36.16 32.76
CA VAL M 258 54.89 37.53 32.39
C VAL M 258 56.38 37.63 32.07
N TYR M 259 57.21 36.83 32.74
CA TYR M 259 58.63 36.90 32.42
C TYR M 259 59.00 36.19 31.12
N ILE M 260 58.22 35.21 30.68
CA ILE M 260 58.40 34.71 29.32
C ILE M 260 57.86 35.71 28.31
N ILE M 261 56.88 36.52 28.71
CA ILE M 261 56.44 37.62 27.85
C ILE M 261 57.54 38.68 27.75
N ALA M 262 58.36 38.79 28.78
CA ALA M 262 59.39 39.84 28.82
C ALA M 262 60.69 39.42 28.14
N LEU M 263 61.26 38.29 28.54
CA LEU M 263 62.64 37.98 28.16
C LEU M 263 62.88 37.93 26.66
N PRO M 264 62.02 37.32 25.83
CA PRO M 264 62.29 37.33 24.39
C PRO M 264 62.44 38.72 23.80
N PHE M 265 61.66 39.68 24.28
CA PHE M 265 61.78 41.03 23.75
C PHE M 265 62.94 41.78 24.35
N PHE M 266 63.35 41.43 25.58
CA PHE M 266 64.65 41.88 26.05
C PHE M 266 65.74 41.43 25.08
N GLY M 267 65.65 40.20 24.59
CA GLY M 267 66.58 39.75 23.58
C GLY M 267 66.47 40.54 22.29
N ILE M 268 65.24 40.83 21.85
CA ILE M 268 65.05 41.60 20.64
C ILE M 268 65.75 42.95 20.76
N VAL M 269 65.52 43.64 21.88
CA VAL M 269 66.12 44.94 22.09
C VAL M 269 67.63 44.83 22.21
N SER M 270 68.13 43.74 22.79
CA SER M 270 69.57 43.55 22.91
C SER M 270 70.22 43.24 21.57
N GLU M 271 69.47 42.70 20.62
CA GLU M 271 69.97 42.58 19.25
C GLU M 271 69.92 43.92 18.53
N ILE M 272 68.89 44.73 18.80
CA ILE M 272 68.74 46.00 18.10
C ILE M 272 69.79 47.00 18.56
N PHE M 273 70.10 47.03 19.85
CA PHE M 273 71.00 48.07 20.34
C PHE M 273 72.38 48.04 19.71
N PRO M 274 73.08 46.91 19.65
CA PRO M 274 74.44 46.94 19.09
C PRO M 274 74.52 47.43 17.67
N VAL M 275 73.54 47.09 16.82
CA VAL M 275 73.68 47.37 15.39
C VAL M 275 73.57 48.87 15.12
N PHE M 276 72.61 49.53 15.78
CA PHE M 276 72.43 50.96 15.58
C PHE M 276 73.33 51.79 16.49
N SER M 277 73.86 51.19 17.54
CA SER M 277 74.91 51.82 18.34
C SER M 277 76.29 51.57 17.78
N ARG M 278 76.43 50.60 16.88
CA ARG M 278 77.70 50.30 16.22
C ARG M 278 78.76 49.88 17.23
N LYS M 279 78.40 48.95 18.11
CA LYS M 279 79.33 48.38 19.06
C LYS M 279 78.69 47.17 19.73
N PRO M 280 79.50 46.28 20.29
CA PRO M 280 78.95 45.01 20.76
C PRO M 280 78.01 45.19 21.94
N ILE M 281 77.09 44.25 22.09
CA ILE M 281 76.22 44.25 23.26
C ILE M 281 77.10 44.28 24.50
N PHE M 282 76.84 45.25 25.37
CA PHE M 282 77.66 45.43 26.55
C PHE M 282 77.41 44.32 27.55
N GLY M 283 78.48 43.70 28.04
CA GLY M 283 78.35 42.66 29.03
C GLY M 283 77.55 41.47 28.56
N TYR M 284 77.88 40.95 27.37
CA TYR M 284 77.14 39.83 26.80
C TYR M 284 77.02 38.69 27.80
N THR M 285 78.14 38.29 28.39
CA THR M 285 78.09 37.26 29.43
C THR M 285 77.22 37.71 30.60
N THR M 286 77.27 39.00 30.92
CA THR M 286 76.39 39.54 31.95
C THR M 286 74.94 39.46 31.51
N LEU M 287 74.66 39.68 30.23
CA LEU M 287 73.29 39.54 29.74
C LEU M 287 72.78 38.13 29.95
N ILE M 288 73.58 37.13 29.55
CA ILE M 288 73.10 35.76 29.69
C ILE M 288 72.93 35.39 31.17
N TYR M 289 73.88 35.82 32.01
CA TYR M 289 73.74 35.53 33.45
C TYR M 289 72.50 36.19 34.03
N ALA M 290 72.21 37.43 33.62
CA ALA M 290 71.03 38.11 34.11
C ALA M 290 69.76 37.42 33.65
N THR M 291 69.73 36.96 32.38
CA THR M 291 68.57 36.23 31.90
C THR M 291 68.36 34.95 32.70
N LEU M 292 69.44 34.20 32.93
CA LEU M 292 69.33 32.97 33.70
C LEU M 292 68.84 33.25 35.12
N ALA M 293 69.38 34.29 35.75
CA ALA M 293 68.95 34.64 37.10
C ALA M 293 67.49 35.04 37.12
N ILE M 294 67.05 35.84 36.14
CA ILE M 294 65.65 36.26 36.08
C ILE M 294 64.75 35.05 35.97
N ALA M 295 65.10 34.12 35.08
CA ALA M 295 64.25 32.95 34.89
C ALA M 295 64.24 32.07 36.14
N ALA M 296 65.39 31.89 36.77
CA ALA M 296 65.44 31.10 37.98
C ALA M 296 64.58 31.71 39.08
N LEU M 297 64.65 33.03 39.26
CA LEU M 297 63.95 33.69 40.34
C LEU M 297 62.49 33.98 40.01
N SER M 298 62.08 33.86 38.76
CA SER M 298 60.69 34.15 38.42
C SER M 298 59.76 33.04 38.88
N VAL M 299 60.27 31.82 38.95
CA VAL M 299 59.45 30.70 39.41
C VAL M 299 59.13 30.83 40.90
N ALA M 300 60.09 31.34 41.68
CA ALA M 300 60.01 31.29 43.13
C ALA M 300 59.47 32.57 43.75
N VAL M 301 58.98 33.51 42.96
CA VAL M 301 58.49 34.77 43.50
C VAL M 301 57.08 35.03 42.96
N TRP M 302 56.35 33.95 42.69
CA TRP M 302 55.06 34.09 42.04
C TRP M 302 54.04 34.80 42.91
N ALA M 303 54.15 34.71 44.24
CA ALA M 303 53.07 35.09 45.13
C ALA M 303 53.21 36.52 45.65
N HIS M 304 53.90 37.40 44.94
CA HIS M 304 53.79 38.81 45.28
C HIS M 304 52.55 39.44 44.68
N HIS M 305 51.82 38.70 43.85
CA HIS M 305 50.51 39.10 43.40
C HIS M 305 49.42 38.81 44.43
N MET M 306 49.79 38.16 45.54
CA MET M 306 48.84 37.67 46.52
C MET M 306 49.03 38.34 47.88
N TYR M 307 49.68 39.50 47.91
CA TYR M 307 49.94 40.18 49.18
C TYR M 307 48.64 40.49 49.91
N ALA M 308 47.59 40.83 49.17
CA ALA M 308 46.34 41.23 49.81
C ALA M 308 45.63 40.04 50.46
N THR M 309 45.78 38.84 49.90
CA THR M 309 45.06 37.69 50.44
C THR M 309 45.41 37.46 51.91
N GLY M 310 46.58 37.89 52.35
CA GLY M 310 47.01 37.63 53.71
C GLY M 310 47.18 36.15 54.00
N ALA M 311 47.66 35.38 53.01
CA ALA M 311 47.83 33.94 53.15
C ALA M 311 49.13 33.48 52.51
N VAL M 312 50.17 34.32 52.54
CA VAL M 312 51.45 34.01 51.92
C VAL M 312 52.57 34.34 52.90
N LEU M 313 53.69 33.66 52.73
CA LEU M 313 54.89 34.00 53.50
C LEU M 313 55.45 35.30 52.95
N LEU M 314 55.03 36.41 53.55
CA LEU M 314 55.21 37.72 52.93
C LEU M 314 56.68 38.09 52.75
N PRO M 315 57.54 38.02 53.77
CA PRO M 315 58.94 38.43 53.55
C PRO M 315 59.64 37.59 52.49
N PHE M 316 59.32 36.30 52.40
CA PHE M 316 59.93 35.45 51.39
C PHE M 316 59.73 36.02 50.00
N PHE M 317 58.47 36.30 49.65
CA PHE M 317 58.15 36.73 48.30
C PHE M 317 58.57 38.16 48.05
N SER M 318 58.49 39.03 49.07
CA SER M 318 59.02 40.38 48.88
C SER M 318 60.52 40.37 48.62
N PHE M 319 61.26 39.55 49.37
CA PHE M 319 62.70 39.49 49.20
C PHE M 319 63.06 38.97 47.82
N MET M 320 62.38 37.91 47.37
CA MET M 320 62.69 37.43 46.02
C MET M 320 62.15 38.34 44.92
N THR M 321 61.12 39.15 45.20
CA THR M 321 60.73 40.18 44.25
C THR M 321 61.84 41.20 44.06
N PHE M 322 62.46 41.61 45.17
CA PHE M 322 63.62 42.49 45.05
C PHE M 322 64.78 41.80 44.34
N LEU M 323 65.00 40.52 44.66
CA LEU M 323 66.11 39.79 44.09
C LEU M 323 65.94 39.57 42.59
N ILE M 324 64.69 39.51 42.11
CA ILE M 324 64.45 39.45 40.67
C ILE M 324 64.37 40.83 40.03
N ALA M 325 64.12 41.87 40.83
CA ALA M 325 64.19 43.23 40.29
C ALA M 325 65.63 43.62 39.99
N VAL M 326 66.59 43.15 40.79
CA VAL M 326 67.98 43.52 40.57
C VAL M 326 68.49 43.06 39.21
N PRO M 327 68.36 41.79 38.82
CA PRO M 327 68.88 41.38 37.50
C PRO M 327 68.32 42.16 36.35
N THR M 328 67.05 42.55 36.40
CA THR M 328 66.51 43.42 35.37
C THR M 328 67.25 44.75 35.35
N GLY M 329 67.68 45.22 36.52
CA GLY M 329 68.51 46.42 36.56
C GLY M 329 69.87 46.21 35.92
N ILE M 330 70.50 45.06 36.20
CA ILE M 330 71.76 44.74 35.54
C ILE M 330 71.58 44.77 34.03
N LYS M 331 70.49 44.18 33.55
CA LYS M 331 70.23 44.11 32.13
C LYS M 331 69.99 45.51 31.55
N PHE M 332 69.27 46.35 32.27
CA PHE M 332 69.03 47.71 31.82
C PHE M 332 70.34 48.49 31.72
N PHE M 333 71.22 48.31 32.71
CA PHE M 333 72.49 49.03 32.69
C PHE M 333 73.38 48.52 31.56
N ASN M 334 73.32 47.23 31.26
CA ASN M 334 74.03 46.73 30.08
C ASN M 334 73.46 47.35 28.79
N TRP M 335 72.14 47.47 28.71
CA TRP M 335 71.53 48.10 27.55
C TRP M 335 72.03 49.52 27.37
N ILE M 336 72.09 50.28 28.48
CA ILE M 336 72.60 51.64 28.41
C ILE M 336 74.07 51.63 28.00
N GLY M 337 74.84 50.68 28.52
CA GLY M 337 76.23 50.58 28.15
C GLY M 337 76.42 50.30 26.67
N THR M 338 75.49 49.59 26.05
CA THR M 338 75.59 49.31 24.62
C THR M 338 75.57 50.60 23.81
N MET M 339 74.70 51.53 24.17
CA MET M 339 74.60 52.83 23.53
C MET M 339 75.62 53.84 24.05
N TRP M 340 76.68 53.36 24.70
CA TRP M 340 77.58 54.21 25.46
C TRP M 340 78.84 54.44 24.62
N LYS M 341 78.99 55.67 24.13
CA LYS M 341 80.02 56.00 23.13
C LYS M 341 79.87 55.13 21.88
N GLY M 342 78.76 55.37 21.18
CA GLY M 342 78.57 54.82 19.86
C GLY M 342 77.93 55.84 18.96
N GLN M 343 78.12 55.68 17.65
CA GLN M 343 77.44 56.50 16.66
C GLN M 343 75.98 56.05 16.56
N LEU M 344 75.18 56.53 17.51
CA LEU M 344 73.76 56.23 17.49
C LEU M 344 73.11 56.88 16.28
N THR M 345 72.48 56.07 15.45
CA THR M 345 71.58 56.54 14.40
C THR M 345 70.19 56.05 14.77
N PHE M 346 69.36 56.97 15.26
CA PHE M 346 68.04 56.61 15.78
C PHE M 346 67.06 56.42 14.63
N GLU M 347 67.31 55.35 13.88
CA GLU M 347 66.32 54.86 12.94
C GLU M 347 65.19 54.19 13.71
N THR M 348 64.11 53.88 13.01
CA THR M 348 62.90 53.43 13.68
C THR M 348 63.09 52.26 14.63
N PRO M 349 63.98 51.28 14.37
CA PRO M 349 64.15 50.20 15.36
C PRO M 349 64.85 50.66 16.63
N MET M 350 65.97 51.39 16.51
CA MET M 350 66.56 52.01 17.70
C MET M 350 65.61 53.00 18.34
N LEU M 351 64.80 53.70 17.55
CA LEU M 351 63.86 54.63 18.13
C LEU M 351 62.88 53.90 19.03
N PHE M 352 62.33 52.78 18.56
CA PHE M 352 61.41 52.00 19.37
C PHE M 352 62.12 51.37 20.56
N SER M 353 63.39 50.96 20.40
CA SER M 353 64.10 50.37 21.53
C SER M 353 64.39 51.40 22.61
N VAL M 354 64.73 52.63 22.22
CA VAL M 354 64.90 53.69 23.20
C VAL M 354 63.57 53.98 23.89
N GLY M 355 62.47 54.03 23.13
CA GLY M 355 61.17 54.18 23.75
C GLY M 355 60.88 53.07 24.75
N PHE M 356 61.27 51.85 24.41
CA PHE M 356 61.16 50.73 25.34
C PHE M 356 61.93 51.02 26.61
N LEU M 357 63.17 51.49 26.49
CA LEU M 357 63.94 51.83 27.68
C LEU M 357 63.16 52.83 28.54
N ILE M 358 62.70 53.91 27.92
CA ILE M 358 62.04 54.98 28.66
C ILE M 358 60.81 54.44 29.41
N THR M 359 59.94 53.72 28.70
CA THR M 359 58.69 53.28 29.33
C THR M 359 58.95 52.17 30.34
N PHE M 360 59.77 51.19 29.98
CA PHE M 360 60.04 50.07 30.86
C PHE M 360 60.73 50.51 32.14
N LEU M 361 61.52 51.58 32.10
CA LEU M 361 62.14 52.05 33.33
C LEU M 361 61.09 52.47 34.35
N LEU M 362 60.13 53.30 33.92
CA LEU M 362 59.12 53.75 34.87
C LEU M 362 58.19 52.61 35.26
N GLY M 363 57.90 51.71 34.32
CA GLY M 363 57.16 50.52 34.69
C GLY M 363 57.84 49.73 35.78
N GLY M 364 59.16 49.61 35.69
CA GLY M 364 59.90 48.87 36.70
C GLY M 364 60.02 49.61 38.02
N LEU M 365 60.12 50.93 37.98
CA LEU M 365 60.04 51.69 39.22
C LEU M 365 58.70 51.47 39.91
N SER M 366 57.62 51.48 39.13
CA SER M 366 56.31 51.14 39.69
C SER M 366 56.32 49.74 40.28
N GLY M 367 56.98 48.80 39.60
CA GLY M 367 57.04 47.45 40.13
C GLY M 367 57.74 47.38 41.48
N VAL M 368 58.92 48.01 41.57
CA VAL M 368 59.64 48.01 42.84
C VAL M 368 58.84 48.71 43.91
N LEU M 369 58.03 49.69 43.53
CA LEU M 369 57.09 50.27 44.48
C LEU M 369 56.09 49.24 44.95
N LEU M 370 55.58 48.42 44.02
CA LEU M 370 54.61 47.39 44.36
C LEU M 370 55.23 46.23 45.12
N ALA M 371 56.54 46.03 44.99
CA ALA M 371 57.19 44.90 45.66
C ALA M 371 57.13 45.01 47.17
N SER M 372 56.79 46.18 47.71
CA SER M 372 56.66 46.36 49.15
C SER M 372 55.22 46.07 49.57
N PRO M 373 54.97 45.02 50.34
CA PRO M 373 53.60 44.71 50.73
C PRO M 373 52.90 45.88 51.41
N PRO M 374 53.57 46.62 52.29
CA PRO M 374 52.88 47.78 52.88
C PRO M 374 52.40 48.78 51.85
N LEU M 375 53.18 49.02 50.79
CA LEU M 375 52.70 49.85 49.70
C LEU M 375 51.71 49.09 48.83
N ASP M 376 51.99 47.82 48.55
CA ASP M 376 51.10 47.03 47.70
C ASP M 376 49.68 47.03 48.25
N PHE M 377 49.52 47.10 49.56
CA PHE M 377 48.19 47.06 50.17
C PHE M 377 47.32 48.16 49.58
N HIS M 378 47.66 49.41 49.86
CA HIS M 378 46.87 50.50 49.30
C HIS M 378 46.91 50.49 47.78
N VAL M 379 48.00 50.00 47.20
CA VAL M 379 48.21 50.15 45.76
C VAL M 379 47.63 48.99 44.98
N THR M 380 47.66 47.78 45.53
CA THR M 380 47.30 46.60 44.74
C THR M 380 45.83 46.63 44.37
N ASP M 381 45.48 45.83 43.36
CA ASP M 381 44.11 45.76 42.85
C ASP M 381 43.57 47.15 42.56
N SER M 382 44.44 48.04 42.09
CA SER M 382 44.07 49.40 41.78
C SER M 382 44.66 49.77 40.43
N TYR M 383 44.31 50.98 39.96
CA TYR M 383 44.81 51.43 38.66
C TYR M 383 46.29 51.76 38.68
N PHE M 384 46.91 51.85 39.86
CA PHE M 384 48.36 51.95 39.89
C PHE M 384 48.99 50.65 39.42
N VAL M 385 48.41 49.51 39.80
CA VAL M 385 48.89 48.24 39.28
C VAL M 385 48.63 48.17 37.77
N ILE M 386 47.51 48.72 37.32
CA ILE M 386 47.23 48.78 35.89
C ILE M 386 48.35 49.54 35.19
N ALA M 387 48.71 50.70 35.73
CA ALA M 387 49.80 51.48 35.13
C ALA M 387 51.11 50.73 35.17
N HIS M 388 51.44 50.11 36.30
CA HIS M 388 52.60 49.21 36.36
C HIS M 388 52.65 48.23 35.21
N PHE M 389 51.70 47.32 35.15
CA PHE M 389 51.92 46.26 34.19
C PHE M 389 51.64 46.73 32.78
N HIS M 390 50.97 47.86 32.59
CA HIS M 390 50.84 48.36 31.23
C HIS M 390 52.15 49.00 30.77
N TYR M 391 52.84 49.70 31.65
CA TYR M 391 54.18 50.16 31.28
C TYR M 391 55.07 48.97 30.96
N VAL M 392 55.17 48.00 31.86
CA VAL M 392 56.10 46.90 31.61
C VAL M 392 55.72 46.16 30.34
N LEU M 393 54.44 45.78 30.21
CA LEU M 393 54.00 45.03 29.04
C LEU M 393 54.19 45.87 27.78
N PHE M 394 53.48 46.99 27.65
CA PHE M 394 53.55 47.77 26.44
C PHE M 394 55.00 48.08 26.06
N GLY M 395 55.84 48.43 27.03
CA GLY M 395 57.23 48.68 26.72
C GLY M 395 57.93 47.45 26.19
N THR M 396 57.68 46.30 26.80
CA THR M 396 58.46 45.10 26.48
C THR M 396 57.94 44.33 25.28
N ILE M 397 56.65 44.44 24.95
CA ILE M 397 56.05 43.61 23.90
C ILE M 397 55.30 44.42 22.86
N VAL M 398 55.32 45.75 22.94
CA VAL M 398 54.79 46.63 21.91
C VAL M 398 55.87 47.54 21.36
N PHE M 399 56.56 48.26 22.24
CA PHE M 399 57.74 49.00 21.80
C PHE M 399 58.82 48.07 21.31
N ALA M 400 59.14 47.03 22.09
CA ALA M 400 60.14 46.07 21.65
C ALA M 400 59.63 45.21 20.51
N THR M 401 58.33 44.88 20.52
CA THR M 401 57.75 44.15 19.37
C THR M 401 57.87 44.97 18.11
N TYR M 402 57.50 46.25 18.17
CA TYR M 402 57.61 47.11 17.00
C TYR M 402 59.06 47.27 16.58
N ALA M 403 59.97 47.41 17.55
CA ALA M 403 61.38 47.51 17.21
C ALA M 403 61.84 46.26 16.47
N GLY M 404 61.48 45.09 17.00
CA GLY M 404 61.87 43.85 16.35
C GLY M 404 61.30 43.71 14.95
N ILE M 405 60.07 44.17 14.75
CA ILE M 405 59.47 44.10 13.42
C ILE M 405 60.18 45.04 12.46
N TYR M 406 60.31 46.31 12.83
CA TYR M 406 61.01 47.25 11.96
C TYR M 406 62.45 46.81 11.72
N PHE M 407 62.98 45.96 12.60
CA PHE M 407 64.35 45.47 12.47
C PHE M 407 64.44 44.30 11.51
N TRP M 408 63.69 43.24 11.76
CA TRP M 408 63.82 41.99 11.03
C TRP M 408 62.85 41.92 9.85
N PHE M 409 62.10 42.99 9.60
CA PHE M 409 61.25 43.06 8.43
C PHE M 409 62.01 42.95 7.12
N PRO M 410 63.07 43.69 6.88
CA PRO M 410 63.82 43.47 5.65
C PRO M 410 64.28 42.04 5.53
N LYS M 411 64.70 41.44 6.65
CA LYS M 411 65.28 40.11 6.66
C LYS M 411 64.26 39.01 6.42
N MET M 412 62.96 39.32 6.46
CA MET M 412 61.93 38.36 6.12
C MET M 412 61.07 38.80 4.95
N THR M 413 61.29 39.99 4.41
CA THR M 413 60.47 40.50 3.32
C THR M 413 61.34 40.94 2.15
N GLY M 414 62.57 41.33 2.43
CA GLY M 414 63.41 41.92 1.41
C GLY M 414 63.04 43.34 1.08
N ARG M 415 62.27 44.01 1.93
CA ARG M 415 61.82 45.37 1.71
C ARG M 415 61.93 46.15 3.01
N LEU M 416 62.13 47.45 2.89
CA LEU M 416 62.29 48.32 4.05
C LEU M 416 60.98 49.04 4.34
N LEU M 417 60.55 49.00 5.60
CA LEU M 417 59.39 49.79 6.00
C LEU M 417 59.72 51.27 5.88
N ASP M 418 58.74 52.05 5.43
CA ASP M 418 58.95 53.48 5.28
C ASP M 418 59.41 54.07 6.60
N GLU M 419 60.51 54.82 6.56
CA GLU M 419 61.09 55.35 7.79
C GLU M 419 60.26 56.51 8.33
N ARG M 420 59.71 57.34 7.44
CA ARG M 420 58.90 58.46 7.89
C ARG M 420 57.63 57.99 8.58
N LEU M 421 56.95 57.01 7.98
CA LEU M 421 55.79 56.41 8.65
C LEU M 421 56.21 55.75 9.95
N GLY M 422 57.41 55.16 10.00
CA GLY M 422 57.89 54.60 11.24
C GLY M 422 58.06 55.65 12.33
N LYS M 423 58.62 56.80 11.98
CA LYS M 423 58.78 57.89 12.94
C LYS M 423 57.42 58.36 13.44
N LEU M 424 56.49 58.58 12.51
CA LEU M 424 55.15 59.02 12.91
C LEU M 424 54.48 58.01 13.81
N HIS M 425 54.56 56.73 13.45
CA HIS M 425 53.96 55.68 14.25
C HIS M 425 54.58 55.64 15.64
N PHE M 426 55.91 55.71 15.72
CA PHE M 426 56.56 55.65 17.03
C PHE M 426 56.13 56.80 17.90
N TRP M 427 56.11 58.01 17.35
CA TRP M 427 55.81 59.16 18.19
C TRP M 427 54.33 59.17 18.59
N LEU M 428 53.44 58.79 17.68
CA LEU M 428 52.04 58.64 18.07
C LEU M 428 51.88 57.62 19.18
N THR M 429 52.53 56.47 19.04
CA THR M 429 52.43 55.43 20.06
C THR M 429 52.97 55.92 21.40
N PHE M 430 54.16 56.53 21.39
CA PHE M 430 54.75 57.02 22.63
C PHE M 430 53.83 58.03 23.31
N ILE M 431 53.40 59.04 22.57
CA ILE M 431 52.61 60.11 23.16
C ILE M 431 51.29 59.56 23.68
N GLY M 432 50.60 58.76 22.87
CA GLY M 432 49.33 58.21 23.30
C GLY M 432 49.47 57.31 24.50
N PHE M 433 50.47 56.44 24.49
CA PHE M 433 50.68 55.53 25.62
C PHE M 433 50.92 56.31 26.90
N HIS M 434 51.84 57.28 26.86
CA HIS M 434 52.13 58.02 28.07
C HIS M 434 50.94 58.86 28.53
N THR M 435 50.20 59.43 27.58
CA THR M 435 49.01 60.19 27.97
C THR M 435 47.99 59.27 28.63
N THR M 436 47.83 58.06 28.13
CA THR M 436 46.80 57.17 28.67
C THR M 436 47.20 56.54 30.01
N PHE M 437 48.48 56.30 30.25
CA PHE M 437 48.89 55.49 31.39
C PHE M 437 49.72 56.23 32.44
N LEU M 438 50.12 57.48 32.21
CA LEU M 438 50.64 58.26 33.33
C LEU M 438 49.55 58.49 34.37
N VAL M 439 48.39 59.01 33.94
CA VAL M 439 47.37 59.44 34.87
C VAL M 439 46.83 58.28 35.67
N GLN M 440 47.06 57.05 35.23
CA GLN M 440 46.49 55.91 35.94
C GLN M 440 47.21 55.60 37.25
N HIS M 441 48.48 55.98 37.38
CA HIS M 441 49.13 55.88 38.68
C HIS M 441 48.38 56.70 39.73
N TRP M 442 48.13 57.97 39.44
CA TRP M 442 47.36 58.80 40.35
C TRP M 442 45.92 58.31 40.46
N LEU M 443 45.36 57.83 39.35
CA LEU M 443 43.99 57.33 39.33
C LEU M 443 43.81 56.23 40.35
N GLY M 444 44.74 55.27 40.37
CA GLY M 444 44.65 54.17 41.33
C GLY M 444 45.19 54.49 42.70
N ASP M 445 46.11 55.44 42.81
CA ASP M 445 46.58 55.85 44.13
C ASP M 445 45.44 56.46 44.94
N GLU M 446 44.74 57.43 44.35
CA GLU M 446 43.41 57.76 44.83
C GLU M 446 42.49 56.58 44.57
N GLY M 447 41.52 56.37 45.45
CA GLY M 447 40.72 55.17 45.38
C GLY M 447 40.00 54.99 44.07
N MET M 448 40.52 54.06 43.24
CA MET M 448 39.83 53.62 42.04
C MET M 448 40.35 52.24 41.69
N PRO M 449 39.74 51.20 42.22
CA PRO M 449 40.24 49.85 41.97
C PRO M 449 40.16 49.50 40.49
N ARG M 450 41.03 48.57 40.07
CA ARG M 450 40.90 48.00 38.76
C ARG M 450 39.57 47.26 38.64
N ARG M 451 39.05 47.19 37.41
CA ARG M 451 37.90 46.36 37.08
C ARG M 451 36.59 46.93 37.64
N TYR M 452 36.38 48.23 37.49
CA TYR M 452 35.07 48.86 37.63
C TYR M 452 34.55 49.36 36.30
N ALA M 453 33.30 48.98 35.97
CA ALA M 453 32.67 49.51 34.78
C ALA M 453 32.47 51.01 34.86
N ASP M 454 32.10 51.52 36.03
CA ASP M 454 31.76 52.92 36.18
C ASP M 454 32.10 53.39 37.58
N TYR M 455 31.85 54.67 37.83
CA TYR M 455 32.16 55.31 39.10
C TYR M 455 31.24 56.51 39.27
N LEU M 456 31.07 56.92 40.52
CA LEU M 456 30.13 58.00 40.81
C LEU M 456 30.64 59.32 40.25
N PRO M 457 29.74 60.19 39.77
CA PRO M 457 30.18 61.56 39.44
C PRO M 457 30.76 62.29 40.64
N THR M 458 30.24 62.03 41.84
CA THR M 458 30.75 62.68 43.03
C THR M 458 32.17 62.19 43.35
N ASP M 459 32.47 60.94 43.03
CA ASP M 459 33.84 60.46 43.17
C ASP M 459 34.76 61.27 42.28
N GLY M 460 35.96 61.54 42.77
CA GLY M 460 36.89 62.35 42.02
C GLY M 460 37.42 61.65 40.80
N PHE M 461 38.62 62.04 40.38
CA PHE M 461 39.34 61.42 39.27
C PHE M 461 38.44 61.11 38.07
N THR M 462 37.56 62.04 37.70
CA THR M 462 36.85 61.92 36.43
C THR M 462 37.64 62.52 35.28
N THR M 463 38.43 63.57 35.55
CA THR M 463 39.29 64.14 34.53
C THR M 463 40.39 63.16 34.13
N LEU M 464 40.94 62.43 35.11
CA LEU M 464 41.99 61.47 34.79
C LEU M 464 41.49 60.41 33.84
N ASN M 465 40.25 59.96 34.00
CA ASN M 465 39.70 58.93 33.12
C ASN M 465 39.52 59.43 31.70
N VAL M 466 39.05 60.67 31.53
CA VAL M 466 38.92 61.21 30.18
C VAL M 466 40.30 61.41 29.56
N ILE M 467 41.28 61.82 30.36
CA ILE M 467 42.65 61.95 29.85
C ILE M 467 43.15 60.58 29.38
N SER M 468 42.90 59.54 30.17
CA SER M 468 43.35 58.21 29.80
C SER M 468 42.65 57.73 28.53
N THR M 469 41.36 58.05 28.38
CA THR M 469 40.65 57.68 27.16
C THR M 469 41.21 58.43 25.95
N VAL M 470 41.56 59.71 26.13
CA VAL M 470 42.17 60.46 25.05
C VAL M 470 43.47 59.80 24.63
N GLY M 471 44.29 59.40 25.61
CA GLY M 471 45.52 58.70 25.29
C GLY M 471 45.28 57.39 24.57
N ALA M 472 44.26 56.65 24.99
CA ALA M 472 43.97 55.37 24.35
C ALA M 472 43.56 55.55 22.90
N PHE M 473 42.76 56.58 22.61
CA PHE M 473 42.41 56.84 21.22
C PHE M 473 43.61 57.38 20.44
N ILE M 474 44.53 58.07 21.10
CA ILE M 474 45.79 58.42 20.44
C ILE M 474 46.51 57.14 20.03
N LEU M 475 46.54 56.14 20.91
CA LEU M 475 47.13 54.86 20.55
C LEU M 475 46.38 54.20 19.39
N GLY M 476 45.05 54.27 19.42
CA GLY M 476 44.26 53.69 18.34
C GLY M 476 44.60 54.28 16.99
N VAL M 477 44.71 55.62 16.93
CA VAL M 477 45.13 56.25 15.68
C VAL M 477 46.58 55.92 15.37
N SER M 478 47.43 55.79 16.41
CA SER M 478 48.82 55.44 16.19
C SER M 478 48.95 54.10 15.49
N MET M 479 48.02 53.19 15.73
CA MET M 479 48.08 51.90 15.07
C MET M 479 47.91 52.02 13.57
N LEU M 480 47.15 53.01 13.10
CA LEU M 480 46.89 53.10 11.66
C LEU M 480 48.16 53.35 10.85
N PRO M 481 49.05 54.26 11.24
CA PRO M 481 50.31 54.39 10.47
C PRO M 481 51.10 53.10 10.38
N PHE M 482 51.17 52.31 11.45
CA PHE M 482 51.93 51.08 11.39
C PHE M 482 51.30 50.09 10.43
N VAL M 483 49.98 49.93 10.51
CA VAL M 483 49.29 49.00 9.62
C VAL M 483 49.44 49.44 8.18
N TRP M 484 49.31 50.75 7.92
CA TRP M 484 49.48 51.24 6.56
C TRP M 484 50.90 51.02 6.06
N ASN M 485 51.89 51.25 6.92
CA ASN M 485 53.28 51.03 6.55
C ASN M 485 53.49 49.57 6.18
N VAL M 486 52.97 48.66 7.00
CA VAL M 486 53.14 47.23 6.74
C VAL M 486 52.47 46.84 5.44
N PHE M 487 51.23 47.30 5.25
CA PHE M 487 50.44 46.93 4.07
C PHE M 487 51.07 47.46 2.80
N LYS M 488 51.56 48.69 2.83
CA LYS M 488 52.15 49.29 1.64
C LYS M 488 53.61 48.92 1.45
N SER M 489 54.23 48.24 2.42
CA SER M 489 55.61 47.85 2.29
C SER M 489 55.83 46.36 2.03
N TRP M 490 54.88 45.48 2.35
CA TRP M 490 55.09 44.10 1.92
C TRP M 490 55.16 44.03 0.40
N ARG M 491 54.26 44.74 -0.27
CA ARG M 491 54.13 44.71 -1.72
C ARG M 491 55.04 45.74 -2.39
N TYR M 492 55.08 46.94 -1.85
CA TYR M 492 55.91 48.03 -2.34
C TYR M 492 56.92 48.37 -1.26
N GLY M 493 57.63 49.47 -1.43
CA GLY M 493 58.57 49.87 -0.42
C GLY M 493 59.99 49.54 -0.82
N GLU M 494 60.92 50.41 -0.40
CA GLU M 494 62.30 50.33 -0.87
C GLU M 494 62.83 48.92 -0.71
N PRO M 495 63.04 48.19 -1.80
CA PRO M 495 63.63 46.85 -1.66
C PRO M 495 65.05 46.93 -1.19
N VAL M 496 65.46 45.94 -0.42
CA VAL M 496 66.83 45.79 0.04
C VAL M 496 67.42 44.60 -0.70
N THR M 497 68.42 44.86 -1.54
CA THR M 497 69.03 43.84 -2.38
C THR M 497 70.23 43.18 -1.73
N VAL M 498 70.63 43.61 -0.54
CA VAL M 498 71.82 43.10 0.13
C VAL M 498 71.50 42.85 1.60
N ASP M 499 72.29 41.98 2.22
CA ASP M 499 72.16 41.74 3.64
C ASP M 499 72.50 43.01 4.42
N ASP M 500 72.13 43.02 5.70
CA ASP M 500 72.30 44.21 6.51
C ASP M 500 71.67 45.43 5.86
N PRO M 501 70.34 45.46 5.74
CA PRO M 501 69.69 46.76 5.48
C PRO M 501 69.99 47.75 6.57
N TRP M 502 70.13 47.27 7.80
CA TRP M 502 70.61 48.06 8.92
C TRP M 502 72.07 47.66 9.09
N GLY M 503 72.96 48.43 8.47
CA GLY M 503 74.37 48.09 8.47
C GLY M 503 74.90 47.79 9.85
N TYR M 504 76.07 47.17 9.92
CA TYR M 504 76.74 46.90 11.19
C TYR M 504 75.95 45.90 12.02
N GLY M 505 75.38 44.89 11.37
CA GLY M 505 74.58 43.89 12.05
C GLY M 505 75.41 42.78 12.64
N ASN M 506 74.74 41.90 13.37
CA ASN M 506 75.38 40.79 14.07
C ASN M 506 74.51 39.56 13.90
N SER M 507 74.78 38.53 14.71
CA SER M 507 73.87 37.43 14.99
C SER M 507 73.80 36.36 13.90
N LEU M 508 74.54 36.48 12.80
CA LEU M 508 74.56 35.45 11.77
C LEU M 508 73.28 35.45 10.95
N GLU M 509 72.32 36.27 11.36
CA GLU M 509 71.05 36.37 10.65
C GLU M 509 71.15 37.28 9.45
N TRP M 510 72.09 38.23 9.48
CA TRP M 510 72.34 39.13 8.38
C TRP M 510 73.50 38.65 7.51
N ALA M 511 73.88 37.38 7.62
CA ALA M 511 74.88 36.78 6.76
C ALA M 511 74.24 35.98 5.63
N THR M 512 72.93 36.10 5.45
CA THR M 512 72.21 35.38 4.41
C THR M 512 71.35 36.36 3.62
N SER M 513 71.09 36.01 2.36
CA SER M 513 70.29 36.83 1.47
C SER M 513 69.11 37.42 2.23
N CYS M 514 68.94 38.74 2.10
CA CYS M 514 68.03 39.43 3.00
C CYS M 514 66.63 38.84 2.97
N PRO M 515 66.06 38.47 1.82
CA PRO M 515 65.04 37.41 1.83
C PRO M 515 65.71 36.06 1.96
N PRO M 516 65.68 35.45 3.13
CA PRO M 516 66.54 34.30 3.38
C PRO M 516 66.16 33.14 2.48
N PRO M 517 67.13 32.39 1.96
CA PRO M 517 66.78 31.23 1.14
C PRO M 517 66.11 30.18 2.01
N ARG M 518 65.29 29.34 1.38
CA ARG M 518 64.80 28.16 2.06
C ARG M 518 65.97 27.42 2.67
N HIS M 519 65.86 27.11 3.96
CA HIS M 519 66.94 26.54 4.76
C HIS M 519 67.95 27.59 5.19
N ASN M 520 67.59 28.87 5.05
CA ASN M 520 68.16 29.97 5.82
C ASN M 520 69.56 30.40 5.40
N PHE M 521 70.25 29.61 4.58
CA PHE M 521 71.65 29.87 4.29
C PHE M 521 72.08 29.16 3.02
N THR M 522 72.91 29.84 2.23
CA THR M 522 73.72 29.22 1.19
C THR M 522 75.21 29.39 1.47
N GLU M 523 75.57 30.19 2.48
CA GLU M 523 76.97 30.52 2.73
C GLU M 523 77.07 30.91 4.20
N LEU M 524 77.82 30.13 4.98
CA LEU M 524 77.87 30.31 6.42
C LEU M 524 79.25 30.77 6.84
N PRO M 525 79.38 31.90 7.53
CA PRO M 525 80.71 32.39 7.91
C PRO M 525 81.34 31.51 8.99
N ARG M 526 82.67 31.57 9.04
CA ARG M 526 83.43 30.94 10.12
C ARG M 526 83.13 31.70 11.39
N ILE M 527 82.31 31.10 12.26
CA ILE M 527 81.83 31.78 13.46
C ILE M 527 82.96 31.86 14.48
N ARG M 528 83.34 33.09 14.84
CA ARG M 528 84.46 33.33 15.75
C ARG M 528 84.05 34.05 17.01
N SER M 529 82.93 34.75 17.03
CA SER M 529 82.51 35.52 18.18
C SER M 529 80.98 35.54 18.22
N GLU M 530 80.45 36.35 19.14
CA GLU M 530 79.01 36.46 19.30
C GLU M 530 78.33 37.07 18.08
N ARG M 531 79.10 37.76 17.23
CA ARG M 531 78.54 38.62 16.18
C ARG M 531 79.23 38.32 14.86
N PRO M 532 78.99 37.12 14.30
CA PRO M 532 79.73 36.71 13.10
C PRO M 532 79.47 37.60 11.89
N ALA M 533 78.25 38.12 11.73
CA ALA M 533 77.95 38.90 10.54
C ALA M 533 78.81 40.16 10.49
N PHE M 534 78.98 40.83 11.62
CA PHE M 534 79.81 42.02 11.65
C PHE M 534 81.24 41.70 11.29
N GLU M 535 81.76 40.57 11.77
CA GLU M 535 83.12 40.18 11.44
C GLU M 535 83.26 39.88 9.95
N LEU M 536 82.25 39.23 9.37
CA LEU M 536 82.28 38.97 7.93
C LEU M 536 82.28 40.27 7.13
N HIS M 537 81.32 41.14 7.42
CA HIS M 537 81.19 42.35 6.60
C HIS M 537 82.29 43.36 6.89
N TYR M 538 82.89 43.32 8.08
CA TYR M 538 83.93 44.26 8.47
C TYR M 538 85.13 43.48 9.02
N PRO M 539 85.88 42.81 8.14
CA PRO M 539 87.04 42.05 8.63
C PRO M 539 88.05 42.88 9.38
N HIS M 540 88.25 44.13 8.96
CA HIS M 540 89.28 44.97 9.59
C HIS M 540 88.98 45.20 11.08
N MET M 541 87.72 45.22 11.47
CA MET M 541 87.38 45.40 12.87
C MET M 541 87.62 44.16 13.70
N VAL M 542 87.79 43.00 13.07
CA VAL M 542 87.94 41.75 13.82
C VAL M 542 88.98 41.92 14.92
N GLU M 543 90.22 42.23 14.52
CA GLU M 543 91.27 42.44 15.50
C GLU M 543 90.84 43.50 16.52
N ARG M 544 90.33 44.63 16.03
CA ARG M 544 89.85 45.66 16.93
C ARG M 544 88.84 45.09 17.92
N MET M 545 87.87 44.32 17.43
CA MET M 545 86.88 43.75 18.32
C MET M 545 87.53 42.96 19.44
N ARG M 546 88.61 42.23 19.13
CA ARG M 546 89.30 41.44 20.14
C ARG M 546 90.15 42.31 21.07
N ALA M 547 90.63 43.46 20.59
CA ALA M 547 91.52 44.31 21.37
C ALA M 547 90.77 45.19 22.35
N GLU M 548 89.83 46.00 21.86
CA GLU M 548 89.12 46.92 22.73
C GLU M 548 88.09 46.24 23.60
N ALA M 549 87.81 44.95 23.39
CA ALA M 549 86.75 44.28 24.13
C ALA M 549 86.95 44.41 25.63
N HIS M 550 88.15 44.10 26.12
CA HIS M 550 88.37 44.00 27.56
C HIS M 550 88.36 45.36 28.24
N VAL M 551 88.66 46.43 27.51
CA VAL M 551 88.86 47.73 28.14
C VAL M 551 87.58 48.19 28.85
N GLY M 552 86.44 48.04 28.19
CA GLY M 552 85.18 48.46 28.77
C GLY M 552 85.08 49.96 28.94
N MET N 1 67.12 11.09 -12.89
CA MET N 1 66.66 9.86 -12.18
C MET N 1 67.57 8.72 -12.63
N THR N 2 68.89 8.93 -12.50
CA THR N 2 69.84 7.87 -12.83
C THR N 2 69.69 6.72 -11.83
N SER N 3 70.08 6.96 -10.58
CA SER N 3 69.77 6.06 -9.48
C SER N 3 68.96 6.76 -8.40
N ALA N 4 69.45 7.89 -7.89
CA ALA N 4 68.77 8.64 -6.84
C ALA N 4 69.53 9.93 -6.55
N VAL N 5 68.82 11.00 -6.18
CA VAL N 5 69.48 12.24 -5.82
C VAL N 5 69.93 12.22 -4.37
N GLY N 6 69.09 11.73 -3.47
CA GLY N 6 69.47 11.53 -2.09
C GLY N 6 69.78 10.07 -1.80
N THR N 7 71.07 9.73 -1.69
CA THR N 7 71.50 8.36 -1.47
C THR N 7 71.21 7.98 -0.02
N SER N 8 69.92 7.84 0.28
CA SER N 8 69.46 7.47 1.61
C SER N 8 68.65 6.18 1.52
N GLY N 9 68.82 5.32 2.53
CA GLY N 9 68.15 4.03 2.50
C GLY N 9 66.63 4.15 2.55
N THR N 10 66.13 5.15 3.29
CA THR N 10 64.70 5.32 3.48
C THR N 10 64.34 6.79 3.34
N ALA N 11 63.08 7.04 2.96
CA ALA N 11 62.59 8.40 2.87
C ALA N 11 62.62 9.11 4.20
N ILE N 12 62.67 8.37 5.30
CA ILE N 12 62.69 8.91 6.65
C ILE N 12 63.93 8.40 7.36
N THR N 13 64.71 9.31 7.94
CA THR N 13 65.94 8.98 8.62
C THR N 13 65.99 9.73 9.95
N SER N 14 66.96 9.36 10.78
CA SER N 14 67.12 10.02 12.07
C SER N 14 67.34 11.51 11.86
N ARG N 15 66.69 12.32 12.71
CA ARG N 15 66.75 13.77 12.55
C ARG N 15 68.13 14.33 12.87
N VAL N 16 68.96 13.58 13.60
CA VAL N 16 70.38 13.88 13.75
C VAL N 16 71.09 12.56 14.03
N HIS N 17 72.32 12.45 13.53
CA HIS N 17 73.08 11.21 13.69
C HIS N 17 73.35 10.93 15.16
N SER N 18 72.72 9.89 15.70
CA SER N 18 72.76 9.62 17.13
C SER N 18 74.11 9.11 17.61
N LEU N 19 75.02 8.77 16.70
CA LEU N 19 76.31 8.22 17.12
C LEU N 19 77.20 9.30 17.72
N ASN N 20 77.47 10.36 16.94
CA ASN N 20 78.34 11.45 17.39
C ASN N 20 77.56 12.71 17.74
N ARG N 21 76.24 12.70 17.63
CA ARG N 21 75.39 13.84 17.92
C ARG N 21 74.18 13.37 18.69
N PRO N 22 73.57 14.22 19.51
CA PRO N 22 72.43 13.77 20.33
C PRO N 22 71.24 13.39 19.48
N ASN N 23 70.49 12.40 19.95
CA ASN N 23 69.25 11.99 19.30
C ASN N 23 68.23 13.09 19.53
N MET N 24 68.01 13.93 18.52
CA MET N 24 67.24 15.16 18.72
C MET N 24 65.83 14.86 19.16
N VAL N 25 65.21 13.82 18.59
CA VAL N 25 63.86 13.45 19.00
C VAL N 25 63.86 13.03 20.47
N SER N 26 64.93 12.38 20.92
CA SER N 26 65.03 12.02 22.34
C SER N 26 65.08 13.27 23.20
N VAL N 27 65.83 14.28 22.78
CA VAL N 27 65.89 15.53 23.54
C VAL N 27 64.52 16.17 23.59
N GLY N 28 63.82 16.22 22.47
CA GLY N 28 62.50 16.84 22.45
C GLY N 28 61.52 16.12 23.35
N THR N 29 61.50 14.78 23.28
CA THR N 29 60.57 14.04 24.13
C THR N 29 60.95 14.17 25.60
N ILE N 30 62.25 14.25 25.91
CA ILE N 30 62.65 14.44 27.29
C ILE N 30 62.16 15.79 27.80
N VAL N 31 62.28 16.83 26.98
CA VAL N 31 61.78 18.15 27.39
C VAL N 31 60.28 18.09 27.64
N TRP N 32 59.54 17.48 26.71
CA TRP N 32 58.09 17.45 26.87
C TRP N 32 57.69 16.63 28.10
N LEU N 33 58.40 15.53 28.36
CA LEU N 33 58.12 14.75 29.57
C LEU N 33 58.40 15.58 30.82
N SER N 34 59.49 16.34 30.80
CA SER N 34 59.79 17.20 31.94
C SER N 34 58.67 18.21 32.18
N SER N 35 58.02 18.67 31.11
CA SER N 35 56.89 19.58 31.28
C SER N 35 55.65 18.86 31.80
N GLU N 36 55.36 17.68 31.26
CA GLU N 36 54.23 16.90 31.76
C GLU N 36 54.42 16.57 33.23
N LEU N 37 55.67 16.48 33.68
CA LEU N 37 55.91 16.35 35.11
C LEU N 37 55.31 17.53 35.87
N MET N 38 55.43 18.74 35.33
CA MET N 38 54.93 19.90 36.05
C MET N 38 53.41 19.96 35.97
N PHE N 39 52.83 19.44 34.89
CA PHE N 39 51.38 19.23 34.86
C PHE N 39 50.94 18.33 36.02
N PHE N 40 51.58 17.17 36.14
CA PHE N 40 51.27 16.30 37.26
C PHE N 40 51.59 16.98 38.58
N ALA N 41 52.52 17.94 38.57
CA ALA N 41 52.80 18.72 39.77
C ALA N 41 51.60 19.56 40.15
N GLY N 42 50.95 20.17 39.16
CA GLY N 42 49.70 20.87 39.45
C GLY N 42 48.68 19.95 40.08
N LEU N 43 48.52 18.75 39.52
CA LEU N 43 47.59 17.79 40.10
C LEU N 43 47.97 17.42 41.54
N PHE N 44 49.26 17.15 41.77
CA PHE N 44 49.73 16.82 43.11
C PHE N 44 49.51 17.97 44.07
N ALA N 45 49.70 19.21 43.61
CA ALA N 45 49.44 20.36 44.46
C ALA N 45 47.98 20.41 44.88
N MET N 46 47.07 20.18 43.93
CA MET N 46 45.66 20.10 44.28
C MET N 46 45.43 19.05 45.36
N TYR N 47 45.93 17.85 45.15
CA TYR N 47 45.69 16.77 46.10
C TYR N 47 46.28 17.10 47.46
N PHE N 48 47.49 17.67 47.50
CA PHE N 48 48.16 17.92 48.77
C PHE N 48 47.48 19.03 49.55
N THR N 49 47.06 20.11 48.86
CA THR N 49 46.34 21.16 49.57
C THR N 49 45.00 20.65 50.07
N ALA N 50 44.37 19.74 49.33
CA ALA N 50 43.17 19.10 49.87
C ALA N 50 43.50 18.27 51.10
N ARG N 51 44.62 17.55 51.06
CA ARG N 51 45.00 16.70 52.18
C ARG N 51 45.22 17.52 53.44
N ALA N 52 45.88 18.67 53.31
CA ALA N 52 46.18 19.50 54.47
C ALA N 52 44.91 19.97 55.16
N GLN N 53 43.80 20.06 54.43
CA GLN N 53 42.58 20.66 54.95
C GLN N 53 41.58 19.64 55.47
N ALA N 54 41.97 18.40 55.66
CA ALA N 54 41.08 17.42 56.25
C ALA N 54 41.21 17.40 57.77
N GLY N 55 40.18 16.87 58.42
CA GLY N 55 40.13 16.86 59.88
C GLY N 55 40.85 15.70 60.50
N GLY N 56 42.01 15.33 59.96
CA GLY N 56 42.84 14.29 60.52
C GLY N 56 42.63 12.91 59.94
N ALA N 57 41.52 12.70 59.22
CA ALA N 57 41.22 11.42 58.55
C ALA N 57 41.09 11.73 57.06
N TRP N 58 42.23 11.75 56.37
CA TRP N 58 42.26 12.25 55.00
C TRP N 58 41.38 11.45 54.05
N PRO N 59 41.41 10.12 54.04
CA PRO N 59 40.40 9.38 53.28
C PRO N 59 39.10 9.29 54.07
N PRO N 60 38.04 9.98 53.63
CA PRO N 60 36.77 9.95 54.38
C PRO N 60 36.30 8.55 54.74
N GLU N 61 35.39 8.46 55.70
CA GLU N 61 34.84 7.18 56.10
C GLU N 61 34.25 6.40 54.93
N PRO N 62 33.42 6.99 54.06
CA PRO N 62 32.85 6.18 52.96
C PRO N 62 33.91 5.60 52.04
N THR N 63 35.03 6.27 51.86
CA THR N 63 36.10 5.79 50.98
C THR N 63 37.05 4.89 51.77
N GLU N 64 37.39 3.75 51.17
CA GLU N 64 38.36 2.82 51.76
C GLU N 64 39.20 2.28 50.60
N LEU N 65 40.42 2.79 50.48
CA LEU N 65 41.25 2.48 49.32
C LEU N 65 41.43 0.98 49.18
N ASN N 66 41.28 0.48 47.96
CA ASN N 66 41.41 -0.94 47.67
C ASN N 66 42.86 -1.24 47.31
N LEU N 67 43.68 -1.36 48.35
CA LEU N 67 45.10 -1.64 48.13
C LEU N 67 45.30 -3.04 47.57
N ALA N 68 44.39 -3.97 47.85
CA ALA N 68 44.54 -5.34 47.37
C ALA N 68 44.66 -5.38 45.85
N LEU N 69 43.88 -4.56 45.15
CA LEU N 69 44.00 -4.45 43.71
C LEU N 69 44.93 -3.32 43.28
N ALA N 70 45.24 -2.40 44.18
CA ALA N 70 46.09 -1.27 43.83
C ALA N 70 47.56 -1.66 43.74
N VAL N 71 48.03 -2.55 44.61
CA VAL N 71 49.41 -3.01 44.55
C VAL N 71 49.65 -3.80 43.27
N PRO N 72 48.79 -4.77 42.94
CA PRO N 72 49.02 -5.54 41.70
C PRO N 72 49.13 -4.67 40.45
N VAL N 73 48.33 -3.61 40.33
CA VAL N 73 48.40 -2.79 39.13
C VAL N 73 49.73 -2.05 39.06
N THR N 74 50.23 -1.58 40.20
CA THR N 74 51.54 -0.94 40.22
C THR N 74 52.64 -1.94 39.85
N LEU N 75 52.54 -3.16 40.36
CA LEU N 75 53.50 -4.19 39.98
C LEU N 75 53.46 -4.44 38.48
N VAL N 76 52.25 -4.50 37.91
CA VAL N 76 52.10 -4.73 36.47
C VAL N 76 52.68 -3.56 35.69
N LEU N 77 52.52 -2.33 36.20
CA LEU N 77 53.07 -1.18 35.51
C LEU N 77 54.59 -1.19 35.51
N ILE N 78 55.21 -1.54 36.64
CA ILE N 78 56.67 -1.60 36.66
C ILE N 78 57.18 -2.73 35.77
N ALA N 79 56.46 -3.86 35.74
CA ALA N 79 56.82 -4.94 34.83
C ALA N 79 56.71 -4.50 33.39
N SER N 80 55.67 -3.72 33.07
CA SER N 80 55.52 -3.18 31.72
C SER N 80 56.66 -2.24 31.39
N SER N 81 57.12 -1.47 32.37
CA SER N 81 58.29 -0.61 32.13
C SER N 81 59.52 -1.45 31.82
N PHE N 82 59.72 -2.54 32.55
CA PHE N 82 60.86 -3.41 32.27
C PHE N 82 60.76 -4.01 30.87
N THR N 83 59.58 -4.47 30.49
CA THR N 83 59.42 -5.04 29.15
C THR N 83 59.58 -3.98 28.07
N CYS N 84 59.17 -2.75 28.36
CA CYS N 84 59.41 -1.65 27.42
C CYS N 84 60.90 -1.39 27.26
N GLN N 85 61.65 -1.46 28.36
CA GLN N 85 63.09 -1.28 28.24
C GLN N 85 63.73 -2.43 27.46
N MET N 86 63.19 -3.65 27.60
CA MET N 86 63.64 -4.74 26.77
C MET N 86 63.32 -4.48 25.29
N GLY N 87 62.13 -3.94 25.02
CA GLY N 87 61.80 -3.54 23.67
C GLY N 87 62.77 -2.52 23.12
N VAL N 88 63.20 -1.59 23.97
CA VAL N 88 64.21 -0.61 23.56
C VAL N 88 65.51 -1.33 23.22
N PHE N 89 65.94 -2.25 24.08
CA PHE N 89 67.16 -3.01 23.83
C PHE N 89 67.09 -3.71 22.48
N ALA N 90 65.93 -4.26 22.15
CA ALA N 90 65.74 -4.85 20.83
C ALA N 90 65.73 -3.79 19.74
N ALA N 91 65.25 -2.59 20.05
CA ALA N 91 65.15 -1.54 19.04
C ALA N 91 66.52 -1.04 18.61
N GLU N 92 67.45 -0.87 19.57
CA GLU N 92 68.79 -0.44 19.17
C GLU N 92 69.37 -1.37 18.12
N ARG N 93 69.06 -2.66 18.20
CA ARG N 93 69.42 -3.60 17.16
C ARG N 93 68.42 -3.52 16.01
N GLY N 94 68.74 -4.22 14.92
CA GLY N 94 67.82 -4.29 13.81
C GLY N 94 66.64 -5.20 14.02
N ASP N 95 66.52 -5.79 15.22
CA ASP N 95 65.47 -6.75 15.53
C ASP N 95 64.17 -5.99 15.74
N VAL N 96 63.48 -5.70 14.63
CA VAL N 96 62.16 -5.09 14.74
C VAL N 96 61.18 -6.06 15.38
N PHE N 97 61.39 -7.36 15.19
CA PHE N 97 60.43 -8.33 15.67
C PHE N 97 60.50 -8.46 17.19
N GLY N 98 61.70 -8.43 17.75
CA GLY N 98 61.83 -8.40 19.20
C GLY N 98 61.25 -7.14 19.80
N LEU N 99 61.50 -6.00 19.16
CA LEU N 99 60.89 -4.75 19.60
C LEU N 99 59.37 -4.88 19.60
N ARG N 100 58.81 -5.45 18.53
CA ARG N 100 57.36 -5.59 18.45
C ARG N 100 56.83 -6.52 19.53
N ARG N 101 57.52 -7.63 19.79
CA ARG N 101 57.07 -8.55 20.82
C ARG N 101 57.08 -7.88 22.19
N TRP N 102 58.19 -7.24 22.53
CA TRP N 102 58.33 -6.60 23.83
C TRP N 102 57.30 -5.49 24.00
N TYR N 103 57.12 -4.67 22.96
CA TYR N 103 56.16 -3.58 23.06
C TYR N 103 54.72 -4.09 23.07
N VAL N 104 54.46 -5.21 22.43
CA VAL N 104 53.12 -5.78 22.48
C VAL N 104 52.80 -6.25 23.88
N ILE N 105 53.74 -6.94 24.52
CA ILE N 105 53.47 -7.37 25.89
C ILE N 105 53.40 -6.18 26.83
N THR N 106 54.21 -5.13 26.58
CA THR N 106 54.08 -3.91 27.36
C THR N 106 52.71 -3.26 27.18
N PHE N 107 52.21 -3.25 25.95
CA PHE N 107 50.88 -2.71 25.68
C PHE N 107 49.82 -3.53 26.41
N LEU N 108 49.96 -4.85 26.41
CA LEU N 108 49.02 -5.70 27.12
C LEU N 108 49.05 -5.41 28.62
N MET N 109 50.24 -5.27 29.19
CA MET N 109 50.34 -4.97 30.61
C MET N 109 49.77 -3.60 30.94
N GLY N 110 49.99 -2.61 30.08
CA GLY N 110 49.41 -1.29 30.32
C GLY N 110 47.91 -1.31 30.22
N LEU N 111 47.37 -2.05 29.24
CA LEU N 111 45.93 -2.20 29.14
C LEU N 111 45.36 -2.90 30.36
N PHE N 112 46.07 -3.90 30.88
CA PHE N 112 45.62 -4.57 32.10
C PHE N 112 45.65 -3.61 33.28
N PHE N 113 46.67 -2.76 33.36
CA PHE N 113 46.71 -1.75 34.40
C PHE N 113 45.52 -0.81 34.30
N VAL N 114 45.19 -0.38 33.08
CA VAL N 114 44.05 0.50 32.89
C VAL N 114 42.76 -0.20 33.30
N LEU N 115 42.61 -1.47 32.93
CA LEU N 115 41.40 -2.22 33.28
C LEU N 115 41.29 -2.37 34.80
N GLY N 116 42.40 -2.66 35.46
CA GLY N 116 42.38 -2.76 36.91
C GLY N 116 42.05 -1.44 37.58
N GLN N 117 42.59 -0.34 37.03
CA GLN N 117 42.25 0.97 37.56
C GLN N 117 40.78 1.27 37.37
N GLY N 118 40.20 0.88 36.23
CA GLY N 118 38.77 1.05 36.05
C GLY N 118 37.96 0.22 37.03
N TYR N 119 38.40 -1.01 37.28
CA TYR N 119 37.72 -1.86 38.26
C TYR N 119 37.75 -1.22 39.64
N GLU N 120 38.92 -0.73 40.04
CA GLU N 120 39.02 -0.05 41.33
C GLU N 120 38.18 1.21 41.36
N TYR N 121 38.11 1.93 40.24
CA TYR N 121 37.27 3.12 40.16
C TYR N 121 35.82 2.79 40.41
N ILE N 122 35.31 1.74 39.75
CA ILE N 122 33.91 1.38 39.93
C ILE N 122 33.67 0.87 41.34
N HIS N 123 34.65 0.16 41.92
CA HIS N 123 34.51 -0.29 43.30
C HIS N 123 34.40 0.89 44.25
N LEU N 124 35.25 1.91 44.06
CA LEU N 124 35.16 3.10 44.90
C LEU N 124 33.85 3.83 44.68
N VAL N 125 33.42 3.96 43.43
CA VAL N 125 32.21 4.72 43.12
C VAL N 125 30.99 4.05 43.77
N GLU N 126 30.87 2.74 43.63
CA GLU N 126 29.71 2.06 44.20
C GLU N 126 29.67 2.22 45.72
N HIS N 127 30.83 2.27 46.36
CA HIS N 127 30.91 2.50 47.81
C HIS N 127 31.12 3.97 48.12
N GLY N 128 30.27 4.85 47.57
CA GLY N 128 30.19 6.22 48.00
C GLY N 128 31.04 7.24 47.28
N THR N 129 32.37 7.12 47.39
CA THR N 129 33.26 8.19 46.94
C THR N 129 33.12 8.44 45.44
N THR N 130 32.96 9.71 45.08
CA THR N 130 32.82 10.12 43.69
C THR N 130 33.31 11.55 43.56
N ILE N 131 33.61 11.95 42.32
CA ILE N 131 34.09 13.31 42.08
C ILE N 131 33.12 14.36 42.61
N PRO N 132 31.82 14.28 42.33
CA PRO N 132 30.90 15.27 42.90
C PRO N 132 30.48 14.96 44.33
N GLY N 133 31.18 14.02 44.97
CA GLY N 133 30.79 13.59 46.30
C GLY N 133 31.64 14.16 47.42
N SER N 134 32.95 14.17 47.24
CA SER N 134 33.85 14.56 48.33
C SER N 134 35.12 15.17 47.77
N ALA N 135 35.78 15.96 48.62
CA ALA N 135 37.05 16.57 48.22
C ALA N 135 38.11 15.50 47.99
N TYR N 136 38.24 14.55 48.92
CA TYR N 136 39.18 13.46 48.71
C TYR N 136 38.84 12.69 47.46
N GLY N 137 37.57 12.30 47.30
CA GLY N 137 37.18 11.56 46.12
C GLY N 137 37.51 12.31 44.85
N SER N 138 37.24 13.61 44.84
CA SER N 138 37.45 14.39 43.62
C SER N 138 38.93 14.53 43.30
N VAL N 139 39.76 14.87 44.30
CA VAL N 139 41.19 15.03 44.01
C VAL N 139 41.80 13.69 43.62
N PHE N 140 41.47 12.63 44.35
CA PHE N 140 42.00 11.30 44.02
C PHE N 140 41.61 10.90 42.61
N TYR N 141 40.33 11.02 42.27
CA TYR N 141 39.89 10.64 40.94
C TYR N 141 40.54 11.51 39.88
N LEU N 142 40.66 12.81 40.14
CA LEU N 142 41.25 13.70 39.15
C LEU N 142 42.70 13.31 38.86
N ALA N 143 43.50 13.16 39.92
CA ALA N 143 44.90 12.83 39.72
C ALA N 143 45.06 11.47 39.06
N THR N 144 44.42 10.45 39.62
CA THR N 144 44.56 9.10 39.07
C THR N 144 44.01 9.02 37.66
N GLY N 145 42.95 9.79 37.34
CA GLY N 145 42.38 9.73 36.02
C GLY N 145 43.17 10.47 34.98
N PHE N 146 43.84 11.56 35.36
CA PHE N 146 44.77 12.18 34.42
C PHE N 146 45.98 11.29 34.19
N HIS N 147 46.45 10.59 35.23
CA HIS N 147 47.48 9.60 35.00
C HIS N 147 46.98 8.49 34.07
N GLY N 148 45.73 8.07 34.26
CA GLY N 148 45.18 7.04 33.39
C GLY N 148 45.03 7.49 31.96
N LEU N 149 44.68 8.77 31.76
CA LEU N 149 44.66 9.33 30.42
C LEU N 149 46.06 9.32 29.81
N HIS N 150 47.07 9.64 30.62
CA HIS N 150 48.44 9.54 30.13
C HIS N 150 48.78 8.11 29.75
N VAL N 151 48.34 7.14 30.56
CA VAL N 151 48.59 5.74 30.25
C VAL N 151 47.91 5.34 28.95
N ILE N 152 46.68 5.80 28.75
CA ILE N 152 45.95 5.50 27.53
C ILE N 152 46.65 6.12 26.33
N GLY N 153 47.17 7.34 26.49
CA GLY N 153 47.97 7.93 25.43
C GLY N 153 49.22 7.12 25.14
N GLY N 154 49.84 6.57 26.18
CA GLY N 154 50.99 5.71 25.96
C GLY N 154 50.64 4.44 25.22
N LEU N 155 49.49 3.86 25.53
CA LEU N 155 49.02 2.69 24.79
C LEU N 155 48.74 3.05 23.34
N VAL N 156 48.16 4.23 23.11
CA VAL N 156 47.93 4.71 21.75
C VAL N 156 49.27 4.83 21.02
N ALA N 157 50.27 5.40 21.68
CA ALA N 157 51.59 5.51 21.08
C ALA N 157 52.17 4.14 20.77
N PHE N 158 51.99 3.19 21.68
CA PHE N 158 52.50 1.84 21.46
C PHE N 158 51.88 1.24 20.20
N VAL N 159 50.56 1.28 20.09
CA VAL N 159 49.90 0.68 18.93
C VAL N 159 50.29 1.41 17.65
N LEU N 160 50.33 2.75 17.69
CA LEU N 160 50.72 3.50 16.51
C LEU N 160 52.13 3.17 16.09
N LEU N 161 53.05 3.03 17.04
CA LEU N 161 54.44 2.78 16.68
C LEU N 161 54.64 1.35 16.20
N LEU N 162 53.91 0.39 16.77
CA LEU N 162 53.96 -0.97 16.24
C LEU N 162 53.46 -0.99 14.79
N ALA N 163 52.35 -0.31 14.53
CA ALA N 163 51.85 -0.22 13.16
C ALA N 163 52.89 0.43 12.26
N ARG N 164 53.53 1.50 12.73
CA ARG N 164 54.53 2.19 11.92
C ARG N 164 55.70 1.27 11.60
N THR N 165 56.17 0.52 12.58
CA THR N 165 57.22 -0.47 12.32
C THR N 165 56.75 -1.53 11.35
N LYS N 166 55.44 -1.76 11.27
CA LYS N 166 54.93 -2.75 10.32
C LYS N 166 54.93 -2.24 8.89
N MET N 167 54.88 -0.93 8.67
CA MET N 167 54.69 -0.37 7.35
C MET N 167 55.96 0.16 6.70
N SER N 168 57.12 -0.02 7.33
CA SER N 168 58.37 0.42 6.72
C SER N 168 59.50 -0.43 7.26
N LYS N 169 60.58 -0.50 6.50
CA LYS N 169 61.74 -1.27 6.94
C LYS N 169 62.34 -0.61 8.17
N PHE N 170 62.62 -1.41 9.19
CA PHE N 170 63.01 -0.88 10.48
C PHE N 170 64.26 -0.02 10.35
N THR N 171 64.11 1.27 10.59
CA THR N 171 65.16 2.26 10.41
C THR N 171 65.65 2.74 11.76
N PRO N 172 66.84 3.34 11.81
CA PRO N 172 67.27 4.01 13.05
C PRO N 172 66.27 5.06 13.50
N ALA N 173 65.57 5.71 12.57
CA ALA N 173 64.51 6.62 12.97
C ALA N 173 63.41 5.89 13.71
N GLN N 174 63.05 4.69 13.26
CA GLN N 174 62.06 3.89 13.97
C GLN N 174 62.57 3.50 15.35
N ALA N 175 63.87 3.19 15.44
CA ALA N 175 64.45 2.87 16.75
C ALA N 175 64.37 4.07 17.68
N THR N 176 64.64 5.28 17.17
CA THR N 176 64.52 6.47 18.00
C THR N 176 63.07 6.70 18.43
N ALA N 177 62.13 6.46 17.51
CA ALA N 177 60.72 6.59 17.87
C ALA N 177 60.36 5.63 18.99
N ALA N 178 60.83 4.38 18.89
CA ALA N 178 60.58 3.41 19.95
C ALA N 178 61.22 3.84 21.26
N ILE N 179 62.42 4.40 21.18
CA ILE N 179 63.11 4.85 22.39
C ILE N 179 62.35 5.97 23.06
N VAL N 180 61.84 6.93 22.28
CA VAL N 180 61.09 8.03 22.88
C VAL N 180 59.78 7.55 23.45
N VAL N 181 59.13 6.58 22.79
CA VAL N 181 57.91 6.01 23.36
C VAL N 181 58.21 5.33 24.68
N SER N 182 59.34 4.62 24.75
CA SER N 182 59.75 4.00 26.01
C SER N 182 60.01 5.07 27.06
N TYR N 183 60.62 6.19 26.68
CA TYR N 183 60.82 7.28 27.62
C TYR N 183 59.49 7.76 28.17
N TYR N 184 58.50 7.91 27.31
CA TYR N 184 57.18 8.34 27.77
C TYR N 184 56.58 7.33 28.73
N TRP N 185 56.71 6.04 28.42
CA TRP N 185 56.15 5.02 29.30
C TRP N 185 56.86 5.01 30.65
N HIS N 186 58.17 5.20 30.64
CA HIS N 186 58.93 5.26 31.89
C HIS N 186 58.48 6.46 32.72
N PHE N 187 58.24 7.60 32.07
CA PHE N 187 57.68 8.75 32.77
C PHE N 187 56.31 8.41 33.37
N VAL N 188 55.48 7.71 32.59
CA VAL N 188 54.13 7.39 33.05
C VAL N 188 54.18 6.54 34.31
N ASP N 189 54.99 5.48 34.29
CA ASP N 189 55.00 4.59 35.46
C ASP N 189 55.76 5.21 36.62
N ILE N 190 56.74 6.09 36.37
CA ILE N 190 57.37 6.81 37.47
C ILE N 190 56.34 7.70 38.16
N VAL N 191 55.55 8.42 37.37
CA VAL N 191 54.49 9.23 37.94
C VAL N 191 53.51 8.36 38.71
N TRP N 192 53.23 7.16 38.20
CA TRP N 192 52.35 6.27 38.94
C TRP N 192 52.96 5.86 40.26
N ILE N 193 54.27 5.58 40.27
CA ILE N 193 54.91 5.19 41.52
C ILE N 193 54.79 6.32 42.54
N ALA N 194 54.98 7.56 42.09
CA ALA N 194 54.77 8.69 42.99
C ALA N 194 53.33 8.76 43.48
N LEU N 195 52.37 8.59 42.56
CA LEU N 195 50.96 8.68 42.93
C LEU N 195 50.56 7.57 43.88
N PHE N 196 51.19 6.40 43.76
CA PHE N 196 50.91 5.31 44.68
C PHE N 196 51.54 5.56 46.04
N ALA N 197 52.79 6.03 46.05
CA ALA N 197 53.45 6.33 47.31
C ALA N 197 52.73 7.44 48.06
N THR N 198 52.01 8.30 47.36
CA THR N 198 51.26 9.38 48.00
C THR N 198 49.85 8.94 48.36
N ILE N 199 49.08 8.48 47.36
CA ILE N 199 47.67 8.16 47.56
C ILE N 199 47.51 6.99 48.53
N TYR N 200 48.27 5.92 48.31
CA TYR N 200 48.04 4.65 49.01
C TYR N 200 48.98 4.42 50.18
N PHE N 201 50.23 4.87 50.08
CA PHE N 201 51.19 4.65 51.16
C PHE N 201 51.17 5.79 52.17
N VAL N 202 51.44 7.02 51.72
CA VAL N 202 51.48 8.15 52.62
C VAL N 202 50.07 8.47 53.15
N ARG N 203 49.06 8.34 52.29
CA ARG N 203 47.68 8.62 52.69
C ARG N 203 47.55 10.06 53.17
N MET O 1 77.30 19.26 24.28
CA MET O 1 76.10 19.10 25.16
C MET O 1 76.43 19.37 26.62
N HIS O 2 77.56 20.02 26.86
CA HIS O 2 77.98 20.29 28.23
C HIS O 2 77.46 21.63 28.73
N ILE O 3 77.45 22.65 27.87
CA ILE O 3 77.02 23.99 28.29
C ILE O 3 75.53 23.99 28.59
N GLU O 4 74.73 23.45 27.67
CA GLU O 4 73.29 23.38 27.89
C GLU O 4 72.93 22.40 28.98
N ALA O 5 73.84 21.48 29.32
CA ALA O 5 73.64 20.67 30.52
C ALA O 5 73.87 21.51 31.77
N ARG O 6 75.06 22.12 31.87
CA ARG O 6 75.37 22.92 33.05
C ARG O 6 74.28 23.95 33.31
N LEU O 7 73.71 24.52 32.24
CA LEU O 7 72.59 25.45 32.42
C LEU O 7 71.50 24.81 33.27
N PHE O 8 71.11 23.58 32.92
CA PHE O 8 70.01 22.93 33.62
C PHE O 8 70.41 22.44 35.01
N GLU O 9 71.67 22.05 35.23
CA GLU O 9 72.06 21.77 36.62
C GLU O 9 72.07 23.02 37.48
N ILE O 10 72.46 24.17 36.93
CA ILE O 10 72.37 25.41 37.69
C ILE O 10 70.91 25.71 38.05
N LEU O 11 70.02 25.59 37.06
CA LEU O 11 68.60 25.82 37.32
C LEU O 11 68.08 24.83 38.36
N THR O 12 68.47 23.56 38.25
CA THR O 12 68.04 22.55 39.20
C THR O 12 68.51 22.89 40.60
N ALA O 13 69.76 23.31 40.74
CA ALA O 13 70.28 23.66 42.05
C ALA O 13 69.48 24.81 42.65
N PHE O 14 69.25 25.86 41.87
CA PHE O 14 68.50 27.00 42.40
C PHE O 14 67.09 26.58 42.78
N PHE O 15 66.43 25.79 41.94
CA PHE O 15 65.05 25.41 42.23
C PHE O 15 64.97 24.51 43.46
N ALA O 16 65.93 23.60 43.61
CA ALA O 16 65.97 22.79 44.83
C ALA O 16 66.15 23.67 46.06
N LEU O 17 67.06 24.64 45.99
CA LEU O 17 67.27 25.54 47.11
C LEU O 17 65.98 26.31 47.43
N ALA O 18 65.32 26.83 46.39
CA ALA O 18 64.12 27.62 46.60
C ALA O 18 63.00 26.78 47.20
N ALA O 19 62.82 25.55 46.70
CA ALA O 19 61.80 24.68 47.24
C ALA O 19 62.10 24.35 48.71
N VAL O 20 63.36 24.06 49.02
CA VAL O 20 63.72 23.70 50.39
C VAL O 20 63.46 24.88 51.32
N VAL O 21 63.86 26.09 50.93
CA VAL O 21 63.68 27.24 51.80
C VAL O 21 62.20 27.57 51.96
N TYR O 22 61.43 27.45 50.87
CA TYR O 22 59.99 27.67 50.97
C TYR O 22 59.35 26.68 51.92
N ALA O 23 59.70 25.41 51.79
CA ALA O 23 59.14 24.40 52.68
C ALA O 23 59.50 24.66 54.13
N VAL O 24 60.78 25.01 54.38
CA VAL O 24 61.21 25.24 55.76
C VAL O 24 60.53 26.47 56.34
N LEU O 25 60.41 27.53 55.56
CA LEU O 25 59.87 28.79 56.06
C LEU O 25 58.35 28.82 56.07
N THR O 26 57.68 27.88 55.41
CA THR O 26 56.24 27.75 55.50
C THR O 26 55.79 26.72 56.52
N ALA O 27 56.53 25.62 56.67
CA ALA O 27 56.21 24.66 57.71
C ALA O 27 56.15 25.32 59.07
N MET O 28 56.95 26.38 59.27
CA MET O 28 56.85 27.24 60.42
C MET O 28 57.14 28.67 59.97
N PHE O 29 56.51 29.63 60.63
CA PHE O 29 56.34 31.02 60.19
C PHE O 29 55.17 31.19 59.23
N ALA O 30 54.31 30.19 59.07
CA ALA O 30 53.12 30.31 58.25
C ALA O 30 51.90 29.83 59.05
N THR O 31 50.73 30.32 58.65
CA THR O 31 49.51 30.00 59.39
C THR O 31 49.23 28.51 59.38
N GLY O 32 49.34 27.87 58.22
CA GLY O 32 49.01 26.46 58.10
C GLY O 32 50.18 25.60 57.65
N GLY O 33 51.38 25.91 58.15
CA GLY O 33 52.53 25.12 57.77
C GLY O 33 52.83 25.26 56.29
N VAL O 34 53.31 24.14 55.71
CA VAL O 34 53.68 24.15 54.30
C VAL O 34 52.47 24.49 53.45
N GLU O 35 52.66 25.37 52.48
CA GLU O 35 51.54 25.78 51.62
C GLU O 35 51.02 24.60 50.80
N TRP O 36 51.90 23.67 50.44
CA TRP O 36 51.53 22.42 49.77
C TRP O 36 51.10 22.66 48.32
N ALA O 37 51.03 23.92 47.89
CA ALA O 37 50.78 24.26 46.50
C ALA O 37 52.03 24.88 45.87
N GLY O 38 52.54 25.95 46.45
CA GLY O 38 53.83 26.46 46.00
C GLY O 38 54.96 25.50 46.26
N THR O 39 54.92 24.80 47.40
CA THR O 39 55.99 23.87 47.74
C THR O 39 56.09 22.75 46.72
N THR O 40 54.96 22.09 46.42
CA THR O 40 54.98 21.01 45.45
C THR O 40 55.35 21.52 44.07
N ALA O 41 54.87 22.71 43.69
CA ALA O 41 55.21 23.26 42.39
C ALA O 41 56.71 23.50 42.28
N LEU O 42 57.31 24.06 43.33
CA LEU O 42 58.75 24.28 43.31
C LEU O 42 59.50 22.95 43.28
N VAL O 43 59.05 21.97 44.05
CA VAL O 43 59.72 20.68 44.05
C VAL O 43 59.69 20.05 42.67
N LEU O 44 58.55 20.10 42.00
CA LEU O 44 58.45 19.42 40.71
C LEU O 44 58.97 20.24 39.55
N THR O 45 59.12 21.56 39.69
CA THR O 45 59.90 22.28 38.69
C THR O 45 61.39 22.01 38.88
N THR O 46 61.82 21.86 40.13
CA THR O 46 63.16 21.33 40.37
C THR O 46 63.33 19.98 39.69
N GLY O 47 62.30 19.13 39.79
CA GLY O 47 62.35 17.85 39.11
C GLY O 47 62.38 17.97 37.60
N LEU O 48 61.63 18.93 37.06
CA LEU O 48 61.67 19.22 35.62
C LEU O 48 63.09 19.52 35.18
N THR O 49 63.71 20.51 35.83
CA THR O 49 65.08 20.86 35.49
C THR O 49 66.02 19.69 35.72
N LEU O 50 65.77 18.91 36.78
CA LEU O 50 66.63 17.78 37.08
C LEU O 50 66.59 16.73 35.98
N ILE O 51 65.40 16.41 35.48
CA ILE O 51 65.28 15.43 34.41
C ILE O 51 65.99 15.93 33.16
N THR O 52 65.70 17.18 32.76
CA THR O 52 66.32 17.68 31.54
C THR O 52 67.84 17.73 31.68
N GLY O 53 68.33 18.21 32.83
CA GLY O 53 69.76 18.31 33.02
C GLY O 53 70.44 16.95 33.14
N THR O 54 69.78 15.98 33.76
CA THR O 54 70.33 14.65 33.85
C THR O 54 70.45 14.02 32.47
N PHE O 55 69.41 14.16 31.65
CA PHE O 55 69.50 13.65 30.28
C PHE O 55 70.61 14.35 29.52
N PHE O 56 70.71 15.68 29.65
CA PHE O 56 71.73 16.42 28.92
C PHE O 56 73.13 16.00 29.37
N ARG O 57 73.34 15.81 30.66
CA ARG O 57 74.65 15.37 31.15
C ARG O 57 74.96 13.96 30.68
N PHE O 58 73.97 13.06 30.72
CA PHE O 58 74.17 11.73 30.20
C PHE O 58 74.63 11.78 28.74
N VAL O 59 73.92 12.54 27.92
CA VAL O 59 74.27 12.61 26.50
C VAL O 59 75.65 13.24 26.33
N ALA O 60 75.94 14.29 27.10
CA ALA O 60 77.23 14.96 26.97
C ALA O 60 78.38 14.02 27.29
N ARG O 61 78.23 13.21 28.35
CA ARG O 61 79.24 12.20 28.64
C ARG O 61 79.28 11.14 27.55
N ARG O 62 78.13 10.82 26.96
CA ARG O 62 78.07 9.85 25.86
C ARG O 62 78.64 10.39 24.57
N LEU O 63 78.75 11.71 24.42
CA LEU O 63 79.07 12.35 23.15
C LEU O 63 80.43 13.01 23.21
N ASP O 64 81.25 12.77 22.19
CA ASP O 64 82.47 13.56 22.02
C ASP O 64 82.09 14.97 21.58
N THR O 65 83.01 15.91 21.84
CA THR O 65 82.75 17.31 21.53
C THR O 65 82.25 17.47 20.11
N ARG O 66 81.05 18.03 19.97
CA ARG O 66 80.51 18.34 18.65
C ARG O 66 81.14 19.62 18.13
N PRO O 67 81.10 19.84 16.82
CA PRO O 67 81.56 21.14 16.32
C PRO O 67 80.82 22.30 16.96
N GLU O 68 79.50 22.17 17.13
CA GLU O 68 78.73 23.24 17.75
C GLU O 68 79.17 23.49 19.19
N ASP O 69 79.66 22.46 19.87
CA ASP O 69 80.18 22.61 21.23
C ASP O 69 81.68 22.89 21.24
N TYR O 70 82.31 23.03 20.09
CA TYR O 70 83.75 23.20 19.98
C TYR O 70 84.06 24.61 19.50
N GLU O 71 84.81 25.36 20.30
CA GLU O 71 85.34 26.64 19.86
C GLU O 71 86.38 26.42 18.77
N ASP O 72 86.50 27.40 17.88
CA ASP O 72 87.48 27.33 16.79
C ASP O 72 87.17 26.16 15.85
N ALA O 73 85.89 25.97 15.55
CA ALA O 73 85.44 24.93 14.65
C ALA O 73 85.10 25.53 13.29
N GLU O 74 85.69 24.99 12.23
CA GLU O 74 85.40 25.47 10.90
C GLU O 74 84.02 25.00 10.45
N ILE O 75 83.41 25.78 9.54
CA ILE O 75 82.09 25.39 9.03
C ILE O 75 82.18 24.05 8.31
N SER O 76 83.28 23.80 7.62
CA SER O 76 83.45 22.52 6.94
C SER O 76 83.47 21.35 7.92
N ASP O 77 83.78 21.60 9.19
CA ASP O 77 83.78 20.52 10.16
C ASP O 77 82.39 19.92 10.33
N GLY O 78 81.38 20.77 10.44
CA GLY O 78 80.02 20.28 10.60
C GLY O 78 79.33 19.92 9.31
N ALA O 79 79.95 20.20 8.17
CA ALA O 79 79.31 19.92 6.89
C ALA O 79 79.15 18.42 6.68
N GLY O 80 77.99 18.04 6.17
CA GLY O 80 77.68 16.64 5.95
C GLY O 80 76.19 16.43 6.05
N GLU O 81 75.81 15.15 6.07
CA GLU O 81 74.41 14.77 6.14
C GLU O 81 73.77 15.22 7.45
N LEU O 82 72.91 16.23 7.38
CA LEU O 82 71.98 16.49 8.48
C LEU O 82 70.79 15.56 8.36
N GLY O 83 70.05 15.42 9.46
CA GLY O 83 68.99 14.45 9.51
C GLY O 83 67.76 14.86 8.73
N PHE O 84 66.74 14.03 8.84
CA PHE O 84 65.47 14.29 8.14
C PHE O 84 64.75 15.46 8.79
N PHE O 85 64.31 16.41 7.97
CA PHE O 85 63.54 17.56 8.42
C PHE O 85 62.26 17.59 7.60
N ALA O 86 61.14 17.37 8.27
CA ALA O 86 59.90 17.08 7.57
C ALA O 86 59.55 18.21 6.60
N PRO O 87 59.34 17.92 5.32
CA PRO O 87 58.87 18.97 4.41
C PRO O 87 57.40 19.27 4.66
N HIS O 88 56.78 20.03 3.75
CA HIS O 88 55.38 20.41 3.86
C HIS O 88 54.53 19.26 4.38
N SER O 89 53.63 19.58 5.30
CA SER O 89 52.67 18.61 5.81
C SER O 89 51.41 19.36 6.25
N TRP O 90 50.25 18.84 5.87
CA TRP O 90 48.97 19.42 6.26
C TRP O 90 48.33 18.68 7.43
N TRP O 91 49.06 17.76 8.04
CA TRP O 91 48.51 17.01 9.17
C TRP O 91 48.51 17.84 10.44
N PRO O 92 49.48 18.72 10.67
CA PRO O 92 49.43 19.56 11.87
C PRO O 92 48.15 20.38 11.99
N ILE O 93 47.66 20.96 10.89
CA ILE O 93 46.43 21.74 10.98
C ILE O 93 45.25 20.83 11.31
N LEU O 94 45.25 19.60 10.79
CA LEU O 94 44.18 18.67 11.11
C LEU O 94 44.22 18.25 12.56
N ILE O 95 45.42 18.04 13.11
CA ILE O 95 45.54 17.73 14.54
C ILE O 95 45.03 18.90 15.36
N SER O 96 45.38 20.13 14.97
CA SER O 96 44.90 21.30 15.69
C SER O 96 43.38 21.38 15.65
N LEU O 97 42.78 21.14 14.48
CA LEU O 97 41.33 21.18 14.38
C LEU O 97 40.69 20.09 15.20
N SER O 98 41.29 18.89 15.21
CA SER O 98 40.75 17.80 16.01
C SER O 98 40.76 18.15 17.49
N PHE O 99 41.89 18.68 17.97
CA PHE O 99 41.97 19.05 19.37
C PHE O 99 41.04 20.21 19.68
N SER O 100 40.83 21.12 18.73
CA SER O 100 39.87 22.19 18.94
C SER O 100 38.45 21.65 19.04
N THR O 101 38.11 20.66 18.21
CA THR O 101 36.80 20.02 18.32
C THR O 101 36.62 19.37 19.67
N ALA O 102 37.64 18.64 20.13
CA ALA O 102 37.57 18.04 21.46
C ALA O 102 37.47 19.10 22.54
N ALA O 103 38.19 20.21 22.39
CA ALA O 103 38.18 21.27 23.39
C ALA O 103 36.82 21.94 23.48
N VAL O 104 36.17 22.19 22.34
CA VAL O 104 34.84 22.78 22.39
C VAL O 104 33.83 21.78 22.95
N GLY O 105 33.98 20.49 22.60
CA GLY O 105 33.14 19.49 23.21
C GLY O 105 33.35 19.36 24.70
N ALA O 106 34.52 19.76 25.20
CA ALA O 106 34.75 19.77 26.64
C ALA O 106 34.15 21.02 27.27
N ALA O 107 34.46 22.19 26.74
CA ALA O 107 33.92 23.44 27.25
C ALA O 107 32.40 23.38 27.24
N LEU O 108 31.82 23.33 26.05
CA LEU O 108 30.40 22.99 25.91
C LEU O 108 30.26 21.51 26.21
N TRP O 109 29.59 21.17 27.30
CA TRP O 109 29.61 19.77 27.71
C TRP O 109 28.81 18.94 26.72
N LEU O 110 29.49 18.47 25.68
CA LEU O 110 28.90 17.68 24.61
C LEU O 110 29.70 16.38 24.52
N PRO O 111 29.36 15.38 25.33
CA PRO O 111 30.15 14.13 25.33
C PRO O 111 30.30 13.54 23.95
N TRP O 112 29.26 13.63 23.11
CA TRP O 112 29.39 13.17 21.74
C TRP O 112 30.48 13.94 21.00
N LEU O 113 30.53 15.26 21.20
CA LEU O 113 31.56 16.05 20.55
C LEU O 113 32.93 15.75 21.12
N ILE O 114 33.03 15.47 22.42
CA ILE O 114 34.31 15.07 22.99
C ILE O 114 34.79 13.78 22.35
N ALA O 115 33.89 12.80 22.21
CA ALA O 115 34.27 11.53 21.59
C ALA O 115 34.67 11.73 20.14
N ALA O 116 33.91 12.52 19.40
CA ALA O 116 34.26 12.80 18.00
C ALA O 116 35.60 13.49 17.90
N GLY O 117 35.87 14.45 18.78
CA GLY O 117 37.16 15.12 18.77
C GLY O 117 38.30 14.20 19.12
N VAL O 118 38.08 13.28 20.06
CA VAL O 118 39.13 12.32 20.41
C VAL O 118 39.41 11.41 19.23
N ALA O 119 38.36 10.93 18.56
CA ALA O 119 38.56 10.12 17.36
C ALA O 119 39.32 10.90 16.30
N PHE O 120 38.95 12.16 16.09
CA PHE O 120 39.65 12.98 15.10
C PHE O 120 41.10 13.18 15.50
N VAL O 121 41.37 13.37 16.78
CA VAL O 121 42.75 13.56 17.24
C VAL O 121 43.56 12.30 17.00
N ILE O 122 43.00 11.13 17.31
CA ILE O 122 43.73 9.90 17.05
C ILE O 122 44.00 9.74 15.56
N THR O 123 42.99 10.00 14.73
CA THR O 123 43.16 9.85 13.28
C THR O 123 44.22 10.81 12.75
N SER O 124 44.18 12.07 13.18
CA SER O 124 45.13 13.05 12.66
C SER O 124 46.54 12.80 13.18
N VAL O 125 46.68 12.35 14.43
CA VAL O 125 48.00 12.03 14.94
C VAL O 125 48.54 10.78 14.25
N CYS O 126 47.68 9.83 13.92
CA CYS O 126 48.11 8.70 13.11
C CYS O 126 48.60 9.17 11.75
N GLY O 127 47.84 10.07 11.11
CA GLY O 127 48.26 10.59 9.83
C GLY O 127 49.60 11.27 9.88
N LEU O 128 49.82 12.10 10.92
CA LEU O 128 51.10 12.78 11.06
C LEU O 128 52.22 11.80 11.32
N VAL O 129 52.01 10.86 12.25
CA VAL O 129 53.06 9.94 12.64
C VAL O 129 53.38 8.99 11.49
N PHE O 130 52.38 8.58 10.73
CA PHE O 130 52.55 7.68 9.60
C PHE O 130 52.82 8.41 8.29
N GLU O 131 52.89 9.75 8.31
CA GLU O 131 52.92 10.49 7.05
C GLU O 131 54.12 10.08 6.19
N TYR O 132 55.29 9.91 6.80
CA TYR O 132 56.50 9.60 6.06
C TYR O 132 56.90 8.14 6.19
N TYR O 133 55.95 7.26 6.48
CA TYR O 133 56.20 5.83 6.52
C TYR O 133 55.21 5.01 5.71
N TRP O 134 54.05 5.55 5.36
CA TRP O 134 53.08 4.82 4.56
C TRP O 134 53.70 4.33 3.26
N GLY O 135 53.89 3.03 3.11
CA GLY O 135 54.47 2.48 1.92
C GLY O 135 53.57 2.68 0.72
N PRO O 136 54.11 2.54 -0.49
CA PRO O 136 53.30 2.71 -1.69
C PRO O 136 52.18 1.68 -1.74
N GLU O 137 51.06 2.08 -2.33
CA GLU O 137 49.95 1.14 -2.53
C GLU O 137 50.40 -0.02 -3.42
N LYS O 138 50.07 -1.23 -3.01
CA LYS O 138 50.52 -2.42 -3.71
C LYS O 138 49.53 -2.92 -4.76
N HIS O 139 48.30 -2.42 -4.74
CA HIS O 139 47.28 -2.88 -5.68
C HIS O 139 47.03 -4.37 -5.54
N MET P 1 31.45 64.76 32.80
CA MET P 1 31.38 66.25 32.77
C MET P 1 31.46 66.78 31.34
N SER P 2 30.45 67.54 30.94
CA SER P 2 30.40 68.17 29.61
C SER P 2 30.52 67.11 28.51
N THR P 3 29.50 66.26 28.46
CA THR P 3 29.43 65.19 27.47
C THR P 3 29.92 65.65 26.10
N ALA P 4 29.36 66.74 25.59
CA ALA P 4 29.77 67.24 24.29
C ALA P 4 31.26 67.61 24.30
N LEU P 5 31.70 68.33 25.33
CA LEU P 5 33.08 68.79 25.37
C LEU P 5 34.05 67.62 25.47
N THR P 6 33.81 66.70 26.40
CA THR P 6 34.72 65.58 26.57
C THR P 6 34.72 64.67 25.35
N HIS P 7 33.56 64.45 24.74
CA HIS P 7 33.52 63.60 23.55
C HIS P 7 34.26 64.27 22.40
N GLY P 8 34.08 65.57 22.23
CA GLY P 8 34.83 66.29 21.20
C GLY P 8 36.32 66.22 21.44
N LEU P 9 36.74 66.35 22.70
CA LEU P 9 38.16 66.23 23.04
C LEU P 9 38.68 64.84 22.67
N ILE P 10 37.96 63.79 23.10
CA ILE P 10 38.42 62.43 22.84
C ILE P 10 38.50 62.18 21.34
N GLY P 11 37.55 62.72 20.57
CA GLY P 11 37.56 62.49 19.14
C GLY P 11 38.53 63.37 18.36
N GLY P 12 38.93 64.51 18.91
CA GLY P 12 39.73 65.45 18.16
C GLY P 12 41.20 65.47 18.54
N VAL P 13 41.51 65.40 19.83
CA VAL P 13 42.90 65.43 20.26
C VAL P 13 43.72 64.35 19.57
N PRO P 14 43.29 63.08 19.53
CA PRO P 14 44.01 62.12 18.69
C PRO P 14 44.10 62.54 17.24
N LEU P 15 43.01 63.06 16.68
CA LEU P 15 43.02 63.45 15.26
C LEU P 15 43.96 64.63 15.02
N VAL P 16 43.88 65.64 15.87
CA VAL P 16 44.73 66.82 15.70
C VAL P 16 46.19 66.47 15.88
N LEU P 17 46.49 65.67 16.91
CA LEU P 17 47.86 65.22 17.13
C LEU P 17 48.37 64.40 15.95
N PHE P 18 47.53 63.51 15.43
CA PHE P 18 47.91 62.72 14.28
C PHE P 18 48.24 63.62 13.09
N ALA P 19 47.38 64.61 12.83
CA ALA P 19 47.62 65.51 11.71
C ALA P 19 48.91 66.29 11.88
N VAL P 20 49.16 66.78 13.09
CA VAL P 20 50.37 67.58 13.34
C VAL P 20 51.62 66.72 13.13
N LEU P 21 51.64 65.52 13.71
CA LEU P 21 52.81 64.66 13.55
C LEU P 21 52.97 64.19 12.11
N ALA P 22 51.87 63.95 11.40
CA ALA P 22 51.99 63.60 9.99
C ALA P 22 52.62 64.73 9.20
N LEU P 23 52.18 65.97 9.46
CA LEU P 23 52.80 67.11 8.79
C LEU P 23 54.27 67.20 9.15
N ILE P 24 54.62 66.88 10.39
CA ILE P 24 56.01 67.01 10.82
C ILE P 24 56.89 65.95 10.16
N PHE P 25 56.39 64.73 10.01
CA PHE P 25 57.19 63.61 9.54
C PHE P 25 56.93 63.25 8.08
N LEU P 26 55.68 63.01 7.70
CA LEU P 26 55.39 62.61 6.33
C LEU P 26 55.80 63.68 5.32
N THR P 27 55.99 64.92 5.76
CA THR P 27 56.40 66.00 4.88
C THR P 27 57.91 66.19 4.85
N ARG P 28 58.67 65.11 5.08
CA ARG P 28 60.12 65.15 5.01
C ARG P 28 60.59 64.40 3.77
N LYS P 29 61.63 64.92 3.13
CA LYS P 29 62.18 64.25 1.96
C LYS P 29 62.59 62.83 2.33
N GLY P 30 62.14 61.87 1.54
CA GLY P 30 62.44 60.48 1.80
C GLY P 30 63.82 60.10 1.33
N PRO P 31 64.21 58.87 1.63
CA PRO P 31 65.53 58.38 1.18
C PRO P 31 65.57 57.97 -0.28
N HIS P 32 64.41 57.88 -0.94
CA HIS P 32 64.40 57.54 -2.35
C HIS P 32 65.04 58.67 -3.17
N PRO P 33 65.87 58.34 -4.16
CA PRO P 33 66.49 59.39 -4.96
C PRO P 33 65.44 60.22 -5.69
N ASP P 34 65.74 61.50 -5.86
CA ASP P 34 64.87 62.38 -6.63
C ASP P 34 64.85 61.94 -8.09
N THR P 35 63.70 62.14 -8.73
CA THR P 35 63.53 61.68 -10.11
C THR P 35 64.55 62.34 -11.03
N TYR P 36 65.02 61.59 -12.02
CA TYR P 36 66.04 62.07 -12.94
C TYR P 36 65.41 63.04 -13.93
N LYS P 37 65.73 64.33 -13.79
CA LYS P 37 65.28 65.31 -14.76
C LYS P 37 66.00 65.10 -16.08
N MET P 38 65.27 65.27 -17.19
CA MET P 38 65.83 64.99 -18.50
C MET P 38 67.01 65.91 -18.80
N SER P 39 66.87 67.20 -18.48
CA SER P 39 67.92 68.15 -18.82
C SER P 39 69.23 67.80 -18.12
N ASP P 40 69.15 67.44 -16.84
CA ASP P 40 70.36 67.12 -16.10
C ASP P 40 71.02 65.86 -16.66
N PRO P 41 72.35 65.78 -16.63
CA PRO P 41 73.03 64.61 -17.18
C PRO P 41 72.76 63.36 -16.36
N TRP P 42 72.89 62.22 -17.02
CA TRP P 42 72.70 60.92 -16.38
C TRP P 42 73.87 60.63 -15.45
N THR P 43 73.62 60.64 -14.13
CA THR P 43 74.65 60.40 -13.15
C THR P 43 74.65 58.97 -12.61
N HIS P 44 73.55 58.24 -12.77
CA HIS P 44 73.47 56.88 -12.27
C HIS P 44 74.37 55.95 -13.07
N ALA P 45 74.72 54.83 -12.46
CA ALA P 45 75.48 53.80 -13.14
C ALA P 45 74.61 53.12 -14.19
N PRO P 46 75.22 52.44 -15.16
CA PRO P 46 74.42 51.78 -16.20
C PRO P 46 73.40 50.83 -15.59
N ILE P 47 72.20 50.83 -16.16
CA ILE P 47 71.08 50.03 -15.69
C ILE P 47 70.68 49.08 -16.80
N LEU P 48 70.50 47.80 -16.45
CA LEU P 48 69.94 46.81 -17.36
C LEU P 48 68.76 46.16 -16.67
N TRP P 49 67.57 46.32 -17.24
CA TRP P 49 66.35 45.75 -16.69
C TRP P 49 65.85 44.67 -17.63
N ALA P 50 65.59 43.48 -17.09
CA ALA P 50 65.15 42.34 -17.88
C ALA P 50 63.86 41.79 -17.30
N ALA P 51 63.08 41.15 -18.16
CA ALA P 51 61.73 40.76 -17.78
C ALA P 51 61.71 39.56 -16.86
N GLU P 52 62.67 38.65 -16.99
CA GLU P 52 62.62 37.32 -16.39
C GLU P 52 61.38 36.55 -16.84
N GLU P 53 60.78 36.96 -17.95
CA GLU P 53 59.43 36.52 -18.28
C GLU P 53 59.39 35.13 -18.87
N PRO P 54 60.14 34.81 -19.93
CA PRO P 54 60.06 33.46 -20.49
C PRO P 54 60.87 32.46 -19.67
N ARG P 55 60.34 31.24 -19.58
CA ARG P 55 60.99 30.19 -18.81
C ARG P 55 62.41 29.97 -19.29
N GLU P 56 63.35 29.93 -18.35
CA GLU P 56 64.77 29.90 -18.66
C GLU P 56 65.31 28.47 -18.67
N HIS P 57 64.76 27.67 -19.58
CA HIS P 57 65.26 26.32 -19.80
C HIS P 57 65.42 25.59 -18.47
N GLY P 58 66.64 25.23 -18.09
CA GLY P 58 66.90 24.71 -16.77
C GLY P 58 67.16 25.83 -15.78
N HIS P 59 66.59 25.69 -14.58
CA HIS P 59 66.74 26.73 -13.57
C HIS P 59 68.15 26.75 -12.99
N GLY P 60 68.86 25.63 -13.03
CA GLY P 60 70.25 25.64 -12.61
C GLY P 60 71.08 26.50 -13.55
N GLY P 61 72.11 27.14 -12.99
CA GLY P 61 72.94 28.01 -13.78
C GLY P 61 73.68 27.27 -14.88
N HIS P 62 74.20 26.09 -14.57
CA HIS P 62 74.95 25.30 -15.54
C HIS P 62 74.01 24.68 -16.57
N GLY P 63 74.56 24.37 -17.74
CA GLY P 63 73.82 23.75 -18.81
C GLY P 63 73.24 24.71 -19.83
N HIS P 64 73.22 26.00 -19.54
CA HIS P 64 72.72 26.97 -20.51
C HIS P 64 73.74 27.23 -21.60
N ASP P 65 75.03 27.18 -21.27
CA ASP P 65 76.10 27.41 -22.24
C ASP P 65 76.03 28.82 -22.81
N SER P 66 76.96 29.15 -23.70
CA SER P 66 77.00 30.45 -24.38
C SER P 66 77.00 30.17 -25.87
N HIS P 67 75.81 30.01 -26.45
CA HIS P 67 75.71 29.67 -27.86
C HIS P 67 76.10 30.85 -28.75
N GLY P 68 75.72 32.06 -28.36
CA GLY P 68 76.05 33.25 -29.11
C GLY P 68 74.93 34.27 -29.04
N VAL P 69 75.28 35.53 -29.29
CA VAL P 69 74.30 36.60 -29.26
C VAL P 69 73.30 36.45 -30.40
N VAL P 70 73.78 36.01 -31.57
CA VAL P 70 72.97 35.84 -32.77
C VAL P 70 71.96 36.97 -32.90
N ILE P 71 72.46 38.21 -32.93
CA ILE P 71 71.58 39.35 -33.03
C ILE P 71 70.73 39.24 -34.28
N GLY P 72 69.41 39.42 -34.12
CA GLY P 72 68.49 39.24 -35.22
C GLY P 72 67.93 40.54 -35.75
N GLY P 73 68.73 41.59 -35.72
CA GLY P 73 68.33 42.86 -36.28
C GLY P 73 68.66 44.00 -35.33
N GLY P 74 68.27 45.20 -35.75
CA GLY P 74 68.50 46.38 -34.96
C GLY P 74 67.75 47.60 -35.43
N ALA P 75 67.46 48.51 -34.51
CA ALA P 75 66.81 49.78 -34.84
C ALA P 75 67.44 50.86 -33.98
N SER P 76 67.31 52.11 -34.43
CA SER P 76 67.98 53.22 -33.78
C SER P 76 67.10 54.47 -33.86
N GLY P 77 67.39 55.41 -32.96
CA GLY P 77 66.70 56.68 -32.91
C GLY P 77 67.46 57.69 -32.09
N LYS P 78 67.29 58.97 -32.39
CA LYS P 78 67.99 60.05 -31.71
C LYS P 78 67.00 61.00 -31.03
N TRP P 79 65.98 60.44 -30.39
CA TRP P 79 64.95 61.23 -29.72
C TRP P 79 64.24 62.12 -30.74
N GLU Q 1 90.86 42.88 -8.20
CA GLU Q 1 89.53 42.52 -7.71
C GLU Q 1 89.23 43.29 -6.43
N LEU Q 2 87.98 43.69 -6.25
CA LEU Q 2 87.57 44.46 -5.09
C LEU Q 2 86.07 44.29 -4.87
N ASP Q 3 85.68 44.31 -3.60
CA ASP Q 3 84.27 44.31 -3.22
C ASP Q 3 83.80 45.76 -3.14
N LEU Q 4 82.62 45.99 -2.56
CA LEU Q 4 82.11 47.34 -2.43
C LEU Q 4 83.08 48.16 -1.57
N PRO Q 5 83.04 49.49 -1.71
CA PRO Q 5 84.02 50.32 -0.99
C PRO Q 5 84.05 50.05 0.50
N TYR Q 6 82.95 49.61 1.09
CA TYR Q 6 82.89 49.40 2.53
C TYR Q 6 81.75 48.45 2.87
N GLY Q 7 82.02 47.50 3.77
CA GLY Q 7 81.00 46.70 4.39
C GLY Q 7 80.59 45.46 3.63
N SER Q 8 81.10 45.23 2.43
CA SER Q 8 80.79 44.03 1.67
C SER Q 8 82.01 43.13 1.60
N ALA Q 9 81.81 41.84 1.88
CA ALA Q 9 82.89 40.87 1.90
C ALA Q 9 82.49 39.66 1.05
N LEU Q 10 83.45 39.14 0.29
CA LEU Q 10 83.22 37.90 -0.43
C LEU Q 10 83.08 36.75 0.56
N THR Q 11 82.07 35.91 0.34
CA THR Q 11 81.71 34.88 1.29
C THR Q 11 82.39 33.56 0.92
N SER Q 12 82.02 32.48 1.60
CA SER Q 12 82.68 31.19 1.38
C SER Q 12 82.50 30.73 -0.06
N SER Q 13 81.29 30.83 -0.59
CA SER Q 13 81.03 30.55 -1.99
C SER Q 13 81.00 31.88 -2.76
N GLY Q 14 80.55 31.83 -4.02
CA GLY Q 14 80.66 33.00 -4.88
C GLY Q 14 79.87 34.19 -4.38
N ARG Q 15 78.68 33.94 -3.85
CA ARG Q 15 77.77 35.04 -3.52
C ARG Q 15 78.41 36.02 -2.55
N ILE Q 16 78.19 37.31 -2.80
CA ILE Q 16 78.73 38.39 -1.98
C ILE Q 16 77.60 38.98 -1.15
N SER Q 17 77.79 39.02 0.16
CA SER Q 17 76.82 39.59 1.09
C SER Q 17 77.26 41.02 1.41
N ALA Q 18 76.61 41.99 0.79
CA ALA Q 18 76.95 43.38 1.00
C ALA Q 18 76.08 43.96 2.11
N VAL Q 19 76.31 45.23 2.44
CA VAL Q 19 75.59 45.92 3.50
C VAL Q 19 75.28 47.34 3.05
N THR Q 20 74.30 47.95 3.73
CA THR Q 20 73.95 49.34 3.51
C THR Q 20 73.93 50.06 4.86
N GLU Q 21 74.24 51.35 4.84
CA GLU Q 21 74.10 52.13 6.04
C GLU Q 21 72.64 52.13 6.47
N PRO Q 22 72.36 52.19 7.78
CA PRO Q 22 70.97 52.01 8.23
C PRO Q 22 69.98 52.93 7.54
N GLY Q 23 70.33 54.20 7.34
CA GLY Q 23 69.41 55.10 6.66
C GLY Q 23 69.31 54.83 5.17
N GLU Q 24 70.44 54.51 4.53
CA GLU Q 24 70.52 54.49 3.09
C GLU Q 24 69.77 53.30 2.49
N LEU Q 25 69.50 53.40 1.19
CA LEU Q 25 68.74 52.43 0.42
C LEU Q 25 69.68 51.54 -0.37
N SER Q 26 69.12 50.70 -1.24
CA SER Q 26 69.90 49.74 -2.00
C SER Q 26 69.82 49.97 -3.51
N VAL Q 27 68.62 50.05 -4.08
CA VAL Q 27 68.50 50.12 -5.53
C VAL Q 27 69.01 51.45 -6.07
N HIS Q 28 68.61 52.56 -5.43
CA HIS Q 28 69.10 53.88 -5.78
C HIS Q 28 68.71 54.30 -7.20
N TYR Q 29 67.69 53.69 -7.79
CA TYR Q 29 67.25 54.11 -9.11
C TYR Q 29 66.66 55.52 -9.05
N PRO Q 30 67.01 56.41 -9.99
CA PRO Q 30 66.51 57.79 -9.95
C PRO Q 30 65.10 57.94 -10.51
N PHE Q 31 64.19 57.08 -10.09
CA PHE Q 31 62.82 57.10 -10.55
C PHE Q 31 61.88 56.81 -9.40
N PRO Q 32 60.66 57.36 -9.41
CA PRO Q 32 59.68 57.00 -8.40
C PRO Q 32 59.31 55.54 -8.48
N THR Q 33 58.97 54.95 -7.34
CA THR Q 33 58.63 53.54 -7.30
C THR Q 33 57.42 53.22 -8.15
N MET Q 34 56.49 54.17 -8.29
CA MET Q 34 55.27 53.88 -9.05
C MET Q 34 55.58 53.63 -10.52
N ASP Q 35 56.44 54.47 -11.13
CA ASP Q 35 56.77 54.27 -12.53
C ASP Q 35 57.72 53.09 -12.71
N LEU Q 36 58.54 52.80 -11.71
CA LEU Q 36 59.34 51.58 -11.77
C LEU Q 36 58.44 50.34 -11.78
N VAL Q 37 57.39 50.34 -10.95
CA VAL Q 37 56.46 49.23 -10.95
C VAL Q 37 55.71 49.16 -12.27
N VAL Q 38 55.37 50.32 -12.84
CA VAL Q 38 54.69 50.32 -14.14
C VAL Q 38 55.57 49.72 -15.22
N LEU Q 39 56.85 50.10 -15.24
CA LEU Q 39 57.77 49.54 -16.23
C LEU Q 39 58.00 48.06 -15.97
N ASP Q 40 58.02 47.65 -14.71
CA ASP Q 40 58.10 46.22 -14.39
C ASP Q 40 56.89 45.49 -14.95
N ASP Q 41 55.71 46.06 -14.81
CA ASP Q 41 54.52 45.45 -15.39
C ASP Q 41 54.65 45.35 -16.90
N ALA Q 42 55.13 46.41 -17.54
CA ALA Q 42 55.26 46.41 -19.00
C ALA Q 42 56.22 45.31 -19.45
N LEU Q 43 57.34 45.15 -18.75
CA LEU Q 43 58.33 44.15 -19.13
C LEU Q 43 57.90 42.74 -18.76
N LYS Q 44 57.13 42.59 -17.69
CA LYS Q 44 56.85 41.30 -17.08
C LYS Q 44 55.62 40.63 -17.68
N TYR Q 45 54.46 41.27 -17.56
CA TYR Q 45 53.25 40.76 -18.19
C TYR Q 45 52.79 41.60 -19.37
N GLY Q 46 53.29 42.82 -19.51
CA GLY Q 46 53.11 43.57 -20.74
C GLY Q 46 53.86 43.00 -21.93
N SER Q 47 54.54 41.86 -21.74
CA SER Q 47 55.30 41.22 -22.80
C SER Q 47 54.99 39.73 -22.97
N ARG Q 48 54.13 39.16 -22.13
CA ARG Q 48 53.83 37.73 -22.21
C ARG Q 48 53.31 37.36 -23.60
N ALA Q 49 52.47 38.22 -24.19
CA ALA Q 49 52.04 37.98 -25.55
C ALA Q 49 53.22 37.88 -26.50
N ALA Q 50 54.30 38.61 -26.21
CA ALA Q 50 55.50 38.53 -27.04
C ALA Q 50 56.22 37.20 -26.84
N LYS Q 51 56.12 36.61 -25.64
CA LYS Q 51 56.87 35.39 -25.32
C LYS Q 51 58.34 35.55 -25.64
N ALA Q 52 58.83 36.79 -25.54
CA ALA Q 52 60.24 37.10 -25.74
C ALA Q 52 60.66 38.06 -24.64
N ARG Q 53 61.80 37.79 -24.01
CA ARG Q 53 62.25 38.62 -22.90
C ARG Q 53 62.52 40.03 -23.38
N PHE Q 54 61.84 40.99 -22.79
CA PHE Q 54 62.04 42.41 -23.08
C PHE Q 54 62.96 43.00 -22.02
N ALA Q 55 63.92 43.81 -22.48
CA ALA Q 55 64.92 44.38 -21.60
C ALA Q 55 65.07 45.86 -21.89
N VAL Q 56 65.50 46.59 -20.88
CA VAL Q 56 65.71 48.03 -20.95
C VAL Q 56 67.10 48.33 -20.44
N TYR Q 57 67.79 49.26 -21.10
CA TYR Q 57 69.13 49.69 -20.71
C TYR Q 57 69.15 51.21 -20.69
N ILE Q 58 68.82 51.81 -19.55
CA ILE Q 58 68.88 53.27 -19.46
C ILE Q 58 70.31 53.77 -19.46
N GLY Q 59 71.27 52.93 -19.06
CA GLY Q 59 72.64 53.34 -18.95
C GLY Q 59 73.17 53.96 -20.24
N PRO Q 60 74.27 54.70 -20.15
CA PRO Q 60 74.88 55.26 -21.35
C PRO Q 60 75.43 54.17 -22.25
N LEU Q 61 75.41 54.44 -23.56
CA LEU Q 61 75.96 53.52 -24.55
C LEU Q 61 76.74 54.37 -25.55
N GLY Q 62 78.07 54.35 -25.42
CA GLY Q 62 78.93 55.27 -26.14
C GLY Q 62 79.40 54.72 -27.47
N ALA Q 63 80.42 55.38 -28.02
CA ALA Q 63 80.98 55.01 -29.32
C ALA Q 63 79.86 54.89 -30.34
N ASP Q 64 79.92 53.88 -31.21
CA ASP Q 64 78.80 53.58 -32.10
C ASP Q 64 77.70 52.90 -31.29
N THR Q 65 76.58 53.61 -31.12
CA THR Q 65 75.52 53.11 -30.24
C THR Q 65 75.06 51.73 -30.65
N ALA Q 66 75.11 51.42 -31.95
CA ALA Q 66 74.70 50.10 -32.43
C ALA Q 66 75.47 49.00 -31.70
N ALA Q 67 76.79 48.96 -31.89
CA ALA Q 67 77.56 47.84 -31.38
C ALA Q 67 77.46 47.73 -29.87
N THR Q 68 77.52 48.86 -29.17
CA THR Q 68 77.41 48.81 -27.72
C THR Q 68 76.06 48.25 -27.29
N ALA Q 69 74.98 48.64 -27.98
CA ALA Q 69 73.70 48.02 -27.70
C ALA Q 69 73.75 46.52 -27.98
N ARG Q 70 74.53 46.10 -28.98
CA ARG Q 70 74.61 44.68 -29.29
C ARG Q 70 75.19 43.89 -28.11
N GLU Q 71 76.37 44.30 -27.61
CA GLU Q 71 76.88 43.53 -26.49
C GLU Q 71 76.21 43.87 -25.17
N ILE Q 72 75.38 44.91 -25.11
CA ILE Q 72 74.52 45.08 -23.94
C ILE Q 72 73.39 44.06 -23.97
N LEU Q 73 72.80 43.81 -25.14
CA LEU Q 73 71.84 42.72 -25.26
C LEU Q 73 72.51 41.39 -24.94
N ALA Q 74 73.76 41.23 -25.34
CA ALA Q 74 74.49 40.01 -24.98
C ALA Q 74 74.41 39.70 -23.49
N ASN Q 75 74.08 40.69 -22.65
CA ASN Q 75 73.99 40.49 -21.21
C ASN Q 75 72.60 40.06 -20.74
N VAL Q 76 71.60 40.09 -21.60
CA VAL Q 76 70.24 39.67 -21.24
C VAL Q 76 70.24 38.16 -21.07
N PRO Q 77 69.40 37.59 -20.18
CA PRO Q 77 69.49 36.14 -19.93
C PRO Q 77 69.34 35.28 -21.17
N THR Q 78 68.45 35.63 -22.11
CA THR Q 78 68.21 34.83 -23.32
C THR Q 78 68.30 35.76 -24.52
N PRO Q 79 69.51 36.05 -25.00
CA PRO Q 79 69.63 36.95 -26.15
C PRO Q 79 68.90 36.45 -27.38
N GLU Q 80 68.77 35.13 -27.55
CA GLU Q 80 68.21 34.59 -28.79
C GLU Q 80 66.82 35.15 -29.05
N ASN Q 81 65.94 35.11 -28.05
CA ASN Q 81 64.62 35.73 -28.14
C ASN Q 81 64.57 36.83 -27.08
N ALA Q 82 65.13 37.99 -27.43
CA ALA Q 82 65.19 39.11 -26.52
C ALA Q 82 65.09 40.40 -27.31
N VAL Q 83 64.40 41.38 -26.74
CA VAL Q 83 64.18 42.69 -27.35
C VAL Q 83 64.68 43.72 -26.36
N LEU Q 84 65.82 44.34 -26.65
CA LEU Q 84 66.45 45.28 -25.72
C LEU Q 84 66.33 46.70 -26.25
N LEU Q 85 65.73 47.58 -25.46
CA LEU Q 85 65.67 49.01 -25.73
C LEU Q 85 66.72 49.70 -24.87
N ALA Q 86 67.79 50.18 -25.49
CA ALA Q 86 68.84 50.91 -24.80
C ALA Q 86 68.74 52.38 -25.16
N VAL Q 87 68.86 53.24 -24.16
CA VAL Q 87 68.76 54.67 -24.34
C VAL Q 87 69.83 55.36 -23.52
N SER Q 88 70.45 56.38 -24.09
CA SER Q 88 71.37 57.24 -23.36
C SER Q 88 70.91 58.68 -23.49
N PRO Q 89 70.50 59.34 -22.41
CA PRO Q 89 70.11 60.75 -22.52
C PRO Q 89 71.29 61.69 -22.68
N ASP Q 90 72.50 61.27 -22.29
CA ASP Q 90 73.67 62.07 -22.58
C ASP Q 90 73.89 62.18 -24.08
N GLN Q 91 73.73 61.08 -24.81
CA GLN Q 91 73.82 61.08 -26.26
C GLN Q 91 72.47 61.26 -26.94
N ARG Q 92 71.38 61.25 -26.19
CA ARG Q 92 70.03 61.33 -26.76
C ARG Q 92 69.84 60.23 -27.79
N ALA Q 93 70.40 59.05 -27.50
CA ALA Q 93 70.48 57.97 -28.48
C ALA Q 93 69.61 56.81 -28.05
N ILE Q 94 68.82 56.28 -28.99
CA ILE Q 94 67.96 55.12 -28.77
C ILE Q 94 68.40 54.02 -29.73
N GLU Q 95 68.51 52.80 -29.21
CA GLU Q 95 68.87 51.65 -30.03
C GLU Q 95 68.11 50.43 -29.55
N VAL Q 96 67.50 49.71 -30.49
CA VAL Q 96 66.76 48.49 -30.19
C VAL Q 96 67.51 47.33 -30.81
N VAL Q 97 67.80 46.31 -30.00
CA VAL Q 97 68.58 45.16 -30.45
C VAL Q 97 67.75 43.90 -30.21
N TYR Q 98 67.99 42.90 -31.05
CA TYR Q 98 67.16 41.71 -31.08
C TYR Q 98 68.04 40.48 -31.15
N GLY Q 99 67.39 39.31 -31.05
CA GLY Q 99 68.04 38.04 -31.28
C GLY Q 99 67.43 37.32 -32.48
N ALA Q 100 68.10 36.23 -32.89
CA ALA Q 100 67.67 35.49 -34.06
C ALA Q 100 66.26 34.93 -33.87
N ASP Q 101 65.98 34.39 -32.68
CA ASP Q 101 64.67 33.78 -32.44
C ASP Q 101 63.55 34.80 -32.56
N VAL Q 102 63.77 36.00 -32.03
CA VAL Q 102 62.74 37.07 -32.11
C VAL Q 102 62.98 37.78 -33.43
N LYS Q 103 62.44 37.19 -34.50
CA LYS Q 103 62.58 37.75 -35.84
C LYS Q 103 61.54 37.11 -36.73
N GLY Q 104 60.91 37.91 -37.59
CA GLY Q 104 59.81 37.43 -38.38
C GLY Q 104 58.50 37.32 -37.64
N ARG Q 105 58.43 37.82 -36.41
CA ARG Q 105 57.21 37.82 -35.61
C ARG Q 105 56.57 39.19 -35.55
N GLY Q 106 56.72 40.00 -36.62
CA GLY Q 106 56.27 41.37 -36.59
C GLY Q 106 57.21 42.29 -35.83
N ILE Q 107 58.34 41.78 -35.37
CA ILE Q 107 59.24 42.58 -34.56
C ILE Q 107 59.95 43.63 -35.41
N GLU Q 108 60.26 43.30 -36.66
CA GLU Q 108 60.92 44.26 -37.53
C GLU Q 108 60.08 45.51 -37.72
N SER Q 109 58.76 45.35 -37.80
CA SER Q 109 57.87 46.50 -37.94
C SER Q 109 57.70 47.25 -36.62
N ALA Q 110 57.73 46.55 -35.49
CA ALA Q 110 57.50 47.19 -34.20
C ALA Q 110 58.75 47.84 -33.63
N ALA Q 111 59.94 47.52 -34.13
CA ALA Q 111 61.14 48.19 -33.65
C ALA Q 111 61.10 49.69 -33.91
N PRO Q 112 60.90 50.16 -35.15
CA PRO Q 112 60.77 51.61 -35.34
C PRO Q 112 59.59 52.21 -34.61
N LEU Q 113 58.50 51.46 -34.43
CA LEU Q 113 57.37 52.00 -33.69
C LEU Q 113 57.74 52.26 -32.24
N GLY Q 114 58.39 51.30 -31.59
CA GLY Q 114 58.83 51.52 -30.23
C GLY Q 114 59.84 52.65 -30.14
N VAL Q 115 60.75 52.71 -31.11
CA VAL Q 115 61.74 53.80 -31.11
C VAL Q 115 61.05 55.14 -31.20
N SER Q 116 60.05 55.25 -32.07
CA SER Q 116 59.33 56.51 -32.25
C SER Q 116 58.57 56.87 -30.98
N ALA Q 117 57.94 55.90 -30.33
CA ALA Q 117 57.23 56.18 -29.08
C ALA Q 117 58.19 56.68 -28.01
N ALA Q 118 59.33 56.01 -27.87
CA ALA Q 118 60.32 56.44 -26.89
C ALA Q 118 60.81 57.85 -27.20
N ALA Q 119 61.09 58.13 -28.49
CA ALA Q 119 61.60 59.44 -28.86
C ALA Q 119 60.58 60.53 -28.58
N ALA Q 120 59.30 60.28 -28.90
CA ALA Q 120 58.26 61.26 -28.64
C ALA Q 120 58.15 61.53 -27.14
N SER Q 121 58.18 60.47 -26.33
CA SER Q 121 58.10 60.65 -24.89
C SER Q 121 59.28 61.46 -24.38
N PHE Q 122 60.49 61.15 -24.86
CA PHE Q 122 61.68 61.86 -24.39
C PHE Q 122 61.62 63.33 -24.79
N LYS Q 123 61.14 63.62 -26.00
CA LYS Q 123 60.95 65.03 -26.39
C LYS Q 123 59.96 65.71 -25.46
N GLU Q 124 58.86 65.01 -25.11
CA GLU Q 124 57.96 65.56 -24.10
C GLU Q 124 58.64 65.71 -22.75
N GLY Q 125 59.71 64.97 -22.51
CA GLY Q 125 60.54 65.14 -21.34
C GLY Q 125 60.35 64.13 -20.23
N ASN Q 126 60.00 62.88 -20.56
CA ASN Q 126 59.76 61.85 -19.55
C ASN Q 126 60.45 60.56 -20.01
N LEU Q 127 61.59 60.25 -19.40
CA LEU Q 127 62.34 59.07 -19.80
C LEU Q 127 61.56 57.80 -19.49
N ILE Q 128 61.26 57.56 -18.21
CA ILE Q 128 60.63 56.31 -17.80
C ILE Q 128 59.30 56.11 -18.53
N ASP Q 129 58.55 57.19 -18.70
CA ASP Q 129 57.29 57.08 -19.43
C ASP Q 129 57.56 56.63 -20.87
N GLY Q 130 58.62 57.13 -21.48
CA GLY Q 130 58.98 56.68 -22.82
C GLY Q 130 59.38 55.22 -22.85
N LEU Q 131 60.16 54.79 -21.85
CA LEU Q 131 60.49 53.36 -21.74
C LEU Q 131 59.22 52.51 -21.70
N ILE Q 132 58.27 52.89 -20.85
CA ILE Q 132 57.05 52.11 -20.72
C ILE Q 132 56.28 52.10 -22.04
N SER Q 133 56.16 53.28 -22.67
CA SER Q 133 55.42 53.36 -23.93
C SER Q 133 56.06 52.50 -25.00
N ALA Q 134 57.38 52.58 -25.14
CA ALA Q 134 58.07 51.81 -26.17
C ALA Q 134 57.97 50.32 -25.90
N VAL Q 135 58.09 49.91 -24.63
CA VAL Q 135 57.97 48.51 -24.30
C VAL Q 135 56.57 48.01 -24.64
N ARG Q 136 55.54 48.78 -24.31
CA ARG Q 136 54.18 48.37 -24.63
C ARG Q 136 54.00 48.24 -26.13
N VAL Q 137 54.50 49.21 -26.90
CA VAL Q 137 54.32 49.19 -28.34
C VAL Q 137 55.01 47.97 -28.94
N MET Q 138 56.28 47.75 -28.57
CA MET Q 138 57.01 46.61 -29.11
C MET Q 138 56.37 45.30 -28.71
N SER Q 139 55.94 45.18 -27.45
CA SER Q 139 55.32 43.95 -26.99
C SER Q 139 54.05 43.66 -27.78
N ALA Q 140 53.20 44.68 -27.97
CA ALA Q 140 52.01 44.49 -28.79
C ALA Q 140 52.39 44.16 -30.23
N GLY Q 141 53.58 44.58 -30.66
CA GLY Q 141 54.04 44.23 -31.99
C GLY Q 141 54.32 42.75 -32.14
N VAL Q 142 54.91 42.12 -31.13
CA VAL Q 142 55.31 40.72 -31.23
C VAL Q 142 54.11 39.83 -30.95
N SER Q 143 53.79 38.94 -31.90
CA SER Q 143 52.79 37.90 -31.71
C SER Q 143 53.40 36.73 -30.93
N PRO Q 144 52.60 35.98 -30.18
CA PRO Q 144 53.16 34.82 -29.47
C PRO Q 144 53.82 33.86 -30.43
N ALA Q 145 54.95 33.29 -30.00
CA ALA Q 145 55.71 32.37 -30.83
C ALA Q 145 54.83 31.22 -31.31
N MET R 1 61.69 4.82 -6.67
CA MET R 1 62.04 4.63 -8.10
C MET R 1 60.87 4.03 -8.88
N SER R 2 59.84 3.59 -8.15
CA SER R 2 58.68 2.95 -8.75
C SER R 2 57.69 4.02 -9.18
N SER R 3 57.95 4.58 -10.36
CA SER R 3 57.04 5.55 -10.98
C SER R 3 57.56 5.86 -12.38
N THR R 4 56.63 6.24 -13.26
CA THR R 4 56.96 6.55 -14.65
C THR R 4 56.23 7.82 -15.07
N GLN R 5 56.90 8.61 -15.89
CA GLN R 5 56.32 9.86 -16.39
C GLN R 5 55.06 9.57 -17.20
N ASP R 6 54.10 10.47 -17.10
CA ASP R 6 52.83 10.36 -17.79
C ASP R 6 52.71 11.45 -18.85
N ARG R 7 52.04 11.13 -19.95
CA ARG R 7 51.70 12.11 -20.98
C ARG R 7 50.27 11.84 -21.43
N SER R 8 49.51 12.91 -21.64
CA SER R 8 48.09 12.81 -21.97
C SER R 8 47.77 13.69 -23.16
N GLN R 9 47.04 13.12 -24.12
CA GLN R 9 46.49 13.86 -25.24
C GLN R 9 45.04 14.19 -24.90
N LEU R 10 44.77 15.45 -24.58
CA LEU R 10 43.45 15.90 -24.15
C LEU R 10 42.84 16.76 -25.24
N ASP R 11 41.59 16.45 -25.60
CA ASP R 11 40.88 17.17 -26.66
C ASP R 11 40.72 18.63 -26.26
N PRO R 12 41.41 19.57 -26.92
CA PRO R 12 41.30 20.97 -26.54
C PRO R 12 40.18 21.70 -27.26
N GLU R 13 39.33 22.36 -26.47
CA GLU R 13 38.25 23.18 -27.02
C GLU R 13 37.79 24.20 -25.99
N VAL R 22 35.80 28.28 -27.25
CA VAL R 22 36.90 29.24 -27.26
C VAL R 22 38.21 28.51 -27.48
N GLU R 23 39.25 29.26 -27.85
CA GLU R 23 40.57 28.71 -28.14
C GLU R 23 41.58 29.15 -27.08
N ARG R 24 41.13 29.17 -25.82
CA ARG R 24 41.96 29.41 -24.65
C ARG R 24 43.03 30.47 -24.90
N HIS R 25 42.68 31.50 -25.67
CA HIS R 25 43.60 32.58 -25.99
C HIS R 25 43.28 33.87 -25.24
N THR R 26 42.01 34.11 -24.92
CA THR R 26 41.58 35.29 -24.19
C THR R 26 41.19 34.89 -22.78
N GLY R 27 41.72 35.62 -21.79
CA GLY R 27 41.42 35.31 -20.40
C GLY R 27 42.66 35.01 -19.59
N VAL R 28 42.82 33.77 -19.17
CA VAL R 28 43.89 33.36 -18.27
C VAL R 28 45.05 32.84 -19.10
N ASP R 29 46.23 32.80 -18.47
CA ASP R 29 47.43 32.28 -19.09
C ASP R 29 48.15 31.36 -18.11
N VAL R 30 48.93 30.42 -18.67
CA VAL R 30 49.53 29.37 -17.85
C VAL R 30 50.38 29.96 -16.74
N GLU R 31 50.99 31.12 -16.98
CA GLU R 31 51.82 31.72 -15.94
C GLU R 31 51.00 32.04 -14.70
N ASP R 32 49.79 32.58 -14.89
CA ASP R 32 48.92 32.87 -13.75
C ASP R 32 48.31 31.59 -13.19
N VAL R 33 47.83 30.71 -14.06
CA VAL R 33 47.23 29.44 -13.65
C VAL R 33 47.96 28.30 -14.34
N PRO R 34 48.83 27.55 -13.65
CA PRO R 34 49.71 26.60 -14.35
C PRO R 34 48.97 25.54 -15.16
N SER R 35 47.70 25.29 -14.89
CA SER R 35 46.95 24.28 -15.62
C SER R 35 45.83 24.92 -16.43
N ALA R 36 46.14 26.03 -17.11
CA ALA R 36 45.10 26.75 -17.84
C ALA R 36 44.48 25.87 -18.92
N GLU R 37 45.31 25.16 -19.69
CA GLU R 37 44.79 24.34 -20.78
C GLU R 37 43.99 23.14 -20.26
N TRP R 38 44.31 22.66 -19.06
CA TRP R 38 43.73 21.41 -18.59
C TRP R 38 42.27 21.53 -18.19
N GLY R 39 41.73 22.74 -18.13
CA GLY R 39 40.32 22.89 -17.83
C GLY R 39 39.98 24.33 -17.50
N TRP R 40 38.71 24.53 -17.20
CA TRP R 40 38.18 25.86 -16.93
C TRP R 40 38.98 26.54 -15.82
N SER R 41 39.67 27.62 -16.19
CA SER R 41 40.57 28.30 -15.27
C SER R 41 40.33 29.81 -15.17
N HIS R 42 39.44 30.36 -15.99
CA HIS R 42 39.20 31.80 -16.01
C HIS R 42 37.73 32.07 -15.70
N MET R 43 37.49 32.86 -14.67
CA MET R 43 36.18 33.45 -14.41
C MET R 43 36.29 34.95 -14.67
N PRO R 44 35.54 35.52 -15.61
CA PRO R 44 35.74 36.93 -15.95
C PRO R 44 35.59 37.82 -14.73
N ILE R 45 36.37 38.92 -14.72
CA ILE R 45 36.32 39.84 -13.59
C ILE R 45 35.01 40.61 -13.58
N GLY R 46 34.37 40.74 -14.75
CA GLY R 46 33.09 41.41 -14.80
C GLY R 46 32.05 40.70 -13.95
N VAL R 47 31.98 39.37 -14.06
CA VAL R 47 31.01 38.62 -13.27
C VAL R 47 31.38 38.68 -11.79
N MET R 48 32.69 38.65 -11.47
CA MET R 48 33.12 39.00 -10.12
C MET R 48 32.45 40.25 -9.61
N HIS R 49 32.67 41.38 -10.29
CA HIS R 49 32.24 42.65 -9.74
C HIS R 49 30.72 42.73 -9.68
N ILE R 50 30.04 42.21 -10.72
CA ILE R 50 28.58 42.21 -10.71
C ILE R 50 28.05 41.39 -9.55
N GLY R 51 28.62 40.20 -9.33
CA GLY R 51 28.17 39.36 -8.24
C GLY R 51 28.44 39.99 -6.88
N GLY R 52 29.58 40.66 -6.73
CA GLY R 52 29.86 41.36 -5.48
C GLY R 52 28.86 42.47 -5.22
N LEU R 53 28.54 43.25 -6.25
CA LEU R 53 27.53 44.30 -6.08
C LEU R 53 26.18 43.70 -5.75
N LEU R 54 25.82 42.58 -6.39
CA LEU R 54 24.55 41.94 -6.07
C LEU R 54 24.53 41.42 -4.65
N SER R 55 25.66 40.89 -4.18
CA SER R 55 25.75 40.44 -2.78
C SER R 55 25.55 41.61 -1.83
N ALA R 56 26.20 42.74 -2.10
CA ALA R 56 26.02 43.91 -1.25
C ALA R 56 24.57 44.38 -1.27
N ALA R 57 23.95 44.40 -2.45
CA ALA R 57 22.56 44.80 -2.55
C ALA R 57 21.64 43.87 -1.77
N PHE R 58 21.91 42.56 -1.84
CA PHE R 58 21.13 41.59 -1.08
C PHE R 58 21.30 41.83 0.42
N LEU R 59 22.52 42.08 0.86
CA LEU R 59 22.76 42.36 2.27
C LEU R 59 21.98 43.58 2.72
N LEU R 60 22.00 44.66 1.93
CA LEU R 60 21.21 45.84 2.29
C LEU R 60 19.73 45.50 2.34
N VAL R 61 19.20 44.86 1.30
CA VAL R 61 17.75 44.69 1.22
C VAL R 61 17.26 43.78 2.34
N MET R 62 18.11 42.89 2.84
CA MET R 62 17.65 42.10 3.99
C MET R 62 17.44 42.96 5.22
N MET R 63 17.92 44.21 5.23
CA MET R 63 17.55 45.12 6.31
C MET R 63 16.05 45.33 6.36
N ARG R 64 15.36 45.13 5.24
CA ARG R 64 13.91 45.23 5.19
C ARG R 64 13.32 43.85 5.43
N GLY R 65 12.57 43.72 6.52
CA GLY R 65 11.99 42.43 6.86
C GLY R 65 11.16 42.56 8.12
N ASN R 66 11.19 41.51 8.92
CA ASN R 66 10.49 41.47 10.20
C ASN R 66 11.53 41.25 11.29
N HIS R 67 12.10 42.34 11.79
CA HIS R 67 13.04 42.25 12.90
C HIS R 67 13.11 43.62 13.57
N VAL R 68 12.60 43.70 14.80
CA VAL R 68 12.59 44.97 15.51
C VAL R 68 14.02 45.43 15.83
N GLY R 69 14.90 44.47 16.13
CA GLY R 69 16.26 44.83 16.49
C GLY R 69 17.01 45.47 15.34
N HIS R 70 18.10 46.16 15.70
CA HIS R 70 18.91 46.88 14.72
C HIS R 70 20.39 46.52 14.74
N VAL R 71 20.85 45.73 15.70
CA VAL R 71 22.19 45.15 15.59
C VAL R 71 22.31 44.40 14.27
N GLU R 72 21.23 43.73 13.88
CA GLU R 72 21.22 42.93 12.67
C GLU R 72 21.41 43.81 11.44
N ASP R 73 20.69 44.93 11.39
CA ASP R 73 20.84 45.87 10.27
C ASP R 73 22.25 46.44 10.23
N TRP R 74 22.82 46.72 11.40
CA TRP R 74 24.18 47.27 11.42
C TRP R 74 25.19 46.25 10.92
N PHE R 75 25.05 44.98 11.30
CA PHE R 75 25.93 43.95 10.77
C PHE R 75 25.76 43.80 9.27
N LEU R 76 24.52 43.86 8.79
CA LEU R 76 24.29 43.82 7.34
C LEU R 76 25.00 44.96 6.65
N ILE R 77 24.86 46.17 7.21
CA ILE R 77 25.49 47.36 6.63
C ILE R 77 27.00 47.18 6.59
N GLY R 78 27.58 46.71 7.69
CA GLY R 78 29.02 46.54 7.74
C GLY R 78 29.52 45.53 6.71
N PHE R 79 28.85 44.38 6.61
CA PHE R 79 29.29 43.37 5.66
C PHE R 79 29.12 43.85 4.22
N ALA R 80 28.01 44.50 3.92
CA ALA R 80 27.80 45.01 2.56
C ALA R 80 28.82 46.10 2.23
N ALA R 81 29.14 46.96 3.20
CA ALA R 81 30.16 47.98 2.98
C ALA R 81 31.52 47.33 2.74
N VAL R 82 31.84 46.27 3.48
CA VAL R 82 33.09 45.57 3.25
C VAL R 82 33.13 44.99 1.84
N ILE R 83 32.04 44.37 1.40
CA ILE R 83 32.01 43.80 0.06
C ILE R 83 32.16 44.89 -0.99
N VAL R 84 31.46 46.01 -0.81
CA VAL R 84 31.53 47.11 -1.77
C VAL R 84 32.95 47.68 -1.80
N ALA R 85 33.58 47.79 -0.64
CA ALA R 85 34.95 48.31 -0.59
C ALA R 85 35.91 47.36 -1.30
N LEU R 86 35.76 46.06 -1.09
CA LEU R 86 36.62 45.10 -1.78
C LEU R 86 36.44 45.19 -3.28
N VAL R 87 35.18 45.23 -3.74
CA VAL R 87 34.93 45.30 -5.17
C VAL R 87 35.46 46.61 -5.74
N GLY R 88 35.30 47.71 -5.00
CA GLY R 88 35.82 48.99 -5.47
C GLY R 88 37.33 49.00 -5.56
N ARG R 89 38.01 48.44 -4.55
CA ARG R 89 39.46 48.36 -4.60
C ARG R 89 39.91 47.54 -5.80
N ASN R 90 39.28 46.38 -6.01
CA ASN R 90 39.67 45.54 -7.14
C ASN R 90 39.43 46.25 -8.45
N TRP R 91 38.28 46.91 -8.59
CA TRP R 91 37.97 47.60 -9.84
C TRP R 91 38.93 48.75 -10.09
N TRP R 92 39.24 49.52 -9.05
CA TRP R 92 40.17 50.63 -9.20
C TRP R 92 41.55 50.13 -9.60
N LEU R 93 42.03 49.07 -8.95
CA LEU R 93 43.33 48.52 -9.30
C LEU R 93 43.34 48.01 -10.73
N ARG R 94 42.29 47.30 -11.14
CA ARG R 94 42.23 46.80 -12.51
C ARG R 94 42.22 47.95 -13.51
N ARG R 95 41.45 49.00 -13.22
CA ARG R 95 41.38 50.14 -14.13
C ARG R 95 42.74 50.83 -14.25
N ARG R 96 43.43 51.01 -13.12
CA ARG R 96 44.73 51.67 -13.14
C ARG R 96 45.86 50.72 -13.51
N GLY R 97 45.64 49.41 -13.53
CA GLY R 97 46.68 48.46 -13.87
C GLY R 97 47.41 47.95 -12.65
N TRP R 98 46.66 47.57 -11.62
CA TRP R 98 47.22 47.01 -10.39
C TRP R 98 48.32 47.90 -9.84
N ILE R 99 47.95 49.14 -9.52
CA ILE R 99 48.85 50.11 -8.92
C ILE R 99 48.22 50.60 -7.63
N ARG R 100 49.05 50.77 -6.60
CA ARG R 100 48.59 51.17 -5.27
C ARG R 100 47.68 50.10 -4.66
N CYS S 1 7.09 43.51 1.30
CA CYS S 1 5.78 44.14 1.48
C CYS S 1 5.17 43.76 2.82
N SER S 2 4.29 44.63 3.33
CA SER S 2 3.54 44.36 4.54
C SER S 2 2.09 44.02 4.22
N PRO S 3 1.44 43.17 5.02
CA PRO S 3 0.05 42.83 4.74
C PRO S 3 -0.83 44.06 4.84
N PRO S 4 -1.93 44.09 4.08
CA PRO S 4 -2.73 45.34 4.03
C PRO S 4 -3.27 45.80 5.38
N GLY S 5 -3.69 44.88 6.25
CA GLY S 5 -4.40 45.22 7.45
C GLY S 5 -3.65 44.88 8.72
N GLU S 6 -3.29 45.91 9.48
CA GLU S 6 -2.65 45.76 10.78
C GLU S 6 -2.82 47.07 11.55
N THR S 7 -2.31 47.08 12.78
CA THR S 7 -2.25 48.28 13.62
C THR S 7 -3.52 48.49 14.43
N ALA S 8 -3.40 49.17 15.57
CA ALA S 8 -4.52 49.32 16.49
C ALA S 8 -5.53 50.36 16.03
N SER S 9 -5.07 51.43 15.38
CA SER S 9 -5.86 52.63 15.10
C SER S 9 -6.06 53.49 16.33
N SER S 10 -5.25 53.27 17.38
CA SER S 10 -5.31 54.07 18.61
C SER S 10 -6.70 53.99 19.23
N GLU S 11 -7.38 52.86 19.05
CA GLU S 11 -8.70 52.65 19.61
C GLU S 11 -8.62 51.69 20.79
N PRO S 12 -9.04 52.10 21.99
CA PRO S 12 -8.83 51.24 23.17
C PRO S 12 -9.62 49.94 23.10
N GLY S 13 -10.92 50.04 22.87
CA GLY S 13 -11.80 48.89 22.86
C GLY S 13 -12.63 48.80 24.13
N THR S 14 -13.50 47.79 24.16
CA THR S 14 -14.40 47.57 25.27
C THR S 14 -14.36 46.11 25.69
N THR S 15 -14.67 45.87 26.96
CA THR S 15 -14.68 44.51 27.48
C THR S 15 -15.76 43.70 26.78
N PRO S 16 -15.47 42.49 26.31
CA PRO S 16 -16.51 41.69 25.66
C PRO S 16 -17.70 41.46 26.58
N ALA S 17 -18.90 41.60 26.02
CA ALA S 17 -20.11 41.35 26.79
C ALA S 17 -20.30 39.86 27.04
N ILE S 18 -20.98 39.54 28.15
CA ILE S 18 -21.24 38.14 28.47
C ILE S 18 -21.95 37.49 27.30
N TRP S 19 -21.45 36.33 26.89
CA TRP S 19 -22.02 35.63 25.75
C TRP S 19 -23.39 35.06 26.11
N THR S 20 -24.36 35.27 25.23
CA THR S 20 -25.71 34.71 25.38
C THR S 20 -26.04 33.98 24.09
N GLY S 21 -25.84 32.66 24.09
CA GLY S 21 -26.07 31.89 22.89
C GLY S 21 -27.55 31.71 22.60
N SER S 22 -27.85 31.43 21.34
CA SER S 22 -29.20 31.20 20.87
C SER S 22 -29.45 29.71 20.69
N PRO S 23 -30.71 29.30 20.53
CA PRO S 23 -30.98 27.89 20.22
C PRO S 23 -30.28 27.46 18.95
N SER S 24 -30.26 26.15 18.73
CA SER S 24 -29.51 25.57 17.62
C SER S 24 -30.44 25.24 16.47
N PRO S 25 -30.60 26.12 15.49
CA PRO S 25 -31.40 25.74 14.31
C PRO S 25 -30.70 24.71 13.44
N ALA S 26 -29.40 24.89 13.18
CA ALA S 26 -28.69 23.99 12.29
C ALA S 26 -28.68 22.56 12.84
N ALA S 27 -28.27 22.41 14.09
CA ALA S 27 -28.23 21.08 14.71
C ALA S 27 -29.65 20.65 15.06
N PRO S 28 -30.36 21.40 15.91
CA PRO S 28 -31.73 21.02 16.25
C PRO S 28 -32.75 21.65 15.31
N SER S 29 -33.60 20.82 14.71
CA SER S 29 -34.67 21.35 13.87
C SER S 29 -35.69 22.12 14.70
N GLY S 30 -36.01 21.61 15.89
CA GLY S 30 -36.93 22.24 16.80
C GLY S 30 -36.31 22.53 18.15
N GLU S 31 -37.17 22.81 19.12
CA GLU S 31 -36.75 23.10 20.48
C GLU S 31 -36.87 21.84 21.32
N ASP S 32 -35.74 21.37 21.85
CA ASP S 32 -35.74 20.17 22.68
C ASP S 32 -36.50 20.42 23.97
N HIS S 33 -37.08 19.34 24.51
CA HIS S 33 -37.87 19.40 25.73
C HIS S 33 -37.28 18.47 26.78
N GLY S 34 -37.62 18.73 28.03
CA GLY S 34 -37.12 17.95 29.14
C GLY S 34 -38.06 16.84 29.56
N GLY S 35 -38.67 16.98 30.74
CA GLY S 35 -39.57 15.96 31.22
C GLY S 35 -40.82 15.86 30.37
N GLY S 36 -41.33 14.64 30.24
CA GLY S 36 -42.54 14.38 29.47
C GLY S 36 -43.61 13.76 30.34
N HIS S 37 -44.87 14.07 30.03
CA HIS S 37 -46.00 13.55 30.78
C HIS S 37 -47.28 13.88 30.03
N GLY S 38 -48.41 13.42 30.58
CA GLY S 38 -49.69 13.75 29.96
C GLY S 38 -49.95 15.23 29.92
N ALA S 39 -49.77 15.90 31.07
CA ALA S 39 -49.84 17.36 31.17
C ALA S 39 -51.04 17.92 30.42
N GLY S 40 -52.24 17.54 30.88
CA GLY S 40 -53.47 18.02 30.27
C GLY S 40 -53.80 19.45 30.69
N ALA S 41 -52.84 20.35 30.55
CA ALA S 41 -53.00 21.74 30.97
C ALA S 41 -52.12 22.60 30.09
N ALA S 42 -51.87 23.84 30.53
CA ALA S 42 -51.03 24.76 29.76
C ALA S 42 -49.64 24.22 29.51
N GLY S 43 -49.18 23.26 30.33
CA GLY S 43 -47.88 22.66 30.15
C GLY S 43 -46.99 22.78 31.38
N ALA S 44 -46.60 21.64 31.94
CA ALA S 44 -45.76 21.63 33.13
C ALA S 44 -44.57 20.68 32.95
N GLY S 45 -44.71 19.70 32.07
CA GLY S 45 -43.66 18.73 31.86
C GLY S 45 -43.58 17.73 32.99
N GLU S 46 -42.46 17.02 33.04
CA GLU S 46 -42.18 16.02 34.07
C GLU S 46 -41.12 16.53 35.05
N THR S 47 -41.14 17.82 35.34
CA THR S 47 -40.18 18.42 36.26
C THR S 47 -40.75 19.72 36.78
N LEU S 48 -41.01 19.78 38.09
CA LEU S 48 -41.54 20.99 38.72
C LEU S 48 -41.08 21.00 40.17
N THR S 49 -40.27 21.99 40.53
CA THR S 49 -39.68 22.09 41.85
C THR S 49 -40.39 23.17 42.68
N ALA S 50 -39.98 23.27 43.95
CA ALA S 50 -40.54 24.27 44.85
C ALA S 50 -39.53 24.52 45.95
N GLU S 51 -39.64 25.70 46.56
CA GLU S 51 -38.76 26.12 47.65
C GLU S 51 -39.62 26.56 48.83
N LEU S 52 -39.34 26.00 50.01
CA LEU S 52 -40.07 26.32 51.22
C LEU S 52 -39.33 27.43 51.97
N LYS S 53 -39.99 28.58 52.13
CA LYS S 53 -39.43 29.72 52.80
C LYS S 53 -40.10 29.92 54.16
N THR S 54 -39.36 30.53 55.09
CA THR S 54 -39.86 30.80 56.43
C THR S 54 -40.44 32.20 56.49
N ALA S 55 -40.87 32.59 57.70
CA ALA S 55 -41.48 33.91 57.88
C ALA S 55 -40.50 35.03 57.56
N ASP S 56 -39.21 34.82 57.83
CA ASP S 56 -38.17 35.79 57.53
C ASP S 56 -37.41 35.47 56.25
N GLY S 57 -37.93 34.55 55.43
CA GLY S 57 -37.29 34.17 54.19
C GLY S 57 -36.34 33.00 54.29
N THR S 58 -36.02 32.53 55.51
CA THR S 58 -35.13 31.40 55.67
C THR S 58 -35.70 30.17 54.98
N SER S 59 -34.85 29.45 54.27
CA SER S 59 -35.26 28.28 53.52
C SER S 59 -35.66 27.17 54.49
N VAL S 60 -36.97 26.98 54.67
CA VAL S 60 -37.46 25.92 55.55
C VAL S 60 -37.21 24.55 54.92
N ALA S 61 -37.51 24.41 53.63
CA ALA S 61 -37.36 23.15 52.93
C ALA S 61 -37.36 23.46 51.43
N THR S 62 -37.45 22.40 50.61
CA THR S 62 -37.50 22.57 49.15
C THR S 62 -38.28 21.39 48.58
N ALA S 63 -39.54 21.63 48.24
CA ALA S 63 -40.39 20.59 47.69
C ALA S 63 -40.25 20.54 46.16
N ASP S 64 -40.63 19.39 45.59
CA ASP S 64 -40.59 19.23 44.14
C ASP S 64 -41.46 18.04 43.76
N PHE S 65 -42.40 18.25 42.85
CA PHE S 65 -43.28 17.20 42.37
C PHE S 65 -43.41 17.30 40.86
N GLN S 66 -43.59 16.15 40.21
CA GLN S 66 -43.74 16.11 38.76
C GLN S 66 -44.40 14.80 38.36
N PHE S 67 -45.15 14.85 37.26
CA PHE S 67 -45.86 13.67 36.76
C PHE S 67 -44.91 12.81 35.94
N ALA S 68 -44.90 11.50 36.23
CA ALA S 68 -44.03 10.55 35.54
C ALA S 68 -44.80 9.54 34.71
N ASP S 69 -45.67 8.75 35.34
CA ASP S 69 -46.41 7.69 34.66
C ASP S 69 -47.87 7.72 35.10
N GLY S 70 -48.45 8.93 35.17
CA GLY S 70 -49.82 9.10 35.57
C GLY S 70 -50.04 9.23 37.07
N PHE S 71 -48.99 9.02 37.87
CA PHE S 71 -49.05 9.19 39.32
C PHE S 71 -47.90 10.10 39.71
N ALA S 72 -48.23 11.28 40.24
CA ALA S 72 -47.21 12.29 40.51
C ALA S 72 -46.18 11.76 41.49
N THR S 73 -44.91 11.92 41.14
CA THR S 73 -43.79 11.62 42.03
C THR S 73 -43.30 12.91 42.64
N VAL S 74 -43.18 12.92 43.97
CA VAL S 74 -42.83 14.13 44.72
C VAL S 74 -41.78 13.78 45.76
N THR S 75 -41.12 14.82 46.26
CA THR S 75 -40.15 14.69 47.34
C THR S 75 -39.75 16.09 47.79
N ILE S 76 -39.47 16.23 49.08
CA ILE S 76 -39.12 17.51 49.68
C ILE S 76 -37.81 17.33 50.43
N GLU S 77 -36.78 18.03 49.97
CA GLU S 77 -35.50 18.01 50.66
C GLU S 77 -35.49 19.01 51.80
N THR S 78 -34.68 18.73 52.81
CA THR S 78 -34.53 19.65 53.94
C THR S 78 -33.66 20.83 53.52
N THR S 79 -34.10 22.05 53.86
CA THR S 79 -33.36 23.26 53.52
C THR S 79 -32.41 23.71 54.63
N THR S 80 -32.67 23.30 55.86
CA THR S 80 -31.82 23.64 57.00
C THR S 80 -31.66 22.41 57.88
N PRO S 81 -30.58 22.33 58.65
CA PRO S 81 -30.37 21.17 59.51
C PRO S 81 -31.20 21.22 60.79
N GLY S 82 -31.37 22.41 61.34
CA GLY S 82 -32.15 22.58 62.55
C GLY S 82 -33.43 23.35 62.31
N ARG S 83 -33.88 23.38 61.06
CA ARG S 83 -35.08 24.13 60.71
C ARG S 83 -36.31 23.56 61.39
N LEU S 84 -36.41 22.23 61.46
CA LEU S 84 -37.59 21.55 61.96
C LEU S 84 -37.41 21.20 63.43
N THR S 85 -38.40 21.56 64.24
CA THR S 85 -38.39 21.20 65.65
C THR S 85 -38.62 19.70 65.81
N PRO S 86 -38.16 19.12 66.92
CA PRO S 86 -38.32 17.66 67.09
C PRO S 86 -39.77 17.28 67.35
N GLY S 87 -40.60 17.36 66.33
CA GLY S 87 -42.00 17.03 66.44
C GLY S 87 -42.59 16.69 65.09
N PHE S 88 -43.89 16.87 64.97
CA PHE S 88 -44.64 16.54 63.76
C PHE S 88 -45.13 17.80 63.08
N HIS S 89 -44.99 17.86 61.76
CA HIS S 89 -45.44 18.99 60.96
C HIS S 89 -46.47 18.50 59.95
N GLY S 90 -47.56 19.24 59.81
CA GLY S 90 -48.60 18.89 58.87
C GLY S 90 -48.42 19.55 57.51
N VAL S 91 -48.12 18.75 56.49
CA VAL S 91 -47.92 19.26 55.14
C VAL S 91 -49.24 19.18 54.38
N HIS S 92 -49.62 20.28 53.74
CA HIS S 92 -50.88 20.36 53.00
C HIS S 92 -50.66 21.14 51.71
N ILE S 93 -51.57 20.94 50.77
CA ILE S 93 -51.55 21.64 49.49
C ILE S 93 -52.51 22.82 49.59
N HIS S 94 -51.98 24.02 49.37
CA HIS S 94 -52.74 25.26 49.52
C HIS S 94 -53.10 25.82 48.16
N SER S 95 -54.32 26.37 48.05
CA SER S 95 -54.78 26.92 46.79
C SER S 95 -53.97 28.15 46.39
N VAL S 96 -53.53 28.94 47.38
CA VAL S 96 -52.78 30.15 47.10
C VAL S 96 -51.33 29.79 46.83
N GLY S 97 -50.78 30.32 45.74
CA GLY S 97 -49.40 30.11 45.37
C GLY S 97 -48.43 31.12 45.90
N LYS S 98 -48.87 32.04 46.76
CA LYS S 98 -48.03 33.09 47.31
C LYS S 98 -47.62 32.72 48.73
N CYS S 99 -46.31 32.67 48.98
CA CYS S 99 -45.77 32.34 50.30
C CYS S 99 -45.46 33.63 51.08
N GLU S 100 -46.49 34.43 51.26
CA GLU S 100 -46.33 35.69 51.99
C GLU S 100 -46.17 35.42 53.48
N ALA S 101 -45.67 36.43 54.20
CA ALA S 101 -45.49 36.30 55.65
C ALA S 101 -46.82 36.07 56.35
N ASN S 102 -47.84 36.84 55.99
CA ASN S 102 -49.17 36.67 56.58
C ASN S 102 -50.20 37.26 55.62
N SER S 103 -50.97 36.39 54.96
CA SER S 103 -52.01 36.81 54.04
C SER S 103 -53.29 36.04 54.36
N VAL S 104 -54.42 36.74 54.25
CA VAL S 104 -55.72 36.17 54.58
C VAL S 104 -56.65 36.42 53.40
N ALA S 105 -56.99 35.36 52.67
CA ALA S 105 -57.96 35.48 51.59
C ALA S 105 -59.32 35.94 52.11
N PRO S 106 -59.86 35.39 53.20
CA PRO S 106 -61.17 35.85 53.69
C PRO S 106 -61.06 37.05 54.62
N THR S 107 -62.19 37.50 55.16
CA THR S 107 -62.23 38.63 56.07
C THR S 107 -62.08 38.11 57.49
N GLY S 108 -60.90 38.28 58.06
CA GLY S 108 -60.64 37.83 59.41
C GLY S 108 -59.16 37.91 59.74
N GLY S 109 -58.81 37.34 60.89
CA GLY S 109 -57.44 37.32 61.32
C GLY S 109 -56.53 36.62 60.33
N ALA S 110 -55.42 37.26 59.98
CA ALA S 110 -54.46 36.70 59.03
C ALA S 110 -53.42 35.88 59.78
N PRO S 111 -53.34 34.57 59.53
CA PRO S 111 -52.31 33.76 60.16
C PRO S 111 -51.06 33.65 59.31
N GLY S 112 -49.94 33.38 59.99
CA GLY S 112 -48.67 33.23 59.31
C GLY S 112 -48.69 32.14 58.26
N ASP S 113 -48.28 32.47 57.04
CA ASP S 113 -48.28 31.51 55.94
C ASP S 113 -49.66 30.88 55.75
N PHE S 114 -50.71 31.70 55.91
CA PHE S 114 -52.09 31.27 55.77
C PHE S 114 -52.79 31.94 54.59
N ASN S 115 -52.03 32.22 53.53
CA ASN S 115 -52.60 32.85 52.34
C ASN S 115 -53.51 31.92 51.56
N SER S 116 -53.54 30.64 51.91
CA SER S 116 -54.37 29.69 51.17
C SER S 116 -55.83 30.14 51.17
N ALA S 117 -56.47 30.00 50.01
CA ALA S 117 -57.86 30.42 49.83
C ALA S 117 -58.81 29.34 50.38
N GLY S 118 -58.63 29.03 51.66
CA GLY S 118 -59.45 28.04 52.32
C GLY S 118 -58.63 27.05 53.14
N GLY S 119 -58.93 25.77 52.97
CA GLY S 119 -58.23 24.72 53.69
C GLY S 119 -57.20 24.01 52.83
N HIS S 120 -57.57 22.84 52.32
CA HIS S 120 -56.68 22.06 51.47
C HIS S 120 -57.04 22.25 50.01
N PHE S 121 -56.01 22.27 49.15
CA PHE S 121 -56.18 22.47 47.72
C PHE S 121 -56.70 21.18 47.10
N GLN S 122 -58.02 21.02 47.15
CA GLN S 122 -58.68 19.86 46.57
C GLN S 122 -58.89 20.10 45.07
N VAL S 123 -59.61 19.17 44.42
CA VAL S 123 -59.97 19.33 43.02
C VAL S 123 -61.07 20.37 42.91
N SER S 124 -61.35 20.83 41.69
CA SER S 124 -62.36 21.86 41.51
C SER S 124 -63.73 21.38 42.00
N GLY S 125 -64.10 20.14 41.67
CA GLY S 125 -65.34 19.57 42.13
C GLY S 125 -65.27 18.90 43.49
N HIS S 126 -64.09 18.81 44.09
CA HIS S 126 -63.90 18.16 45.38
C HIS S 126 -63.86 19.22 46.48
N SER S 127 -64.81 19.14 47.41
CA SER S 127 -64.84 20.07 48.53
C SER S 127 -65.19 19.39 49.85
N GLY S 128 -65.14 18.06 49.92
CA GLY S 128 -65.53 17.35 51.12
C GLY S 128 -64.36 16.81 51.91
N HIS S 129 -64.08 15.51 51.74
CA HIS S 129 -63.02 14.83 52.48
C HIS S 129 -61.65 15.40 52.12
N PRO S 130 -60.59 14.93 52.76
CA PRO S 130 -59.26 15.48 52.48
C PRO S 130 -58.70 15.01 51.15
N ALA S 131 -59.05 15.74 50.08
CA ALA S 131 -58.61 15.42 48.73
C ALA S 131 -57.16 15.87 48.53
N SER S 132 -56.72 15.93 47.28
CA SER S 132 -55.30 16.15 46.95
C SER S 132 -54.70 17.32 47.71
N GLY S 133 -55.54 18.18 48.27
CA GLY S 133 -55.04 19.23 49.16
C GLY S 133 -54.28 18.68 50.35
N ASP S 134 -54.52 17.43 50.71
CA ASP S 134 -53.79 16.80 51.80
C ASP S 134 -52.57 16.06 51.25
N LEU S 135 -51.44 16.22 51.93
CA LEU S 135 -50.18 15.59 51.54
C LEU S 135 -49.58 14.89 52.75
N SER S 136 -48.42 14.28 52.53
CA SER S 136 -47.75 13.54 53.60
C SER S 136 -47.32 14.47 54.72
N SER S 137 -47.32 13.94 55.94
CA SER S 137 -46.94 14.73 57.10
C SER S 137 -45.43 14.90 57.17
N LEU S 138 -45.00 15.97 57.83
CA LEU S 138 -43.59 16.31 57.99
C LEU S 138 -43.18 16.07 59.44
N GLN S 139 -42.82 14.84 59.74
CA GLN S 139 -42.33 14.49 61.07
C GLN S 139 -40.82 14.77 61.15
N VAL S 140 -40.42 15.48 62.19
CA VAL S 140 -39.03 15.90 62.37
C VAL S 140 -38.53 15.37 63.71
N ARG S 141 -37.38 14.71 63.68
CA ARG S 141 -36.69 14.23 64.88
C ARG S 141 -35.60 15.23 65.24
N ALA S 142 -34.73 14.82 66.17
CA ALA S 142 -33.61 15.68 66.56
C ALA S 142 -32.74 16.05 65.37
N ASP S 143 -32.73 15.22 64.33
CA ASP S 143 -31.93 15.52 63.15
C ASP S 143 -32.39 16.81 62.49
N GLY S 144 -33.70 17.00 62.37
CA GLY S 144 -34.24 18.22 61.79
C GLY S 144 -34.15 18.25 60.28
N SER S 145 -34.81 17.32 59.61
CA SER S 145 -34.78 17.24 58.15
C SER S 145 -36.07 16.62 57.66
N GLY S 146 -36.30 16.73 56.35
CA GLY S 146 -37.50 16.19 55.73
C GLY S 146 -37.23 15.27 54.56
N LYS S 147 -37.59 13.99 54.71
CA LYS S 147 -37.49 13.02 53.62
C LYS S 147 -38.50 11.91 53.90
N LEU S 148 -39.66 11.99 53.25
CA LEU S 148 -40.70 10.98 53.38
C LEU S 148 -41.79 11.26 52.37
N VAL S 149 -42.46 10.21 51.91
CA VAL S 149 -43.43 10.32 50.83
C VAL S 149 -44.69 9.53 51.18
N THR S 150 -45.76 9.85 50.45
CA THR S 150 -47.06 9.21 50.61
C THR S 150 -47.69 8.97 49.24
N THR S 151 -48.99 8.69 49.21
CA THR S 151 -49.72 8.44 47.96
C THR S 151 -50.97 9.34 47.93
N THR S 152 -50.83 10.54 47.37
CA THR S 152 -51.93 11.49 47.27
C THR S 152 -52.03 11.93 45.81
N ASP S 153 -52.93 11.28 45.05
CA ASP S 153 -53.05 11.49 43.62
C ASP S 153 -54.47 11.90 43.22
N ALA S 154 -55.18 12.60 44.10
CA ALA S 154 -56.48 13.13 43.73
C ALA S 154 -56.36 14.29 42.74
N PHE S 155 -55.19 14.89 42.63
CA PHE S 155 -54.91 15.93 41.65
C PHE S 155 -53.64 15.58 40.89
N THR S 156 -53.56 16.02 39.64
CA THR S 156 -52.43 15.68 38.78
C THR S 156 -51.79 16.93 38.21
N ALA S 157 -50.82 16.76 37.31
CA ALA S 157 -50.18 17.92 36.69
C ALA S 157 -51.18 18.75 35.92
N GLU S 158 -52.15 18.11 35.27
CA GLU S 158 -53.17 18.84 34.53
C GLU S 158 -53.97 19.75 35.45
N ASP S 159 -54.36 19.25 36.62
CA ASP S 159 -55.08 20.08 37.59
C ASP S 159 -54.14 20.92 38.45
N LEU S 160 -52.84 20.61 38.46
CA LEU S 160 -51.91 21.38 39.27
C LEU S 160 -51.82 22.82 38.80
N LEU S 161 -51.71 23.03 37.49
CA LEU S 161 -51.61 24.38 36.92
C LEU S 161 -53.02 24.94 36.72
N ASP S 162 -53.66 25.25 37.84
CA ASP S 162 -55.02 25.77 37.84
C ASP S 162 -54.99 27.29 37.71
N GLY S 163 -56.15 27.92 37.89
CA GLY S 163 -56.21 29.37 37.81
C GLY S 163 -55.36 30.04 38.86
N ALA S 164 -55.39 29.52 40.09
CA ALA S 164 -54.59 30.03 41.20
C ALA S 164 -53.44 29.07 41.47
N LYS S 165 -52.22 29.60 41.49
CA LYS S 165 -51.06 28.77 41.72
C LYS S 165 -51.16 28.09 43.09
N THR S 166 -50.85 26.79 43.11
CA THR S 166 -50.88 26.03 44.34
C THR S 166 -49.56 26.19 45.10
N ALA S 167 -49.52 25.68 46.31
CA ALA S 167 -48.33 25.78 47.15
C ALA S 167 -48.34 24.65 48.17
N ILE S 168 -47.23 24.54 48.89
CA ILE S 168 -47.08 23.56 49.97
C ILE S 168 -46.95 24.31 51.29
N ILE S 169 -47.81 23.98 52.24
CA ILE S 169 -47.83 24.63 53.55
C ILE S 169 -47.46 23.59 54.59
N ILE S 170 -46.40 23.87 55.36
CA ILE S 170 -45.91 22.96 56.38
C ILE S 170 -46.40 23.47 57.74
N HIS S 171 -47.18 22.64 58.43
CA HIS S 171 -47.72 22.98 59.74
C HIS S 171 -46.78 22.48 60.83
N GLU S 172 -47.26 22.49 62.08
CA GLU S 172 -46.49 22.06 63.23
C GLU S 172 -47.31 21.11 64.09
N LYS S 173 -47.93 20.11 63.45
CA LYS S 173 -48.77 19.15 64.15
C LYS S 173 -48.63 17.77 63.52
N ALA S 174 -49.25 16.79 64.15
CA ALA S 174 -49.22 15.41 63.70
C ALA S 174 -50.39 15.16 62.73
N ASP S 175 -50.68 13.89 62.44
CA ASP S 175 -51.78 13.52 61.55
C ASP S 175 -52.73 12.60 62.31
N ASN S 176 -53.85 13.16 62.77
CA ASN S 176 -54.87 12.39 63.49
C ASN S 176 -56.23 12.43 62.80
N PHE S 177 -56.70 13.62 62.43
CA PHE S 177 -57.99 13.77 61.75
C PHE S 177 -59.14 13.23 62.60
N ALA S 178 -59.33 13.87 63.76
CA ALA S 178 -60.41 13.52 64.68
C ALA S 178 -60.38 12.03 64.99
N ASN S 179 -59.18 11.51 65.28
CA ASN S 179 -59.03 10.09 65.57
C ASN S 179 -59.86 9.66 66.78
N ILE S 180 -60.26 10.59 67.63
CA ILE S 180 -61.09 10.29 68.79
C ILE S 180 -62.45 9.83 68.28
N PRO S 181 -62.81 8.56 68.46
CA PRO S 181 -64.07 8.08 67.91
C PRO S 181 -65.26 8.75 68.60
N PRO S 182 -66.38 8.89 67.91
CA PRO S 182 -67.57 9.46 68.55
C PRO S 182 -68.07 8.64 69.72
N GLU S 183 -67.76 7.34 69.76
CA GLU S 183 -68.26 6.50 70.86
C GLU S 183 -67.70 6.96 72.19
N ARG S 184 -66.41 7.31 72.24
CA ARG S 184 -65.74 7.68 73.48
C ARG S 184 -65.50 9.18 73.61
N TYR S 185 -65.06 9.84 72.55
CA TYR S 185 -64.74 11.25 72.62
C TYR S 185 -65.96 12.12 72.30
N GLN S 186 -65.83 13.41 72.59
CA GLN S 186 -66.89 14.36 72.31
C GLN S 186 -66.26 15.70 71.95
N GLN S 187 -67.04 16.53 71.26
CA GLN S 187 -66.58 17.85 70.85
C GLN S 187 -66.94 18.88 71.91
N VAL S 188 -66.55 20.13 71.67
CA VAL S 188 -66.84 21.20 72.62
C VAL S 188 -68.35 21.39 72.75
N ASN S 189 -69.10 21.14 71.67
CA ASN S 189 -70.55 21.28 71.69
C ASN S 189 -71.26 20.04 72.23
N GLY S 190 -70.52 18.99 72.58
CA GLY S 190 -71.11 17.76 73.07
C GLY S 190 -71.46 16.75 72.01
N ALA S 191 -71.53 17.16 70.75
CA ALA S 191 -71.81 16.21 69.69
C ALA S 191 -70.61 15.30 69.48
N PRO S 192 -70.83 13.99 69.31
CA PRO S 192 -69.69 13.07 69.12
C PRO S 192 -68.91 13.33 67.85
N GLY S 193 -69.47 14.05 66.88
CA GLY S 193 -68.79 14.29 65.62
C GLY S 193 -67.61 15.22 65.79
N PRO S 194 -66.77 15.26 64.75
CA PRO S 194 -65.57 16.10 64.80
C PRO S 194 -65.85 17.52 64.32
N ASP S 195 -64.83 18.36 64.46
CA ASP S 195 -64.94 19.76 64.07
C ASP S 195 -64.70 19.92 62.57
N GLN S 196 -65.55 20.71 61.91
CA GLN S 196 -65.39 20.94 60.47
C GLN S 196 -64.10 21.69 60.17
N THR S 197 -63.62 22.50 61.12
CA THR S 197 -62.37 23.23 60.91
C THR S 197 -61.22 22.27 60.70
N THR S 198 -61.15 21.20 61.51
CA THR S 198 -60.11 20.20 61.37
C THR S 198 -60.40 19.19 60.26
N MET S 199 -61.63 19.16 59.74
CA MET S 199 -61.98 18.23 58.69
C MET S 199 -61.77 18.81 57.29
N ALA S 200 -61.92 20.13 57.13
CA ALA S 200 -61.70 20.74 55.83
C ALA S 200 -60.25 20.58 55.39
N THR S 201 -59.30 20.75 56.31
CA THR S 201 -57.89 20.57 56.00
C THR S 201 -57.13 20.42 57.31
N GLY S 202 -55.90 19.93 57.21
CA GLY S 202 -55.07 19.78 58.39
C GLY S 202 -54.78 21.10 59.07
N ASP S 203 -55.37 21.29 60.24
CA ASP S 203 -55.21 22.53 61.00
C ASP S 203 -54.25 22.29 62.16
N ALA S 204 -53.35 23.25 62.37
CA ALA S 204 -52.35 23.15 63.42
C ALA S 204 -52.03 24.57 63.88
N GLY S 205 -50.93 24.73 64.62
CA GLY S 205 -50.49 26.03 65.06
C GLY S 205 -50.04 26.90 63.90
N SER S 206 -49.24 27.93 64.19
CA SER S 206 -48.76 28.81 63.13
C SER S 206 -48.03 28.00 62.07
N ARG S 207 -48.27 28.35 60.80
CA ARG S 207 -47.70 27.59 59.70
C ARG S 207 -46.19 27.55 59.81
N VAL S 208 -45.63 26.34 59.68
CA VAL S 208 -44.18 26.18 59.80
C VAL S 208 -43.47 26.76 58.59
N ALA S 209 -43.98 26.50 57.38
CA ALA S 209 -43.32 26.97 56.17
C ALA S 209 -44.33 27.12 55.05
N CYS S 210 -43.95 27.87 54.02
CA CYS S 210 -44.78 28.06 52.84
C CYS S 210 -43.88 28.11 51.61
N GLY S 211 -44.18 27.24 50.64
CA GLY S 211 -43.38 27.17 49.43
C GLY S 211 -44.23 27.14 48.16
N VAL S 212 -43.94 28.04 47.23
CA VAL S 212 -44.71 28.12 46.00
C VAL S 212 -44.46 26.86 45.16
N ILE S 213 -45.55 26.24 44.69
CA ILE S 213 -45.44 25.03 43.90
C ILE S 213 -45.31 25.32 42.41
N SER S 214 -45.32 26.59 42.01
CA SER S 214 -45.23 26.96 40.60
C SER S 214 -43.78 26.95 40.12
N ALA S 215 -43.21 25.73 40.08
CA ALA S 215 -41.84 25.52 39.63
C ALA S 215 -40.86 26.37 40.44
N GLY S 216 -41.13 26.50 41.74
CA GLY S 216 -40.27 27.27 42.62
C GLY S 216 -38.88 26.69 42.75
N CYS T 1 26.24 40.37 22.70
CA CYS T 1 25.57 41.37 23.51
C CYS T 1 24.08 41.07 23.67
N SER T 2 23.76 39.79 23.87
CA SER T 2 22.45 39.44 24.41
C SER T 2 22.36 39.75 25.88
N ALA T 3 23.50 39.90 26.55
CA ALA T 3 23.58 40.33 27.94
C ALA T 3 24.01 41.78 28.08
N GLY T 4 23.57 42.64 27.15
CA GLY T 4 23.90 44.04 27.22
C GLY T 4 23.11 44.75 28.31
N GLN T 5 22.88 46.05 28.14
CA GLN T 5 22.08 46.77 29.12
C GLN T 5 20.62 46.32 29.06
N ILE T 6 20.11 46.02 27.87
CA ILE T 6 18.78 45.45 27.70
C ILE T 6 18.96 43.93 27.67
N SER T 7 18.72 43.29 28.81
CA SER T 7 18.82 41.85 28.94
C SER T 7 17.45 41.29 29.32
N GLN T 8 17.12 40.12 28.78
CA GLN T 8 15.81 39.55 29.03
C GLN T 8 15.60 39.25 30.52
N THR T 9 16.60 38.67 31.18
CA THR T 9 16.41 38.21 32.55
C THR T 9 16.16 39.38 33.50
N THR T 10 16.95 40.45 33.37
CA THR T 10 16.81 41.56 34.30
C THR T 10 15.43 42.20 34.20
N THR T 11 14.94 42.40 32.98
CA THR T 11 13.63 43.03 32.75
C THR T 11 12.55 41.95 32.66
N GLN T 12 12.23 41.38 33.82
CA GLN T 12 11.21 40.35 33.94
C GLN T 12 10.28 40.67 35.09
N GLU T 13 8.97 40.64 34.82
CA GLU T 13 8.01 40.73 35.89
C GLU T 13 7.87 39.37 36.59
N PRO T 14 7.59 39.36 37.88
CA PRO T 14 7.39 38.08 38.57
C PRO T 14 6.20 37.32 38.01
N ALA T 15 6.30 36.00 38.00
CA ALA T 15 5.25 35.13 37.47
C ALA T 15 4.15 34.94 38.53
N VAL T 16 3.59 36.06 38.96
CA VAL T 16 2.54 36.07 39.97
C VAL T 16 1.31 36.75 39.37
N ASN T 17 0.13 36.32 39.83
CA ASN T 17 -1.10 36.90 39.31
C ASN T 17 -1.20 38.38 39.63
N GLY T 18 -0.84 38.77 40.85
CA GLY T 18 -0.95 40.16 41.23
C GLY T 18 -0.04 41.06 40.43
N VAL T 19 -0.46 42.31 40.26
CA VAL T 19 0.33 43.30 39.54
C VAL T 19 1.28 43.98 40.51
N ASN T 20 2.30 44.62 39.97
CA ASN T 20 3.29 45.36 40.75
C ASN T 20 3.21 46.83 40.36
N ALA T 21 3.00 47.68 41.36
CA ALA T 21 2.87 49.13 41.15
C ALA T 21 3.95 49.82 41.96
N GLN T 22 4.97 50.33 41.27
CA GLN T 22 6.09 51.01 41.91
C GLN T 22 5.87 52.51 42.07
N ALA T 23 4.75 53.03 41.58
CA ALA T 23 4.51 54.47 41.66
C ALA T 23 4.46 54.92 43.11
N GLY T 24 5.00 56.11 43.36
CA GLY T 24 5.06 56.67 44.69
C GLY T 24 6.30 56.22 45.46
N GLN T 25 6.45 56.81 46.65
CA GLN T 25 7.56 56.43 47.51
C GLN T 25 7.46 54.97 47.92
N VAL T 26 6.25 54.51 48.24
CA VAL T 26 6.02 53.12 48.61
C VAL T 26 5.79 52.31 47.35
N SER T 27 6.21 51.04 47.38
CA SER T 27 6.07 50.12 46.28
C SER T 27 4.99 49.09 46.62
N LEU T 28 4.06 48.89 45.70
CA LEU T 28 2.96 47.94 45.87
C LEU T 28 3.30 46.69 45.07
N ARG T 29 3.45 45.56 45.77
CA ARG T 29 3.84 44.30 45.16
C ARG T 29 2.76 43.25 45.41
N ASN T 30 2.46 42.47 44.38
CA ASN T 30 1.51 41.37 44.47
C ASN T 30 0.15 41.85 44.99
N VAL T 31 -0.32 42.95 44.41
CA VAL T 31 -1.69 43.41 44.67
C VAL T 31 -2.64 42.60 43.82
N HIS T 32 -3.63 41.97 44.46
CA HIS T 32 -4.62 41.17 43.77
C HIS T 32 -5.88 41.12 44.62
N LEU T 33 -6.87 40.39 44.12
CA LEU T 33 -8.16 40.25 44.79
C LEU T 33 -8.47 38.78 45.01
N ARG T 34 -8.74 38.42 46.26
CA ARG T 34 -9.27 37.11 46.59
C ARG T 34 -10.80 37.22 46.54
N ALA T 35 -11.40 36.58 45.55
CA ALA T 35 -12.84 36.70 45.29
C ALA T 35 -13.32 35.45 44.57
N PRO T 36 -13.51 34.35 45.31
CA PRO T 36 -14.02 33.12 44.67
C PRO T 36 -15.38 33.38 44.03
N GLN T 37 -15.50 33.04 42.75
CA GLN T 37 -16.72 33.24 42.00
C GLN T 37 -17.26 31.89 41.55
N GLN T 38 -18.52 31.62 41.87
CA GLN T 38 -19.20 30.38 41.50
C GLN T 38 -20.06 30.55 40.26
N THR T 39 -20.03 31.71 39.63
CA THR T 39 -20.87 32.00 38.47
C THR T 39 -20.11 32.97 37.57
N ASP T 40 -20.83 33.63 36.66
CA ASP T 40 -20.18 34.56 35.73
C ASP T 40 -19.42 35.65 36.48
N TYR T 41 -20.07 36.27 37.45
CA TYR T 41 -19.47 37.32 38.27
C TYR T 41 -19.54 36.93 39.74
N VAL T 42 -19.13 37.87 40.60
CA VAL T 42 -19.45 37.83 42.02
C VAL T 42 -20.45 38.96 42.25
N GLU T 43 -21.62 38.62 42.79
CA GLU T 43 -22.71 39.57 42.82
C GLU T 43 -22.37 40.76 43.72
N PRO T 44 -22.89 41.95 43.40
CA PRO T 44 -22.66 43.10 44.29
C PRO T 44 -23.17 42.82 45.70
N GLY T 45 -22.41 43.28 46.69
CA GLY T 45 -22.72 43.07 48.08
C GLY T 45 -21.93 41.98 48.75
N THR T 46 -21.15 41.21 48.00
CA THR T 46 -20.32 40.15 48.55
C THR T 46 -18.91 40.67 48.80
N THR T 47 -18.40 40.45 50.00
CA THR T 47 -17.09 40.96 50.38
C THR T 47 -15.99 40.17 49.69
N VAL T 48 -15.04 40.88 49.10
CA VAL T 48 -13.86 40.27 48.48
C VAL T 48 -12.62 40.88 49.09
N GLU T 49 -11.64 40.05 49.42
CA GLU T 49 -10.47 40.53 50.12
C GLU T 49 -9.46 41.09 49.13
N LEU T 50 -8.74 42.12 49.56
CA LEU T 50 -7.77 42.81 48.72
C LEU T 50 -6.38 42.58 49.30
N LEU T 51 -5.55 41.84 48.57
CA LEU T 51 -4.20 41.52 49.00
C LEU T 51 -3.20 42.45 48.35
N PHE T 52 -2.12 42.74 49.07
CA PHE T 52 -0.96 43.43 48.51
C PHE T 52 0.09 43.52 49.61
N VAL T 53 1.31 43.85 49.19
CA VAL T 53 2.42 44.09 50.10
C VAL T 53 2.97 45.47 49.80
N ALA T 54 2.97 46.34 50.81
CA ALA T 54 3.48 47.70 50.66
C ALA T 54 4.86 47.78 51.29
N ALA T 55 5.85 48.17 50.49
CA ALA T 55 7.23 48.27 50.94
C ALA T 55 7.70 49.71 50.83
N ASN T 56 8.18 50.27 51.94
CA ASN T 56 8.67 51.64 51.93
C ASN T 56 10.08 51.66 51.34
N ASP T 57 10.22 52.29 50.17
CA ASP T 57 11.49 52.28 49.48
C ASP T 57 12.57 53.02 50.28
N SER T 58 12.23 54.18 50.82
CA SER T 58 13.19 55.05 51.48
C SER T 58 13.06 54.94 52.99
N THR T 59 14.20 55.09 53.68
CA THR T 59 14.23 55.07 55.13
C THR T 59 13.90 56.43 55.74
N GLU T 60 13.69 57.46 54.93
CA GLU T 60 13.35 58.78 55.43
C GLU T 60 11.85 59.03 55.34
N SER T 62 8.19 59.29 57.30
CA SER T 62 8.10 58.21 56.32
C SER T 62 6.68 58.09 55.78
N ASN T 63 6.54 57.34 54.68
CA ASN T 63 5.24 57.13 54.06
C ASN T 63 4.62 55.85 54.61
N LYS T 64 4.34 55.88 55.91
CA LYS T 64 3.69 54.77 56.60
C LYS T 64 2.21 55.02 56.84
N LEU T 65 1.65 56.06 56.22
CA LEU T 65 0.28 56.46 56.53
C LEU T 65 -0.73 55.44 56.00
N LYS T 66 -0.72 55.19 54.68
CA LYS T 66 -1.71 54.31 54.05
C LYS T 66 -3.12 54.83 54.36
N SER T 67 -3.40 56.00 53.81
CA SER T 67 -4.55 56.80 54.23
C SER T 67 -5.88 56.11 53.96
N ILE T 68 -6.24 55.94 52.69
CA ILE T 68 -7.59 55.51 52.33
C ILE T 68 -7.56 54.32 51.40
N THR T 69 -6.80 54.42 50.32
CA THR T 69 -6.75 53.41 49.26
C THR T 69 -8.15 52.85 48.96
N SER T 70 -9.05 53.74 48.60
CA SER T 70 -10.42 53.38 48.26
C SER T 70 -10.73 53.73 46.82
N ASP T 71 -11.63 52.95 46.23
CA ASP T 71 -12.10 53.15 44.87
C ASP T 71 -13.55 52.73 44.82
N VAL T 72 -14.09 52.55 43.61
CA VAL T 72 -15.46 52.05 43.50
C VAL T 72 -15.54 50.70 44.21
N GLY T 73 -16.32 50.65 45.29
CA GLY T 73 -16.40 49.45 46.10
C GLY T 73 -16.21 49.73 47.59
N GLU T 74 -15.75 50.92 47.94
CA GLU T 74 -15.58 51.35 49.32
C GLU T 74 -14.64 50.39 50.07
N VAL T 75 -13.38 50.43 49.65
CA VAL T 75 -12.34 49.65 50.33
C VAL T 75 -12.34 50.00 51.80
N THR T 76 -12.27 48.98 52.65
CA THR T 76 -12.19 49.16 54.10
C THR T 76 -10.97 48.42 54.63
N LEU T 77 -10.17 49.08 55.45
CA LEU T 77 -8.94 48.54 56.00
C LEU T 77 -9.20 48.22 57.48
N THR T 78 -9.69 47.01 57.74
CA THR T 78 -9.93 46.60 59.11
C THR T 78 -8.61 46.55 59.88
N GLY T 79 -8.59 47.14 61.07
CA GLY T 79 -7.37 47.17 61.85
C GLY T 79 -6.25 47.92 61.17
N ASP T 80 -6.54 49.05 60.56
CA ASP T 80 -5.52 49.81 59.84
C ASP T 80 -4.41 50.24 60.81
N SER T 81 -3.16 50.10 60.34
CA SER T 81 -2.00 50.43 61.16
C SER T 81 -0.88 50.90 60.25
N THR T 82 0.09 51.59 60.86
CA THR T 82 1.24 52.15 60.14
C THR T 82 2.42 51.19 60.29
N VAL T 83 2.40 50.13 59.50
CA VAL T 83 3.44 49.11 59.54
C VAL T 83 4.69 49.53 58.77
N PRO T 84 4.57 50.13 57.57
CA PRO T 84 5.77 50.34 56.74
C PRO T 84 6.81 51.24 57.38
N ALA T 85 7.96 50.65 57.74
CA ALA T 85 9.15 51.40 58.15
C ALA T 85 10.35 50.61 57.64
N ASP T 86 10.78 50.92 56.42
CA ASP T 86 11.83 50.15 55.75
C ASP T 86 11.51 48.65 55.76
N GLY T 87 10.22 48.32 55.82
CA GLY T 87 9.78 46.95 55.95
C GLY T 87 8.63 46.61 55.04
N VAL T 88 7.77 45.70 55.48
CA VAL T 88 6.67 45.19 54.68
C VAL T 88 5.37 45.36 55.45
N LEU T 89 4.34 45.84 54.74
CA LEU T 89 2.97 45.86 55.25
C LEU T 89 2.19 44.84 54.42
N ILE T 90 1.84 43.73 55.05
CA ILE T 90 1.10 42.65 54.41
C ILE T 90 -0.34 42.75 54.91
N VAL T 91 -1.25 43.16 54.03
CA VAL T 91 -2.63 43.43 54.47
C VAL T 91 -3.33 42.13 54.84
N GLY T 92 -3.24 41.11 53.98
CA GLY T 92 -4.00 39.89 54.19
C GLY T 92 -3.17 38.63 54.22
N GLU T 93 -3.81 37.50 53.94
CA GLU T 93 -3.19 36.17 54.02
C GLU T 93 -3.38 35.46 52.70
N PRO T 94 -2.56 35.76 51.69
CA PRO T 94 -2.72 35.10 50.39
C PRO T 94 -2.62 33.59 50.53
N ASP T 95 -3.41 32.88 49.74
CA ASP T 95 -3.42 31.42 49.81
C ASP T 95 -1.99 30.90 49.76
N GLY T 96 -1.61 30.16 50.79
CA GLY T 96 -0.25 29.73 51.01
C GLY T 96 0.50 30.54 52.05
N GLN T 97 -0.01 31.73 52.38
CA GLN T 97 0.59 32.53 53.44
C GLN T 97 0.54 31.76 54.75
N ILE T 98 1.66 31.78 55.48
CA ILE T 98 1.78 31.07 56.73
C ILE T 98 1.71 32.06 57.88
N GLN T 99 1.39 31.55 59.07
CA GLN T 99 1.39 32.32 60.30
C GLN T 99 2.46 31.77 61.22
N ALA T 100 3.37 32.65 61.65
CA ALA T 100 4.46 32.20 62.52
C ALA T 100 3.92 31.65 63.83
N VAL T 101 2.97 32.34 64.44
CA VAL T 101 2.38 31.95 65.72
C VAL T 101 0.87 32.05 65.61
N GLU T 102 0.17 31.30 66.47
CA GLU T 102 -1.29 31.28 66.39
C GLU T 102 -1.87 32.67 66.68
N ASN T 103 -1.31 33.37 67.66
CA ASN T 103 -1.77 34.72 67.97
C ASN T 103 -1.36 35.68 66.86
N ALA T 104 -2.22 36.65 66.57
CA ALA T 104 -1.98 37.66 65.55
C ALA T 104 -1.80 39.02 66.21
N GLU T 105 -0.67 39.67 65.95
CA GLU T 105 -0.41 40.97 66.52
C GLU T 105 -1.35 42.01 65.92
N ALA T 106 -1.88 42.88 66.77
CA ALA T 106 -2.87 43.89 66.36
C ALA T 106 -4.08 43.21 65.73
N ALA T 107 -4.42 42.03 66.24
CA ALA T 107 -5.52 41.22 65.70
C ALA T 107 -5.20 40.98 64.22
N ASP T 108 -6.12 41.23 63.29
CA ASP T 108 -5.81 41.07 61.89
C ASP T 108 -4.69 42.01 61.47
N ALA T 109 -3.84 41.54 60.56
CA ALA T 109 -2.70 42.31 60.08
C ALA T 109 -3.13 43.24 58.93
N VAL T 110 -4.13 44.08 59.24
CA VAL T 110 -4.60 45.08 58.30
C VAL T 110 -5.23 44.40 57.08
N THR T 111 -6.25 43.59 57.31
CA THR T 111 -6.92 42.93 56.20
C THR T 111 -7.78 43.95 55.44
N ALA T 112 -7.67 43.94 54.12
CA ALA T 112 -8.39 44.87 53.26
C ALA T 112 -9.51 44.13 52.55
N GLU T 113 -10.74 44.61 52.73
CA GLU T 113 -11.93 44.01 52.14
C GLU T 113 -12.69 45.07 51.36
N VAL T 114 -13.45 44.62 50.37
CA VAL T 114 -14.20 45.52 49.49
C VAL T 114 -15.58 44.93 49.25
N GLU T 115 -16.59 45.78 49.33
CA GLU T 115 -17.94 45.44 48.89
C GLU T 115 -18.11 45.94 47.46
N LEU T 116 -18.27 45.01 46.52
CA LEU T 116 -18.12 45.35 45.10
C LEU T 116 -19.05 46.48 44.69
N THR T 117 -20.35 46.33 44.95
CA THR T 117 -21.36 47.21 44.39
C THR T 117 -21.33 47.19 42.86
N LYS T 118 -20.72 46.17 42.28
CA LYS T 118 -20.54 46.07 40.84
C LYS T 118 -20.10 44.64 40.48
N PRO T 119 -20.64 44.04 39.42
CA PRO T 119 -20.17 42.70 39.04
C PRO T 119 -18.70 42.72 38.66
N ILE T 120 -17.99 41.65 39.04
CA ILE T 120 -16.61 41.44 38.63
C ILE T 120 -16.40 39.96 38.37
N THR T 121 -15.60 39.65 37.34
CA THR T 121 -15.25 38.28 37.02
C THR T 121 -13.73 38.17 36.91
N ASN T 122 -13.20 37.04 37.33
CA ASN T 122 -11.76 36.84 37.25
C ASN T 122 -11.31 36.87 35.79
N GLY T 123 -10.13 37.42 35.55
CA GLY T 123 -9.62 37.64 34.23
C GLY T 123 -9.67 39.08 33.77
N LEU T 124 -10.19 39.98 34.58
CA LEU T 124 -10.32 41.39 34.24
C LEU T 124 -9.33 42.23 35.03
N LEU T 125 -9.25 43.51 34.66
CA LEU T 125 -8.47 44.51 35.37
C LEU T 125 -9.42 45.53 35.98
N TYR T 126 -9.28 45.79 37.27
CA TYR T 126 -10.11 46.75 37.97
C TYR T 126 -9.23 47.76 38.69
N ASP T 127 -9.51 49.04 38.48
CA ASP T 127 -8.67 50.10 39.02
C ASP T 127 -8.96 50.29 40.50
N PHE T 128 -7.93 50.19 41.33
CA PHE T 128 -8.01 50.50 42.75
C PHE T 128 -6.98 51.58 43.05
N THR T 129 -7.45 52.77 43.41
CA THR T 129 -6.58 53.92 43.63
C THR T 129 -6.04 53.85 45.06
N PHE T 130 -4.77 53.49 45.18
CA PHE T 130 -4.11 53.45 46.48
C PHE T 130 -3.57 54.84 46.80
N THR T 131 -4.01 55.40 47.92
CA THR T 131 -3.67 56.75 48.31
C THR T 131 -2.70 56.71 49.48
N PHE T 132 -1.60 57.44 49.36
CA PHE T 132 -0.62 57.60 50.41
C PHE T 132 -0.37 59.08 50.64
N GLU T 133 0.11 59.41 51.84
CA GLU T 133 0.39 60.82 52.15
C GLU T 133 1.39 61.42 51.18
N ASP T 134 2.25 60.59 50.59
CA ASP T 134 3.17 61.09 49.57
C ASP T 134 2.47 61.28 48.23
N GLY T 135 1.51 60.42 47.92
CA GLY T 135 0.81 60.53 46.65
C GLY T 135 -0.21 59.42 46.48
N GLU T 136 -0.71 59.31 45.24
CA GLU T 136 -1.74 58.35 44.89
C GLU T 136 -1.31 57.61 43.63
N THR T 137 -1.82 56.38 43.48
CA THR T 137 -1.45 55.55 42.34
C THR T 137 -2.62 54.67 41.93
N THR T 138 -2.87 54.59 40.62
CA THR T 138 -3.85 53.66 40.06
C THR T 138 -3.12 52.41 39.58
N VAL T 139 -3.63 51.24 39.98
CA VAL T 139 -2.86 50.01 39.85
C VAL T 139 -3.54 49.01 38.91
N ALA T 140 -4.86 49.08 38.79
CA ALA T 140 -5.62 48.10 38.01
C ALA T 140 -5.40 46.69 38.56
N VAL T 141 -5.87 46.50 39.79
CA VAL T 141 -5.63 45.24 40.51
C VAL T 141 -6.33 44.11 39.77
N PRO T 142 -5.66 42.97 39.51
CA PRO T 142 -6.35 41.81 38.92
C PRO T 142 -7.09 41.00 39.96
N ILE T 143 -7.71 39.89 39.52
CA ILE T 143 -8.37 38.95 40.40
C ILE T 143 -7.60 37.64 40.35
N SER T 144 -7.18 37.15 41.51
CA SER T 144 -6.31 35.99 41.61
C SER T 144 -7.00 34.89 42.40
N ALA T 145 -6.90 33.66 41.89
CA ALA T 145 -7.34 32.47 42.62
C ALA T 145 -6.07 31.79 43.13
N GLY T 146 -5.77 32.01 44.42
CA GLY T 146 -4.50 31.60 44.97
C GLY T 146 -4.20 30.12 44.88
N GLU T 147 -4.95 29.29 45.62
CA GLU T 147 -4.69 27.87 45.70
C GLU T 147 -5.93 27.01 45.42
N GLN T 148 -7.07 27.61 45.12
CA GLN T 148 -8.28 26.82 44.93
C GLN T 148 -8.17 25.97 43.67
N PRO T 149 -8.33 24.65 43.76
CA PRO T 149 -8.32 23.84 42.53
C PRO T 149 -9.55 24.12 41.68
N ARG T 150 -9.41 23.82 40.39
CA ARG T 150 -10.51 24.07 39.46
C ARG T 150 -11.77 23.34 39.91
N ARG T 151 -12.90 24.01 39.82
CA ARG T 151 -14.15 23.40 40.21
C ARG T 151 -14.57 22.34 39.20
N PRO T 152 -15.40 21.37 39.61
CA PRO T 152 -15.83 20.33 38.66
C PRO T 152 -16.80 20.88 37.63
N VAL T 153 -16.36 21.00 36.38
CA VAL T 153 -17.29 21.38 35.31
C VAL T 153 -18.27 20.25 35.08
N PRO T 154 -19.57 20.53 34.92
CA PRO T 154 -20.55 19.45 34.77
C PRO T 154 -20.20 18.56 33.59
N PRO T 155 -20.37 17.24 33.69
CA PRO T 155 -20.09 16.37 32.55
C PRO T 155 -20.96 16.74 31.36
N ALA T 156 -20.38 16.61 30.17
CA ALA T 156 -21.05 17.00 28.93
C ALA T 156 -21.96 15.88 28.44
N GLY T 157 -23.13 16.26 27.93
CA GLY T 157 -24.05 15.33 27.32
C GLY T 157 -24.01 15.41 25.81
N PRO T 158 -23.41 14.43 25.15
CA PRO T 158 -23.32 14.48 23.69
C PRO T 158 -24.69 14.56 23.03
N GLY T 159 -24.75 15.31 21.93
CA GLY T 159 -25.98 15.45 21.18
C GLY T 159 -25.81 15.13 19.70
N GLN U 1 8.03 27.93 60.15
CA GLN U 1 8.43 27.84 61.55
C GLN U 1 9.28 29.06 61.93
N SER U 2 9.26 29.42 63.22
CA SER U 2 9.97 30.62 63.67
C SER U 2 11.46 30.51 63.38
N ALA U 3 12.09 29.41 63.81
CA ALA U 3 13.51 29.23 63.54
C ALA U 3 13.77 29.06 62.04
N LEU U 4 12.86 28.37 61.35
CA LEU U 4 13.01 28.22 59.91
C LEU U 4 12.99 29.58 59.21
N LEU U 5 12.04 30.43 59.60
CA LEU U 5 11.96 31.77 59.02
C LEU U 5 13.19 32.60 59.38
N ARG U 6 13.69 32.46 60.61
CA ARG U 6 14.90 33.17 61.01
C ARG U 6 16.07 32.77 60.12
N THR U 7 16.27 31.46 59.93
CA THR U 7 17.37 31.00 59.09
C THR U 7 17.19 31.43 57.65
N GLY U 8 15.96 31.37 57.13
CA GLY U 8 15.71 31.84 55.79
C GLY U 8 16.05 33.30 55.62
N LYS U 9 15.67 34.12 56.61
CA LYS U 9 16.00 35.54 56.56
C LYS U 9 17.50 35.75 56.59
N GLN U 10 18.20 35.01 57.46
CA GLN U 10 19.65 35.14 57.53
C GLN U 10 20.28 34.85 56.18
N LEU U 11 19.88 33.74 55.55
CA LEU U 11 20.45 33.37 54.26
C LEU U 11 20.08 34.40 53.19
N PHE U 12 18.85 34.91 53.23
CA PHE U 12 18.40 35.86 52.23
C PHE U 12 19.16 37.18 52.33
N GLU U 13 19.43 37.63 53.56
CA GLU U 13 20.00 38.96 53.75
C GLU U 13 21.40 39.09 53.17
N THR U 14 22.04 37.97 52.84
CA THR U 14 23.44 37.99 52.42
C THR U 14 23.70 37.20 51.14
N SER U 15 22.65 36.88 50.37
CA SER U 15 22.85 36.15 49.12
C SER U 15 22.11 36.83 47.97
N CYS U 16 20.99 37.47 48.26
CA CYS U 16 20.12 37.97 47.20
C CYS U 16 19.52 39.34 47.45
N VAL U 17 19.83 40.01 48.55
CA VAL U 17 19.30 41.35 48.76
C VAL U 17 19.73 42.28 47.63
N SER U 18 20.88 42.02 47.02
CA SER U 18 21.34 42.87 45.93
C SER U 18 20.39 42.81 44.74
N CYS U 19 19.95 41.61 44.36
CA CYS U 19 19.02 41.47 43.25
C CYS U 19 17.60 41.86 43.65
N HIS U 20 17.19 41.47 44.85
CA HIS U 20 15.85 41.72 45.34
C HIS U 20 15.94 42.53 46.63
N GLY U 21 15.14 43.59 46.72
CA GLY U 21 15.21 44.45 47.88
C GLY U 21 15.11 43.70 49.19
N ALA U 22 15.57 44.31 50.28
CA ALA U 22 15.49 43.65 51.59
C ALA U 22 14.05 43.29 51.94
N ASN U 23 13.09 44.03 51.40
CA ASN U 23 11.68 43.73 51.57
C ASN U 23 11.15 42.78 50.51
N LEU U 24 12.04 42.12 49.77
CA LEU U 24 11.74 41.15 48.72
C LEU U 24 11.15 41.77 47.46
N GLN U 25 10.91 43.08 47.45
CA GLN U 25 10.50 43.75 46.22
C GLN U 25 11.70 43.88 45.30
N GLY U 26 11.50 43.51 44.04
CA GLY U 26 12.63 43.44 43.11
C GLY U 26 13.34 44.78 43.00
N VAL U 27 14.67 44.72 42.99
CA VAL U 27 15.47 45.91 42.67
C VAL U 27 15.26 46.26 41.20
N PRO U 28 15.10 47.54 40.84
CA PRO U 28 14.80 47.87 39.44
C PRO U 28 15.90 47.38 38.50
N ASP U 29 15.49 46.60 37.50
CA ASP U 29 16.37 46.14 36.43
C ASP U 29 17.49 45.23 36.94
N ARG U 30 17.34 44.68 38.14
CA ARG U 30 18.26 43.68 38.66
C ARG U 30 17.57 42.36 38.93
N GLY U 31 16.48 42.37 39.68
CA GLY U 31 15.72 41.17 39.97
C GLY U 31 14.26 41.49 40.22
N PRO U 32 13.39 40.51 40.02
CA PRO U 32 11.96 40.74 40.22
C PRO U 32 11.55 40.60 41.68
N SER U 33 10.30 40.96 41.94
CA SER U 33 9.75 40.84 43.28
C SER U 33 9.50 39.38 43.63
N LEU U 34 9.88 39.01 44.85
CA LEU U 34 9.66 37.66 45.36
C LEU U 34 8.38 37.55 46.18
N ILE U 35 7.59 38.62 46.26
CA ILE U 35 6.32 38.57 46.98
C ILE U 35 5.34 37.78 46.13
N GLY U 36 4.81 36.70 46.70
CA GLY U 36 3.84 35.86 46.02
C GLY U 36 4.44 34.80 45.13
N THR U 37 5.76 34.77 44.96
CA THR U 37 6.38 33.73 44.15
C THR U 37 6.14 32.36 44.76
N GLY U 38 6.23 32.24 46.07
CA GLY U 38 5.89 31.03 46.76
C GLY U 38 7.09 30.17 47.08
N GLU U 39 6.88 29.23 48.01
CA GLU U 39 7.94 28.29 48.37
C GLU U 39 8.30 27.38 47.21
N ALA U 40 7.33 27.06 46.35
CA ALA U 40 7.64 26.22 45.19
C ALA U 40 8.61 26.92 44.26
N ALA U 41 8.38 28.20 44.00
CA ALA U 41 9.30 28.95 43.14
C ALA U 41 10.70 28.96 43.72
N VAL U 42 10.81 29.26 45.02
CA VAL U 42 12.13 29.32 45.65
C VAL U 42 12.80 27.95 45.57
N TYR U 43 12.05 26.89 45.89
CA TYR U 43 12.66 25.56 45.88
C TYR U 43 13.18 25.22 44.49
N PHE U 44 12.35 25.43 43.46
CA PHE U 44 12.78 25.05 42.12
C PHE U 44 13.96 25.91 41.67
N GLN U 45 13.90 27.20 41.94
CA GLN U 45 14.90 28.13 41.46
C GLN U 45 16.25 27.95 42.15
N VAL U 46 16.26 27.62 43.43
CA VAL U 46 17.49 27.52 44.20
C VAL U 46 18.04 26.09 44.22
N SER U 47 17.16 25.09 44.26
CA SER U 47 17.62 23.71 44.17
C SER U 47 18.33 23.45 42.85
N THR U 48 17.79 23.99 41.76
CA THR U 48 18.49 23.97 40.48
C THR U 48 19.70 24.90 40.47
N GLY U 49 19.87 25.73 41.50
CA GLY U 49 21.03 26.57 41.63
C GLY U 49 20.99 27.87 40.83
N ARG U 50 19.87 28.16 40.17
CA ARG U 50 19.83 29.29 39.26
C ARG U 50 19.99 30.63 39.98
N MET U 51 19.58 30.71 41.25
CA MET U 51 19.29 31.99 41.88
C MET U 51 20.49 32.84 42.30
N PRO U 52 21.52 32.29 42.87
CA PRO U 52 22.73 33.09 42.95
C PRO U 52 23.20 33.30 41.52
N ALA U 53 22.45 34.13 40.79
CA ALA U 53 22.51 34.14 39.34
C ALA U 53 23.85 34.68 38.84
N MET U 54 24.36 35.72 39.51
CA MET U 54 25.70 36.23 39.31
C MET U 54 25.87 36.91 37.96
N ARG U 55 24.78 37.15 37.23
CA ARG U 55 24.85 37.89 35.98
C ARG U 55 23.44 38.11 35.44
N GLY U 56 23.28 39.22 34.73
CA GLY U 56 22.05 39.48 34.00
C GLY U 56 22.27 39.28 32.52
N GLU U 57 21.73 38.19 31.97
CA GLU U 57 21.96 37.82 30.58
C GLU U 57 20.64 37.37 29.99
N ALA U 58 20.70 36.78 28.79
CA ALA U 58 19.47 36.35 28.11
C ALA U 58 18.75 35.27 28.89
N GLN U 59 19.50 34.34 29.48
CA GLN U 59 18.93 33.15 30.09
C GLN U 59 19.77 32.76 31.28
N ALA U 60 19.17 32.75 32.46
CA ALA U 60 19.89 32.31 33.65
C ALA U 60 20.06 30.81 33.59
N PRO U 61 21.27 30.27 33.58
CA PRO U 61 21.45 28.83 33.41
C PRO U 61 21.41 28.07 34.73
N SER U 62 21.14 26.77 34.63
CA SER U 62 21.19 25.90 35.79
C SER U 62 22.64 25.66 36.19
N LYS U 63 22.87 25.53 37.49
CA LYS U 63 24.22 25.39 38.03
C LYS U 63 24.12 24.67 39.37
N PRO U 64 25.24 24.20 39.91
CA PRO U 64 25.19 23.46 41.17
C PRO U 64 24.49 24.25 42.26
N PRO U 65 23.62 23.63 43.05
CA PRO U 65 22.92 24.38 44.10
C PRO U 65 23.91 25.06 45.04
N HIS U 66 23.60 26.31 45.39
CA HIS U 66 24.39 27.07 46.33
C HIS U 66 23.92 26.90 47.77
N PHE U 67 22.81 26.18 47.98
CA PHE U 67 22.29 25.92 49.31
C PHE U 67 21.86 24.46 49.39
N ASP U 68 21.89 23.92 50.61
CA ASP U 68 21.48 22.55 50.83
C ASP U 68 19.98 22.47 51.11
N GLU U 69 19.46 21.24 51.14
CA GLU U 69 18.02 21.03 51.22
C GLU U 69 17.39 21.82 52.35
N SER U 70 18.00 21.76 53.54
CA SER U 70 17.45 22.50 54.68
C SER U 70 17.45 23.99 54.40
N GLN U 71 18.54 24.51 53.82
CA GLN U 71 18.59 25.93 53.50
C GLN U 71 17.61 26.28 52.38
N ILE U 72 17.41 25.38 51.43
CA ILE U 72 16.39 25.60 50.40
C ILE U 72 15.03 25.76 51.07
N ASP U 73 14.71 24.87 52.00
CA ASP U 73 13.44 24.97 52.70
C ASP U 73 13.35 26.27 53.50
N ALA U 74 14.45 26.67 54.12
CA ALA U 74 14.43 27.91 54.91
C ALA U 74 14.13 29.12 54.02
N LEU U 75 14.81 29.21 52.88
CA LEU U 75 14.54 30.31 51.95
C LEU U 75 13.11 30.27 51.45
N GLY U 76 12.64 29.07 51.08
CA GLY U 76 11.28 28.96 50.57
C GLY U 76 10.24 29.35 51.60
N ALA U 77 10.44 28.94 52.85
CA ALA U 77 9.52 29.31 53.92
C ALA U 77 9.56 30.81 54.18
N TYR U 78 10.76 31.41 54.12
CA TYR U 78 10.85 32.86 54.27
C TYR U 78 10.02 33.57 53.22
N VAL U 79 10.20 33.18 51.95
CA VAL U 79 9.46 33.80 50.86
C VAL U 79 7.97 33.54 51.01
N GLN U 80 7.59 32.32 51.39
CA GLN U 80 6.19 32.00 51.59
C GLN U 80 5.57 32.89 52.66
N ALA U 81 6.30 33.11 53.75
CA ALA U 81 5.79 33.97 54.81
C ALA U 81 5.63 35.40 54.33
N ASN U 82 6.60 35.90 53.56
CA ASN U 82 6.55 37.29 53.13
C ASN U 82 5.35 37.55 52.24
N GLY U 83 5.28 36.88 51.09
CA GLY U 83 4.21 37.14 50.15
C GLY U 83 3.10 36.10 50.18
N GLY U 84 3.47 34.83 50.21
CA GLY U 84 2.48 33.77 50.22
C GLY U 84 2.14 33.31 48.82
N GLY U 85 2.42 32.06 48.50
CA GLY U 85 2.22 31.55 47.17
C GLY U 85 2.32 30.04 47.09
N PRO U 86 2.62 29.52 45.91
CA PRO U 86 2.71 28.06 45.75
C PRO U 86 3.75 27.46 46.67
N THR U 87 3.47 26.25 47.15
CA THR U 87 4.32 25.56 48.11
C THR U 87 4.78 24.23 47.52
N VAL U 88 6.04 23.88 47.78
CA VAL U 88 6.60 22.66 47.20
C VAL U 88 5.86 21.45 47.76
N PRO U 89 5.53 20.45 46.94
CA PRO U 89 4.84 19.26 47.48
C PRO U 89 5.70 18.51 48.48
N ARG U 90 5.04 17.92 49.47
CA ARG U 90 5.71 17.18 50.53
C ARG U 90 4.91 15.93 50.86
N ASP U 91 5.61 14.92 51.35
CA ASP U 91 5.02 13.64 51.70
C ASP U 91 4.70 13.60 53.19
N ASP U 92 4.33 12.42 53.68
CA ASP U 92 3.94 12.29 55.09
C ASP U 92 5.07 12.70 56.02
N HIS U 93 6.31 12.32 55.69
CA HIS U 93 7.44 12.63 56.56
C HIS U 93 7.63 14.14 56.70
N GLY U 94 7.52 14.87 55.60
CA GLY U 94 7.72 16.31 55.61
C GLY U 94 8.74 16.76 54.59
N ALA U 95 9.53 15.84 54.09
CA ALA U 95 10.52 16.16 53.06
C ALA U 95 9.83 16.45 51.73
N VAL U 96 10.60 17.01 50.81
CA VAL U 96 10.09 17.32 49.48
C VAL U 96 9.71 16.03 48.78
N ALA U 97 8.42 15.84 48.54
CA ALA U 97 7.94 14.60 47.95
C ALA U 97 8.44 14.48 46.52
N GLN U 98 9.17 13.42 46.23
CA GLN U 98 9.68 13.15 44.88
C GLN U 98 9.14 11.85 44.31
N GLU U 99 9.21 10.75 45.08
CA GLU U 99 8.62 9.50 44.61
C GLU U 99 7.11 9.62 44.44
N SER U 100 6.45 10.30 45.39
CA SER U 100 4.99 10.40 45.34
C SER U 100 4.50 11.24 44.19
N LEU U 101 5.38 11.99 43.52
CA LEU U 101 4.99 12.87 42.42
C LEU U 101 5.00 12.17 41.07
N ILE U 102 5.28 10.87 41.03
CA ILE U 102 5.29 10.11 39.78
C ILE U 102 3.86 9.63 39.54
N GLY U 103 3.15 10.29 38.64
CA GLY U 103 1.79 9.87 38.34
C GLY U 103 1.75 8.49 37.72
N GLY U 104 0.68 7.76 38.03
CA GLY U 104 0.55 6.40 37.52
C GLY U 104 0.41 6.33 36.01
N ASP U 105 -0.42 7.20 35.44
CA ASP U 105 -0.66 7.20 34.01
C ASP U 105 0.50 7.85 33.27
N VAL U 106 0.91 7.25 32.15
CA VAL U 106 2.00 7.77 31.35
C VAL U 106 1.55 8.14 29.95
N ALA U 107 0.62 7.38 29.37
CA ALA U 107 0.09 7.73 28.06
C ALA U 107 -0.63 9.06 28.11
N ARG U 108 -1.48 9.25 29.12
CA ARG U 108 -2.09 10.55 29.35
C ARG U 108 -1.04 11.59 29.70
N GLY U 109 -0.05 11.21 30.52
CA GLY U 109 1.07 12.09 30.76
C GLY U 109 1.83 12.41 29.49
N GLY U 110 1.95 11.43 28.60
CA GLY U 110 2.61 11.68 27.33
C GLY U 110 1.86 12.66 26.45
N ASP U 111 0.53 12.53 26.38
CA ASP U 111 -0.27 13.49 25.63
C ASP U 111 -0.12 14.88 26.24
N LEU U 112 -0.19 14.98 27.57
CA LEU U 112 -0.02 16.27 28.22
C LEU U 112 1.34 16.88 27.88
N PHE U 113 2.39 16.07 27.94
CA PHE U 113 3.73 16.56 27.64
C PHE U 113 3.81 17.05 26.21
N ARG U 114 3.35 16.24 25.25
CA ARG U 114 3.48 16.62 23.85
C ARG U 114 2.68 17.88 23.55
N LEU U 115 1.49 18.03 24.15
CA LEU U 115 0.71 19.23 23.90
C LEU U 115 1.32 20.45 24.57
N ASN U 116 1.89 20.29 25.76
CA ASN U 116 2.39 21.41 26.55
C ASN U 116 3.91 21.51 26.58
N CYS U 117 4.59 20.41 26.92
CA CYS U 117 6.02 20.50 27.18
C CYS U 117 6.83 20.42 25.89
N ALA U 118 6.51 19.43 25.05
CA ALA U 118 7.31 19.20 23.85
C ALA U 118 7.34 20.42 22.94
N SER U 119 6.36 21.31 23.05
CA SER U 119 6.33 22.52 22.25
C SER U 119 7.71 23.14 22.15
N CYS U 120 8.43 23.21 23.27
CA CYS U 120 9.75 23.79 23.30
C CYS U 120 10.84 22.85 23.77
N HIS U 121 10.52 21.85 24.59
CA HIS U 121 11.61 21.02 25.13
C HIS U 121 12.03 19.97 24.12
N ASN U 122 11.18 18.99 23.83
CA ASN U 122 11.46 17.99 22.82
C ASN U 122 10.34 16.97 22.74
N PHE U 123 10.43 16.04 21.80
CA PHE U 123 9.58 14.87 21.85
C PHE U 123 9.81 14.09 23.14
N THR U 124 11.08 13.91 23.51
CA THR U 124 11.46 13.06 24.63
C THR U 124 12.18 13.84 25.73
N GLY U 125 11.80 15.10 25.93
CA GLY U 125 12.29 15.87 27.06
C GLY U 125 13.64 16.53 26.88
N LYS U 126 14.27 16.39 25.72
CA LYS U 126 15.55 17.07 25.49
C LYS U 126 15.32 18.57 25.47
N GLY U 127 16.38 19.35 25.26
CA GLY U 127 16.26 20.78 25.28
C GLY U 127 15.72 21.35 23.98
N GLY U 128 15.54 22.65 23.96
CA GLY U 128 15.12 23.35 22.76
C GLY U 128 15.55 24.79 22.80
N ALA U 129 15.74 25.36 21.62
CA ALA U 129 16.19 26.74 21.51
C ALA U 129 15.01 27.69 21.53
N LEU U 130 15.25 28.91 22.04
CA LEU U 130 14.21 29.92 22.15
C LEU U 130 14.68 31.21 21.49
N SER U 131 13.93 32.29 21.68
CA SER U 131 13.99 33.44 20.80
C SER U 131 15.39 34.03 20.64
N SER U 132 15.97 34.57 21.71
CA SER U 132 17.23 35.31 21.59
C SER U 132 18.09 35.00 22.82
N GLY U 133 18.98 34.02 22.67
CA GLY U 133 19.85 33.62 23.75
C GLY U 133 19.20 32.73 24.79
N LYS U 134 17.92 32.43 24.63
CA LYS U 134 17.17 31.60 25.55
C LYS U 134 17.09 30.18 25.01
N TYR U 135 16.69 29.26 25.89
CA TYR U 135 16.51 27.87 25.51
C TYR U 135 15.69 27.19 26.58
N ALA U 136 15.20 26.01 26.25
CA ALA U 136 14.52 25.14 27.20
C ALA U 136 15.47 24.02 27.60
N PRO U 137 15.93 23.95 28.84
CA PRO U 137 16.94 22.95 29.19
C PRO U 137 16.39 21.53 29.14
N ASP U 138 17.31 20.58 29.08
CA ASP U 138 16.94 19.17 29.11
C ASP U 138 16.30 18.83 30.44
N LEU U 139 15.32 17.92 30.39
CA LEU U 139 14.58 17.49 31.58
C LEU U 139 15.19 16.28 32.25
N GLY U 140 16.32 15.77 31.74
CA GLY U 140 16.89 14.56 32.33
C GLY U 140 17.32 14.74 33.77
N ASP U 141 17.92 15.89 34.08
CA ASP U 141 18.48 16.10 35.40
C ASP U 141 17.43 16.41 36.46
N ALA U 142 16.37 17.12 36.09
CA ALA U 142 15.39 17.58 37.07
C ALA U 142 14.71 16.39 37.76
N ASN U 143 14.66 16.43 39.08
CA ASN U 143 13.97 15.40 39.85
C ASN U 143 12.48 15.65 39.84
N PRO U 144 11.66 14.64 40.17
CA PRO U 144 10.21 14.81 40.10
C PRO U 144 9.70 16.10 40.75
N ALA U 145 10.19 16.42 41.94
CA ALA U 145 9.76 17.64 42.60
C ALA U 145 10.14 18.87 41.79
N GLN U 146 11.34 18.86 41.20
CA GLN U 146 11.77 20.00 40.41
C GLN U 146 10.91 20.18 39.17
N ILE U 147 10.55 19.08 38.50
CA ILE U 147 9.66 19.18 37.34
C ILE U 147 8.30 19.72 37.77
N TYR U 148 7.77 19.18 38.87
CA TYR U 148 6.47 19.63 39.35
C TYR U 148 6.48 21.12 39.66
N THR U 149 7.51 21.58 40.37
CA THR U 149 7.58 22.99 40.73
C THR U 149 7.85 23.87 39.52
N ALA U 150 8.58 23.36 38.53
CA ALA U 150 8.76 24.11 37.29
C ALA U 150 7.44 24.33 36.58
N MET U 151 6.61 23.29 36.50
CA MET U 151 5.27 23.47 35.93
C MET U 151 4.45 24.42 36.79
N LEU U 152 4.54 24.29 38.10
CA LEU U 152 3.71 25.07 39.01
C LEU U 152 4.12 26.54 39.02
N THR U 153 5.36 26.85 38.66
CA THR U 153 5.85 28.21 38.55
C THR U 153 6.70 28.33 37.29
N GLY U 154 6.25 29.15 36.35
CA GLY U 154 6.99 29.34 35.12
C GLY U 154 8.18 30.25 35.37
N PRO U 155 9.39 29.68 35.40
CA PRO U 155 10.55 30.46 35.87
C PRO U 155 10.78 31.74 35.08
N GLN U 156 11.01 31.57 33.78
CA GLN U 156 11.32 32.70 32.91
C GLN U 156 11.13 32.25 31.48
N ASN U 157 10.19 32.87 30.78
CA ASN U 157 9.78 32.49 29.43
C ASN U 157 9.11 31.12 29.41
N MET U 158 8.87 30.50 30.56
CA MET U 158 8.03 29.34 30.76
C MET U 158 6.60 29.77 31.09
N PRO U 159 5.59 29.30 30.36
CA PRO U 159 4.21 29.51 30.82
C PRO U 159 4.03 28.93 32.21
N LYS U 160 3.37 29.69 33.08
CA LYS U 160 3.11 29.25 34.44
C LYS U 160 1.84 28.40 34.44
N PHE U 161 2.00 27.10 34.64
CA PHE U 161 0.87 26.17 34.65
C PHE U 161 0.34 26.11 36.07
N SER U 162 -0.67 26.92 36.36
CA SER U 162 -1.26 26.94 37.69
C SER U 162 -1.85 25.57 38.03
N ASP U 163 -2.24 25.41 39.29
CA ASP U 163 -2.85 24.16 39.72
C ASP U 163 -4.18 23.90 39.02
N ARG U 164 -4.76 24.92 38.39
CA ARG U 164 -6.04 24.74 37.71
C ARG U 164 -5.88 24.28 36.27
N GLN U 165 -4.86 24.78 35.56
CA GLN U 165 -4.56 24.25 34.24
C GLN U 165 -4.20 22.78 34.31
N LEU U 166 -3.23 22.45 35.16
CA LEU U 166 -2.74 21.09 35.36
C LEU U 166 -2.94 20.75 36.83
N THR U 167 -4.03 20.06 37.13
CA THR U 167 -4.30 19.68 38.50
C THR U 167 -3.21 18.73 38.99
N PRO U 168 -2.98 18.69 40.30
CA PRO U 168 -1.91 17.84 40.84
C PRO U 168 -1.82 16.48 40.18
N ASP U 169 -2.98 15.93 39.78
CA ASP U 169 -2.98 14.66 39.07
C ASP U 169 -2.27 14.78 37.72
N GLU U 170 -2.62 15.82 36.94
CA GLU U 170 -1.98 16.00 35.65
C GLU U 170 -0.51 16.35 35.80
N LYS U 171 -0.16 17.14 36.82
CA LYS U 171 1.25 17.46 37.04
C LYS U 171 2.05 16.21 37.39
N ARG U 172 1.50 15.35 38.26
CA ARG U 172 2.20 14.10 38.56
C ARG U 172 2.29 13.22 37.33
N ASP U 173 1.26 13.21 36.50
CA ASP U 173 1.31 12.43 35.27
C ASP U 173 2.43 12.92 34.36
N ILE U 174 2.55 14.23 34.20
CA ILE U 174 3.60 14.79 33.36
C ILE U 174 4.97 14.51 33.95
N VAL U 175 5.09 14.59 35.28
CA VAL U 175 6.36 14.26 35.92
C VAL U 175 6.72 12.80 35.65
N ALA U 176 5.75 11.91 35.74
CA ALA U 176 6.01 10.50 35.46
C ALA U 176 6.48 10.31 34.03
N TYR U 177 5.83 10.96 33.07
CA TYR U 177 6.26 10.83 31.68
C TYR U 177 7.66 11.37 31.50
N VAL U 178 7.96 12.52 32.13
CA VAL U 178 9.29 13.12 32.00
C VAL U 178 10.35 12.16 32.52
N ARG U 179 10.14 11.63 33.71
CA ARG U 179 11.13 10.71 34.29
C ARG U 179 11.27 9.45 33.44
N GLU U 180 10.15 8.90 32.97
CA GLU U 180 10.21 7.69 32.17
C GLU U 180 10.99 7.91 30.88
N SER U 181 10.73 9.04 30.20
CA SER U 181 11.47 9.33 28.98
C SER U 181 12.94 9.57 29.27
N ALA U 182 13.24 10.29 30.37
CA ALA U 182 14.62 10.62 30.68
C ALA U 182 15.43 9.38 30.99
N GLU U 183 14.86 8.45 31.76
CA GLU U 183 15.61 7.28 32.21
C GLU U 183 15.40 6.05 31.33
N THR U 184 14.46 6.09 30.40
CA THR U 184 14.21 4.94 29.54
C THR U 184 15.36 4.77 28.55
N PRO U 185 15.95 3.59 28.44
CA PRO U 185 16.99 3.39 27.43
C PRO U 185 16.41 3.53 26.03
N SER U 186 17.24 4.01 25.11
CA SER U 186 16.83 4.17 23.72
C SER U 186 16.84 2.80 23.05
N TYR U 187 15.66 2.22 22.88
CA TYR U 187 15.55 0.95 22.19
C TYR U 187 16.04 1.11 20.76
N GLY U 188 16.87 0.19 20.31
CA GLY U 188 17.43 0.24 18.98
C GLY U 188 18.83 0.82 18.89
N GLY U 189 19.66 0.63 19.91
CA GLY U 189 21.02 1.13 19.89
C GLY U 189 21.15 2.46 20.56
N TYR U 190 22.39 2.93 20.64
CA TYR U 190 22.69 4.22 21.22
C TYR U 190 21.77 5.29 20.65
N GLY U 191 20.93 5.86 21.51
CA GLY U 191 20.08 6.95 21.10
C GLY U 191 20.86 8.24 20.98
N LEU U 192 21.04 8.73 19.76
CA LEU U 192 21.83 9.93 19.54
C LEU U 192 21.09 11.14 20.06
N GLY U 193 21.33 11.51 21.30
CA GLY U 193 20.50 12.54 21.91
C GLY U 193 19.05 12.14 21.85
N GLY U 194 18.19 13.11 21.60
CA GLY U 194 16.78 12.82 21.37
C GLY U 194 16.34 13.35 20.01
N PHE U 195 17.03 14.37 19.54
CA PHE U 195 16.76 14.90 18.21
C PHE U 195 17.10 13.84 17.17
N GLY U 196 16.15 13.54 16.30
CA GLY U 196 16.37 12.50 15.32
C GLY U 196 17.16 12.97 14.12
N PRO U 197 16.57 13.84 13.30
CA PRO U 197 17.18 14.10 11.99
C PRO U 197 18.61 14.63 12.08
N ALA U 198 18.91 15.50 13.05
CA ALA U 198 20.22 16.16 13.06
C ALA U 198 21.33 15.22 13.53
N PRO U 199 21.28 14.67 14.74
CA PRO U 199 22.30 13.67 15.12
C PRO U 199 22.33 12.48 14.18
N GLU U 200 21.19 12.06 13.66
CA GLU U 200 21.15 10.91 12.76
C GLU U 200 21.89 11.20 11.46
N GLY U 201 21.63 12.37 10.86
CA GLY U 201 22.36 12.73 9.65
C GLY U 201 23.84 12.94 9.90
N MET U 202 24.17 13.57 11.03
CA MET U 202 25.57 13.77 11.36
C MET U 202 26.27 12.44 11.53
N ALA U 203 25.62 11.49 12.20
CA ALA U 203 26.21 10.18 12.40
C ALA U 203 26.33 9.42 11.08
N MET U 204 25.34 9.55 10.19
CA MET U 204 25.52 9.00 8.86
C MET U 204 26.78 9.55 8.23
N TRP U 205 26.83 10.86 8.05
CA TRP U 205 27.93 11.48 7.31
C TRP U 205 29.29 11.23 7.96
N ILE U 206 29.33 10.99 9.27
CA ILE U 206 30.61 10.65 9.89
C ILE U 206 30.85 9.15 9.79
N ILE U 207 30.08 8.36 10.53
CA ILE U 207 30.35 6.94 10.63
C ILE U 207 30.20 6.26 9.28
N GLY U 208 29.00 6.30 8.71
CA GLY U 208 28.73 5.51 7.52
C GLY U 208 29.53 5.97 6.33
N MET U 209 29.60 7.28 6.12
CA MET U 209 30.34 7.81 4.96
C MET U 209 31.84 7.65 5.12
N VAL U 210 32.39 7.93 6.30
CA VAL U 210 33.82 7.72 6.48
C VAL U 210 34.16 6.24 6.30
N ALA U 211 33.33 5.36 6.85
CA ALA U 211 33.58 3.92 6.70
C ALA U 211 33.50 3.51 5.24
N ALA U 212 32.45 3.94 4.54
CA ALA U 212 32.29 3.54 3.14
C ALA U 212 33.41 4.08 2.28
N ILE U 213 33.78 5.34 2.48
CA ILE U 213 34.83 5.94 1.66
C ILE U 213 36.18 5.32 1.99
N GLY U 214 36.44 5.03 3.26
CA GLY U 214 37.67 4.37 3.62
C GLY U 214 37.75 2.96 3.04
N VAL U 215 36.64 2.25 3.04
CA VAL U 215 36.61 0.92 2.43
C VAL U 215 36.81 1.02 0.93
N ALA U 216 36.25 2.06 0.31
CA ALA U 216 36.47 2.25 -1.12
C ALA U 216 37.93 2.56 -1.42
N MET U 217 38.56 3.38 -0.59
CA MET U 217 39.97 3.67 -0.75
C MET U 217 40.82 2.43 -0.55
N TRP U 218 40.42 1.58 0.39
CA TRP U 218 41.14 0.32 0.60
C TRP U 218 40.99 -0.61 -0.60
N ILE U 219 39.76 -0.80 -1.07
CA ILE U 219 39.52 -1.67 -2.21
C ILE U 219 40.10 -1.05 -3.48
N GLY U 220 39.82 0.23 -3.70
CA GLY U 220 40.25 0.90 -4.91
C GLY U 220 41.69 1.34 -4.85
N SER U 221 42.15 1.93 -5.95
CA SER U 221 43.49 2.44 -6.09
C SER U 221 43.45 3.96 -6.13
N ARG U 222 44.64 4.55 -6.17
CA ARG U 222 44.80 6.00 -6.29
C ARG U 222 45.65 6.31 -7.50
N ALA U 223 45.26 7.33 -8.26
CA ALA U 223 45.96 7.69 -9.49
C ALA U 223 45.38 8.96 -10.09
N ASP V 1 31.17 -34.95 -9.68
CA ASP V 1 32.00 -34.41 -10.75
C ASP V 1 31.56 -33.00 -11.11
N PHE V 2 31.97 -32.02 -10.31
CA PHE V 2 31.51 -30.65 -10.49
C PHE V 2 32.05 -30.04 -11.78
N ALA V 3 33.29 -30.37 -12.17
CA ALA V 3 33.82 -29.84 -13.42
C ALA V 3 33.00 -30.32 -14.61
N LYS V 4 32.68 -31.61 -14.64
CA LYS V 4 31.87 -32.15 -15.73
C LYS V 4 30.46 -31.54 -15.72
N LEU V 5 29.87 -31.36 -14.54
CA LEU V 5 28.55 -30.75 -14.46
C LEU V 5 28.59 -29.31 -14.97
N ALA V 6 29.61 -28.55 -14.59
CA ALA V 6 29.72 -27.18 -15.07
C ALA V 6 29.89 -27.14 -16.58
N ALA V 7 30.73 -28.02 -17.13
CA ALA V 7 30.90 -28.07 -18.58
C ALA V 7 29.59 -28.42 -19.27
N ALA V 8 28.85 -29.39 -18.73
CA ALA V 8 27.59 -29.78 -19.34
C ALA V 8 26.58 -28.64 -19.30
N GLN V 9 26.49 -27.93 -18.17
CA GLN V 9 25.54 -26.84 -18.08
C GLN V 9 25.94 -25.70 -19.01
N GLY V 10 27.23 -25.40 -19.12
CA GLY V 10 27.67 -24.41 -20.07
C GLY V 10 27.34 -24.78 -21.51
N ASP V 11 27.54 -26.05 -21.85
CA ASP V 11 27.19 -26.51 -23.20
C ASP V 11 25.70 -26.42 -23.44
N ALA V 12 24.87 -26.79 -22.46
CA ALA V 12 23.40 -26.66 -22.59
C ALA V 12 23.07 -25.20 -22.82
N ILE V 13 23.60 -24.28 -22.03
CA ILE V 13 23.24 -22.88 -22.17
C ILE V 13 23.67 -22.36 -23.55
N ASP V 14 24.90 -22.70 -23.96
CA ASP V 14 25.41 -22.23 -25.23
C ASP V 14 24.81 -22.96 -26.42
N SER V 15 24.11 -24.06 -26.19
CA SER V 15 23.44 -24.84 -27.27
C SER V 15 22.05 -24.30 -27.48
N ARG V 16 21.41 -23.82 -26.41
CA ARG V 16 20.02 -23.32 -26.46
C ARG V 16 20.22 -21.86 -26.80
N TYR V 17 21.08 -21.17 -26.07
CA TYR V 17 21.38 -19.78 -26.34
C TYR V 17 22.78 -19.70 -26.94
N HIS V 18 23.13 -18.52 -27.43
CA HIS V 18 24.47 -18.29 -27.98
C HIS V 18 25.07 -17.02 -27.38
N PRO V 19 25.29 -17.00 -26.07
CA PRO V 19 25.87 -15.83 -25.41
C PRO V 19 27.39 -15.85 -25.31
N SER V 20 28.04 -16.86 -25.88
CA SER V 20 29.49 -16.97 -25.75
C SER V 20 30.18 -15.66 -26.12
N ALA V 21 29.86 -15.12 -27.29
CA ALA V 21 30.45 -13.85 -27.70
C ALA V 21 30.13 -12.76 -26.69
N ALA V 22 28.85 -12.59 -26.36
CA ALA V 22 28.46 -11.53 -25.45
C ALA V 22 29.06 -11.75 -24.07
N VAL V 23 28.95 -12.98 -23.55
CA VAL V 23 29.46 -13.26 -22.22
C VAL V 23 30.95 -12.94 -22.16
N ARG V 24 31.71 -13.39 -23.14
CA ARG V 24 33.13 -13.06 -23.18
C ARG V 24 33.33 -11.55 -23.22
N ARG V 25 32.48 -10.86 -23.99
CA ARG V 25 32.67 -9.41 -24.16
C ARG V 25 32.51 -8.67 -22.85
N GLN V 26 31.50 -9.01 -22.03
CA GLN V 26 31.41 -8.35 -20.72
C GLN V 26 32.45 -8.89 -19.73
N LEU V 27 32.70 -10.20 -19.71
CA LEU V 27 33.69 -10.71 -18.77
C LEU V 27 35.07 -10.12 -19.04
N ASN V 28 35.31 -9.60 -20.24
CA ASN V 28 36.58 -8.97 -20.56
C ASN V 28 36.55 -7.46 -20.44
N LYS V 29 35.38 -6.85 -20.24
CA LYS V 29 35.31 -5.41 -20.13
C LYS V 29 36.21 -4.92 -19.01
N VAL V 30 36.93 -3.83 -19.28
CA VAL V 30 37.90 -3.28 -18.33
C VAL V 30 37.25 -2.12 -17.60
N PHE V 31 37.41 -2.09 -16.28
CA PHE V 31 36.89 -1.02 -15.45
C PHE V 31 38.05 -0.38 -14.68
N PRO V 32 38.17 0.95 -14.70
CA PRO V 32 39.26 1.58 -13.95
C PRO V 32 39.15 1.28 -12.46
N THR V 33 40.31 1.20 -11.81
CA THR V 33 40.39 0.77 -10.41
C THR V 33 40.65 1.94 -9.46
N HIS V 34 40.06 3.10 -9.70
CA HIS V 34 40.20 4.22 -8.79
C HIS V 34 39.14 4.15 -7.69
N TRP V 35 39.55 4.45 -6.47
CA TRP V 35 38.63 4.34 -5.33
C TRP V 35 37.41 5.23 -5.52
N SER V 36 37.61 6.42 -6.09
CA SER V 36 36.51 7.35 -6.25
C SER V 36 35.41 6.76 -7.11
N PHE V 37 35.77 5.94 -8.10
CA PHE V 37 34.79 5.32 -8.97
C PHE V 37 33.93 4.30 -8.25
N LEU V 38 34.31 3.90 -7.03
CA LEU V 38 33.44 3.05 -6.23
C LEU V 38 32.35 3.84 -5.53
N LEU V 39 32.49 5.16 -5.42
CA LEU V 39 31.51 5.96 -4.69
C LEU V 39 30.11 5.71 -5.21
N GLY V 40 29.92 5.83 -6.53
CA GLY V 40 28.61 5.59 -7.09
C GLY V 40 28.06 4.23 -6.70
N GLU V 41 28.92 3.21 -6.74
CA GLU V 41 28.48 1.87 -6.36
C GLU V 41 27.79 1.88 -5.02
N ILE V 42 28.35 2.61 -4.05
CA ILE V 42 27.74 2.69 -2.72
C ILE V 42 26.25 2.96 -2.86
N ALA V 43 25.90 4.04 -3.57
CA ALA V 43 24.50 4.39 -3.72
C ALA V 43 23.72 3.20 -4.25
N LEU V 44 24.17 2.63 -5.38
CA LEU V 44 23.51 1.45 -5.91
C LEU V 44 23.37 0.40 -4.83
N TYR V 45 24.48 0.06 -4.16
CA TYR V 45 24.40 -0.93 -3.10
C TYR V 45 23.36 -0.52 -2.06
N SER V 46 23.45 0.71 -1.56
CA SER V 46 22.46 1.16 -0.60
C SER V 46 21.06 0.99 -1.17
N PHE V 47 20.86 1.41 -2.42
CA PHE V 47 19.56 1.27 -3.05
C PHE V 47 19.07 -0.16 -2.94
N ILE V 48 19.92 -1.12 -3.31
CA ILE V 48 19.50 -2.51 -3.26
C ILE V 48 19.03 -2.85 -1.85
N ILE V 49 19.82 -2.49 -0.84
CA ILE V 49 19.45 -2.80 0.53
C ILE V 49 18.06 -2.24 0.82
N LEU V 50 17.84 -0.99 0.44
CA LEU V 50 16.52 -0.39 0.68
C LEU V 50 15.43 -1.28 0.13
N LEU V 51 15.57 -1.68 -1.15
CA LEU V 51 14.58 -2.58 -1.73
C LEU V 51 14.40 -3.81 -0.85
N LEU V 52 15.51 -4.47 -0.52
CA LEU V 52 15.40 -5.70 0.26
C LEU V 52 14.75 -5.44 1.60
N THR V 53 15.04 -4.29 2.22
CA THR V 53 14.34 -3.95 3.45
C THR V 53 12.92 -3.50 3.15
N GLY V 54 12.75 -2.70 2.11
CA GLY V 54 11.45 -2.09 1.87
C GLY V 54 10.36 -3.13 1.72
N VAL V 55 10.60 -4.16 0.91
CA VAL V 55 9.61 -5.21 0.73
C VAL V 55 9.23 -5.79 2.08
N TRP V 56 10.23 -6.06 2.92
CA TRP V 56 9.94 -6.59 4.24
C TRP V 56 8.98 -5.66 4.99
N LEU V 57 9.29 -4.37 5.00
CA LEU V 57 8.44 -3.41 5.70
C LEU V 57 7.02 -3.42 5.14
N THR V 58 6.88 -3.70 3.84
CA THR V 58 5.55 -3.70 3.24
C THR V 58 4.69 -4.84 3.75
N LEU V 59 5.30 -5.89 4.30
CA LEU V 59 4.53 -7.02 4.81
C LEU V 59 3.92 -6.75 6.18
N PHE V 60 4.25 -5.61 6.81
CA PHE V 60 3.80 -5.33 8.16
C PHE V 60 3.24 -3.92 8.33
N PHE V 61 3.22 -3.10 7.30
CA PHE V 61 2.79 -1.72 7.39
C PHE V 61 1.42 -1.55 6.75
N ASP V 62 0.51 -0.91 7.49
CA ASP V 62 -0.83 -0.59 7.01
C ASP V 62 -0.97 0.90 6.85
N PRO V 63 -0.89 1.44 5.63
CA PRO V 63 -1.01 2.90 5.44
C PRO V 63 -2.47 3.33 5.57
N SER V 64 -2.75 4.20 6.53
CA SER V 64 -4.09 4.73 6.68
C SER V 64 -4.07 5.77 7.80
N MET V 65 -5.05 6.67 7.76
CA MET V 65 -5.31 7.56 8.87
C MET V 65 -6.50 7.12 9.71
N ALA V 66 -6.99 5.90 9.50
CA ALA V 66 -8.06 5.38 10.32
C ALA V 66 -7.67 5.47 11.79
N HIS V 67 -8.37 6.30 12.57
CA HIS V 67 -8.02 6.47 13.97
C HIS V 67 -8.27 5.20 14.74
N VAL V 68 -7.32 4.85 15.62
CA VAL V 68 -7.38 3.63 16.41
C VAL V 68 -6.63 3.88 17.71
N THR V 69 -7.05 3.18 18.75
CA THR V 69 -6.32 3.16 20.01
C THR V 69 -5.24 2.10 19.94
N TYR V 70 -4.05 2.42 20.45
CA TYR V 70 -2.93 1.50 20.31
C TYR V 70 -3.26 0.13 20.89
N ASP V 71 -3.49 0.07 22.20
CA ASP V 71 -3.81 -1.19 22.86
C ASP V 71 -2.71 -2.23 22.63
N GLY V 72 -1.50 -1.77 22.37
CA GLY V 72 -0.38 -2.63 22.09
C GLY V 72 0.60 -2.72 23.25
N VAL V 73 1.80 -3.21 22.95
CA VAL V 73 2.78 -3.46 24.00
C VAL V 73 3.33 -2.16 24.57
N TYR V 74 3.67 -1.20 23.71
CA TYR V 74 4.34 0.01 24.18
C TYR V 74 3.41 0.79 25.12
N GLN V 75 3.72 0.74 26.41
CA GLN V 75 2.82 1.34 27.40
C GLN V 75 2.67 2.85 27.24
N PRO V 76 3.73 3.64 27.02
CA PRO V 76 3.56 5.10 27.00
C PRO V 76 2.59 5.61 25.95
N LEU V 77 2.10 4.77 25.05
CA LEU V 77 1.07 5.15 24.06
C LEU V 77 -0.01 4.08 24.11
N ARG V 78 -0.94 4.21 25.06
CA ARG V 78 -2.02 3.26 25.23
C ARG V 78 -3.33 4.03 25.35
N GLY V 79 -4.30 3.65 24.53
CA GLY V 79 -5.53 4.41 24.47
C GLY V 79 -5.41 5.74 23.78
N VAL V 80 -4.25 6.06 23.21
CA VAL V 80 -4.03 7.32 22.52
C VAL V 80 -4.43 7.14 21.07
N GLN V 81 -5.27 8.04 20.56
CA GLN V 81 -5.71 7.97 19.18
C GLN V 81 -4.52 8.15 18.24
N MET V 82 -4.38 7.23 17.30
CA MET V 82 -3.31 7.30 16.31
C MET V 82 -3.83 6.74 15.00
N SER V 83 -3.24 7.20 13.91
CA SER V 83 -3.54 6.62 12.62
C SER V 83 -3.06 5.18 12.57
N ARG V 84 -3.76 4.35 11.80
CA ARG V 84 -3.35 2.96 11.65
C ARG V 84 -1.91 2.86 11.18
N ALA V 85 -1.45 3.82 10.39
CA ALA V 85 -0.06 3.80 9.93
C ALA V 85 0.90 3.88 11.12
N TYR V 86 0.64 4.79 12.05
CA TYR V 86 1.48 4.89 13.23
C TYR V 86 1.39 3.63 14.08
N GLU V 87 0.19 3.06 14.21
CA GLU V 87 0.03 1.84 14.99
C GLU V 87 0.84 0.70 14.41
N THR V 88 0.84 0.58 13.08
CA THR V 88 1.61 -0.49 12.45
C THR V 88 3.10 -0.21 12.50
N ALA V 89 3.51 1.06 12.45
CA ALA V 89 4.92 1.37 12.65
C ALA V 89 5.36 0.96 14.04
N LEU V 90 4.53 1.26 15.04
CA LEU V 90 4.82 0.81 16.40
C LEU V 90 4.86 -0.70 16.50
N ASP V 91 3.94 -1.39 15.81
CA ASP V 91 3.93 -2.84 15.82
C ASP V 91 5.21 -3.41 15.20
N ILE V 92 5.66 -2.83 14.09
CA ILE V 92 6.90 -3.26 13.49
C ILE V 92 8.05 -3.04 14.46
N SER V 93 8.09 -1.88 15.11
CA SER V 93 9.17 -1.60 16.04
C SER V 93 9.17 -2.59 17.21
N PHE V 94 8.00 -2.90 17.75
CA PHE V 94 7.89 -3.66 18.99
C PHE V 94 7.31 -5.05 18.82
N GLU V 95 6.32 -5.23 17.94
CA GLU V 95 5.56 -6.47 17.93
C GLU V 95 6.19 -7.55 17.07
N VAL V 96 6.86 -7.19 15.99
CA VAL V 96 7.43 -8.17 15.06
C VAL V 96 8.92 -8.28 15.34
N ARG V 97 9.40 -9.52 15.48
CA ARG V 97 10.80 -9.75 15.79
C ARG V 97 11.70 -9.18 14.70
N GLY V 98 12.70 -8.42 15.12
CA GLY V 98 13.60 -7.77 14.19
C GLY V 98 13.01 -6.59 13.46
N GLY V 99 11.72 -6.30 13.66
CA GLY V 99 11.11 -5.20 12.94
C GLY V 99 11.76 -3.88 13.24
N LEU V 100 12.09 -3.63 14.51
CA LEU V 100 12.85 -2.43 14.83
C LEU V 100 14.17 -2.44 14.08
N PHE V 101 14.87 -3.58 14.09
CA PHE V 101 16.14 -3.66 13.36
C PHE V 101 15.93 -3.44 11.87
N VAL V 102 14.88 -4.05 11.29
CA VAL V 102 14.70 -3.96 9.85
C VAL V 102 14.40 -2.52 9.44
N ARG V 103 13.46 -1.87 10.12
CA ARG V 103 13.14 -0.49 9.75
C ARG V 103 14.30 0.44 10.09
N GLN V 104 15.08 0.11 11.12
CA GLN V 104 16.24 0.92 11.46
C GLN V 104 17.30 0.85 10.38
N VAL V 105 17.60 -0.35 9.90
CA VAL V 105 18.55 -0.48 8.81
C VAL V 105 17.98 0.09 7.53
N HIS V 106 16.65 0.03 7.36
CA HIS V 106 16.04 0.66 6.18
C HIS V 106 16.25 2.17 6.19
N HIS V 107 16.03 2.81 7.33
CA HIS V 107 16.22 4.24 7.41
C HIS V 107 17.69 4.61 7.31
N TRP V 108 18.58 3.83 7.94
CA TRP V 108 20.01 4.09 7.79
C TRP V 108 20.44 3.91 6.35
N ALA V 109 19.88 2.94 5.64
CA ALA V 109 20.19 2.75 4.23
C ALA V 109 19.66 3.90 3.40
N ALA V 110 18.51 4.46 3.78
CA ALA V 110 18.02 5.64 3.08
C ALA V 110 18.98 6.81 3.26
N LEU V 111 19.45 7.03 4.49
CA LEU V 111 20.40 8.11 4.73
C LEU V 111 21.71 7.88 3.97
N MET V 112 22.20 6.64 3.97
CA MET V 112 23.42 6.33 3.24
C MET V 112 23.21 6.48 1.74
N PHE V 113 22.04 6.09 1.25
CA PHE V 113 21.69 6.29 -0.15
C PHE V 113 21.81 7.77 -0.52
N ALA V 114 21.18 8.63 0.28
CA ALA V 114 21.25 10.06 0.00
C ALA V 114 22.68 10.57 0.06
N ALA V 115 23.40 10.24 1.13
CA ALA V 115 24.75 10.77 1.31
C ALA V 115 25.69 10.28 0.22
N SER V 116 25.58 9.00 -0.15
CA SER V 116 26.44 8.46 -1.19
C SER V 116 26.10 9.04 -2.55
N ILE V 117 24.82 9.32 -2.81
CA ILE V 117 24.48 10.01 -4.04
C ILE V 117 25.14 11.38 -4.06
N MET V 118 25.10 12.09 -2.93
CA MET V 118 25.74 13.41 -2.89
C MET V 118 27.25 13.30 -3.13
N VAL V 119 27.89 12.33 -2.50
CA VAL V 119 29.34 12.17 -2.67
C VAL V 119 29.68 11.81 -4.10
N HIS V 120 28.90 10.91 -4.71
CA HIS V 120 29.13 10.54 -6.10
C HIS V 120 28.94 11.74 -7.03
N LEU V 121 27.89 12.53 -6.79
CA LEU V 121 27.67 13.72 -7.59
C LEU V 121 28.84 14.67 -7.46
N ALA V 122 29.35 14.88 -6.25
CA ALA V 122 30.50 15.74 -6.07
C ALA V 122 31.71 15.19 -6.81
N ARG V 123 31.94 13.88 -6.73
CA ARG V 123 33.06 13.28 -7.43
C ARG V 123 32.99 13.57 -8.91
N ILE V 124 31.86 13.24 -9.53
CA ILE V 124 31.76 13.39 -10.99
C ILE V 124 31.80 14.86 -11.38
N PHE V 125 31.23 15.75 -10.56
CA PHE V 125 31.27 17.16 -10.87
C PHE V 125 32.70 17.68 -10.85
N PHE V 126 33.44 17.42 -9.77
CA PHE V 126 34.78 17.97 -9.64
C PHE V 126 35.74 17.32 -10.62
N THR V 127 35.54 16.05 -10.95
CA THR V 127 36.38 15.37 -11.92
C THR V 127 35.94 15.60 -13.35
N GLY V 128 34.83 16.29 -13.58
CA GLY V 128 34.38 16.58 -14.92
C GLY V 128 33.94 15.37 -15.72
N ALA V 129 33.29 14.41 -15.07
CA ALA V 129 32.83 13.21 -15.73
C ALA V 129 31.55 13.41 -16.50
N PHE V 130 31.00 14.63 -16.50
CA PHE V 130 29.73 14.95 -17.12
C PHE V 130 29.87 15.54 -18.51
N ARG V 131 31.09 15.58 -19.06
CA ARG V 131 31.34 16.32 -20.28
C ARG V 131 30.79 15.52 -21.48
N ARG V 132 31.13 15.97 -22.69
CA ARG V 132 30.44 15.62 -23.93
C ARG V 132 29.86 14.20 -23.96
N PRO V 133 30.67 13.16 -23.72
CA PRO V 133 30.12 11.81 -23.86
C PRO V 133 28.97 11.51 -22.91
N ARG V 134 28.88 12.19 -21.76
CA ARG V 134 28.03 11.72 -20.68
C ARG V 134 27.25 12.85 -20.01
N GLU V 135 26.67 13.77 -20.80
CA GLU V 135 25.77 14.72 -20.17
C GLU V 135 24.47 14.03 -19.77
N ALA V 136 23.88 13.26 -20.68
CA ALA V 136 22.62 12.60 -20.38
C ALA V 136 22.72 11.83 -19.07
N ASN V 137 23.80 11.07 -18.89
CA ASN V 137 24.02 10.38 -17.63
C ASN V 137 23.88 11.36 -16.46
N TRP V 138 24.74 12.39 -16.41
CA TRP V 138 24.55 13.46 -15.44
C TRP V 138 23.08 13.79 -15.28
N VAL V 139 22.41 14.14 -16.37
CA VAL V 139 21.03 14.61 -16.27
C VAL V 139 20.19 13.58 -15.54
N ILE V 140 20.21 12.34 -16.02
CA ILE V 140 19.38 11.35 -15.35
C ILE V 140 19.84 11.18 -13.92
N GLY V 141 21.15 11.15 -13.69
CA GLY V 141 21.64 11.09 -12.32
C GLY V 141 21.07 12.20 -11.47
N SER V 142 21.08 13.43 -12.00
CA SER V 142 20.45 14.52 -11.26
C SER V 142 19.01 14.18 -10.94
N LEU V 143 18.22 13.84 -11.96
CA LEU V 143 16.86 13.41 -11.70
C LEU V 143 16.84 12.33 -10.65
N LEU V 144 17.71 11.33 -10.82
CA LEU V 144 17.76 10.24 -9.87
C LEU V 144 17.96 10.78 -8.45
N LEU V 145 18.97 11.61 -8.25
CA LEU V 145 19.17 12.21 -6.94
C LEU V 145 17.89 12.85 -6.44
N ILE V 146 17.28 13.70 -7.28
CA ILE V 146 16.07 14.38 -6.85
C ILE V 146 15.05 13.36 -6.36
N LEU V 147 14.79 12.34 -7.17
CA LEU V 147 13.82 11.34 -6.77
C LEU V 147 14.17 10.77 -5.41
N ALA V 148 15.43 10.38 -5.22
CA ALA V 148 15.83 9.82 -3.94
C ALA V 148 15.41 10.75 -2.81
N MET V 149 15.76 12.03 -2.93
CA MET V 149 15.42 12.96 -1.87
C MET V 149 13.93 12.89 -1.58
N PHE V 150 13.11 13.03 -2.61
CA PHE V 150 11.67 13.03 -2.38
C PHE V 150 11.22 11.70 -1.80
N GLU V 151 11.75 10.59 -2.29
CA GLU V 151 11.32 9.32 -1.72
C GLU V 151 11.69 9.26 -0.25
N GLY V 152 12.88 9.74 0.11
CA GLY V 152 13.22 9.81 1.51
C GLY V 152 12.18 10.59 2.29
N PHE V 153 11.75 11.72 1.74
CA PHE V 153 10.70 12.49 2.39
C PHE V 153 9.43 11.66 2.54
N PHE V 154 9.07 10.92 1.49
CA PHE V 154 7.89 10.07 1.56
C PHE V 154 8.12 8.84 2.42
N GLY V 155 9.36 8.55 2.78
CA GLY V 155 9.64 7.39 3.58
C GLY V 155 9.36 7.60 5.06
N TYR V 156 10.07 8.54 5.67
CA TYR V 156 9.80 8.86 7.06
C TYR V 156 8.48 9.58 7.26
N SER V 157 7.82 10.00 6.18
CA SER V 157 6.47 10.52 6.25
C SER V 157 5.42 9.42 6.24
N LEU V 158 5.78 8.21 5.80
CA LEU V 158 4.81 7.12 5.79
C LEU V 158 4.31 6.78 7.19
N PRO V 159 5.17 6.53 8.17
CA PRO V 159 4.65 6.31 9.52
C PRO V 159 4.14 7.61 10.10
N ASP V 160 2.82 7.75 10.17
CA ASP V 160 2.23 9.01 10.59
C ASP V 160 2.78 9.36 11.96
N ASP V 161 3.61 10.39 12.02
CA ASP V 161 4.39 10.71 13.20
C ASP V 161 4.32 12.21 13.46
N LEU V 162 4.56 12.58 14.72
CA LEU V 162 4.52 14.00 15.07
C LEU V 162 5.57 14.77 14.27
N LEU V 163 6.82 14.29 14.28
CA LEU V 163 7.87 14.96 13.52
C LEU V 163 7.56 14.91 12.02
N SER V 164 7.31 13.72 11.49
CA SER V 164 7.03 13.60 10.07
C SER V 164 5.71 14.27 9.72
N GLY V 165 4.74 14.24 10.62
CA GLY V 165 3.49 14.91 10.36
C GLY V 165 3.64 16.43 10.25
N THR V 166 4.39 17.03 11.16
CA THR V 166 4.63 18.46 11.07
C THR V 166 5.50 18.79 9.86
N GLY V 167 6.38 17.88 9.48
CA GLY V 167 7.13 18.08 8.25
C GLY V 167 6.25 18.08 7.02
N ILE V 168 5.28 17.16 6.97
CA ILE V 168 4.31 17.17 5.90
C ILE V 168 3.54 18.49 5.92
N ARG V 169 3.03 18.87 7.09
CA ARG V 169 2.27 20.11 7.20
C ARG V 169 3.05 21.29 6.66
N ALA V 170 4.29 21.46 7.10
CA ALA V 170 5.07 22.57 6.58
C ALA V 170 5.25 22.38 5.08
N ALA V 171 6.03 21.39 4.68
CA ALA V 171 6.45 21.31 3.29
C ALA V 171 5.26 21.18 2.35
N LEU V 172 4.60 20.02 2.36
CA LEU V 172 3.61 19.77 1.34
C LEU V 172 2.48 20.78 1.44
N SER V 173 1.77 20.78 2.56
CA SER V 173 0.62 21.66 2.71
C SER V 173 1.02 23.12 2.48
N GLY V 174 1.87 23.67 3.34
CA GLY V 174 2.11 25.11 3.28
C GLY V 174 2.66 25.55 1.94
N ILE V 175 3.70 24.87 1.45
CA ILE V 175 4.33 25.33 0.22
C ILE V 175 3.41 25.14 -0.96
N THR V 176 2.75 23.98 -1.07
CA THR V 176 1.84 23.77 -2.18
C THR V 176 0.70 24.78 -2.16
N MET V 177 0.16 25.07 -0.97
CA MET V 177 -0.88 26.09 -0.87
C MET V 177 -0.36 27.46 -1.25
N GLY V 178 0.93 27.71 -1.02
CA GLY V 178 1.48 29.02 -1.32
C GLY V 178 1.63 29.30 -2.80
N ILE V 179 1.73 28.26 -3.63
CA ILE V 179 2.00 28.49 -5.05
C ILE V 179 0.87 29.33 -5.63
N PRO V 180 1.16 30.41 -6.36
CA PRO V 180 0.10 31.39 -6.68
C PRO V 180 -1.10 30.83 -7.45
N VAL V 181 -0.89 30.32 -8.66
CA VAL V 181 -2.03 30.08 -9.53
C VAL V 181 -2.80 28.85 -9.09
N ILE V 182 -2.12 27.71 -9.00
CA ILE V 182 -2.76 26.42 -8.75
C ILE V 182 -2.36 25.86 -7.39
N GLY V 183 -1.74 26.65 -6.53
CA GLY V 183 -1.21 26.11 -5.30
C GLY V 183 -2.27 25.44 -4.45
N THR V 184 -3.39 26.13 -4.23
CA THR V 184 -4.47 25.54 -3.46
C THR V 184 -5.05 24.33 -4.17
N TRP V 185 -5.15 24.40 -5.50
CA TRP V 185 -5.65 23.25 -6.26
C TRP V 185 -4.70 22.06 -6.14
N MET V 186 -3.40 22.29 -6.25
CA MET V 186 -2.46 21.18 -6.08
C MET V 186 -2.55 20.61 -4.67
N HIS V 187 -2.71 21.47 -3.68
CA HIS V 187 -2.86 21.00 -2.30
C HIS V 187 -4.08 20.11 -2.16
N TRP V 188 -5.20 20.52 -2.76
CA TRP V 188 -6.43 19.74 -2.62
C TRP V 188 -6.37 18.46 -3.43
N ALA V 189 -5.61 18.44 -4.52
CA ALA V 189 -5.45 17.21 -5.29
C ALA V 189 -4.52 16.23 -4.57
N LEU V 190 -3.43 16.72 -4.00
CA LEU V 190 -2.49 15.85 -3.31
C LEU V 190 -3.10 15.23 -2.07
N PHE V 191 -3.83 16.04 -1.29
CA PHE V 191 -4.45 15.57 -0.06
C PHE V 191 -5.89 15.15 -0.26
N GLY V 192 -6.44 15.30 -1.47
CA GLY V 192 -7.85 15.03 -1.68
C GLY V 192 -8.74 15.91 -0.84
N GLY V 193 -8.25 17.07 -0.44
CA GLY V 193 -8.94 17.96 0.47
C GLY V 193 -7.93 18.78 1.24
N ASP V 194 -8.34 19.21 2.44
CA ASP V 194 -7.45 19.97 3.30
C ASP V 194 -6.34 19.07 3.83
N PHE V 195 -5.44 19.64 4.63
CA PHE V 195 -4.22 18.92 5.01
C PHE V 195 -4.49 17.57 5.65
N PRO V 196 -5.40 17.43 6.60
CA PRO V 196 -5.54 16.13 7.27
C PRO V 196 -6.35 15.14 6.44
N GLY V 197 -6.49 15.41 5.14
CA GLY V 197 -7.21 14.52 4.25
C GLY V 197 -6.91 13.06 4.53
N GLU V 198 -7.93 12.23 4.43
CA GLU V 198 -7.84 10.82 4.81
C GLU V 198 -7.26 9.94 3.70
N ILE V 199 -6.69 10.53 2.65
CA ILE V 199 -6.15 9.75 1.55
C ILE V 199 -4.71 10.17 1.28
N LEU V 200 -4.07 10.79 2.26
CA LEU V 200 -2.69 11.21 2.10
C LEU V 200 -1.73 10.04 2.28
N ILE V 201 -1.76 9.40 3.45
CA ILE V 201 -0.79 8.35 3.74
C ILE V 201 -0.88 7.20 2.75
N PRO V 202 -2.06 6.70 2.38
CA PRO V 202 -2.09 5.66 1.34
C PRO V 202 -1.47 6.11 0.03
N ARG V 203 -1.70 7.37 -0.36
CA ARG V 203 -1.12 7.88 -1.59
C ARG V 203 0.40 7.94 -1.49
N LEU V 204 0.92 8.39 -0.34
CA LEU V 204 2.37 8.41 -0.15
C LEU V 204 2.93 7.00 -0.14
N TYR V 205 2.19 6.05 0.42
CA TYR V 205 2.62 4.65 0.39
C TYR V 205 2.75 4.16 -1.04
N ALA V 206 1.73 4.44 -1.86
CA ALA V 206 1.80 4.05 -3.27
C ALA V 206 2.97 4.72 -3.96
N LEU V 207 3.18 6.00 -3.70
CA LEU V 207 4.28 6.72 -4.34
C LEU V 207 5.64 6.21 -3.88
N HIS V 208 5.72 5.69 -2.65
CA HIS V 208 7.00 5.40 -2.02
C HIS V 208 7.43 3.95 -2.14
N ILE V 209 6.49 2.99 -2.22
CA ILE V 209 6.87 1.59 -2.29
C ILE V 209 6.80 1.10 -3.72
N LEU V 210 5.98 1.73 -4.55
CA LEU V 210 5.75 1.27 -5.91
C LEU V 210 6.21 2.27 -6.96
N LEU V 211 5.70 3.50 -6.94
CA LEU V 211 5.93 4.41 -8.06
C LEU V 211 7.36 4.94 -8.07
N ILE V 212 7.73 5.68 -7.02
CA ILE V 212 9.05 6.32 -7.01
C ILE V 212 10.17 5.29 -7.02
N PRO V 213 10.12 4.21 -6.23
CA PRO V 213 11.17 3.18 -6.37
C PRO V 213 11.22 2.60 -7.77
N GLY V 214 10.08 2.44 -8.44
CA GLY V 214 10.11 1.94 -9.80
C GLY V 214 10.78 2.90 -10.76
N ILE V 215 10.46 4.19 -10.64
CA ILE V 215 11.09 5.20 -11.49
C ILE V 215 12.59 5.25 -11.20
N ILE V 216 12.96 5.19 -9.92
CA ILE V 216 14.38 5.20 -9.55
C ILE V 216 15.08 3.98 -10.11
N LEU V 217 14.43 2.82 -10.05
CA LEU V 217 15.04 1.61 -10.58
C LEU V 217 15.22 1.71 -12.09
N ALA V 218 14.23 2.24 -12.80
CA ALA V 218 14.38 2.42 -14.24
C ALA V 218 15.51 3.39 -14.57
N LEU V 219 15.60 4.48 -13.82
CA LEU V 219 16.67 5.45 -14.06
C LEU V 219 18.02 4.88 -13.69
N ILE V 220 18.09 4.02 -12.66
CA ILE V 220 19.34 3.36 -12.31
C ILE V 220 19.73 2.37 -13.40
N GLY V 221 18.76 1.65 -13.95
CA GLY V 221 19.06 0.78 -15.07
C GLY V 221 19.63 1.56 -16.24
N ALA V 222 19.01 2.69 -16.57
CA ALA V 222 19.56 3.53 -17.64
C ALA V 222 20.96 4.02 -17.28
N HIS V 223 21.15 4.46 -16.04
CA HIS V 223 22.44 4.97 -15.60
C HIS V 223 23.53 3.92 -15.76
N LEU V 224 23.29 2.73 -15.22
CA LEU V 224 24.29 1.68 -15.28
C LEU V 224 24.49 1.19 -16.70
N ALA V 225 23.43 1.17 -17.51
CA ALA V 225 23.60 0.79 -18.91
C ALA V 225 24.49 1.77 -19.65
N LEU V 226 24.29 3.07 -19.42
CA LEU V 226 25.14 4.07 -20.05
C LEU V 226 26.58 3.93 -19.59
N VAL V 227 26.79 3.79 -18.28
CA VAL V 227 28.16 3.64 -17.78
C VAL V 227 28.80 2.39 -18.35
N TRP V 228 28.02 1.33 -18.48
CA TRP V 228 28.53 0.08 -19.04
C TRP V 228 28.94 0.24 -20.49
N PHE V 229 28.12 0.92 -21.29
CA PHE V 229 28.37 1.02 -22.72
C PHE V 229 29.13 2.29 -23.09
N GLN V 230 28.84 3.42 -22.44
CA GLN V 230 29.80 4.52 -22.40
C GLN V 230 30.85 4.14 -21.36
N LYS V 231 31.78 3.29 -21.78
CA LYS V 231 32.71 2.67 -20.86
C LYS V 231 33.30 3.71 -19.92
N HIS V 232 33.38 3.33 -18.65
CA HIS V 232 33.71 4.26 -17.58
C HIS V 232 34.88 5.16 -17.96
N THR V 233 34.78 6.42 -17.57
CA THR V 233 35.88 7.35 -17.75
C THR V 233 37.01 7.00 -16.79
N GLN V 234 38.17 7.62 -17.00
CA GLN V 234 39.35 7.30 -16.23
C GLN V 234 40.15 8.56 -15.95
N PHE V 235 40.98 8.50 -14.92
CA PHE V 235 41.89 9.58 -14.61
C PHE V 235 43.13 9.50 -15.50
N PRO V 236 43.76 10.64 -15.79
CA PRO V 236 45.02 10.60 -16.54
C PRO V 236 46.08 9.82 -15.78
N GLY V 237 46.95 9.15 -16.53
CA GLY V 237 47.96 8.31 -15.94
C GLY V 237 49.00 7.88 -16.95
N PRO V 238 49.86 6.93 -16.56
CA PRO V 238 50.95 6.52 -17.46
C PRO V 238 50.49 5.99 -18.80
N GLY V 239 49.70 4.92 -18.80
CA GLY V 239 49.26 4.32 -20.04
C GLY V 239 47.83 4.64 -20.40
N ARG V 240 47.29 5.68 -19.76
CA ARG V 240 45.88 6.03 -19.87
C ARG V 240 45.70 7.15 -20.88
N THR V 241 44.78 6.97 -21.81
CA THR V 241 44.51 7.93 -22.86
C THR V 241 43.00 8.08 -23.02
N GLU V 242 42.59 9.01 -23.88
CA GLU V 242 41.18 9.22 -24.14
C GLU V 242 40.54 8.07 -24.90
N THR V 243 41.34 7.14 -25.44
CA THR V 243 40.85 6.10 -26.32
C THR V 243 41.10 4.71 -25.75
N ASN V 244 41.20 4.60 -24.43
CA ASN V 244 41.39 3.29 -23.81
C ASN V 244 40.91 3.35 -22.38
N VAL V 245 40.70 2.18 -21.79
CA VAL V 245 40.33 2.04 -20.39
C VAL V 245 41.37 1.14 -19.75
N VAL V 246 42.14 1.69 -18.81
CA VAL V 246 43.17 0.93 -18.11
C VAL V 246 42.63 0.54 -16.75
N GLY V 247 42.64 -0.76 -16.47
CA GLY V 247 42.14 -1.25 -15.20
C GLY V 247 42.15 -2.75 -15.12
N VAL V 248 41.04 -3.32 -14.63
CA VAL V 248 40.94 -4.75 -14.40
C VAL V 248 39.68 -5.26 -15.10
N ARG V 249 39.81 -6.38 -15.81
CA ARG V 249 38.65 -6.98 -16.46
C ARG V 249 37.55 -7.24 -15.43
N VAL V 250 36.33 -7.41 -15.93
CA VAL V 250 35.19 -7.55 -15.04
C VAL V 250 35.32 -8.81 -14.19
N MET V 251 35.53 -9.96 -14.83
CA MET V 251 35.24 -11.21 -14.14
C MET V 251 36.25 -11.52 -13.03
N PRO V 252 37.54 -11.74 -13.33
CA PRO V 252 38.45 -12.12 -12.24
C PRO V 252 38.41 -11.17 -11.04
N VAL V 253 38.67 -9.89 -11.27
CA VAL V 253 39.03 -8.95 -10.20
C VAL V 253 37.87 -8.01 -9.89
N PHE V 254 37.36 -7.30 -10.90
CA PHE V 254 36.38 -6.26 -10.63
C PHE V 254 35.11 -6.82 -9.99
N ALA V 255 34.64 -7.95 -10.48
CA ALA V 255 33.42 -8.53 -9.92
C ALA V 255 33.62 -8.92 -8.46
N VAL V 256 34.76 -9.52 -8.14
CA VAL V 256 35.00 -9.96 -6.76
C VAL V 256 35.06 -8.77 -5.82
N LYS V 257 35.79 -7.73 -6.20
CA LYS V 257 35.92 -6.58 -5.32
C LYS V 257 34.61 -5.80 -5.23
N SER V 258 33.83 -5.75 -6.31
CA SER V 258 32.53 -5.11 -6.25
C SER V 258 31.58 -5.86 -5.31
N GLY V 259 31.56 -7.19 -5.41
CA GLY V 259 30.74 -7.97 -4.49
C GLY V 259 31.20 -7.83 -3.05
N ALA V 260 32.51 -7.82 -2.83
CA ALA V 260 33.03 -7.64 -1.48
C ALA V 260 32.67 -6.26 -0.93
N PHE V 261 32.70 -5.23 -1.79
CA PHE V 261 32.31 -3.90 -1.37
C PHE V 261 30.83 -3.85 -1.03
N PHE V 262 29.98 -4.54 -1.80
CA PHE V 262 28.57 -4.64 -1.44
C PHE V 262 28.41 -5.33 -0.10
N ALA V 263 29.16 -6.40 0.15
CA ALA V 263 29.10 -7.07 1.44
C ALA V 263 29.50 -6.13 2.56
N MET V 264 30.58 -5.38 2.39
CA MET V 264 31.05 -4.51 3.47
C MET V 264 30.11 -3.32 3.68
N ILE V 265 29.52 -2.80 2.61
CA ILE V 265 28.55 -1.73 2.76
C ILE V 265 27.31 -2.24 3.50
N THR V 266 26.86 -3.46 3.15
CA THR V 266 25.75 -4.06 3.89
C THR V 266 26.12 -4.26 5.35
N GLY V 267 27.38 -4.62 5.62
CA GLY V 267 27.80 -4.78 6.99
C GLY V 267 27.80 -3.47 7.76
N VAL V 268 28.28 -2.40 7.13
CA VAL V 268 28.25 -1.09 7.77
C VAL V 268 26.81 -0.69 8.06
N LEU V 269 25.92 -0.91 7.09
CA LEU V 269 24.53 -0.53 7.30
C LEU V 269 23.87 -1.36 8.38
N GLY V 270 24.19 -2.66 8.46
CA GLY V 270 23.64 -3.48 9.53
C GLY V 270 24.18 -3.07 10.89
N LEU V 271 25.48 -2.77 10.97
CA LEU V 271 26.04 -2.30 12.23
C LEU V 271 25.38 -1.01 12.68
N MET V 272 25.13 -0.10 11.74
CA MET V 272 24.42 1.14 12.08
C MET V 272 22.99 0.84 12.52
N GLY V 273 22.30 -0.04 11.79
CA GLY V 273 20.93 -0.37 12.14
C GLY V 273 20.81 -0.99 13.51
N GLY V 274 21.84 -1.70 13.96
CA GLY V 274 21.84 -2.22 15.30
C GLY V 274 22.22 -1.19 16.33
N LEU V 275 23.42 -0.62 16.19
CA LEU V 275 24.03 0.14 17.27
C LEU V 275 23.54 1.59 17.32
N LEU V 276 23.00 2.11 16.22
CA LEU V 276 22.54 3.50 16.18
C LEU V 276 21.03 3.54 16.04
N THR V 277 20.39 4.38 16.83
CA THR V 277 18.94 4.54 16.80
C THR V 277 18.56 5.58 15.76
N ILE V 278 17.69 5.20 14.83
CA ILE V 278 17.24 6.07 13.75
C ILE V 278 15.73 6.23 13.89
N ASN V 279 15.26 7.46 13.88
CA ASN V 279 13.83 7.77 13.91
C ASN V 279 13.12 6.95 14.97
N PRO V 280 13.33 7.23 16.26
CA PRO V 280 12.61 6.50 17.32
C PRO V 280 11.18 7.00 17.45
N ILE V 281 10.32 6.51 16.55
CA ILE V 281 8.98 7.08 16.41
C ILE V 281 8.18 6.92 17.69
N TRP V 282 8.45 5.89 18.49
CA TRP V 282 7.66 5.70 19.70
C TRP V 282 7.79 6.88 20.63
N ASN V 283 8.98 7.46 20.74
CA ASN V 283 9.13 8.71 21.47
C ASN V 283 8.30 9.82 20.84
N LEU V 284 8.03 9.70 19.55
CA LEU V 284 7.26 10.71 18.81
C LEU V 284 5.80 10.25 18.76
N GLY V 285 4.96 10.87 19.58
CA GLY V 285 3.57 10.49 19.62
C GLY V 285 2.93 10.56 18.25
N PRO V 286 1.72 10.02 18.11
CA PRO V 286 1.02 10.12 16.84
C PRO V 286 0.78 11.57 16.46
N TYR V 287 0.79 11.83 15.16
CA TYR V 287 0.67 13.21 14.71
C TYR V 287 -0.67 13.80 15.13
N LYS V 288 -0.62 15.01 15.68
CA LYS V 288 -1.79 15.80 15.97
C LYS V 288 -1.48 17.21 15.47
N PRO V 289 -2.46 17.93 14.92
CA PRO V 289 -2.18 19.29 14.45
C PRO V 289 -1.73 20.23 15.54
N SER V 290 -2.02 19.94 16.81
CA SER V 290 -1.69 20.85 17.89
C SER V 290 -0.34 20.54 18.54
N GLN V 291 -0.01 19.26 18.71
CA GLN V 291 1.25 18.91 19.37
C GLN V 291 2.44 19.30 18.50
N VAL V 292 3.56 19.58 19.17
CA VAL V 292 4.72 20.20 18.52
C VAL V 292 5.99 19.64 19.16
N SER V 293 7.12 19.83 18.48
CA SER V 293 8.43 19.63 19.07
C SER V 293 9.34 20.76 18.65
N ALA V 294 10.40 20.98 19.43
CA ALA V 294 11.33 22.07 19.16
C ALA V 294 12.27 21.73 18.01
N GLY V 295 12.70 20.48 17.89
CA GLY V 295 13.63 20.12 16.84
C GLY V 295 13.03 20.31 15.46
N SER V 296 12.07 19.47 15.10
CA SER V 296 11.31 19.60 13.86
C SER V 296 12.24 19.87 12.67
N GLN V 297 13.08 18.89 12.38
CA GLN V 297 13.89 18.86 11.17
C GLN V 297 13.48 17.69 10.30
N PRO V 298 13.72 17.77 8.99
CA PRO V 298 13.63 16.56 8.16
C PRO V 298 14.97 15.87 8.06
N ASP V 299 15.03 14.73 7.38
CA ASP V 299 16.31 14.06 7.17
C ASP V 299 17.28 15.01 6.48
N PHE V 300 18.57 14.70 6.61
CA PHE V 300 19.59 15.68 6.27
C PHE V 300 19.49 16.14 4.82
N TYR V 301 18.90 15.31 3.95
CA TYR V 301 18.84 15.67 2.54
C TYR V 301 17.75 16.70 2.25
N MET V 302 16.84 16.95 3.20
CA MET V 302 15.89 18.05 3.10
C MET V 302 16.20 19.17 4.08
N MET V 303 17.26 19.03 4.88
CA MET V 303 17.64 20.10 5.79
C MET V 303 18.03 21.35 5.02
N TRP V 304 18.53 21.21 3.80
CA TRP V 304 18.84 22.39 3.01
C TRP V 304 17.57 23.15 2.66
N THR V 305 16.50 22.41 2.32
CA THR V 305 15.19 23.04 2.13
C THR V 305 14.74 23.77 3.38
N ASP V 306 14.79 23.10 4.52
CA ASP V 306 14.32 23.72 5.75
C ASP V 306 15.14 24.95 6.09
N GLY V 307 16.46 24.88 5.91
CA GLY V 307 17.31 26.02 6.18
C GLY V 307 17.04 27.19 5.25
N LEU V 308 16.77 26.87 3.98
CA LEU V 308 16.39 27.94 3.06
C LEU V 308 15.10 28.61 3.51
N ILE V 309 14.14 27.83 4.03
CA ILE V 309 12.96 28.44 4.64
C ILE V 309 13.38 29.38 5.76
N ARG V 310 14.22 28.89 6.67
CA ARG V 310 14.53 29.67 7.87
C ARG V 310 15.23 30.98 7.52
N LEU V 311 16.20 30.93 6.60
CA LEU V 311 17.07 32.07 6.37
C LEU V 311 16.48 33.10 5.43
N TRP V 312 15.49 32.72 4.62
CA TRP V 312 14.95 33.68 3.66
C TRP V 312 14.13 34.74 4.40
N PRO V 313 14.48 36.03 4.29
CA PRO V 313 13.87 37.04 5.17
C PRO V 313 12.42 37.39 4.84
N ALA V 314 11.51 36.49 5.21
CA ALA V 314 10.09 36.82 5.40
C ALA V 314 9.59 37.85 4.39
N TRP V 315 9.90 37.60 3.13
CA TRP V 315 9.51 38.50 2.04
C TRP V 315 8.26 37.96 1.37
N GLU V 316 7.18 38.73 1.42
CA GLU V 316 5.93 38.39 0.77
C GLU V 316 5.49 39.53 -0.12
N PHE V 317 4.65 39.20 -1.08
CA PHE V 317 4.09 40.17 -2.02
C PHE V 317 2.59 39.97 -2.09
N TYR V 318 1.87 41.07 -2.25
CA TYR V 318 0.41 41.07 -2.16
C TYR V 318 -0.17 41.75 -3.40
N PRO V 319 -0.44 40.98 -4.46
CA PRO V 319 -1.09 41.54 -5.64
C PRO V 319 -2.55 41.89 -5.39
N PHE V 320 -3.29 42.19 -6.45
CA PHE V 320 -4.63 42.75 -6.32
C PHE V 320 -5.54 41.73 -5.69
N GLY V 321 -5.70 41.79 -4.37
CA GLY V 321 -6.57 40.87 -3.68
C GLY V 321 -6.00 39.48 -3.52
N HIS V 322 -4.71 39.32 -3.70
CA HIS V 322 -4.06 38.02 -3.64
C HIS V 322 -2.80 38.10 -2.80
N THR V 323 -2.39 36.95 -2.27
CA THR V 323 -1.21 36.85 -1.42
C THR V 323 -0.20 35.91 -2.08
N ILE V 324 1.07 36.25 -1.99
CA ILE V 324 2.14 35.41 -2.48
C ILE V 324 3.02 35.07 -1.28
N PRO V 325 2.71 34.01 -0.53
CA PRO V 325 3.42 33.77 0.74
C PRO V 325 4.91 33.55 0.57
N GLN V 326 5.68 33.80 1.63
CA GLN V 326 7.12 33.61 1.55
C GLN V 326 7.51 32.18 1.24
N GLY V 327 6.67 31.21 1.61
CA GLY V 327 6.94 29.84 1.22
C GLY V 327 7.15 29.66 -0.26
N VAL V 328 6.38 30.38 -1.09
CA VAL V 328 6.58 30.32 -2.53
C VAL V 328 8.06 30.36 -2.86
N TRP V 329 8.81 31.23 -2.17
CA TRP V 329 10.22 31.42 -2.51
C TRP V 329 10.95 30.09 -2.57
N VAL V 330 10.80 29.26 -1.53
CA VAL V 330 11.56 28.02 -1.48
C VAL V 330 11.27 27.18 -2.71
N ALA V 331 10.00 27.11 -3.13
CA ALA V 331 9.69 26.35 -4.34
C ALA V 331 10.54 26.86 -5.50
N VAL V 332 10.51 28.17 -5.74
CA VAL V 332 11.36 28.74 -6.78
C VAL V 332 12.80 28.34 -6.53
N GLY V 333 13.27 28.50 -5.29
CA GLY V 333 14.60 28.05 -4.96
C GLY V 333 14.87 26.65 -5.48
N MET V 334 14.05 25.67 -5.06
CA MET V 334 14.27 24.31 -5.53
C MET V 334 14.35 24.28 -7.04
N GLY V 335 13.37 24.87 -7.72
CA GLY V 335 13.45 24.97 -9.16
C GLY V 335 14.84 25.37 -9.59
N LEU V 336 15.25 26.58 -9.24
CA LEU V 336 16.58 27.04 -9.63
C LEU V 336 17.63 26.01 -9.28
N VAL V 337 17.64 25.56 -8.01
CA VAL V 337 18.63 24.56 -7.61
C VAL V 337 18.60 23.40 -8.58
N PHE V 338 17.46 22.73 -8.70
CA PHE V 338 17.39 21.61 -9.62
C PHE V 338 17.64 22.09 -11.04
N ALA V 339 17.04 23.22 -11.42
CA ALA V 339 17.21 23.73 -12.77
C ALA V 339 18.68 23.99 -13.06
N LEU V 340 19.48 24.24 -12.02
CA LEU V 340 20.90 24.47 -12.24
C LEU V 340 21.68 23.16 -12.12
N LEU V 341 21.21 22.24 -11.28
CA LEU V 341 21.90 20.96 -11.14
C LEU V 341 21.69 20.11 -12.39
N ILE V 342 20.45 19.98 -12.85
CA ILE V 342 20.16 19.11 -13.98
C ILE V 342 20.83 19.64 -15.24
N ALA V 343 20.90 20.95 -15.39
CA ALA V 343 21.37 21.57 -16.61
C ALA V 343 22.85 21.94 -16.59
N TYR V 344 23.55 21.68 -15.48
CA TYR V 344 24.89 22.25 -15.33
C TYR V 344 25.83 21.94 -16.49
N PRO V 345 25.96 20.69 -16.95
CA PRO V 345 26.95 20.43 -18.02
C PRO V 345 26.73 21.29 -19.24
N PHE V 346 25.49 21.64 -19.54
CA PHE V 346 25.22 22.46 -20.71
C PHE V 346 25.65 23.90 -20.47
N ILE V 347 25.46 24.42 -19.26
CA ILE V 347 26.03 25.73 -18.92
C ILE V 347 27.55 25.70 -18.99
N GLU V 348 28.16 24.62 -18.51
CA GLU V 348 29.61 24.49 -18.55
C GLU V 348 30.11 24.53 -19.98
N LYS V 349 29.45 23.77 -20.88
CA LYS V 349 29.91 23.74 -22.26
C LYS V 349 29.57 25.02 -23.01
N LYS V 350 28.54 25.74 -22.56
CA LYS V 350 28.21 27.01 -23.20
C LYS V 350 29.20 28.10 -22.78
N VAL V 351 29.60 28.12 -21.51
CA VAL V 351 30.53 29.13 -21.03
C VAL V 351 31.96 28.79 -21.47
N THR V 352 32.47 27.65 -21.03
CA THR V 352 33.83 27.25 -21.39
C THR V 352 33.97 27.04 -22.89
N GLY V 353 32.96 26.43 -23.51
CA GLY V 353 33.03 26.08 -24.91
C GLY V 353 33.58 24.70 -25.20
N ASP V 354 33.83 23.90 -24.16
CA ASP V 354 34.33 22.53 -24.34
C ASP V 354 33.22 21.67 -24.92
N ASP V 355 33.28 21.44 -26.23
CA ASP V 355 32.35 20.58 -26.93
C ASP V 355 33.03 19.32 -27.44
N ALA V 356 34.15 18.95 -26.84
CA ALA V 356 34.95 17.81 -27.28
C ALA V 356 34.60 16.56 -26.48
N HIS V 357 34.84 15.41 -27.10
CA HIS V 357 34.57 14.11 -26.48
C HIS V 357 35.63 13.85 -25.43
N HIS V 358 35.28 14.07 -24.16
CA HIS V 358 36.23 13.97 -23.06
C HIS V 358 36.08 12.63 -22.37
N ASN V 359 37.14 11.83 -22.40
CA ASN V 359 37.17 10.54 -21.74
C ASN V 359 38.14 10.48 -20.56
N LEU V 360 39.15 11.34 -20.55
CA LEU V 360 40.07 11.43 -19.43
C LEU V 360 39.53 12.43 -18.42
N LEU V 361 39.37 11.98 -17.17
CA LEU V 361 38.88 12.88 -16.14
C LEU V 361 39.88 14.02 -15.93
N GLN V 362 39.45 15.01 -15.16
CA GLN V 362 40.29 16.15 -14.81
C GLN V 362 40.40 16.22 -13.30
N ARG V 363 41.62 16.33 -12.80
CA ARG V 363 41.80 16.54 -11.38
C ARG V 363 41.12 17.84 -10.98
N PRO V 364 40.42 17.89 -9.86
CA PRO V 364 39.73 19.13 -9.50
C PRO V 364 40.66 20.33 -9.46
N ARG V 365 41.91 20.15 -9.03
CA ARG V 365 42.84 21.27 -8.99
C ARG V 365 43.07 21.85 -10.38
N ASP V 366 42.97 21.02 -11.43
CA ASP V 366 43.23 21.48 -12.78
C ASP V 366 42.09 22.31 -13.36
N VAL V 367 40.98 22.44 -12.64
CA VAL V 367 39.86 23.24 -13.10
C VAL V 367 39.53 24.21 -11.98
N PRO V 368 40.34 25.25 -11.74
CA PRO V 368 40.11 26.09 -10.56
C PRO V 368 38.73 26.71 -10.52
N VAL V 369 38.18 27.12 -11.67
CA VAL V 369 36.90 27.79 -11.67
C VAL V 369 35.78 26.83 -11.28
N ARG V 370 35.77 25.64 -11.88
CA ARG V 370 34.72 24.67 -11.54
C ARG V 370 34.90 24.14 -10.14
N THR V 371 36.14 23.93 -9.70
CA THR V 371 36.36 23.51 -8.32
C THR V 371 35.86 24.57 -7.35
N ALA V 372 36.12 25.84 -7.65
CA ALA V 372 35.63 26.91 -6.80
C ALA V 372 34.11 26.96 -6.81
N ILE V 373 33.49 26.76 -7.98
CA ILE V 373 32.03 26.78 -8.07
C ILE V 373 31.43 25.63 -7.25
N GLY V 374 32.01 24.44 -7.37
CA GLY V 374 31.51 23.31 -6.61
C GLY V 374 31.71 23.47 -5.12
N SER V 375 32.86 24.02 -4.72
CA SER V 375 33.07 24.32 -3.31
C SER V 375 32.08 25.35 -2.82
N MET V 376 31.77 26.35 -3.64
CA MET V 376 30.76 27.34 -3.28
C MET V 376 29.40 26.70 -3.10
N ALA V 377 29.03 25.80 -4.01
CA ALA V 377 27.74 25.13 -3.91
C ALA V 377 27.69 24.25 -2.67
N ILE V 378 28.77 23.53 -2.37
CA ILE V 378 28.81 22.70 -1.16
C ILE V 378 28.74 23.57 0.07
N ALA V 379 29.39 24.74 0.04
CA ALA V 379 29.33 25.65 1.18
C ALA V 379 27.92 26.15 1.39
N LEU V 380 27.22 26.51 0.33
CA LEU V 380 25.84 26.96 0.47
C LEU V 380 24.95 25.84 0.98
N TYR V 381 25.15 24.62 0.47
CA TYR V 381 24.37 23.48 0.95
C TYR V 381 24.62 23.23 2.42
N LEU V 382 25.88 23.27 2.86
CA LEU V 382 26.19 23.06 4.26
C LEU V 382 25.62 24.17 5.13
N LEU V 383 25.71 25.42 4.66
CA LEU V 383 25.14 26.52 5.42
C LEU V 383 23.65 26.35 5.60
N LEU V 384 22.94 26.01 4.52
CA LEU V 384 21.50 25.80 4.63
C LEU V 384 21.19 24.62 5.54
N THR V 385 21.94 23.52 5.41
CA THR V 385 21.70 22.34 6.23
C THR V 385 21.88 22.65 7.71
N PHE V 386 22.93 23.40 8.06
CA PHE V 386 23.15 23.74 9.46
C PHE V 386 22.17 24.80 9.92
N ALA V 387 21.69 25.66 9.01
CA ALA V 387 20.64 26.60 9.37
C ALA V 387 19.37 25.86 9.78
N CYS V 388 19.02 24.80 9.06
CA CYS V 388 17.91 23.96 9.51
C CYS V 388 18.13 23.45 10.92
N MET V 389 19.39 23.23 11.30
CA MET V 389 19.72 22.75 12.64
C MET V 389 20.09 23.89 13.57
N ASN V 390 19.81 25.14 13.18
CA ASN V 390 20.16 26.27 14.02
C ASN V 390 19.45 26.20 15.37
N ASP V 391 18.25 25.61 15.42
CA ASP V 391 17.60 25.38 16.69
C ASP V 391 18.45 24.51 17.60
N ILE V 392 18.86 23.34 17.10
CA ILE V 392 19.65 22.42 17.92
C ILE V 392 21.04 22.98 18.14
N ILE V 393 21.60 23.65 17.13
CA ILE V 393 22.93 24.24 17.29
C ILE V 393 22.93 25.27 18.41
N ALA V 394 21.90 26.12 18.44
CA ALA V 394 21.77 27.08 19.53
C ALA V 394 21.60 26.39 20.86
N LEU V 395 20.75 25.35 20.90
CA LEU V 395 20.52 24.65 22.16
C LEU V 395 21.80 24.06 22.73
N LYS V 396 22.53 23.31 21.90
CA LYS V 396 23.74 22.64 22.38
C LYS V 396 24.91 23.62 22.46
N PHE V 397 25.29 24.19 21.32
CA PHE V 397 26.29 25.25 21.28
C PHE V 397 25.58 26.56 21.63
N HIS V 398 25.95 27.17 22.74
CA HIS V 398 25.15 28.28 23.23
C HIS V 398 25.34 29.50 22.33
N ILE V 399 24.46 29.63 21.35
CA ILE V 399 24.40 30.79 20.48
C ILE V 399 22.94 31.19 20.35
N SER V 400 22.65 32.49 20.46
CA SER V 400 21.26 32.92 20.39
C SER V 400 20.65 32.53 19.06
N LEU V 401 19.38 32.11 19.10
CA LEU V 401 18.71 31.64 17.90
C LEU V 401 18.68 32.73 16.83
N ASN V 402 18.41 33.97 17.23
CA ASN V 402 18.47 35.07 16.28
C ASN V 402 19.87 35.24 15.71
N ALA V 403 20.89 35.06 16.55
CA ALA V 403 22.26 35.17 16.06
C ALA V 403 22.54 34.10 15.01
N THR V 404 22.11 32.86 15.25
CA THR V 404 22.32 31.81 14.26
C THR V 404 21.55 32.10 12.98
N THR V 405 20.31 32.57 13.10
CA THR V 405 19.52 32.89 11.92
C THR V 405 20.20 33.95 11.09
N TRP V 406 20.73 34.99 11.73
CA TRP V 406 21.38 36.05 10.98
C TRP V 406 22.76 35.66 10.49
N ILE V 407 23.45 34.78 11.21
CA ILE V 407 24.70 34.23 10.70
C ILE V 407 24.42 33.51 9.39
N GLY V 408 23.35 32.71 9.36
CA GLY V 408 22.99 32.03 8.12
C GLY V 408 22.55 33.01 7.04
N ARG V 409 21.81 34.05 7.41
CA ARG V 409 21.33 35.01 6.42
C ARG V 409 22.49 35.74 5.75
N ILE V 410 23.44 36.22 6.55
CA ILE V 410 24.61 36.87 5.97
C ILE V 410 25.50 35.86 5.28
N GLY V 411 25.53 34.63 5.77
CA GLY V 411 26.41 33.63 5.19
C GLY V 411 25.97 33.18 3.82
N MET V 412 24.67 32.96 3.62
CA MET V 412 24.22 32.49 2.32
C MET V 412 24.58 33.44 1.19
N VAL V 413 25.12 34.61 1.51
CA VAL V 413 25.64 35.54 0.51
C VAL V 413 27.15 35.70 0.63
N VAL V 414 27.69 35.66 1.84
CA VAL V 414 29.12 35.92 2.04
C VAL V 414 29.94 34.64 1.99
N LEU V 415 29.53 33.63 2.73
CA LEU V 415 30.30 32.38 2.77
C LEU V 415 30.52 31.78 1.40
N PRO V 416 29.53 31.73 0.50
CA PRO V 416 29.82 31.27 -0.86
C PRO V 416 30.94 32.05 -1.53
N ALA V 417 30.98 33.37 -1.37
CA ALA V 417 32.02 34.16 -2.01
C ALA V 417 33.40 33.84 -1.42
N ILE V 418 33.49 33.77 -0.09
CA ILE V 418 34.76 33.45 0.55
C ILE V 418 35.22 32.07 0.14
N VAL V 419 34.30 31.10 0.10
CA VAL V 419 34.65 29.74 -0.25
C VAL V 419 35.09 29.68 -1.71
N TYR V 420 34.43 30.41 -2.60
CA TYR V 420 34.87 30.42 -3.99
C TYR V 420 36.28 30.97 -4.10
N PHE V 421 36.55 32.11 -3.46
CA PHE V 421 37.88 32.69 -3.54
C PHE V 421 38.93 31.72 -2.99
N VAL V 422 38.66 31.15 -1.81
CA VAL V 422 39.62 30.27 -1.18
C VAL V 422 39.85 29.02 -2.02
N ALA V 423 38.78 28.45 -2.56
CA ALA V 423 38.91 27.24 -3.37
C ALA V 423 39.65 27.50 -4.67
N TYR V 424 39.38 28.65 -5.30
CA TYR V 424 40.13 29.02 -6.50
C TYR V 424 41.61 29.11 -6.21
N ARG V 425 41.98 29.88 -5.19
CA ARG V 425 43.39 30.03 -4.87
C ARG V 425 43.99 28.70 -4.43
N TRP V 426 43.22 27.86 -3.75
CA TRP V 426 43.71 26.57 -3.31
C TRP V 426 43.97 25.65 -4.50
N ALA V 427 43.07 25.63 -5.48
CA ALA V 427 43.29 24.82 -6.67
C ALA V 427 44.53 25.29 -7.42
N ILE V 428 44.69 26.60 -7.57
CA ILE V 428 45.89 27.10 -8.26
C ILE V 428 47.14 26.75 -7.46
N SER V 429 47.06 26.80 -6.14
CA SER V 429 48.20 26.45 -5.31
C SER V 429 48.55 24.97 -5.43
N LEU V 430 47.54 24.11 -5.54
CA LEU V 430 47.81 22.70 -5.78
C LEU V 430 48.48 22.50 -7.13
N GLN V 431 48.02 23.23 -8.15
CA GLN V 431 48.69 23.19 -9.44
C GLN V 431 50.15 23.59 -9.30
N ARG V 432 50.42 24.64 -8.53
CA ARG V 432 51.79 25.11 -8.39
C ARG V 432 52.64 24.15 -7.59
N SER V 433 52.05 23.46 -6.61
CA SER V 433 52.77 22.40 -5.91
C SER V 433 53.17 21.30 -6.89
N ASP V 434 52.24 20.91 -7.77
CA ASP V 434 52.57 19.92 -8.78
C ASP V 434 53.69 20.41 -9.69
N ARG V 435 53.62 21.65 -10.14
CA ARG V 435 54.67 22.17 -11.01
C ARG V 435 56.01 22.21 -10.29
N GLU V 436 56.01 22.60 -9.00
CA GLU V 436 57.25 22.66 -8.25
C GLU V 436 57.86 21.28 -8.11
N VAL V 437 57.05 20.27 -7.80
CA VAL V 437 57.61 18.92 -7.66
C VAL V 437 58.11 18.42 -9.01
N LEU V 438 57.42 18.76 -10.09
CA LEU V 438 57.91 18.37 -11.42
C LEU V 438 59.27 18.98 -11.70
N GLU V 439 59.41 20.28 -11.46
CA GLU V 439 60.60 21.01 -11.86
C GLU V 439 61.75 20.87 -10.86
N HIS V 440 61.49 20.35 -9.66
CA HIS V 440 62.55 20.13 -8.69
C HIS V 440 62.65 18.66 -8.29
N GLY V 441 61.50 18.00 -8.17
CA GLY V 441 61.45 16.65 -7.67
C GLY V 441 61.04 16.62 -6.20
N VAL V 442 60.85 15.39 -5.71
CA VAL V 442 60.35 15.21 -4.34
C VAL V 442 61.40 15.71 -3.35
N GLU V 443 60.92 16.09 -2.17
CA GLU V 443 61.77 16.67 -1.12
C GLU V 443 62.10 15.61 -0.08
N THR V 444 63.20 15.84 0.64
CA THR V 444 63.78 14.85 1.53
C THR V 444 64.44 15.58 2.70
N GLY V 445 65.34 14.89 3.40
CA GLY V 445 66.07 15.50 4.49
C GLY V 445 67.14 16.46 4.03
N ILE V 446 67.60 17.28 4.96
CA ILE V 446 68.50 18.39 4.67
C ILE V 446 69.95 17.94 4.87
N ILE V 447 70.84 18.53 4.08
CA ILE V 447 72.27 18.27 4.15
C ILE V 447 73.01 19.59 4.07
N LYS V 448 74.14 19.66 4.78
CA LYS V 448 74.98 20.84 4.80
C LYS V 448 76.14 20.65 3.83
N ARG V 449 76.24 21.54 2.84
CA ARG V 449 77.24 21.38 1.80
C ARG V 449 78.64 21.37 2.40
N LEU V 450 79.55 20.66 1.73
CA LEU V 450 80.85 20.34 2.32
C LEU V 450 81.67 21.58 2.62
N PRO V 451 82.10 22.36 1.63
CA PRO V 451 83.02 23.47 1.93
C PRO V 451 82.38 24.53 2.81
N HIS V 452 81.24 25.06 2.39
CA HIS V 452 80.54 26.12 3.08
C HIS V 452 79.38 25.53 3.89
N GLY V 453 78.53 26.39 4.43
CA GLY V 453 77.41 25.94 5.21
C GLY V 453 76.07 26.06 4.51
N ALA V 454 76.05 25.78 3.21
CA ALA V 454 74.79 25.79 2.49
C ALA V 454 73.91 24.62 2.94
N TYR V 455 72.62 24.89 3.05
CA TYR V 455 71.63 23.88 3.43
C TYR V 455 70.71 23.60 2.26
N VAL V 456 70.61 22.34 1.87
CA VAL V 456 69.83 21.93 0.70
C VAL V 456 68.95 20.75 1.08
N GLU V 457 67.72 20.73 0.56
CA GLU V 457 66.74 19.72 0.94
C GLU V 457 67.00 18.37 0.32
N LEU V 458 67.95 18.25 -0.61
CA LEU V 458 68.29 16.97 -1.22
C LEU V 458 67.08 16.37 -1.93
N HIS V 459 66.64 17.06 -2.98
CA HIS V 459 65.45 16.65 -3.74
C HIS V 459 65.64 15.29 -4.40
N GLN V 460 64.60 14.79 -5.06
CA GLN V 460 64.67 13.56 -5.84
C GLN V 460 64.04 13.78 -7.20
N PRO V 461 64.81 13.84 -8.28
CA PRO V 461 64.22 14.03 -9.61
C PRO V 461 63.29 12.87 -9.96
N LEU V 462 62.19 13.20 -10.62
CA LEU V 462 61.24 12.21 -11.12
C LEU V 462 61.52 11.81 -12.56
N GLY V 463 62.54 12.40 -13.19
CA GLY V 463 62.81 12.14 -14.58
C GLY V 463 64.29 12.26 -14.88
N PRO V 464 64.64 12.43 -16.16
CA PRO V 464 66.05 12.49 -16.53
C PRO V 464 66.76 13.66 -15.84
N VAL V 465 68.02 13.44 -15.48
CA VAL V 465 68.82 14.41 -14.76
C VAL V 465 69.77 15.08 -15.73
N ASP V 466 69.88 16.41 -15.63
CA ASP V 466 70.77 17.16 -16.50
C ASP V 466 72.23 16.79 -16.22
N GLU V 467 73.12 17.31 -17.05
CA GLU V 467 74.55 17.08 -16.84
C GLU V 467 74.97 17.49 -15.43
N HIS V 468 74.45 18.61 -14.95
CA HIS V 468 74.71 19.06 -13.59
C HIS V 468 73.67 18.46 -12.65
N GLY V 469 73.62 18.96 -11.42
CA GLY V 469 72.76 18.34 -10.42
C GLY V 469 71.28 18.45 -10.76
N HIS V 470 70.84 19.64 -11.15
CA HIS V 470 69.41 19.86 -11.33
C HIS V 470 68.89 19.01 -12.49
N PRO V 471 67.69 18.46 -12.38
CA PRO V 471 67.17 17.59 -13.44
C PRO V 471 66.47 18.36 -14.55
N ILE V 472 66.06 17.63 -15.58
CA ILE V 472 65.22 18.17 -16.64
C ILE V 472 63.79 18.20 -16.12
N PRO V 473 63.13 19.36 -16.06
CA PRO V 473 61.75 19.37 -15.60
C PRO V 473 60.85 18.55 -16.52
N LEU V 474 59.88 17.87 -15.92
CA LEU V 474 58.91 17.09 -16.66
C LEU V 474 57.69 17.93 -16.97
N GLU V 475 56.86 17.43 -17.88
CA GLU V 475 55.67 18.13 -18.32
C GLU V 475 54.45 17.56 -17.61
N TYR V 476 53.64 18.44 -17.03
CA TYR V 476 52.43 17.99 -16.35
C TYR V 476 51.52 17.26 -17.32
N ALA V 477 50.96 16.14 -16.86
CA ALA V 477 50.10 15.31 -17.70
C ALA V 477 48.76 15.01 -17.04
N GLY V 478 48.38 15.77 -16.01
CA GLY V 478 47.10 15.56 -15.37
C GLY V 478 47.03 14.43 -14.38
N ALA V 479 48.17 13.82 -14.03
CA ALA V 479 48.19 12.72 -13.08
C ALA V 479 48.81 13.16 -11.76
N PRO V 480 48.42 12.55 -10.65
CA PRO V 480 49.01 12.94 -9.36
C PRO V 480 50.51 12.72 -9.36
N LEU V 481 51.21 13.56 -8.60
CA LEU V 481 52.64 13.49 -8.48
C LEU V 481 53.04 13.13 -7.05
N PRO V 482 54.14 12.39 -6.87
CA PRO V 482 54.54 11.97 -5.51
C PRO V 482 55.25 13.10 -4.79
N LYS V 483 54.59 13.65 -3.77
CA LYS V 483 55.18 14.68 -2.93
C LYS V 483 55.96 14.10 -1.76
N ARG V 484 55.97 12.78 -1.61
CA ARG V 484 56.70 12.13 -0.54
C ARG V 484 57.48 10.96 -1.09
N MET V 485 58.79 10.93 -0.83
CA MET V 485 59.55 9.72 -1.10
C MET V 485 58.98 8.53 -0.34
N ASN V 486 58.30 8.80 0.77
CA ASN V 486 57.50 7.79 1.45
C ASN V 486 56.82 6.85 0.48
N LYS V 487 56.10 7.41 -0.49
CA LYS V 487 55.27 6.64 -1.41
C LYS V 487 56.04 6.10 -2.61
N LEU V 488 57.35 6.35 -2.68
CA LEU V 488 58.21 5.68 -3.64
C LEU V 488 58.92 4.53 -2.95
N GLY V 489 59.76 3.83 -3.71
CA GLY V 489 60.45 2.67 -3.17
C GLY V 489 61.56 3.04 -2.22
N SER V 490 61.20 3.73 -1.13
CA SER V 490 62.18 4.21 -0.15
C SER V 490 61.73 3.83 1.23
N GLY V 491 62.53 3.03 1.94
CA GLY V 491 62.21 2.64 3.29
C GLY V 491 60.89 1.91 3.41
N GLY V 492 60.67 0.93 2.53
CA GLY V 492 59.39 0.26 2.47
C GLY V 492 59.48 -1.24 2.38
N ALA V 493 60.47 -1.84 3.03
CA ALA V 493 60.69 -3.28 2.99
C ALA V 493 60.79 -3.82 4.42
N PRO V 494 59.68 -3.85 5.15
CA PRO V 494 59.70 -4.44 6.48
C PRO V 494 59.86 -5.95 6.40
N GLY V 495 60.30 -6.53 7.51
CA GLY V 495 60.46 -7.97 7.57
C GLY V 495 59.16 -8.68 7.26
N THR V 496 59.17 -9.56 6.25
CA THR V 496 57.98 -10.26 5.82
C THR V 496 57.73 -11.55 6.59
N GLY V 497 58.29 -11.66 7.78
CA GLY V 497 58.07 -12.85 8.59
C GLY V 497 56.65 -12.93 9.12
N SER V 498 56.33 -12.03 10.03
CA SER V 498 55.01 -11.95 10.64
C SER V 498 55.01 -10.67 11.48
N PHE V 499 53.93 -10.45 12.23
CA PHE V 499 53.96 -9.33 13.17
C PHE V 499 54.83 -9.64 14.38
N LEU V 500 54.92 -10.90 14.78
CA LEU V 500 55.63 -11.28 16.00
C LEU V 500 56.97 -11.95 15.73
N PHE V 501 57.05 -12.85 14.76
CA PHE V 501 58.22 -13.68 14.54
C PHE V 501 58.66 -13.61 13.09
N PRO V 502 59.95 -13.82 12.83
CA PRO V 502 60.44 -13.76 11.44
C PRO V 502 60.22 -15.05 10.68
N ASP V 503 60.40 -14.96 9.37
CA ASP V 503 60.51 -16.08 8.47
C ASP V 503 61.97 -16.26 8.06
N PRO V 504 62.35 -17.45 7.60
CA PRO V 504 63.76 -17.67 7.25
C PRO V 504 64.23 -16.67 6.21
N ALA V 505 65.49 -16.24 6.35
CA ALA V 505 66.03 -15.19 5.49
C ALA V 505 65.86 -15.53 4.02
N VAL V 506 65.98 -16.82 3.67
CA VAL V 506 65.80 -17.22 2.28
C VAL V 506 64.37 -16.92 1.82
N GLU V 507 63.39 -17.22 2.67
CA GLU V 507 61.99 -16.95 2.32
C GLU V 507 61.74 -15.45 2.18
N HIS V 508 62.26 -14.66 3.13
CA HIS V 508 62.10 -13.21 3.04
C HIS V 508 62.72 -12.67 1.76
N GLU V 509 63.92 -13.13 1.43
CA GLU V 509 64.56 -12.73 0.19
C GLU V 509 63.63 -13.07 -0.98
N ALA V 510 63.41 -14.37 -1.20
CA ALA V 510 62.54 -14.80 -2.29
C ALA V 510 61.35 -13.88 -2.44
N LEU V 511 60.62 -13.65 -1.34
CA LEU V 511 59.41 -12.84 -1.41
C LEU V 511 59.72 -11.40 -1.83
N THR V 512 60.76 -10.79 -1.25
CA THR V 512 60.97 -9.36 -1.50
C THR V 512 61.48 -9.11 -2.91
N GLU V 513 62.43 -9.92 -3.40
CA GLU V 513 62.83 -9.74 -4.79
C GLU V 513 61.73 -10.17 -5.77
N ALA V 514 60.87 -11.11 -5.39
CA ALA V 514 59.73 -11.43 -6.25
C ALA V 514 58.80 -10.23 -6.38
N ALA V 515 58.51 -9.57 -5.25
CA ALA V 515 57.65 -8.38 -5.30
C ALA V 515 58.32 -7.25 -6.08
N HIS V 516 59.63 -7.08 -5.89
CA HIS V 516 60.37 -6.08 -6.66
C HIS V 516 60.26 -6.35 -8.15
N ALA V 517 60.47 -7.60 -8.55
CA ALA V 517 60.38 -7.96 -9.96
C ALA V 517 58.96 -7.74 -10.48
N SER V 518 57.95 -8.10 -9.69
CA SER V 518 56.58 -7.94 -10.14
C SER V 518 56.25 -6.47 -10.38
N GLU V 519 56.61 -5.60 -9.43
CA GLU V 519 56.25 -4.20 -9.57
C GLU V 519 57.07 -3.53 -10.69
N HIS V 520 58.33 -3.93 -10.84
CA HIS V 520 59.11 -3.41 -11.97
C HIS V 520 58.53 -3.88 -13.29
N LYS V 521 58.06 -5.13 -13.37
CA LYS V 521 57.45 -5.60 -14.61
C LYS V 521 56.15 -4.87 -14.89
N SER V 522 55.37 -4.56 -13.84
CA SER V 522 54.17 -3.75 -14.02
C SER V 522 54.53 -2.39 -14.60
N LEU V 523 55.52 -1.72 -14.00
CA LEU V 523 55.93 -0.41 -14.49
C LEU V 523 56.43 -0.50 -15.93
N THR V 524 57.23 -1.53 -16.24
CA THR V 524 57.77 -1.67 -17.58
C THR V 524 56.67 -1.93 -18.59
N ALA V 525 55.69 -2.77 -18.24
CA ALA V 525 54.58 -3.05 -19.14
C ALA V 525 53.76 -1.79 -19.41
N LEU V 526 53.47 -1.03 -18.36
CA LEU V 526 52.73 0.20 -18.55
C LEU V 526 53.51 1.18 -19.44
N LYS V 527 54.81 1.31 -19.20
CA LYS V 527 55.62 2.21 -20.01
C LYS V 527 55.68 1.75 -21.46
N GLU V 528 55.80 0.44 -21.69
CA GLU V 528 55.86 -0.07 -23.04
C GLU V 528 54.55 0.14 -23.77
N HIS V 529 53.42 -0.09 -23.09
CA HIS V 529 52.13 0.21 -23.70
C HIS V 529 52.02 1.69 -24.02
N GLN V 530 52.46 2.55 -23.09
CA GLN V 530 52.46 3.99 -23.31
C GLN V 530 53.25 4.36 -24.57
N ASP V 531 54.46 3.81 -24.70
CA ASP V 531 55.28 4.10 -25.87
C ASP V 531 54.63 3.57 -27.14
N ARG V 532 54.03 2.38 -27.08
CA ARG V 532 53.40 1.79 -28.25
C ARG V 532 52.19 2.60 -28.69
N ILE V 533 51.53 3.29 -27.77
CA ILE V 533 50.40 4.12 -28.16
C ILE V 533 50.84 5.20 -29.15
N HIS V 534 51.96 5.87 -28.85
CA HIS V 534 52.54 6.86 -29.75
C HIS V 534 54.04 6.64 -29.79
N GLY V 535 54.57 6.38 -30.99
CA GLY V 535 56.00 6.16 -31.17
C GLY V 535 56.28 5.13 -32.26
N GLY W 1 44.47 -12.67 -37.68
CA GLY W 1 44.13 -12.43 -39.07
C GLY W 1 43.20 -13.48 -39.64
N GLN W 2 43.11 -14.63 -38.96
CA GLN W 2 42.25 -15.73 -39.37
C GLN W 2 41.55 -16.29 -38.14
N PRO W 3 40.37 -16.90 -38.32
CA PRO W 3 39.57 -17.31 -37.16
C PRO W 3 40.15 -18.46 -36.35
N THR W 4 41.25 -19.08 -36.80
CA THR W 4 41.87 -20.19 -36.08
C THR W 4 40.89 -21.36 -35.95
N ASP W 5 40.48 -21.88 -37.11
CA ASP W 5 39.44 -22.91 -37.13
C ASP W 5 39.84 -24.13 -36.31
N ALA W 6 41.03 -24.67 -36.56
CA ALA W 6 41.49 -25.87 -35.89
C ALA W 6 42.59 -25.61 -34.86
N GLU W 7 43.26 -24.47 -34.93
CA GLU W 7 44.31 -24.16 -33.97
C GLU W 7 43.78 -24.04 -32.55
N LEU W 8 42.50 -23.72 -32.39
CA LEU W 8 41.93 -23.56 -31.05
C LEU W 8 42.11 -24.81 -30.22
N ALA W 9 42.17 -25.98 -30.86
CA ALA W 9 42.37 -27.22 -30.12
C ALA W 9 43.72 -27.22 -29.41
N GLU W 10 44.77 -26.73 -30.08
CA GLU W 10 46.10 -26.73 -29.51
C GLU W 10 46.37 -25.52 -28.62
N MET W 11 45.53 -24.48 -28.68
CA MET W 11 45.75 -23.30 -27.86
C MET W 11 45.57 -23.63 -26.39
N SER W 12 46.44 -23.08 -25.55
CA SER W 12 46.36 -23.28 -24.11
C SER W 12 45.35 -22.31 -23.51
N ARG W 13 45.11 -22.45 -22.21
CA ARG W 13 44.17 -21.56 -21.54
C ARG W 13 44.61 -20.10 -21.64
N GLU W 14 45.90 -19.85 -21.40
CA GLU W 14 46.40 -18.48 -21.48
C GLU W 14 46.33 -17.95 -22.91
N GLU W 15 46.67 -18.79 -23.88
CA GLU W 15 46.57 -18.36 -25.28
C GLU W 15 45.14 -17.99 -25.64
N LEU W 16 44.18 -18.81 -25.21
CA LEU W 16 42.78 -18.51 -25.51
C LEU W 16 42.32 -17.26 -24.77
N VAL W 17 42.82 -17.03 -23.56
CA VAL W 17 42.48 -15.79 -22.84
C VAL W 17 43.00 -14.59 -23.62
N LYS W 18 44.24 -14.68 -24.11
CA LYS W 18 44.78 -13.59 -24.91
C LYS W 18 43.98 -13.38 -26.19
N LEU W 19 43.58 -14.47 -26.83
CA LEU W 19 42.78 -14.36 -28.05
C LEU W 19 41.44 -13.69 -27.77
N GLY W 20 40.79 -14.08 -26.68
CA GLY W 20 39.54 -13.44 -26.30
C GLY W 20 39.71 -11.97 -26.00
N GLY W 21 40.77 -11.62 -25.26
CA GLY W 21 41.05 -10.22 -25.01
C GLY W 21 41.28 -9.45 -26.29
N LYS W 22 42.00 -10.05 -27.24
CA LYS W 22 42.23 -9.41 -28.53
C LYS W 22 40.93 -9.18 -29.27
N ILE W 23 40.04 -10.17 -29.25
CA ILE W 23 38.76 -10.02 -29.95
C ILE W 23 37.98 -8.85 -29.38
N ASP W 24 37.96 -8.74 -28.05
CA ASP W 24 37.23 -7.66 -27.38
C ASP W 24 38.01 -6.36 -27.31
N GLY W 25 39.24 -6.33 -27.82
CA GLY W 25 40.06 -5.15 -27.69
C GLY W 25 40.61 -4.96 -26.30
N VAL W 26 40.68 -6.01 -25.50
CA VAL W 26 41.15 -5.95 -24.13
C VAL W 26 42.52 -6.61 -24.09
N GLU W 27 43.54 -5.81 -23.82
CA GLU W 27 44.91 -6.30 -23.72
C GLU W 27 45.28 -6.38 -22.24
N THR W 28 45.52 -7.61 -21.76
CA THR W 28 45.90 -7.82 -20.37
C THR W 28 47.41 -7.66 -20.27
N ILE W 29 47.84 -6.55 -19.66
CA ILE W 29 49.25 -6.27 -19.44
C ILE W 29 49.57 -6.54 -17.98
N PHE W 30 50.65 -7.26 -17.73
CA PHE W 30 51.10 -7.57 -16.37
C PHE W 30 50.00 -8.30 -15.59
N LYS W 31 49.74 -9.52 -16.02
CA LYS W 31 48.97 -10.48 -15.22
C LYS W 31 49.95 -11.48 -14.64
N GLU W 32 50.16 -11.44 -13.33
CA GLU W 32 51.11 -12.32 -12.67
C GLU W 32 50.49 -12.90 -11.42
N PRO W 33 50.90 -14.10 -11.01
CA PRO W 33 50.41 -14.66 -9.75
C PRO W 33 50.91 -13.87 -8.56
N ARG W 34 50.10 -13.83 -7.52
CA ARG W 34 50.44 -13.07 -6.32
C ARG W 34 51.48 -13.77 -5.46
N TRP W 35 51.69 -15.07 -5.65
CA TRP W 35 52.62 -15.85 -4.84
C TRP W 35 53.55 -16.64 -5.75
N PRO W 36 54.45 -15.95 -6.46
CA PRO W 36 55.33 -16.66 -7.39
C PRO W 36 56.23 -17.69 -6.72
N VAL W 37 56.68 -17.41 -5.50
CA VAL W 37 57.57 -18.33 -4.78
C VAL W 37 56.71 -19.36 -4.07
N PRO W 38 56.82 -20.66 -4.39
CA PRO W 38 56.02 -21.67 -3.71
C PRO W 38 56.70 -22.19 -2.45
N GLY W 39 55.85 -22.54 -1.47
CA GLY W 39 56.31 -23.06 -0.22
C GLY W 39 56.59 -22.03 0.85
N THR W 40 56.58 -20.74 0.50
CA THR W 40 56.79 -19.68 1.47
C THR W 40 55.65 -19.67 2.48
N LYS W 41 55.99 -19.45 3.75
CA LYS W 41 54.99 -19.46 4.80
C LYS W 41 54.26 -18.13 4.96
N ALA W 42 54.73 -17.07 4.31
CA ALA W 42 53.92 -15.85 4.22
C ALA W 42 52.64 -16.12 3.44
N GLU W 43 52.75 -16.90 2.36
CA GLU W 43 51.56 -17.32 1.62
C GLU W 43 50.61 -18.08 2.54
N LYS W 44 51.16 -19.01 3.33
CA LYS W 44 50.33 -19.79 4.22
C LYS W 44 49.63 -18.90 5.24
N ARG W 45 50.35 -17.89 5.75
CA ARG W 45 49.75 -17.04 6.77
C ARG W 45 48.68 -16.12 6.18
N THR W 46 48.88 -15.63 4.96
CA THR W 46 47.83 -14.85 4.33
C THR W 46 46.61 -15.72 4.05
N GLU W 47 46.84 -16.96 3.63
CA GLU W 47 45.76 -17.93 3.51
C GLU W 47 45.00 -18.04 4.82
N ARG W 48 45.74 -18.21 5.92
CA ARG W 48 45.12 -18.32 7.23
C ARG W 48 44.34 -17.06 7.59
N LEU W 49 44.87 -15.89 7.24
CA LEU W 49 44.19 -14.64 7.59
C LEU W 49 42.87 -14.49 6.85
N VAL W 50 42.89 -14.76 5.54
CA VAL W 50 41.64 -14.70 4.78
C VAL W 50 40.64 -15.71 5.33
N ALA W 51 41.11 -16.92 5.63
CA ALA W 51 40.22 -17.93 6.19
C ALA W 51 39.68 -17.49 7.54
N TYR W 52 40.50 -16.81 8.34
CA TYR W 52 40.06 -16.32 9.64
C TYR W 52 38.95 -15.30 9.48
N TRP W 53 39.10 -14.38 8.53
CA TRP W 53 38.05 -13.39 8.29
C TRP W 53 36.76 -14.07 7.86
N LEU W 54 36.86 -15.04 6.95
CA LEU W 54 35.67 -15.73 6.48
C LEU W 54 35.00 -16.52 7.60
N MET W 55 35.80 -17.21 8.42
CA MET W 55 35.23 -17.96 9.53
C MET W 55 34.67 -17.04 10.60
N LEU W 56 35.24 -15.85 10.77
CA LEU W 56 34.65 -14.88 11.68
C LEU W 56 33.29 -14.43 11.17
N GLY W 57 33.18 -14.19 9.85
CA GLY W 57 31.88 -13.90 9.28
C GLY W 57 30.89 -15.03 9.49
N GLY W 58 31.35 -16.28 9.35
CA GLY W 58 30.47 -17.41 9.56
C GLY W 58 30.02 -17.54 11.02
N LEU W 59 30.94 -17.38 11.95
CA LEU W 59 30.58 -17.41 13.37
C LEU W 59 29.62 -16.28 13.70
N SER W 60 29.81 -15.11 13.09
CA SER W 60 28.90 -14.00 13.32
C SER W 60 27.52 -14.30 12.75
N GLY W 61 27.44 -14.93 11.58
CA GLY W 61 26.15 -15.32 11.05
C GLY W 61 25.45 -16.36 11.92
N LEU W 62 26.21 -17.33 12.42
CA LEU W 62 25.65 -18.29 13.35
C LEU W 62 25.16 -17.60 14.62
N ALA W 63 25.91 -16.61 15.10
CA ALA W 63 25.49 -15.85 16.27
C ALA W 63 24.21 -15.07 15.98
N LEU W 64 24.09 -14.53 14.76
CA LEU W 64 22.86 -13.85 14.37
C LEU W 64 21.69 -14.81 14.43
N LEU W 65 21.86 -16.02 13.87
CA LEU W 65 20.80 -17.01 13.93
C LEU W 65 20.43 -17.34 15.38
N LEU W 66 21.44 -17.57 16.22
CA LEU W 66 21.19 -17.97 17.59
C LEU W 66 20.51 -16.85 18.39
N VAL W 67 20.96 -15.61 18.21
CA VAL W 67 20.38 -14.50 18.96
C VAL W 67 18.97 -14.21 18.49
N PHE W 68 18.74 -14.28 17.18
CA PHE W 68 17.39 -14.06 16.66
C PHE W 68 16.43 -15.13 17.15
N LEU W 69 16.86 -16.40 17.13
CA LEU W 69 16.00 -17.46 17.65
C LEU W 69 15.81 -17.33 19.15
N PHE W 70 16.90 -17.19 19.89
CA PHE W 70 16.89 -17.29 21.35
C PHE W 70 17.51 -16.03 21.94
N TRP W 71 16.68 -15.01 22.16
CA TRP W 71 17.13 -13.85 22.91
C TRP W 71 15.93 -13.15 23.50
N PRO W 72 16.02 -12.60 24.72
CA PRO W 72 14.87 -11.92 25.32
C PRO W 72 14.52 -10.62 24.62
N TRP W 73 13.97 -10.72 23.40
CA TRP W 73 13.45 -9.54 22.72
C TRP W 73 12.08 -9.23 23.31
N GLU W 74 11.31 -8.39 22.62
CA GLU W 74 9.95 -7.99 23.03
C GLU W 74 10.01 -6.82 23.99
N TYR W 75 9.15 -5.84 23.78
CA TYR W 75 9.16 -4.64 24.62
C TYR W 75 8.93 -5.02 26.09
N GLN W 76 9.78 -4.47 26.95
CA GLN W 76 9.62 -4.62 28.39
C GLN W 76 9.32 -3.26 29.00
N PRO W 77 8.23 -3.12 29.76
CA PRO W 77 7.91 -1.80 30.31
C PRO W 77 9.06 -1.24 31.13
N PHE W 78 9.25 0.07 31.06
CA PHE W 78 10.29 0.72 31.82
C PHE W 78 10.26 0.28 33.28
N GLY W 79 11.43 -0.13 33.78
CA GLY W 79 11.60 -0.55 35.15
C GLY W 79 11.50 -2.05 35.36
N SER W 80 10.91 -2.77 34.42
CA SER W 80 10.74 -4.21 34.58
C SER W 80 12.08 -4.93 34.39
N GLU W 81 12.32 -5.93 35.24
CA GLU W 81 13.50 -6.75 35.08
C GLU W 81 13.48 -7.42 33.71
N GLY W 82 14.65 -7.48 33.07
CA GLY W 82 14.73 -7.94 31.71
C GLY W 82 14.62 -6.86 30.67
N GLU W 83 14.34 -5.62 31.09
CA GLU W 83 14.35 -4.51 30.14
C GLU W 83 15.73 -4.29 29.56
N PHE W 84 16.78 -4.52 30.35
CA PHE W 84 18.13 -4.36 29.84
C PHE W 84 18.40 -5.33 28.69
N LEU W 85 17.94 -6.58 28.83
CA LEU W 85 18.14 -7.55 27.76
C LEU W 85 17.47 -7.09 26.47
N TYR W 86 16.26 -6.55 26.59
CA TYR W 86 15.57 -6.01 25.41
C TYR W 86 16.33 -4.83 24.81
N SER W 87 16.84 -3.95 25.67
CA SER W 87 17.43 -2.70 25.19
C SER W 87 18.58 -2.95 24.24
N LEU W 88 19.23 -4.12 24.31
CA LEU W 88 20.30 -4.47 23.40
C LEU W 88 19.96 -5.72 22.59
N ALA W 89 18.67 -5.92 22.34
CA ALA W 89 18.25 -7.00 21.44
C ALA W 89 18.46 -6.59 19.98
N THR W 90 17.81 -5.51 19.55
CA THR W 90 18.04 -5.00 18.21
C THR W 90 19.50 -4.62 18.01
N PRO W 91 20.18 -3.97 18.95
CA PRO W 91 21.62 -3.77 18.79
C PRO W 91 22.37 -5.06 18.55
N LEU W 92 22.01 -6.14 19.23
CA LEU W 92 22.71 -7.40 19.00
C LEU W 92 22.39 -7.96 17.61
N TYR W 93 21.12 -7.87 17.19
CA TYR W 93 20.78 -8.31 15.84
C TYR W 93 21.64 -7.61 14.82
N GLY W 94 21.66 -6.28 14.87
CA GLY W 94 22.44 -5.53 13.92
C GLY W 94 23.92 -5.78 14.03
N LEU W 95 24.43 -5.87 15.26
CA LEU W 95 25.85 -6.13 15.48
C LEU W 95 26.25 -7.44 14.82
N THR W 96 25.52 -8.51 15.11
CA THR W 96 25.89 -9.82 14.58
C THR W 96 25.76 -9.86 13.06
N PHE W 97 24.65 -9.34 12.52
CA PHE W 97 24.46 -9.35 11.07
C PHE W 97 25.55 -8.54 10.38
N GLY W 98 25.83 -7.35 10.89
CA GLY W 98 26.85 -6.51 10.28
C GLY W 98 28.24 -7.11 10.38
N LEU W 99 28.61 -7.65 11.54
CA LEU W 99 29.90 -8.30 11.64
C LEU W 99 29.99 -9.46 10.66
N SER W 100 28.93 -10.26 10.56
CA SER W 100 28.96 -11.38 9.63
C SER W 100 29.26 -10.92 8.22
N ILE W 101 28.38 -10.08 7.66
CA ILE W 101 28.53 -9.73 6.25
C ILE W 101 29.77 -8.88 6.02
N LEU W 102 30.09 -7.99 6.98
CA LEU W 102 31.28 -7.16 6.86
C LEU W 102 32.55 -8.00 6.86
N SER W 103 32.61 -9.02 7.71
CA SER W 103 33.80 -9.86 7.75
C SER W 103 33.89 -10.73 6.51
N ILE W 104 32.75 -11.19 5.99
CA ILE W 104 32.79 -11.92 4.73
C ILE W 104 33.33 -11.02 3.61
N GLY W 105 32.86 -9.78 3.56
CA GLY W 105 33.36 -8.85 2.57
C GLY W 105 34.83 -8.54 2.75
N ILE W 106 35.26 -8.41 4.01
CA ILE W 106 36.67 -8.15 4.28
C ILE W 106 37.52 -9.32 3.81
N GLY W 107 37.06 -10.55 4.07
CA GLY W 107 37.78 -11.71 3.60
C GLY W 107 37.85 -11.76 2.09
N ALA W 108 36.76 -11.39 1.42
CA ALA W 108 36.78 -11.38 -0.04
C ALA W 108 37.75 -10.34 -0.58
N VAL W 109 37.75 -9.14 0.01
CA VAL W 109 38.69 -8.11 -0.42
C VAL W 109 40.12 -8.55 -0.18
N LEU W 110 40.39 -9.15 0.97
CA LEU W 110 41.74 -9.62 1.25
C LEU W 110 42.14 -10.74 0.29
N PHE W 111 41.20 -11.61 -0.06
CA PHE W 111 41.51 -12.65 -1.02
C PHE W 111 41.90 -12.05 -2.37
N GLN W 112 41.13 -11.07 -2.84
CA GLN W 112 41.44 -10.52 -4.16
C GLN W 112 42.65 -9.58 -4.12
N LYS W 113 43.02 -9.09 -2.94
CA LYS W 113 44.22 -8.28 -2.80
C LYS W 113 45.46 -9.11 -2.48
N LYS W 114 45.30 -10.39 -2.15
CA LYS W 114 46.40 -11.23 -1.74
C LYS W 114 46.60 -12.45 -2.62
N PHE W 115 45.56 -12.95 -3.27
CA PHE W 115 45.66 -14.20 -4.02
C PHE W 115 45.22 -14.08 -5.48
N ILE W 116 44.18 -13.32 -5.77
CA ILE W 116 43.76 -13.17 -7.17
C ILE W 116 44.85 -12.43 -7.93
N PRO W 117 45.31 -12.94 -9.08
CA PRO W 117 46.45 -12.31 -9.75
C PRO W 117 46.18 -10.87 -10.10
N GLU W 118 47.22 -10.04 -10.01
CA GLU W 118 47.11 -8.62 -10.29
C GLU W 118 47.20 -8.37 -11.78
N GLU W 119 46.22 -7.66 -12.32
CA GLU W 119 46.18 -7.34 -13.74
C GLU W 119 46.07 -5.84 -13.92
N ILE W 120 46.64 -5.35 -15.03
CA ILE W 120 46.57 -3.95 -15.40
C ILE W 120 45.94 -3.89 -16.79
N SER W 121 45.01 -4.82 -17.04
CA SER W 121 44.33 -4.90 -18.33
C SER W 121 43.94 -3.54 -18.85
N VAL W 122 44.10 -3.35 -20.16
CA VAL W 122 43.76 -2.12 -20.85
C VAL W 122 42.86 -2.48 -22.03
N GLN W 123 41.78 -1.71 -22.19
CA GLN W 123 40.76 -2.01 -23.18
C GLN W 123 40.69 -0.91 -24.23
N ASP W 124 40.27 -1.31 -25.43
CA ASP W 124 40.10 -0.37 -26.53
C ASP W 124 38.75 0.33 -26.40
N ARG W 125 38.77 1.64 -26.26
CA ARG W 125 37.56 2.44 -26.11
C ARG W 125 37.11 2.92 -27.48
N HIS W 126 36.00 2.38 -27.96
CA HIS W 126 35.45 2.74 -29.26
C HIS W 126 34.28 3.71 -29.15
N ASP W 127 34.30 4.58 -28.15
CA ASP W 127 33.16 5.44 -27.88
C ASP W 127 33.09 6.58 -28.90
N GLY W 128 31.86 6.87 -29.35
CA GLY W 128 31.61 8.04 -30.17
C GLY W 128 31.65 7.82 -31.66
N ARG W 129 30.59 8.21 -32.35
CA ARG W 129 30.55 8.27 -33.81
C ARG W 129 30.95 6.91 -34.42
N SER W 130 30.06 5.95 -34.21
CA SER W 130 30.19 4.61 -34.78
C SER W 130 30.61 4.73 -36.25
N PRO W 131 31.33 3.74 -36.79
CA PRO W 131 31.93 3.92 -38.13
C PRO W 131 30.95 4.41 -39.16
N GLU W 132 31.47 5.03 -40.22
CA GLU W 132 30.61 5.65 -41.22
C GLU W 132 29.66 4.65 -41.87
N VAL W 133 30.11 3.41 -42.06
CA VAL W 133 29.26 2.41 -42.70
C VAL W 133 28.01 2.18 -41.86
N HIS W 134 28.18 2.01 -40.56
CA HIS W 134 27.03 1.78 -39.68
C HIS W 134 26.12 3.00 -39.65
N ARG W 135 26.69 4.20 -39.58
CA ARG W 135 25.87 5.40 -39.53
C ARG W 135 25.02 5.53 -40.79
N LYS W 136 25.66 5.43 -41.96
CA LYS W 136 24.91 5.57 -43.21
C LYS W 136 23.91 4.44 -43.38
N THR W 137 24.24 3.23 -42.92
CA THR W 137 23.29 2.13 -43.05
C THR W 137 22.08 2.35 -42.16
N VAL W 138 22.28 2.83 -40.94
CA VAL W 138 21.15 3.15 -40.06
C VAL W 138 20.30 4.25 -40.68
N ALA W 139 20.95 5.29 -41.20
CA ALA W 139 20.22 6.38 -41.82
C ALA W 139 19.39 5.88 -42.99
N ALA W 140 19.98 5.03 -43.83
CA ALA W 140 19.25 4.48 -44.97
C ALA W 140 18.08 3.64 -44.51
N ASN W 141 18.29 2.79 -43.51
CA ASN W 141 17.19 1.96 -43.00
C ASN W 141 16.04 2.84 -42.53
N LEU W 142 16.33 3.83 -41.69
CA LEU W 142 15.27 4.65 -41.12
C LEU W 142 14.59 5.50 -42.19
N THR W 143 15.35 6.09 -43.11
CA THR W 143 14.74 6.91 -44.15
C THR W 143 13.91 6.06 -45.11
N ASP W 144 14.36 4.84 -45.42
CA ASP W 144 13.55 3.96 -46.23
C ASP W 144 12.26 3.60 -45.51
N ALA W 145 12.35 3.32 -44.20
CA ALA W 145 11.14 3.04 -43.44
C ALA W 145 10.17 4.21 -43.50
N LEU W 146 10.68 5.43 -43.37
CA LEU W 146 9.80 6.60 -43.35
C LEU W 146 9.23 6.88 -44.73
N GLU W 147 10.09 7.15 -45.71
CA GLU W 147 9.60 7.55 -47.03
C GLU W 147 8.85 6.41 -47.71
N GLY W 148 9.39 5.20 -47.66
CA GLY W 148 8.68 4.07 -48.23
C GLY W 148 7.31 3.87 -47.63
N SER W 149 7.19 4.09 -46.33
CA SER W 149 5.87 4.04 -45.69
C SER W 149 4.89 4.99 -46.35
N THR W 150 5.38 5.92 -47.16
CA THR W 150 4.60 6.83 -47.99
C THR W 150 4.06 8.00 -47.18
N LEU W 151 4.42 8.11 -45.90
CA LEU W 151 4.05 9.29 -45.13
C LEU W 151 4.78 10.50 -45.71
N LYS W 152 4.51 11.69 -45.18
CA LYS W 152 4.99 12.94 -45.74
C LYS W 152 4.58 13.09 -47.20
N ARG W 153 3.63 12.26 -47.64
CA ARG W 153 3.03 12.37 -48.96
C ARG W 153 1.51 12.30 -48.91
N ARG W 154 0.94 11.62 -47.93
CA ARG W 154 -0.50 11.67 -47.67
C ARG W 154 -0.72 12.69 -46.56
N LYS W 155 -0.75 13.97 -46.95
CA LYS W 155 -0.93 15.03 -45.98
C LYS W 155 -2.17 14.80 -45.14
N VAL W 156 -3.23 14.27 -45.75
CA VAL W 156 -4.47 14.01 -45.02
C VAL W 156 -4.23 12.97 -43.94
N ILE W 157 -3.53 11.87 -44.28
CA ILE W 157 -3.31 10.83 -43.30
C ILE W 157 -2.42 11.32 -42.17
N GLY W 158 -1.34 12.04 -42.51
CA GLY W 158 -0.47 12.55 -41.47
C GLY W 158 -1.19 13.51 -40.54
N LEU W 159 -1.94 14.46 -41.11
CA LEU W 159 -2.67 15.42 -40.31
C LEU W 159 -3.72 14.74 -39.45
N SER W 160 -4.42 13.75 -40.01
CA SER W 160 -5.46 13.06 -39.25
C SER W 160 -4.85 12.22 -38.14
N LEU W 161 -3.71 11.57 -38.40
CA LEU W 161 -3.03 10.83 -37.35
C LEU W 161 -2.59 11.77 -36.23
N GLY W 162 -2.02 12.92 -36.58
CA GLY W 162 -1.64 13.87 -35.56
C GLY W 162 -2.82 14.35 -34.74
N ILE W 163 -3.92 14.70 -35.41
CA ILE W 163 -5.10 15.19 -34.72
C ILE W 163 -5.69 14.11 -33.82
N GLY W 164 -5.78 12.88 -34.33
CA GLY W 164 -6.33 11.80 -33.54
C GLY W 164 -5.49 11.49 -32.33
N LEU W 165 -4.17 11.40 -32.51
CA LEU W 165 -3.28 11.14 -31.39
C LEU W 165 -3.36 12.26 -30.36
N GLY W 166 -3.39 13.52 -30.82
CA GLY W 166 -3.48 14.63 -29.88
C GLY W 166 -4.77 14.63 -29.11
N ALA W 167 -5.89 14.43 -29.80
CA ALA W 167 -7.19 14.43 -29.14
C ALA W 167 -7.29 13.27 -28.16
N PHE W 168 -6.86 12.08 -28.57
CA PHE W 168 -6.91 10.92 -27.69
C PHE W 168 -6.01 11.14 -26.47
N GLY W 169 -4.82 11.69 -26.67
CA GLY W 169 -3.94 11.96 -25.54
C GLY W 169 -4.53 12.97 -24.58
N ALA W 170 -5.12 14.04 -25.11
CA ALA W 170 -5.78 15.02 -24.26
C ALA W 170 -6.89 14.37 -23.46
N GLY W 171 -7.75 13.59 -24.12
CA GLY W 171 -8.85 12.94 -23.42
C GLY W 171 -8.36 11.97 -22.37
N THR W 172 -7.32 11.20 -22.67
CA THR W 172 -6.85 10.19 -21.73
C THR W 172 -6.15 10.85 -20.54
N LEU W 173 -5.36 11.89 -20.77
CA LEU W 173 -4.74 12.59 -19.66
C LEU W 173 -5.78 13.28 -18.79
N VAL W 174 -6.80 13.88 -19.42
CA VAL W 174 -7.89 14.47 -18.65
C VAL W 174 -8.61 13.40 -17.84
N ALA W 175 -8.78 12.21 -18.41
CA ALA W 175 -9.42 11.12 -17.68
C ALA W 175 -8.58 10.69 -16.49
N PHE W 176 -7.27 10.56 -16.69
CA PHE W 176 -6.38 10.25 -15.57
C PHE W 176 -6.49 11.28 -14.46
N ILE W 177 -6.36 12.56 -14.81
CA ILE W 177 -6.13 13.58 -13.79
C ILE W 177 -7.45 14.04 -13.15
N GLY W 178 -8.53 14.11 -13.91
CA GLY W 178 -9.77 14.65 -13.37
C GLY W 178 -10.22 13.94 -12.10
N GLY W 179 -9.82 12.69 -11.93
CA GLY W 179 -10.05 12.03 -10.66
C GLY W 179 -9.39 12.75 -9.51
N LEU W 180 -8.18 13.27 -9.74
CA LEU W 180 -7.45 13.95 -8.68
C LEU W 180 -8.01 15.34 -8.41
N ILE W 181 -8.37 16.08 -9.47
CA ILE W 181 -8.70 17.49 -9.32
C ILE W 181 -9.94 17.64 -8.45
N LYS W 182 -9.81 18.43 -7.39
CA LYS W 182 -10.93 18.80 -6.54
C LYS W 182 -10.96 20.31 -6.39
N ASN W 183 -12.13 20.90 -6.61
CA ASN W 183 -12.28 22.33 -6.48
C ASN W 183 -12.07 22.74 -5.03
N PRO W 184 -10.98 23.45 -4.69
CA PRO W 184 -10.77 23.83 -3.29
C PRO W 184 -11.82 24.79 -2.77
N TRP W 185 -12.56 25.45 -3.65
CA TRP W 185 -13.52 26.47 -3.26
C TRP W 185 -14.96 26.01 -3.44
N LYS W 186 -15.18 24.71 -3.50
CA LYS W 186 -16.52 24.16 -3.44
C LYS W 186 -17.08 24.41 -2.06
N PRO W 187 -18.25 25.05 -1.92
CA PRO W 187 -18.79 25.27 -0.57
C PRO W 187 -19.24 23.97 0.07
N VAL W 188 -18.46 23.46 1.01
CA VAL W 188 -18.72 22.18 1.65
C VAL W 188 -18.96 22.34 3.15
N VAL W 189 -18.22 23.23 3.81
CA VAL W 189 -18.35 23.40 5.26
C VAL W 189 -19.59 24.22 5.54
N PRO W 190 -20.58 23.68 6.25
CA PRO W 190 -21.75 24.50 6.61
C PRO W 190 -21.37 25.62 7.54
N THR W 191 -22.04 26.76 7.37
CA THR W 191 -21.76 27.94 8.17
C THR W 191 -23.03 28.72 8.39
N ALA W 192 -23.03 29.54 9.44
CA ALA W 192 -24.19 30.37 9.73
C ALA W 192 -24.56 31.27 8.56
N GLU W 193 -23.58 31.59 7.71
CA GLU W 193 -23.80 32.39 6.51
C GLU W 193 -23.79 31.54 5.24
N GLY W 194 -24.27 30.30 5.32
CA GLY W 194 -24.30 29.42 4.17
C GLY W 194 -23.01 28.62 4.03
N LYS W 195 -23.11 27.53 3.27
CA LYS W 195 -21.98 26.65 3.08
C LYS W 195 -20.79 27.41 2.52
N LYS W 196 -19.60 27.16 3.07
CA LYS W 196 -18.39 27.86 2.69
C LYS W 196 -17.28 26.86 2.44
N ALA W 197 -16.29 27.28 1.67
CA ALA W 197 -15.14 26.43 1.40
C ALA W 197 -14.32 26.21 2.67
N VAL W 198 -13.59 25.11 2.68
CA VAL W 198 -12.92 24.67 3.91
C VAL W 198 -11.98 25.75 4.43
N LEU W 199 -11.14 26.31 3.55
CA LEU W 199 -10.11 27.22 4.02
C LEU W 199 -10.69 28.50 4.61
N TRP W 200 -11.95 28.82 4.32
CA TRP W 200 -12.59 29.97 4.93
C TRP W 200 -13.14 29.69 6.32
N THR W 201 -13.02 28.46 6.79
CA THR W 201 -13.65 28.05 8.04
C THR W 201 -12.72 27.19 8.87
N SER W 202 -13.09 27.00 10.13
CA SER W 202 -12.43 26.09 11.04
C SER W 202 -13.46 25.66 12.08
N GLY W 203 -12.99 25.01 13.15
CA GLY W 203 -13.88 24.66 14.22
C GLY W 203 -14.48 25.85 14.95
N TRP W 204 -13.94 27.05 14.73
CA TRP W 204 -14.43 28.25 15.37
C TRP W 204 -15.48 28.98 14.55
N THR W 205 -15.73 28.55 13.34
CA THR W 205 -16.78 29.15 12.53
C THR W 205 -18.13 28.79 13.12
N PRO W 206 -18.98 29.76 13.46
CA PRO W 206 -20.27 29.40 14.05
C PRO W 206 -21.16 28.65 13.07
N ARG W 207 -21.45 27.39 13.38
CA ARG W 207 -22.31 26.60 12.49
C ARG W 207 -23.72 27.16 12.44
N PHE W 208 -24.17 27.81 13.52
CA PHE W 208 -25.43 28.53 13.53
C PHE W 208 -25.26 29.80 14.35
N LYS W 209 -26.14 30.77 14.09
CA LYS W 209 -26.04 32.05 14.77
C LYS W 209 -26.17 31.88 16.28
N GLY W 210 -25.39 32.66 17.02
CA GLY W 210 -25.43 32.58 18.46
C GLY W 210 -24.90 31.28 19.02
N GLU W 211 -24.11 30.54 18.25
CA GLU W 211 -23.57 29.28 18.72
C GLU W 211 -22.48 29.52 19.74
N THR W 212 -22.50 28.73 20.82
CA THR W 212 -21.55 28.88 21.91
C THR W 212 -20.43 27.87 21.69
N ILE W 213 -19.28 28.37 21.23
CA ILE W 213 -18.11 27.55 20.98
C ILE W 213 -17.17 27.74 22.17
N TYR W 214 -17.10 26.73 23.03
CA TYR W 214 -16.30 26.84 24.25
C TYR W 214 -14.81 26.64 23.93
N LEU W 215 -13.98 27.42 24.63
CA LEU W 215 -12.53 27.26 24.59
C LEU W 215 -12.19 26.11 25.53
N ALA W 216 -12.37 24.88 25.04
CA ALA W 216 -12.20 23.70 25.88
C ALA W 216 -10.75 23.25 25.88
N ARG W 217 -10.25 22.93 27.06
CA ARG W 217 -8.88 22.45 27.20
C ARG W 217 -8.81 20.97 26.86
N ALA W 218 -7.68 20.56 26.28
CA ALA W 218 -7.48 19.19 25.83
C ALA W 218 -6.75 18.41 26.92
N THR W 219 -7.51 17.96 27.91
CA THR W 219 -6.98 17.00 28.86
C THR W 219 -6.73 15.67 28.15
N GLY W 220 -5.53 15.12 28.33
CA GLY W 220 -5.14 13.94 27.59
C GLY W 220 -5.64 12.64 28.19
N ARG W 221 -6.88 12.64 28.67
CA ARG W 221 -7.44 11.42 29.22
C ARG W 221 -7.67 10.40 28.10
N PRO W 222 -7.52 9.11 28.37
CA PRO W 222 -7.65 8.11 27.29
C PRO W 222 -9.07 7.96 26.76
N GLY W 223 -9.51 8.93 25.97
CA GLY W 223 -10.74 8.78 25.21
C GLY W 223 -11.95 9.50 25.77
N GLU W 224 -12.13 9.47 27.10
CA GLU W 224 -13.34 9.99 27.71
C GLU W 224 -13.12 11.44 28.14
N SER W 225 -14.08 12.29 27.80
CA SER W 225 -14.05 13.70 28.16
C SER W 225 -12.70 14.34 27.86
N PRO W 226 -12.16 14.15 26.65
CA PRO W 226 -10.87 14.79 26.32
C PRO W 226 -10.93 16.31 26.33
N PHE W 227 -12.12 16.88 26.19
CA PHE W 227 -12.31 18.33 26.19
C PHE W 227 -13.26 18.70 27.32
N VAL W 228 -12.89 19.70 28.10
CA VAL W 228 -13.69 20.17 29.22
C VAL W 228 -13.75 21.69 29.14
N LYS W 229 -14.92 22.25 29.46
CA LYS W 229 -15.08 23.70 29.42
C LYS W 229 -14.01 24.35 30.29
N MET W 230 -13.76 25.63 30.08
CA MET W 230 -12.65 26.31 30.71
C MET W 230 -13.14 27.61 31.34
N ARG W 231 -12.41 28.07 32.34
CA ARG W 231 -12.78 29.25 33.10
C ARG W 231 -11.60 30.21 33.16
N PRO W 232 -11.85 31.52 33.16
CA PRO W 232 -10.72 32.46 33.12
C PRO W 232 -9.76 32.31 34.28
N GLU W 233 -10.28 31.95 35.46
CA GLU W 233 -9.42 31.82 36.63
C GLU W 233 -8.36 30.74 36.43
N ASP W 234 -8.63 29.77 35.55
CA ASP W 234 -7.69 28.66 35.37
C ASP W 234 -6.36 29.14 34.83
N ILE W 235 -6.38 30.02 33.83
CA ILE W 235 -5.15 30.60 33.30
C ILE W 235 -4.69 31.69 34.25
N ASP W 236 -3.45 31.59 34.71
CA ASP W 236 -2.86 32.58 35.59
C ASP W 236 -1.87 33.43 34.81
N ALA W 237 -1.70 34.67 35.27
CA ALA W 237 -0.85 35.64 34.59
C ALA W 237 0.44 34.99 34.11
N GLY W 238 0.77 35.23 32.85
CA GLY W 238 1.91 34.57 32.24
C GLY W 238 1.71 33.08 32.04
N GLY W 239 0.52 32.68 31.65
CA GLY W 239 0.22 31.28 31.40
C GLY W 239 -0.48 31.10 30.07
N MET W 240 -0.08 30.06 29.36
CA MET W 240 -0.63 29.74 28.05
C MET W 240 -1.25 28.35 28.09
N GLU W 241 -2.43 28.22 27.49
CA GLU W 241 -3.08 26.92 27.37
C GLU W 241 -3.66 26.76 25.98
N THR W 242 -3.46 25.60 25.38
CA THR W 242 -4.07 25.28 24.12
C THR W 242 -5.54 24.93 24.34
N VAL W 243 -6.41 25.56 23.56
CA VAL W 243 -7.85 25.39 23.67
C VAL W 243 -8.40 25.06 22.29
N PHE W 244 -9.54 24.39 22.27
CA PHE W 244 -10.18 23.91 21.07
C PHE W 244 -11.64 24.33 21.06
N PRO W 245 -12.27 24.35 19.88
CA PRO W 245 -13.68 24.75 19.76
C PRO W 245 -14.65 23.63 20.11
N TRP W 246 -14.91 23.46 21.40
CA TRP W 246 -15.78 22.40 21.86
C TRP W 246 -17.21 22.91 21.93
N ARG W 247 -18.12 22.23 21.24
CA ARG W 247 -19.53 22.55 21.26
C ARG W 247 -20.24 21.73 22.33
N GLU W 248 -21.45 22.18 22.69
CA GLU W 248 -22.26 21.39 23.61
C GLU W 248 -22.66 20.06 23.00
N SER W 249 -22.99 20.06 21.70
CA SER W 249 -23.33 18.81 21.02
C SER W 249 -22.15 17.85 21.01
N ASP W 250 -20.94 18.36 20.84
CA ASP W 250 -19.74 17.53 20.84
C ASP W 250 -19.39 17.13 22.29
N GLY W 251 -20.31 16.38 22.90
CA GLY W 251 -20.14 15.99 24.28
C GLY W 251 -18.92 15.12 24.48
N ASP W 252 -18.76 14.58 25.69
CA ASP W 252 -17.63 13.70 25.95
C ASP W 252 -17.61 12.54 24.96
N GLY W 253 -16.48 11.83 24.95
CA GLY W 253 -16.29 10.77 23.98
C GLY W 253 -16.88 9.44 24.41
N THR W 254 -17.82 9.49 25.35
CA THR W 254 -18.37 8.25 25.89
C THR W 254 -19.07 7.42 24.80
N THR W 255 -19.86 8.06 23.96
CA THR W 255 -20.64 7.36 22.96
C THR W 255 -19.89 7.32 21.63
N VAL W 256 -20.46 6.61 20.66
CA VAL W 256 -19.81 6.44 19.36
C VAL W 256 -20.03 7.68 18.49
N GLU W 257 -21.22 8.29 18.57
CA GLU W 257 -21.46 9.52 17.83
C GLU W 257 -20.46 10.59 18.22
N SER W 258 -20.35 10.86 19.52
CA SER W 258 -19.18 11.54 20.04
C SER W 258 -17.97 10.62 19.96
N GLU W 259 -16.80 11.14 20.27
CA GLU W 259 -15.51 10.51 20.09
C GLU W 259 -15.12 10.50 18.62
N HIS W 260 -16.01 10.90 17.72
CA HIS W 260 -15.69 11.18 16.32
C HIS W 260 -15.80 12.66 16.01
N LYS W 261 -16.78 13.35 16.60
CA LYS W 261 -16.79 14.80 16.58
C LYS W 261 -15.58 15.34 17.33
N LEU W 262 -15.27 14.75 18.48
CA LEU W 262 -14.09 15.17 19.24
C LEU W 262 -12.82 14.87 18.49
N THR W 263 -12.76 13.74 17.78
CA THR W 263 -11.61 13.46 16.94
C THR W 263 -11.49 14.51 15.82
N GLU W 264 -12.63 14.94 15.28
CA GLU W 264 -12.59 16.00 14.28
C GLU W 264 -12.04 17.30 14.87
N ILE W 265 -12.46 17.63 16.09
CA ILE W 265 -11.95 18.83 16.74
C ILE W 265 -10.45 18.72 16.93
N ALA W 266 -9.99 17.56 17.41
CA ALA W 266 -8.56 17.38 17.67
C ALA W 266 -7.76 17.45 16.39
N MET W 267 -8.26 16.86 15.32
CA MET W 267 -7.55 16.81 14.05
C MET W 267 -7.81 18.02 13.17
N GLY W 268 -8.64 18.95 13.60
CA GLY W 268 -8.81 20.18 12.86
C GLY W 268 -7.52 20.96 12.80
N VAL W 269 -7.02 21.22 11.59
CA VAL W 269 -5.72 21.88 11.46
C VAL W 269 -5.77 23.27 12.07
N ARG W 270 -6.81 24.02 11.74
CA ARG W 270 -6.96 25.39 12.23
C ARG W 270 -7.73 25.47 13.53
N ASN W 271 -8.26 24.36 14.02
CA ASN W 271 -9.01 24.38 15.28
C ASN W 271 -8.17 24.84 16.46
N PRO W 272 -6.95 24.35 16.69
CA PRO W 272 -6.24 24.71 17.92
C PRO W 272 -6.00 26.21 18.02
N VAL W 273 -6.14 26.72 19.24
CA VAL W 273 -5.85 28.10 19.58
C VAL W 273 -5.04 28.07 20.87
N MET W 274 -4.28 29.13 21.12
CA MET W 274 -3.59 29.29 22.39
C MET W 274 -4.16 30.51 23.10
N LEU W 275 -4.58 30.32 24.33
CA LEU W 275 -5.07 31.39 25.19
C LEU W 275 -3.96 31.75 26.16
N ILE W 276 -3.54 33.01 26.13
CA ILE W 276 -2.43 33.50 26.94
C ILE W 276 -2.95 34.59 27.84
N ARG W 277 -2.65 34.50 29.13
CA ARG W 277 -3.04 35.52 30.09
C ARG W 277 -1.89 36.52 30.20
N ILE W 278 -2.11 37.71 29.65
CA ILE W 278 -1.10 38.76 29.74
C ILE W 278 -1.02 39.24 31.18
N LYS W 279 0.20 39.35 31.69
CA LYS W 279 0.36 39.82 33.06
C LYS W 279 -0.23 41.23 33.19
N PRO W 280 -0.90 41.54 34.29
CA PRO W 280 -1.46 42.89 34.44
C PRO W 280 -0.40 43.99 34.35
N ALA W 281 0.79 43.75 34.91
CA ALA W 281 1.85 44.74 34.86
C ALA W 281 2.26 45.05 33.42
N ASP W 282 2.13 44.06 32.52
CA ASP W 282 2.44 44.24 31.12
C ASP W 282 1.25 44.73 30.32
N MET W 283 0.09 44.89 30.95
CA MET W 283 -1.12 45.21 30.20
C MET W 283 -0.96 46.50 29.41
N HIS W 284 -0.34 47.52 30.00
CA HIS W 284 -0.22 48.79 29.31
C HIS W 284 0.60 48.68 28.04
N ARG W 285 1.45 47.65 27.92
CA ARG W 285 2.28 47.49 26.73
C ARG W 285 1.54 46.89 25.56
N VAL W 286 0.33 46.37 25.76
CA VAL W 286 -0.37 45.68 24.69
C VAL W 286 -0.75 46.66 23.60
N ILE W 287 -0.43 46.31 22.36
CA ILE W 287 -0.83 47.07 21.19
C ILE W 287 -1.80 46.21 20.39
N LYS W 288 -2.94 46.78 20.04
CA LYS W 288 -4.05 46.02 19.49
C LYS W 288 -4.08 46.13 17.97
N ARG W 289 -4.94 45.33 17.36
CA ARG W 289 -5.10 45.31 15.92
C ARG W 289 -6.47 45.89 15.54
N LYS W 290 -6.47 46.73 14.52
CA LYS W 290 -7.70 47.37 14.08
C LYS W 290 -8.73 46.30 13.72
N GLY W 291 -9.93 46.45 14.27
CA GLY W 291 -10.94 45.42 14.16
C GLY W 291 -10.80 44.29 15.16
N GLN W 292 -9.75 44.30 15.97
CA GLN W 292 -9.53 43.29 17.01
C GLN W 292 -9.25 43.96 18.35
N GLU W 293 -9.83 45.14 18.58
CA GLU W 293 -9.52 45.91 19.77
C GLU W 293 -10.19 45.31 21.01
N SER W 294 -11.31 44.61 20.84
CA SER W 294 -12.03 44.00 21.95
C SER W 294 -11.93 42.49 21.96
N PHE W 295 -11.06 41.91 21.12
CA PHE W 295 -10.97 40.46 21.06
C PHE W 295 -10.47 39.89 22.37
N ASN W 296 -9.65 40.62 23.09
CA ASN W 296 -9.16 40.16 24.38
C ASN W 296 -10.22 40.35 25.44
N PHE W 297 -10.46 39.31 26.23
CA PHE W 297 -11.35 39.38 27.37
C PHE W 297 -10.49 39.72 28.58
N GLY W 298 -10.50 40.99 28.97
CA GLY W 298 -9.62 41.46 30.02
C GLY W 298 -8.16 41.26 29.67
N GLU W 299 -7.49 40.36 30.38
CA GLU W 299 -6.09 40.06 30.15
C GLU W 299 -5.89 38.70 29.50
N LEU W 300 -6.93 38.16 28.86
CA LEU W 300 -6.85 36.89 28.14
C LEU W 300 -6.85 37.18 26.65
N PHE W 301 -5.89 36.60 25.93
CA PHE W 301 -5.78 36.79 24.48
C PHE W 301 -5.74 35.43 23.82
N ALA W 302 -6.63 35.22 22.85
CA ALA W 302 -6.69 33.97 22.10
C ALA W 302 -6.10 34.21 20.72
N TYR W 303 -4.99 33.53 20.44
CA TYR W 303 -4.34 33.62 19.14
C TYR W 303 -4.21 32.22 18.55
N THR W 304 -4.46 32.09 17.26
CA THR W 304 -4.34 30.78 16.63
C THR W 304 -2.94 30.21 16.85
N LYS W 305 -2.88 28.91 17.14
CA LYS W 305 -1.58 28.24 17.24
C LYS W 305 -0.97 28.04 15.86
N VAL W 306 -1.79 27.85 14.84
CA VAL W 306 -1.27 27.58 13.51
C VAL W 306 -0.44 28.77 13.05
N CYS W 307 0.82 28.50 12.71
CA CYS W 307 1.69 29.57 12.23
C CYS W 307 1.12 30.18 10.97
N SER W 308 1.32 31.49 10.82
CA SER W 308 0.93 32.17 9.59
C SER W 308 1.89 31.88 8.46
N HIS W 309 2.96 31.13 8.74
CA HIS W 309 3.96 30.72 7.77
C HIS W 309 3.93 29.20 7.69
N LEU W 310 3.45 28.67 6.57
CA LEU W 310 3.44 27.25 6.26
C LEU W 310 2.61 26.42 7.23
N GLY W 311 1.91 27.04 8.18
CA GLY W 311 0.88 26.35 8.92
C GLY W 311 1.34 25.36 9.96
N CYS W 312 2.58 25.46 10.44
CA CYS W 312 2.95 24.71 11.62
C CYS W 312 2.34 25.34 12.85
N PRO W 313 2.06 24.55 13.89
CA PRO W 313 1.66 25.14 15.17
C PRO W 313 2.77 26.02 15.72
N SER W 314 2.37 27.14 16.32
CA SER W 314 3.28 28.12 16.92
C SER W 314 3.37 27.92 18.42
N SER W 315 3.39 26.65 18.84
CA SER W 315 3.12 26.31 20.23
C SER W 315 3.98 27.09 21.21
N LEU W 316 5.27 27.30 20.91
CA LEU W 316 6.14 27.84 21.94
C LEU W 316 5.66 29.20 22.40
N TYR W 317 5.65 29.41 23.71
CA TYR W 317 5.24 30.70 24.28
C TYR W 317 6.26 31.14 25.31
N GLU W 318 6.72 32.37 25.19
CA GLU W 318 7.68 32.95 26.11
C GLU W 318 7.02 34.10 26.86
N GLN W 319 6.83 33.92 28.16
CA GLN W 319 6.36 34.99 29.02
C GLN W 319 7.54 35.82 29.52
N GLN W 320 7.23 37.01 30.02
CA GLN W 320 8.22 38.03 30.38
C GLN W 320 8.90 38.58 29.13
N THR W 321 8.63 37.99 27.98
CA THR W 321 8.96 38.56 26.69
C THR W 321 7.82 38.46 25.69
N TYR W 322 6.81 37.63 25.97
CA TYR W 322 5.58 37.59 25.19
C TYR W 322 5.88 37.29 23.72
N ARG W 323 6.61 36.21 23.50
CA ARG W 323 7.04 35.79 22.18
C ARG W 323 6.41 34.44 21.85
N ILE W 324 5.51 34.43 20.88
CA ILE W 324 4.95 33.19 20.36
C ILE W 324 5.92 32.68 19.31
N LEU W 325 6.60 31.58 19.60
CA LEU W 325 7.63 31.04 18.74
C LEU W 325 7.13 29.77 18.05
N CYS W 326 7.40 29.73 16.74
CA CYS W 326 7.11 28.59 15.87
C CYS W 326 8.42 27.85 15.63
N PRO W 327 8.51 26.56 15.96
CA PRO W 327 9.79 25.86 15.87
C PRO W 327 10.07 25.24 14.51
N CYS W 328 9.07 25.06 13.65
CA CYS W 328 9.34 24.54 12.32
C CYS W 328 10.36 25.41 11.60
N HIS W 329 10.23 26.73 11.72
CA HIS W 329 11.16 27.64 11.07
C HIS W 329 11.55 28.80 11.99
N GLN W 330 11.37 28.64 13.30
CA GLN W 330 11.87 29.59 14.28
C GLN W 330 11.37 31.00 14.02
N SER W 331 10.04 31.14 14.00
CA SER W 331 9.41 32.43 13.75
C SER W 331 8.79 32.98 15.01
N GLN W 332 9.06 34.25 15.30
CA GLN W 332 8.70 34.88 16.55
C GLN W 332 7.63 35.94 16.27
N PHE W 333 6.50 35.82 16.95
CA PHE W 333 5.44 36.80 16.93
C PHE W 333 5.37 37.49 18.30
N ASP W 334 5.09 38.79 18.30
CA ASP W 334 4.96 39.54 19.53
C ASP W 334 3.55 39.34 20.09
N ALA W 335 3.44 38.74 21.27
CA ALA W 335 2.13 38.49 21.84
C ALA W 335 1.52 39.77 22.42
N LEU W 336 2.35 40.64 22.98
CA LEU W 336 1.87 41.89 23.56
C LEU W 336 1.22 42.75 22.51
N GLU W 337 2.01 43.23 21.55
CA GLU W 337 1.43 43.78 20.33
C GLU W 337 0.70 42.66 19.61
N PHE W 338 -0.32 43.03 18.84
CA PHE W 338 -1.10 42.01 18.14
C PHE W 338 -0.13 41.01 17.55
N ALA W 339 -0.52 39.74 17.48
CA ALA W 339 0.48 38.70 17.31
C ALA W 339 1.09 38.79 15.92
N LYS W 340 1.90 39.84 15.71
CA LYS W 340 2.53 40.09 14.43
C LYS W 340 3.94 39.55 14.44
N PRO W 341 4.45 39.04 13.31
CA PRO W 341 5.77 38.42 13.33
C PRO W 341 6.87 39.47 13.46
N ILE W 342 7.62 39.38 14.56
CA ILE W 342 8.76 40.25 14.78
C ILE W 342 10.08 39.55 14.48
N PHE W 343 10.06 38.28 14.10
CA PHE W 343 11.26 37.64 13.59
C PHE W 343 10.88 36.38 12.83
N GLY W 344 11.79 35.93 11.98
CA GLY W 344 11.60 34.70 11.25
C GLY W 344 10.85 34.89 9.95
N PRO W 345 10.58 33.79 9.25
CA PRO W 345 9.93 33.89 7.93
C PRO W 345 8.53 34.49 7.96
N ALA W 346 7.78 34.32 9.05
CA ALA W 346 6.40 34.76 9.06
C ALA W 346 6.29 36.25 8.82
N ALA W 347 5.30 36.64 8.01
CA ALA W 347 5.08 38.04 7.68
C ALA W 347 3.68 38.55 8.02
N ARG W 348 2.74 37.66 8.35
CA ARG W 348 1.40 38.05 8.73
C ARG W 348 1.15 37.68 10.18
N ALA W 349 0.40 38.54 10.88
CA ALA W 349 0.13 38.29 12.28
C ALA W 349 -0.76 37.07 12.46
N LEU W 350 -0.58 36.38 13.58
CA LEU W 350 -1.48 35.29 13.93
C LEU W 350 -2.89 35.83 14.09
N ALA W 351 -3.86 35.06 13.61
CA ALA W 351 -5.25 35.48 13.73
C ALA W 351 -5.68 35.43 15.19
N GLN W 352 -6.28 36.50 15.67
CA GLN W 352 -6.74 36.60 17.05
C GLN W 352 -8.19 36.15 17.11
N LEU W 353 -8.49 35.23 18.02
CA LEU W 353 -9.84 34.74 18.17
C LEU W 353 -10.60 35.61 19.17
N PRO W 354 -11.76 36.16 18.81
CA PRO W 354 -12.57 36.85 19.82
C PRO W 354 -12.95 35.88 20.93
N ILE W 355 -12.89 36.38 22.17
CA ILE W 355 -13.24 35.56 23.32
C ILE W 355 -14.04 36.40 24.32
N THR W 356 -14.78 35.70 25.17
CA THR W 356 -15.53 36.30 26.26
C THR W 356 -15.93 35.15 27.18
N ILE W 357 -16.77 35.44 28.16
CA ILE W 357 -17.29 34.42 29.07
C ILE W 357 -18.80 34.40 28.95
N ASP W 358 -19.37 33.21 28.86
CA ASP W 358 -20.81 33.05 28.71
C ASP W 358 -21.45 32.88 30.09
N GLU W 359 -22.71 32.46 30.11
CA GLU W 359 -23.36 32.11 31.37
C GLU W 359 -22.60 30.98 32.05
N ASP W 360 -22.47 31.08 33.37
CA ASP W 360 -21.71 30.19 34.24
C ASP W 360 -20.22 30.55 34.20
N GLY W 361 -19.82 31.59 33.49
CA GLY W 361 -18.45 32.06 33.53
C GLY W 361 -17.45 31.26 32.73
N TYR W 362 -17.92 30.45 31.78
CA TYR W 362 -17.01 29.67 30.96
C TYR W 362 -16.55 30.48 29.75
N LEU W 363 -15.28 30.28 29.37
CA LEU W 363 -14.71 31.02 28.26
C LEU W 363 -15.23 30.46 26.94
N VAL W 364 -15.87 31.31 26.15
CA VAL W 364 -16.40 30.94 24.84
C VAL W 364 -15.91 31.96 23.82
N ALA W 365 -15.64 31.50 22.61
CA ALA W 365 -15.29 32.41 21.53
C ALA W 365 -16.41 33.43 21.35
N ASN W 366 -16.04 34.69 21.23
CA ASN W 366 -16.98 35.77 20.97
C ASN W 366 -17.25 35.96 19.48
N GLY W 367 -16.95 34.95 18.67
CA GLY W 367 -17.11 35.05 17.23
C GLY W 367 -15.98 34.34 16.50
N ASP W 368 -16.03 34.34 15.18
CA ASP W 368 -15.02 33.67 14.38
C ASP W 368 -13.86 34.61 14.11
N PHE W 369 -12.75 34.03 13.66
CA PHE W 369 -11.63 34.84 13.20
C PHE W 369 -12.11 35.77 12.09
N VAL W 370 -11.72 37.05 12.19
CA VAL W 370 -12.08 38.01 11.16
C VAL W 370 -11.36 37.74 9.84
N GLU W 371 -10.33 36.90 9.86
CA GLU W 371 -9.55 36.56 8.68
C GLU W 371 -9.26 35.07 8.69
N PRO W 372 -8.93 34.50 7.54
CA PRO W 372 -8.53 33.09 7.52
C PRO W 372 -7.28 32.90 8.36
N VAL W 373 -7.14 31.71 8.95
CA VAL W 373 -6.23 31.52 10.06
C VAL W 373 -5.02 30.65 9.71
N GLY W 374 -5.12 29.77 8.74
CA GLY W 374 -4.00 28.93 8.37
C GLY W 374 -2.88 29.74 7.72
N PRO W 375 -1.96 29.06 7.06
CA PRO W 375 -0.97 29.77 6.26
C PRO W 375 -1.60 30.40 5.03
N ALA W 376 -0.99 31.49 4.56
CA ALA W 376 -1.58 32.24 3.47
C ALA W 376 -1.56 31.42 2.18
N PHE W 377 -2.38 31.87 1.23
CA PHE W 377 -2.50 31.24 -0.08
C PHE W 377 -2.87 32.32 -1.08
N TRP W 378 -3.03 31.92 -2.33
CA TRP W 378 -3.21 32.90 -3.40
C TRP W 378 -4.46 33.75 -3.18
N GLU W 379 -5.57 33.10 -2.81
CA GLU W 379 -6.85 33.78 -2.68
C GLU W 379 -7.04 34.23 -1.22
N ARG W 380 -6.22 35.21 -0.83
CA ARG W 380 -6.22 35.70 0.53
C ARG W 380 -5.95 37.20 0.55
N LYS W 381 -6.38 37.85 1.62
CA LYS W 381 -6.18 39.28 1.84
C LYS W 381 -6.86 40.10 0.74
N SER W 382 -8.18 39.94 0.66
CA SER W 382 -8.98 40.68 -0.31
C SER W 382 -10.12 41.42 0.40
N GLY X 1 33.48 -8.05 -50.47
CA GLY X 1 34.15 -8.46 -49.26
C GLY X 1 35.02 -7.38 -48.66
N GLN X 2 34.56 -6.14 -48.76
CA GLN X 2 35.26 -4.98 -48.23
C GLN X 2 34.26 -4.03 -47.61
N PRO X 3 34.66 -3.26 -46.59
CA PRO X 3 33.69 -2.48 -45.80
C PRO X 3 33.11 -1.27 -46.52
N THR X 4 33.45 -1.05 -47.79
CA THR X 4 32.92 0.08 -48.56
C THR X 4 33.32 1.41 -47.91
N ASP X 5 34.64 1.62 -47.83
CA ASP X 5 35.15 2.79 -47.14
C ASP X 5 34.66 4.08 -47.79
N ALA X 6 34.69 4.15 -49.12
CA ALA X 6 34.30 5.35 -49.85
C ALA X 6 33.12 5.14 -50.78
N GLU X 7 32.80 3.89 -51.14
CA GLU X 7 31.64 3.65 -51.99
C GLU X 7 30.34 4.07 -51.33
N LEU X 8 30.30 4.14 -50.00
CA LEU X 8 29.07 4.51 -49.31
C LEU X 8 28.58 5.90 -49.73
N ALA X 9 29.49 6.76 -50.19
CA ALA X 9 29.10 8.12 -50.54
C ALA X 9 28.08 8.13 -51.66
N GLU X 10 28.28 7.29 -52.68
CA GLU X 10 27.37 7.25 -53.82
C GLU X 10 26.26 6.22 -53.70
N MET X 11 26.29 5.40 -52.64
CA MET X 11 25.25 4.40 -52.47
C MET X 11 23.90 5.07 -52.22
N SER X 12 22.86 4.55 -52.88
CA SER X 12 21.52 5.08 -52.70
C SER X 12 20.90 4.51 -51.43
N ARG X 13 19.69 5.01 -51.11
CA ARG X 13 18.99 4.51 -49.93
C ARG X 13 18.74 3.02 -50.04
N GLU X 14 18.30 2.55 -51.21
CA GLU X 14 18.07 1.13 -51.40
C GLU X 14 19.36 0.33 -51.25
N GLU X 15 20.46 0.84 -51.83
CA GLU X 15 21.73 0.12 -51.73
C GLU X 15 22.18 0.02 -50.29
N LEU X 16 22.07 1.10 -49.53
CA LEU X 16 22.49 1.07 -48.13
C LEU X 16 21.57 0.17 -47.30
N VAL X 17 20.27 0.17 -47.61
CA VAL X 17 19.36 -0.73 -46.92
C VAL X 17 19.74 -2.18 -47.18
N LYS X 18 20.05 -2.51 -48.42
CA LYS X 18 20.48 -3.86 -48.74
C LYS X 18 21.79 -4.19 -48.05
N LEU X 19 22.71 -3.23 -47.98
CA LEU X 19 23.98 -3.45 -47.29
C LEU X 19 23.74 -3.73 -45.80
N GLY X 20 22.83 -2.99 -45.18
CA GLY X 20 22.51 -3.25 -43.78
C GLY X 20 21.89 -4.61 -43.57
N GLY X 21 20.93 -4.97 -44.43
CA GLY X 21 20.36 -6.31 -44.35
C GLY X 21 21.42 -7.38 -44.51
N LYS X 22 22.38 -7.15 -45.40
CA LYS X 22 23.48 -8.10 -45.58
C LYS X 22 24.34 -8.19 -44.33
N ILE X 23 24.60 -7.05 -43.69
CA ILE X 23 25.41 -7.05 -42.47
C ILE X 23 24.70 -7.86 -41.39
N ASP X 24 23.39 -7.66 -41.24
CA ASP X 24 22.62 -8.36 -40.23
C ASP X 24 22.17 -9.75 -40.68
N GLY X 25 22.48 -10.14 -41.91
CA GLY X 25 21.99 -11.39 -42.44
C GLY X 25 20.54 -11.36 -42.83
N VAL X 26 19.95 -10.18 -42.91
CA VAL X 26 18.54 -10.01 -43.21
C VAL X 26 18.42 -9.65 -44.68
N GLU X 27 17.83 -10.54 -45.46
CA GLU X 27 17.58 -10.30 -46.88
C GLU X 27 16.13 -9.92 -47.06
N THR X 28 15.90 -8.71 -47.57
CA THR X 28 14.56 -8.26 -47.87
C THR X 28 14.21 -8.69 -49.29
N ILE X 29 13.36 -9.71 -49.41
CA ILE X 29 12.91 -10.21 -50.70
C ILE X 29 11.50 -9.67 -50.94
N PHE X 30 11.28 -9.14 -52.13
CA PHE X 30 9.98 -8.59 -52.52
C PHE X 30 9.55 -7.48 -51.57
N LYS X 31 10.29 -6.37 -51.64
CA LYS X 31 9.82 -5.11 -51.07
C LYS X 31 9.24 -4.29 -52.23
N GLU X 32 7.93 -4.12 -52.24
CA GLU X 32 7.24 -3.49 -53.36
C GLU X 32 6.27 -2.44 -52.83
N PRO X 33 6.18 -1.27 -53.48
CA PRO X 33 5.19 -0.29 -53.06
C PRO X 33 3.78 -0.80 -53.26
N ARG X 34 2.88 -0.40 -52.37
CA ARG X 34 1.51 -0.87 -52.43
C ARG X 34 0.72 -0.23 -53.57
N TRP X 35 1.19 0.89 -54.11
CA TRP X 35 0.49 1.63 -55.15
C TRP X 35 1.46 1.91 -56.29
N PRO X 36 1.86 0.87 -57.02
CA PRO X 36 2.82 1.08 -58.13
C PRO X 36 2.27 1.97 -59.22
N VAL X 37 0.96 1.94 -59.48
CA VAL X 37 0.34 2.77 -60.51
C VAL X 37 0.00 4.12 -59.88
N PRO X 38 0.60 5.22 -60.32
CA PRO X 38 0.31 6.52 -59.71
C PRO X 38 -0.88 7.22 -60.36
N GLY X 39 -1.60 7.97 -59.53
CA GLY X 39 -2.76 8.71 -59.97
C GLY X 39 -4.06 7.95 -59.91
N THR X 40 -4.01 6.64 -59.68
CA THR X 40 -5.24 5.86 -59.57
C THR X 40 -6.08 6.37 -58.41
N LYS X 41 -7.38 6.49 -58.64
CA LYS X 41 -8.29 7.00 -57.62
C LYS X 41 -8.63 5.95 -56.56
N ALA X 42 -8.32 4.68 -56.79
CA ALA X 42 -8.41 3.70 -55.71
C ALA X 42 -7.45 4.05 -54.59
N GLU X 43 -6.26 4.52 -54.94
CA GLU X 43 -5.31 4.98 -53.94
C GLU X 43 -5.89 6.13 -53.14
N LYS X 44 -6.55 7.07 -53.81
CA LYS X 44 -7.17 8.19 -53.12
C LYS X 44 -8.27 7.71 -52.20
N ARG X 45 -9.10 6.75 -52.65
CA ARG X 45 -10.14 6.21 -51.78
C ARG X 45 -9.52 5.59 -50.53
N THR X 46 -8.46 4.80 -50.71
CA THR X 46 -7.82 4.15 -49.57
C THR X 46 -7.25 5.16 -48.61
N GLU X 47 -6.60 6.20 -49.14
CA GLU X 47 -6.03 7.24 -48.29
C GLU X 47 -7.12 7.95 -47.51
N ARG X 48 -8.23 8.27 -48.17
CA ARG X 48 -9.34 8.91 -47.46
C ARG X 48 -9.92 7.97 -46.40
N LEU X 49 -9.97 6.68 -46.68
CA LEU X 49 -10.50 5.74 -45.68
C LEU X 49 -9.61 5.68 -44.45
N VAL X 50 -8.29 5.61 -44.66
CA VAL X 50 -7.37 5.58 -43.51
C VAL X 50 -7.52 6.87 -42.71
N ALA X 51 -7.52 8.01 -43.40
CA ALA X 51 -7.70 9.28 -42.72
C ALA X 51 -9.04 9.35 -42.01
N TYR X 52 -10.06 8.69 -42.57
CA TYR X 52 -11.38 8.68 -41.94
C TYR X 52 -11.34 7.90 -40.63
N TRP X 53 -10.66 6.76 -40.61
CA TRP X 53 -10.53 6.01 -39.36
C TRP X 53 -9.76 6.84 -38.33
N LEU X 54 -8.68 7.49 -38.75
CA LEU X 54 -7.93 8.33 -37.82
C LEU X 54 -8.77 9.49 -37.30
N MET X 55 -9.54 10.12 -38.18
CA MET X 55 -10.41 11.21 -37.78
C MET X 55 -11.51 10.73 -36.84
N LEU X 56 -12.03 9.53 -37.05
CA LEU X 56 -13.00 8.97 -36.12
C LEU X 56 -12.37 8.77 -34.76
N GLY X 57 -11.14 8.24 -34.73
CA GLY X 57 -10.44 8.13 -33.46
C GLY X 57 -10.28 9.48 -32.77
N GLY X 58 -9.93 10.51 -33.54
CA GLY X 58 -9.75 11.83 -32.96
C GLY X 58 -11.05 12.43 -32.45
N LEU X 59 -12.12 12.30 -33.23
CA LEU X 59 -13.42 12.79 -32.78
C LEU X 59 -13.88 12.06 -31.53
N SER X 60 -13.62 10.76 -31.47
CA SER X 60 -13.98 10.01 -30.27
C SER X 60 -13.14 10.42 -29.07
N GLY X 61 -11.87 10.75 -29.29
CA GLY X 61 -11.05 11.26 -28.20
C GLY X 61 -11.55 12.60 -27.70
N LEU X 62 -11.93 13.48 -28.62
CA LEU X 62 -12.52 14.77 -28.24
C LEU X 62 -13.83 14.55 -27.49
N ALA X 63 -14.63 13.58 -27.94
CA ALA X 63 -15.88 13.26 -27.23
C ALA X 63 -15.60 12.72 -25.84
N LEU X 64 -14.53 11.91 -25.69
CA LEU X 64 -14.13 11.45 -24.37
C LEU X 64 -13.77 12.63 -23.48
N LEU X 65 -13.00 13.56 -24.02
CA LEU X 65 -12.62 14.74 -23.24
C LEU X 65 -13.87 15.51 -22.80
N LEU X 66 -14.80 15.72 -23.72
CA LEU X 66 -15.99 16.51 -23.42
C LEU X 66 -16.89 15.80 -22.41
N VAL X 67 -17.12 14.50 -22.62
CA VAL X 67 -18.04 13.76 -21.75
C VAL X 67 -17.44 13.62 -20.35
N PHE X 68 -16.14 13.36 -20.26
CA PHE X 68 -15.50 13.30 -18.96
C PHE X 68 -15.54 14.67 -18.28
N LEU X 69 -15.31 15.74 -19.04
CA LEU X 69 -15.31 17.08 -18.44
C LEU X 69 -16.73 17.52 -18.09
N PHE X 70 -17.68 17.32 -19.01
CA PHE X 70 -19.04 17.83 -18.86
C PHE X 70 -20.03 16.69 -19.05
N TRP X 71 -20.33 15.97 -17.96
CA TRP X 71 -21.40 14.99 -18.00
C TRP X 71 -21.93 14.79 -16.59
N PRO X 72 -23.23 14.56 -16.41
CA PRO X 72 -23.74 14.32 -15.05
C PRO X 72 -23.29 13.00 -14.46
N TRP X 73 -22.03 12.94 -14.02
CA TRP X 73 -21.53 11.80 -13.28
C TRP X 73 -22.04 11.90 -11.83
N GLU X 74 -21.45 11.12 -10.94
CA GLU X 74 -21.77 11.11 -9.51
C GLU X 74 -22.96 10.22 -9.23
N TYR X 75 -22.87 9.42 -8.18
CA TYR X 75 -23.97 8.52 -7.84
C TYR X 75 -25.23 9.31 -7.59
N GLN X 76 -26.33 8.84 -8.19
CA GLN X 76 -27.64 9.45 -8.00
C GLN X 76 -28.54 8.45 -7.30
N PRO X 77 -29.06 8.75 -6.10
CA PRO X 77 -29.88 7.76 -5.40
C PRO X 77 -30.95 7.16 -6.30
N PHE X 78 -31.32 5.92 -6.02
CA PHE X 78 -32.33 5.26 -6.83
C PHE X 78 -33.63 6.03 -6.80
N GLY X 79 -34.26 6.14 -7.97
CA GLY X 79 -35.53 6.84 -8.09
C GLY X 79 -35.42 8.35 -8.24
N SER X 80 -34.21 8.90 -8.21
CA SER X 80 -34.01 10.33 -8.37
C SER X 80 -33.83 10.67 -9.85
N GLU X 81 -34.52 11.72 -10.28
CA GLU X 81 -34.38 12.16 -11.68
C GLU X 81 -32.92 12.46 -11.96
N GLY X 82 -32.45 12.03 -13.13
CA GLY X 82 -31.05 12.12 -13.46
C GLY X 82 -30.25 10.88 -13.12
N GLU X 83 -30.86 9.88 -12.48
CA GLU X 83 -30.18 8.61 -12.27
C GLU X 83 -29.82 7.94 -13.59
N PHE X 84 -30.72 8.00 -14.57
CA PHE X 84 -30.44 7.40 -15.87
C PHE X 84 -29.18 8.01 -16.48
N LEU X 85 -29.00 9.32 -16.34
CA LEU X 85 -27.80 9.95 -16.89
C LEU X 85 -26.55 9.40 -16.23
N TYR X 86 -26.58 9.22 -14.91
CA TYR X 86 -25.43 8.64 -14.23
C TYR X 86 -25.18 7.20 -14.68
N SER X 87 -26.26 6.41 -14.82
CA SER X 87 -26.10 5.00 -15.10
C SER X 87 -25.28 4.77 -16.37
N LEU X 88 -25.29 5.74 -17.28
CA LEU X 88 -24.49 5.67 -18.50
C LEU X 88 -23.40 6.73 -18.53
N ALA X 89 -22.82 7.04 -17.37
CA ALA X 89 -21.65 7.90 -17.33
C ALA X 89 -20.39 7.10 -17.62
N THR X 90 -20.10 6.11 -16.77
CA THR X 90 -18.98 5.21 -17.04
C THR X 90 -19.13 4.50 -18.39
N PRO X 91 -20.32 4.04 -18.78
CA PRO X 91 -20.46 3.48 -20.13
C PRO X 91 -20.03 4.45 -21.22
N LEU X 92 -20.37 5.74 -21.12
CA LEU X 92 -19.91 6.68 -22.13
C LEU X 92 -18.41 6.90 -22.04
N TYR X 93 -17.85 6.97 -20.83
CA TYR X 93 -16.41 7.11 -20.72
C TYR X 93 -15.72 6.00 -21.47
N GLY X 94 -16.09 4.75 -21.18
CA GLY X 94 -15.47 3.63 -21.85
C GLY X 94 -15.77 3.58 -23.33
N LEU X 95 -17.00 3.86 -23.71
CA LEU X 95 -17.36 3.86 -25.12
C LEU X 95 -16.48 4.82 -25.90
N THR X 96 -16.40 6.07 -25.46
CA THR X 96 -15.64 7.07 -26.20
C THR X 96 -14.16 6.75 -26.19
N PHE X 97 -13.60 6.41 -25.03
CA PHE X 97 -12.17 6.13 -24.96
C PHE X 97 -11.80 4.93 -25.84
N GLY X 98 -12.50 3.82 -25.65
CA GLY X 98 -12.21 2.64 -26.43
C GLY X 98 -12.42 2.85 -27.91
N LEU X 99 -13.50 3.54 -28.29
CA LEU X 99 -13.73 3.80 -29.69
C LEU X 99 -12.62 4.65 -30.28
N SER X 100 -12.16 5.66 -29.53
CA SER X 100 -11.09 6.51 -30.03
C SER X 100 -9.82 5.71 -30.28
N ILE X 101 -9.36 4.97 -29.27
CA ILE X 101 -8.09 4.28 -29.44
C ILE X 101 -8.22 3.12 -30.40
N LEU X 102 -9.38 2.44 -30.42
CA LEU X 102 -9.61 1.36 -31.37
C LEU X 102 -9.63 1.88 -32.80
N SER X 103 -10.24 3.04 -33.04
CA SER X 103 -10.25 3.61 -34.38
C SER X 103 -8.85 4.05 -34.79
N ILE X 104 -8.08 4.60 -33.86
CA ILE X 104 -6.70 4.94 -34.18
C ILE X 104 -5.92 3.68 -34.56
N GLY X 105 -6.10 2.61 -33.79
CA GLY X 105 -5.44 1.36 -34.13
C GLY X 105 -5.88 0.80 -35.47
N ILE X 106 -7.17 0.91 -35.77
CA ILE X 106 -7.68 0.42 -37.05
C ILE X 106 -7.06 1.21 -38.19
N GLY X 107 -6.98 2.54 -38.04
CA GLY X 107 -6.35 3.35 -39.07
C GLY X 107 -4.89 2.99 -39.25
N ALA X 108 -4.18 2.76 -38.15
CA ALA X 108 -2.78 2.35 -38.25
C ALA X 108 -2.65 1.02 -38.96
N VAL X 109 -3.52 0.06 -38.64
CA VAL X 109 -3.47 -1.25 -39.30
C VAL X 109 -3.75 -1.10 -40.78
N LEU X 110 -4.73 -0.27 -41.14
CA LEU X 110 -5.04 -0.08 -42.56
C LEU X 110 -3.88 0.58 -43.29
N PHE X 111 -3.23 1.55 -42.66
CA PHE X 111 -2.05 2.15 -43.28
C PHE X 111 -0.96 1.10 -43.49
N GLN X 112 -0.76 0.22 -42.50
CA GLN X 112 0.22 -0.84 -42.64
C GLN X 112 -0.15 -1.78 -43.79
N LYS X 113 -1.43 -2.12 -43.90
CA LYS X 113 -1.89 -3.13 -44.86
C LYS X 113 -2.13 -2.57 -46.25
N LYS X 114 -2.10 -1.25 -46.43
CA LYS X 114 -2.48 -0.67 -47.72
C LYS X 114 -1.49 0.37 -48.25
N PHE X 115 -0.62 0.93 -47.42
CA PHE X 115 0.34 1.92 -47.87
C PHE X 115 1.78 1.50 -47.61
N ILE X 116 2.09 1.03 -46.40
CA ILE X 116 3.47 0.63 -46.11
C ILE X 116 3.84 -0.53 -47.02
N PRO X 117 4.95 -0.48 -47.74
CA PRO X 117 5.23 -1.50 -48.75
C PRO X 117 5.31 -2.89 -48.15
N GLU X 118 4.84 -3.87 -48.92
CA GLU X 118 4.84 -5.26 -48.50
C GLU X 118 6.26 -5.84 -48.63
N GLU X 119 6.71 -6.54 -47.60
CA GLU X 119 8.03 -7.15 -47.60
C GLU X 119 7.94 -8.57 -47.08
N ILE X 120 8.86 -9.41 -47.55
CA ILE X 120 8.93 -10.81 -47.15
C ILE X 120 10.32 -11.07 -46.60
N SER X 121 10.89 -10.07 -45.94
CA SER X 121 12.25 -10.15 -45.43
C SER X 121 12.53 -11.50 -44.78
N VAL X 122 13.70 -12.05 -45.07
CA VAL X 122 14.16 -13.32 -44.54
C VAL X 122 15.50 -13.11 -43.86
N GLN X 123 15.62 -13.62 -42.63
CA GLN X 123 16.79 -13.37 -41.79
C GLN X 123 17.56 -14.66 -41.53
N ASP X 124 18.86 -14.50 -41.32
CA ASP X 124 19.75 -15.63 -41.02
C ASP X 124 19.68 -15.92 -39.53
N ARG X 125 19.14 -17.07 -39.18
CA ARG X 125 19.02 -17.49 -37.78
C ARG X 125 20.25 -18.31 -37.41
N HIS X 126 21.00 -17.84 -36.42
CA HIS X 126 22.25 -18.48 -35.99
C HIS X 126 22.08 -19.16 -34.64
N ASP X 127 20.93 -19.77 -34.41
CA ASP X 127 20.62 -20.32 -33.10
C ASP X 127 21.54 -21.48 -32.74
N GLY X 128 22.11 -21.42 -31.54
CA GLY X 128 22.77 -22.56 -30.94
C GLY X 128 24.26 -22.68 -31.14
N ARG X 129 25.00 -23.15 -30.14
CA ARG X 129 26.45 -23.44 -30.18
C ARG X 129 27.18 -22.34 -30.92
N SER X 130 27.40 -21.22 -30.26
CA SER X 130 28.22 -20.14 -30.78
C SER X 130 29.49 -20.71 -31.40
N PRO X 131 30.03 -20.09 -32.44
CA PRO X 131 31.19 -20.68 -33.13
C PRO X 131 32.26 -21.12 -32.13
N GLU X 132 33.00 -22.16 -32.51
CA GLU X 132 33.90 -22.80 -31.56
C GLU X 132 34.94 -21.82 -31.00
N VAL X 133 35.30 -20.80 -31.78
CA VAL X 133 36.27 -19.82 -31.28
C VAL X 133 35.71 -19.10 -30.07
N HIS X 134 34.45 -18.67 -30.14
CA HIS X 134 33.85 -17.97 -29.01
C HIS X 134 33.68 -18.89 -27.81
N ARG X 135 33.28 -20.14 -28.05
CA ARG X 135 33.12 -21.08 -26.96
C ARG X 135 34.46 -21.32 -26.25
N LYS X 136 35.52 -21.54 -27.02
CA LYS X 136 36.84 -21.75 -26.43
C LYS X 136 37.31 -20.52 -25.69
N THR X 137 37.10 -19.33 -26.25
CA THR X 137 37.53 -18.12 -25.56
C THR X 137 36.77 -17.93 -24.25
N VAL X 138 35.46 -18.17 -24.25
CA VAL X 138 34.67 -18.03 -23.04
C VAL X 138 35.14 -19.02 -21.97
N ALA X 139 35.31 -20.28 -22.38
CA ALA X 139 35.75 -21.30 -21.43
C ALA X 139 37.12 -20.96 -20.88
N ALA X 140 38.03 -20.52 -21.74
CA ALA X 140 39.37 -20.15 -21.28
C ALA X 140 39.30 -18.99 -20.31
N ASN X 141 38.49 -17.98 -20.61
CA ASN X 141 38.38 -16.83 -19.72
C ASN X 141 37.87 -17.26 -18.35
N LEU X 142 36.80 -18.06 -18.33
CA LEU X 142 36.22 -18.47 -17.05
C LEU X 142 37.17 -19.37 -16.27
N THR X 143 37.83 -20.32 -16.94
CA THR X 143 38.75 -21.21 -16.24
C THR X 143 39.98 -20.45 -15.75
N ASP X 144 40.46 -19.46 -16.51
CA ASP X 144 41.56 -18.64 -16.03
C ASP X 144 41.12 -17.84 -14.81
N ALA X 145 39.92 -17.28 -14.83
CA ALA X 145 39.43 -16.56 -13.67
C ALA X 145 39.38 -17.46 -12.45
N LEU X 146 38.91 -18.70 -12.63
CA LEU X 146 38.79 -19.62 -11.49
C LEU X 146 40.16 -20.08 -11.01
N GLU X 147 40.91 -20.78 -11.86
CA GLU X 147 42.17 -21.37 -11.42
C GLU X 147 43.19 -20.31 -11.04
N GLY X 148 43.31 -19.25 -11.85
CA GLY X 148 44.26 -18.20 -11.53
C GLY X 148 43.99 -17.55 -10.18
N SER X 149 42.71 -17.38 -9.84
CA SER X 149 42.36 -16.88 -8.52
C SER X 149 42.91 -17.73 -7.40
N THR X 150 43.43 -18.92 -7.72
CA THR X 150 44.12 -19.82 -6.82
C THR X 150 43.12 -20.58 -5.96
N LEU X 151 41.83 -20.35 -6.12
CA LEU X 151 40.84 -21.19 -5.47
C LEU X 151 41.03 -22.64 -5.92
N LYS X 152 40.32 -23.54 -5.26
CA LYS X 152 40.49 -24.99 -5.40
C LYS X 152 41.91 -25.44 -5.08
N ARG X 153 42.73 -24.56 -4.51
CA ARG X 153 44.04 -24.90 -4.00
C ARG X 153 44.10 -24.48 -2.53
N ARG X 154 43.37 -23.42 -2.20
CA ARG X 154 43.20 -22.97 -0.82
C ARG X 154 41.96 -23.64 -0.25
N LYS X 155 42.10 -24.93 0.07
CA LYS X 155 40.98 -25.67 0.63
C LYS X 155 40.44 -24.99 1.89
N VAL X 156 41.31 -24.33 2.66
CA VAL X 156 40.87 -23.68 3.89
C VAL X 156 39.97 -22.50 3.57
N ILE X 157 40.37 -21.64 2.63
CA ILE X 157 39.48 -20.58 2.18
C ILE X 157 38.27 -21.16 1.47
N GLY X 158 38.46 -22.22 0.69
CA GLY X 158 37.33 -22.82 0.01
C GLY X 158 36.24 -23.23 0.99
N LEU X 159 36.61 -23.85 2.09
CA LEU X 159 35.64 -24.29 3.08
C LEU X 159 35.15 -23.12 3.94
N SER X 160 36.03 -22.18 4.27
CA SER X 160 35.65 -21.09 5.16
C SER X 160 34.69 -20.12 4.48
N LEU X 161 34.92 -19.82 3.20
CA LEU X 161 33.99 -18.98 2.47
C LEU X 161 32.61 -19.61 2.40
N GLY X 162 32.55 -20.91 2.11
CA GLY X 162 31.28 -21.60 2.06
C GLY X 162 30.58 -21.62 3.41
N ILE X 163 31.34 -21.86 4.48
CA ILE X 163 30.75 -21.87 5.82
C ILE X 163 30.24 -20.48 6.16
N GLY X 164 31.01 -19.44 5.84
CA GLY X 164 30.58 -18.10 6.14
C GLY X 164 29.31 -17.73 5.40
N LEU X 165 29.26 -18.03 4.10
CA LEU X 165 28.06 -17.76 3.33
C LEU X 165 26.87 -18.57 3.84
N GLY X 166 27.09 -19.84 4.18
CA GLY X 166 25.98 -20.64 4.68
C GLY X 166 25.43 -20.12 5.99
N ALA X 167 26.32 -19.83 6.94
CA ALA X 167 25.87 -19.31 8.23
C ALA X 167 25.19 -17.96 8.06
N PHE X 168 25.78 -17.08 7.25
CA PHE X 168 25.20 -15.76 7.07
C PHE X 168 23.84 -15.84 6.39
N GLY X 169 23.71 -16.68 5.37
CA GLY X 169 22.43 -16.82 4.69
C GLY X 169 21.38 -17.45 5.58
N ALA X 170 21.77 -18.44 6.38
CA ALA X 170 20.84 -19.01 7.35
C ALA X 170 20.35 -17.93 8.30
N GLY X 171 21.27 -17.17 8.89
CA GLY X 171 20.88 -16.12 9.81
C GLY X 171 20.01 -15.07 9.16
N THR X 172 20.32 -14.70 7.92
CA THR X 172 19.60 -13.62 7.26
C THR X 172 18.19 -14.06 6.85
N LEU X 173 18.06 -15.27 6.30
CA LEU X 173 16.73 -15.78 5.99
C LEU X 173 15.92 -15.98 7.26
N VAL X 174 16.56 -16.45 8.32
CA VAL X 174 15.89 -16.57 9.62
C VAL X 174 15.40 -15.21 10.08
N ALA X 175 16.22 -14.18 9.92
CA ALA X 175 15.83 -12.84 10.33
C ALA X 175 14.67 -12.32 9.49
N PHE X 176 14.71 -12.57 8.18
CA PHE X 176 13.58 -12.21 7.33
C PHE X 176 12.29 -12.86 7.81
N ILE X 177 12.33 -14.18 8.00
CA ILE X 177 11.08 -14.93 8.12
C ILE X 177 10.55 -14.91 9.56
N GLY X 178 11.44 -14.90 10.55
CA GLY X 178 11.00 -15.04 11.93
C GLY X 178 10.04 -13.94 12.36
N GLY X 179 10.07 -12.80 11.67
CA GLY X 179 9.08 -11.78 11.94
C GLY X 179 7.67 -12.26 11.66
N LEU X 180 7.51 -13.09 10.63
CA LEU X 180 6.20 -13.57 10.24
C LEU X 180 5.76 -14.78 11.06
N ILE X 181 6.69 -15.68 11.40
CA ILE X 181 6.32 -16.94 12.03
C ILE X 181 5.67 -16.65 13.37
N LYS X 182 4.44 -17.14 13.55
CA LYS X 182 3.72 -17.03 14.81
C LYS X 182 3.19 -18.40 15.19
N ASN X 183 3.28 -18.74 16.46
CA ASN X 183 2.82 -20.04 16.93
C ASN X 183 1.30 -20.09 16.88
N PRO X 184 0.70 -21.00 16.09
CA PRO X 184 -0.77 -21.09 16.09
C PRO X 184 -1.34 -21.54 17.41
N TRP X 185 -0.53 -22.09 18.31
CA TRP X 185 -1.00 -22.70 19.54
C TRP X 185 -0.44 -21.99 20.77
N LYS X 186 -0.18 -20.70 20.64
CA LYS X 186 0.14 -19.87 21.79
C LYS X 186 -1.16 -19.60 22.56
N PRO X 187 -1.24 -19.93 23.86
CA PRO X 187 -2.49 -19.66 24.58
C PRO X 187 -2.71 -18.16 24.73
N VAL X 188 -3.68 -17.64 23.98
CA VAL X 188 -3.96 -16.22 23.94
C VAL X 188 -5.40 -15.91 24.36
N VAL X 189 -6.35 -16.72 23.90
CA VAL X 189 -7.76 -16.48 24.22
C VAL X 189 -8.05 -16.92 25.64
N PRO X 190 -8.48 -16.03 26.54
CA PRO X 190 -8.87 -16.49 27.87
C PRO X 190 -10.05 -17.44 27.80
N THR X 191 -10.09 -18.38 28.74
CA THR X 191 -11.17 -19.35 28.81
C THR X 191 -11.39 -19.73 30.27
N ALA X 192 -12.56 -20.29 30.55
CA ALA X 192 -12.88 -20.68 31.92
C ALA X 192 -11.83 -21.64 32.48
N GLU X 193 -11.19 -22.42 31.63
CA GLU X 193 -10.13 -23.34 32.04
C GLU X 193 -8.75 -22.85 31.62
N GLY X 194 -8.51 -21.54 31.68
CA GLY X 194 -7.23 -20.98 31.35
C GLY X 194 -7.11 -20.61 29.88
N LYS X 195 -6.11 -19.77 29.59
CA LYS X 195 -5.93 -19.27 28.23
C LYS X 195 -5.72 -20.41 27.26
N LYS X 196 -6.37 -20.32 26.10
CA LYS X 196 -6.33 -21.36 25.08
C LYS X 196 -6.00 -20.74 23.74
N ALA X 197 -5.49 -21.57 22.84
CA ALA X 197 -5.17 -21.12 21.50
C ALA X 197 -6.42 -20.73 20.75
N VAL X 198 -6.26 -19.85 19.77
CA VAL X 198 -7.42 -19.23 19.11
C VAL X 198 -8.32 -20.28 18.51
N LEU X 199 -7.74 -21.27 17.82
CA LEU X 199 -8.55 -22.23 17.08
C LEU X 199 -9.35 -23.15 18.01
N TRP X 200 -8.98 -23.23 19.28
CA TRP X 200 -9.75 -24.04 20.22
C TRP X 200 -10.97 -23.31 20.77
N THR X 201 -11.13 -22.03 20.43
CA THR X 201 -12.14 -21.20 21.04
C THR X 201 -12.85 -20.35 19.99
N SER X 202 -14.09 -19.98 20.29
CA SER X 202 -14.82 -19.00 19.50
C SER X 202 -15.56 -18.06 20.45
N GLY X 203 -16.47 -17.24 19.92
CA GLY X 203 -17.25 -16.37 20.78
C GLY X 203 -18.09 -17.12 21.79
N TRP X 204 -18.34 -18.42 21.56
CA TRP X 204 -19.15 -19.23 22.44
C TRP X 204 -18.35 -19.89 23.54
N THR X 205 -17.02 -19.81 23.50
CA THR X 205 -16.22 -20.35 24.58
C THR X 205 -16.49 -19.56 25.84
N PRO X 206 -16.91 -20.20 26.94
CA PRO X 206 -17.22 -19.43 28.15
C PRO X 206 -15.97 -18.77 28.73
N ARG X 207 -15.93 -17.44 28.66
CA ARG X 207 -14.81 -16.71 29.23
C ARG X 207 -14.74 -16.86 30.75
N PHE X 208 -15.88 -17.13 31.39
CA PHE X 208 -15.95 -17.31 32.82
C PHE X 208 -16.90 -18.46 33.12
N LYS X 209 -16.76 -19.03 34.31
CA LYS X 209 -17.64 -20.12 34.72
C LYS X 209 -19.07 -19.64 34.78
N GLY X 210 -19.99 -20.45 34.23
CA GLY X 210 -21.39 -20.07 34.23
C GLY X 210 -21.65 -18.75 33.55
N GLU X 211 -20.94 -18.48 32.46
CA GLU X 211 -21.13 -17.23 31.72
C GLU X 211 -22.36 -17.36 30.84
N THR X 212 -23.22 -16.36 30.90
CA THR X 212 -24.47 -16.36 30.15
C THR X 212 -24.19 -15.81 28.75
N ILE X 213 -24.10 -16.70 27.77
CA ILE X 213 -23.84 -16.34 26.39
C ILE X 213 -25.16 -16.44 25.64
N TYR X 214 -25.81 -15.31 25.42
CA TYR X 214 -27.09 -15.29 24.74
C TYR X 214 -26.93 -15.48 23.25
N LEU X 215 -27.84 -16.25 22.66
CA LEU X 215 -27.94 -16.38 21.21
C LEU X 215 -28.66 -15.14 20.70
N ALA X 216 -27.89 -14.07 20.52
CA ALA X 216 -28.47 -12.80 20.13
C ALA X 216 -28.64 -12.74 18.62
N ARG X 217 -29.82 -12.33 18.18
CA ARG X 217 -30.06 -12.14 16.76
C ARG X 217 -29.31 -10.93 16.25
N ALA X 218 -28.92 -10.96 14.98
CA ALA X 218 -28.16 -9.89 14.37
C ALA X 218 -29.09 -8.97 13.60
N THR X 219 -29.84 -8.16 14.35
CA THR X 219 -30.65 -7.13 13.72
C THR X 219 -29.72 -6.08 13.11
N GLY X 220 -29.86 -5.87 11.81
CA GLY X 220 -28.93 -5.03 11.08
C GLY X 220 -29.17 -3.54 11.26
N ARG X 221 -29.44 -3.10 12.47
CA ARG X 221 -29.60 -1.68 12.72
C ARG X 221 -28.25 -0.97 12.55
N PRO X 222 -28.24 0.26 12.04
CA PRO X 222 -26.96 0.93 11.77
C PRO X 222 -26.20 1.33 13.03
N GLY X 223 -25.52 0.37 13.65
CA GLY X 223 -24.56 0.68 14.70
C GLY X 223 -25.05 0.44 16.12
N GLU X 224 -26.30 0.80 16.40
CA GLU X 224 -26.84 0.74 17.75
C GLU X 224 -27.63 -0.55 17.94
N SER X 225 -27.40 -1.22 19.07
CA SER X 225 -28.10 -2.45 19.42
C SER X 225 -28.11 -3.45 18.26
N PRO X 226 -26.96 -3.69 17.62
CA PRO X 226 -26.95 -4.65 16.51
C PRO X 226 -27.33 -6.06 16.93
N PHE X 227 -27.11 -6.43 18.18
CA PHE X 227 -27.45 -7.75 18.70
C PHE X 227 -28.51 -7.60 19.77
N VAL X 228 -29.55 -8.42 19.68
CA VAL X 228 -30.70 -8.35 20.56
C VAL X 228 -30.93 -9.74 21.14
N LYS X 229 -31.37 -9.79 22.39
CA LYS X 229 -31.72 -11.07 23.01
C LYS X 229 -32.70 -11.79 22.11
N MET X 230 -32.82 -13.10 22.26
CA MET X 230 -33.70 -13.90 21.44
C MET X 230 -34.47 -14.86 22.33
N ARG X 231 -35.67 -15.21 21.89
CA ARG X 231 -36.57 -16.04 22.67
C ARG X 231 -37.09 -17.18 21.81
N PRO X 232 -37.35 -18.36 22.40
CA PRO X 232 -37.68 -19.52 21.56
C PRO X 232 -38.84 -19.29 20.61
N GLU X 233 -39.89 -18.60 21.06
CA GLU X 233 -41.06 -18.45 20.20
C GLU X 233 -40.77 -17.59 18.98
N ASP X 234 -39.67 -16.86 18.97
CA ASP X 234 -39.38 -15.99 17.84
C ASP X 234 -39.23 -16.79 16.56
N ILE X 235 -38.50 -17.90 16.61
CA ILE X 235 -38.35 -18.79 15.47
C ILE X 235 -39.49 -19.77 15.46
N ASP X 236 -40.24 -19.81 14.37
CA ASP X 236 -41.36 -20.72 14.23
C ASP X 236 -40.90 -22.00 13.53
N ALA X 237 -41.78 -22.99 13.53
CA ALA X 237 -41.43 -24.29 12.96
C ALA X 237 -40.94 -24.13 11.53
N GLY X 238 -39.82 -24.77 11.24
CA GLY X 238 -39.20 -24.62 9.94
C GLY X 238 -38.63 -23.24 9.67
N GLY X 239 -37.99 -22.65 10.67
CA GLY X 239 -37.36 -21.35 10.51
C GLY X 239 -35.92 -21.40 10.95
N MET X 240 -35.10 -20.58 10.31
CA MET X 240 -33.68 -20.50 10.58
C MET X 240 -33.31 -19.08 10.96
N GLU X 241 -32.40 -18.94 11.92
CA GLU X 241 -31.96 -17.63 12.37
C GLU X 241 -30.47 -17.67 12.64
N THR X 242 -29.74 -16.69 12.12
CA THR X 242 -28.33 -16.57 12.45
C THR X 242 -28.20 -15.81 13.77
N VAL X 243 -27.53 -16.44 14.75
CA VAL X 243 -27.40 -15.91 16.09
C VAL X 243 -25.92 -15.88 16.44
N PHE X 244 -25.59 -15.01 17.39
CA PHE X 244 -24.22 -14.73 17.79
C PHE X 244 -24.08 -14.80 19.29
N PRO X 245 -22.85 -15.00 19.79
CA PRO X 245 -22.63 -15.08 21.24
C PRO X 245 -22.55 -13.72 21.90
N TRP X 246 -23.69 -13.15 22.26
CA TRP X 246 -23.73 -11.84 22.87
C TRP X 246 -23.76 -11.98 24.39
N ARG X 247 -22.95 -11.17 25.07
CA ARG X 247 -22.86 -11.17 26.52
C ARG X 247 -23.56 -9.95 27.09
N GLU X 248 -23.85 -10.02 28.40
CA GLU X 248 -24.37 -8.85 29.09
C GLU X 248 -23.37 -7.71 29.06
N SER X 249 -22.08 -8.04 29.26
CA SER X 249 -21.05 -7.00 29.20
C SER X 249 -20.99 -6.35 27.83
N ASP X 250 -21.13 -7.14 26.77
CA ASP X 250 -21.11 -6.60 25.40
C ASP X 250 -22.44 -5.93 25.12
N GLY X 251 -22.69 -4.83 25.84
CA GLY X 251 -23.96 -4.14 25.70
C GLY X 251 -24.16 -3.60 24.30
N ASP X 252 -25.22 -2.82 24.09
CA ASP X 252 -25.46 -2.25 22.78
C ASP X 252 -24.27 -1.38 22.37
N GLY X 253 -24.27 -0.98 21.10
CA GLY X 253 -23.12 -0.35 20.48
C GLY X 253 -23.02 1.14 20.64
N THR X 254 -23.74 1.75 21.57
CA THR X 254 -23.66 3.20 21.76
C THR X 254 -22.26 3.61 22.20
N THR X 255 -21.74 2.98 23.26
CA THR X 255 -20.49 3.41 23.84
C THR X 255 -19.32 3.07 22.92
N VAL X 256 -18.24 3.84 23.07
CA VAL X 256 -17.02 3.55 22.32
C VAL X 256 -16.41 2.24 22.78
N GLU X 257 -16.47 1.97 24.08
CA GLU X 257 -16.01 0.67 24.59
C GLU X 257 -16.80 -0.45 23.93
N SER X 258 -18.13 -0.33 23.93
CA SER X 258 -18.95 -1.17 23.07
C SER X 258 -18.77 -0.71 21.62
N GLU X 259 -19.52 -1.34 20.72
CA GLU X 259 -19.38 -1.06 19.29
C GLU X 259 -18.09 -1.64 18.75
N HIS X 260 -17.27 -2.19 19.63
CA HIS X 260 -16.06 -2.92 19.28
C HIS X 260 -16.07 -4.33 19.82
N LYS X 261 -16.61 -4.53 21.02
CA LYS X 261 -16.98 -5.87 21.45
C LYS X 261 -18.01 -6.47 20.50
N LEU X 262 -19.02 -5.68 20.14
CA LEU X 262 -20.01 -6.13 19.16
C LEU X 262 -19.37 -6.32 17.79
N THR X 263 -18.49 -5.42 17.39
CA THR X 263 -17.78 -5.60 16.12
C THR X 263 -16.92 -6.86 16.16
N GLU X 264 -16.29 -7.13 17.29
CA GLU X 264 -15.52 -8.37 17.41
C GLU X 264 -16.41 -9.58 17.29
N ILE X 265 -17.61 -9.54 17.90
CA ILE X 265 -18.54 -10.65 17.76
C ILE X 265 -18.93 -10.84 16.31
N ALA X 266 -19.21 -9.74 15.61
CA ALA X 266 -19.61 -9.84 14.21
C ALA X 266 -18.49 -10.41 13.36
N MET X 267 -17.25 -9.97 13.60
CA MET X 267 -16.11 -10.44 12.83
C MET X 267 -15.59 -11.78 13.30
N GLY X 268 -16.11 -12.32 14.40
CA GLY X 268 -15.71 -13.63 14.85
C GLY X 268 -15.96 -14.67 13.78
N VAL X 269 -14.89 -15.21 13.21
CA VAL X 269 -15.04 -16.12 12.08
C VAL X 269 -15.85 -17.35 12.49
N ARG X 270 -15.61 -17.86 13.69
CA ARG X 270 -16.33 -19.02 14.20
C ARG X 270 -17.53 -18.65 15.05
N ASN X 271 -17.77 -17.37 15.28
CA ASN X 271 -18.88 -16.95 16.14
C ASN X 271 -20.24 -17.34 15.58
N PRO X 272 -20.57 -17.07 14.32
CA PRO X 272 -21.97 -17.23 13.88
C PRO X 272 -22.47 -18.66 14.06
N VAL X 273 -23.74 -18.77 14.44
CA VAL X 273 -24.43 -20.04 14.57
C VAL X 273 -25.77 -19.90 13.88
N MET X 274 -26.33 -21.02 13.41
CA MET X 274 -27.67 -21.04 12.86
C MET X 274 -28.54 -21.87 13.79
N LEU X 275 -29.60 -21.24 14.29
CA LEU X 275 -30.60 -21.89 15.12
C LEU X 275 -31.78 -22.23 14.24
N ILE X 276 -32.15 -23.51 14.21
CA ILE X 276 -33.22 -24.00 13.35
C ILE X 276 -34.29 -24.62 14.24
N ARG X 277 -35.54 -24.24 13.98
CA ARG X 277 -36.68 -24.80 14.69
C ARG X 277 -37.19 -25.99 13.88
N ILE X 278 -36.83 -27.19 14.30
CA ILE X 278 -37.29 -28.38 13.60
C ILE X 278 -38.80 -28.50 13.73
N LYS X 279 -39.46 -28.75 12.62
CA LYS X 279 -40.91 -28.90 12.65
C LYS X 279 -41.28 -30.04 13.59
N PRO X 280 -42.27 -29.85 14.47
CA PRO X 280 -42.58 -30.90 15.45
C PRO X 280 -42.86 -32.25 14.82
N ALA X 281 -43.62 -32.26 13.72
CA ALA X 281 -43.93 -33.52 13.05
C ALA X 281 -42.67 -34.25 12.60
N ASP X 282 -41.56 -33.54 12.46
CA ASP X 282 -40.31 -34.11 11.98
C ASP X 282 -39.37 -34.49 13.12
N MET X 283 -39.75 -34.23 14.37
CA MET X 283 -38.85 -34.54 15.48
C MET X 283 -38.58 -36.05 15.61
N HIS X 284 -39.44 -36.89 15.06
CA HIS X 284 -39.17 -38.34 15.11
C HIS X 284 -38.14 -38.77 14.08
N ARG X 285 -37.75 -37.88 13.17
CA ARG X 285 -36.73 -38.19 12.18
C ARG X 285 -35.34 -37.72 12.60
N VAL X 286 -35.20 -37.17 13.80
CA VAL X 286 -33.93 -36.59 14.24
C VAL X 286 -33.03 -37.69 14.77
N ILE X 287 -31.74 -37.59 14.47
CA ILE X 287 -30.72 -38.50 14.98
C ILE X 287 -29.65 -37.67 15.66
N LYS X 288 -29.17 -38.15 16.80
CA LYS X 288 -28.29 -37.38 17.67
C LYS X 288 -26.91 -38.00 17.72
N ARG X 289 -25.91 -37.17 18.00
CA ARG X 289 -24.53 -37.62 18.10
C ARG X 289 -24.24 -38.12 19.51
N LYS X 290 -23.09 -38.77 19.67
CA LYS X 290 -22.59 -39.10 21.00
C LYS X 290 -22.22 -37.81 21.73
N GLY X 291 -22.79 -37.64 22.92
CA GLY X 291 -22.53 -36.46 23.71
C GLY X 291 -23.29 -35.22 23.29
N GLN X 292 -24.11 -35.30 22.24
CA GLN X 292 -24.93 -34.18 21.79
C GLN X 292 -26.41 -34.54 21.80
N GLU X 293 -26.81 -35.54 22.58
CA GLU X 293 -28.21 -35.95 22.60
C GLU X 293 -29.10 -34.92 23.26
N SER X 294 -28.54 -33.96 24.00
CA SER X 294 -29.33 -32.95 24.68
C SER X 294 -28.94 -31.53 24.27
N PHE X 295 -28.17 -31.38 23.20
CA PHE X 295 -27.79 -30.05 22.75
C PHE X 295 -28.98 -29.27 22.22
N ASN X 296 -30.07 -29.96 21.90
CA ASN X 296 -31.25 -29.31 21.36
C ASN X 296 -32.23 -28.98 22.48
N PHE X 297 -32.70 -27.73 22.51
CA PHE X 297 -33.72 -27.32 23.47
C PHE X 297 -35.08 -27.59 22.83
N GLY X 298 -35.62 -28.77 23.11
CA GLY X 298 -36.86 -29.18 22.48
C GLY X 298 -36.69 -29.37 20.99
N GLU X 299 -37.25 -28.46 20.20
CA GLU X 299 -37.15 -28.50 18.75
C GLU X 299 -36.22 -27.42 18.21
N LEU X 300 -35.35 -26.89 19.06
CA LEU X 300 -34.39 -25.86 18.65
C LEU X 300 -33.01 -26.50 18.56
N PHE X 301 -32.42 -26.48 17.37
CA PHE X 301 -31.09 -27.04 17.15
C PHE X 301 -30.16 -25.94 16.71
N ALA X 302 -29.04 -25.78 17.41
CA ALA X 302 -28.04 -24.78 17.09
C ALA X 302 -26.84 -25.47 16.48
N TYR X 303 -26.54 -25.16 15.22
CA TYR X 303 -25.39 -25.70 14.52
C TYR X 303 -24.53 -24.56 14.02
N THR X 304 -23.22 -24.71 14.09
CA THR X 304 -22.35 -23.67 13.58
C THR X 304 -22.65 -23.40 12.11
N LYS X 305 -22.66 -22.12 11.74
CA LYS X 305 -22.79 -21.78 10.32
C LYS X 305 -21.50 -22.05 9.56
N VAL X 306 -20.36 -21.98 10.24
CA VAL X 306 -19.08 -22.15 9.56
C VAL X 306 -19.01 -23.57 9.02
N CYS X 307 -18.96 -23.69 7.70
CA CYS X 307 -18.87 -24.99 7.06
C CYS X 307 -17.62 -25.72 7.54
N SER X 308 -17.76 -27.02 7.78
CA SER X 308 -16.64 -27.81 8.27
C SER X 308 -15.57 -28.03 7.21
N HIS X 309 -15.84 -27.66 5.96
CA HIS X 309 -14.90 -27.85 4.85
C HIS X 309 -14.52 -26.46 4.32
N LEU X 310 -13.31 -26.02 4.64
CA LEU X 310 -12.74 -24.74 4.22
C LEU X 310 -13.42 -23.54 4.88
N GLY X 311 -14.41 -23.74 5.74
CA GLY X 311 -14.82 -22.70 6.66
C GLY X 311 -15.67 -21.59 6.10
N CYS X 312 -16.31 -21.78 4.95
CA CYS X 312 -17.33 -20.82 4.55
C CYS X 312 -18.55 -21.00 5.43
N PRO X 313 -19.37 -19.96 5.58
CA PRO X 313 -20.66 -20.13 6.27
C PRO X 313 -21.54 -21.08 5.48
N SER X 314 -22.31 -21.90 6.21
CA SER X 314 -23.21 -22.88 5.64
C SER X 314 -24.63 -22.34 5.58
N SER X 315 -24.74 -21.06 5.23
CA SER X 315 -25.95 -20.29 5.51
C SER X 315 -27.20 -20.96 4.95
N LEU X 316 -27.13 -21.53 3.76
CA LEU X 316 -28.37 -21.95 3.10
C LEU X 316 -29.07 -23.01 3.94
N TYR X 317 -30.37 -22.83 4.15
CA TYR X 317 -31.17 -23.79 4.91
C TYR X 317 -32.38 -24.20 4.10
N GLU X 318 -32.63 -25.50 4.02
CA GLU X 318 -33.75 -26.05 3.28
C GLU X 318 -34.64 -26.80 4.26
N GLN X 319 -35.83 -26.26 4.52
CA GLN X 319 -36.84 -26.94 5.31
C GLN X 319 -37.70 -27.82 4.40
N GLN X 320 -38.44 -28.73 5.02
CA GLN X 320 -39.16 -29.79 4.33
C GLN X 320 -38.18 -30.80 3.73
N THR X 321 -36.88 -30.51 3.84
CA THR X 321 -35.82 -31.46 3.56
C THR X 321 -34.70 -31.38 4.58
N TYR X 322 -34.61 -30.30 5.35
CA TYR X 322 -33.67 -30.19 6.45
C TYR X 322 -32.24 -30.40 5.96
N ARG X 323 -31.82 -29.54 5.04
CA ARG X 323 -30.48 -29.61 4.48
C ARG X 323 -29.80 -28.25 4.64
N ILE X 324 -28.66 -28.26 5.31
CA ILE X 324 -27.83 -27.07 5.44
C ILE X 324 -26.82 -27.09 4.30
N LEU X 325 -26.96 -26.16 3.38
CA LEU X 325 -26.12 -26.10 2.18
C LEU X 325 -25.12 -24.95 2.33
N CYS X 326 -23.87 -25.27 2.02
CA CYS X 326 -22.81 -24.27 1.97
C CYS X 326 -22.63 -23.82 0.54
N PRO X 327 -22.74 -22.52 0.23
CA PRO X 327 -22.70 -22.11 -1.18
C PRO X 327 -21.32 -22.09 -1.80
N CYS X 328 -20.25 -22.06 -0.99
CA CYS X 328 -18.91 -22.01 -1.56
C CYS X 328 -18.64 -23.23 -2.42
N HIS X 329 -18.92 -24.42 -1.90
CA HIS X 329 -18.62 -25.64 -2.64
C HIS X 329 -19.78 -26.63 -2.62
N GLN X 330 -21.00 -26.16 -2.39
CA GLN X 330 -22.21 -26.95 -2.59
C GLN X 330 -22.16 -28.24 -1.78
N SER X 331 -22.03 -28.09 -0.47
CA SER X 331 -22.05 -29.21 0.46
C SER X 331 -23.34 -29.19 1.26
N GLN X 332 -24.05 -30.31 1.25
CA GLN X 332 -25.28 -30.48 2.01
C GLN X 332 -25.01 -31.33 3.25
N PHE X 333 -25.34 -30.77 4.41
CA PHE X 333 -25.40 -31.50 5.67
C PHE X 333 -26.86 -31.75 6.04
N ASP X 334 -27.11 -32.86 6.73
CA ASP X 334 -28.46 -33.24 7.12
C ASP X 334 -28.77 -32.65 8.49
N ALA X 335 -29.75 -31.76 8.55
CA ALA X 335 -30.08 -31.09 9.81
C ALA X 335 -30.86 -32.00 10.75
N LEU X 336 -31.69 -32.90 10.23
CA LEU X 336 -32.44 -33.82 11.09
C LEU X 336 -31.47 -34.68 11.89
N GLU X 337 -30.72 -35.53 11.21
CA GLU X 337 -29.58 -36.15 11.85
C GLU X 337 -28.61 -35.05 12.25
N PHE X 338 -27.72 -35.37 13.19
CA PHE X 338 -26.68 -34.42 13.54
C PHE X 338 -26.11 -33.90 12.22
N ALA X 339 -25.66 -32.65 12.21
CA ALA X 339 -25.46 -31.98 10.92
C ALA X 339 -24.30 -32.59 10.18
N LYS X 340 -24.49 -33.83 9.73
CA LYS X 340 -23.46 -34.58 9.03
C LYS X 340 -23.60 -34.40 7.52
N PRO X 341 -22.48 -34.36 6.80
CA PRO X 341 -22.54 -34.06 5.37
C PRO X 341 -23.14 -35.21 4.57
N ILE X 342 -24.30 -34.97 3.96
CA ILE X 342 -24.92 -35.96 3.10
C ILE X 342 -24.56 -35.76 1.64
N PHE X 343 -23.81 -34.72 1.31
CA PHE X 343 -23.34 -34.56 -0.06
C PHE X 343 -22.31 -33.44 -0.10
N GLY X 344 -21.42 -33.52 -1.08
CA GLY X 344 -20.48 -32.46 -1.33
C GLY X 344 -19.13 -32.71 -0.68
N PRO X 345 -18.21 -31.75 -0.82
CA PRO X 345 -16.84 -31.96 -0.32
C PRO X 345 -16.75 -32.21 1.17
N ALA X 346 -17.64 -31.66 1.97
CA ALA X 346 -17.51 -31.76 3.42
C ALA X 346 -17.59 -33.21 3.87
N ALA X 347 -16.74 -33.58 4.83
CA ALA X 347 -16.73 -34.92 5.39
C ALA X 347 -16.93 -34.95 6.89
N ARG X 348 -16.95 -33.81 7.56
CA ARG X 348 -17.20 -33.74 9.00
C ARG X 348 -18.49 -32.97 9.25
N ALA X 349 -19.23 -33.43 10.25
CA ALA X 349 -20.51 -32.83 10.60
C ALA X 349 -20.29 -31.47 11.26
N LEU X 350 -21.26 -30.57 11.05
CA LEU X 350 -21.20 -29.27 11.70
C LEU X 350 -21.27 -29.43 13.21
N ALA X 351 -20.51 -28.62 13.93
CA ALA X 351 -20.50 -28.69 15.38
C ALA X 351 -21.79 -28.14 15.94
N GLN X 352 -22.44 -28.89 16.82
CA GLN X 352 -23.71 -28.50 17.41
C GLN X 352 -23.45 -27.72 18.69
N LEU X 353 -24.02 -26.53 18.77
CA LEU X 353 -23.88 -25.72 19.97
C LEU X 353 -24.93 -26.13 20.99
N PRO X 354 -24.55 -26.44 22.23
CA PRO X 354 -25.56 -26.67 23.26
C PRO X 354 -26.35 -25.40 23.51
N ILE X 355 -27.65 -25.56 23.78
CA ILE X 355 -28.51 -24.42 24.03
C ILE X 355 -29.54 -24.78 25.09
N THR X 356 -30.13 -23.74 25.66
CA THR X 356 -31.22 -23.86 26.64
C THR X 356 -31.81 -22.47 26.77
N ILE X 357 -32.68 -22.27 27.76
CA ILE X 357 -33.22 -20.96 28.07
C ILE X 357 -32.93 -20.66 29.53
N ASP X 358 -32.51 -19.43 29.81
CA ASP X 358 -32.27 -19.00 31.17
C ASP X 358 -33.54 -18.37 31.73
N GLU X 359 -33.42 -17.70 32.87
CA GLU X 359 -34.55 -16.93 33.39
C GLU X 359 -34.93 -15.84 32.40
N ASP X 360 -36.24 -15.55 32.34
CA ASP X 360 -36.87 -14.64 31.41
C ASP X 360 -37.08 -15.29 30.06
N GLY X 361 -36.70 -16.55 29.88
CA GLY X 361 -37.01 -17.29 28.68
C GLY X 361 -36.11 -17.04 27.50
N TYR X 362 -35.06 -16.24 27.65
CA TYR X 362 -34.15 -15.98 26.55
C TYR X 362 -33.27 -17.20 26.27
N LEU X 363 -33.07 -17.47 24.99
CA LEU X 363 -32.19 -18.56 24.58
C LEU X 363 -30.74 -18.21 24.90
N VAL X 364 -30.02 -19.17 25.47
CA VAL X 364 -28.64 -18.98 25.90
C VAL X 364 -27.89 -20.28 25.68
N ALA X 365 -26.64 -20.17 25.26
CA ALA X 365 -25.81 -21.36 25.09
C ALA X 365 -25.72 -22.12 26.39
N ASN X 366 -25.92 -23.44 26.31
CA ASN X 366 -25.78 -24.33 27.45
C ASN X 366 -24.35 -24.84 27.61
N GLY X 367 -23.41 -24.22 26.93
CA GLY X 367 -22.04 -24.67 26.94
C GLY X 367 -21.35 -24.27 25.64
N ASP X 368 -20.16 -24.82 25.45
CA ASP X 368 -19.36 -24.56 24.26
C ASP X 368 -19.39 -25.77 23.33
N PHE X 369 -19.07 -25.52 22.06
CA PHE X 369 -18.87 -26.62 21.12
C PHE X 369 -17.92 -27.63 21.72
N VAL X 370 -18.33 -28.90 21.75
CA VAL X 370 -17.48 -29.94 22.32
C VAL X 370 -16.30 -30.25 21.42
N GLU X 371 -16.28 -29.73 20.21
CA GLU X 371 -15.16 -29.86 19.29
C GLU X 371 -14.91 -28.52 18.62
N PRO X 372 -13.71 -28.30 18.08
CA PRO X 372 -13.46 -27.05 17.36
C PRO X 372 -14.39 -26.94 16.16
N VAL X 373 -14.73 -25.70 15.83
CA VAL X 373 -15.90 -25.43 15.00
C VAL X 373 -15.57 -24.98 13.58
N GLY X 374 -14.31 -24.67 13.29
CA GLY X 374 -13.95 -24.23 11.96
C GLY X 374 -13.65 -25.39 11.04
N PRO X 375 -13.04 -25.11 9.89
CA PRO X 375 -12.56 -26.20 9.04
C PRO X 375 -11.41 -26.95 9.69
N ALA X 376 -11.31 -28.23 9.38
CA ALA X 376 -10.34 -29.08 10.05
C ALA X 376 -8.92 -28.64 9.70
N PHE X 377 -8.00 -28.98 10.60
CA PHE X 377 -6.59 -28.68 10.45
C PHE X 377 -5.81 -29.88 10.97
N TRP X 378 -4.48 -29.79 10.91
CA TRP X 378 -3.65 -30.95 11.25
C TRP X 378 -3.91 -31.42 12.67
N GLU X 379 -3.99 -30.49 13.62
CA GLU X 379 -4.11 -30.83 15.03
C GLU X 379 -5.59 -30.86 15.42
N ARG X 380 -6.27 -31.91 14.97
CA ARG X 380 -7.70 -32.04 15.22
C ARG X 380 -8.07 -33.52 15.30
N LYS X 381 -9.20 -33.78 15.95
CA LYS X 381 -9.71 -35.13 16.16
C LYS X 381 -8.73 -35.96 16.99
N SER X 382 -8.47 -35.49 18.20
CA SER X 382 -7.59 -36.18 19.13
C SER X 382 -8.22 -36.23 20.52
#